data_6HWH
#
_entry.id   6HWH
#
_cell.length_a   1
_cell.length_b   1
_cell.length_c   1
_cell.angle_alpha   90
_cell.angle_beta   90
_cell.angle_gamma   90
#
_symmetry.space_group_name_H-M   'P 1'
#
loop_
_entity.id
_entity.type
_entity.pdbx_description
1 polymer 'Ubiquinol-cytochrome c reductase iron-sulfur subunit'
2 polymer 'Co-purified unknown transmembrane helices built as polyALA'
3 polymer 'Co-purified unknown transmembrane helices built as polyALA'
4 polymer 'Co-purified unknown peptide built as polyALA'
5 polymer 'Co-purified unknown peptide built as polyALA'
6 polymer 'Cytochrome bc1 complex cytochrome c subunit'
7 polymer 'Cytochrome c oxidase subunit 2'
8 polymer MSMEG_4693
9 polymer 'Uncharacterized protein MSMEG_4692/MSMEI_4575'
10 polymer 'Cytochrome c oxidase subunit 1'
11 polymer 'Cytochrome c oxidase polypeptide 4'
12 polymer 'Cytochrome c oxidase subunit 3'
13 polymer 'Ubiquinol-cytochrome C reductase QcrB'
14 non-polymer 'FE2/S2 (INORGANIC) CLUSTER'
15 non-polymer CARDIOLIPIN
16 non-polymer MENAQUINONE-9
17 non-polymer 'COPPER (II) ION'
18 non-polymer HEME-AS
19 non-polymer 'HEME C'
20 non-polymer 'PROTOPORPHYRIN IX CONTAINING FE'
#
loop_
_entity_poly.entity_id
_entity_poly.type
_entity_poly.pdbx_seq_one_letter_code
_entity_poly.pdbx_strand_id
1 'polypeptide(L)'
;MDRIASMSQDSPDIKGTDAPGQTGVPGQPTDAELAEMSREELVKLGGKIDGVETIFKEPRWPVPGTKAEKRTERLVAYWL
MLGGLSGLALLLVFLFWPWEYQPFGSEGEFLYSLATPLYGLTFGLSILSIGIGAVLFQKKFIPEEISVQDRHDGRSPEVH
RKTVAANLTDALEGSTLKRRKVIGLSLGIGLGAFGAGTLVAFIGGLIKNPWKPVVPTAEGKKAVLWTSGWTPRFKGETIY
LARATGRPGESPFVKMRPEDIDAGGMETVFPWRESDGDGTTVESEHKLTEIAMGVRNPVMLIRIKPADMHRVIKRKGQES
FNFGELFAYTKVCSHLGCPSSLYEQQTYRILCPCHQSQFDALEFAKPIFGPAARALAQLPITIDEDGYLVANGDFVEPVG
PAFWERKS
;
A,B
2 'polypeptide(L)'
;(UNK)(UNK)(UNK)(UNK)(UNK)(UNK)(UNK)(UNK)(UNK)(UNK)(UNK)(UNK)(UNK)(UNK)(UNK)(UNK)
(UNK)(UNK)(UNK)(UNK)(UNK)(UNK)(UNK)(UNK)(UNK)(UNK)(UNK)(UNK)(UNK)(UNK)(UNK)(UNK)
(UNK)(UNK)(UNK)(UNK)(UNK)(UNK)(UNK)(UNK)(UNK)(UNK)(UNK)(UNK)(UNK)(UNK)(UNK)(UNK)
(UNK)(UNK)(UNK)(UNK)(UNK)(UNK)(UNK)(UNK)(UNK)(UNK)(UNK)(UNK)(UNK)(UNK)(UNK)(UNK)
(UNK)(UNK)(UNK)(UNK)(UNK)(UNK)(UNK)(UNK)(UNK)(UNK)
;
G,C
3 'polypeptide(L)'
;(UNK)(UNK)(UNK)(UNK)(UNK)(UNK)(UNK)(UNK)(UNK)(UNK)(UNK)(UNK)(UNK)(UNK)(UNK)(UNK)
(UNK)(UNK)(UNK)(UNK)(UNK)(UNK)(UNK)(UNK)(UNK)(UNK)(UNK)(UNK)(UNK)(UNK)(UNK)(UNK)
(UNK)(UNK)(UNK)(UNK)(UNK)(UNK)(UNK)(UNK)(UNK)(UNK)(UNK)(UNK)(UNK)(UNK)(UNK)(UNK)
(UNK)(UNK)(UNK)(UNK)(UNK)(UNK)(UNK)(UNK)(UNK)(UNK)(UNK)(UNK)(UNK)(UNK)(UNK)(UNK)
(UNK)
;
H,D
4 'polypeptide(L)'
;(UNK)(UNK)(UNK)(UNK)(UNK)(UNK)(UNK)(UNK)(UNK)(UNK)(UNK)(UNK)(UNK)(UNK)(UNK)(UNK)
(UNK)(UNK)(UNK)(UNK)
;
I,E
5 'polypeptide(L)'
;(UNK)(UNK)(UNK)(UNK)(UNK)(UNK)(UNK)(UNK)(UNK)(UNK)(UNK)(UNK)(UNK)(UNK)(UNK)(UNK)
(UNK)(UNK)(UNK)(UNK)(UNK)(UNK)(UNK)(UNK)(UNK)(UNK)(UNK)(UNK)(UNK)(UNK)(UNK)(UNK)
(UNK)(UNK)(UNK)
;
J,F
6 'polypeptide(L)'
;MTSKSRRRLRRRLSAGLLLLIGLAVAGGVAATLTPQPQVAVADESQSALLRTGKQLFETSCVSCHGANLQGVPDRGPSLI
GTGEAAVYFQVSTGRMPAMRGEAQAPSKPPHFDESQIDALGAYVQANGGGPTVPRDDHGAVAQESLIGGDVARGGDLFRL
NCASCHNFTGKGGALSSGKYAPDLGDANPAQIYTAMLTGPQNMPKFSDRQLTPDEKRDIVAYVRESAETPSYGGYGLGGF
GPAPEGMAMWIIGMVAAIGVAMWIGSRA
;
M,K,i,j
7 'polypeptide(L)'
;MTPRGFRVVALSIVLGGSALLLSGCSWSDALALGWPTGITPEAKLNRELWIGSVIASFAVGAIVWGLIFWTSAFHRKKAT
DTELPRQFGYNMPLELTLTVIPFLIISVLFYFTVVVQERMMHKDPNPEVVIDVTAFQWNWKFGYQKIAFADGSFDYDGAD
PERKEAMTSRPEGKDEHGIEKVGPIRGMTPEDRTYLNFDKIETLGTSSEIPVLVLPAGKRIEFVLNSADVIHGFWVPEFL
FKRDVLPEPKANNSDNVFQVSEIQQTGAFVGRCTEMCGTFHAMMNFEVRVVEPNDFKAYIDQRNAGKTNAEALAAINQPP
LAITTEPFESRRGELVPQASK
;
P,L
8 'polypeptide(L)' MSTALTHGLIGGVPLVLFAVLALIFLTRKGPHPDTYKMSDPWTHAPILWAAEEPREHGHGGHGHDSHGVVIGGGASGKW R,N
9 'polypeptide(L)'
;MASGDIATVANAELDLPYGSALTSSGRISAVTEPGELSVHYPFPTMDLVVLDDALKYGSRAAKARFAVYIGPLGADTAAT
AREILANVPTPENAVLLAVSPDQRAIEVVYGADVKGRGIESAAPLGVSAAAASFKEGNLIDGLISAVRVMSAGVSPA
;
T,O
10 'polypeptide(L)'
;MTTHAPSAGELLARRPFPQRLGPRWTLLYKLVTTTDHKLIGMMYVVACFIFFFIGGLMALLLRTELAVPGLQFLSNEQYN
QLFTMHGTVMLLFYATPIVFGFANLVVPLQIGAPDVAFPRLNALSFWLFLFGASIALGGFLAPGGPADFGWTAYTPLSNA
MHSPGAGGDLWIFGLIVGGLGTILGAVNMITTVVCMRAPGMIMFRMPIFTWNILVTSVIVLVAFPLLTSALFGLAADRNL
GAHVFDPANGGTMLWEHLFWFFGHPEVYIIALPFFGIVTEIFPVFSRKPVFGYTTLVYATISIGALSIAVWAHHLYATGA
VLLPFFSFMTFMIAVPTGIKFVNWIGTMWKGQLTFETPMLFSVGFLVTFLLGGLTGVILASPPLDFHVTDSYFVVAHFHY
VLFGTIVFATYAGVYFWFPKMTGRLLDDRLGKLHFWLTLIGFHTTFLVHHWLGAEGMPRRYADYLPTDGFTTLNIVSTIG
SFILGVSMLPFVWNVFKSWRYGEPVTVDDPWGYGNSLEWATSCPPPRHNFTELPRIRSERPAFELHYPHMIERLRAESHP
GRTQGGPGAVTLPQPQARSHPVE
;
V,Q
11 'polypeptide(L)'
;MHIEARLFEILTAFFALAAVVYAVLTAMFATGGVEWAGTTALVLTTGLTLITGTFFRFVARRLDTRPEDYEDAEISDGAG
ELGFFAPHSWWPILISLSFSTAAVGAALWLPWLIAAGVAFVITSVCGLVFEYYWGPEKH
;
X,S
12 'polypeptide(L)'
;MTSAVGTSGTAITSRVHSLNRPNMVSVGTIVWLSSELMFFAGLFAMYFTARAQAGGAWPPEPTELNLALAVPVTLVLIAS
SFTCQMGVFAAERGDVFGLRRWYVITFLMGLFFVLGQGYEYIHLVEHGTTIPGSAYGSVFYLATGFHGLHVIGGLVAFVL
LLARTKMSKFTPAQATAAIVVSYYWHFVDIVWIALFATIYFVR
;
Z,W
13 'polypeptide(L)'
;MSPDFAKLAAAQGDAIDSRYHPSAAVRRQLNKVFPTHWSFLLGEIALYSFIILLLTGVWLTLFFDPSMAHVTYDGVYQPL
RGVQMSRAYETALDISFEVRGGLFVRQVHHWAALMFAASIMVHLARIFFTGAFRRPREANWVIGSLLLILAMFEGFFGYS
LPDDLLSGTGIRAALSGITMGIPVIGTWMHWALFGGDFPGEILIPRLYALHILLIPGIILALIGAHLALVWFQKHTQFPG
PGRTETNVVGVRVMPVFAVKSGAFFAMITGVLGLMGGLLTINPIWNLGPYKPSQVSAGSQPDFYMMWTDGLIRLWPAWEF
YPFGHTIPQGVWVAVGMGLVFALLIAYPFIEKKVTGDDAHHNLLQRPRDVPVRTAIGSMAIALYLLLTFACMNDIIALKF
HISLNATTWIGRIGMVVLPAIVYFVAYRWAISLQRSDREVLEHGVETGIIKRLPHGAYVELHQPLGPVDEHGHPIPLEYA
GAPLPKRMNKLGSGGAPGTGSFLFPDPAVEHEALTEAAHASEHKSLTALKEHQDRIHGNGETNGHHDYKDDDDK
;
b,Y
#
# COMPACT_ATOMS: atom_id res chain seq x y z
N PRO A 29 -46.10 -14.11 -13.67
CA PRO A 29 -45.62 -15.32 -12.99
C PRO A 29 -45.56 -16.51 -13.92
N THR A 30 -46.09 -16.35 -15.13
CA THR A 30 -46.07 -17.38 -16.15
C THR A 30 -45.74 -16.70 -17.48
N ASP A 31 -44.97 -17.40 -18.33
CA ASP A 31 -44.44 -16.81 -19.56
C ASP A 31 -45.54 -16.46 -20.57
N ALA A 32 -46.72 -17.06 -20.45
CA ALA A 32 -47.81 -16.71 -21.36
C ALA A 32 -48.36 -15.31 -21.07
N GLU A 33 -48.24 -14.83 -19.83
CA GLU A 33 -48.73 -13.51 -19.47
C GLU A 33 -47.68 -12.42 -19.51
N LEU A 34 -46.38 -12.77 -19.42
CA LEU A 34 -45.35 -11.75 -19.43
C LEU A 34 -45.11 -11.15 -20.81
N ALA A 35 -45.70 -11.72 -21.85
CA ALA A 35 -45.53 -11.18 -23.19
C ALA A 35 -46.39 -9.95 -23.44
N GLU A 36 -47.47 -9.77 -22.68
CA GLU A 36 -48.38 -8.67 -22.89
C GLU A 36 -48.47 -7.71 -21.70
N MET A 37 -47.76 -7.97 -20.61
CA MET A 37 -47.73 -7.01 -19.51
C MET A 37 -46.89 -5.81 -19.91
N SER A 38 -47.43 -4.63 -19.69
CA SER A 38 -46.78 -3.39 -20.10
C SER A 38 -45.63 -3.07 -19.17
N ARG A 39 -44.89 -2.01 -19.51
CA ARG A 39 -43.69 -1.65 -18.75
C ARG A 39 -44.05 -1.13 -17.36
N GLU A 40 -45.24 -0.54 -17.21
CA GLU A 40 -45.68 -0.13 -15.88
C GLU A 40 -46.11 -1.33 -15.06
N GLU A 41 -46.72 -2.33 -15.69
CA GLU A 41 -47.24 -3.48 -14.96
C GLU A 41 -46.14 -4.44 -14.53
N LEU A 42 -44.95 -4.34 -15.10
CA LEU A 42 -43.84 -5.19 -14.69
C LEU A 42 -43.01 -4.59 -13.57
N VAL A 43 -43.05 -3.26 -13.41
CA VAL A 43 -42.39 -2.65 -12.26
C VAL A 43 -43.13 -3.01 -10.98
N LYS A 44 -44.47 -2.99 -11.02
CA LYS A 44 -45.25 -3.40 -9.86
C LYS A 44 -45.13 -4.89 -9.59
N LEU A 45 -44.94 -5.70 -10.62
CA LEU A 45 -44.67 -7.11 -10.40
C LEU A 45 -43.22 -7.33 -9.98
N GLY A 46 -42.33 -6.44 -10.38
CA GLY A 46 -40.95 -6.52 -9.93
C GLY A 46 -40.72 -5.98 -8.54
N GLY A 47 -41.71 -5.31 -7.97
CA GLY A 47 -41.57 -4.78 -6.63
C GLY A 47 -42.26 -5.65 -5.60
N LYS A 48 -43.33 -6.33 -5.99
CA LYS A 48 -44.00 -7.23 -5.07
C LYS A 48 -43.18 -8.48 -4.79
N ILE A 49 -42.28 -8.85 -5.70
CA ILE A 49 -41.33 -9.91 -5.39
C ILE A 49 -40.32 -9.43 -4.36
N ASP A 50 -39.89 -8.18 -4.47
CA ASP A 50 -38.89 -7.63 -3.57
C ASP A 50 -39.50 -6.99 -2.33
N GLY A 51 -40.81 -6.88 -2.26
CA GLY A 51 -41.44 -6.21 -1.14
C GLY A 51 -41.49 -4.70 -1.25
N VAL A 52 -41.36 -4.15 -2.45
CA VAL A 52 -41.31 -2.71 -2.65
C VAL A 52 -42.60 -2.27 -3.31
N GLU A 53 -43.29 -1.32 -2.69
CA GLU A 53 -44.56 -0.82 -3.17
C GLU A 53 -44.44 0.68 -3.41
N THR A 54 -44.30 1.08 -4.67
CA THR A 54 -44.29 2.51 -4.98
C THR A 54 -45.70 3.04 -4.78
N ILE A 55 -45.90 3.78 -3.69
CA ILE A 55 -47.23 4.28 -3.37
C ILE A 55 -47.60 5.42 -4.32
N PHE A 56 -46.75 6.42 -4.39
CA PHE A 56 -46.94 7.59 -5.23
C PHE A 56 -45.77 7.67 -6.20
N LYS A 57 -46.07 7.85 -7.48
CA LYS A 57 -45.05 8.13 -8.49
C LYS A 57 -45.74 8.86 -9.62
N GLU A 58 -45.39 10.13 -9.82
CA GLU A 58 -46.03 10.97 -10.80
C GLU A 58 -44.94 11.78 -11.48
N PRO A 59 -44.98 11.90 -12.81
CA PRO A 59 -43.94 12.66 -13.51
C PRO A 59 -44.04 14.15 -13.23
N ARG A 60 -42.91 14.82 -13.42
CA ARG A 60 -42.77 16.20 -12.96
C ARG A 60 -43.59 17.16 -13.83
N TRP A 61 -43.64 16.91 -15.14
CA TRP A 61 -44.27 17.83 -16.09
C TRP A 61 -45.44 17.12 -16.76
N PRO A 62 -46.65 17.28 -16.25
CA PRO A 62 -47.80 16.60 -16.84
C PRO A 62 -48.33 17.29 -18.09
N VAL A 63 -48.17 18.61 -18.16
CA VAL A 63 -48.63 19.38 -19.31
C VAL A 63 -47.49 19.43 -20.32
N PRO A 64 -47.72 19.08 -21.60
CA PRO A 64 -46.61 18.94 -22.56
C PRO A 64 -45.86 20.22 -22.89
N GLY A 65 -46.56 21.24 -23.38
CA GLY A 65 -45.90 22.48 -23.74
C GLY A 65 -46.24 23.60 -22.78
N THR A 66 -45.30 23.97 -21.90
CA THR A 66 -45.61 24.90 -20.83
C THR A 66 -44.82 26.19 -20.87
N LYS A 67 -43.65 26.21 -21.51
CA LYS A 67 -42.68 27.31 -21.64
C LYS A 67 -41.95 27.56 -20.32
N ALA A 68 -42.37 26.89 -19.24
CA ALA A 68 -41.61 26.81 -18.00
C ALA A 68 -40.85 25.50 -17.89
N GLU A 69 -41.25 24.48 -18.66
CA GLU A 69 -40.40 23.33 -18.87
C GLU A 69 -39.19 23.69 -19.73
N LYS A 70 -39.38 24.57 -20.70
CA LYS A 70 -38.31 24.93 -21.62
C LYS A 70 -37.29 25.86 -21.00
N ARG A 71 -37.58 26.47 -19.85
CA ARG A 71 -36.58 27.31 -19.20
C ARG A 71 -35.94 26.61 -18.00
N THR A 72 -36.50 25.52 -17.53
CA THR A 72 -35.83 24.69 -16.54
C THR A 72 -35.09 23.51 -17.16
N GLU A 73 -35.26 23.27 -18.46
CA GLU A 73 -34.39 22.35 -19.15
C GLU A 73 -33.21 23.04 -19.80
N ARG A 74 -33.25 24.36 -19.89
CA ARG A 74 -32.05 25.11 -20.21
C ARG A 74 -31.26 25.45 -18.96
N LEU A 75 -31.93 25.58 -17.81
CA LEU A 75 -31.23 25.89 -16.58
C LEU A 75 -30.41 24.70 -16.10
N VAL A 76 -30.90 23.48 -16.32
CA VAL A 76 -30.06 22.30 -16.10
C VAL A 76 -28.93 22.28 -17.11
N ALA A 77 -29.21 22.71 -18.34
CA ALA A 77 -28.20 22.69 -19.39
C ALA A 77 -27.12 23.73 -19.15
N TYR A 78 -27.42 24.81 -18.44
CA TYR A 78 -26.42 25.85 -18.22
C TYR A 78 -25.40 25.45 -17.18
N TRP A 79 -25.80 24.66 -16.19
CA TRP A 79 -24.82 24.19 -15.21
C TRP A 79 -23.96 23.07 -15.77
N LEU A 80 -24.46 22.32 -16.74
CA LEU A 80 -23.66 21.29 -17.36
C LEU A 80 -22.72 21.88 -18.40
N MET A 81 -23.16 22.92 -19.10
CA MET A 81 -22.27 23.68 -19.98
C MET A 81 -21.27 24.52 -19.21
N LEU A 82 -21.55 24.81 -17.94
CA LEU A 82 -20.56 25.51 -17.13
C LEU A 82 -19.41 24.58 -16.76
N GLY A 83 -19.71 23.31 -16.52
CA GLY A 83 -18.65 22.35 -16.27
C GLY A 83 -17.87 22.01 -17.51
N GLY A 84 -18.54 21.94 -18.67
CA GLY A 84 -17.85 21.72 -19.92
C GLY A 84 -17.05 22.90 -20.41
N LEU A 85 -17.24 24.07 -19.81
CA LEU A 85 -16.42 25.23 -20.10
C LEU A 85 -15.38 25.47 -19.03
N SER A 86 -15.69 25.22 -17.77
CA SER A 86 -14.70 25.35 -16.71
C SER A 86 -13.74 24.17 -16.69
N GLY A 87 -14.19 22.99 -17.09
CA GLY A 87 -13.28 21.87 -17.26
C GLY A 87 -12.36 22.04 -18.44
N LEU A 88 -12.83 22.74 -19.48
CA LEU A 88 -11.97 23.07 -20.60
C LEU A 88 -11.01 24.20 -20.23
N ALA A 89 -11.40 25.04 -19.27
CA ALA A 89 -10.47 26.05 -18.77
C ALA A 89 -9.35 25.43 -17.97
N LEU A 90 -9.67 24.42 -17.16
CA LEU A 90 -8.65 23.68 -16.41
C LEU A 90 -7.73 22.90 -17.31
N LEU A 91 -8.17 22.55 -18.52
CA LEU A 91 -7.24 22.02 -19.51
C LEU A 91 -6.30 23.11 -20.02
N LEU A 92 -6.76 24.36 -20.07
CA LEU A 92 -5.98 25.44 -20.66
C LEU A 92 -5.25 26.30 -19.65
N VAL A 93 -5.71 26.36 -18.38
CA VAL A 93 -4.92 27.04 -17.36
C VAL A 93 -3.91 26.10 -16.72
N PHE A 94 -3.85 24.85 -17.15
CA PHE A 94 -2.84 23.92 -16.67
C PHE A 94 -1.65 23.84 -17.62
N LEU A 95 -1.90 23.84 -18.92
CA LEU A 95 -0.82 23.76 -19.89
C LEU A 95 -0.22 25.13 -20.21
N PHE A 96 -1.02 26.18 -20.19
CA PHE A 96 -0.64 27.48 -20.73
C PHE A 96 -0.59 28.54 -19.64
N TRP A 97 -0.05 28.18 -18.47
CA TRP A 97 0.04 29.13 -17.39
C TRP A 97 1.45 29.12 -16.82
N PRO A 98 2.01 30.28 -16.48
CA PRO A 98 3.37 30.31 -15.96
C PRO A 98 3.49 29.73 -14.55
N TRP A 99 3.53 28.41 -14.45
CA TRP A 99 3.49 27.76 -13.15
C TRP A 99 4.82 27.77 -12.41
N GLU A 100 5.90 28.20 -13.07
CA GLU A 100 7.25 28.12 -12.49
C GLU A 100 7.37 28.95 -11.23
N TYR A 101 8.19 28.47 -10.30
CA TYR A 101 8.39 29.19 -9.05
C TYR A 101 9.16 30.48 -9.27
N GLN A 102 8.68 31.57 -8.69
CA GLN A 102 9.31 32.87 -8.77
C GLN A 102 9.55 33.42 -7.37
N PRO A 103 10.71 34.04 -7.11
CA PRO A 103 11.00 34.54 -5.76
C PRO A 103 10.17 35.75 -5.35
N PHE A 104 10.37 36.23 -4.13
CA PHE A 104 9.41 37.13 -3.48
C PHE A 104 9.38 38.52 -4.13
N GLY A 105 10.54 39.01 -4.55
CA GLY A 105 10.58 40.33 -5.16
C GLY A 105 10.85 40.27 -6.64
N SER A 106 10.30 39.26 -7.31
CA SER A 106 10.59 39.05 -8.72
C SER A 106 9.57 39.79 -9.58
N GLU A 107 9.63 39.57 -10.89
CA GLU A 107 8.73 40.23 -11.83
C GLU A 107 7.46 39.42 -12.06
N GLY A 108 7.59 38.11 -12.27
CA GLY A 108 6.44 37.28 -12.49
C GLY A 108 5.98 36.57 -11.23
N GLU A 109 6.09 37.25 -10.10
CA GLU A 109 5.65 36.64 -8.84
C GLU A 109 4.13 36.63 -8.74
N PHE A 110 3.46 37.60 -9.36
CA PHE A 110 2.00 37.66 -9.26
C PHE A 110 1.34 36.57 -10.09
N LEU A 111 1.92 36.21 -11.22
CA LEU A 111 1.36 35.14 -12.03
C LEU A 111 1.62 33.77 -11.43
N TYR A 112 2.64 33.64 -10.57
CA TYR A 112 2.82 32.40 -9.84
C TYR A 112 1.84 32.27 -8.68
N SER A 113 1.51 33.37 -8.01
CA SER A 113 0.60 33.29 -6.88
C SER A 113 -0.83 33.00 -7.31
N LEU A 114 -1.15 33.17 -8.59
CA LEU A 114 -2.41 32.75 -9.15
C LEU A 114 -2.30 31.45 -9.94
N ALA A 115 -1.30 30.61 -9.65
CA ALA A 115 -1.23 29.33 -10.34
C ALA A 115 -2.16 28.32 -9.70
N THR A 116 -1.90 27.99 -8.45
CA THR A 116 -2.76 27.05 -7.74
C THR A 116 -4.17 27.55 -7.40
N PRO A 117 -4.51 28.84 -7.30
CA PRO A 117 -5.95 29.18 -7.31
C PRO A 117 -6.61 28.96 -8.66
N LEU A 118 -5.89 29.15 -9.76
CA LEU A 118 -6.47 28.89 -11.07
C LEU A 118 -6.63 27.40 -11.35
N TYR A 119 -5.92 26.55 -10.61
CA TYR A 119 -6.17 25.12 -10.65
C TYR A 119 -7.34 24.74 -9.77
N GLY A 120 -7.80 25.64 -8.92
CA GLY A 120 -8.84 25.30 -7.98
C GLY A 120 -10.21 25.73 -8.43
N LEU A 121 -10.34 26.96 -8.92
CA LEU A 121 -11.62 27.44 -9.39
C LEU A 121 -11.94 27.03 -10.82
N THR A 122 -11.13 26.16 -11.41
CA THR A 122 -11.42 25.59 -12.72
C THR A 122 -11.60 24.08 -12.67
N PHE A 123 -10.83 23.39 -11.84
CA PHE A 123 -11.14 22.00 -11.53
C PHE A 123 -12.43 21.91 -10.71
N GLY A 124 -12.42 22.51 -9.52
CA GLY A 124 -13.48 22.29 -8.57
C GLY A 124 -14.79 22.91 -8.98
N LEU A 125 -14.74 24.06 -9.64
CA LEU A 125 -15.98 24.70 -10.09
C LEU A 125 -16.58 24.00 -11.30
N SER A 126 -15.80 23.16 -11.98
CA SER A 126 -16.35 22.37 -13.08
C SER A 126 -17.32 21.30 -12.56
N ILE A 127 -16.83 20.41 -11.70
CA ILE A 127 -17.70 19.36 -11.14
C ILE A 127 -18.61 19.84 -10.03
N LEU A 128 -18.38 21.01 -9.46
CA LEU A 128 -19.44 21.57 -8.65
C LEU A 128 -20.62 21.94 -9.52
N SER A 129 -20.35 22.53 -10.70
CA SER A 129 -21.43 22.90 -11.60
C SER A 129 -22.00 21.69 -12.33
N ILE A 130 -21.21 20.65 -12.55
CA ILE A 130 -21.77 19.40 -13.05
C ILE A 130 -22.59 18.73 -11.97
N GLY A 131 -22.13 18.81 -10.72
CA GLY A 131 -22.89 18.26 -9.61
C GLY A 131 -24.16 19.03 -9.33
N ILE A 132 -24.14 20.35 -9.51
CA ILE A 132 -25.35 21.15 -9.36
C ILE A 132 -26.34 20.83 -10.46
N GLY A 133 -25.85 20.71 -11.70
CA GLY A 133 -26.75 20.42 -12.81
C GLY A 133 -27.33 19.03 -12.78
N ALA A 134 -26.63 18.09 -12.14
CA ALA A 134 -27.17 16.74 -11.99
C ALA A 134 -28.09 16.60 -10.80
N VAL A 135 -28.02 17.50 -9.82
CA VAL A 135 -29.06 17.58 -8.81
C VAL A 135 -30.31 18.21 -9.40
N LEU A 136 -30.15 19.32 -10.13
CA LEU A 136 -31.28 20.01 -10.74
C LEU A 136 -31.95 19.22 -11.85
N PHE A 137 -31.31 18.17 -12.35
CA PHE A 137 -32.04 17.23 -13.19
C PHE A 137 -32.87 16.29 -12.34
N GLN A 138 -32.36 15.91 -11.17
CA GLN A 138 -33.12 15.00 -10.31
C GLN A 138 -34.27 15.72 -9.62
N LYS A 139 -34.06 16.97 -9.20
CA LYS A 139 -35.11 17.69 -8.50
C LYS A 139 -36.24 18.09 -9.45
N LYS A 140 -35.94 18.25 -10.75
CA LYS A 140 -36.88 18.85 -11.68
C LYS A 140 -37.37 17.94 -12.79
N PHE A 141 -36.69 16.84 -13.07
CA PHE A 141 -37.16 16.03 -14.19
C PHE A 141 -37.39 14.56 -13.86
N ILE A 142 -36.55 13.95 -13.03
CA ILE A 142 -36.80 12.56 -12.63
C ILE A 142 -37.97 12.54 -11.65
N PRO A 143 -38.98 11.68 -11.86
CA PRO A 143 -40.23 11.81 -11.11
C PRO A 143 -40.10 11.50 -9.63
N GLU A 144 -40.79 12.29 -8.83
CA GLU A 144 -40.83 12.09 -7.39
C GLU A 144 -41.58 10.80 -7.09
N GLU A 145 -40.96 9.93 -6.29
CA GLU A 145 -41.59 8.68 -5.95
C GLU A 145 -41.42 8.41 -4.46
N ILE A 146 -42.44 7.79 -3.87
CA ILE A 146 -42.42 7.37 -2.48
C ILE A 146 -42.61 5.86 -2.51
N SER A 147 -41.53 5.12 -2.32
CA SER A 147 -41.59 3.67 -2.31
C SER A 147 -41.44 3.18 -0.87
N VAL A 148 -42.24 2.20 -0.50
CA VAL A 148 -42.17 1.60 0.82
C VAL A 148 -41.70 0.14 0.69
N GLN A 149 -40.71 -0.22 1.49
CA GLN A 149 -40.13 -1.56 1.44
C GLN A 149 -40.15 -2.15 2.83
N ASP A 150 -40.82 -3.29 2.98
CA ASP A 150 -40.89 -3.93 4.29
C ASP A 150 -39.59 -4.67 4.56
N ARG A 151 -38.83 -4.17 5.52
CA ARG A 151 -37.63 -4.88 5.95
C ARG A 151 -38.05 -6.14 6.69
N HIS A 152 -37.49 -7.28 6.26
CA HIS A 152 -37.82 -8.56 6.85
C HIS A 152 -36.83 -8.95 7.93
N ASP A 153 -36.27 -7.98 8.63
CA ASP A 153 -35.20 -8.25 9.58
C ASP A 153 -35.77 -8.68 10.93
N GLY A 154 -34.90 -8.86 11.90
CA GLY A 154 -35.33 -9.15 13.25
C GLY A 154 -35.08 -10.57 13.66
N ARG A 155 -35.36 -11.51 12.76
CA ARG A 155 -35.22 -12.94 13.01
C ARG A 155 -35.45 -13.65 11.69
N SER A 156 -34.68 -14.70 11.43
CA SER A 156 -34.95 -15.53 10.28
C SER A 156 -36.22 -16.34 10.52
N PRO A 157 -36.86 -16.83 9.46
CA PRO A 157 -37.92 -17.83 9.64
C PRO A 157 -37.36 -19.10 10.26
N GLU A 158 -38.26 -19.87 10.86
CA GLU A 158 -37.84 -21.01 11.66
C GLU A 158 -37.25 -22.13 10.80
N VAL A 159 -37.66 -22.22 9.53
CA VAL A 159 -37.09 -23.25 8.67
C VAL A 159 -35.67 -22.94 8.27
N HIS A 160 -35.22 -21.69 8.40
CA HIS A 160 -33.83 -21.35 8.12
C HIS A 160 -32.98 -21.34 9.38
N ARG A 161 -33.56 -20.99 10.52
CA ARG A 161 -32.82 -21.09 11.78
C ARG A 161 -32.55 -22.52 12.16
N LYS A 162 -33.45 -23.43 11.79
CA LYS A 162 -33.35 -24.80 12.26
C LYS A 162 -32.49 -25.66 11.35
N THR A 163 -32.46 -25.38 10.05
CA THR A 163 -31.62 -26.12 9.13
C THR A 163 -30.22 -25.52 8.98
N VAL A 164 -29.80 -24.66 9.90
CA VAL A 164 -28.41 -24.24 9.99
C VAL A 164 -27.78 -24.72 11.28
N ALA A 165 -28.50 -24.58 12.40
CA ALA A 165 -28.03 -25.11 13.68
C ALA A 165 -28.00 -26.63 13.66
N ALA A 166 -28.82 -27.27 12.84
CA ALA A 166 -28.72 -28.70 12.63
C ALA A 166 -27.78 -29.06 11.50
N ASN A 167 -27.22 -28.07 10.82
CA ASN A 167 -26.22 -28.32 9.79
C ASN A 167 -24.81 -28.04 10.30
N LEU A 168 -24.66 -27.04 11.17
CA LEU A 168 -23.36 -26.84 11.82
C LEU A 168 -23.06 -27.95 12.80
N THR A 169 -24.03 -28.36 13.60
CA THR A 169 -23.78 -29.39 14.60
C THR A 169 -23.70 -30.79 14.00
N ASP A 170 -24.26 -31.01 12.81
CA ASP A 170 -24.09 -32.31 12.18
C ASP A 170 -22.68 -32.46 11.62
N ALA A 171 -22.04 -31.35 11.27
CA ALA A 171 -20.64 -31.36 10.86
C ALA A 171 -19.69 -31.31 12.04
N LEU A 172 -20.20 -31.33 13.27
CA LEU A 172 -19.40 -31.41 14.47
C LEU A 172 -19.67 -32.69 15.24
N GLU A 173 -20.93 -33.02 15.48
CA GLU A 173 -21.25 -34.26 16.17
C GLU A 173 -21.06 -35.46 15.25
N GLY A 174 -21.38 -35.30 13.96
CA GLY A 174 -21.13 -36.36 13.01
C GLY A 174 -19.67 -36.50 12.64
N SER A 175 -18.87 -35.45 12.87
CA SER A 175 -17.44 -35.49 12.58
C SER A 175 -16.65 -36.26 13.63
N THR A 176 -17.26 -36.59 14.76
CA THR A 176 -16.66 -37.34 15.87
C THR A 176 -15.37 -36.71 16.37
N LEU A 177 -15.45 -35.42 16.67
CA LEU A 177 -14.35 -34.71 17.32
C LEU A 177 -14.53 -34.62 18.83
N LYS A 178 -15.78 -34.70 19.31
CA LYS A 178 -16.03 -34.55 20.74
C LYS A 178 -15.56 -35.77 21.53
N ARG A 179 -15.71 -36.97 20.97
CA ARG A 179 -15.29 -38.17 21.68
C ARG A 179 -13.79 -38.35 21.65
N ARG A 180 -13.13 -37.79 20.63
CA ARG A 180 -11.69 -37.97 20.43
C ARG A 180 -10.97 -36.91 21.24
N LYS A 181 -10.73 -37.23 22.51
CA LYS A 181 -10.11 -36.29 23.42
C LYS A 181 -8.62 -36.13 23.19
N VAL A 182 -8.00 -37.02 22.41
CA VAL A 182 -6.56 -36.91 22.18
C VAL A 182 -6.28 -35.91 21.07
N ILE A 183 -7.09 -35.91 20.02
CA ILE A 183 -6.85 -35.02 18.88
C ILE A 183 -7.18 -33.59 19.25
N GLY A 184 -8.37 -33.36 19.83
CA GLY A 184 -8.81 -32.02 20.15
C GLY A 184 -7.99 -31.33 21.22
N LEU A 185 -7.31 -32.10 22.06
CA LEU A 185 -6.41 -31.51 23.05
C LEU A 185 -5.03 -31.25 22.47
N SER A 186 -4.56 -32.09 21.54
CA SER A 186 -3.29 -31.84 20.88
C SER A 186 -3.42 -30.86 19.74
N LEU A 187 -4.63 -30.60 19.26
CA LEU A 187 -4.84 -29.55 18.29
C LEU A 187 -4.76 -28.18 18.94
N GLY A 188 -5.22 -28.07 20.19
CA GLY A 188 -5.05 -26.83 20.93
C GLY A 188 -3.62 -26.59 21.36
N ILE A 189 -2.89 -27.66 21.66
CA ILE A 189 -1.46 -27.53 21.90
C ILE A 189 -0.72 -27.26 20.59
N GLY A 190 -1.17 -27.90 19.51
CA GLY A 190 -0.50 -27.72 18.22
C GLY A 190 -0.71 -26.34 17.63
N LEU A 191 -1.97 -25.89 17.56
CA LEU A 191 -2.22 -24.54 17.08
C LEU A 191 -1.82 -23.47 18.09
N GLY A 192 -1.76 -23.83 19.38
CA GLY A 192 -1.33 -22.86 20.37
C GLY A 192 0.16 -22.61 20.33
N ALA A 193 0.95 -23.66 20.12
CA ALA A 193 2.39 -23.49 20.01
C ALA A 193 2.82 -22.95 18.66
N PHE A 194 1.94 -22.94 17.67
CA PHE A 194 2.23 -22.23 16.42
C PHE A 194 1.79 -20.79 16.47
N GLY A 195 0.70 -20.48 17.18
CA GLY A 195 0.32 -19.09 17.38
C GLY A 195 1.29 -18.35 18.28
N ALA A 196 1.91 -19.06 19.23
CA ALA A 196 2.99 -18.50 20.02
C ALA A 196 4.34 -18.63 19.34
N GLY A 197 4.38 -19.22 18.14
CA GLY A 197 5.61 -19.28 17.38
C GLY A 197 5.71 -18.11 16.43
N THR A 198 4.63 -17.83 15.71
CA THR A 198 4.63 -16.71 14.78
C THR A 198 4.66 -15.38 15.51
N LEU A 199 3.78 -15.22 16.51
CA LEU A 199 3.64 -13.95 17.22
C LEU A 199 4.86 -13.59 18.05
N VAL A 200 5.84 -14.47 18.17
CA VAL A 200 7.17 -14.11 18.64
C VAL A 200 8.14 -13.91 17.48
N ALA A 201 8.01 -14.70 16.42
CA ALA A 201 8.87 -14.51 15.25
C ALA A 201 8.48 -13.29 14.42
N PHE A 202 7.20 -12.91 14.45
CA PHE A 202 6.75 -11.76 13.68
C PHE A 202 6.99 -10.46 14.45
N ILE A 203 6.97 -10.51 15.77
CA ILE A 203 7.07 -9.33 16.61
C ILE A 203 8.48 -9.16 17.17
N GLY A 204 9.12 -10.24 17.58
CA GLY A 204 10.42 -10.17 18.22
C GLY A 204 11.61 -9.89 17.35
N GLY A 205 11.38 -9.46 16.12
CA GLY A 205 12.45 -8.97 15.29
C GLY A 205 12.68 -7.49 15.49
N LEU A 206 11.63 -6.78 15.89
CA LEU A 206 11.67 -5.33 16.06
C LEU A 206 11.72 -4.91 17.52
N ILE A 207 12.05 -5.82 18.43
CA ILE A 207 12.19 -5.50 19.84
C ILE A 207 13.67 -5.34 20.15
N LYS A 208 14.07 -4.14 20.53
CA LYS A 208 15.45 -3.84 20.87
C LYS A 208 15.59 -3.61 22.37
N ASN A 209 16.84 -3.69 22.85
CA ASN A 209 17.15 -3.50 24.24
C ASN A 209 17.56 -2.04 24.44
N PRO A 210 16.87 -1.27 25.27
CA PRO A 210 17.27 0.13 25.50
C PRO A 210 18.50 0.30 26.36
N TRP A 211 19.04 -0.79 26.93
CA TRP A 211 20.12 -0.68 27.91
C TRP A 211 21.36 -1.45 27.48
N LYS A 212 21.48 -1.73 26.19
CA LYS A 212 22.70 -2.31 25.67
C LYS A 212 23.80 -1.25 25.65
N PRO A 213 25.01 -1.60 26.10
CA PRO A 213 26.12 -0.63 26.05
C PRO A 213 26.52 -0.25 24.63
N VAL A 214 26.29 1.00 24.26
CA VAL A 214 26.54 1.47 22.90
C VAL A 214 27.58 2.58 22.91
N VAL A 215 27.29 3.67 23.63
CA VAL A 215 28.12 4.87 23.59
C VAL A 215 29.39 4.65 24.43
N PRO A 216 30.58 4.76 23.84
CA PRO A 216 31.83 4.53 24.59
C PRO A 216 32.32 5.73 25.41
N THR A 217 31.75 5.89 26.60
CA THR A 217 32.16 6.97 27.47
C THR A 217 33.34 6.56 28.33
N ALA A 218 33.76 7.48 29.22
CA ALA A 218 34.88 7.23 30.10
C ALA A 218 34.52 6.32 31.28
N GLU A 219 33.24 6.13 31.55
CA GLU A 219 32.80 5.30 32.67
C GLU A 219 32.50 3.86 32.27
N GLY A 220 33.13 3.37 31.21
CA GLY A 220 32.96 1.99 30.81
C GLY A 220 31.71 1.69 30.03
N LYS A 221 31.59 2.31 28.84
CA LYS A 221 30.54 2.14 27.83
C LYS A 221 29.12 2.15 28.44
N LYS A 222 28.76 3.32 28.95
CA LYS A 222 27.42 3.52 29.48
C LYS A 222 26.38 3.48 28.36
N ALA A 223 25.14 3.21 28.75
CA ALA A 223 24.07 3.00 27.79
C ALA A 223 23.51 4.32 27.29
N VAL A 224 22.64 4.23 26.28
CA VAL A 224 21.95 5.39 25.75
C VAL A 224 20.94 5.87 26.80
N LEU A 225 20.62 7.17 26.77
CA LEU A 225 19.75 7.97 27.66
C LEU A 225 20.46 8.31 28.96
N TRP A 226 21.66 7.81 29.19
CA TRP A 226 22.58 8.38 30.17
C TRP A 226 23.72 9.10 29.50
N THR A 227 23.77 9.11 28.17
CA THR A 227 24.74 9.85 27.39
C THR A 227 24.01 10.90 26.57
N SER A 228 24.49 12.14 26.62
CA SER A 228 23.80 13.24 25.96
C SER A 228 24.76 14.11 25.17
N GLY A 229 25.88 13.56 24.72
CA GLY A 229 26.88 14.32 24.00
C GLY A 229 27.86 15.07 24.88
N TRP A 230 27.40 15.56 26.03
CA TRP A 230 28.28 16.25 26.97
C TRP A 230 29.05 15.29 27.86
N THR A 231 28.77 14.00 27.78
CA THR A 231 29.54 13.02 28.54
C THR A 231 30.93 12.91 27.96
N PRO A 232 31.98 13.12 28.74
CA PRO A 232 33.33 13.11 28.16
C PRO A 232 33.80 11.70 27.83
N ARG A 233 34.48 11.58 26.68
CA ARG A 233 34.98 10.28 26.24
C ARG A 233 36.13 9.79 27.12
N PHE A 234 36.94 10.72 27.61
CA PHE A 234 38.03 10.40 28.54
C PHE A 234 38.07 11.52 29.57
N LYS A 235 39.17 11.59 30.33
CA LYS A 235 39.20 12.47 31.50
C LYS A 235 39.29 13.94 31.10
N GLY A 236 40.09 14.27 30.11
CA GLY A 236 40.34 15.66 29.78
C GLY A 236 39.91 16.09 28.39
N GLU A 237 38.70 15.69 27.96
CA GLU A 237 38.25 16.01 26.60
C GLU A 237 38.02 17.51 26.42
N THR A 238 37.46 18.16 27.45
CA THR A 238 37.18 19.61 27.49
C THR A 238 36.29 20.03 26.32
N ILE A 239 35.04 19.57 26.39
CA ILE A 239 34.03 19.90 25.38
C ILE A 239 33.73 21.40 25.47
N TYR A 240 33.96 22.11 24.38
CA TYR A 240 33.76 23.55 24.37
C TYR A 240 32.28 23.88 24.18
N LEU A 241 31.84 24.94 24.86
CA LEU A 241 30.51 25.52 24.63
C LEU A 241 30.60 26.35 23.36
N ALA A 242 30.36 25.71 22.22
CA ALA A 242 30.45 26.36 20.92
C ALA A 242 29.07 26.67 20.38
N ARG A 243 28.89 27.88 19.88
CA ARG A 243 27.62 28.29 19.30
C ARG A 243 27.58 27.94 17.82
N ALA A 244 26.49 28.35 17.16
CA ALA A 244 26.36 28.24 15.72
C ALA A 244 26.34 29.64 15.12
N THR A 245 26.88 29.75 13.89
CA THR A 245 26.94 31.03 13.20
C THR A 245 25.73 31.29 12.32
N GLY A 246 24.58 30.71 12.66
CA GLY A 246 23.41 30.84 11.82
C GLY A 246 23.39 29.80 10.72
N ARG A 247 22.20 29.20 10.50
CA ARG A 247 21.96 28.08 9.57
C ARG A 247 22.92 26.95 9.90
N PRO A 248 22.69 26.20 10.99
CA PRO A 248 23.72 25.31 11.53
C PRO A 248 23.90 23.99 10.78
N GLY A 249 23.37 23.88 9.57
CA GLY A 249 23.57 22.70 8.75
C GLY A 249 25.01 22.53 8.30
N GLU A 250 25.49 23.48 7.49
CA GLU A 250 26.88 23.50 7.04
C GLU A 250 27.66 24.66 7.67
N SER A 251 27.39 24.93 8.94
CA SER A 251 28.05 26.03 9.62
C SER A 251 29.11 25.51 10.57
N PRO A 252 30.33 26.03 10.50
CA PRO A 252 31.35 25.63 11.47
C PRO A 252 31.07 26.24 12.84
N PHE A 253 31.28 25.45 13.88
CA PHE A 253 31.00 25.90 15.24
C PHE A 253 32.16 26.78 15.70
N VAL A 254 31.94 28.08 15.73
CA VAL A 254 32.92 28.99 16.29
C VAL A 254 32.85 28.88 17.81
N LYS A 255 33.95 29.22 18.47
CA LYS A 255 34.00 29.20 19.93
C LYS A 255 33.26 30.40 20.50
N MET A 256 33.16 30.43 21.83
CA MET A 256 32.47 31.52 22.53
C MET A 256 33.30 32.01 23.70
N ARG A 257 33.58 33.30 23.72
CA ARG A 257 34.17 33.96 24.86
C ARG A 257 33.09 34.26 25.90
N PRO A 258 33.42 34.26 27.19
CA PRO A 258 32.41 34.55 28.21
C PRO A 258 31.99 36.01 28.26
N GLU A 259 32.74 36.92 27.63
CA GLU A 259 32.38 38.32 27.57
C GLU A 259 31.72 38.70 26.25
N ASP A 260 31.27 37.70 25.48
CA ASP A 260 30.72 37.97 24.16
C ASP A 260 29.31 38.58 24.27
N ILE A 261 28.53 38.12 25.23
CA ILE A 261 27.16 38.60 25.43
C ILE A 261 27.12 39.54 26.63
N ASP A 262 26.32 40.60 26.50
CA ASP A 262 26.30 41.63 27.54
C ASP A 262 25.37 41.26 28.70
N ALA A 263 24.08 41.11 28.41
CA ALA A 263 23.09 40.76 29.41
C ALA A 263 21.87 40.21 28.69
N GLY A 264 21.27 39.17 29.24
CA GLY A 264 20.16 38.52 28.58
C GLY A 264 20.63 37.78 27.34
N GLY A 265 21.37 36.70 27.53
CA GLY A 265 22.11 36.07 26.46
C GLY A 265 21.29 35.39 25.39
N MET A 266 20.67 34.26 25.73
CA MET A 266 19.95 33.38 24.80
C MET A 266 20.85 33.01 23.60
N GLU A 267 21.87 32.23 23.91
CA GLU A 267 22.78 31.71 22.90
C GLU A 267 22.73 30.19 22.97
N THR A 268 22.08 29.57 21.99
CA THR A 268 22.06 28.12 21.89
C THR A 268 23.43 27.62 21.51
N VAL A 269 24.09 26.93 22.43
CA VAL A 269 25.43 26.41 22.19
C VAL A 269 25.36 24.89 22.13
N PHE A 270 26.38 24.30 21.52
CA PHE A 270 26.42 22.90 21.16
C PHE A 270 27.73 22.29 21.65
N PRO A 271 27.78 20.97 21.85
CA PRO A 271 29.06 20.33 22.14
C PRO A 271 29.98 20.39 20.93
N TRP A 272 31.27 20.56 21.19
CA TRP A 272 32.25 20.62 20.13
C TRP A 272 33.42 19.72 20.50
N ARG A 273 33.75 18.79 19.60
CA ARG A 273 34.71 17.71 19.84
C ARG A 273 36.15 18.22 19.95
N GLU A 274 36.40 19.48 19.55
CA GLU A 274 37.72 20.11 19.35
C GLU A 274 38.71 19.21 18.58
N SER A 275 38.17 18.43 17.64
CA SER A 275 38.99 17.75 16.64
C SER A 275 38.35 17.76 15.27
N ASP A 276 37.20 18.42 15.10
CA ASP A 276 36.46 18.32 13.86
C ASP A 276 36.96 19.31 12.81
N GLY A 277 36.84 20.61 13.10
CA GLY A 277 37.13 21.57 12.06
C GLY A 277 35.99 21.61 11.06
N ASP A 278 36.29 22.14 9.87
CA ASP A 278 35.30 22.21 8.82
C ASP A 278 36.00 22.14 7.47
N GLY A 279 35.34 21.51 6.50
CA GLY A 279 35.85 21.45 5.15
C GLY A 279 35.99 20.04 4.61
N THR A 280 36.36 19.12 5.47
CA THR A 280 36.59 17.73 5.06
C THR A 280 35.34 16.89 5.25
N THR A 281 35.16 15.90 4.37
CA THR A 281 33.98 15.04 4.43
C THR A 281 34.05 14.01 5.54
N VAL A 282 35.21 13.78 6.13
CA VAL A 282 35.31 12.83 7.23
C VAL A 282 34.78 13.46 8.52
N GLU A 283 35.16 14.71 8.77
CA GLU A 283 34.73 15.42 9.96
C GLU A 283 33.42 16.17 9.79
N SER A 284 32.89 16.24 8.57
CA SER A 284 31.55 16.81 8.39
C SER A 284 30.46 15.84 8.84
N GLU A 285 30.76 14.54 8.92
CA GLU A 285 29.81 13.60 9.50
C GLU A 285 29.70 13.75 11.01
N HIS A 286 30.72 14.34 11.66
CA HIS A 286 30.63 14.59 13.09
C HIS A 286 29.69 15.74 13.42
N LYS A 287 29.49 16.67 12.49
CA LYS A 287 28.54 17.75 12.71
C LYS A 287 27.14 17.42 12.22
N LEU A 288 26.98 16.38 11.42
CA LEU A 288 25.64 15.90 11.08
C LEU A 288 25.05 15.04 12.18
N THR A 289 25.89 14.32 12.92
CA THR A 289 25.45 13.61 14.11
C THR A 289 25.48 14.49 15.35
N GLU A 290 25.81 15.77 15.19
CA GLU A 290 25.87 16.70 16.31
C GLU A 290 24.51 17.32 16.61
N ILE A 291 23.78 17.70 15.57
CA ILE A 291 22.49 18.39 15.72
C ILE A 291 21.34 17.52 15.23
N ALA A 292 21.33 17.20 13.94
CA ALA A 292 20.14 16.60 13.33
C ALA A 292 19.97 15.14 13.72
N MET A 293 21.07 14.42 13.90
CA MET A 293 21.01 13.04 14.38
C MET A 293 21.24 12.93 15.87
N GLY A 294 21.54 14.05 16.55
CA GLY A 294 21.71 14.01 17.99
C GLY A 294 20.78 14.95 18.75
N VAL A 295 19.81 14.38 19.45
CA VAL A 295 18.93 15.12 20.34
C VAL A 295 19.62 15.32 21.68
N ARG A 296 19.00 16.14 22.54
CA ARG A 296 19.42 16.50 23.91
C ARG A 296 20.87 16.97 24.00
N ASN A 297 21.41 17.49 22.90
CA ASN A 297 22.61 18.31 22.85
C ASN A 297 22.43 19.80 23.19
N PRO A 298 21.46 20.55 22.61
CA PRO A 298 21.54 22.02 22.74
C PRO A 298 21.16 22.50 24.14
N VAL A 299 21.95 23.43 24.66
CA VAL A 299 21.68 24.05 25.95
C VAL A 299 21.66 25.57 25.77
N MET A 300 21.08 26.24 26.76
CA MET A 300 20.89 27.69 26.73
C MET A 300 21.96 28.36 27.58
N LEU A 301 22.84 29.12 26.94
CA LEU A 301 23.87 29.85 27.66
C LEU A 301 23.24 31.16 28.10
N ILE A 302 22.54 31.09 29.23
CA ILE A 302 21.81 32.23 29.79
C ILE A 302 22.74 33.04 30.68
N ARG A 303 22.75 34.36 30.49
CA ARG A 303 23.54 35.27 31.30
C ARG A 303 22.62 36.10 32.17
N ILE A 304 22.93 36.16 33.46
CA ILE A 304 22.13 36.89 34.44
C ILE A 304 22.75 38.27 34.63
N LYS A 305 21.90 39.30 34.72
CA LYS A 305 22.36 40.64 35.02
C LYS A 305 22.97 40.69 36.42
N PRO A 306 23.97 41.54 36.65
CA PRO A 306 24.57 41.63 38.00
C PRO A 306 23.70 42.33 39.01
N ALA A 307 22.59 42.96 38.60
CA ALA A 307 21.73 43.65 39.56
C ALA A 307 20.91 42.67 40.38
N ASP A 308 20.56 41.52 39.81
CA ASP A 308 19.79 40.50 40.51
C ASP A 308 20.64 39.23 40.64
N MET A 309 21.46 39.19 41.66
CA MET A 309 22.26 38.02 42.01
C MET A 309 21.88 37.42 43.35
N HIS A 310 21.46 38.24 44.32
CA HIS A 310 20.99 37.72 45.59
C HIS A 310 19.67 36.97 45.46
N ARG A 311 18.89 37.24 44.41
CA ARG A 311 17.68 36.47 44.12
C ARG A 311 17.98 35.29 43.21
N VAL A 312 18.98 34.48 43.58
CA VAL A 312 19.34 33.27 42.86
C VAL A 312 19.40 32.15 43.89
N ILE A 313 18.60 31.11 43.69
CA ILE A 313 18.59 29.95 44.58
C ILE A 313 19.21 28.79 43.82
N LYS A 314 20.39 28.36 44.26
CA LYS A 314 21.03 27.22 43.64
C LYS A 314 20.36 25.92 44.07
N ARG A 315 20.55 24.89 43.26
CA ARG A 315 20.06 23.57 43.59
C ARG A 315 20.97 22.95 44.66
N LYS A 316 20.43 21.96 45.39
CA LYS A 316 21.19 21.30 46.45
C LYS A 316 22.39 20.54 45.90
N GLY A 317 22.25 19.93 44.73
CA GLY A 317 23.37 19.22 44.15
C GLY A 317 24.19 20.09 43.20
N GLN A 318 23.51 20.97 42.48
CA GLN A 318 24.13 21.79 41.44
C GLN A 318 24.54 23.14 42.01
N GLU A 319 25.37 23.11 43.05
CA GLU A 319 25.69 24.30 43.81
C GLU A 319 26.65 25.21 43.05
N SER A 320 27.71 24.64 42.48
CA SER A 320 28.77 25.45 41.89
C SER A 320 28.94 25.16 40.41
N PHE A 321 27.84 25.10 39.66
CA PHE A 321 27.88 24.88 38.22
C PHE A 321 27.74 26.18 37.45
N ASN A 322 28.29 27.26 37.97
CA ASN A 322 28.25 28.55 37.28
C ASN A 322 29.61 29.22 37.39
N PHE A 323 29.84 30.18 36.48
CA PHE A 323 31.11 30.91 36.46
C PHE A 323 30.80 32.32 35.97
N GLY A 324 30.66 33.25 36.91
CA GLY A 324 30.53 34.65 36.56
C GLY A 324 29.23 34.98 35.85
N GLU A 325 28.12 34.97 36.61
CA GLU A 325 26.76 35.35 36.18
C GLU A 325 26.30 34.64 34.90
N LEU A 326 26.81 33.43 34.66
CA LEU A 326 26.40 32.61 33.55
C LEU A 326 25.74 31.34 34.06
N PHE A 327 24.84 30.79 33.25
CA PHE A 327 24.24 29.49 33.54
C PHE A 327 24.01 28.77 32.22
N ALA A 328 23.91 27.45 32.30
CA ALA A 328 23.73 26.62 31.10
C ALA A 328 22.67 25.57 31.39
N TYR A 329 21.44 25.84 30.98
CA TYR A 329 20.33 24.90 31.12
C TYR A 329 19.96 24.35 29.75
N THR A 330 19.41 23.14 29.72
CA THR A 330 19.10 22.49 28.46
C THR A 330 17.91 23.15 27.77
N LYS A 331 17.92 23.11 26.44
CA LYS A 331 16.73 23.51 25.69
C LYS A 331 15.65 22.44 25.81
N VAL A 332 16.06 21.17 25.82
CA VAL A 332 15.13 20.05 25.89
C VAL A 332 14.45 20.07 27.26
N CYS A 333 13.17 20.40 27.28
CA CYS A 333 12.49 20.63 28.54
C CYS A 333 12.21 19.31 29.24
N SER A 334 11.85 19.41 30.52
CA SER A 334 11.72 18.25 31.38
C SER A 334 10.39 17.55 31.26
N HIS A 335 9.65 17.79 30.18
CA HIS A 335 8.34 17.18 29.99
C HIS A 335 8.07 17.14 28.49
N LEU A 336 8.16 15.95 27.89
CA LEU A 336 7.86 15.66 26.48
C LEU A 336 8.80 16.34 25.49
N GLY A 337 9.91 16.93 25.95
CA GLY A 337 11.09 17.09 25.14
C GLY A 337 11.09 18.08 23.99
N CYS A 338 10.22 19.08 24.01
CA CYS A 338 10.39 20.14 23.02
C CYS A 338 11.50 21.09 23.44
N PRO A 339 12.18 21.71 22.47
CA PRO A 339 13.19 22.73 22.82
C PRO A 339 12.54 23.98 23.40
N SER A 340 12.88 24.29 24.64
CA SER A 340 12.44 25.53 25.26
C SER A 340 13.36 26.67 24.82
N SER A 341 12.77 27.72 24.26
CA SER A 341 13.57 28.78 23.66
C SER A 341 13.18 30.19 24.05
N LEU A 342 11.95 30.43 24.50
CA LEU A 342 11.55 31.79 24.81
C LEU A 342 12.22 32.25 26.10
N TYR A 343 12.75 33.46 26.10
CA TYR A 343 13.72 33.86 27.11
C TYR A 343 13.16 34.72 28.23
N GLU A 344 12.28 35.68 27.91
CA GLU A 344 11.58 36.55 28.88
C GLU A 344 12.57 37.32 29.75
N GLN A 345 13.27 38.26 29.11
CA GLN A 345 14.42 38.93 29.75
C GLN A 345 14.03 39.82 30.93
N GLN A 346 12.76 40.21 31.05
CA GLN A 346 12.36 41.00 32.21
C GLN A 346 12.23 40.13 33.45
N THR A 347 11.34 39.15 33.40
CA THR A 347 11.17 38.16 34.47
C THR A 347 11.58 36.81 33.91
N TYR A 348 12.62 36.21 34.50
CA TYR A 348 13.38 35.14 33.87
C TYR A 348 12.60 33.85 33.77
N ARG A 349 11.93 33.63 32.63
CA ARG A 349 11.11 32.46 32.40
C ARG A 349 11.50 31.79 31.10
N ILE A 350 11.47 30.46 31.10
CA ILE A 350 12.01 29.66 30.01
C ILE A 350 10.84 28.97 29.34
N LEU A 351 9.88 29.79 28.93
CA LEU A 351 8.62 29.32 28.32
C LEU A 351 8.96 28.55 27.04
N CYS A 352 8.33 27.38 26.90
CA CYS A 352 8.46 26.49 25.76
C CYS A 352 7.16 26.49 24.96
N PRO A 353 7.24 26.43 23.63
CA PRO A 353 6.03 26.68 22.83
C PRO A 353 5.07 25.50 22.74
N CYS A 354 5.53 24.28 23.01
CA CYS A 354 4.68 23.11 22.78
C CYS A 354 3.60 22.98 23.83
N HIS A 355 3.94 23.09 25.11
CA HIS A 355 2.96 22.91 26.17
C HIS A 355 3.10 23.89 27.32
N GLN A 356 3.89 24.96 27.15
CA GLN A 356 3.88 26.17 27.99
C GLN A 356 4.25 25.87 29.45
N SER A 357 5.50 25.46 29.64
CA SER A 357 5.93 24.99 30.97
C SER A 357 6.42 26.11 31.89
N GLN A 358 7.15 27.09 31.35
CA GLN A 358 7.58 28.31 32.06
C GLN A 358 8.47 27.99 33.27
N PHE A 359 9.67 27.51 32.99
CA PHE A 359 10.64 27.26 34.04
C PHE A 359 11.16 28.57 34.61
N ASP A 360 11.77 28.52 35.79
CA ASP A 360 12.21 29.72 36.50
C ASP A 360 13.73 29.71 36.62
N ALA A 361 14.41 30.50 35.78
CA ALA A 361 15.86 30.45 35.67
C ALA A 361 16.60 30.94 36.90
N LEU A 362 15.93 31.67 37.80
CA LEU A 362 16.54 32.06 39.07
C LEU A 362 16.39 30.98 40.14
N GLU A 363 15.70 29.89 39.85
CA GLU A 363 15.34 28.88 40.83
C GLU A 363 15.64 27.50 40.25
N PHE A 364 16.88 27.34 39.76
CA PHE A 364 17.44 26.18 39.05
C PHE A 364 16.51 25.59 37.99
N ALA A 365 15.77 26.46 37.29
CA ALA A 365 14.76 26.12 36.28
C ALA A 365 13.67 25.19 36.84
N LYS A 366 13.23 25.48 38.07
CA LYS A 366 12.03 24.84 38.57
C LYS A 366 10.81 25.41 37.86
N PRO A 367 9.83 24.58 37.51
CA PRO A 367 8.66 25.09 36.76
C PRO A 367 7.76 25.98 37.61
N ILE A 368 7.29 27.06 36.99
CA ILE A 368 6.27 27.91 37.60
C ILE A 368 4.88 27.49 37.14
N PHE A 369 4.77 26.73 36.07
CA PHE A 369 3.51 26.63 35.34
C PHE A 369 3.54 25.32 34.55
N GLY A 370 2.49 25.08 33.77
CA GLY A 370 2.49 24.02 32.79
C GLY A 370 2.39 22.63 33.40
N PRO A 371 2.48 21.61 32.54
CA PRO A 371 2.48 20.23 33.04
C PRO A 371 3.84 19.72 33.48
N ALA A 372 4.91 20.49 33.33
CA ALA A 372 6.24 20.04 33.73
C ALA A 372 6.37 20.10 35.25
N ALA A 373 6.90 19.03 35.84
CA ALA A 373 7.09 18.96 37.28
C ALA A 373 8.56 18.88 37.69
N ARG A 374 9.48 18.79 36.74
CA ARG A 374 10.88 18.56 37.03
C ARG A 374 11.71 19.72 36.51
N ALA A 375 12.88 19.92 37.12
CA ALA A 375 13.74 21.02 36.74
C ALA A 375 14.54 20.66 35.50
N LEU A 376 15.36 21.60 35.03
CA LEU A 376 16.21 21.38 33.89
C LEU A 376 17.63 21.08 34.34
N ALA A 377 18.29 20.19 33.61
CA ALA A 377 19.62 19.74 33.97
C ALA A 377 20.64 20.82 33.64
N GLN A 378 21.28 21.38 34.67
CA GLN A 378 22.25 22.43 34.48
C GLN A 378 23.60 21.84 34.05
N LEU A 379 24.22 22.49 33.08
CA LEU A 379 25.56 22.11 32.64
C LEU A 379 26.58 22.99 33.33
N PRO A 380 27.66 22.43 33.87
CA PRO A 380 28.69 23.27 34.50
C PRO A 380 29.52 24.03 33.49
N ILE A 381 30.00 25.21 33.91
CA ILE A 381 30.72 26.14 33.05
C ILE A 381 32.04 26.50 33.74
N THR A 382 33.13 26.45 32.97
CA THR A 382 34.44 26.88 33.47
C THR A 382 35.21 27.45 32.29
N ILE A 383 35.91 28.58 32.51
CA ILE A 383 36.69 29.20 31.46
C ILE A 383 37.93 28.36 31.17
N ASP A 384 38.41 28.43 29.93
CA ASP A 384 39.64 27.79 29.50
C ASP A 384 40.84 28.63 29.96
N GLU A 385 42.03 28.02 29.90
CA GLU A 385 43.26 28.79 30.10
C GLU A 385 43.47 29.81 28.99
N ASP A 386 43.02 29.49 27.77
CA ASP A 386 43.05 30.48 26.70
C ASP A 386 41.95 31.52 26.86
N GLY A 387 40.81 31.13 27.43
CA GLY A 387 39.76 32.09 27.71
C GLY A 387 38.43 31.77 27.05
N TYR A 388 38.19 30.50 26.72
CA TYR A 388 36.95 30.07 26.10
C TYR A 388 36.12 29.28 27.12
N LEU A 389 34.87 29.00 26.75
CA LEU A 389 33.93 28.35 27.66
C LEU A 389 34.06 26.83 27.54
N VAL A 390 34.29 26.17 28.67
CA VAL A 390 34.51 24.72 28.72
C VAL A 390 33.48 24.14 29.68
N ALA A 391 32.84 23.04 29.27
CA ALA A 391 31.99 22.29 30.16
C ALA A 391 32.82 21.40 31.07
N ASN A 392 32.39 21.24 32.32
CA ASN A 392 33.09 20.40 33.28
C ASN A 392 32.58 18.97 33.28
N GLY A 393 32.05 18.48 32.16
CA GLY A 393 31.57 17.12 32.07
C GLY A 393 30.10 17.08 31.65
N ASP A 394 29.41 16.07 32.15
CA ASP A 394 28.01 15.88 31.81
C ASP A 394 27.12 16.61 32.82
N PHE A 395 25.84 16.29 32.80
CA PHE A 395 24.88 16.84 33.74
C PHE A 395 24.89 15.98 35.00
N VAL A 396 23.93 16.20 35.90
CA VAL A 396 23.67 15.29 36.99
C VAL A 396 22.45 14.42 36.69
N GLU A 397 21.38 15.03 36.25
CA GLU A 397 20.20 14.33 35.78
C GLU A 397 20.33 14.01 34.30
N PRO A 398 19.67 12.96 33.83
CA PRO A 398 19.49 12.80 32.39
C PRO A 398 18.57 13.87 31.84
N VAL A 399 18.81 14.25 30.58
CA VAL A 399 18.09 15.36 29.98
C VAL A 399 16.67 14.97 29.59
N GLY A 400 16.43 13.68 29.34
CA GLY A 400 15.24 13.19 28.68
C GLY A 400 13.91 13.44 29.36
N PRO A 401 12.82 13.20 28.64
CA PRO A 401 11.47 13.52 29.14
C PRO A 401 10.88 12.44 30.04
N ALA A 402 11.58 12.15 31.14
CA ALA A 402 11.12 11.29 32.24
C ALA A 402 10.77 9.88 31.76
N PHE A 403 11.80 9.18 31.31
CA PHE A 403 11.67 7.77 30.99
C PHE A 403 11.43 6.96 32.27
N TRP A 404 11.00 5.69 32.09
CA TRP A 404 10.53 4.90 33.22
C TRP A 404 11.66 4.53 34.19
N GLU A 405 12.80 4.09 33.66
CA GLU A 405 13.88 3.60 34.51
C GLU A 405 14.81 4.73 34.94
N ARG A 406 14.24 5.81 35.45
CA ARG A 406 14.98 7.00 35.81
C ARG A 406 15.28 6.98 37.30
N LYS A 407 16.51 7.36 37.66
CA LYS A 407 16.91 7.35 39.06
C LYS A 407 16.23 8.48 39.84
N SER A 408 16.17 9.67 39.25
CA SER A 408 15.53 10.81 39.90
C SER A 408 14.01 10.65 39.87
N UNK B 1 -39.34 8.57 35.72
CA UNK B 1 -39.83 9.92 35.52
C UNK B 1 -41.30 9.90 35.12
N UNK B 2 -42.09 10.80 35.69
CA UNK B 2 -43.50 10.89 35.36
C UNK B 2 -43.70 11.59 34.03
N UNK B 3 -44.87 11.37 33.43
CA UNK B 3 -45.15 11.86 32.08
C UNK B 3 -45.48 13.34 32.03
N UNK B 4 -45.55 14.03 33.16
CA UNK B 4 -45.80 15.47 33.18
C UNK B 4 -44.58 16.30 33.53
N UNK B 5 -43.56 15.71 34.15
CA UNK B 5 -42.31 16.43 34.39
C UNK B 5 -41.46 16.45 33.13
N UNK B 6 -41.03 15.27 32.68
CA UNK B 6 -40.52 15.12 31.33
C UNK B 6 -41.70 14.83 30.42
N UNK B 7 -41.85 15.64 29.36
CA UNK B 7 -43.08 15.62 28.59
C UNK B 7 -43.23 14.35 27.76
N UNK B 8 -42.13 13.86 27.18
CA UNK B 8 -42.21 12.61 26.43
C UNK B 8 -42.14 11.42 27.39
N UNK B 9 -41.00 11.22 28.05
CA UNK B 9 -40.75 10.27 29.13
C UNK B 9 -41.02 8.81 28.76
N UNK B 10 -41.20 8.49 27.49
CA UNK B 10 -41.49 7.13 27.07
C UNK B 10 -40.69 6.68 25.86
N UNK B 11 -40.03 7.58 25.14
CA UNK B 11 -39.22 7.17 24.00
C UNK B 11 -37.92 6.54 24.48
N UNK B 12 -37.17 7.22 25.34
CA UNK B 12 -35.94 6.68 25.90
C UNK B 12 -35.66 7.37 27.22
N UNK B 13 -34.40 7.29 27.68
CA UNK B 13 -33.97 7.68 29.01
C UNK B 13 -34.22 9.14 29.32
N UNK B 14 -35.14 9.41 30.25
CA UNK B 14 -35.41 10.76 30.71
C UNK B 14 -35.07 10.98 32.16
N UNK B 15 -35.08 9.94 32.99
CA UNK B 15 -34.69 10.08 34.38
C UNK B 15 -33.17 10.18 34.49
N UNK B 16 -32.71 11.02 35.41
CA UNK B 16 -31.29 11.32 35.53
C UNK B 16 -30.59 10.53 36.63
N UNK B 17 -31.35 9.79 37.46
CA UNK B 17 -30.86 9.09 38.65
C UNK B 17 -30.13 10.07 39.59
N UNK B 18 -30.94 10.95 40.20
CA UNK B 18 -30.47 12.19 40.83
C UNK B 18 -29.48 11.99 41.96
N UNK B 19 -29.35 10.78 42.49
CA UNK B 19 -28.27 10.50 43.43
C UNK B 19 -26.92 10.50 42.74
N UNK B 20 -26.88 10.17 41.45
CA UNK B 20 -25.63 10.10 40.70
C UNK B 20 -25.21 11.45 40.13
N UNK B 21 -25.89 12.52 40.49
CA UNK B 21 -25.48 13.88 40.17
C UNK B 21 -25.03 14.67 41.39
N UNK B 22 -25.74 14.53 42.51
CA UNK B 22 -25.32 15.18 43.74
C UNK B 22 -24.06 14.53 44.30
N UNK B 23 -23.88 13.23 44.09
CA UNK B 23 -22.64 12.56 44.50
C UNK B 23 -21.52 12.75 43.49
N UNK B 24 -21.83 13.24 42.29
CA UNK B 24 -20.79 13.54 41.31
C UNK B 24 -20.34 15.00 41.39
N UNK B 25 -21.28 15.91 41.64
CA UNK B 25 -20.91 17.31 41.82
C UNK B 25 -20.19 17.53 43.14
N UNK B 26 -20.48 16.73 44.16
CA UNK B 26 -19.69 16.76 45.38
C UNK B 26 -18.32 16.15 45.16
N UNK B 27 -18.18 15.28 44.16
CA UNK B 27 -16.88 14.81 43.72
C UNK B 27 -16.28 15.67 42.61
N UNK B 28 -17.07 16.54 42.00
CA UNK B 28 -16.53 17.44 40.99
C UNK B 28 -15.69 18.55 41.64
N UNK B 29 -16.10 19.00 42.82
CA UNK B 29 -15.27 19.95 43.57
C UNK B 29 -14.00 19.29 44.10
N UNK B 30 -14.01 17.97 44.28
CA UNK B 30 -12.81 17.26 44.69
C UNK B 30 -11.81 17.08 43.56
N UNK B 31 -12.20 17.34 42.31
CA UNK B 31 -11.28 17.33 41.19
C UNK B 31 -10.88 18.74 40.77
N UNK B 32 -11.47 19.77 41.35
CA UNK B 32 -11.10 21.17 41.12
C UNK B 32 -10.34 21.78 42.28
N UNK B 33 -10.74 21.48 43.52
CA UNK B 33 -10.00 21.98 44.67
C UNK B 33 -8.72 21.19 44.93
N UNK B 34 -8.58 20.01 44.31
CA UNK B 34 -7.33 19.28 44.40
C UNK B 34 -6.31 19.72 43.35
N UNK B 35 -6.70 20.61 42.44
CA UNK B 35 -5.76 21.17 41.48
C UNK B 35 -4.86 22.23 42.09
N UNK B 36 -5.14 22.68 43.31
CA UNK B 36 -4.27 23.64 43.96
C UNK B 36 -2.99 22.99 44.44
N UNK B 37 -3.01 21.69 44.70
CA UNK B 37 -1.81 20.94 45.09
C UNK B 37 -1.06 20.54 43.83
N UNK B 38 -0.36 21.50 43.26
CA UNK B 38 0.30 21.35 41.97
C UNK B 38 1.48 22.30 41.92
N UNK B 39 1.99 22.56 40.71
CA UNK B 39 3.12 23.45 40.49
C UNK B 39 2.68 24.84 40.07
N UNK B 40 1.58 25.35 40.64
CA UNK B 40 1.02 26.62 40.22
C UNK B 40 1.89 27.80 40.64
N UNK B 41 2.39 27.78 41.89
CA UNK B 41 3.34 28.77 42.44
C UNK B 41 2.77 30.18 42.43
N UNK B 42 1.49 30.32 42.72
CA UNK B 42 0.83 31.62 42.76
C UNK B 42 -0.33 31.55 43.74
N UNK B 43 -1.04 32.67 43.89
CA UNK B 43 -2.19 32.74 44.76
C UNK B 43 -3.39 33.47 44.15
N UNK B 44 -3.22 34.14 43.01
CA UNK B 44 -4.33 34.84 42.37
C UNK B 44 -5.22 33.90 41.57
N UNK B 45 -4.74 32.71 41.21
CA UNK B 45 -5.53 31.74 40.47
C UNK B 45 -6.04 30.60 41.34
N UNK B 46 -5.38 30.31 42.45
CA UNK B 46 -5.85 29.27 43.36
C UNK B 46 -7.05 29.72 44.17
N UNK B 47 -7.32 31.03 44.24
CA UNK B 47 -8.51 31.49 44.93
C UNK B 47 -9.76 31.22 44.10
N UNK B 48 -9.67 31.27 42.77
CA UNK B 48 -10.80 30.91 41.92
C UNK B 48 -11.05 29.42 41.91
N UNK B 49 -10.05 28.60 42.23
CA UNK B 49 -10.26 27.18 42.44
C UNK B 49 -10.85 26.88 43.81
N UNK B 50 -10.70 27.80 44.76
CA UNK B 50 -11.32 27.66 46.08
C UNK B 50 -12.62 28.44 46.19
N UNK B 51 -13.11 28.98 45.07
CA UNK B 51 -14.40 29.66 45.01
C UNK B 51 -15.37 28.98 44.06
N UNK B 52 -14.90 28.50 42.92
CA UNK B 52 -15.74 27.72 42.03
C UNK B 52 -15.97 26.30 42.56
N UNK B 53 -15.15 25.87 43.52
CA UNK B 53 -15.41 24.63 44.24
C UNK B 53 -16.41 24.80 45.38
N UNK B 54 -16.76 26.04 45.72
CA UNK B 54 -17.80 26.29 46.71
C UNK B 54 -19.17 26.43 46.06
N UNK B 55 -19.24 27.06 44.88
CA UNK B 55 -20.50 27.16 44.18
C UNK B 55 -20.93 25.82 43.58
N UNK B 56 -19.98 24.94 43.29
CA UNK B 56 -20.28 23.59 42.84
C UNK B 56 -20.50 22.62 43.99
N UNK B 57 -20.36 23.08 45.24
CA UNK B 57 -20.69 22.28 46.40
C UNK B 57 -21.81 22.86 47.24
N UNK B 58 -22.22 24.11 46.99
CA UNK B 58 -23.42 24.64 47.60
C UNK B 58 -24.64 24.44 46.72
N UNK B 59 -24.48 24.42 45.40
CA UNK B 59 -25.59 24.07 44.53
C UNK B 59 -25.91 22.58 44.60
N UNK B 60 -24.91 21.75 44.92
CA UNK B 60 -25.15 20.33 45.17
C UNK B 60 -25.55 20.06 46.61
N UNK B 61 -25.55 21.07 47.47
CA UNK B 61 -26.07 20.96 48.82
C UNK B 61 -27.45 21.59 48.96
N UNK B 62 -27.77 22.59 48.14
CA UNK B 62 -29.12 23.13 48.14
C UNK B 62 -30.11 22.19 47.49
N UNK B 63 -29.64 21.24 46.67
CA UNK B 63 -30.50 20.22 46.12
C UNK B 63 -30.62 19.00 47.01
N UNK B 64 -29.93 18.98 48.16
CA UNK B 64 -30.08 17.91 49.14
C UNK B 64 -30.80 18.36 50.39
N UNK B 65 -30.69 19.64 50.77
CA UNK B 65 -31.49 20.16 51.86
C UNK B 65 -32.87 20.59 51.41
N UNK B 66 -33.15 20.55 50.10
CA UNK B 66 -34.48 20.76 49.58
C UNK B 66 -35.14 19.47 49.09
N UNK B 67 -34.38 18.40 48.91
CA UNK B 67 -34.95 17.11 48.58
C UNK B 67 -35.24 16.28 49.81
N UNK B 68 -34.40 16.37 50.85
CA UNK B 68 -34.66 15.67 52.09
C UNK B 68 -35.77 16.32 52.90
N UNK B 69 -36.03 17.60 52.67
CA UNK B 69 -37.16 18.27 53.30
C UNK B 69 -38.44 18.15 52.50
N UNK B 70 -38.40 17.43 51.36
CA UNK B 70 -39.55 17.13 50.51
C UNK B 70 -40.24 18.39 49.99
N UNK B 71 -39.44 19.39 49.62
CA UNK B 71 -39.97 20.61 49.05
C UNK B 71 -39.73 20.73 47.55
N UNK B 72 -39.00 19.79 46.95
CA UNK B 72 -38.72 19.84 45.52
C UNK B 72 -38.70 18.41 44.99
N UNK B 73 -39.66 18.11 44.10
CA UNK B 73 -39.78 16.84 43.38
C UNK B 73 -39.91 15.66 44.34
N UNK B 74 -40.73 15.81 45.37
CA UNK B 74 -40.94 14.75 46.35
C UNK B 74 -42.31 14.86 46.99
N UNK C 1 -57.93 73.46 8.20
CA UNK C 1 -56.65 74.08 7.90
C UNK C 1 -56.59 75.49 8.48
N UNK C 2 -57.74 76.02 8.87
CA UNK C 2 -57.81 77.36 9.45
C UNK C 2 -57.72 77.35 10.97
N UNK C 3 -58.46 76.47 11.62
CA UNK C 3 -58.46 76.38 13.08
C UNK C 3 -57.36 75.49 13.62
N UNK C 4 -56.56 74.86 12.76
CA UNK C 4 -55.48 74.00 13.18
C UNK C 4 -54.11 74.67 13.08
N UNK C 5 -54.07 75.93 12.68
CA UNK C 5 -52.82 76.66 12.56
C UNK C 5 -52.55 77.61 13.72
N UNK C 6 -53.56 77.89 14.55
CA UNK C 6 -53.37 78.78 15.68
C UNK C 6 -52.65 78.11 16.85
N UNK C 7 -52.62 76.78 16.88
CA UNK C 7 -51.96 76.07 17.98
C UNK C 7 -50.46 76.14 17.86
N UNK C 8 -49.92 75.95 16.66
CA UNK C 8 -48.47 76.04 16.44
C UNK C 8 -47.98 77.48 16.36
N UNK C 9 -48.89 78.45 16.34
CA UNK C 9 -48.48 79.85 16.41
C UNK C 9 -47.98 80.22 17.80
N UNK C 10 -48.59 79.65 18.84
CA UNK C 10 -48.14 79.92 20.20
C UNK C 10 -46.88 79.15 20.55
N UNK C 11 -46.73 77.92 20.03
CA UNK C 11 -45.54 77.12 20.26
C UNK C 11 -44.34 77.60 19.46
N UNK C 12 -44.53 78.52 18.52
CA UNK C 12 -43.44 79.18 17.82
C UNK C 12 -43.21 80.59 18.31
N UNK C 13 -44.15 81.17 19.06
CA UNK C 13 -43.97 82.49 19.64
C UNK C 13 -43.39 82.44 21.05
N UNK C 14 -43.83 81.48 21.86
CA UNK C 14 -43.25 81.30 23.19
C UNK C 14 -41.84 80.73 23.10
N UNK C 15 -41.54 79.95 22.06
CA UNK C 15 -40.18 79.50 21.83
C UNK C 15 -39.30 80.65 21.34
N UNK C 16 -39.90 81.63 20.67
CA UNK C 16 -39.17 82.85 20.29
C UNK C 16 -39.11 83.87 21.41
N UNK C 17 -39.82 83.64 22.52
CA UNK C 17 -39.81 84.56 23.65
C UNK C 17 -38.85 84.14 24.76
N UNK C 18 -38.55 82.84 24.88
CA UNK C 18 -37.59 82.40 25.89
C UNK C 18 -36.18 82.81 25.52
N UNK C 19 -35.85 82.84 24.24
CA UNK C 19 -34.57 83.39 23.81
C UNK C 19 -34.56 84.91 23.82
N UNK C 20 -35.73 85.54 23.88
CA UNK C 20 -35.80 86.99 23.96
C UNK C 20 -35.48 87.50 25.36
N UNK C 21 -35.76 86.69 26.38
CA UNK C 21 -35.42 87.09 27.75
C UNK C 21 -33.91 87.06 27.99
N UNK C 22 -33.19 86.22 27.25
CA UNK C 22 -31.73 86.23 27.32
C UNK C 22 -31.14 87.45 26.63
N UNK C 23 -31.88 88.05 25.69
CA UNK C 23 -31.40 89.27 25.04
C UNK C 23 -31.47 90.48 25.96
N UNK C 24 -32.28 90.44 27.01
CA UNK C 24 -32.38 91.53 27.96
C UNK C 24 -31.60 91.26 29.25
N UNK C 25 -31.07 90.05 29.42
CA UNK C 25 -30.31 89.69 30.61
C UNK C 25 -28.83 89.49 30.33
N UNK C 26 -28.49 88.67 29.34
CA UNK C 26 -27.09 88.40 29.02
C UNK C 26 -26.42 89.57 28.32
N UNK C 27 -27.20 90.49 27.75
CA UNK C 27 -26.64 91.68 27.12
C UNK C 27 -26.58 92.86 28.09
N UNK C 28 -27.49 92.91 29.06
CA UNK C 28 -27.44 93.97 30.06
C UNK C 28 -26.28 93.77 31.05
N UNK C 29 -25.80 92.53 31.21
CA UNK C 29 -24.70 92.25 32.10
C UNK C 29 -23.34 92.42 31.45
N UNK C 30 -23.27 92.35 30.12
CA UNK C 30 -22.01 92.47 29.39
C UNK C 30 -21.70 93.89 28.97
N UNK C 31 -22.23 94.88 29.71
CA UNK C 31 -22.02 96.32 29.48
C UNK C 31 -22.43 96.76 28.08
N UNK C 32 -23.57 96.23 27.61
CA UNK C 32 -24.11 96.56 26.30
C UNK C 32 -25.51 97.14 26.51
N UNK C 33 -25.57 98.46 26.68
CA UNK C 33 -26.84 99.14 26.93
C UNK C 33 -27.53 99.60 25.65
N UNK C 34 -26.75 100.00 24.63
CA UNK C 34 -27.35 100.50 23.41
C UNK C 34 -27.86 99.38 22.51
N UNK C 35 -27.14 98.27 22.45
CA UNK C 35 -27.55 97.16 21.61
C UNK C 35 -28.72 96.39 22.20
N UNK C 36 -28.82 96.34 23.53
CA UNK C 36 -29.91 95.64 24.18
C UNK C 36 -31.20 96.47 24.24
N UNK C 37 -31.14 97.75 23.88
CA UNK C 37 -32.34 98.58 23.92
C UNK C 37 -33.29 98.22 22.78
N UNK C 38 -32.75 97.95 21.59
CA UNK C 38 -33.59 97.52 20.47
C UNK C 38 -34.04 96.08 20.63
N UNK C 39 -33.25 95.24 21.31
CA UNK C 39 -33.63 93.86 21.53
C UNK C 39 -34.64 93.69 22.65
N UNK C 40 -34.80 94.72 23.51
CA UNK C 40 -35.76 94.62 24.60
C UNK C 40 -37.20 94.73 24.13
N UNK C 41 -37.44 95.38 22.99
CA UNK C 41 -38.80 95.52 22.48
C UNK C 41 -39.32 94.22 21.88
N UNK C 42 -38.43 93.31 21.46
CA UNK C 42 -38.88 92.04 20.92
C UNK C 42 -39.40 91.12 22.02
N UNK C 43 -38.90 91.29 23.25
CA UNK C 43 -39.40 90.48 24.36
C UNK C 43 -40.79 90.93 24.80
N UNK C 44 -41.15 92.18 24.56
CA UNK C 44 -42.46 92.67 24.90
C UNK C 44 -43.46 92.55 23.75
N UNK C 45 -42.98 92.41 22.51
CA UNK C 45 -43.88 92.27 21.38
C UNK C 45 -44.32 90.82 21.19
N UNK C 46 -43.41 89.87 21.39
CA UNK C 46 -43.75 88.46 21.25
C UNK C 46 -44.58 87.95 22.42
N UNK C 47 -44.35 88.50 23.61
CA UNK C 47 -45.13 88.08 24.77
C UNK C 47 -46.56 88.63 24.75
N UNK C 48 -46.74 89.82 24.16
CA UNK C 48 -48.08 90.38 24.06
C UNK C 48 -48.91 89.66 23.01
N UNK C 49 -48.27 89.12 21.96
CA UNK C 49 -48.97 88.36 20.95
C UNK C 49 -49.32 86.95 21.41
N UNK C 50 -48.66 86.45 22.47
CA UNK C 50 -48.98 85.13 22.97
C UNK C 50 -50.31 85.10 23.70
N UNK C 51 -50.69 86.21 24.34
CA UNK C 51 -51.98 86.27 25.01
C UNK C 51 -53.13 86.39 24.02
N UNK C 52 -52.88 86.96 22.84
CA UNK C 52 -53.91 87.08 21.84
C UNK C 52 -54.19 85.74 21.17
N UNK C 53 -53.15 84.95 20.94
CA UNK C 53 -53.34 83.63 20.34
C UNK C 53 -53.93 82.63 21.32
N UNK C 54 -53.58 82.75 22.61
CA UNK C 54 -54.13 81.83 23.60
C UNK C 54 -55.60 82.14 23.88
N UNK C 55 -56.00 83.40 23.77
CA UNK C 55 -57.41 83.74 23.96
C UNK C 55 -58.27 83.25 22.79
N UNK C 56 -57.72 83.27 21.58
CA UNK C 56 -58.45 82.72 20.45
C UNK C 56 -58.48 81.20 20.49
N UNK C 57 -57.43 80.57 21.04
CA UNK C 57 -57.44 79.13 21.19
C UNK C 57 -58.36 78.69 22.31
N UNK C 58 -58.51 79.51 23.36
CA UNK C 58 -59.44 79.18 24.42
C UNK C 58 -60.88 79.39 23.99
N UNK C 59 -61.12 80.35 23.09
CA UNK C 59 -62.47 80.55 22.56
C UNK C 59 -62.86 79.45 21.59
N UNK C 60 -61.89 78.92 20.84
CA UNK C 60 -62.18 77.79 19.95
C UNK C 60 -62.38 76.50 20.75
N UNK C 61 -61.69 76.36 21.88
CA UNK C 61 -61.90 75.20 22.74
C UNK C 61 -63.08 75.35 23.68
N UNK C 62 -63.72 76.52 23.71
CA UNK C 62 -64.88 76.74 24.55
C UNK C 62 -66.16 76.15 23.96
N UNK C 63 -66.14 75.72 22.70
CA UNK C 63 -67.32 75.11 22.10
C UNK C 63 -67.59 73.72 22.66
N UNK C 64 -66.55 73.03 23.14
CA UNK C 64 -66.71 71.71 23.72
C UNK C 64 -66.95 71.79 25.23
N UNK C 65 -66.03 72.43 25.96
CA UNK C 65 -66.18 72.56 27.40
C UNK C 65 -65.76 73.96 27.85
N UNK D 1 -62.15 67.72 28.50
CA UNK D 1 -61.59 69.06 28.37
C UNK D 1 -60.06 69.01 28.41
N UNK D 2 -59.46 68.78 27.24
CA UNK D 2 -58.01 68.69 27.13
C UNK D 2 -57.63 69.05 25.69
N UNK D 3 -56.39 68.70 25.33
CA UNK D 3 -55.82 68.82 23.98
C UNK D 3 -55.83 70.29 23.50
N UNK D 4 -55.04 71.09 24.21
CA UNK D 4 -54.96 72.52 23.91
C UNK D 4 -54.24 72.81 22.59
N UNK D 5 -53.46 71.87 22.07
CA UNK D 5 -52.78 72.04 20.79
C UNK D 5 -53.40 71.19 19.69
N UNK D 6 -54.67 70.82 19.83
CA UNK D 6 -55.38 70.03 18.84
C UNK D 6 -56.63 70.77 18.39
N UNK D 7 -57.46 70.09 17.59
CA UNK D 7 -58.71 70.66 17.10
C UNK D 7 -59.77 69.57 17.05
N UNK D 8 -60.98 69.90 17.49
CA UNK D 8 -62.07 68.94 17.48
C UNK D 8 -62.57 68.70 16.07
N UNK D 9 -63.04 67.48 15.83
CA UNK D 9 -63.54 67.06 14.53
C UNK D 9 -65.06 67.23 14.50
N UNK D 10 -65.56 68.03 13.57
CA UNK D 10 -66.99 68.28 13.45
C UNK D 10 -67.51 68.03 12.04
N UNK D 11 -66.74 68.37 11.01
CA UNK D 11 -67.20 68.15 9.65
C UNK D 11 -67.00 66.71 9.20
N UNK D 12 -65.95 66.05 9.66
CA UNK D 12 -65.66 64.67 9.31
C UNK D 12 -66.20 63.68 10.34
N UNK D 13 -67.25 64.06 11.08
CA UNK D 13 -67.82 63.16 12.07
C UNK D 13 -68.61 62.02 11.44
N UNK D 14 -69.03 62.16 10.19
CA UNK D 14 -69.72 61.10 9.49
C UNK D 14 -68.77 60.07 8.91
N UNK D 15 -67.48 60.38 8.82
CA UNK D 15 -66.51 59.44 8.27
C UNK D 15 -66.20 58.31 9.24
N UNK D 16 -66.11 58.61 10.53
CA UNK D 16 -65.85 57.61 11.55
C UNK D 16 -67.11 56.89 12.00
N UNK D 17 -68.26 57.23 11.45
CA UNK D 17 -69.51 56.56 11.77
C UNK D 17 -70.09 55.75 10.63
N UNK D 18 -69.68 56.02 9.39
CA UNK D 18 -70.16 55.26 8.25
C UNK D 18 -69.27 54.09 7.90
N UNK D 19 -67.96 54.20 8.13
CA UNK D 19 -67.03 53.11 7.86
C UNK D 19 -66.79 52.25 9.09
N UNK D 20 -66.30 52.86 10.16
CA UNK D 20 -66.03 52.12 11.38
C UNK D 20 -67.27 52.05 12.27
N UNK E 1 -51.96 48.31 0.39
CA UNK E 1 -50.62 48.87 0.47
C UNK E 1 -50.47 50.03 -0.51
N UNK E 2 -50.29 51.23 0.01
CA UNK E 2 -50.18 52.40 -0.85
C UNK E 2 -49.13 53.38 -0.34
N UNK E 3 -48.14 52.87 0.40
CA UNK E 3 -46.96 53.53 0.95
C UNK E 3 -47.25 54.54 2.05
N UNK E 4 -48.52 54.82 2.35
CA UNK E 4 -48.88 55.64 3.48
C UNK E 4 -50.10 55.13 4.23
N UNK E 5 -50.80 54.12 3.71
CA UNK E 5 -52.00 53.60 4.34
C UNK E 5 -52.02 52.10 4.20
N UNK E 6 -52.83 51.45 5.04
CA UNK E 6 -52.99 50.01 5.02
C UNK E 6 -54.35 49.65 5.58
N UNK E 7 -54.80 48.44 5.27
CA UNK E 7 -56.11 48.00 5.76
C UNK E 7 -56.03 47.44 7.18
N UNK E 8 -54.92 46.80 7.53
CA UNK E 8 -54.74 46.23 8.86
C UNK E 8 -53.91 47.16 9.72
N UNK E 9 -54.10 47.06 11.05
CA UNK E 9 -53.49 47.95 12.02
C UNK E 9 -52.06 47.56 12.39
N UNK E 10 -51.39 46.79 11.55
CA UNK E 10 -50.03 46.34 11.76
C UNK E 10 -49.42 46.04 10.39
N UNK E 11 -48.35 45.26 10.38
CA UNK E 11 -47.86 44.71 9.12
C UNK E 11 -48.91 43.80 8.53
N UNK E 12 -49.03 43.82 7.21
CA UNK E 12 -49.95 42.94 6.52
C UNK E 12 -49.49 41.49 6.69
N UNK E 13 -50.46 40.57 6.60
CA UNK E 13 -50.18 39.18 6.87
C UNK E 13 -49.32 38.59 5.76
N UNK E 14 -48.34 37.77 6.17
CA UNK E 14 -47.46 37.11 5.22
C UNK E 14 -48.21 36.08 4.38
N UNK E 15 -49.32 35.56 4.89
CA UNK E 15 -50.21 34.66 4.18
C UNK E 15 -51.54 35.39 4.00
N UNK E 16 -51.91 35.69 2.75
CA UNK E 16 -53.09 36.50 2.48
C UNK E 16 -54.33 35.60 2.36
N UNK E 17 -54.77 35.11 3.52
CA UNK E 17 -55.96 34.27 3.60
C UNK E 17 -56.55 34.40 5.00
N UNK E 18 -57.64 33.67 5.24
CA UNK E 18 -58.27 33.65 6.55
C UNK E 18 -57.76 32.47 7.36
N UNK E 19 -57.55 32.69 8.65
CA UNK E 19 -57.02 31.66 9.52
C UNK E 19 -58.15 30.77 10.04
N UNK E 20 -57.78 29.83 10.90
CA UNK E 20 -58.64 28.78 11.45
C UNK E 20 -59.33 27.99 10.34
N UNK E 21 -58.51 27.43 9.46
CA UNK E 21 -59.02 26.72 8.30
C UNK E 21 -59.46 25.31 8.69
N UNK E 22 -59.88 24.54 7.69
CA UNK E 22 -60.40 23.18 7.92
C UNK E 22 -59.24 22.20 8.04
N UNK E 23 -59.55 20.91 7.97
CA UNK E 23 -58.55 19.85 8.05
C UNK E 23 -57.92 19.53 6.71
N UNK E 24 -58.20 20.32 5.67
CA UNK E 24 -57.62 20.10 4.34
C UNK E 24 -56.36 20.94 4.16
N UNK E 25 -55.41 20.74 5.07
CA UNK E 25 -54.13 21.42 5.00
C UNK E 25 -53.14 20.55 4.21
N UNK E 26 -51.87 20.93 4.22
CA UNK E 26 -50.83 20.19 3.53
C UNK E 26 -50.04 19.29 4.47
N UNK E 27 -50.71 18.71 5.46
CA UNK E 27 -50.04 17.88 6.45
C UNK E 27 -50.88 16.64 6.73
N UNK E 28 -50.21 15.57 7.14
CA UNK E 28 -50.87 14.34 7.57
C UNK E 28 -50.50 14.05 9.02
N UNK E 29 -51.45 13.48 9.75
CA UNK E 29 -51.19 13.05 11.11
C UNK E 29 -50.30 11.81 11.10
N UNK E 30 -49.24 11.84 11.91
CA UNK E 30 -48.25 10.78 11.93
C UNK E 30 -48.51 9.84 13.10
N UNK E 31 -48.53 8.55 12.82
CA UNK E 31 -48.75 7.53 13.84
C UNK E 31 -47.69 6.44 13.70
N UNK E 32 -46.88 6.27 14.74
CA UNK E 32 -45.84 5.26 14.78
C UNK E 32 -46.05 4.35 15.99
N UNK E 33 -45.22 3.32 16.08
CA UNK E 33 -45.29 2.38 17.20
C UNK E 33 -43.88 1.82 17.41
N UNK E 34 -43.16 2.40 18.37
CA UNK E 34 -41.80 1.97 18.65
C UNK E 34 -41.80 0.68 19.46
N UNK E 35 -40.79 -0.15 19.21
CA UNK E 35 -40.69 -1.44 19.88
C UNK E 35 -40.22 -1.27 21.32
N GLY F 239 -0.91 32.89 13.96
CA GLY F 239 -0.77 31.49 13.58
C GLY F 239 -1.19 31.24 12.15
N PHE F 240 -0.48 30.32 11.48
CA PHE F 240 -0.80 29.95 10.11
C PHE F 240 -0.67 28.45 9.87
N GLY F 241 -0.72 27.64 10.92
CA GLY F 241 -0.39 26.23 10.82
C GLY F 241 -1.62 25.35 10.65
N PRO F 242 -2.03 24.70 11.72
CA PRO F 242 -3.28 23.92 11.66
C PRO F 242 -4.49 24.61 12.28
N ALA F 243 -4.29 25.70 13.00
CA ALA F 243 -5.42 26.27 13.75
C ALA F 243 -6.33 27.19 12.93
N PRO F 244 -5.85 28.18 12.14
CA PRO F 244 -6.81 28.89 11.29
C PRO F 244 -7.21 28.09 10.07
N GLU F 245 -6.42 27.08 9.72
CA GLU F 245 -6.84 26.14 8.68
C GLU F 245 -7.90 25.18 9.20
N GLY F 246 -7.77 24.75 10.45
CA GLY F 246 -8.81 23.91 11.04
C GLY F 246 -10.08 24.68 11.31
N MET F 247 -9.97 25.97 11.63
CA MET F 247 -11.15 26.81 11.81
C MET F 247 -11.86 27.02 10.48
N ALA F 248 -11.10 27.20 9.40
CA ALA F 248 -11.68 27.42 8.07
C ALA F 248 -12.25 26.14 7.48
N MET F 249 -12.02 24.99 8.10
CA MET F 249 -12.66 23.77 7.64
C MET F 249 -14.13 23.74 8.04
N TRP F 250 -14.41 24.05 9.30
CA TRP F 250 -15.76 23.89 9.83
C TRP F 250 -16.71 24.97 9.37
N ILE F 251 -16.22 26.17 9.04
CA ILE F 251 -17.11 27.26 8.66
C ILE F 251 -17.22 27.45 7.16
N ILE F 252 -16.34 26.84 6.37
CA ILE F 252 -16.39 26.91 4.92
C ILE F 252 -16.67 25.54 4.31
N GLY F 253 -15.90 24.54 4.71
CA GLY F 253 -16.01 23.22 4.11
C GLY F 253 -17.19 22.42 4.59
N MET F 254 -17.32 22.23 5.90
CA MET F 254 -18.44 21.46 6.42
C MET F 254 -19.76 22.22 6.40
N VAL F 255 -19.73 23.55 6.30
CA VAL F 255 -20.96 24.29 6.08
C VAL F 255 -21.46 24.07 4.67
N ALA F 256 -20.57 24.13 3.69
CA ALA F 256 -20.93 23.85 2.31
C ALA F 256 -20.92 22.37 1.98
N ALA F 257 -20.82 21.50 2.97
CA ALA F 257 -21.08 20.07 2.79
C ALA F 257 -22.32 19.61 3.54
N ILE F 258 -22.71 20.32 4.58
CA ILE F 258 -24.02 20.10 5.20
C ILE F 258 -25.09 20.89 4.47
N GLY F 259 -24.79 22.13 4.07
CA GLY F 259 -25.75 22.95 3.36
C GLY F 259 -26.12 22.42 1.98
N VAL F 260 -25.25 21.62 1.38
CA VAL F 260 -25.62 20.92 0.16
C VAL F 260 -26.57 19.78 0.47
N ALA F 261 -26.27 19.00 1.52
CA ALA F 261 -27.06 17.83 1.86
C ALA F 261 -28.47 18.18 2.31
N MET F 262 -28.66 19.36 2.90
CA MET F 262 -29.99 19.84 3.23
C MET F 262 -30.77 20.28 1.99
N TRP F 263 -30.10 20.46 0.85
CA TRP F 263 -30.76 20.77 -0.41
C TRP F 263 -31.03 19.52 -1.23
N ILE F 264 -30.11 18.55 -1.20
CA ILE F 264 -30.34 17.28 -1.87
C ILE F 264 -31.32 16.44 -1.08
N GLY F 265 -31.10 16.31 0.22
CA GLY F 265 -31.97 15.55 1.09
C GLY F 265 -33.23 16.30 1.45
N SER F 266 -33.99 15.70 2.34
CA SER F 266 -35.25 16.25 2.80
C SER F 266 -35.15 16.50 4.30
N ARG F 267 -36.28 16.85 4.91
CA ARG F 267 -36.35 17.07 6.35
C ARG F 267 -37.57 16.35 6.90
N ALA F 268 -37.34 15.26 7.61
CA ALA F 268 -38.43 14.45 8.12
C ALA F 268 -38.02 13.69 9.37
N SER G 28 -21.69 82.93 56.34
CA SER G 28 -20.40 82.72 56.98
C SER G 28 -19.65 81.56 56.33
N ASP G 29 -18.83 80.87 57.11
CA ASP G 29 -18.05 79.75 56.57
C ASP G 29 -18.92 78.50 56.45
N ALA G 30 -19.86 78.30 57.36
CA ALA G 30 -20.67 77.10 57.34
C ALA G 30 -21.74 77.12 56.24
N LEU G 31 -22.03 78.29 55.67
CA LEU G 31 -23.03 78.36 54.62
C LEU G 31 -22.45 77.98 53.27
N ALA G 32 -21.22 78.39 52.99
CA ALA G 32 -20.50 77.86 51.84
C ALA G 32 -20.09 76.44 52.15
N LEU G 33 -20.45 75.51 51.27
CA LEU G 33 -20.28 74.09 51.57
C LEU G 33 -18.83 73.66 51.47
N GLY G 34 -18.02 74.06 52.43
CA GLY G 34 -16.62 73.68 52.47
C GLY G 34 -15.84 74.40 51.40
N TRP G 35 -15.69 75.70 51.53
CA TRP G 35 -15.03 76.54 50.53
C TRP G 35 -13.87 77.29 51.16
N PRO G 36 -12.67 77.20 50.60
CA PRO G 36 -11.58 78.05 51.07
C PRO G 36 -11.84 79.50 50.69
N THR G 37 -11.43 80.40 51.56
CA THR G 37 -11.49 81.82 51.25
C THR G 37 -10.49 82.12 50.16
N GLY G 38 -10.98 82.64 49.03
CA GLY G 38 -10.13 82.76 47.85
C GLY G 38 -9.05 83.80 48.04
N ILE G 39 -7.86 83.49 47.55
CA ILE G 39 -6.73 84.41 47.70
C ILE G 39 -6.67 85.47 46.61
N THR G 40 -7.38 85.28 45.56
CA THR G 40 -7.46 86.36 44.59
C THR G 40 -8.76 87.13 44.78
N PRO G 41 -8.82 88.42 44.45
CA PRO G 41 -10.11 89.13 44.52
C PRO G 41 -11.08 88.76 43.43
N GLU G 42 -10.61 88.06 42.39
CA GLU G 42 -11.50 87.47 41.40
C GLU G 42 -12.11 86.16 41.88
N ALA G 43 -11.60 85.59 42.97
CA ALA G 43 -12.22 84.44 43.62
C ALA G 43 -12.98 84.83 44.89
N LYS G 44 -12.65 85.97 45.50
CA LYS G 44 -13.47 86.47 46.61
C LYS G 44 -14.84 86.92 46.12
N LEU G 45 -14.93 87.32 44.85
CA LEU G 45 -16.24 87.55 44.24
C LEU G 45 -16.93 86.24 43.91
N ASN G 46 -16.14 85.18 43.65
CA ASN G 46 -16.72 83.90 43.29
C ASN G 46 -17.33 83.21 44.50
N ARG G 47 -16.68 83.29 45.67
CA ARG G 47 -17.26 82.74 46.89
C ARG G 47 -18.45 83.57 47.34
N GLU G 48 -18.44 84.86 47.06
CA GLU G 48 -19.55 85.74 47.41
C GLU G 48 -20.80 85.40 46.63
N LEU G 49 -20.64 84.93 45.38
CA LEU G 49 -21.78 84.47 44.60
C LEU G 49 -22.28 83.12 45.07
N TRP G 50 -21.37 82.28 45.54
CA TRP G 50 -21.72 80.94 46.00
C TRP G 50 -22.65 80.97 47.21
N ILE G 51 -22.29 81.76 48.21
CA ILE G 51 -23.10 81.90 49.43
C ILE G 51 -24.42 82.58 49.11
N GLY G 52 -24.43 83.49 48.13
CA GLY G 52 -25.67 84.04 47.64
C GLY G 52 -26.48 83.10 46.78
N SER G 53 -25.91 81.94 46.42
CA SER G 53 -26.61 80.95 45.63
C SER G 53 -27.03 79.72 46.42
N VAL G 54 -26.28 79.35 47.45
CA VAL G 54 -26.66 78.22 48.28
C VAL G 54 -27.81 78.60 49.20
N ILE G 55 -27.75 79.79 49.79
CA ILE G 55 -28.82 80.28 50.68
C ILE G 55 -30.10 80.48 49.89
N ALA G 56 -29.99 80.91 48.64
CA ALA G 56 -31.18 81.01 47.80
C ALA G 56 -31.67 79.64 47.34
N SER G 57 -30.84 78.59 47.44
CA SER G 57 -31.30 77.24 47.14
C SER G 57 -31.79 76.50 48.37
N PHE G 58 -31.17 76.74 49.53
CA PHE G 58 -31.72 76.26 50.79
C PHE G 58 -33.03 76.92 51.15
N ALA G 59 -33.33 78.09 50.57
CA ALA G 59 -34.68 78.62 50.62
C ALA G 59 -35.62 77.71 49.85
N VAL G 60 -35.28 77.37 48.60
CA VAL G 60 -36.20 76.63 47.75
C VAL G 60 -36.27 75.18 48.17
N GLY G 61 -35.15 74.60 48.60
CA GLY G 61 -35.14 73.23 49.07
C GLY G 61 -35.91 72.99 50.34
N ALA G 62 -36.13 74.04 51.14
CA ALA G 62 -36.95 73.93 52.34
C ALA G 62 -38.41 74.28 52.07
N ILE G 63 -38.71 74.89 50.92
CA ILE G 63 -40.11 75.05 50.53
C ILE G 63 -40.68 73.72 50.06
N VAL G 64 -39.91 72.98 49.26
CA VAL G 64 -40.40 71.72 48.72
C VAL G 64 -40.42 70.65 49.80
N TRP G 65 -39.42 70.62 50.68
CA TRP G 65 -39.50 69.74 51.84
C TRP G 65 -40.62 70.17 52.78
N GLY G 66 -40.95 71.44 52.83
CA GLY G 66 -42.09 71.88 53.60
C GLY G 66 -43.43 71.53 52.99
N LEU G 67 -43.44 71.01 51.77
CA LEU G 67 -44.67 70.54 51.14
C LEU G 67 -44.73 69.03 51.01
N ILE G 68 -43.58 68.35 50.93
CA ILE G 68 -43.57 66.89 50.93
C ILE G 68 -43.87 66.38 52.34
N PHE G 69 -43.20 66.93 53.34
CA PHE G 69 -43.43 66.55 54.73
C PHE G 69 -44.67 67.21 55.33
N TRP G 70 -45.33 68.11 54.60
CA TRP G 70 -46.65 68.54 55.03
C TRP G 70 -47.71 67.53 54.64
N THR G 71 -47.49 66.76 53.58
CA THR G 71 -48.40 65.69 53.22
C THR G 71 -48.18 64.42 54.03
N SER G 72 -47.25 64.44 55.00
CA SER G 72 -47.22 63.41 56.03
C SER G 72 -48.17 63.72 57.17
N ALA G 73 -48.87 64.85 57.11
CA ALA G 73 -50.00 65.12 57.99
C ALA G 73 -51.33 64.87 57.31
N PHE G 74 -51.31 64.19 56.15
CA PHE G 74 -52.48 63.92 55.31
C PHE G 74 -52.59 62.44 55.00
N HIS G 75 -52.49 61.59 56.03
CA HIS G 75 -52.58 60.16 55.82
C HIS G 75 -54.02 59.72 55.55
N ARG G 76 -54.20 58.42 55.37
CA ARG G 76 -55.53 57.83 55.34
C ARG G 76 -55.86 57.46 56.78
N LYS G 77 -56.56 58.35 57.45
CA LYS G 77 -56.95 58.13 58.84
C LYS G 77 -58.29 57.42 58.90
N LYS G 78 -58.56 56.79 60.04
CA LYS G 78 -59.81 56.07 60.25
C LYS G 78 -60.90 57.05 60.72
N ALA G 79 -61.34 57.87 59.77
CA ALA G 79 -62.47 58.76 59.98
C ALA G 79 -63.43 58.80 58.81
N THR G 80 -63.04 58.30 57.63
CA THR G 80 -63.87 58.29 56.45
C THR G 80 -64.11 56.85 56.06
N ASP G 81 -65.32 56.35 56.30
CA ASP G 81 -65.67 55.00 55.87
C ASP G 81 -65.78 54.92 54.35
N THR G 82 -66.19 56.00 53.71
CA THR G 82 -66.25 56.07 52.26
C THR G 82 -65.10 56.93 51.74
N GLU G 83 -64.79 56.75 50.46
CA GLU G 83 -63.70 57.50 49.82
C GLU G 83 -64.21 58.91 49.55
N LEU G 84 -63.68 59.89 50.26
CA LEU G 84 -63.97 61.30 50.00
C LEU G 84 -62.65 62.05 49.80
N PRO G 85 -62.03 61.91 48.62
CA PRO G 85 -60.72 62.52 48.41
C PRO G 85 -60.75 63.91 47.78
N ARG G 86 -61.89 64.35 47.24
CA ARG G 86 -62.06 65.63 46.56
C ARG G 86 -61.10 65.73 45.37
N GLN G 87 -61.41 64.93 44.36
CA GLN G 87 -60.55 64.81 43.19
C GLN G 87 -60.60 66.07 42.33
N PHE G 88 -59.42 66.63 42.04
CA PHE G 88 -59.30 67.80 41.17
C PHE G 88 -58.02 67.68 40.35
N GLY G 89 -58.08 68.12 39.09
CA GLY G 89 -56.92 67.95 38.24
C GLY G 89 -56.25 69.16 37.63
N TYR G 90 -57.01 70.19 37.26
CA TYR G 90 -56.51 71.27 36.40
C TYR G 90 -56.72 72.62 37.08
N ASN G 91 -55.76 73.07 37.88
CA ASN G 91 -55.83 74.40 38.48
C ASN G 91 -54.96 75.36 37.67
N MET G 92 -55.47 75.72 36.50
CA MET G 92 -54.78 76.58 35.53
C MET G 92 -54.42 78.01 35.97
N PRO G 93 -55.01 78.64 36.99
CA PRO G 93 -54.38 79.87 37.52
C PRO G 93 -53.26 79.61 38.51
N LEU G 94 -52.72 78.40 38.60
CA LEU G 94 -51.62 78.13 39.53
C LEU G 94 -50.35 77.67 38.86
N GLU G 95 -50.43 76.95 37.73
CA GLU G 95 -49.21 76.65 37.00
C GLU G 95 -48.63 77.87 36.30
N LEU G 96 -49.45 78.87 36.01
CA LEU G 96 -48.92 80.13 35.50
C LEU G 96 -48.21 80.91 36.59
N THR G 97 -48.59 80.71 37.85
CA THR G 97 -47.86 81.34 38.94
C THR G 97 -46.54 80.61 39.21
N LEU G 98 -46.56 79.29 39.26
CA LEU G 98 -45.38 78.50 39.57
C LEU G 98 -44.57 78.13 38.32
N THR G 99 -44.67 78.93 37.27
CA THR G 99 -43.72 78.91 36.16
C THR G 99 -42.92 80.19 36.09
N VAL G 100 -43.58 81.33 36.31
CA VAL G 100 -42.89 82.62 36.30
C VAL G 100 -41.99 82.76 37.51
N ILE G 101 -42.41 82.25 38.66
CA ILE G 101 -41.61 82.34 39.89
C ILE G 101 -40.33 81.50 39.79
N PRO G 102 -40.33 80.26 39.24
CA PRO G 102 -39.01 79.66 38.93
C PRO G 102 -38.29 80.32 37.78
N PHE G 103 -38.98 81.10 36.94
CA PHE G 103 -38.30 81.83 35.89
C PHE G 103 -37.71 83.14 36.40
N LEU G 104 -38.33 83.73 37.43
CA LEU G 104 -37.79 84.98 37.96
C LEU G 104 -36.62 84.76 38.90
N ILE G 105 -36.59 83.63 39.62
CA ILE G 105 -35.43 83.30 40.45
C ILE G 105 -34.22 83.02 39.57
N ILE G 106 -34.44 82.40 38.41
CA ILE G 106 -33.36 82.20 37.45
C ILE G 106 -32.93 83.51 36.82
N SER G 107 -33.89 84.34 36.39
CA SER G 107 -33.55 85.58 35.71
C SER G 107 -32.92 86.62 36.64
N VAL G 108 -33.02 86.44 37.96
CA VAL G 108 -32.17 87.18 38.88
C VAL G 108 -30.81 86.52 38.98
N LEU G 109 -30.78 85.21 39.22
CA LEU G 109 -29.53 84.49 39.41
C LEU G 109 -28.94 83.96 38.11
N PHE G 110 -29.30 84.55 36.98
CA PHE G 110 -28.50 84.47 35.76
C PHE G 110 -27.75 85.76 35.48
N TYR G 111 -28.32 86.89 35.86
CA TYR G 111 -27.63 88.17 35.75
C TYR G 111 -26.38 88.18 36.63
N PHE G 112 -26.45 87.58 37.81
CA PHE G 112 -25.29 87.53 38.69
C PHE G 112 -24.32 86.41 38.34
N THR G 113 -24.58 85.65 37.28
CA THR G 113 -23.64 84.64 36.80
C THR G 113 -23.05 85.00 35.46
N VAL G 114 -23.43 86.15 34.90
CA VAL G 114 -22.72 86.74 33.80
C VAL G 114 -21.84 87.90 34.24
N VAL G 115 -22.24 88.64 35.27
CA VAL G 115 -21.41 89.69 35.85
C VAL G 115 -20.15 89.11 36.45
N VAL G 116 -20.25 87.97 37.14
CA VAL G 116 -19.09 87.38 37.80
C VAL G 116 -18.16 86.73 36.78
N GLN G 117 -18.71 86.05 35.76
CA GLN G 117 -17.84 85.51 34.73
C GLN G 117 -17.31 86.57 33.78
N GLU G 118 -17.81 87.81 33.86
CA GLU G 118 -17.21 88.94 33.17
C GLU G 118 -16.11 89.57 34.00
N ARG G 119 -16.31 89.67 35.31
CA ARG G 119 -15.25 90.18 36.18
C ARG G 119 -14.12 89.17 36.31
N MET G 120 -14.45 87.88 36.37
CA MET G 120 -13.44 86.87 36.10
C MET G 120 -13.12 86.87 34.62
N MET G 121 -11.92 86.38 34.29
CA MET G 121 -11.39 86.32 32.92
C MET G 121 -11.34 87.71 32.29
N HIS G 122 -10.63 88.62 32.97
CA HIS G 122 -10.75 90.03 32.59
C HIS G 122 -9.94 90.38 31.35
N LYS G 123 -8.79 89.72 31.16
CA LYS G 123 -7.94 89.85 29.97
C LYS G 123 -7.44 91.28 29.76
N ASP G 124 -6.64 91.73 30.72
CA ASP G 124 -6.07 93.08 30.71
C ASP G 124 -4.65 92.99 30.16
N PRO G 125 -4.27 93.77 29.13
CA PRO G 125 -2.98 93.52 28.48
C PRO G 125 -1.73 94.04 29.18
N ASN G 126 -1.80 94.36 30.48
CA ASN G 126 -0.58 94.53 31.25
C ASN G 126 -0.34 93.29 32.11
N PRO G 127 0.51 92.35 31.68
CA PRO G 127 0.59 91.03 32.33
C PRO G 127 1.17 91.02 33.74
N GLU G 128 2.33 91.65 33.90
CA GLU G 128 3.09 91.89 35.14
C GLU G 128 3.75 90.66 35.75
N VAL G 129 3.41 89.45 35.27
CA VAL G 129 4.22 88.23 35.27
C VAL G 129 3.45 87.25 34.39
N VAL G 130 4.16 86.41 33.63
CA VAL G 130 3.55 85.37 32.82
C VAL G 130 4.22 84.06 33.19
N ILE G 131 3.43 83.06 33.62
CA ILE G 131 3.95 81.80 34.10
C ILE G 131 3.36 80.69 33.25
N ASP G 132 4.17 80.10 32.38
CA ASP G 132 3.74 78.94 31.63
C ASP G 132 3.67 77.74 32.56
N VAL G 133 2.80 76.78 32.23
CA VAL G 133 2.60 75.63 33.09
C VAL G 133 3.03 74.33 32.44
N THR G 134 2.84 74.18 31.13
CA THR G 134 3.33 73.09 30.26
C THR G 134 3.14 71.70 30.88
N ALA G 135 1.88 71.35 31.12
CA ALA G 135 1.56 70.13 31.83
C ALA G 135 1.87 68.95 30.94
N PHE G 136 2.97 68.27 31.22
CA PHE G 136 3.36 67.12 30.41
C PHE G 136 2.78 65.87 31.05
N GLN G 137 3.23 64.70 30.61
CA GLN G 137 2.69 63.43 31.07
C GLN G 137 3.09 63.20 32.51
N TRP G 138 2.12 63.40 33.41
CA TRP G 138 2.10 62.99 34.82
C TRP G 138 2.97 63.83 35.74
N ASN G 139 3.37 65.04 35.35
CA ASN G 139 3.87 66.06 36.28
C ASN G 139 3.77 67.42 35.60
N TRP G 140 4.17 68.46 36.33
CA TRP G 140 4.07 69.86 35.91
C TRP G 140 5.45 70.42 35.58
N LYS G 141 5.49 71.37 34.64
CA LYS G 141 6.74 72.00 34.22
C LYS G 141 6.53 73.51 34.11
N PHE G 142 6.68 74.20 35.23
CA PHE G 142 6.43 75.64 35.25
C PHE G 142 7.59 76.40 34.63
N GLY G 143 7.27 77.48 33.94
CA GLY G 143 8.28 78.31 33.34
C GLY G 143 7.94 79.77 33.44
N TYR G 144 8.92 80.61 33.76
CA TYR G 144 8.71 82.04 33.88
C TYR G 144 8.90 82.72 32.55
N GLN G 145 7.99 83.62 32.21
CA GLN G 145 8.13 84.51 31.07
C GLN G 145 8.22 85.93 31.61
N LYS G 146 8.06 86.89 30.70
CA LYS G 146 8.34 88.30 30.98
C LYS G 146 7.50 88.82 32.15
N ILE G 147 8.21 89.35 33.14
CA ILE G 147 7.62 89.93 34.34
C ILE G 147 8.00 91.39 34.39
N ALA G 148 7.00 92.27 34.52
CA ALA G 148 7.22 93.70 34.49
C ALA G 148 6.32 94.35 35.52
N PHE G 149 6.90 94.76 36.64
CA PHE G 149 6.16 95.37 37.73
C PHE G 149 5.63 96.76 37.31
N ALA G 150 4.72 97.28 38.13
CA ALA G 150 4.17 98.60 37.86
C ALA G 150 5.21 99.70 38.10
N ASP G 151 6.19 99.45 38.95
CA ASP G 151 7.27 100.40 39.16
C ASP G 151 8.32 100.33 38.05
N GLY G 152 8.30 99.28 37.24
CA GLY G 152 9.30 99.09 36.20
C GLY G 152 10.65 98.78 36.80
N SER G 153 10.68 97.84 37.75
CA SER G 153 11.89 97.54 38.52
C SER G 153 12.62 96.30 38.02
N PHE G 154 11.94 95.16 37.92
CA PHE G 154 12.65 93.93 37.61
C PHE G 154 12.90 93.79 36.12
N ASP G 155 11.84 93.66 35.33
CA ASP G 155 11.84 93.71 33.86
C ASP G 155 12.74 92.63 33.25
N TYR G 156 12.30 91.38 33.43
CA TYR G 156 13.01 90.22 32.87
C TYR G 156 13.07 90.29 31.35
N ASP G 157 11.90 90.20 30.69
CA ASP G 157 11.67 90.69 29.33
C ASP G 157 12.57 89.98 28.30
N GLY G 158 12.25 88.73 28.02
CA GLY G 158 13.16 88.01 27.15
C GLY G 158 13.42 86.53 27.38
N ALA G 159 12.51 85.85 28.09
CA ALA G 159 12.46 84.39 28.02
C ALA G 159 12.40 83.93 26.58
N ASP G 160 13.43 83.19 26.16
CA ASP G 160 13.83 83.08 24.76
C ASP G 160 12.91 82.18 23.94
N PRO G 161 12.75 82.49 22.66
CA PRO G 161 12.13 81.54 21.72
C PRO G 161 13.11 80.69 20.93
N GLU G 162 14.40 80.74 21.24
CA GLU G 162 15.38 79.98 20.47
C GLU G 162 15.28 78.49 20.74
N ARG G 163 14.85 78.11 21.94
CA ARG G 163 14.58 76.72 22.23
C ARG G 163 13.31 76.23 21.53
N LYS G 164 12.38 77.15 21.26
CA LYS G 164 11.11 76.80 20.64
C LYS G 164 11.28 76.38 19.18
N GLU G 165 12.15 77.08 18.44
CA GLU G 165 12.29 76.85 17.01
C GLU G 165 13.02 75.55 16.69
N ALA G 166 13.63 74.88 17.66
CA ALA G 166 14.25 73.59 17.39
C ALA G 166 13.21 72.49 17.22
N MET G 167 12.12 72.57 17.97
CA MET G 167 11.04 71.59 17.84
C MET G 167 10.21 71.92 16.60
N THR G 168 10.16 70.98 15.66
CA THR G 168 9.38 71.15 14.45
C THR G 168 8.25 70.13 14.37
N THR G 194 7.69 73.64 17.87
CA THR G 194 6.27 73.41 17.69
C THR G 194 5.46 74.61 18.17
N TYR G 195 4.86 74.46 19.36
CA TYR G 195 4.05 75.49 19.97
C TYR G 195 4.32 75.68 21.45
N LEU G 196 5.04 74.77 22.10
CA LEU G 196 5.23 74.83 23.54
C LEU G 196 6.11 76.01 23.90
N ASN G 197 5.70 76.76 24.92
CA ASN G 197 6.41 77.96 25.32
C ASN G 197 7.57 77.55 26.22
N PHE G 198 8.78 77.55 25.67
CA PHE G 198 9.98 77.20 26.42
C PHE G 198 10.65 78.46 26.96
N ASP G 199 11.23 78.33 28.15
CA ASP G 199 11.79 79.47 28.86
C ASP G 199 13.19 79.21 29.37
N LYS G 200 13.70 80.09 30.22
CA LYS G 200 15.04 79.97 30.78
C LYS G 200 15.06 79.71 32.28
N ILE G 201 14.00 80.05 32.99
CA ILE G 201 13.97 79.95 34.45
C ILE G 201 12.98 78.83 34.75
N GLU G 202 12.92 77.85 33.85
CA GLU G 202 11.89 76.82 33.90
C GLU G 202 12.12 75.87 35.06
N THR G 203 11.02 75.41 35.64
CA THR G 203 11.03 74.44 36.73
C THR G 203 10.74 73.06 36.17
N LEU G 204 11.66 72.13 36.36
CA LEU G 204 11.47 70.79 35.81
C LEU G 204 10.39 70.05 36.59
N GLY G 205 10.60 69.85 37.88
CA GLY G 205 9.61 69.15 38.67
C GLY G 205 9.50 67.68 38.38
N THR G 206 10.50 66.89 38.78
CA THR G 206 10.41 65.44 38.60
C THR G 206 9.49 64.83 39.66
N SER G 207 9.39 63.51 39.63
CA SER G 207 8.40 62.79 40.43
C SER G 207 8.71 62.79 41.92
N SER G 208 9.89 63.26 42.34
CA SER G 208 10.20 63.39 43.75
C SER G 208 10.54 64.82 44.15
N GLU G 209 10.58 65.75 43.20
CA GLU G 209 10.92 67.13 43.53
C GLU G 209 9.68 67.96 43.85
N ILE G 210 8.50 67.53 43.39
CA ILE G 210 7.16 68.10 43.59
C ILE G 210 7.15 69.62 43.40
N PRO G 211 7.10 70.08 42.12
CA PRO G 211 7.53 71.45 41.77
C PRO G 211 6.84 72.61 42.46
N VAL G 212 7.61 73.31 43.27
CA VAL G 212 7.11 74.47 44.00
C VAL G 212 7.20 75.67 43.08
N LEU G 213 6.04 76.27 42.78
CA LEU G 213 5.99 77.48 41.98
C LEU G 213 5.97 78.68 42.91
N VAL G 214 6.68 79.74 42.52
CA VAL G 214 6.78 80.94 43.33
C VAL G 214 6.34 82.12 42.48
N LEU G 215 5.33 82.84 42.95
CA LEU G 215 4.84 84.04 42.30
C LEU G 215 4.61 85.13 43.35
N PRO G 216 4.87 86.39 43.02
CA PRO G 216 4.71 87.46 44.00
C PRO G 216 3.25 87.76 44.26
N ALA G 217 3.00 88.34 45.43
CA ALA G 217 1.65 88.42 45.99
C ALA G 217 1.09 89.83 45.96
N GLY G 218 1.37 90.58 44.89
CA GLY G 218 0.73 91.87 44.77
C GLY G 218 0.46 92.34 43.36
N LYS G 219 0.73 91.51 42.37
CA LYS G 219 0.74 91.94 40.98
C LYS G 219 -0.20 91.08 40.15
N ARG G 220 -0.46 91.54 38.93
CA ARG G 220 -1.21 90.76 37.96
C ARG G 220 -0.40 89.53 37.56
N ILE G 221 -1.06 88.37 37.54
CA ILE G 221 -0.39 87.12 37.28
C ILE G 221 -1.15 86.39 36.19
N GLU G 222 -0.44 86.01 35.14
CA GLU G 222 -1.04 85.44 33.95
C GLU G 222 -0.50 84.02 33.74
N PHE G 223 -1.39 83.09 33.43
CA PHE G 223 -1.04 81.67 33.30
C PHE G 223 -1.32 81.22 31.87
N VAL G 224 -0.30 81.10 31.04
CA VAL G 224 -0.48 80.52 29.71
C VAL G 224 -0.50 79.01 29.86
N LEU G 225 -1.63 78.40 29.50
CA LEU G 225 -1.94 77.01 29.86
C LEU G 225 -1.79 76.10 28.65
N ASN G 226 -0.58 75.62 28.41
CA ASN G 226 -0.32 74.65 27.35
C ASN G 226 -0.17 73.26 27.96
N SER G 227 -0.09 72.27 27.09
CA SER G 227 0.12 70.90 27.54
C SER G 227 0.87 70.14 26.45
N ALA G 228 1.50 69.05 26.85
CA ALA G 228 2.34 68.29 25.95
C ALA G 228 1.59 67.15 25.27
N ASP G 229 1.01 66.24 26.06
CA ASP G 229 0.45 65.02 25.50
C ASP G 229 -1.06 64.92 25.67
N VAL G 230 -1.57 64.94 26.90
CA VAL G 230 -2.96 64.60 27.19
C VAL G 230 -3.61 65.87 27.74
N ILE G 231 -4.93 65.94 27.65
CA ILE G 231 -5.71 66.94 28.38
C ILE G 231 -5.56 66.71 29.89
N HIS G 232 -4.90 67.66 30.56
CA HIS G 232 -4.74 67.68 32.01
C HIS G 232 -5.73 68.69 32.59
N GLY G 233 -5.55 69.03 33.86
CA GLY G 233 -6.33 70.08 34.47
C GLY G 233 -5.50 70.87 35.45
N PHE G 234 -5.78 72.16 35.54
CA PHE G 234 -5.01 73.08 36.36
C PHE G 234 -5.93 73.66 37.42
N TRP G 235 -5.73 73.29 38.68
CA TRP G 235 -6.63 73.75 39.73
C TRP G 235 -5.85 73.94 41.02
N VAL G 236 -5.53 75.19 41.33
CA VAL G 236 -5.25 75.59 42.70
C VAL G 236 -6.58 75.72 43.42
N PRO G 237 -6.80 75.01 44.54
CA PRO G 237 -8.10 75.12 45.23
C PRO G 237 -8.35 76.48 45.84
N GLU G 238 -7.33 77.32 46.04
CA GLU G 238 -7.58 78.66 46.54
C GLU G 238 -7.97 79.62 45.43
N PHE G 239 -7.42 79.45 44.23
CA PHE G 239 -7.97 80.13 43.06
C PHE G 239 -9.29 79.45 42.79
N LEU G 240 -10.41 80.05 43.20
CA LEU G 240 -11.69 79.38 43.02
C LEU G 240 -12.11 79.38 41.55
N PHE G 241 -11.37 78.61 40.75
CA PHE G 241 -11.33 78.69 39.29
C PHE G 241 -10.48 77.55 38.76
N LYS G 242 -10.89 77.00 37.63
CA LYS G 242 -10.09 76.09 36.83
C LYS G 242 -10.06 76.60 35.40
N ARG G 243 -9.06 76.14 34.67
CA ARG G 243 -9.17 76.09 33.21
C ARG G 243 -8.30 74.93 32.77
N ASP G 244 -8.93 73.81 32.50
CA ASP G 244 -8.22 72.56 32.31
C ASP G 244 -7.49 72.57 30.97
N VAL G 245 -6.20 72.24 30.99
CA VAL G 245 -5.32 72.54 29.88
C VAL G 245 -5.55 71.54 28.76
N LEU G 246 -5.29 71.97 27.53
CA LEU G 246 -5.52 71.18 26.33
C LEU G 246 -4.20 70.98 25.60
N PRO G 247 -4.09 69.94 24.74
CA PRO G 247 -2.86 69.74 23.97
C PRO G 247 -2.48 70.89 23.05
N GLU G 248 -3.31 71.27 22.09
CA GLU G 248 -3.00 72.39 21.19
C GLU G 248 -4.12 73.40 21.23
N PRO G 249 -4.14 74.27 22.25
CA PRO G 249 -5.33 75.10 22.50
C PRO G 249 -5.56 76.21 21.47
N LYS G 250 -4.58 76.53 20.62
CA LYS G 250 -4.85 77.50 19.57
C LYS G 250 -5.72 76.91 18.48
N ALA G 251 -5.61 75.60 18.23
CA ALA G 251 -6.35 74.96 17.16
C ALA G 251 -7.72 74.48 17.58
N ASN G 252 -7.97 74.33 18.88
CA ASN G 252 -9.26 73.86 19.36
C ASN G 252 -10.21 74.99 19.67
N ASN G 253 -9.85 76.21 19.28
CA ASN G 253 -10.57 77.45 19.60
C ASN G 253 -10.74 77.58 21.11
N SER G 254 -9.65 77.36 21.84
CA SER G 254 -9.62 77.45 23.28
C SER G 254 -9.01 78.78 23.72
N ASP G 255 -9.30 79.15 24.96
CA ASP G 255 -8.91 80.47 25.44
C ASP G 255 -7.45 80.49 25.88
N ASN G 256 -6.94 79.35 26.36
CA ASN G 256 -5.53 78.99 26.52
C ASN G 256 -4.83 79.70 27.67
N VAL G 257 -5.45 80.73 28.26
CA VAL G 257 -4.73 81.60 29.18
C VAL G 257 -5.74 82.40 29.99
N PHE G 258 -5.49 82.51 31.30
CA PHE G 258 -6.30 83.36 32.16
C PHE G 258 -5.37 84.22 33.00
N GLN G 259 -5.99 85.11 33.79
CA GLN G 259 -5.27 86.06 34.62
C GLN G 259 -5.95 86.15 35.98
N VAL G 260 -5.17 86.41 37.01
CA VAL G 260 -5.71 86.79 38.31
C VAL G 260 -5.23 88.20 38.62
N SER G 261 -5.96 88.87 39.51
CA SER G 261 -5.64 90.28 39.78
C SER G 261 -4.45 90.39 40.72
N GLU G 262 -4.55 89.79 41.90
CA GLU G 262 -3.46 89.80 42.88
C GLU G 262 -3.66 88.62 43.80
N ILE G 263 -2.74 88.45 44.74
CA ILE G 263 -2.87 87.43 45.77
C ILE G 263 -2.95 88.17 47.10
N GLN G 264 -4.12 88.20 47.71
CA GLN G 264 -4.32 89.02 48.89
C GLN G 264 -3.96 88.29 50.19
N GLN G 265 -3.24 87.18 50.11
CA GLN G 265 -2.72 86.50 51.29
C GLN G 265 -1.30 86.05 51.01
N THR G 266 -0.63 85.61 52.08
CA THR G 266 0.70 85.02 51.98
C THR G 266 0.62 83.56 52.41
N GLY G 267 1.74 82.85 52.25
CA GLY G 267 1.86 81.48 52.66
C GLY G 267 2.17 80.56 51.49
N ALA G 268 1.50 79.41 51.45
CA ALA G 268 1.79 78.37 50.47
C ALA G 268 0.57 77.50 50.32
N PHE G 269 0.15 77.25 49.08
CA PHE G 269 -1.13 76.61 48.82
C PHE G 269 -0.94 75.42 47.89
N VAL G 270 -1.96 74.56 47.86
CA VAL G 270 -1.88 73.27 47.20
C VAL G 270 -2.24 73.47 45.73
N GLY G 271 -1.77 72.57 44.88
CA GLY G 271 -2.22 72.53 43.51
C GLY G 271 -2.51 71.10 43.08
N ARG G 272 -3.52 70.89 42.25
CA ARG G 272 -3.95 69.56 41.87
C ARG G 272 -4.28 69.52 40.39
N CYS G 273 -4.30 68.31 39.84
CA CYS G 273 -4.74 68.08 38.47
C CYS G 273 -6.09 67.40 38.47
N THR G 274 -6.98 67.82 37.57
CA THR G 274 -8.38 67.41 37.64
C THR G 274 -8.83 66.55 36.47
N GLU G 275 -8.76 67.04 35.23
CA GLU G 275 -9.19 66.20 34.11
C GLU G 275 -8.19 65.08 33.90
N MET G 276 -8.69 63.94 33.47
CA MET G 276 -7.95 62.70 33.65
C MET G 276 -6.81 62.59 32.64
N CYS G 277 -5.66 62.15 33.14
CA CYS G 277 -4.42 62.09 32.39
C CYS G 277 -3.95 60.66 32.14
N GLY G 278 -4.36 59.72 32.96
CA GLY G 278 -3.87 58.37 32.86
C GLY G 278 -3.69 57.74 34.22
N THR G 279 -2.62 56.96 34.36
CA THR G 279 -2.44 56.13 35.56
C THR G 279 -2.10 56.98 36.77
N PHE G 280 -1.10 57.85 36.66
CA PHE G 280 -0.62 58.66 37.77
C PHE G 280 -1.23 60.04 37.76
N HIS G 281 -2.52 60.11 37.42
CA HIS G 281 -3.27 61.34 37.49
C HIS G 281 -3.40 61.85 38.92
N ALA G 282 -3.51 60.96 39.88
CA ALA G 282 -3.69 61.39 41.26
C ALA G 282 -2.41 61.94 41.88
N MET G 283 -1.27 61.71 41.26
CA MET G 283 0.03 62.10 41.81
C MET G 283 0.60 63.36 41.20
N MET G 284 -0.19 64.14 40.48
CA MET G 284 0.31 65.36 39.84
C MET G 284 0.09 66.59 40.71
N ASN G 285 0.46 66.52 41.98
CA ASN G 285 0.26 67.65 42.87
C ASN G 285 1.38 68.65 42.66
N PHE G 286 1.07 69.80 42.08
CA PHE G 286 2.01 70.90 42.13
C PHE G 286 1.72 71.72 43.37
N GLU G 287 2.45 72.81 43.57
CA GLU G 287 2.31 73.56 44.80
C GLU G 287 2.80 74.98 44.54
N VAL G 288 2.05 75.96 45.02
CA VAL G 288 2.39 77.35 44.78
C VAL G 288 2.71 78.03 46.10
N ARG G 289 3.65 78.97 46.05
CA ARG G 289 3.98 79.81 47.18
C ARG G 289 3.80 81.27 46.81
N VAL G 290 3.57 82.09 47.83
CA VAL G 290 3.35 83.52 47.64
C VAL G 290 4.29 84.26 48.58
N VAL G 291 5.49 84.57 48.09
CA VAL G 291 6.46 85.35 48.84
C VAL G 291 6.15 86.83 48.65
N GLU G 292 6.80 87.68 49.42
CA GLU G 292 6.62 89.12 49.29
C GLU G 292 7.19 89.60 47.95
N PRO G 293 6.71 90.74 47.44
CA PRO G 293 7.29 91.28 46.20
C PRO G 293 8.73 91.72 46.34
N ASN G 294 9.14 92.17 47.53
CA ASN G 294 10.54 92.50 47.74
C ASN G 294 11.39 91.24 47.80
N ASP G 295 10.87 90.16 48.37
CA ASP G 295 11.59 88.90 48.43
C ASP G 295 11.59 88.16 47.10
N PHE G 296 10.63 88.45 46.22
CA PHE G 296 10.58 87.74 44.95
C PHE G 296 11.63 88.26 43.97
N LYS G 297 12.02 89.53 44.10
CA LYS G 297 13.07 90.08 43.24
C LYS G 297 14.42 89.42 43.54
N ALA G 298 14.64 89.02 44.79
CA ALA G 298 15.84 88.28 45.14
C ALA G 298 15.75 86.80 44.79
N TYR G 299 14.57 86.31 44.41
CA TYR G 299 14.45 84.90 44.07
C TYR G 299 15.07 84.60 42.72
N ILE G 300 14.66 85.34 41.68
CA ILE G 300 15.11 85.04 40.33
C ILE G 300 16.57 85.40 40.14
N ASP G 301 17.03 86.47 40.82
CA ASP G 301 18.43 86.87 40.73
C ASP G 301 19.35 85.84 41.37
N GLN G 302 18.91 85.19 42.44
CA GLN G 302 19.64 84.03 42.93
C GLN G 302 19.45 82.83 42.01
N ARG G 303 18.31 82.75 41.34
CA ARG G 303 18.05 81.64 40.45
C ARG G 303 18.79 81.78 39.13
N ASN G 304 18.96 83.02 38.65
CA ASN G 304 19.57 83.25 37.34
C ASN G 304 21.06 82.92 37.33
N ALA G 305 21.73 82.96 38.49
CA ALA G 305 23.10 82.48 38.56
C ALA G 305 23.17 80.96 38.43
N GLY G 306 22.09 80.27 38.78
CA GLY G 306 21.97 78.85 38.56
C GLY G 306 21.97 78.03 39.83
N LYS G 307 20.77 77.70 40.31
CA LYS G 307 20.57 76.83 41.46
C LYS G 307 19.31 76.01 41.19
N THR G 308 18.80 75.37 42.24
CA THR G 308 17.53 74.66 42.17
C THR G 308 16.56 75.32 43.15
N ASN G 309 15.30 74.87 43.09
CA ASN G 309 14.30 75.35 44.03
C ASN G 309 14.57 74.90 45.46
N ALA G 310 15.31 73.82 45.64
CA ALA G 310 15.76 73.45 46.99
C ALA G 310 16.83 74.40 47.50
N GLU G 311 17.50 75.13 46.60
CA GLU G 311 18.52 76.09 46.99
C GLU G 311 18.07 77.54 46.83
N ALA G 312 17.24 77.85 45.83
CA ALA G 312 16.84 79.22 45.63
C ALA G 312 15.82 79.67 46.67
N LEU G 313 15.07 78.74 47.24
CA LEU G 313 14.15 79.09 48.32
C LEU G 313 14.86 79.24 49.66
N ALA G 314 16.10 78.80 49.78
CA ALA G 314 16.86 79.00 51.00
C ALA G 314 17.38 80.42 51.14
N ALA G 315 17.57 81.13 50.03
CA ALA G 315 18.06 82.50 50.08
C ALA G 315 16.98 83.48 50.53
N ILE G 316 15.71 83.09 50.46
CA ILE G 316 14.61 83.93 50.93
C ILE G 316 13.90 83.21 52.07
N ASN G 317 14.69 82.44 52.83
CA ASN G 317 14.36 81.64 54.04
C ASN G 317 12.96 81.00 54.00
N GLN G 318 12.66 80.38 52.87
CA GLN G 318 11.49 79.54 52.64
C GLN G 318 11.86 78.08 52.81
N PRO G 319 10.91 77.21 53.12
CA PRO G 319 11.19 75.77 53.13
C PRO G 319 11.48 75.26 51.73
N PRO G 320 12.52 74.43 51.57
CA PRO G 320 12.95 74.06 50.21
C PRO G 320 11.99 73.11 49.51
N LEU G 321 11.29 72.26 50.23
CA LEU G 321 10.31 71.37 49.65
C LEU G 321 8.91 71.91 49.90
N ALA G 322 7.91 71.21 49.39
CA ALA G 322 6.53 71.61 49.61
C ALA G 322 6.11 71.28 51.04
N ILE G 323 5.24 72.11 51.60
CA ILE G 323 4.82 71.97 52.98
C ILE G 323 3.40 71.45 53.14
N THR G 324 2.53 71.65 52.15
CA THR G 324 1.16 71.16 52.22
C THR G 324 0.99 69.84 51.48
N THR G 325 2.03 69.37 50.81
CA THR G 325 1.99 68.14 50.03
C THR G 325 3.39 67.58 49.96
N GLU G 326 3.48 66.30 49.59
CA GLU G 326 4.72 65.57 49.63
C GLU G 326 4.78 64.66 48.41
N PRO G 327 5.96 64.17 48.04
CA PRO G 327 6.01 63.14 47.00
C PRO G 327 5.39 61.83 47.47
N PHE G 328 4.98 61.04 46.49
CA PHE G 328 4.32 59.77 46.75
C PHE G 328 5.33 58.64 46.73
N GLU G 329 5.24 57.76 47.72
CA GLU G 329 6.22 56.68 47.88
C GLU G 329 5.97 55.56 46.88
N SER G 330 4.71 55.26 46.58
CA SER G 330 4.40 54.17 45.66
C SER G 330 4.78 54.51 44.22
N ARG G 331 4.78 55.80 43.87
CA ARG G 331 5.19 56.20 42.54
C ARG G 331 6.70 56.12 42.36
N ARG G 332 7.46 56.35 43.44
CA ARG G 332 8.91 56.29 43.36
C ARG G 332 9.40 54.87 43.17
N GLY G 333 8.89 53.94 43.97
CA GLY G 333 9.28 52.55 43.87
C GLY G 333 10.66 52.28 44.46
N MET H 1 -8.91 56.39 61.96
CA MET H 1 -7.65 57.01 61.57
C MET H 1 -6.54 55.97 61.46
N SER H 2 -6.61 54.94 62.30
CA SER H 2 -5.63 53.88 62.29
C SER H 2 -6.05 52.81 61.28
N THR H 3 -5.34 51.69 61.26
CA THR H 3 -5.64 50.61 60.34
C THR H 3 -6.63 49.60 60.89
N ALA H 4 -6.95 49.68 62.19
CA ALA H 4 -7.90 48.77 62.80
C ALA H 4 -9.19 49.45 63.24
N LEU H 5 -9.13 50.74 63.55
CA LEU H 5 -10.34 51.46 63.95
C LEU H 5 -11.27 51.70 62.76
N THR H 6 -10.76 51.67 61.53
CA THR H 6 -11.60 51.85 60.36
C THR H 6 -12.15 50.53 59.86
N HIS H 7 -11.27 49.59 59.48
CA HIS H 7 -11.71 48.36 58.86
C HIS H 7 -12.37 47.38 59.81
N GLY H 8 -12.33 47.65 61.12
CA GLY H 8 -13.19 46.97 62.06
C GLY H 8 -14.48 47.69 62.33
N LEU H 9 -14.69 48.82 61.66
CA LEU H 9 -15.89 49.63 61.84
C LEU H 9 -16.52 50.05 60.52
N ILE H 10 -15.77 50.04 59.41
CA ILE H 10 -16.36 50.14 58.08
C ILE H 10 -17.28 48.95 57.82
N GLY H 11 -16.85 47.76 58.23
CA GLY H 11 -17.66 46.56 58.14
C GLY H 11 -18.43 46.22 59.40
N GLY H 12 -18.45 47.10 60.40
CA GLY H 12 -19.14 46.81 61.64
C GLY H 12 -20.43 47.56 61.83
N VAL H 13 -20.45 48.83 61.45
CA VAL H 13 -21.64 49.69 61.54
C VAL H 13 -22.77 49.22 60.62
N PRO H 14 -22.54 48.76 59.37
CA PRO H 14 -23.66 48.12 58.65
C PRO H 14 -24.19 46.85 59.30
N LEU H 15 -23.35 46.09 59.99
CA LEU H 15 -23.84 44.91 60.70
C LEU H 15 -24.58 45.25 61.98
N VAL H 16 -24.44 46.48 62.47
CA VAL H 16 -25.27 46.94 63.58
C VAL H 16 -26.54 47.60 63.05
N LEU H 17 -26.41 48.46 62.05
CA LEU H 17 -27.56 49.18 61.50
C LEU H 17 -28.50 48.26 60.74
N PHE H 18 -28.03 47.11 60.25
CA PHE H 18 -28.95 46.09 59.76
C PHE H 18 -29.79 45.52 60.90
N ALA H 19 -29.14 45.18 62.01
CA ALA H 19 -29.85 44.53 63.11
C ALA H 19 -30.76 45.48 63.86
N VAL H 20 -30.52 46.78 63.80
CA VAL H 20 -31.44 47.73 64.41
C VAL H 20 -32.71 47.82 63.60
N LEU H 21 -32.59 47.90 62.28
CA LEU H 21 -33.77 48.03 61.43
C LEU H 21 -34.49 46.71 61.21
N ALA H 22 -33.78 45.59 61.26
CA ALA H 22 -34.46 44.30 61.07
C ALA H 22 -35.31 43.93 62.27
N LEU H 23 -34.93 44.39 63.47
CA LEU H 23 -35.74 44.19 64.65
C LEU H 23 -36.95 45.12 64.69
N ILE H 24 -37.00 46.13 63.83
CA ILE H 24 -38.14 47.04 63.77
C ILE H 24 -39.14 46.59 62.72
N PHE H 25 -38.66 46.29 61.52
CA PHE H 25 -39.57 46.08 60.39
C PHE H 25 -39.98 44.63 60.18
N LEU H 26 -39.14 43.67 60.56
CA LEU H 26 -39.47 42.27 60.31
C LEU H 26 -40.36 41.66 61.39
N THR H 27 -40.73 42.42 62.42
CA THR H 27 -41.56 41.89 63.50
C THR H 27 -42.84 42.71 63.65
N ARG H 28 -43.50 43.03 62.54
CA ARG H 28 -44.62 43.96 62.56
C ARG H 28 -45.98 43.31 62.39
N LYS H 29 -46.06 41.97 62.44
CA LYS H 29 -47.30 41.20 62.29
C LYS H 29 -47.96 41.50 60.94
N GLY H 30 -47.33 40.99 59.89
CA GLY H 30 -47.72 41.24 58.52
C GLY H 30 -49.12 40.84 58.14
N PRO H 31 -49.53 41.19 56.91
CA PRO H 31 -50.95 41.12 56.54
C PRO H 31 -51.50 39.73 56.31
N HIS H 32 -50.71 38.69 56.49
CA HIS H 32 -51.24 37.34 56.39
C HIS H 32 -52.06 37.04 57.65
N PRO H 33 -53.25 36.47 57.51
CA PRO H 33 -54.13 36.30 58.68
C PRO H 33 -53.62 35.20 59.60
N ASP H 34 -54.22 35.16 60.79
CA ASP H 34 -53.77 34.25 61.84
C ASP H 34 -54.14 32.81 61.51
N THR H 35 -53.47 31.89 62.19
CA THR H 35 -53.73 30.47 61.97
C THR H 35 -55.07 30.08 62.59
N TYR H 36 -55.80 29.23 61.89
CA TYR H 36 -57.13 28.81 62.33
C TYR H 36 -56.98 27.81 63.46
N LYS H 37 -57.36 28.22 64.67
CA LYS H 37 -57.36 27.30 65.80
C LYS H 37 -58.60 26.41 65.74
N MET H 38 -58.65 25.42 66.63
CA MET H 38 -59.74 24.46 66.60
C MET H 38 -61.01 25.03 67.23
N SER H 39 -60.86 25.87 68.26
CA SER H 39 -62.01 26.47 68.94
C SER H 39 -62.44 27.75 68.21
N ASP H 40 -63.04 27.54 67.05
CA ASP H 40 -63.45 28.62 66.15
C ASP H 40 -64.49 28.04 65.19
N PRO H 41 -65.69 28.63 65.09
CA PRO H 41 -66.77 27.99 64.30
C PRO H 41 -66.65 28.08 62.78
N TRP H 42 -65.47 28.42 62.25
CA TRP H 42 -65.20 28.50 60.81
C TRP H 42 -66.14 29.52 60.13
N THR H 43 -65.93 30.77 60.49
CA THR H 43 -66.73 31.87 59.97
C THR H 43 -66.17 32.45 58.67
N HIS H 44 -65.19 31.77 58.05
CA HIS H 44 -64.52 32.40 56.91
C HIS H 44 -65.30 32.24 55.61
N ALA H 45 -65.38 31.02 55.09
CA ALA H 45 -65.98 30.69 53.79
C ALA H 45 -65.99 29.19 53.55
N PRO H 46 -66.89 28.69 52.71
CA PRO H 46 -66.72 27.33 52.17
C PRO H 46 -65.58 27.33 51.17
N ILE H 47 -64.59 26.46 51.41
CA ILE H 47 -63.34 26.48 50.66
C ILE H 47 -63.09 25.09 50.08
N LEU H 48 -62.92 25.02 48.76
CA LEU H 48 -62.68 23.79 48.04
C LEU H 48 -61.32 23.86 47.36
N TRP H 49 -60.59 22.74 47.36
CA TRP H 49 -59.18 22.68 47.03
C TRP H 49 -58.87 21.52 46.10
N ALA H 50 -59.60 21.40 45.00
CA ALA H 50 -59.35 20.31 44.06
C ALA H 50 -58.05 20.55 43.31
N ALA H 51 -57.22 19.51 43.23
CA ALA H 51 -55.99 19.60 42.46
C ALA H 51 -56.31 19.56 40.97
N GLU H 52 -55.29 19.82 40.16
CA GLU H 52 -55.47 19.91 38.71
C GLU H 52 -54.41 19.09 37.99
N GLU H 53 -54.07 17.93 38.53
CA GLU H 53 -53.03 17.16 37.86
C GLU H 53 -53.56 16.32 36.69
N PRO H 54 -54.68 15.56 36.82
CA PRO H 54 -55.07 14.94 35.55
C PRO H 54 -55.96 15.85 34.71
N ASP I 15 -75.15 42.45 45.63
CA ASP I 15 -74.94 41.92 44.29
C ASP I 15 -73.53 42.19 43.81
N LEU I 16 -72.83 43.09 44.50
CA LEU I 16 -71.46 43.43 44.15
C LEU I 16 -70.66 43.62 45.43
N PRO I 17 -69.37 43.28 45.44
CA PRO I 17 -68.55 43.46 46.64
C PRO I 17 -67.92 44.84 46.75
N TYR I 18 -68.48 45.83 46.04
CA TYR I 18 -68.09 47.25 45.97
C TYR I 18 -66.80 47.46 45.15
N GLY I 19 -66.06 46.42 44.86
CA GLY I 19 -64.81 46.63 44.17
C GLY I 19 -64.85 46.30 42.70
N SER I 20 -65.71 45.36 42.33
CA SER I 20 -65.68 44.74 41.02
C SER I 20 -66.72 45.37 40.10
N ALA I 21 -66.42 45.36 38.82
CA ALA I 21 -67.35 45.77 37.77
C ALA I 21 -67.40 44.69 36.70
N LEU I 22 -68.60 44.43 36.21
CA LEU I 22 -68.80 43.44 35.17
C LEU I 22 -68.26 43.97 33.85
N THR I 23 -67.29 43.27 33.28
CA THR I 23 -66.59 43.72 32.07
C THR I 23 -67.40 43.48 30.82
N SER I 24 -66.74 43.56 29.67
CA SER I 24 -67.41 43.39 28.37
C SER I 24 -67.96 41.98 28.21
N SER I 25 -67.32 40.98 28.81
CA SER I 25 -67.93 39.67 28.95
C SER I 25 -67.88 39.27 30.42
N GLY I 26 -68.21 38.02 30.72
CA GLY I 26 -68.33 37.60 32.10
C GLY I 26 -67.00 37.38 32.80
N ARG I 27 -66.29 38.48 33.09
CA ARG I 27 -65.02 38.43 33.81
C ARG I 27 -65.17 39.40 34.98
N ILE I 28 -65.23 38.87 36.20
CA ILE I 28 -65.37 39.71 37.39
C ILE I 28 -64.01 40.30 37.71
N SER I 29 -63.89 41.63 37.57
CA SER I 29 -62.63 42.33 37.78
C SER I 29 -62.63 42.93 39.18
N ALA I 30 -62.28 42.10 40.16
CA ALA I 30 -62.29 42.56 41.54
C ALA I 30 -61.05 43.39 41.83
N VAL I 31 -61.12 44.15 42.92
CA VAL I 31 -60.03 45.02 43.35
C VAL I 31 -59.93 44.92 44.87
N THR I 32 -58.71 45.07 45.39
CA THR I 32 -58.46 44.99 46.83
C THR I 32 -57.62 46.18 47.28
N GLU I 33 -57.88 46.62 48.51
CA GLU I 33 -57.20 47.76 49.10
C GLU I 33 -55.71 47.45 49.30
N PRO I 34 -54.85 48.47 49.24
CA PRO I 34 -53.39 48.22 49.26
C PRO I 34 -52.86 47.62 50.55
N GLY I 35 -53.55 47.80 51.67
CA GLY I 35 -53.09 47.23 52.92
C GLY I 35 -53.33 45.74 53.02
N GLU I 36 -54.53 45.30 52.68
CA GLU I 36 -54.91 43.91 52.86
C GLU I 36 -54.44 43.06 51.69
N LEU I 37 -54.69 41.76 51.79
CA LEU I 37 -54.29 40.80 50.78
C LEU I 37 -55.43 40.53 49.82
N SER I 38 -55.25 39.53 48.96
CA SER I 38 -56.27 39.13 48.00
C SER I 38 -57.01 37.88 48.44
N VAL I 39 -56.29 36.85 48.87
CA VAL I 39 -56.89 35.59 49.30
C VAL I 39 -56.64 35.42 50.80
N HIS I 40 -57.72 35.35 51.56
CA HIS I 40 -57.65 35.32 53.03
C HIS I 40 -57.78 33.89 53.56
N TYR I 41 -56.89 33.02 53.13
CA TYR I 41 -56.91 31.66 53.67
C TYR I 41 -56.33 31.66 55.08
N PRO I 42 -56.96 30.98 56.03
CA PRO I 42 -56.57 31.12 57.44
C PRO I 42 -55.41 30.23 57.85
N PHE I 43 -54.68 29.69 56.90
CA PHE I 43 -53.57 28.81 57.17
C PHE I 43 -52.26 29.46 56.73
N PRO I 44 -51.12 29.09 57.31
CA PRO I 44 -49.86 29.69 56.88
C PRO I 44 -49.48 29.23 55.47
N THR I 45 -48.58 30.00 54.85
CA THR I 45 -48.24 29.80 53.45
C THR I 45 -47.51 28.47 53.25
N MET I 46 -46.61 28.12 54.16
CA MET I 46 -45.85 26.89 54.02
C MET I 46 -46.58 25.66 54.52
N ASP I 47 -47.88 25.76 54.83
CA ASP I 47 -48.72 24.59 54.98
C ASP I 47 -49.67 24.39 53.81
N LEU I 48 -49.83 25.39 52.95
CA LEU I 48 -50.54 25.15 51.70
C LEU I 48 -49.64 24.53 50.65
N VAL I 49 -48.36 24.92 50.63
CA VAL I 49 -47.42 24.35 49.66
C VAL I 49 -47.17 22.88 49.98
N VAL I 50 -47.13 22.53 51.26
CA VAL I 50 -47.03 21.13 51.66
C VAL I 50 -48.35 20.41 51.36
N LEU I 51 -49.47 21.13 51.39
CA LEU I 51 -50.73 20.50 51.04
C LEU I 51 -50.90 20.34 49.53
N ASP I 52 -50.23 21.16 48.71
CA ASP I 52 -50.33 21.03 47.26
C ASP I 52 -49.63 19.79 46.77
N ASP I 53 -48.37 19.61 47.12
CA ASP I 53 -47.65 18.42 46.69
C ASP I 53 -48.00 17.18 47.51
N ALA I 54 -48.99 17.28 48.39
CA ALA I 54 -49.76 16.12 48.81
C ALA I 54 -50.93 15.85 47.87
N LEU I 55 -51.53 16.89 47.30
CA LEU I 55 -52.60 16.69 46.32
C LEU I 55 -52.04 16.44 44.93
N LYS I 56 -51.15 17.33 44.46
CA LYS I 56 -50.69 17.27 43.08
C LYS I 56 -49.81 16.06 42.84
N TYR I 57 -48.91 15.75 43.76
CA TYR I 57 -48.19 14.50 43.67
C TYR I 57 -49.05 13.31 44.08
N GLY I 58 -50.13 13.56 44.83
CA GLY I 58 -51.06 12.50 45.12
C GLY I 58 -51.96 12.16 43.95
N SER I 59 -52.33 13.15 43.16
CA SER I 59 -53.10 12.90 41.96
C SER I 59 -52.26 12.41 40.79
N ARG I 60 -50.94 12.47 40.90
CA ARG I 60 -50.04 11.98 39.86
C ARG I 60 -49.55 10.57 40.13
N ALA I 61 -49.28 10.23 41.40
CA ALA I 61 -48.92 8.86 41.74
C ALA I 61 -50.10 7.92 41.55
N ALA I 62 -51.29 8.35 41.93
CA ALA I 62 -52.51 7.70 41.54
C ALA I 62 -53.01 8.34 40.24
N LYS I 63 -54.24 8.05 39.84
CA LYS I 63 -54.84 8.71 38.69
C LYS I 63 -56.14 9.39 39.06
N ALA I 64 -56.35 9.65 40.34
CA ALA I 64 -57.55 10.33 40.79
C ALA I 64 -57.35 11.83 40.72
N ARG I 65 -58.31 12.59 41.24
CA ARG I 65 -58.18 14.04 41.41
C ARG I 65 -58.64 14.33 42.83
N PHE I 66 -57.70 14.37 43.76
CA PHE I 66 -58.04 14.52 45.16
C PHE I 66 -58.46 15.95 45.46
N ALA I 67 -59.58 16.11 46.14
CA ALA I 67 -60.13 17.40 46.48
C ALA I 67 -60.39 17.45 47.97
N VAL I 68 -60.29 18.64 48.55
CA VAL I 68 -60.47 18.85 49.98
C VAL I 68 -61.50 19.95 50.18
N TYR I 69 -62.58 19.65 50.89
CA TYR I 69 -63.60 20.63 51.21
C TYR I 69 -63.60 20.90 52.72
N ILE I 70 -63.39 22.16 53.09
CA ILE I 70 -63.42 22.59 54.48
C ILE I 70 -64.58 23.56 54.62
N GLY I 71 -65.74 23.06 55.04
CA GLY I 71 -66.90 23.89 55.14
C GLY I 71 -67.93 23.34 56.09
N PRO I 72 -68.90 24.16 56.48
CA PRO I 72 -69.94 23.69 57.41
C PRO I 72 -70.91 22.71 56.77
N LEU I 73 -70.82 21.45 57.18
CA LEU I 73 -71.75 20.42 56.72
C LEU I 73 -72.87 20.23 57.74
N GLY I 74 -73.63 21.31 57.96
CA GLY I 74 -74.65 21.32 58.98
C GLY I 74 -75.92 20.58 58.65
N ALA I 75 -76.13 20.24 57.38
CA ALA I 75 -77.30 19.49 56.95
C ALA I 75 -77.01 17.99 57.10
N ASP I 76 -77.82 17.16 56.45
CA ASP I 76 -77.52 15.74 56.34
C ASP I 76 -76.20 15.54 55.62
N THR I 77 -75.21 15.00 56.34
CA THR I 77 -73.82 15.13 55.92
C THR I 77 -73.51 14.24 54.72
N ALA I 78 -74.12 13.06 54.66
CA ALA I 78 -73.89 12.15 53.54
C ALA I 78 -74.52 12.68 52.25
N ALA I 79 -75.54 13.52 52.36
CA ALA I 79 -76.16 14.12 51.18
C ALA I 79 -75.54 15.46 50.81
N THR I 80 -74.95 16.16 51.78
CA THR I 80 -74.34 17.45 51.47
C THR I 80 -72.97 17.28 50.83
N ALA I 81 -72.17 16.32 51.34
CA ALA I 81 -70.86 16.06 50.76
C ALA I 81 -70.94 15.35 49.41
N ARG I 82 -72.09 14.77 49.07
CA ARG I 82 -72.31 14.27 47.72
C ARG I 82 -72.43 15.40 46.72
N GLU I 83 -73.01 16.53 47.13
CA GLU I 83 -73.19 17.66 46.24
C GLU I 83 -71.86 18.35 45.92
N ILE I 84 -70.87 18.23 46.82
CA ILE I 84 -69.60 18.91 46.63
C ILE I 84 -68.81 18.27 45.50
N LEU I 85 -69.00 16.97 45.27
CA LEU I 85 -68.31 16.27 44.20
C LEU I 85 -68.79 16.70 42.81
N ALA I 86 -69.93 17.37 42.71
CA ALA I 86 -70.38 17.90 41.43
C ALA I 86 -69.67 19.20 41.04
N ASN I 87 -68.71 19.67 41.85
CA ASN I 87 -68.01 20.91 41.58
C ASN I 87 -66.58 20.70 41.09
N VAL I 88 -65.90 19.67 41.57
CA VAL I 88 -64.58 19.30 41.04
C VAL I 88 -64.74 18.86 39.59
N PRO I 89 -63.88 19.33 38.66
CA PRO I 89 -64.23 19.27 37.23
C PRO I 89 -64.30 17.88 36.61
N THR I 90 -63.72 16.85 37.22
CA THR I 90 -63.93 15.47 36.79
C THR I 90 -64.55 14.69 37.94
N PRO I 91 -65.88 14.69 38.07
CA PRO I 91 -66.51 14.02 39.23
C PRO I 91 -66.40 12.51 39.18
N GLU I 92 -66.21 11.93 37.99
CA GLU I 92 -66.13 10.47 37.90
C GLU I 92 -64.79 9.96 38.41
N ASN I 93 -63.78 10.81 38.46
CA ASN I 93 -62.42 10.40 38.80
C ASN I 93 -61.84 11.31 39.86
N ALA I 94 -62.61 11.58 40.91
CA ALA I 94 -62.18 12.46 41.98
C ALA I 94 -62.45 11.81 43.31
N VAL I 95 -61.69 12.22 44.32
CA VAL I 95 -61.89 11.77 45.69
C VAL I 95 -62.05 13.02 46.55
N LEU I 96 -63.27 13.28 46.99
CA LEU I 96 -63.60 14.49 47.73
C LEU I 96 -63.48 14.20 49.22
N LEU I 97 -62.46 14.76 49.86
CA LEU I 97 -62.30 14.66 51.31
C LEU I 97 -62.96 15.88 51.94
N ALA I 98 -64.18 15.71 52.43
CA ALA I 98 -64.91 16.80 53.06
C ALA I 98 -64.67 16.78 54.57
N VAL I 99 -64.24 17.92 55.10
CA VAL I 99 -64.01 18.08 56.52
C VAL I 99 -64.88 19.23 57.01
N SER I 100 -65.64 18.98 58.07
CA SER I 100 -66.48 20.00 58.67
C SER I 100 -66.12 20.15 60.13
N PRO I 101 -65.82 21.34 60.60
CA PRO I 101 -65.54 21.57 62.03
C PRO I 101 -66.80 21.78 62.87
N ASP I 102 -67.79 20.91 62.69
CA ASP I 102 -68.91 20.79 63.63
C ASP I 102 -68.64 19.61 64.56
N GLN I 103 -67.61 19.80 65.38
CA GLN I 103 -67.02 18.77 66.24
C GLN I 103 -66.60 17.54 65.44
N ARG I 104 -65.83 17.79 64.38
CA ARG I 104 -65.06 16.79 63.63
C ARG I 104 -65.96 15.71 63.01
N ALA I 105 -66.82 16.15 62.09
CA ALA I 105 -67.67 15.26 61.32
C ALA I 105 -67.17 15.30 59.88
N ILE I 106 -66.25 14.40 59.55
CA ILE I 106 -65.61 14.37 58.24
C ILE I 106 -66.20 13.24 57.41
N GLU I 107 -66.16 13.42 56.10
CA GLU I 107 -66.61 12.39 55.17
C GLU I 107 -65.71 12.35 53.94
N VAL I 108 -65.52 11.15 53.42
CA VAL I 108 -64.80 10.91 52.18
C VAL I 108 -65.83 10.50 51.14
N VAL I 109 -65.84 11.20 50.01
CA VAL I 109 -66.77 10.90 48.93
C VAL I 109 -65.94 10.40 47.74
N TYR I 110 -66.02 9.11 47.47
CA TYR I 110 -65.39 8.55 46.28
C TYR I 110 -66.14 9.03 45.04
N GLY I 111 -65.46 8.95 43.91
CA GLY I 111 -66.06 9.36 42.66
C GLY I 111 -66.91 8.27 42.04
N ALA I 112 -66.69 8.00 40.76
CA ALA I 112 -67.39 6.91 40.07
C ALA I 112 -66.43 5.87 39.53
N ASP I 113 -65.38 6.30 38.83
CA ASP I 113 -64.42 5.37 38.24
C ASP I 113 -63.41 4.84 39.25
N VAL I 114 -63.38 5.39 40.47
CA VAL I 114 -62.47 4.89 41.50
C VAL I 114 -63.05 3.69 42.23
N LYS I 115 -64.26 3.26 41.90
CA LYS I 115 -64.91 2.18 42.64
C LYS I 115 -64.28 0.84 42.32
N GLY I 116 -63.85 0.62 41.09
CA GLY I 116 -63.22 -0.64 40.74
C GLY I 116 -61.84 -0.80 41.34
N ARG I 117 -61.05 0.27 41.33
CA ARG I 117 -59.73 0.24 41.95
C ARG I 117 -59.87 0.33 43.48
N GLY I 118 -58.75 0.12 44.16
CA GLY I 118 -58.77 -0.08 45.60
C GLY I 118 -58.97 1.17 46.44
N ILE I 119 -60.16 1.77 46.37
CA ILE I 119 -60.49 2.89 47.25
C ILE I 119 -61.07 2.42 48.58
N GLU I 120 -61.62 1.20 48.64
CA GLU I 120 -62.29 0.74 49.85
C GLU I 120 -61.33 0.38 50.96
N SER I 121 -60.05 0.21 50.64
CA SER I 121 -59.03 -0.03 51.65
C SER I 121 -58.37 1.26 52.12
N ALA I 122 -58.70 2.40 51.51
CA ALA I 122 -58.09 3.67 51.86
C ALA I 122 -59.07 4.74 52.28
N ALA I 123 -60.31 4.69 51.81
CA ALA I 123 -61.28 5.73 52.14
C ALA I 123 -61.78 5.62 53.59
N PRO I 124 -62.03 4.44 54.18
CA PRO I 124 -62.16 4.41 55.65
C PRO I 124 -60.85 4.61 56.37
N LEU I 125 -59.72 4.30 55.72
CA LEU I 125 -58.42 4.53 56.34
C LEU I 125 -58.09 6.02 56.38
N GLY I 126 -58.54 6.78 55.39
CA GLY I 126 -58.30 8.21 55.37
C GLY I 126 -59.10 8.97 56.40
N VAL I 127 -60.20 8.41 56.89
CA VAL I 127 -60.98 9.07 57.94
C VAL I 127 -60.22 9.02 59.26
N SER I 128 -59.74 7.83 59.64
CA SER I 128 -59.06 7.69 60.92
C SER I 128 -57.68 8.33 60.90
N ALA I 129 -57.05 8.41 59.73
CA ALA I 129 -55.75 9.07 59.64
C ALA I 129 -55.89 10.59 59.73
N ALA I 130 -57.03 11.12 59.31
CA ALA I 130 -57.25 12.56 59.44
C ALA I 130 -57.76 12.91 60.84
N ALA I 131 -58.62 12.07 61.41
CA ALA I 131 -59.16 12.32 62.75
C ALA I 131 -58.13 12.07 63.85
N ALA I 132 -57.02 11.40 63.54
CA ALA I 132 -55.97 11.24 64.54
C ALA I 132 -55.24 12.55 64.80
N SER I 133 -55.09 13.39 63.78
CA SER I 133 -54.45 14.68 63.95
C SER I 133 -55.44 15.79 64.26
N PHE I 134 -56.71 15.61 63.91
CA PHE I 134 -57.73 16.59 64.28
C PHE I 134 -58.01 16.57 65.77
N LYS I 135 -57.80 15.44 66.42
CA LYS I 135 -58.18 15.25 67.82
C LYS I 135 -57.10 15.86 68.70
N GLU I 136 -57.41 17.03 69.27
CA GLU I 136 -56.46 17.91 69.97
C GLU I 136 -55.23 18.20 69.10
N GLY I 137 -55.48 18.86 67.98
CA GLY I 137 -54.41 19.24 67.08
C GLY I 137 -54.76 20.40 66.18
N ASN I 138 -54.31 20.34 64.94
CA ASN I 138 -54.53 21.38 63.95
C ASN I 138 -55.21 20.81 62.72
N LEU I 139 -55.91 21.70 62.00
CA LEU I 139 -56.69 21.25 60.85
C LEU I 139 -55.83 20.93 59.64
N ILE I 140 -54.74 21.67 59.44
CA ILE I 140 -54.04 21.55 58.18
C ILE I 140 -53.09 20.35 58.17
N ASP I 141 -52.54 19.95 59.32
CA ASP I 141 -51.63 18.81 59.35
C ASP I 141 -52.40 17.50 59.28
N GLY I 142 -53.70 17.53 59.58
CA GLY I 142 -54.51 16.35 59.35
C GLY I 142 -54.74 16.10 57.87
N LEU I 143 -55.01 17.17 57.12
CA LEU I 143 -55.27 17.03 55.68
C LEU I 143 -54.02 16.66 54.90
N ILE I 144 -52.85 17.11 55.37
CA ILE I 144 -51.60 16.71 54.74
C ILE I 144 -51.35 15.23 54.96
N SER I 145 -51.53 14.77 56.20
CA SER I 145 -51.29 13.38 56.54
C SER I 145 -52.47 12.48 56.24
N ALA I 146 -53.53 12.99 55.60
CA ALA I 146 -54.61 12.15 55.12
C ALA I 146 -54.49 11.84 53.64
N VAL I 147 -54.21 12.86 52.82
CA VAL I 147 -54.23 12.69 51.37
C VAL I 147 -53.06 11.83 50.91
N ARG I 148 -51.88 12.03 51.48
CA ARG I 148 -50.73 11.21 51.09
C ARG I 148 -50.84 9.77 51.58
N VAL I 149 -51.75 9.47 52.52
CA VAL I 149 -52.02 8.08 52.87
C VAL I 149 -53.01 7.47 51.89
N MET I 150 -54.09 8.19 51.59
CA MET I 150 -55.15 7.68 50.74
C MET I 150 -54.88 7.91 49.26
N SER I 151 -53.71 8.41 48.90
CA SER I 151 -53.27 8.40 47.51
C SER I 151 -52.28 7.29 47.21
N ALA I 152 -51.46 6.91 48.19
CA ALA I 152 -50.62 5.75 48.03
C ALA I 152 -51.44 4.47 48.03
N GLY I 153 -52.61 4.48 48.65
CA GLY I 153 -53.53 3.37 48.65
C GLY I 153 -54.42 3.26 47.43
N VAL I 154 -54.22 4.10 46.42
CA VAL I 154 -55.00 4.07 45.19
C VAL I 154 -54.07 3.71 44.05
N SER I 155 -54.39 2.63 43.37
CA SER I 155 -53.59 2.17 42.24
C SER I 155 -54.11 2.79 40.94
N PRO I 156 -53.22 3.06 39.97
CA PRO I 156 -53.65 3.58 38.66
C PRO I 156 -54.50 2.60 37.86
N LEU J 11 -68.16 24.70 45.78
CA LEU J 11 -68.41 25.68 44.73
C LEU J 11 -67.12 26.42 44.43
N LEU J 12 -66.89 26.71 43.15
CA LEU J 12 -65.73 27.46 42.64
C LEU J 12 -64.42 26.75 43.03
N ALA J 13 -64.24 25.58 42.41
CA ALA J 13 -63.11 24.71 42.74
C ALA J 13 -61.81 25.32 42.26
N ARG J 14 -60.89 25.58 43.19
CA ARG J 14 -59.56 26.06 42.87
C ARG J 14 -58.50 25.17 43.46
N ARG J 15 -57.26 25.59 43.38
CA ARG J 15 -55.99 25.09 43.88
C ARG J 15 -55.53 25.94 45.06
N PRO J 16 -55.02 25.32 46.16
CA PRO J 16 -54.73 26.07 47.38
C PRO J 16 -53.71 27.18 47.25
N PHE J 17 -52.52 26.83 46.81
CA PHE J 17 -51.50 27.82 46.57
C PHE J 17 -50.98 27.62 45.15
N PRO J 18 -50.81 28.68 44.37
CA PRO J 18 -50.50 28.52 42.95
C PRO J 18 -49.12 27.94 42.71
N GLN J 19 -48.89 27.55 41.46
CA GLN J 19 -47.74 26.73 41.11
C GLN J 19 -46.48 27.58 41.21
N ARG J 20 -45.60 27.20 42.14
CA ARG J 20 -44.45 27.97 42.55
C ARG J 20 -43.45 28.14 41.42
N LEU J 21 -42.77 27.06 41.07
CA LEU J 21 -42.04 26.97 39.82
C LEU J 21 -42.86 26.08 38.91
N GLY J 22 -42.67 26.23 37.62
CA GLY J 22 -43.40 25.44 36.67
C GLY J 22 -42.87 24.02 36.57
N PRO J 23 -42.97 23.44 35.41
CA PRO J 23 -42.42 22.10 35.20
C PRO J 23 -40.91 22.08 35.09
N ARG J 24 -40.36 20.93 34.65
CA ARG J 24 -38.92 20.80 34.47
C ARG J 24 -38.38 21.85 33.52
N TRP J 25 -39.00 22.02 32.37
CA TRP J 25 -38.47 22.97 31.39
C TRP J 25 -39.60 23.74 30.72
N THR J 26 -40.00 24.84 31.34
CA THR J 26 -40.97 25.76 30.77
C THR J 26 -40.37 27.12 30.49
N LEU J 27 -39.06 27.27 30.64
CA LEU J 27 -38.45 28.58 30.55
C LEU J 27 -37.17 28.65 29.73
N LEU J 28 -36.44 27.55 29.51
CA LEU J 28 -35.12 27.68 28.88
C LEU J 28 -35.24 27.96 27.38
N TYR J 29 -35.84 27.04 26.65
CA TYR J 29 -36.48 27.40 25.41
C TYR J 29 -37.75 28.16 25.78
N LYS J 30 -38.26 28.97 24.86
CA LYS J 30 -39.36 29.91 25.20
C LYS J 30 -38.77 31.07 25.98
N LEU J 31 -37.45 31.24 25.89
CA LEU J 31 -36.66 32.39 26.38
C LEU J 31 -35.84 32.78 25.15
N VAL J 32 -35.21 31.77 24.54
CA VAL J 32 -34.40 31.90 23.30
C VAL J 32 -35.35 32.30 22.16
N THR J 33 -36.49 31.60 22.03
CA THR J 33 -37.54 31.84 21.04
C THR J 33 -38.71 32.54 21.71
N THR J 34 -38.55 33.82 21.97
CA THR J 34 -39.65 34.58 22.53
C THR J 34 -39.77 35.91 21.82
N THR J 35 -41.01 36.37 21.68
CA THR J 35 -41.33 37.72 21.26
C THR J 35 -42.31 38.37 22.23
N ASP J 36 -42.60 37.72 23.34
CA ASP J 36 -43.50 38.26 24.33
C ASP J 36 -42.81 39.39 25.06
N HIS J 37 -43.34 40.60 24.92
CA HIS J 37 -42.76 41.77 25.56
C HIS J 37 -42.85 41.68 27.08
N LYS J 38 -43.84 40.96 27.61
CA LYS J 38 -43.91 40.74 29.04
C LYS J 38 -42.80 39.85 29.55
N LEU J 39 -42.23 39.01 28.68
CA LEU J 39 -41.11 38.15 29.05
C LEU J 39 -39.77 38.79 28.75
N ILE J 40 -39.67 39.53 27.63
CA ILE J 40 -38.45 40.25 27.32
C ILE J 40 -38.31 41.44 28.26
N GLY J 41 -39.43 41.95 28.77
CA GLY J 41 -39.35 42.94 29.82
C GLY J 41 -38.82 42.36 31.12
N MET J 42 -39.21 41.14 31.47
CA MET J 42 -38.66 40.50 32.67
C MET J 42 -37.25 39.98 32.46
N MET J 43 -36.77 39.90 31.23
CA MET J 43 -35.37 39.59 30.98
C MET J 43 -34.47 40.81 30.96
N TYR J 44 -34.98 41.97 30.56
CA TYR J 44 -34.23 43.20 30.79
C TYR J 44 -34.04 43.46 32.28
N VAL J 45 -35.07 43.23 33.08
CA VAL J 45 -35.02 43.60 34.48
C VAL J 45 -34.05 42.70 35.24
N VAL J 46 -34.13 41.38 35.02
CA VAL J 46 -33.28 40.46 35.77
C VAL J 46 -31.83 40.56 35.32
N ALA J 47 -31.58 40.72 34.01
CA ALA J 47 -30.21 40.83 33.54
C ALA J 47 -29.57 42.16 33.93
N CYS J 48 -30.37 43.21 34.11
CA CYS J 48 -29.78 44.47 34.58
C CYS J 48 -29.38 44.40 36.05
N PHE J 49 -30.11 43.66 36.87
CA PHE J 49 -29.66 43.48 38.25
C PHE J 49 -28.50 42.49 38.35
N ILE J 50 -28.23 41.71 37.31
CA ILE J 50 -26.94 41.07 37.22
C ILE J 50 -25.85 42.11 37.03
N PHE J 51 -26.12 43.12 36.21
CA PHE J 51 -25.16 44.20 36.02
C PHE J 51 -25.27 45.30 37.06
N PHE J 52 -26.32 45.32 37.88
CA PHE J 52 -26.30 46.27 38.99
C PHE J 52 -25.40 45.80 40.12
N PHE J 53 -25.11 44.50 40.17
CA PHE J 53 -24.19 43.96 41.16
C PHE J 53 -22.77 43.90 40.65
N ILE J 54 -22.57 43.58 39.37
CA ILE J 54 -21.23 43.57 38.81
C ILE J 54 -20.67 44.98 38.75
N GLY J 55 -21.46 45.92 38.28
CA GLY J 55 -21.03 47.30 38.29
C GLY J 55 -21.02 47.92 39.67
N GLY J 56 -21.95 47.50 40.54
CA GLY J 56 -22.05 48.10 41.85
C GLY J 56 -20.99 47.64 42.83
N LEU J 57 -20.54 46.39 42.71
CA LEU J 57 -19.48 45.88 43.57
C LEU J 57 -18.15 46.54 43.26
N MET J 58 -17.96 47.03 42.03
CA MET J 58 -16.77 47.77 41.68
C MET J 58 -16.68 49.08 42.45
N ALA J 59 -17.82 49.68 42.82
CA ALA J 59 -17.79 50.90 43.62
C ALA J 59 -17.38 50.62 45.05
N LEU J 60 -17.70 49.44 45.58
CA LEU J 60 -17.25 49.08 46.91
C LEU J 60 -15.77 48.77 46.94
N LEU J 61 -15.18 48.37 45.82
CA LEU J 61 -13.74 48.26 45.75
C LEU J 61 -13.09 49.62 45.54
N LEU J 62 -13.79 50.56 44.90
CA LEU J 62 -13.32 51.95 44.84
C LEU J 62 -13.34 52.59 46.21
N ARG J 63 -14.32 52.23 47.03
CA ARG J 63 -14.63 53.01 48.20
C ARG J 63 -13.80 52.63 49.41
N THR J 64 -13.23 51.42 49.44
CA THR J 64 -12.35 51.04 50.54
C THR J 64 -10.91 51.48 50.31
N GLU J 65 -10.50 51.69 49.06
CA GLU J 65 -9.20 52.30 48.79
C GLU J 65 -9.14 53.74 49.26
N LEU J 66 -10.28 54.42 49.24
CA LEU J 66 -10.33 55.83 49.60
C LEU J 66 -10.48 56.06 51.10
N ALA J 67 -10.77 55.02 51.88
CA ALA J 67 -11.04 55.20 53.29
C ALA J 67 -9.78 55.50 54.08
N VAL J 68 -8.84 54.57 54.08
CA VAL J 68 -7.54 54.78 54.73
C VAL J 68 -6.65 55.45 53.69
N PRO J 69 -5.93 56.53 54.04
CA PRO J 69 -5.30 57.39 53.02
C PRO J 69 -4.11 56.82 52.27
N GLY J 70 -3.81 55.54 52.44
CA GLY J 70 -2.82 54.88 51.62
C GLY J 70 -3.47 54.20 50.42
N LEU J 71 -2.62 53.64 49.57
CA LEU J 71 -3.04 52.85 48.42
C LEU J 71 -2.79 51.40 48.80
N GLN J 72 -3.83 50.75 49.34
CA GLN J 72 -3.64 49.50 50.08
C GLN J 72 -3.52 48.30 49.14
N PHE J 73 -4.60 47.97 48.44
CA PHE J 73 -4.63 46.70 47.73
C PHE J 73 -4.89 46.83 46.25
N LEU J 74 -5.70 47.78 45.81
CA LEU J 74 -5.81 48.06 44.40
C LEU J 74 -4.57 48.81 43.93
N SER J 75 -4.14 48.51 42.71
CA SER J 75 -3.05 49.25 42.11
C SER J 75 -3.54 50.65 41.73
N ASN J 76 -2.63 51.48 41.22
CA ASN J 76 -3.07 52.78 40.74
C ASN J 76 -3.86 52.61 39.44
N GLU J 77 -3.36 51.80 38.53
CA GLU J 77 -4.04 51.57 37.26
C GLU J 77 -5.28 50.69 37.41
N GLN J 78 -5.37 49.90 38.49
CA GLN J 78 -6.56 49.10 38.71
C GLN J 78 -7.71 49.91 39.27
N TYR J 79 -7.43 51.03 39.93
CA TYR J 79 -8.50 51.92 40.35
C TYR J 79 -9.12 52.61 39.15
N ASN J 80 -8.29 53.03 38.19
CA ASN J 80 -8.77 53.82 37.07
C ASN J 80 -9.60 52.99 36.10
N GLN J 81 -9.44 51.67 36.11
CA GLN J 81 -10.28 50.78 35.33
C GLN J 81 -11.42 50.21 36.16
N LEU J 82 -11.70 50.82 37.32
CA LEU J 82 -12.85 50.48 38.12
C LEU J 82 -13.77 51.65 38.41
N PHE J 83 -13.49 52.84 37.90
CA PHE J 83 -14.57 53.80 37.76
C PHE J 83 -15.00 53.99 36.31
N THR J 84 -14.26 53.44 35.36
CA THR J 84 -14.80 53.36 34.01
C THR J 84 -15.82 52.26 33.92
N MET J 85 -15.39 51.03 34.22
CA MET J 85 -16.25 49.86 34.26
C MET J 85 -17.30 49.93 35.36
N HIS J 86 -17.22 50.90 36.25
CA HIS J 86 -18.36 51.22 37.09
C HIS J 86 -19.25 52.28 36.44
N GLY J 87 -18.65 53.28 35.80
CA GLY J 87 -19.45 54.31 35.17
C GLY J 87 -20.10 53.85 33.88
N THR J 88 -19.52 52.86 33.23
CA THR J 88 -20.13 52.32 32.02
C THR J 88 -21.29 51.40 32.35
N VAL J 89 -21.07 50.46 33.27
CA VAL J 89 -22.05 49.41 33.55
C VAL J 89 -23.27 49.99 34.24
N MET J 90 -23.08 50.98 35.12
CA MET J 90 -24.20 51.60 35.79
C MET J 90 -25.06 52.43 34.83
N LEU J 91 -24.42 53.24 33.99
CA LEU J 91 -25.19 54.09 33.09
C LEU J 91 -25.70 53.34 31.89
N LEU J 92 -24.82 52.63 31.19
CA LEU J 92 -25.20 52.11 29.90
C LEU J 92 -25.71 50.68 29.95
N PHE J 93 -25.27 49.89 30.91
CA PHE J 93 -25.62 48.48 30.96
C PHE J 93 -26.62 48.18 32.06
N TYR J 94 -27.00 49.18 32.83
CA TYR J 94 -28.05 49.06 33.82
C TYR J 94 -29.15 50.09 33.65
N ALA J 95 -28.83 51.34 33.32
CA ALA J 95 -29.85 52.38 33.37
C ALA J 95 -30.54 52.63 32.03
N THR J 96 -29.82 52.56 30.92
CA THR J 96 -30.50 52.64 29.63
C THR J 96 -31.34 51.42 29.22
N PRO J 97 -31.03 50.15 29.60
CA PRO J 97 -31.97 49.08 29.24
C PRO J 97 -33.14 48.92 30.20
N ILE J 98 -32.98 49.32 31.46
CA ILE J 98 -34.10 49.29 32.39
C ILE J 98 -35.16 50.33 32.02
N VAL J 99 -34.81 51.30 31.19
CA VAL J 99 -35.82 52.11 30.51
C VAL J 99 -36.69 51.24 29.64
N PHE J 100 -36.07 50.43 28.78
CA PHE J 100 -36.85 49.55 27.92
C PHE J 100 -37.22 48.25 28.61
N GLY J 101 -36.82 48.07 29.85
CA GLY J 101 -37.36 47.01 30.66
C GLY J 101 -38.78 47.35 31.06
N PHE J 102 -38.94 48.50 31.70
CA PHE J 102 -40.26 48.98 32.06
C PHE J 102 -41.10 49.37 30.86
N ALA J 103 -40.49 49.61 29.70
CA ALA J 103 -41.28 49.90 28.52
C ALA J 103 -41.88 48.64 27.92
N ASN J 104 -41.16 47.53 27.95
CA ASN J 104 -41.70 46.28 27.43
C ASN J 104 -42.70 45.63 28.36
N LEU J 105 -42.66 45.95 29.65
CA LEU J 105 -43.65 45.37 30.56
C LEU J 105 -44.99 46.07 30.47
N VAL J 106 -44.95 47.39 30.24
CA VAL J 106 -46.02 48.29 30.64
C VAL J 106 -46.64 49.03 29.45
N VAL J 107 -45.81 49.47 28.49
CA VAL J 107 -46.32 50.30 27.39
C VAL J 107 -47.33 49.57 26.49
N PRO J 108 -47.15 48.30 26.09
CA PRO J 108 -48.26 47.63 25.40
C PRO J 108 -49.47 47.36 26.28
N LEU J 109 -49.35 47.48 27.60
CA LEU J 109 -50.47 47.29 28.51
C LEU J 109 -51.20 48.60 28.77
N GLN J 110 -50.47 49.70 28.94
CA GLN J 110 -51.11 50.96 29.27
C GLN J 110 -51.85 51.58 28.10
N ILE J 111 -51.56 51.14 26.88
CA ILE J 111 -52.42 51.39 25.75
C ILE J 111 -53.06 50.04 25.40
N GLY J 112 -54.07 50.08 24.55
CA GLY J 112 -54.75 48.83 24.26
C GLY J 112 -54.08 47.97 23.21
N ALA J 113 -52.86 47.58 23.46
CA ALA J 113 -52.11 46.91 22.43
C ALA J 113 -51.93 45.44 22.78
N PRO J 114 -51.91 44.55 21.79
CA PRO J 114 -51.64 43.15 22.08
C PRO J 114 -50.18 42.84 22.19
N ASP J 115 -49.32 43.65 21.59
CA ASP J 115 -47.90 43.34 21.45
C ASP J 115 -47.21 44.65 21.09
N VAL J 116 -45.88 44.62 21.09
CA VAL J 116 -45.11 45.72 20.53
C VAL J 116 -45.25 45.68 19.02
N ALA J 117 -44.80 46.74 18.35
CA ALA J 117 -45.03 46.86 16.92
C ALA J 117 -44.22 45.83 16.12
N PHE J 118 -42.93 45.74 16.39
CA PHE J 118 -42.06 44.81 15.68
C PHE J 118 -41.55 43.80 16.69
N PRO J 119 -42.19 42.65 16.84
CA PRO J 119 -41.89 41.77 17.97
C PRO J 119 -40.55 41.07 17.88
N ARG J 120 -39.94 40.97 16.70
CA ARG J 120 -38.61 40.41 16.61
C ARG J 120 -37.51 41.46 16.71
N LEU J 121 -37.84 42.74 16.68
CA LEU J 121 -36.91 43.76 17.11
C LEU J 121 -37.05 44.10 18.59
N ASN J 122 -38.01 43.52 19.28
CA ASN J 122 -38.00 43.59 20.73
C ASN J 122 -37.03 42.56 21.30
N ALA J 123 -37.04 41.36 20.73
CA ALA J 123 -36.09 40.34 21.17
C ALA J 123 -34.68 40.69 20.72
N LEU J 124 -34.53 41.24 19.52
CA LEU J 124 -33.19 41.54 19.01
C LEU J 124 -32.60 42.73 19.73
N SER J 125 -33.42 43.65 20.22
CA SER J 125 -32.92 44.77 21.00
C SER J 125 -32.44 44.32 22.37
N PHE J 126 -33.01 43.25 22.91
CA PHE J 126 -32.52 42.75 24.17
C PHE J 126 -31.20 42.01 24.01
N TRP J 127 -31.10 41.14 23.02
CA TRP J 127 -29.90 40.33 22.89
C TRP J 127 -28.73 41.11 22.32
N LEU J 128 -28.96 42.27 21.70
CA LEU J 128 -27.83 43.15 21.40
C LEU J 128 -27.26 43.76 22.66
N PHE J 129 -28.12 44.04 23.63
CA PHE J 129 -27.64 44.53 24.92
C PHE J 129 -26.88 43.46 25.68
N LEU J 130 -27.43 42.25 25.77
CA LEU J 130 -26.82 41.24 26.63
C LEU J 130 -25.47 40.76 26.10
N PHE J 131 -25.25 40.82 24.80
CA PHE J 131 -23.92 40.53 24.27
C PHE J 131 -23.10 41.77 24.02
N GLY J 132 -23.72 42.94 23.91
CA GLY J 132 -22.96 44.17 23.87
C GLY J 132 -22.39 44.55 25.20
N ALA J 133 -23.04 44.11 26.28
CA ALA J 133 -22.55 44.45 27.61
C ALA J 133 -21.51 43.47 28.10
N SER J 134 -21.54 42.22 27.64
CA SER J 134 -20.53 41.26 28.05
C SER J 134 -19.32 41.29 27.15
N ILE J 135 -19.24 42.24 26.22
CA ILE J 135 -18.01 42.53 25.49
C ILE J 135 -17.20 43.59 26.21
N ALA J 136 -17.86 44.65 26.69
CA ALA J 136 -17.15 45.77 27.30
C ALA J 136 -16.53 45.39 28.63
N LEU J 137 -17.28 44.72 29.50
CA LEU J 137 -16.70 44.20 30.73
C LEU J 137 -16.05 42.84 30.54
N GLY J 138 -15.96 42.37 29.30
CA GLY J 138 -15.12 41.27 28.92
C GLY J 138 -13.71 41.70 28.62
N GLY J 139 -13.34 42.91 29.02
CA GLY J 139 -11.98 43.41 28.94
C GLY J 139 -11.17 43.20 30.19
N PHE J 140 -11.77 42.67 31.24
CA PHE J 140 -10.98 42.23 32.39
C PHE J 140 -10.19 40.97 32.08
N LEU J 141 -10.60 40.21 31.07
CA LEU J 141 -9.83 39.05 30.63
C LEU J 141 -8.58 39.46 29.87
N ALA J 142 -8.50 40.70 29.40
CA ALA J 142 -7.33 41.20 28.69
C ALA J 142 -6.13 41.29 29.64
N PRO J 143 -4.89 41.24 29.11
CA PRO J 143 -3.73 41.38 29.99
C PRO J 143 -3.64 42.76 30.61
N GLY J 144 -3.76 43.79 29.77
CA GLY J 144 -3.72 45.16 30.21
C GLY J 144 -4.97 45.67 30.88
N GLY J 145 -5.97 44.83 31.04
CA GLY J 145 -7.18 45.21 31.73
C GLY J 145 -8.11 46.01 30.84
N PRO J 146 -9.28 46.36 31.38
CA PRO J 146 -10.24 47.18 30.64
C PRO J 146 -9.84 48.64 30.53
N ALA J 147 -10.80 49.46 30.13
CA ALA J 147 -10.59 50.87 29.84
C ALA J 147 -10.05 51.66 31.03
N ASP J 148 -8.81 52.13 30.91
CA ASP J 148 -8.20 52.96 31.95
C ASP J 148 -8.82 54.35 31.96
N PHE J 149 -9.04 54.93 30.79
CA PHE J 149 -9.75 56.19 30.64
C PHE J 149 -11.17 56.07 31.18
N GLY J 150 -11.74 57.20 31.58
CA GLY J 150 -13.06 57.21 32.20
C GLY J 150 -14.17 56.84 31.24
N TRP J 151 -15.41 56.90 31.73
CA TRP J 151 -16.53 56.62 30.83
C TRP J 151 -16.77 57.74 29.85
N THR J 152 -16.18 58.92 30.10
CA THR J 152 -16.24 60.00 29.13
C THR J 152 -15.30 59.76 27.96
N ALA J 153 -14.14 59.15 28.22
CA ALA J 153 -13.15 58.71 27.23
C ALA J 153 -12.63 59.86 26.37
N TYR J 154 -11.93 60.79 27.02
CA TYR J 154 -11.41 61.95 26.31
C TYR J 154 -10.23 61.55 25.42
N THR J 155 -10.20 62.10 24.21
CA THR J 155 -9.40 61.52 23.13
C THR J 155 -7.87 61.62 23.15
N PRO J 156 -7.22 62.64 23.75
CA PRO J 156 -5.78 62.50 23.96
C PRO J 156 -5.42 61.43 24.97
N LEU J 157 -6.36 61.00 25.82
CA LEU J 157 -6.13 59.88 26.71
C LEU J 157 -6.46 58.55 26.05
N SER J 158 -7.44 58.52 25.16
CA SER J 158 -7.84 57.29 24.46
C SER J 158 -7.29 57.35 23.04
N ASN J 159 -6.02 56.95 22.89
CA ASN J 159 -5.38 56.84 21.59
C ASN J 159 -4.78 55.46 21.38
N ALA J 160 -3.96 55.32 20.35
CA ALA J 160 -3.27 54.06 20.14
C ALA J 160 -2.06 53.92 21.05
N MET J 161 -1.43 55.04 21.43
CA MET J 161 -0.22 54.99 22.23
C MET J 161 -0.40 55.47 23.67
N HIS J 162 -1.50 56.14 23.99
CA HIS J 162 -1.77 56.49 25.38
C HIS J 162 -2.56 55.40 26.09
N SER J 163 -3.48 54.75 25.38
CA SER J 163 -4.26 53.64 25.93
C SER J 163 -4.11 52.47 24.97
N PRO J 164 -3.01 51.73 25.06
CA PRO J 164 -2.66 50.79 23.98
C PRO J 164 -3.39 49.46 24.05
N GLY J 165 -3.82 49.06 25.24
CA GLY J 165 -4.34 47.72 25.40
C GLY J 165 -5.77 47.57 24.92
N ALA J 166 -6.09 46.35 24.51
CA ALA J 166 -7.48 46.00 24.27
C ALA J 166 -8.22 45.91 25.60
N GLY J 167 -9.54 46.01 25.53
CA GLY J 167 -10.31 46.27 26.71
C GLY J 167 -10.76 47.70 26.66
N GLY J 168 -9.86 48.57 26.18
CA GLY J 168 -10.26 49.88 25.74
C GLY J 168 -10.92 49.85 24.38
N ASP J 169 -10.46 48.93 23.51
CA ASP J 169 -11.12 48.75 22.22
C ASP J 169 -12.38 47.89 22.35
N LEU J 170 -12.40 46.93 23.26
CA LEU J 170 -13.62 46.20 23.58
C LEU J 170 -14.66 47.09 24.24
N TRP J 171 -14.22 48.16 24.91
CA TRP J 171 -15.16 49.15 25.43
C TRP J 171 -15.88 49.85 24.29
N ILE J 172 -15.17 50.12 23.20
CA ILE J 172 -15.72 50.92 22.12
C ILE J 172 -16.77 50.14 21.35
N PHE J 173 -16.48 48.89 21.02
CA PHE J 173 -17.44 48.04 20.32
C PHE J 173 -18.28 47.20 21.25
N GLY J 174 -18.50 47.67 22.47
CA GLY J 174 -19.50 47.08 23.32
C GLY J 174 -20.59 48.12 23.50
N LEU J 175 -20.29 49.34 23.10
CA LEU J 175 -21.24 50.44 23.20
C LEU J 175 -21.83 50.80 21.84
N ILE J 176 -21.47 50.10 20.78
CA ILE J 176 -22.13 50.33 19.50
C ILE J 176 -23.06 49.16 19.23
N VAL J 177 -22.75 48.00 19.82
CA VAL J 177 -23.68 46.88 19.76
C VAL J 177 -24.86 47.12 20.68
N GLY J 178 -24.59 47.48 21.93
CA GLY J 178 -25.66 47.96 22.79
C GLY J 178 -26.19 49.31 22.34
N GLY J 179 -25.37 50.10 21.65
CA GLY J 179 -25.86 51.35 21.10
C GLY J 179 -26.85 51.13 19.97
N LEU J 180 -26.64 50.08 19.18
CA LEU J 180 -27.67 49.68 18.22
C LEU J 180 -28.87 49.06 18.92
N GLY J 181 -28.65 48.47 20.09
CA GLY J 181 -29.71 47.81 20.82
C GLY J 181 -30.73 48.74 21.44
N THR J 182 -30.43 50.02 21.55
CA THR J 182 -31.40 50.98 22.07
C THR J 182 -32.04 51.82 20.99
N ILE J 183 -31.34 52.06 19.88
CA ILE J 183 -31.94 52.69 18.72
C ILE J 183 -33.05 51.82 18.16
N LEU J 184 -32.77 50.52 18.02
CA LEU J 184 -33.78 49.58 17.55
C LEU J 184 -34.90 49.37 18.54
N GLY J 185 -34.65 49.61 19.83
CA GLY J 185 -35.71 49.56 20.81
C GLY J 185 -36.58 50.79 20.81
N ALA J 186 -36.02 51.94 20.43
CA ALA J 186 -36.81 53.16 20.32
C ALA J 186 -37.60 53.24 19.03
N VAL J 187 -37.27 52.40 18.05
CA VAL J 187 -38.11 52.27 16.87
C VAL J 187 -39.40 51.56 17.23
N ASN J 188 -39.32 50.54 18.10
CA ASN J 188 -40.52 49.88 18.62
C ASN J 188 -41.38 50.83 19.43
N MET J 189 -40.77 51.55 20.37
CA MET J 189 -41.57 52.28 21.34
C MET J 189 -42.21 53.52 20.76
N ILE J 190 -41.75 54.01 19.61
CA ILE J 190 -42.53 55.04 18.92
C ILE J 190 -43.69 54.42 18.17
N THR J 191 -43.40 53.44 17.31
CA THR J 191 -44.41 52.89 16.42
C THR J 191 -45.45 52.06 17.15
N THR J 192 -45.16 51.60 18.37
CA THR J 192 -46.21 51.02 19.19
C THR J 192 -47.19 52.09 19.65
N VAL J 193 -46.68 53.24 20.08
CA VAL J 193 -47.53 54.31 20.58
C VAL J 193 -48.28 54.98 19.43
N VAL J 194 -47.64 55.07 18.26
CA VAL J 194 -48.26 55.73 17.13
C VAL J 194 -49.39 54.88 16.55
N CYS J 195 -49.20 53.57 16.45
CA CYS J 195 -50.07 52.75 15.61
C CYS J 195 -51.00 51.81 16.36
N MET J 196 -50.80 51.57 17.66
CA MET J 196 -51.45 50.44 18.31
C MET J 196 -52.14 50.83 19.59
N ARG J 197 -52.93 51.88 19.57
CA ARG J 197 -53.67 52.22 20.76
C ARG J 197 -55.09 51.64 20.68
N ALA J 198 -55.77 51.63 21.82
CA ALA J 198 -57.11 51.09 21.86
C ALA J 198 -58.08 52.03 21.13
N PRO J 199 -59.18 51.49 20.61
CA PRO J 199 -60.22 52.36 20.05
C PRO J 199 -60.85 53.19 21.15
N GLY J 200 -60.65 54.50 21.08
CA GLY J 200 -61.03 55.42 22.12
C GLY J 200 -59.85 56.05 22.81
N MET J 201 -58.72 55.35 22.85
CA MET J 201 -57.48 55.96 23.30
C MET J 201 -57.01 56.93 22.24
N ILE J 202 -56.79 58.19 22.62
CA ILE J 202 -56.29 59.18 21.69
C ILE J 202 -54.85 59.37 22.13
N MET J 203 -54.12 60.28 21.50
CA MET J 203 -52.76 60.53 21.95
C MET J 203 -52.75 61.13 23.34
N PHE J 204 -53.74 61.96 23.68
CA PHE J 204 -53.98 62.33 25.06
C PHE J 204 -54.77 61.21 25.73
N ARG J 205 -55.29 61.46 26.94
CA ARG J 205 -55.92 60.49 27.85
C ARG J 205 -55.16 59.16 27.96
N MET J 206 -53.83 59.24 27.83
CA MET J 206 -52.93 58.12 27.75
C MET J 206 -51.86 58.42 28.79
N PRO J 207 -51.54 57.46 29.67
CA PRO J 207 -50.81 57.81 30.90
C PRO J 207 -49.39 58.26 30.64
N ILE J 208 -48.85 59.02 31.59
CA ILE J 208 -47.69 59.86 31.32
C ILE J 208 -46.44 59.01 31.14
N PHE J 209 -46.44 57.78 31.67
CA PHE J 209 -45.33 56.87 31.41
C PHE J 209 -45.23 56.52 29.94
N THR J 210 -46.35 56.37 29.25
CA THR J 210 -46.28 56.15 27.81
C THR J 210 -45.90 57.41 27.05
N TRP J 211 -46.15 58.58 27.62
CA TRP J 211 -45.61 59.81 27.04
C TRP J 211 -44.11 59.90 27.22
N ASN J 212 -43.61 59.57 28.41
CA ASN J 212 -42.19 59.63 28.67
C ASN J 212 -41.42 58.58 27.86
N ILE J 213 -42.02 57.41 27.60
CA ILE J 213 -41.39 56.47 26.69
C ILE J 213 -41.51 56.96 25.25
N LEU J 214 -42.57 57.71 24.94
CA LEU J 214 -42.69 58.28 23.59
C LEU J 214 -41.68 59.40 23.37
N VAL J 215 -41.45 60.24 24.37
CA VAL J 215 -40.56 61.36 24.20
C VAL J 215 -39.10 60.91 24.22
N THR J 216 -38.73 60.02 25.13
CA THR J 216 -37.34 59.58 25.17
C THR J 216 -36.97 58.68 24.01
N SER J 217 -37.94 58.02 23.39
CA SER J 217 -37.61 57.26 22.18
C SER J 217 -37.27 58.17 21.03
N VAL J 218 -37.75 59.41 21.04
CA VAL J 218 -37.25 60.41 20.11
C VAL J 218 -35.81 60.76 20.47
N ILE J 219 -35.51 60.89 21.76
CA ILE J 219 -34.21 61.35 22.21
C ILE J 219 -33.15 60.26 22.08
N VAL J 220 -33.55 58.99 22.09
CA VAL J 220 -32.62 57.91 21.80
C VAL J 220 -32.15 58.00 20.35
N LEU J 221 -33.06 58.35 19.44
CA LEU J 221 -32.68 58.42 18.04
C LEU J 221 -31.82 59.65 17.74
N VAL J 222 -31.80 60.64 18.63
CA VAL J 222 -30.93 61.79 18.47
C VAL J 222 -29.56 61.54 19.09
N ALA J 223 -29.51 60.91 20.26
CA ALA J 223 -28.27 60.75 21.01
C ALA J 223 -27.44 59.55 20.54
N PHE J 224 -28.02 58.35 20.63
CA PHE J 224 -27.25 57.13 20.39
C PHE J 224 -26.71 56.93 18.97
N PRO J 225 -27.30 57.43 17.88
CA PRO J 225 -26.53 57.41 16.62
C PRO J 225 -25.33 58.33 16.65
N LEU J 226 -25.41 59.45 17.37
CA LEU J 226 -24.30 60.39 17.39
C LEU J 226 -23.15 59.85 18.22
N LEU J 227 -23.44 59.03 19.23
CA LEU J 227 -22.37 58.31 19.92
C LEU J 227 -21.78 57.22 19.03
N THR J 228 -22.64 56.48 18.32
CA THR J 228 -22.19 55.41 17.44
C THR J 228 -21.32 55.96 16.32
N SER J 229 -21.64 57.16 15.82
CA SER J 229 -20.78 57.80 14.85
C SER J 229 -19.48 58.28 15.46
N ALA J 230 -19.46 58.55 16.77
CA ALA J 230 -18.23 58.96 17.41
C ALA J 230 -17.34 57.76 17.71
N LEU J 231 -17.92 56.63 18.08
CA LEU J 231 -17.12 55.47 18.44
C LEU J 231 -16.58 54.74 17.22
N PHE J 232 -17.23 54.89 16.06
CA PHE J 232 -16.57 54.47 14.83
C PHE J 232 -15.53 55.48 14.38
N GLY J 233 -15.60 56.72 14.84
CA GLY J 233 -14.53 57.67 14.57
C GLY J 233 -13.35 57.47 15.49
N LEU J 234 -13.59 57.04 16.72
CA LEU J 234 -12.51 56.77 17.66
C LEU J 234 -11.79 55.47 17.34
N ALA J 235 -12.53 54.47 16.87
CA ALA J 235 -11.90 53.21 16.51
C ALA J 235 -11.19 53.28 15.18
N ALA J 236 -11.54 54.24 14.32
CA ALA J 236 -10.73 54.49 13.14
C ALA J 236 -9.42 55.16 13.53
N ASP J 237 -9.43 55.95 14.61
CA ASP J 237 -8.22 56.59 15.08
C ASP J 237 -7.28 55.60 15.74
N ARG J 238 -7.81 54.53 16.33
CA ARG J 238 -7.03 53.59 17.11
C ARG J 238 -6.58 52.38 16.28
N ASN J 239 -7.53 51.64 15.71
CA ASN J 239 -7.19 50.44 14.97
C ASN J 239 -6.53 50.78 13.65
N LEU J 240 -7.19 51.61 12.85
CA LEU J 240 -6.54 52.20 11.69
C LEU J 240 -5.71 53.39 12.15
N GLY J 241 -4.94 53.95 11.23
CA GLY J 241 -4.36 55.24 11.51
C GLY J 241 -5.29 56.29 10.98
N ALA J 242 -5.73 57.22 11.83
CA ALA J 242 -6.60 58.28 11.35
C ALA J 242 -6.24 59.57 12.08
N HIS J 243 -6.71 60.68 11.54
CA HIS J 243 -6.43 61.98 12.10
C HIS J 243 -7.70 62.72 12.51
N VAL J 244 -8.84 62.04 12.55
CA VAL J 244 -9.95 62.53 13.35
C VAL J 244 -9.56 62.37 14.82
N PHE J 245 -10.16 63.21 15.67
CA PHE J 245 -9.93 63.24 17.12
C PHE J 245 -8.47 63.52 17.46
N ASP J 246 -7.79 64.26 16.60
CA ASP J 246 -6.39 64.62 16.74
C ASP J 246 -6.31 66.10 17.04
N PRO J 247 -5.54 66.52 18.06
CA PRO J 247 -5.66 67.90 18.56
C PRO J 247 -5.15 68.97 17.62
N ALA J 248 -4.46 68.62 16.54
CA ALA J 248 -4.05 69.59 15.54
C ALA J 248 -5.14 69.84 14.51
N ASN J 249 -6.26 69.14 14.59
CA ASN J 249 -7.32 69.18 13.60
C ASN J 249 -8.67 69.37 14.28
N GLY J 250 -8.75 70.33 15.20
CA GLY J 250 -9.85 70.34 16.13
C GLY J 250 -9.62 69.19 17.08
N GLY J 251 -10.43 68.14 17.00
CA GLY J 251 -10.04 66.89 17.60
C GLY J 251 -10.28 66.72 19.08
N THR J 252 -9.44 67.30 19.93
CA THR J 252 -9.61 67.09 21.36
C THR J 252 -10.71 67.92 21.98
N MET J 253 -11.31 68.84 21.23
CA MET J 253 -12.62 69.35 21.58
C MET J 253 -13.70 68.93 20.59
N LEU J 254 -13.35 68.15 19.57
CA LEU J 254 -14.38 67.51 18.78
C LEU J 254 -15.06 66.41 19.57
N TRP J 255 -14.28 65.59 20.28
CA TRP J 255 -14.85 64.58 21.16
C TRP J 255 -15.62 65.20 22.31
N GLU J 256 -15.20 66.39 22.76
CA GLU J 256 -15.94 67.11 23.78
C GLU J 256 -17.31 67.56 23.27
N HIS J 257 -17.48 67.72 21.96
CA HIS J 257 -18.77 68.09 21.39
C HIS J 257 -19.52 66.94 20.74
N LEU J 258 -18.89 65.79 20.52
CA LEU J 258 -19.67 64.66 20.04
C LEU J 258 -20.13 63.78 21.19
N PHE J 259 -19.30 63.60 22.20
CA PHE J 259 -19.70 62.79 23.33
C PHE J 259 -20.76 63.49 24.17
N TRP J 260 -20.60 64.77 24.41
CA TRP J 260 -21.55 65.41 25.30
C TRP J 260 -22.84 65.78 24.60
N PHE J 261 -22.85 65.79 23.27
CA PHE J 261 -24.11 65.85 22.56
C PHE J 261 -24.86 64.52 22.67
N PHE J 262 -24.14 63.42 22.88
CA PHE J 262 -24.73 62.20 23.39
C PHE J 262 -24.93 62.25 24.90
N GLY J 263 -24.01 62.91 25.60
CA GLY J 263 -23.91 62.74 27.04
C GLY J 263 -25.08 63.31 27.81
N HIS J 264 -25.52 64.52 27.45
CA HIS J 264 -26.64 65.01 28.23
C HIS J 264 -27.99 64.46 27.79
N PRO J 265 -28.33 64.31 26.49
CA PRO J 265 -29.60 63.62 26.21
C PRO J 265 -29.50 62.11 26.21
N GLU J 266 -28.78 61.55 27.16
CA GLU J 266 -28.81 60.14 27.52
C GLU J 266 -29.02 60.11 29.02
N VAL J 267 -28.49 61.14 29.67
CA VAL J 267 -28.91 61.50 31.00
C VAL J 267 -30.41 61.78 31.04
N TYR J 268 -30.95 62.47 30.04
CA TYR J 268 -32.37 62.78 30.01
C TYR J 268 -33.21 61.71 29.33
N ILE J 269 -32.63 60.58 28.93
CA ILE J 269 -33.43 59.38 28.68
C ILE J 269 -33.32 58.42 29.83
N ILE J 270 -32.47 58.72 30.80
CA ILE J 270 -32.47 58.06 32.08
C ILE J 270 -33.42 58.75 33.06
N ALA J 271 -33.62 60.05 32.93
CA ALA J 271 -34.43 60.79 33.88
C ALA J 271 -35.91 60.71 33.57
N LEU J 272 -36.29 61.03 32.33
CA LEU J 272 -37.71 61.16 31.98
C LEU J 272 -38.56 59.89 32.08
N PRO J 273 -38.13 58.68 31.66
CA PRO J 273 -39.03 57.52 31.80
C PRO J 273 -39.30 57.14 33.22
N PHE J 274 -38.43 57.53 34.14
CA PHE J 274 -38.65 57.28 35.55
C PHE J 274 -39.22 58.49 36.26
N PHE J 275 -39.52 59.55 35.52
CA PHE J 275 -40.51 60.50 35.99
C PHE J 275 -41.89 59.94 35.75
N GLY J 276 -42.05 59.13 34.70
CA GLY J 276 -43.36 58.61 34.35
C GLY J 276 -43.82 57.48 35.23
N ILE J 277 -42.90 56.69 35.76
CA ILE J 277 -43.26 55.70 36.77
C ILE J 277 -43.74 56.39 38.03
N VAL J 278 -43.11 57.51 38.37
CA VAL J 278 -43.47 58.22 39.59
C VAL J 278 -44.79 58.98 39.39
N THR J 279 -45.10 59.43 38.17
CA THR J 279 -46.45 59.94 37.90
C THR J 279 -47.48 58.84 37.97
N GLU J 280 -47.08 57.61 37.64
CA GLU J 280 -48.02 56.51 37.65
C GLU J 280 -48.44 56.13 39.06
N ILE J 281 -47.57 56.35 40.04
CA ILE J 281 -47.79 55.83 41.38
C ILE J 281 -48.59 56.76 42.28
N PHE J 282 -48.47 58.09 42.11
CA PHE J 282 -49.14 59.01 43.02
C PHE J 282 -50.67 58.99 43.01
N PRO J 283 -51.40 58.90 41.87
CA PRO J 283 -52.86 58.80 41.99
C PRO J 283 -53.34 57.42 42.39
N VAL J 284 -52.46 56.43 42.41
CA VAL J 284 -52.83 55.12 42.93
C VAL J 284 -52.85 55.14 44.45
N PHE J 285 -51.90 55.85 45.06
CA PHE J 285 -51.80 55.85 46.51
C PHE J 285 -52.26 57.14 47.16
N SER J 286 -52.43 58.21 46.39
CA SER J 286 -53.11 59.42 46.85
C SER J 286 -54.33 59.59 45.95
N ARG J 287 -55.50 59.25 46.47
CA ARG J 287 -56.63 58.78 45.65
C ARG J 287 -57.31 59.90 44.86
N LYS J 288 -56.54 60.58 44.02
CA LYS J 288 -57.04 61.70 43.24
C LYS J 288 -56.08 61.90 42.08
N PRO J 289 -56.55 62.44 40.91
CA PRO J 289 -55.76 62.29 39.67
C PRO J 289 -54.45 63.07 39.64
N VAL J 290 -53.73 62.91 38.53
CA VAL J 290 -52.51 63.68 38.28
C VAL J 290 -52.89 65.15 38.15
N PHE J 291 -52.45 65.96 39.12
CA PHE J 291 -52.65 67.39 39.10
C PHE J 291 -51.96 68.02 37.90
N GLY J 292 -52.74 68.52 36.96
CA GLY J 292 -52.15 69.05 35.75
C GLY J 292 -51.62 67.93 34.89
N TYR J 293 -52.51 67.12 34.35
CA TYR J 293 -52.11 66.03 33.46
C TYR J 293 -51.47 66.56 32.19
N THR J 294 -52.20 67.39 31.44
CA THR J 294 -51.66 67.94 30.20
C THR J 294 -50.54 68.95 30.44
N THR J 295 -50.40 69.45 31.67
CA THR J 295 -49.24 70.25 32.01
C THR J 295 -47.98 69.38 31.99
N LEU J 296 -48.10 68.13 32.43
CA LEU J 296 -46.95 67.22 32.36
C LEU J 296 -46.69 66.73 30.95
N VAL J 297 -47.68 66.78 30.08
CA VAL J 297 -47.45 66.45 28.67
C VAL J 297 -46.61 67.53 28.02
N TYR J 298 -46.98 68.81 28.21
CA TYR J 298 -46.19 69.90 27.65
C TYR J 298 -44.87 70.11 28.38
N ALA J 299 -44.73 69.60 29.60
CA ALA J 299 -43.45 69.75 30.29
C ALA J 299 -42.41 68.78 29.77
N THR J 300 -42.80 67.54 29.50
CA THR J 300 -41.86 66.53 29.03
C THR J 300 -41.35 66.84 27.63
N ILE J 301 -42.22 67.36 26.76
CA ILE J 301 -41.83 67.74 25.41
C ILE J 301 -40.82 68.86 25.45
N SER J 302 -40.93 69.76 26.43
CA SER J 302 -39.97 70.84 26.57
C SER J 302 -38.62 70.32 27.06
N ILE J 303 -38.63 69.42 28.05
CA ILE J 303 -37.38 68.79 28.48
C ILE J 303 -36.87 67.86 27.39
N GLY J 304 -37.76 67.28 26.60
CA GLY J 304 -37.35 66.52 25.43
C GLY J 304 -36.76 67.38 24.33
N ALA J 305 -37.03 68.68 24.35
CA ALA J 305 -36.46 69.62 23.39
C ALA J 305 -35.28 70.38 23.94
N LEU J 306 -35.29 70.75 25.22
CA LEU J 306 -34.22 71.52 25.81
C LEU J 306 -32.98 70.70 26.10
N SER J 307 -33.11 69.39 26.27
CA SER J 307 -31.98 68.56 26.69
C SER J 307 -30.94 68.42 25.61
N ILE J 308 -31.29 68.70 24.37
CA ILE J 308 -30.38 68.48 23.27
C ILE J 308 -29.51 69.70 23.00
N ALA J 309 -30.04 70.91 23.21
CA ALA J 309 -29.31 72.14 22.96
C ALA J 309 -28.59 72.67 24.20
N VAL J 310 -28.20 71.82 25.14
CA VAL J 310 -27.52 72.27 26.35
C VAL J 310 -26.25 71.48 26.61
N TRP J 311 -25.69 70.85 25.58
CA TRP J 311 -24.71 69.78 25.79
C TRP J 311 -23.41 70.27 26.41
N ALA J 312 -23.04 71.52 26.19
CA ALA J 312 -21.74 72.00 26.60
C ALA J 312 -21.74 72.60 27.99
N HIS J 313 -22.71 72.25 28.83
CA HIS J 313 -22.58 72.58 30.24
C HIS J 313 -21.67 71.60 30.96
N HIS J 314 -21.23 70.55 30.29
CA HIS J 314 -20.19 69.67 30.77
C HIS J 314 -18.81 70.13 30.31
N LEU J 315 -18.72 71.33 29.71
CA LEU J 315 -17.50 71.81 29.06
C LEU J 315 -17.15 73.23 29.49
N TYR J 316 -17.46 73.61 30.72
CA TYR J 316 -17.28 75.01 31.09
C TYR J 316 -15.82 75.37 31.33
N ALA J 317 -15.05 74.48 31.95
CA ALA J 317 -13.68 74.81 32.28
C ALA J 317 -12.67 74.19 31.35
N THR J 318 -13.09 73.70 30.18
CA THR J 318 -12.12 73.30 29.16
C THR J 318 -11.84 74.43 28.18
N GLY J 319 -11.55 75.58 28.72
CA GLY J 319 -11.18 76.73 27.91
C GLY J 319 -12.41 77.45 27.39
N ALA J 320 -12.58 77.46 26.07
CA ALA J 320 -13.55 78.34 25.43
C ALA J 320 -14.60 77.52 24.69
N VAL J 321 -15.83 77.62 25.18
CA VAL J 321 -17.04 77.35 24.41
C VAL J 321 -17.83 78.64 24.50
N LEU J 322 -19.04 78.66 23.95
CA LEU J 322 -19.89 79.84 24.13
C LEU J 322 -20.58 79.72 25.48
N LEU J 323 -20.05 80.44 26.48
CA LEU J 323 -20.56 80.29 27.85
C LEU J 323 -21.99 80.82 28.06
N PRO J 324 -22.38 82.03 27.63
CA PRO J 324 -23.75 82.48 27.96
C PRO J 324 -24.86 81.73 27.24
N PHE J 325 -24.57 81.01 26.17
CA PHE J 325 -25.61 80.20 25.53
C PHE J 325 -25.91 78.96 26.36
N PHE J 326 -24.89 78.17 26.67
CA PHE J 326 -25.06 76.95 27.45
C PHE J 326 -25.22 77.22 28.93
N SER J 327 -25.07 78.46 29.39
CA SER J 327 -25.43 78.79 30.76
C SER J 327 -26.94 78.95 30.88
N PHE J 328 -27.50 79.88 30.09
CA PHE J 328 -28.92 80.21 30.18
C PHE J 328 -29.80 79.05 29.76
N MET J 329 -29.41 78.32 28.73
CA MET J 329 -30.21 77.19 28.29
C MET J 329 -30.18 76.04 29.31
N THR J 330 -29.09 75.92 30.07
CA THR J 330 -29.04 74.88 31.10
C THR J 330 -29.89 75.26 32.30
N PHE J 331 -30.06 76.56 32.56
CA PHE J 331 -31.07 76.99 33.51
C PHE J 331 -32.48 76.69 33.03
N MET J 332 -32.69 76.57 31.72
CA MET J 332 -34.04 76.40 31.20
C MET J 332 -34.63 75.02 31.46
N ILE J 333 -33.82 74.02 31.80
CA ILE J 333 -34.40 72.72 32.18
C ILE J 333 -34.94 72.78 33.61
N ALA J 334 -34.48 73.73 34.42
CA ALA J 334 -34.99 73.86 35.79
C ALA J 334 -36.43 74.36 35.83
N VAL J 335 -36.93 74.97 34.77
CA VAL J 335 -38.31 75.45 34.77
C VAL J 335 -39.30 74.31 34.61
N PRO J 336 -39.22 73.39 33.58
CA PRO J 336 -40.26 72.36 33.49
C PRO J 336 -40.13 71.26 34.51
N THR J 337 -38.89 70.89 34.89
CA THR J 337 -38.74 69.95 36.01
C THR J 337 -39.24 70.54 37.30
N GLY J 338 -39.17 71.87 37.45
CA GLY J 338 -39.85 72.50 38.57
C GLY J 338 -41.35 72.43 38.46
N ILE J 339 -41.88 72.47 37.23
CA ILE J 339 -43.30 72.25 37.03
C ILE J 339 -43.66 70.81 37.34
N LYS J 340 -42.77 69.87 36.99
CA LYS J 340 -43.05 68.47 37.28
C LYS J 340 -42.99 68.15 38.78
N PHE J 341 -42.33 68.98 39.60
CA PHE J 341 -42.48 68.85 41.04
C PHE J 341 -43.75 69.50 41.57
N VAL J 342 -44.27 70.53 40.91
CA VAL J 342 -45.57 71.09 41.30
C VAL J 342 -46.66 70.07 41.04
N ASN J 343 -46.54 69.33 39.94
CA ASN J 343 -47.50 68.30 39.58
C ASN J 343 -47.21 66.97 40.27
N TRP J 344 -46.38 66.95 41.30
CA TRP J 344 -46.17 65.78 42.13
C TRP J 344 -46.58 65.99 43.57
N ILE J 345 -46.22 67.13 44.18
CA ILE J 345 -46.80 67.50 45.44
C ILE J 345 -48.29 67.83 45.26
N GLY J 346 -48.63 68.49 44.14
CA GLY J 346 -50.00 68.87 43.91
C GLY J 346 -50.94 67.71 43.69
N THR J 347 -50.47 66.62 43.07
CA THR J 347 -51.29 65.43 42.93
C THR J 347 -51.29 64.57 44.18
N MET J 348 -50.46 64.90 45.16
CA MET J 348 -50.36 64.20 46.42
C MET J 348 -50.97 65.02 47.53
N TRP J 349 -51.56 66.18 47.20
CA TRP J 349 -51.82 67.20 48.19
C TRP J 349 -53.07 66.92 49.00
N LYS J 350 -54.23 66.93 48.37
CA LYS J 350 -55.47 66.84 49.14
C LYS J 350 -55.92 65.40 49.34
N GLY J 351 -55.58 64.51 48.41
CA GLY J 351 -55.99 63.12 48.51
C GLY J 351 -55.33 62.41 49.68
N GLN J 352 -55.99 61.35 50.12
CA GLN J 352 -55.55 60.64 51.31
C GLN J 352 -54.44 59.66 50.98
N LEU J 353 -53.39 59.68 51.80
CA LEU J 353 -52.14 58.99 51.52
C LEU J 353 -52.09 57.64 52.21
N THR J 354 -51.46 56.68 51.55
CA THR J 354 -51.10 55.40 52.17
C THR J 354 -49.68 55.10 51.74
N PHE J 355 -48.78 54.94 52.70
CA PHE J 355 -47.36 54.73 52.38
C PHE J 355 -47.03 53.24 52.35
N GLU J 356 -47.51 52.60 51.29
CA GLU J 356 -47.00 51.29 50.94
C GLU J 356 -45.67 51.45 50.21
N THR J 357 -44.98 50.33 49.99
CA THR J 357 -43.65 50.38 49.40
C THR J 357 -43.53 50.90 47.96
N PRO J 358 -44.54 50.81 47.07
CA PRO J 358 -44.41 51.61 45.84
C PRO J 358 -44.55 53.10 46.08
N MET J 359 -45.32 53.49 47.08
CA MET J 359 -45.50 54.90 47.38
C MET J 359 -44.32 55.43 48.17
N LEU J 360 -43.81 54.60 49.08
CA LEU J 360 -42.70 55.03 49.95
C LEU J 360 -41.51 55.35 49.05
N PHE J 361 -41.20 54.52 48.07
CA PHE J 361 -40.04 54.80 47.24
C PHE J 361 -40.22 56.02 46.36
N SER J 362 -41.44 56.35 45.96
CA SER J 362 -41.65 57.56 45.17
C SER J 362 -41.56 58.83 46.00
N VAL J 363 -41.66 58.71 47.33
CA VAL J 363 -41.44 59.85 48.20
C VAL J 363 -39.96 60.07 48.43
N GLY J 364 -39.21 58.98 48.65
CA GLY J 364 -37.77 59.07 48.68
C GLY J 364 -37.16 59.48 47.36
N PHE J 365 -37.88 59.29 46.26
CA PHE J 365 -37.55 59.95 45.01
C PHE J 365 -37.61 61.47 45.16
N LEU J 366 -38.73 61.98 45.70
CA LEU J 366 -38.93 63.42 45.81
C LEU J 366 -37.97 64.07 46.79
N VAL J 367 -37.54 63.34 47.81
CA VAL J 367 -36.63 63.89 48.81
C VAL J 367 -35.22 63.98 48.26
N THR J 368 -34.76 62.96 47.55
CA THR J 368 -33.37 62.89 47.15
C THR J 368 -33.10 63.45 45.76
N PHE J 369 -34.08 63.44 44.85
CA PHE J 369 -33.86 64.05 43.54
C PHE J 369 -33.73 65.56 43.64
N LEU J 370 -34.31 66.16 44.68
CA LEU J 370 -34.32 67.61 44.82
C LEU J 370 -32.92 68.16 45.01
N LEU J 371 -32.09 67.50 45.82
CA LEU J 371 -30.71 67.95 46.01
C LEU J 371 -29.89 67.76 44.76
N GLY J 372 -30.22 66.76 43.94
CA GLY J 372 -29.55 66.63 42.66
C GLY J 372 -29.99 67.68 41.66
N GLY J 373 -31.27 68.04 41.69
CA GLY J 373 -31.72 69.10 40.81
C GLY J 373 -31.32 70.47 41.28
N LEU J 374 -31.24 70.68 42.59
CA LEU J 374 -30.75 71.94 43.11
C LEU J 374 -29.26 72.12 42.88
N THR J 375 -28.47 71.08 43.10
CA THR J 375 -27.05 71.18 42.76
C THR J 375 -26.78 71.04 41.27
N GLY J 376 -27.79 70.72 40.46
CA GLY J 376 -27.61 70.77 39.03
C GLY J 376 -27.53 72.19 38.50
N VAL J 377 -28.39 73.08 39.00
CA VAL J 377 -28.34 74.48 38.62
C VAL J 377 -27.34 75.28 39.43
N ILE J 378 -26.84 74.72 40.53
CA ILE J 378 -25.60 75.21 41.12
C ILE J 378 -24.45 75.04 40.13
N LEU J 379 -24.34 73.85 39.56
CA LEU J 379 -23.28 73.53 38.60
C LEU J 379 -23.50 74.15 37.23
N ALA J 380 -24.69 74.67 36.94
CA ALA J 380 -25.01 75.15 35.60
C ALA J 380 -24.44 76.52 35.30
N SER J 381 -24.02 77.24 36.30
CA SER J 381 -23.46 78.56 36.09
C SER J 381 -21.96 78.49 36.21
N PRO J 382 -21.22 79.01 35.23
CA PRO J 382 -19.77 78.75 35.14
C PRO J 382 -18.94 79.31 36.30
N PRO J 383 -19.24 80.48 36.91
CA PRO J 383 -18.47 80.83 38.11
C PRO J 383 -18.64 79.88 39.27
N LEU J 384 -19.86 79.40 39.53
CA LEU J 384 -20.03 78.33 40.50
C LEU J 384 -19.50 77.00 39.98
N ASP J 385 -19.29 76.89 38.67
CA ASP J 385 -18.81 75.66 38.08
C ASP J 385 -17.31 75.66 37.89
N PHE J 386 -16.67 76.83 37.79
CA PHE J 386 -15.22 76.88 37.60
C PHE J 386 -14.44 76.34 38.78
N HIS J 387 -15.05 76.24 39.96
CA HIS J 387 -14.34 75.66 41.08
C HIS J 387 -14.60 74.18 41.25
N VAL J 388 -15.78 73.67 40.92
CA VAL J 388 -16.11 72.29 41.26
C VAL J 388 -16.41 71.42 40.06
N THR J 389 -15.91 71.76 38.86
CA THR J 389 -16.39 71.07 37.67
C THR J 389 -15.84 69.67 37.48
N ASP J 390 -14.74 69.32 38.13
CA ASP J 390 -14.24 67.96 38.02
C ASP J 390 -13.87 67.49 39.41
N SER J 391 -14.80 67.66 40.33
CA SER J 391 -14.55 67.44 41.75
C SER J 391 -15.45 66.33 42.26
N TYR J 392 -15.45 66.14 43.57
CA TYR J 392 -16.44 65.31 44.23
C TYR J 392 -17.71 66.05 44.57
N PHE J 393 -17.86 67.30 44.13
CA PHE J 393 -19.17 67.92 44.16
C PHE J 393 -20.01 67.45 42.99
N VAL J 394 -19.37 67.18 41.86
CA VAL J 394 -20.09 66.62 40.72
C VAL J 394 -20.53 65.20 41.02
N VAL J 395 -19.63 64.38 41.58
CA VAL J 395 -19.98 63.01 41.94
C VAL J 395 -21.00 62.99 43.08
N ALA J 396 -21.04 64.03 43.91
CA ALA J 396 -22.16 64.21 44.83
C ALA J 396 -23.43 64.57 44.09
N HIS J 397 -23.32 65.35 43.01
CA HIS J 397 -24.50 65.79 42.28
C HIS J 397 -25.21 64.63 41.59
N PHE J 398 -24.49 63.85 40.76
CA PHE J 398 -25.20 62.82 40.04
C PHE J 398 -25.35 61.53 40.81
N HIS J 399 -25.24 61.55 42.12
CA HIS J 399 -25.77 60.46 42.91
C HIS J 399 -26.91 60.90 43.78
N TYR J 400 -27.34 62.14 43.68
CA TYR J 400 -28.66 62.50 44.16
C TYR J 400 -29.66 62.58 43.04
N VAL J 401 -29.19 62.60 41.80
CA VAL J 401 -30.06 62.88 40.66
C VAL J 401 -30.15 61.69 39.70
N LEU J 402 -29.20 60.75 39.72
CA LEU J 402 -29.35 59.44 39.12
C LEU J 402 -29.98 58.46 40.09
N PHE J 403 -29.53 58.48 41.34
CA PHE J 403 -29.97 57.54 42.34
C PHE J 403 -31.42 57.76 42.73
N GLY J 404 -31.97 58.94 42.43
CA GLY J 404 -33.41 59.12 42.54
C GLY J 404 -34.15 58.38 41.44
N THR J 405 -33.81 58.65 40.17
CA THR J 405 -34.57 58.07 39.07
C THR J 405 -34.25 56.61 38.84
N ILE J 406 -33.07 56.14 39.22
CA ILE J 406 -32.60 54.81 38.83
C ILE J 406 -32.62 53.83 40.00
N VAL J 407 -32.71 54.30 41.24
CA VAL J 407 -32.85 53.42 42.37
C VAL J 407 -34.15 53.67 43.12
N PHE J 408 -34.46 54.92 43.43
CA PHE J 408 -35.71 55.15 44.12
C PHE J 408 -36.92 55.22 43.20
N ALA J 409 -36.73 55.15 41.89
CA ALA J 409 -37.84 55.12 40.97
C ALA J 409 -37.89 53.88 40.09
N THR J 410 -36.84 53.04 40.11
CA THR J 410 -36.99 51.68 39.61
C THR J 410 -37.54 50.75 40.67
N TYR J 411 -37.07 50.88 41.91
CA TYR J 411 -37.66 50.13 43.00
C TYR J 411 -39.07 50.59 43.30
N ALA J 412 -39.40 51.83 42.96
CA ALA J 412 -40.80 52.23 43.00
C ALA J 412 -41.62 51.46 41.99
N GLY J 413 -41.03 51.16 40.83
CA GLY J 413 -41.75 50.50 39.76
C GLY J 413 -41.70 49.00 39.83
N VAL J 414 -40.64 48.45 40.42
CA VAL J 414 -40.57 47.00 40.62
C VAL J 414 -41.54 46.58 41.71
N TYR J 415 -41.63 47.33 42.81
CA TYR J 415 -42.66 47.04 43.82
C TYR J 415 -44.08 47.32 43.34
N PHE J 416 -44.24 48.09 42.26
CA PHE J 416 -45.57 48.44 41.79
C PHE J 416 -46.06 47.53 40.68
N TRP J 417 -45.17 47.02 39.83
CA TRP J 417 -45.55 46.05 38.81
C TRP J 417 -44.95 44.68 39.05
N PHE J 418 -44.67 44.32 40.30
CA PHE J 418 -44.40 42.92 40.55
C PHE J 418 -45.70 42.12 40.66
N PRO J 419 -46.79 42.60 41.34
CA PRO J 419 -48.05 41.84 41.24
C PRO J 419 -48.87 42.20 40.02
N LYS J 420 -48.23 42.41 38.88
CA LYS J 420 -48.91 42.49 37.60
C LYS J 420 -48.17 41.62 36.62
N MET J 421 -46.85 41.52 36.79
CA MET J 421 -46.06 40.70 35.90
C MET J 421 -45.87 39.28 36.41
N THR J 422 -46.06 39.04 37.70
CA THR J 422 -45.90 37.70 38.25
C THR J 422 -47.13 37.17 38.96
N GLY J 423 -47.99 38.03 39.48
CA GLY J 423 -49.15 37.58 40.21
C GLY J 423 -48.94 37.39 41.69
N ARG J 424 -47.80 37.83 42.22
CA ARG J 424 -47.49 37.67 43.63
C ARG J 424 -47.22 39.04 44.23
N LEU J 425 -47.74 39.28 45.43
CA LEU J 425 -47.39 40.50 46.14
C LEU J 425 -45.98 40.39 46.69
N LEU J 426 -45.11 41.30 46.26
CA LEU J 426 -43.79 41.40 46.86
C LEU J 426 -43.96 41.96 48.26
N ASP J 427 -43.17 41.45 49.20
CA ASP J 427 -43.47 41.63 50.61
C ASP J 427 -43.18 43.06 51.06
N ASP J 428 -43.94 43.51 52.06
CA ASP J 428 -43.85 44.89 52.53
C ASP J 428 -43.01 45.05 53.79
N ARG J 429 -43.05 44.09 54.71
CA ARG J 429 -42.21 44.14 55.89
C ARG J 429 -40.74 44.00 55.52
N LEU J 430 -40.44 43.17 54.54
CA LEU J 430 -39.12 43.07 53.96
C LEU J 430 -38.92 44.11 52.87
N GLY J 431 -39.93 44.92 52.59
CA GLY J 431 -39.83 45.99 51.62
C GLY J 431 -39.53 47.32 52.26
N LYS J 432 -40.11 47.58 53.44
CA LYS J 432 -39.78 48.80 54.16
C LYS J 432 -38.38 48.74 54.74
N LEU J 433 -37.90 47.54 55.05
CA LEU J 433 -36.52 47.36 55.47
C LEU J 433 -35.55 47.74 54.37
N HIS J 434 -35.88 47.41 53.12
CA HIS J 434 -35.01 47.70 51.99
C HIS J 434 -34.94 49.18 51.69
N PHE J 435 -36.02 49.92 51.93
CA PHE J 435 -35.97 51.37 51.73
C PHE J 435 -35.11 52.05 52.78
N TRP J 436 -35.33 51.72 54.05
CA TRP J 436 -34.61 52.41 55.10
C TRP J 436 -33.21 51.88 55.32
N LEU J 437 -32.85 50.75 54.71
CA LEU J 437 -31.43 50.44 54.57
C LEU J 437 -30.82 51.14 53.38
N THR J 438 -31.64 51.58 52.44
CA THR J 438 -31.12 52.35 51.32
C THR J 438 -30.98 53.83 51.69
N LEU J 439 -32.05 54.46 52.16
CA LEU J 439 -32.01 55.91 52.37
C LEU J 439 -31.16 56.31 53.58
N ILE J 440 -31.12 55.51 54.64
CA ILE J 440 -30.22 55.82 55.74
C ILE J 440 -28.78 55.57 55.32
N GLY J 441 -28.56 54.60 54.44
CA GLY J 441 -27.25 54.40 53.87
C GLY J 441 -27.02 55.23 52.62
N PHE J 442 -27.69 56.37 52.54
CA PHE J 442 -27.56 57.29 51.44
C PHE J 442 -27.48 58.73 51.95
N HIS J 443 -27.99 58.95 53.16
CA HIS J 443 -27.51 60.06 53.98
C HIS J 443 -26.00 60.00 54.10
N THR J 444 -25.48 58.80 54.39
CA THR J 444 -24.11 58.68 54.87
C THR J 444 -23.13 58.64 53.71
N THR J 445 -23.56 58.21 52.53
CA THR J 445 -22.61 58.02 51.44
C THR J 445 -22.33 59.33 50.69
N PHE J 446 -23.37 59.94 50.11
CA PHE J 446 -23.14 60.99 49.13
C PHE J 446 -23.47 62.39 49.61
N LEU J 447 -23.98 62.56 50.82
CA LEU J 447 -24.21 63.91 51.30
C LEU J 447 -22.90 64.60 51.64
N VAL J 448 -21.91 63.82 52.13
CA VAL J 448 -20.66 64.42 52.59
C VAL J 448 -19.72 64.74 51.44
N HIS J 449 -19.96 64.20 50.24
CA HIS J 449 -19.12 64.57 49.09
C HIS J 449 -19.33 66.00 48.65
N HIS J 450 -20.47 66.61 48.99
CA HIS J 450 -20.65 68.04 48.77
C HIS J 450 -19.62 68.85 49.54
N TRP J 451 -19.39 68.50 50.80
CA TRP J 451 -18.34 69.13 51.58
C TRP J 451 -16.97 68.64 51.17
N LEU J 452 -16.86 67.37 50.80
CA LEU J 452 -15.56 66.75 50.59
C LEU J 452 -14.93 67.22 49.28
N GLY J 453 -15.74 67.61 48.32
CA GLY J 453 -15.23 67.93 47.01
C GLY J 453 -15.07 69.41 46.74
N ALA J 454 -15.90 70.23 47.37
CA ALA J 454 -15.80 71.66 47.17
C ALA J 454 -14.61 72.27 47.89
N GLU J 455 -13.98 71.54 48.81
CA GLU J 455 -12.77 72.01 49.48
C GLU J 455 -11.50 71.46 48.87
N GLY J 456 -11.59 70.64 47.82
CA GLY J 456 -10.38 70.29 47.11
C GLY J 456 -10.00 68.83 46.96
N MET J 457 -10.98 67.93 46.92
CA MET J 457 -10.73 66.54 46.55
C MET J 457 -11.38 66.29 45.21
N PRO J 458 -10.65 66.38 44.11
CA PRO J 458 -11.26 66.16 42.80
C PRO J 458 -11.55 64.69 42.56
N ARG J 459 -12.46 64.45 41.63
CA ARG J 459 -12.89 63.11 41.32
C ARG J 459 -11.78 62.35 40.60
N ARG J 460 -11.96 61.03 40.52
CA ARG J 460 -11.10 60.08 39.83
C ARG J 460 -9.71 59.96 40.44
N TYR J 461 -9.52 60.35 41.70
CA TYR J 461 -8.25 60.10 42.38
C TYR J 461 -8.27 58.74 43.05
N ALA J 462 -7.17 58.01 42.91
CA ALA J 462 -7.01 56.74 43.62
C ALA J 462 -6.47 56.96 45.02
N ASP J 463 -5.40 57.73 45.15
CA ASP J 463 -4.70 57.90 46.41
C ASP J 463 -4.59 59.38 46.72
N TYR J 464 -4.76 59.73 47.99
CA TYR J 464 -4.57 61.09 48.44
C TYR J 464 -3.59 61.09 49.60
N LEU J 465 -3.34 62.26 50.16
CA LEU J 465 -2.34 62.34 51.21
C LEU J 465 -3.00 62.50 52.58
N PRO J 466 -2.44 61.87 53.61
CA PRO J 466 -3.06 61.97 54.95
C PRO J 466 -2.87 63.31 55.61
N THR J 467 -2.00 64.19 55.09
CA THR J 467 -1.91 65.54 55.62
C THR J 467 -3.13 66.38 55.28
N ASP J 468 -3.84 66.02 54.22
CA ASP J 468 -5.09 66.68 53.89
C ASP J 468 -6.19 66.22 54.83
N GLY J 469 -7.25 67.01 54.92
CA GLY J 469 -8.32 66.71 55.85
C GLY J 469 -9.43 65.87 55.24
N PHE J 470 -9.05 64.87 54.44
CA PHE J 470 -9.99 64.06 53.70
C PHE J 470 -10.19 62.70 54.34
N THR J 471 -9.53 62.42 55.45
CA THR J 471 -9.58 61.10 56.05
C THR J 471 -10.89 60.87 56.78
N THR J 472 -11.28 61.80 57.65
CA THR J 472 -12.47 61.65 58.47
C THR J 472 -13.77 61.86 57.71
N LEU J 473 -13.70 62.17 56.42
CA LEU J 473 -14.88 62.30 55.58
C LEU J 473 -15.01 61.23 54.52
N ASN J 474 -13.91 60.60 54.12
CA ASN J 474 -14.03 59.42 53.27
C ASN J 474 -14.44 58.19 54.06
N ILE J 475 -14.15 58.17 55.36
CA ILE J 475 -14.61 57.06 56.21
C ILE J 475 -16.12 57.11 56.35
N VAL J 476 -16.68 58.32 56.46
CA VAL J 476 -18.13 58.48 56.55
C VAL J 476 -18.79 58.04 55.24
N SER J 477 -18.18 58.35 54.11
CA SER J 477 -18.73 57.95 52.82
C SER J 477 -18.42 56.51 52.45
N THR J 478 -17.70 55.76 53.28
CA THR J 478 -17.44 54.35 53.05
C THR J 478 -18.25 53.45 53.95
N ILE J 479 -18.45 53.87 55.22
CA ILE J 479 -19.36 53.19 56.13
C ILE J 479 -20.76 53.16 55.54
N GLY J 480 -21.22 54.30 55.03
CA GLY J 480 -22.53 54.35 54.42
C GLY J 480 -22.63 53.64 53.10
N SER J 481 -21.52 53.51 52.37
CA SER J 481 -21.57 52.82 51.09
C SER J 481 -21.78 51.33 51.27
N PHE J 482 -21.30 50.76 52.36
CA PHE J 482 -21.62 49.37 52.64
C PHE J 482 -23.06 49.21 53.10
N ILE J 483 -23.63 50.22 53.77
CA ILE J 483 -25.03 50.18 54.13
C ILE J 483 -25.89 50.20 52.87
N LEU J 484 -25.44 50.94 51.86
CA LEU J 484 -26.08 50.94 50.57
C LEU J 484 -25.78 49.67 49.78
N GLY J 485 -24.76 48.91 50.17
CA GLY J 485 -24.47 47.63 49.57
C GLY J 485 -25.12 46.47 50.30
N VAL J 486 -25.29 46.63 51.62
CA VAL J 486 -26.08 45.67 52.38
C VAL J 486 -27.55 45.74 51.97
N SER J 487 -28.03 46.92 51.55
CA SER J 487 -29.45 47.13 51.29
C SER J 487 -29.96 46.34 50.10
N MET J 488 -29.09 45.89 49.20
CA MET J 488 -29.54 45.03 48.10
C MET J 488 -29.84 43.60 48.56
N LEU J 489 -29.36 43.21 49.72
CA LEU J 489 -29.58 41.86 50.25
C LEU J 489 -31.01 41.61 50.77
N PRO J 490 -31.71 42.52 51.45
CA PRO J 490 -33.13 42.26 51.71
C PRO J 490 -34.05 42.57 50.54
N PHE J 491 -33.52 42.93 49.38
CA PHE J 491 -34.33 43.02 48.17
C PHE J 491 -34.24 41.78 47.31
N VAL J 492 -33.04 41.22 47.17
CA VAL J 492 -32.89 39.96 46.46
C VAL J 492 -33.59 38.85 47.22
N TRP J 493 -33.46 38.85 48.54
CA TRP J 493 -34.21 37.90 49.36
C TRP J 493 -35.70 38.17 49.33
N ASN J 494 -36.11 39.41 49.07
CA ASN J 494 -37.52 39.69 48.89
C ASN J 494 -38.01 39.13 47.57
N VAL J 495 -37.24 39.30 46.49
CA VAL J 495 -37.67 38.84 45.18
C VAL J 495 -37.55 37.33 45.07
N PHE J 496 -36.46 36.74 45.56
CA PHE J 496 -36.22 35.30 45.43
C PHE J 496 -37.24 34.48 46.21
N LYS J 497 -37.72 34.97 47.35
CA LYS J 497 -38.79 34.26 48.03
C LYS J 497 -40.13 34.54 47.38
N SER J 498 -40.47 35.81 47.19
CA SER J 498 -41.82 36.16 46.75
C SER J 498 -42.04 35.99 45.26
N TRP J 499 -41.05 35.49 44.51
CA TRP J 499 -41.29 35.14 43.12
C TRP J 499 -42.21 33.93 43.04
N ARG J 500 -41.81 32.84 43.67
CA ARG J 500 -42.55 31.59 43.65
C ARG J 500 -43.37 31.36 44.90
N TYR J 501 -42.91 31.82 46.07
CA TYR J 501 -43.75 31.90 47.24
C TYR J 501 -44.36 33.30 47.27
N GLY J 502 -44.95 33.68 48.39
CA GLY J 502 -45.51 35.01 48.44
C GLY J 502 -47.00 35.00 48.15
N GLU J 503 -47.67 36.04 48.63
CA GLU J 503 -49.12 36.05 48.68
C GLU J 503 -49.70 36.23 47.29
N PRO J 504 -50.63 35.37 46.88
CA PRO J 504 -51.14 35.43 45.51
C PRO J 504 -52.05 36.62 45.32
N VAL J 505 -52.22 37.02 44.06
CA VAL J 505 -53.19 38.05 43.69
C VAL J 505 -54.10 37.43 42.64
N THR J 506 -55.32 37.08 43.05
CA THR J 506 -56.37 36.67 42.12
C THR J 506 -57.27 37.84 41.77
N VAL J 507 -56.68 39.02 41.67
CA VAL J 507 -57.38 40.30 41.71
C VAL J 507 -56.78 41.17 40.60
N ASP J 508 -57.63 41.77 39.77
CA ASP J 508 -57.11 42.46 38.59
C ASP J 508 -56.37 43.74 38.90
N ASP J 509 -56.44 44.24 40.14
CA ASP J 509 -55.71 45.44 40.54
C ASP J 509 -55.38 45.31 42.02
N PRO J 510 -54.14 44.96 42.35
CA PRO J 510 -53.80 44.72 43.75
C PRO J 510 -53.67 45.97 44.58
N TRP J 511 -53.44 47.13 43.96
CA TRP J 511 -53.19 48.36 44.69
C TRP J 511 -54.43 49.26 44.78
N GLY J 512 -55.60 48.70 44.54
CA GLY J 512 -56.83 49.41 44.85
C GLY J 512 -57.36 50.46 43.93
N TYR J 513 -56.54 51.41 43.55
CA TYR J 513 -57.01 52.60 42.85
C TYR J 513 -56.15 52.85 41.63
N GLY J 514 -55.92 51.80 40.86
CA GLY J 514 -55.09 51.91 39.68
C GLY J 514 -55.74 52.74 38.60
N ASN J 515 -54.90 53.40 37.82
CA ASN J 515 -55.35 54.39 36.84
C ASN J 515 -55.37 53.85 35.43
N SER J 516 -54.22 53.40 34.94
CA SER J 516 -54.05 53.14 33.53
C SER J 516 -54.67 51.79 33.16
N LEU J 517 -54.51 51.43 31.89
CA LEU J 517 -55.29 50.35 31.31
C LEU J 517 -54.80 48.98 31.75
N GLU J 518 -53.57 48.89 32.24
CA GLU J 518 -53.03 47.63 32.72
C GLU J 518 -53.67 47.14 34.01
N TRP J 519 -54.32 48.02 34.78
CA TRP J 519 -54.97 47.59 36.01
C TRP J 519 -56.40 47.15 35.77
N ALA J 520 -56.78 46.92 34.51
CA ALA J 520 -58.05 46.35 34.15
C ALA J 520 -57.94 44.93 33.60
N THR J 521 -56.73 44.42 33.42
CA THR J 521 -56.50 43.06 32.98
C THR J 521 -55.97 42.22 34.15
N SER J 522 -55.98 40.91 33.96
CA SER J 522 -55.62 39.99 35.02
C SER J 522 -54.13 40.05 35.31
N CYS J 523 -53.75 39.62 36.51
CA CYS J 523 -52.33 39.60 36.84
C CYS J 523 -51.91 38.16 37.15
N PRO J 524 -50.98 37.58 36.37
CA PRO J 524 -50.35 38.10 35.15
C PRO J 524 -51.31 38.11 33.98
N PRO J 525 -51.12 39.00 33.00
CA PRO J 525 -52.02 39.06 31.88
C PRO J 525 -51.89 37.83 31.00
N PRO J 526 -52.87 37.55 30.16
CA PRO J 526 -52.69 36.49 29.16
C PRO J 526 -51.65 36.87 28.11
N ARG J 527 -51.40 35.97 27.15
CA ARG J 527 -50.26 36.15 26.26
C ARG J 527 -50.49 37.28 25.26
N HIS J 528 -51.73 37.74 25.09
CA HIS J 528 -52.00 38.97 24.35
C HIS J 528 -52.67 40.02 25.22
N ASN J 529 -52.35 40.00 26.51
CA ASN J 529 -52.49 41.09 27.48
C ASN J 529 -53.92 41.39 27.91
N PHE J 530 -54.92 40.90 27.20
CA PHE J 530 -56.26 41.40 27.42
C PHE J 530 -57.30 40.35 27.12
N THR J 531 -58.29 40.28 27.99
CA THR J 531 -59.48 39.46 27.80
C THR J 531 -60.70 40.30 27.47
N GLU J 532 -60.85 41.46 28.10
CA GLU J 532 -61.88 42.42 27.76
C GLU J 532 -61.30 43.81 27.91
N LEU J 533 -61.30 44.59 26.84
CA LEU J 533 -60.93 45.99 26.96
C LEU J 533 -62.07 46.78 27.57
N PRO J 534 -61.82 47.61 28.57
CA PRO J 534 -62.88 48.47 29.11
C PRO J 534 -63.12 49.66 28.18
N ARG J 535 -64.26 50.32 28.42
CA ARG J 535 -64.67 51.49 27.67
C ARG J 535 -63.81 52.67 28.09
N ILE J 536 -62.96 53.13 27.19
CA ILE J 536 -62.03 54.24 27.44
C ILE J 536 -62.72 55.57 27.14
N ARG J 537 -62.87 56.42 28.17
CA ARG J 537 -63.43 57.75 27.99
C ARG J 537 -62.67 58.86 28.71
N SER J 538 -61.74 58.56 29.60
CA SER J 538 -61.05 59.60 30.34
C SER J 538 -59.57 59.26 30.43
N GLU J 539 -58.85 60.00 31.26
CA GLU J 539 -57.41 59.85 31.34
C GLU J 539 -57.01 58.54 32.01
N ARG J 540 -57.88 57.99 32.85
CA ARG J 540 -57.59 56.74 33.55
C ARG J 540 -58.74 55.75 33.39
N PRO J 541 -58.55 54.69 32.61
CA PRO J 541 -59.67 53.78 32.34
C PRO J 541 -60.05 52.91 33.51
N ALA J 542 -59.07 52.36 34.22
CA ALA J 542 -59.35 51.39 35.27
C ALA J 542 -59.75 52.04 36.58
N PHE J 543 -60.05 53.33 36.59
CA PHE J 543 -60.70 53.98 37.73
C PHE J 543 -62.14 54.36 37.43
N GLU J 544 -62.48 54.58 36.17
CA GLU J 544 -63.89 54.58 35.80
C GLU J 544 -64.46 53.16 35.88
N LEU J 545 -63.74 52.20 35.31
CA LEU J 545 -63.97 50.81 35.67
C LEU J 545 -63.52 50.60 37.11
N HIS J 546 -64.15 49.63 37.79
CA HIS J 546 -64.04 49.25 39.21
C HIS J 546 -64.72 50.27 40.13
N TYR J 547 -65.09 51.43 39.61
CA TYR J 547 -65.74 52.48 40.40
C TYR J 547 -66.66 53.27 39.50
N PRO J 548 -67.86 52.75 39.20
CA PRO J 548 -68.77 53.48 38.32
C PRO J 548 -69.42 54.69 38.95
N HIS J 549 -69.47 54.76 40.28
CA HIS J 549 -70.14 55.85 40.97
C HIS J 549 -69.24 57.07 41.16
N MET J 550 -68.03 57.06 40.61
CA MET J 550 -67.13 58.20 40.70
C MET J 550 -67.11 59.04 39.43
N ILE J 551 -67.81 58.62 38.38
CA ILE J 551 -67.76 59.28 37.08
C ILE J 551 -68.35 60.68 37.16
N GLU J 552 -69.34 60.89 38.04
CA GLU J 552 -69.85 62.23 38.27
C GLU J 552 -68.91 63.09 39.10
N ARG J 553 -67.82 62.53 39.62
CA ARG J 553 -66.85 63.30 40.38
C ARG J 553 -65.52 63.50 39.67
N LEU J 554 -65.23 62.71 38.64
CA LEU J 554 -64.03 62.97 37.83
C LEU J 554 -64.22 64.12 36.85
N ARG J 555 -65.44 64.63 36.67
CA ARG J 555 -65.68 65.74 35.77
C ARG J 555 -66.12 67.02 36.47
N ALA J 556 -67.03 66.92 37.43
CA ALA J 556 -67.55 68.12 38.06
C ALA J 556 -66.59 68.67 39.12
N GLU J 557 -65.93 67.78 39.86
CA GLU J 557 -65.09 68.20 40.98
C GLU J 557 -63.68 68.60 40.56
N SER J 558 -63.34 68.47 39.28
CA SER J 558 -62.08 68.96 38.77
C SER J 558 -62.17 70.47 38.56
N HIS J 559 -61.05 71.05 38.07
CA HIS J 559 -60.87 72.46 37.76
C HIS J 559 -61.21 73.38 38.93
N PRO J 560 -60.35 73.49 39.96
CA PRO J 560 -60.60 74.44 41.05
C PRO J 560 -60.55 75.90 40.59
N MET K 1 -54.71 61.65 12.83
CA MET K 1 -53.33 61.35 13.15
C MET K 1 -52.58 62.68 13.25
N HIS K 2 -53.32 63.69 13.69
CA HIS K 2 -52.85 65.07 13.75
C HIS K 2 -51.80 65.29 14.84
N ILE K 3 -52.09 64.88 16.07
CA ILE K 3 -51.18 65.10 17.19
C ILE K 3 -50.14 64.01 17.33
N GLU K 4 -50.02 63.11 16.35
CA GLU K 4 -48.80 62.33 16.16
C GLU K 4 -47.80 63.08 15.30
N ALA K 5 -48.27 63.93 14.41
CA ALA K 5 -47.44 64.72 13.52
C ALA K 5 -47.05 66.06 14.12
N ARG K 6 -47.95 66.64 14.92
CA ARG K 6 -47.66 67.89 15.60
C ARG K 6 -46.62 67.72 16.69
N LEU K 7 -46.50 66.52 17.25
CA LEU K 7 -45.46 66.22 18.23
C LEU K 7 -44.07 66.27 17.61
N PHE K 8 -43.95 65.97 16.32
CA PHE K 8 -42.69 66.08 15.60
C PHE K 8 -42.53 67.41 14.87
N GLU K 9 -43.55 68.26 14.88
CA GLU K 9 -43.45 69.57 14.25
C GLU K 9 -43.30 70.69 15.28
N ILE K 10 -43.37 70.38 16.56
CA ILE K 10 -42.96 71.32 17.59
C ILE K 10 -41.47 71.22 17.85
N LEU K 11 -40.94 70.00 17.82
CA LEU K 11 -39.51 69.79 18.03
C LEU K 11 -38.67 70.34 16.89
N THR K 12 -39.16 70.24 15.65
CA THR K 12 -38.40 70.83 14.55
C THR K 12 -38.57 72.34 14.45
N ALA K 13 -39.54 72.91 15.15
CA ALA K 13 -39.61 74.36 15.23
C ALA K 13 -38.71 74.89 16.32
N PHE K 14 -38.43 74.08 17.34
CA PHE K 14 -37.51 74.50 18.38
C PHE K 14 -36.06 74.32 17.95
N PHE K 15 -35.75 73.20 17.30
CA PHE K 15 -34.37 72.91 16.92
C PHE K 15 -33.92 73.80 15.78
N ALA K 16 -34.82 74.19 14.89
CA ALA K 16 -34.49 75.21 13.91
C ALA K 16 -34.30 76.56 14.57
N LEU K 17 -35.03 76.82 15.67
CA LEU K 17 -34.77 78.02 16.45
C LEU K 17 -33.52 77.88 17.29
N ALA K 18 -33.07 76.67 17.58
CA ALA K 18 -31.86 76.45 18.35
C ALA K 18 -30.66 76.13 17.50
N ALA K 19 -30.81 76.07 16.17
CA ALA K 19 -29.66 75.96 15.27
C ALA K 19 -29.36 77.24 14.52
N VAL K 20 -30.37 78.10 14.30
CA VAL K 20 -30.10 79.44 13.78
C VAL K 20 -29.46 80.30 14.85
N VAL K 21 -29.97 80.22 16.09
CA VAL K 21 -29.43 81.01 17.18
C VAL K 21 -28.04 80.53 17.57
N TYR K 22 -27.80 79.22 17.49
CA TYR K 22 -26.48 78.72 17.87
C TYR K 22 -25.43 79.01 16.81
N ALA K 23 -25.80 78.99 15.53
CA ALA K 23 -24.82 79.29 14.49
C ALA K 23 -24.49 80.78 14.46
N VAL K 24 -25.47 81.64 14.73
CA VAL K 24 -25.22 83.07 14.72
C VAL K 24 -24.41 83.49 15.95
N LEU K 25 -24.79 82.99 17.13
CA LEU K 25 -24.07 83.37 18.35
C LEU K 25 -22.68 82.75 18.45
N THR K 26 -22.34 81.78 17.62
CA THR K 26 -20.96 81.35 17.51
C THR K 26 -20.29 81.91 16.27
N ALA K 27 -20.99 82.72 15.49
CA ALA K 27 -20.35 83.40 14.37
C ALA K 27 -19.75 84.72 14.77
N MET K 28 -20.37 85.43 15.71
CA MET K 28 -19.92 86.75 16.11
C MET K 28 -19.36 86.79 17.52
N PHE K 29 -19.50 85.72 18.30
CA PHE K 29 -19.16 85.76 19.71
C PHE K 29 -18.30 84.60 20.18
N ALA K 30 -18.04 83.60 19.34
CA ALA K 30 -17.05 82.60 19.71
C ALA K 30 -15.65 83.19 19.63
N THR K 31 -14.71 82.53 20.29
CA THR K 31 -13.34 83.05 20.36
C THR K 31 -12.60 82.92 19.04
N GLY K 32 -13.09 82.08 18.13
CA GLY K 32 -12.51 81.97 16.80
C GLY K 32 -13.54 82.24 15.73
N GLY K 33 -13.80 81.24 14.89
CA GLY K 33 -14.81 81.33 13.86
C GLY K 33 -16.12 80.70 14.29
N VAL K 34 -16.91 80.32 13.29
CA VAL K 34 -18.16 79.61 13.54
C VAL K 34 -17.83 78.21 14.03
N GLU K 35 -18.40 77.83 15.16
CA GLU K 35 -18.19 76.47 15.67
C GLU K 35 -19.04 75.49 14.89
N TRP K 36 -18.39 74.47 14.31
CA TRP K 36 -19.07 73.55 13.42
C TRP K 36 -19.45 72.23 14.06
N ALA K 37 -18.84 71.86 15.17
CA ALA K 37 -19.11 70.54 15.76
C ALA K 37 -20.43 70.50 16.50
N GLY K 38 -21.04 71.64 16.77
CA GLY K 38 -22.31 71.65 17.46
C GLY K 38 -23.45 72.08 16.58
N THR K 39 -23.18 72.99 15.64
CA THR K 39 -24.22 73.39 14.70
C THR K 39 -24.47 72.35 13.63
N THR K 40 -23.58 71.38 13.47
CA THR K 40 -23.86 70.28 12.55
C THR K 40 -24.91 69.36 13.14
N ALA K 41 -24.79 69.05 14.41
CA ALA K 41 -25.72 68.16 15.08
C ALA K 41 -27.04 68.82 15.46
N LEU K 42 -27.18 70.12 15.25
CA LEU K 42 -28.46 70.78 15.45
C LEU K 42 -29.19 71.07 14.15
N VAL K 43 -28.47 71.26 13.04
CA VAL K 43 -29.12 71.32 11.74
C VAL K 43 -29.57 69.93 11.31
N LEU K 44 -28.93 68.88 11.81
CA LEU K 44 -29.35 67.53 11.50
C LEU K 44 -30.19 66.87 12.59
N THR K 45 -30.48 67.56 13.69
CA THR K 45 -31.54 67.09 14.58
C THR K 45 -32.85 67.83 14.35
N THR K 46 -32.83 68.92 13.59
CA THR K 46 -34.03 69.41 12.94
C THR K 46 -34.17 68.84 11.54
N GLY K 47 -33.32 67.89 11.19
CA GLY K 47 -33.52 67.07 10.02
C GLY K 47 -34.04 65.71 10.44
N LEU K 48 -33.78 65.32 11.68
CA LEU K 48 -34.39 64.12 12.23
C LEU K 48 -35.89 64.30 12.35
N THR K 49 -36.32 65.39 12.97
CA THR K 49 -37.74 65.68 13.15
C THR K 49 -38.34 66.43 11.96
N LEU K 50 -37.71 66.33 10.79
CA LEU K 50 -38.31 66.82 9.56
C LEU K 50 -38.46 65.73 8.51
N ILE K 51 -37.55 64.76 8.48
CA ILE K 51 -37.82 63.53 7.73
C ILE K 51 -38.97 62.77 8.37
N THR K 52 -38.92 62.61 9.69
CA THR K 52 -39.99 61.95 10.41
C THR K 52 -41.22 62.83 10.52
N GLY K 53 -41.02 64.13 10.72
CA GLY K 53 -42.15 65.01 10.96
C GLY K 53 -43.02 65.26 9.74
N THR K 54 -42.40 65.49 8.59
CA THR K 54 -43.18 65.72 7.38
C THR K 54 -43.74 64.43 6.81
N PHE K 55 -43.22 63.26 7.20
CA PHE K 55 -43.85 62.02 6.78
C PHE K 55 -45.14 61.76 7.55
N PHE K 56 -45.17 62.03 8.85
CA PHE K 56 -46.42 61.94 9.58
C PHE K 56 -47.44 62.98 9.14
N ARG K 57 -46.99 64.09 8.55
CA ARG K 57 -47.93 65.08 8.05
C ARG K 57 -48.57 64.59 6.75
N PHE K 58 -47.80 63.94 5.88
CA PHE K 58 -48.35 63.37 4.66
C PHE K 58 -49.29 62.20 4.93
N VAL K 59 -49.15 61.52 6.06
CA VAL K 59 -50.02 60.40 6.41
C VAL K 59 -51.28 60.86 7.11
N ALA K 60 -51.20 61.87 7.98
CA ALA K 60 -52.38 62.44 8.62
C ALA K 60 -53.23 63.26 7.66
N ARG K 61 -52.70 63.63 6.50
CA ARG K 61 -53.45 64.34 5.48
C ARG K 61 -54.09 63.37 4.49
N ARG K 62 -53.70 62.10 4.50
CA ARG K 62 -54.27 61.09 3.62
C ARG K 62 -55.30 60.22 4.36
N LEU K 63 -55.07 59.93 5.63
CA LEU K 63 -55.92 59.03 6.39
C LEU K 63 -57.10 59.77 6.99
N ASP K 64 -58.21 59.05 7.10
CA ASP K 64 -59.39 59.53 7.78
C ASP K 64 -59.24 59.32 9.28
N THR K 65 -60.26 59.73 10.03
CA THR K 65 -60.22 59.57 11.48
C THR K 65 -60.36 58.11 11.86
N ARG K 66 -59.22 57.49 12.20
CA ARG K 66 -59.13 56.11 12.65
C ARG K 66 -59.70 56.02 14.05
N PRO K 67 -60.05 54.82 14.57
CA PRO K 67 -60.71 54.77 15.90
C PRO K 67 -59.87 55.23 17.07
N GLU K 68 -58.56 55.41 16.90
CA GLU K 68 -57.78 56.04 17.95
C GLU K 68 -57.99 57.55 17.98
N ASP K 69 -58.24 58.16 16.82
CA ASP K 69 -58.25 59.61 16.77
C ASP K 69 -59.60 60.19 17.19
N TYR K 70 -60.64 59.35 17.24
CA TYR K 70 -61.94 59.86 17.64
C TYR K 70 -61.99 60.02 19.16
N GLU K 71 -62.80 60.98 19.61
CA GLU K 71 -62.79 61.40 21.01
C GLU K 71 -63.30 60.31 21.93
N ASP K 72 -64.54 59.86 21.69
CA ASP K 72 -65.15 58.78 22.47
C ASP K 72 -65.72 57.73 21.51
N ALA K 73 -64.84 56.85 21.05
CA ALA K 73 -65.23 55.76 20.16
C ALA K 73 -65.48 54.52 20.99
N GLU K 74 -66.47 53.73 20.58
CA GLU K 74 -66.77 52.49 21.28
C GLU K 74 -65.67 51.47 21.01
N ILE K 75 -65.57 50.51 21.92
CA ILE K 75 -64.52 49.49 21.80
C ILE K 75 -64.83 48.47 20.72
N SER K 76 -66.07 48.42 20.23
CA SER K 76 -66.46 47.48 19.20
C SER K 76 -66.21 47.99 17.80
N ASP K 77 -65.28 48.94 17.64
CA ASP K 77 -64.93 49.43 16.32
C ASP K 77 -63.74 48.69 15.72
N GLY K 78 -62.90 48.09 16.55
CA GLY K 78 -61.78 47.33 16.06
C GLY K 78 -62.12 45.86 15.91
N ALA K 79 -63.15 45.55 15.13
CA ALA K 79 -63.57 44.16 14.97
C ALA K 79 -62.70 43.39 13.98
N GLY K 80 -61.86 44.08 13.21
CA GLY K 80 -61.10 43.44 12.16
C GLY K 80 -59.86 42.73 12.69
N GLU K 81 -58.91 42.54 11.79
CA GLU K 81 -57.64 41.91 12.13
C GLU K 81 -56.59 42.97 12.42
N LEU K 82 -55.73 42.69 13.40
CA LEU K 82 -54.63 43.60 13.70
C LEU K 82 -53.57 43.55 12.61
N GLY K 83 -53.08 42.37 12.31
CA GLY K 83 -52.03 42.22 11.34
C GLY K 83 -51.24 40.96 11.65
N PHE K 84 -49.94 41.01 11.38
CA PHE K 84 -49.08 39.88 11.62
C PHE K 84 -48.08 40.22 12.71
N PHE K 85 -47.87 39.26 13.62
CA PHE K 85 -46.94 39.42 14.73
C PHE K 85 -46.23 38.09 14.90
N ALA K 86 -44.92 38.10 14.81
CA ALA K 86 -44.15 36.86 14.91
C ALA K 86 -44.26 36.28 16.32
N PRO K 87 -44.81 35.08 16.48
CA PRO K 87 -45.03 34.55 17.83
C PRO K 87 -43.77 34.07 18.51
N HIS K 88 -42.84 33.50 17.75
CA HIS K 88 -41.58 33.00 18.29
C HIS K 88 -40.59 32.83 17.16
N SER K 89 -39.32 33.12 17.44
CA SER K 89 -38.27 33.04 16.44
C SER K 89 -36.92 33.04 17.14
N TRP K 90 -36.06 32.08 16.78
CA TRP K 90 -34.68 32.03 17.24
C TRP K 90 -33.72 32.73 16.32
N TRP K 91 -34.22 33.59 15.46
CA TRP K 91 -33.34 34.42 14.65
C TRP K 91 -32.80 35.69 15.32
N PRO K 92 -33.52 36.41 16.21
CA PRO K 92 -32.86 37.52 16.91
C PRO K 92 -31.70 37.13 17.81
N ILE K 93 -31.64 35.91 18.33
CA ILE K 93 -30.46 35.52 19.11
C ILE K 93 -29.25 35.32 18.20
N LEU K 94 -29.46 34.95 16.94
CA LEU K 94 -28.36 34.67 16.04
C LEU K 94 -27.97 35.86 15.18
N ILE K 95 -28.65 36.98 15.30
CA ILE K 95 -28.17 38.22 14.70
C ILE K 95 -27.36 39.01 15.72
N SER K 96 -27.74 38.93 16.98
CA SER K 96 -26.97 39.57 18.04
C SER K 96 -25.63 38.89 18.23
N LEU K 97 -25.59 37.56 18.17
CA LEU K 97 -24.30 36.86 18.21
C LEU K 97 -23.49 37.10 16.95
N SER K 98 -24.15 37.29 15.81
CA SER K 98 -23.41 37.51 14.58
C SER K 98 -22.92 38.94 14.44
N PHE K 99 -23.62 39.90 15.04
CA PHE K 99 -23.14 41.27 15.04
C PHE K 99 -22.14 41.51 16.15
N SER K 100 -22.16 40.68 17.20
CA SER K 100 -21.15 40.77 18.24
C SER K 100 -19.93 39.89 17.94
N THR K 101 -19.92 39.16 16.83
CA THR K 101 -18.69 38.56 16.35
C THR K 101 -18.11 39.31 15.17
N ALA K 102 -18.74 40.40 14.75
CA ALA K 102 -18.13 41.36 13.85
C ALA K 102 -17.73 42.62 14.57
N ALA K 103 -17.93 42.66 15.89
CA ALA K 103 -17.54 43.78 16.72
C ALA K 103 -16.43 43.44 17.70
N VAL K 104 -16.34 42.17 18.11
CA VAL K 104 -15.12 41.69 18.75
C VAL K 104 -13.95 41.79 17.78
N GLY K 105 -14.16 41.34 16.54
CA GLY K 105 -13.12 41.43 15.54
C GLY K 105 -12.82 42.82 15.08
N ALA K 106 -13.80 43.72 15.16
CA ALA K 106 -13.51 45.11 14.87
C ALA K 106 -12.76 45.78 16.01
N ALA K 107 -12.86 45.25 17.23
CA ALA K 107 -12.15 45.79 18.36
C ALA K 107 -10.73 45.24 18.46
N LEU K 108 -10.56 43.94 18.31
CA LEU K 108 -9.24 43.35 18.35
C LEU K 108 -8.48 43.50 17.04
N TRP K 109 -9.14 44.04 16.01
CA TRP K 109 -8.63 44.21 14.66
C TRP K 109 -8.14 42.87 14.08
N LEU K 110 -9.13 42.01 13.89
CA LEU K 110 -8.94 40.70 13.25
C LEU K 110 -9.72 40.70 11.95
N PRO K 111 -9.06 40.91 10.81
CA PRO K 111 -9.80 40.96 9.54
C PRO K 111 -10.37 39.62 9.12
N TRP K 112 -9.84 38.51 9.62
CA TRP K 112 -10.40 37.20 9.34
C TRP K 112 -11.65 36.91 10.15
N LEU K 113 -11.96 37.73 11.15
CA LEU K 113 -13.14 37.54 11.98
C LEU K 113 -14.14 38.68 11.86
N ILE K 114 -13.75 39.82 11.29
CA ILE K 114 -14.74 40.77 10.81
C ILE K 114 -15.46 40.20 9.61
N ALA K 115 -14.70 39.73 8.61
CA ALA K 115 -15.28 39.18 7.40
C ALA K 115 -15.97 37.86 7.65
N ALA K 116 -15.62 37.15 8.71
CA ALA K 116 -16.42 36.01 9.13
C ALA K 116 -17.63 36.44 9.96
N GLY K 117 -17.62 37.66 10.47
CA GLY K 117 -18.73 38.16 11.26
C GLY K 117 -19.76 38.88 10.41
N VAL K 118 -19.31 39.52 9.34
CA VAL K 118 -20.24 40.14 8.40
C VAL K 118 -21.00 39.07 7.64
N ALA K 119 -20.32 37.97 7.29
CA ALA K 119 -21.01 36.87 6.61
C ALA K 119 -21.94 36.12 7.54
N PHE K 120 -21.69 36.15 8.85
CA PHE K 120 -22.66 35.57 9.77
C PHE K 120 -23.86 36.48 9.96
N VAL K 121 -23.70 37.79 9.76
CA VAL K 121 -24.84 38.70 9.86
C VAL K 121 -25.79 38.49 8.69
N ILE K 122 -25.24 38.41 7.47
CA ILE K 122 -26.08 38.31 6.28
C ILE K 122 -26.77 36.95 6.22
N THR K 123 -26.09 35.87 6.62
CA THR K 123 -26.76 34.58 6.64
C THR K 123 -27.72 34.40 7.80
N SER K 124 -27.80 35.36 8.72
CA SER K 124 -28.81 35.32 9.77
C SER K 124 -29.84 36.43 9.65
N VAL K 125 -29.51 37.55 8.98
CA VAL K 125 -30.55 38.47 8.57
C VAL K 125 -31.41 37.84 7.48
N CYS K 126 -30.81 37.00 6.63
CA CYS K 126 -31.59 36.17 5.71
C CYS K 126 -32.53 35.23 6.45
N GLY K 127 -32.13 34.75 7.62
CA GLY K 127 -33.00 33.86 8.37
C GLY K 127 -34.19 34.57 8.99
N LEU K 128 -33.97 35.79 9.49
CA LEU K 128 -35.06 36.51 10.13
C LEU K 128 -36.03 37.09 9.12
N VAL K 129 -35.52 37.50 7.96
CA VAL K 129 -36.38 38.07 6.92
C VAL K 129 -37.20 36.98 6.26
N PHE K 130 -36.55 35.91 5.84
CA PHE K 130 -37.22 34.87 5.06
C PHE K 130 -38.03 33.92 5.91
N GLU K 131 -38.27 34.21 7.19
CA GLU K 131 -38.77 33.17 8.10
C GLU K 131 -40.22 32.81 7.79
N TYR K 132 -41.04 33.79 7.44
CA TYR K 132 -42.44 33.54 7.16
C TYR K 132 -42.74 33.52 5.67
N TYR K 133 -41.71 33.29 4.83
CA TYR K 133 -41.89 33.14 3.38
C TYR K 133 -41.01 31.97 2.93
N TRP K 134 -41.50 30.76 3.04
CA TRP K 134 -40.73 29.70 2.39
C TRP K 134 -41.56 28.79 1.50
N GLY K 135 -42.76 28.42 1.92
CA GLY K 135 -43.47 27.35 1.28
C GLY K 135 -42.94 26.01 1.73
N PRO K 136 -43.62 24.94 1.34
CA PRO K 136 -43.16 23.60 1.75
C PRO K 136 -41.94 23.15 0.99
N GLU K 137 -41.54 21.91 1.19
CA GLU K 137 -40.42 21.36 0.44
C GLU K 137 -40.90 20.70 -0.84
N LYS K 138 -39.95 20.43 -1.74
CA LYS K 138 -40.27 19.78 -3.00
C LYS K 138 -39.90 18.31 -3.03
N HIS K 139 -39.08 17.86 -2.08
CA HIS K 139 -38.57 16.48 -1.96
C HIS K 139 -37.89 15.97 -3.24
N ASN L 20 -57.40 52.57 6.34
CA ASN L 20 -57.31 53.70 7.26
C ASN L 20 -56.32 53.47 8.39
N ARG L 21 -55.30 52.65 8.14
CA ARG L 21 -54.27 52.37 9.13
C ARG L 21 -52.91 52.73 8.54
N PRO L 22 -52.04 53.38 9.29
CA PRO L 22 -50.92 54.08 8.66
C PRO L 22 -49.67 53.26 8.38
N ASN L 23 -49.79 52.00 7.95
CA ASN L 23 -48.70 51.22 7.34
C ASN L 23 -47.47 51.15 8.26
N MET L 24 -47.63 50.38 9.34
CA MET L 24 -46.66 50.27 10.44
C MET L 24 -45.20 50.12 10.02
N VAL L 25 -44.93 49.27 9.04
CA VAL L 25 -43.55 49.02 8.62
C VAL L 25 -42.98 50.25 7.94
N SER L 26 -43.81 51.01 7.23
CA SER L 26 -43.35 52.27 6.65
C SER L 26 -43.09 53.32 7.73
N VAL L 27 -43.88 53.33 8.79
CA VAL L 27 -43.61 54.22 9.92
C VAL L 27 -42.37 53.76 10.66
N GLY L 28 -42.20 52.46 10.82
CA GLY L 28 -41.04 51.93 11.53
C GLY L 28 -39.73 52.07 10.78
N THR L 29 -39.78 52.37 9.49
CA THR L 29 -38.54 52.58 8.76
C THR L 29 -38.12 54.05 8.78
N ILE L 30 -39.06 54.96 8.55
CA ILE L 30 -38.72 56.38 8.49
C ILE L 30 -38.40 56.93 9.87
N VAL L 31 -38.98 56.33 10.91
CA VAL L 31 -38.51 56.59 12.27
C VAL L 31 -37.07 56.09 12.43
N TRP L 32 -36.74 54.95 11.84
CA TRP L 32 -35.36 54.49 11.89
C TRP L 32 -34.46 55.30 10.96
N LEU L 33 -34.95 55.68 9.78
CA LEU L 33 -34.13 56.40 8.81
C LEU L 33 -33.76 57.80 9.27
N SER L 34 -34.43 58.33 10.30
CA SER L 34 -33.99 59.57 10.90
C SER L 34 -32.82 59.36 11.85
N SER L 35 -32.57 58.13 12.28
CA SER L 35 -31.40 57.87 13.11
C SER L 35 -30.13 57.85 12.29
N GLU L 36 -30.19 57.27 11.09
CA GLU L 36 -29.03 57.22 10.22
C GLU L 36 -28.64 58.59 9.69
N LEU L 37 -29.57 59.55 9.69
CA LEU L 37 -29.18 60.94 9.42
C LEU L 37 -28.31 61.48 10.55
N MET L 38 -28.59 61.09 11.79
CA MET L 38 -27.72 61.48 12.89
C MET L 38 -26.42 60.67 12.92
N PHE L 39 -26.38 59.51 12.27
CA PHE L 39 -25.10 58.84 12.10
C PHE L 39 -24.22 59.59 11.12
N PHE L 40 -24.81 60.22 10.11
CA PHE L 40 -24.09 61.11 9.22
C PHE L 40 -24.11 62.55 9.72
N ALA L 41 -24.51 62.78 10.97
CA ALA L 41 -24.30 64.09 11.58
C ALA L 41 -22.97 64.15 12.30
N GLY L 42 -22.57 63.05 12.93
CA GLY L 42 -21.26 62.97 13.52
C GLY L 42 -20.15 62.76 12.54
N LEU L 43 -20.47 62.40 11.30
CA LEU L 43 -19.47 62.28 10.25
C LEU L 43 -19.30 63.56 9.46
N PHE L 44 -20.32 64.39 9.39
CA PHE L 44 -20.13 65.73 8.84
C PHE L 44 -19.41 66.61 9.82
N ALA L 45 -19.71 66.47 11.12
CA ALA L 45 -19.10 67.30 12.14
C ALA L 45 -17.63 66.96 12.35
N MET L 46 -17.15 65.83 11.85
CA MET L 46 -15.72 65.61 11.77
C MET L 46 -15.14 66.28 10.54
N TYR L 47 -15.93 66.44 9.49
CA TYR L 47 -15.41 67.03 8.26
C TYR L 47 -15.26 68.54 8.38
N PHE L 48 -16.28 69.21 8.91
CA PHE L 48 -16.23 70.67 8.95
C PHE L 48 -15.25 71.17 10.00
N THR L 49 -15.06 70.43 11.09
CA THR L 49 -14.11 70.89 12.11
C THR L 49 -12.67 70.61 11.73
N ALA L 50 -12.42 69.78 10.72
CA ALA L 50 -11.10 69.59 10.16
C ALA L 50 -10.90 70.41 8.90
N ARG L 51 -11.91 71.16 8.49
CA ARG L 51 -11.80 72.15 7.43
C ARG L 51 -11.61 73.56 7.98
N ALA L 52 -12.30 73.89 9.06
CA ALA L 52 -12.20 75.24 9.62
C ALA L 52 -10.96 75.38 10.48
N GLN L 53 -10.86 74.61 11.56
CA GLN L 53 -9.78 74.75 12.52
C GLN L 53 -8.48 74.07 12.09
N ALA L 54 -8.41 73.54 10.87
CA ALA L 54 -7.18 72.94 10.38
C ALA L 54 -6.80 73.35 8.97
N GLY L 55 -7.72 73.90 8.19
CA GLY L 55 -7.41 74.25 6.82
C GLY L 55 -6.93 75.67 6.66
N GLY L 56 -5.60 75.85 6.59
CA GLY L 56 -5.08 77.16 6.25
C GLY L 56 -5.27 77.47 4.78
N ALA L 57 -4.84 76.55 3.91
CA ALA L 57 -5.14 76.63 2.50
C ALA L 57 -6.43 75.86 2.21
N TRP L 58 -6.70 75.62 0.93
CA TRP L 58 -7.82 74.74 0.58
C TRP L 58 -7.49 73.31 1.01
N PRO L 59 -8.48 72.56 1.50
CA PRO L 59 -8.19 71.29 2.20
C PRO L 59 -7.57 70.20 1.34
N PRO L 60 -7.83 70.11 0.00
CA PRO L 60 -6.96 69.20 -0.77
C PRO L 60 -5.61 69.82 -1.10
N GLU L 61 -4.61 69.71 -0.22
CA GLU L 61 -3.32 70.31 -0.55
C GLU L 61 -2.44 69.43 -1.46
N PRO L 62 -2.22 68.13 -1.22
CA PRO L 62 -1.46 67.36 -2.21
C PRO L 62 -2.30 66.62 -3.23
N THR L 63 -3.62 66.61 -3.09
CA THR L 63 -4.51 65.90 -4.00
C THR L 63 -5.36 66.89 -4.79
N GLU L 64 -6.01 66.36 -5.82
CA GLU L 64 -6.95 67.12 -6.64
C GLU L 64 -8.20 66.28 -6.83
N LEU L 65 -9.32 66.76 -6.31
CA LEU L 65 -10.60 66.08 -6.47
C LEU L 65 -11.10 66.28 -7.89
N ASN L 66 -11.20 65.20 -8.65
CA ASN L 66 -11.72 65.26 -10.01
C ASN L 66 -13.23 65.10 -10.01
N LEU L 67 -13.93 66.04 -10.66
CA LEU L 67 -15.37 65.89 -10.82
C LEU L 67 -15.69 64.80 -11.83
N ALA L 68 -14.84 64.61 -12.83
CA ALA L 68 -14.92 63.41 -13.65
C ALA L 68 -14.61 62.20 -12.80
N LEU L 69 -15.41 61.13 -13.00
CA LEU L 69 -15.54 59.91 -12.20
C LEU L 69 -16.15 60.19 -10.82
N ALA L 70 -16.58 61.42 -10.56
CA ALA L 70 -17.40 61.74 -9.40
C ALA L 70 -18.77 62.28 -9.78
N VAL L 71 -18.87 62.96 -10.92
CA VAL L 71 -20.15 63.30 -11.53
C VAL L 71 -20.71 62.11 -12.32
N PRO L 72 -19.92 61.32 -13.13
CA PRO L 72 -20.54 60.13 -13.75
C PRO L 72 -20.80 58.95 -12.81
N VAL L 73 -20.62 59.11 -11.50
CA VAL L 73 -21.13 58.14 -10.55
C VAL L 73 -22.20 58.72 -9.63
N THR L 74 -22.34 60.04 -9.57
CA THR L 74 -23.48 60.59 -8.85
C THR L 74 -24.67 60.85 -9.76
N LEU L 75 -24.48 60.80 -11.09
CA LEU L 75 -25.62 60.79 -11.99
C LEU L 75 -26.19 59.40 -12.17
N VAL L 76 -25.57 58.39 -11.59
CA VAL L 76 -26.09 57.03 -11.62
C VAL L 76 -26.99 56.77 -10.43
N LEU L 77 -26.63 57.28 -9.25
CA LEU L 77 -27.50 57.16 -8.09
C LEU L 77 -28.78 57.97 -8.25
N ILE L 78 -28.72 59.14 -8.89
CA ILE L 78 -29.92 59.92 -9.12
C ILE L 78 -30.83 59.20 -10.10
N ALA L 79 -30.24 58.56 -11.11
CA ALA L 79 -31.04 57.73 -11.99
C ALA L 79 -31.41 56.40 -11.36
N SER L 80 -30.72 56.00 -10.29
CA SER L 80 -31.17 54.81 -9.55
C SER L 80 -32.46 55.09 -8.80
N SER L 81 -32.58 56.28 -8.22
CA SER L 81 -33.84 56.66 -7.59
C SER L 81 -34.94 56.89 -8.60
N PHE L 82 -34.61 57.20 -9.85
CA PHE L 82 -35.62 57.28 -10.89
C PHE L 82 -36.06 55.91 -11.37
N THR L 83 -35.29 54.86 -11.10
CA THR L 83 -35.71 53.51 -11.43
C THR L 83 -36.20 52.73 -10.22
N CYS L 84 -35.73 53.06 -9.02
CA CYS L 84 -36.27 52.42 -7.82
C CYS L 84 -37.70 52.86 -7.55
N GLN L 85 -38.01 54.13 -7.82
CA GLN L 85 -39.36 54.62 -7.59
C GLN L 85 -40.33 54.08 -8.64
N MET L 86 -39.82 53.71 -9.81
CA MET L 86 -40.65 52.99 -10.77
C MET L 86 -40.84 51.54 -10.38
N GLY L 87 -39.94 50.99 -9.57
CA GLY L 87 -40.18 49.67 -9.02
C GLY L 87 -41.24 49.69 -7.95
N VAL L 88 -41.21 50.70 -7.09
CA VAL L 88 -42.16 50.78 -5.99
C VAL L 88 -43.54 51.21 -6.46
N PHE L 89 -43.66 51.69 -7.71
CA PHE L 89 -44.96 51.87 -8.31
C PHE L 89 -45.55 50.54 -8.75
N ALA L 90 -44.70 49.57 -9.06
CA ALA L 90 -45.20 48.27 -9.48
C ALA L 90 -45.63 47.42 -8.29
N ALA L 91 -45.08 47.67 -7.11
CA ALA L 91 -45.52 46.93 -5.94
C ALA L 91 -46.91 47.37 -5.50
N GLU L 92 -47.23 48.65 -5.66
CA GLU L 92 -48.52 49.16 -5.26
C GLU L 92 -49.62 48.73 -6.22
N ARG L 93 -49.28 48.39 -7.45
CA ARG L 93 -50.26 47.95 -8.43
C ARG L 93 -50.47 46.44 -8.37
N GLY L 94 -49.41 45.67 -8.19
CA GLY L 94 -49.52 44.24 -8.11
C GLY L 94 -48.57 43.52 -9.04
N ASP L 95 -47.82 44.28 -9.83
CA ASP L 95 -46.85 43.71 -10.76
C ASP L 95 -45.69 43.14 -9.96
N VAL L 96 -45.70 41.83 -9.75
CA VAL L 96 -44.58 41.19 -9.06
C VAL L 96 -43.36 41.18 -9.98
N PHE L 97 -43.56 41.10 -11.29
CA PHE L 97 -42.44 41.07 -12.20
C PHE L 97 -41.98 42.47 -12.59
N GLY L 98 -42.88 43.46 -12.58
CA GLY L 98 -42.46 44.83 -12.75
C GLY L 98 -41.67 45.34 -11.56
N LEU L 99 -41.95 44.82 -10.38
CA LEU L 99 -41.11 45.10 -9.21
C LEU L 99 -39.73 44.48 -9.37
N ARG L 100 -39.67 43.29 -9.98
CA ARG L 100 -38.38 42.62 -10.14
C ARG L 100 -37.55 43.29 -11.22
N ARG L 101 -38.18 43.85 -12.25
CA ARG L 101 -37.42 44.40 -13.36
C ARG L 101 -36.72 45.70 -12.98
N TRP L 102 -37.37 46.53 -12.19
CA TRP L 102 -36.80 47.83 -11.88
C TRP L 102 -35.91 47.83 -10.65
N TYR L 103 -35.81 46.72 -9.93
CA TYR L 103 -34.80 46.65 -8.89
C TYR L 103 -33.49 46.04 -9.37
N VAL L 104 -33.53 45.20 -10.41
CA VAL L 104 -32.31 44.72 -11.02
C VAL L 104 -31.62 45.87 -11.76
N ILE L 105 -32.39 46.79 -12.33
CA ILE L 105 -31.82 48.04 -12.81
C ILE L 105 -31.23 48.84 -11.66
N THR L 106 -31.92 48.87 -10.52
CA THR L 106 -31.44 49.61 -9.37
C THR L 106 -30.26 48.89 -8.70
N PHE L 107 -30.24 47.56 -8.75
CA PHE L 107 -29.12 46.83 -8.18
C PHE L 107 -27.86 47.01 -9.04
N LEU L 108 -27.99 46.88 -10.35
CA LEU L 108 -26.82 46.99 -11.22
C LEU L 108 -26.32 48.42 -11.35
N MET L 109 -27.16 49.42 -11.08
CA MET L 109 -26.68 50.79 -11.05
C MET L 109 -26.21 51.22 -9.67
N GLY L 110 -26.66 50.55 -8.61
CA GLY L 110 -26.04 50.75 -7.32
C GLY L 110 -24.71 50.03 -7.22
N LEU L 111 -24.57 48.91 -7.92
CA LEU L 111 -23.28 48.22 -7.95
C LEU L 111 -22.29 48.94 -8.84
N PHE L 112 -22.78 49.73 -9.80
CA PHE L 112 -21.89 50.59 -10.56
C PHE L 112 -21.39 51.75 -9.70
N PHE L 113 -22.15 52.16 -8.69
CA PHE L 113 -21.68 53.22 -7.80
C PHE L 113 -20.60 52.73 -6.85
N VAL L 114 -20.73 51.51 -6.34
CA VAL L 114 -19.71 50.95 -5.45
C VAL L 114 -18.43 50.68 -6.23
N LEU L 115 -18.56 50.09 -7.42
CA LEU L 115 -17.40 49.88 -8.26
C LEU L 115 -16.88 51.19 -8.84
N GLY L 116 -17.74 52.19 -9.00
CA GLY L 116 -17.28 53.48 -9.49
C GLY L 116 -16.53 54.25 -8.42
N GLN L 117 -17.08 54.31 -7.21
CA GLN L 117 -16.38 54.98 -6.12
C GLN L 117 -15.23 54.14 -5.60
N GLY L 118 -15.33 52.81 -5.71
CA GLY L 118 -14.23 51.95 -5.30
C GLY L 118 -13.01 52.07 -6.18
N TYR L 119 -13.21 52.47 -7.44
CA TYR L 119 -12.09 52.82 -8.29
C TYR L 119 -11.59 54.23 -8.03
N GLU L 120 -12.43 55.09 -7.47
CA GLU L 120 -12.00 56.42 -7.07
C GLU L 120 -11.10 56.36 -5.84
N TYR L 121 -11.31 55.38 -4.96
CA TYR L 121 -10.44 55.27 -3.79
C TYR L 121 -9.07 54.73 -4.16
N ILE L 122 -9.00 53.82 -5.13
CA ILE L 122 -7.71 53.31 -5.58
C ILE L 122 -6.94 54.41 -6.32
N HIS L 123 -7.65 55.29 -7.02
CA HIS L 123 -7.03 56.43 -7.66
C HIS L 123 -6.50 57.45 -6.67
N LEU L 124 -6.97 57.44 -5.42
CA LEU L 124 -6.54 58.41 -4.43
C LEU L 124 -5.66 57.83 -3.33
N VAL L 125 -5.26 56.57 -3.41
CA VAL L 125 -4.32 55.98 -2.46
C VAL L 125 -2.93 55.82 -3.06
N GLU L 126 -2.84 55.18 -4.22
CA GLU L 126 -1.55 55.05 -4.90
C GLU L 126 -1.14 56.31 -5.64
N HIS L 127 -1.87 57.42 -5.48
CA HIS L 127 -1.50 58.70 -6.06
C HIS L 127 -1.52 59.85 -5.07
N GLY L 128 -2.33 59.78 -4.02
CA GLY L 128 -2.46 60.88 -3.09
C GLY L 128 -2.54 60.50 -1.62
N THR L 129 -3.60 60.96 -0.96
CA THR L 129 -3.75 60.82 0.48
C THR L 129 -4.45 59.52 0.84
N THR L 130 -3.77 58.68 1.62
CA THR L 130 -4.42 57.53 2.23
C THR L 130 -5.10 57.95 3.52
N ILE L 131 -5.69 56.98 4.22
CA ILE L 131 -6.47 57.28 5.42
C ILE L 131 -5.58 57.60 6.64
N PRO L 132 -4.40 57.02 6.86
CA PRO L 132 -3.44 57.67 7.75
C PRO L 132 -2.73 58.80 7.03
N GLY L 133 -1.89 59.50 7.80
CA GLY L 133 -0.95 60.44 7.23
C GLY L 133 -1.53 61.66 6.57
N SER L 134 -2.80 61.95 6.79
CA SER L 134 -3.42 63.14 6.21
C SER L 134 -4.61 63.54 7.07
N ALA L 135 -4.72 64.82 7.37
CA ALA L 135 -5.88 65.32 8.10
C ALA L 135 -7.13 65.25 7.24
N TYR L 136 -7.00 65.59 5.96
CA TYR L 136 -8.11 65.41 5.03
C TYR L 136 -8.32 63.95 4.69
N GLY L 137 -7.29 63.12 4.81
CA GLY L 137 -7.41 61.72 4.47
C GLY L 137 -8.25 60.90 5.42
N SER L 138 -8.54 61.41 6.62
CA SER L 138 -9.41 60.70 7.52
C SER L 138 -10.85 61.17 7.45
N VAL L 139 -11.09 62.44 7.11
CA VAL L 139 -12.44 62.96 7.03
C VAL L 139 -13.04 62.80 5.64
N PHE L 140 -12.33 62.15 4.72
CA PHE L 140 -12.83 61.82 3.40
C PHE L 140 -13.17 60.35 3.25
N TYR L 141 -12.34 59.48 3.81
CA TYR L 141 -12.57 58.04 3.75
C TYR L 141 -13.50 57.54 4.84
N LEU L 142 -14.02 58.43 5.69
CA LEU L 142 -15.06 58.08 6.65
C LEU L 142 -16.39 58.74 6.37
N ALA L 143 -16.38 59.96 5.83
CA ALA L 143 -17.64 60.57 5.42
C ALA L 143 -18.21 59.87 4.20
N THR L 144 -17.39 59.67 3.18
CA THR L 144 -17.79 58.90 2.02
C THR L 144 -17.55 57.41 2.20
N GLY L 145 -16.87 57.01 3.27
CA GLY L 145 -16.64 55.61 3.54
C GLY L 145 -17.85 54.93 4.14
N PHE L 146 -18.44 55.55 5.17
CA PHE L 146 -19.68 55.01 5.71
C PHE L 146 -20.87 55.27 4.82
N HIS L 147 -20.74 56.13 3.82
CA HIS L 147 -21.73 56.09 2.75
C HIS L 147 -21.47 54.93 1.82
N GLY L 148 -20.21 54.51 1.68
CA GLY L 148 -19.91 53.35 0.88
C GLY L 148 -20.39 52.05 1.50
N LEU L 149 -20.62 52.04 2.80
CA LEU L 149 -21.17 50.88 3.49
C LEU L 149 -22.68 50.97 3.64
N HIS L 150 -23.28 52.13 3.39
CA HIS L 150 -24.73 52.22 3.32
C HIS L 150 -25.25 52.00 1.90
N VAL L 151 -24.38 51.85 0.91
CA VAL L 151 -24.81 51.38 -0.40
C VAL L 151 -24.64 49.87 -0.52
N ILE L 152 -23.48 49.35 -0.08
CA ILE L 152 -23.25 47.91 -0.01
C ILE L 152 -24.25 47.26 0.94
N GLY L 153 -24.52 47.92 2.07
CA GLY L 153 -25.59 47.45 2.94
C GLY L 153 -26.97 47.62 2.35
N GLY L 154 -27.12 48.46 1.32
CA GLY L 154 -28.38 48.64 0.66
C GLY L 154 -28.61 47.66 -0.46
N LEU L 155 -27.54 47.32 -1.18
CA LEU L 155 -27.64 46.33 -2.25
C LEU L 155 -27.86 44.93 -1.71
N VAL L 156 -27.44 44.67 -0.47
CA VAL L 156 -27.81 43.44 0.21
C VAL L 156 -29.32 43.36 0.39
N ALA L 157 -29.94 44.49 0.72
CA ALA L 157 -31.38 44.52 0.94
C ALA L 157 -32.18 44.40 -0.36
N PHE L 158 -31.54 44.57 -1.53
CA PHE L 158 -32.23 44.25 -2.78
C PHE L 158 -32.14 42.77 -3.12
N VAL L 159 -31.06 42.10 -2.72
CA VAL L 159 -30.98 40.66 -2.94
C VAL L 159 -31.92 39.93 -2.00
N LEU L 160 -32.02 40.38 -0.75
CA LEU L 160 -32.91 39.78 0.24
C LEU L 160 -34.37 40.16 0.04
N LEU L 161 -34.68 41.00 -0.93
CA LEU L 161 -36.06 41.33 -1.27
C LEU L 161 -36.51 40.72 -2.58
N LEU L 162 -35.66 40.75 -3.59
CA LEU L 162 -36.00 40.10 -4.85
C LEU L 162 -36.03 38.59 -4.72
N ALA L 163 -35.18 38.02 -3.86
CA ALA L 163 -35.28 36.60 -3.59
C ALA L 163 -36.46 36.26 -2.71
N ARG L 164 -36.97 37.23 -1.96
CA ARG L 164 -38.16 37.04 -1.16
C ARG L 164 -39.43 37.10 -2.00
N THR L 165 -39.39 37.77 -3.14
CA THR L 165 -40.53 37.76 -4.05
C THR L 165 -40.65 36.46 -4.83
N LYS L 166 -39.67 35.58 -4.74
CA LYS L 166 -39.72 34.28 -5.40
C LYS L 166 -40.32 33.19 -4.53
N MET L 167 -40.79 33.50 -3.33
CA MET L 167 -41.15 32.47 -2.38
C MET L 167 -42.60 32.48 -1.94
N SER L 168 -43.33 33.57 -2.13
CA SER L 168 -44.71 33.64 -1.72
C SER L 168 -45.54 34.34 -2.78
N LYS L 169 -46.85 34.42 -2.54
CA LYS L 169 -47.85 34.77 -3.53
C LYS L 169 -47.94 36.26 -3.82
N PHE L 170 -46.95 37.04 -3.39
CA PHE L 170 -46.90 38.50 -3.50
C PHE L 170 -48.14 39.13 -2.85
N THR L 171 -48.15 39.00 -1.53
CA THR L 171 -49.14 39.62 -0.69
C THR L 171 -48.95 41.14 -0.68
N PRO L 172 -49.88 41.90 -0.10
CA PRO L 172 -49.55 43.28 0.26
C PRO L 172 -48.45 43.43 1.30
N ALA L 173 -48.09 42.36 2.02
CA ALA L 173 -46.91 42.40 2.88
C ALA L 173 -45.61 42.28 2.08
N GLN L 174 -45.65 41.62 0.92
CA GLN L 174 -44.51 41.65 0.02
C GLN L 174 -44.36 43.02 -0.63
N ALA L 175 -45.46 43.73 -0.85
CA ALA L 175 -45.37 45.07 -1.41
C ALA L 175 -44.89 46.07 -0.36
N THR L 176 -45.35 45.90 0.88
CA THR L 176 -44.94 46.77 1.98
C THR L 176 -43.44 46.64 2.26
N ALA L 177 -42.91 45.43 2.15
CA ALA L 177 -41.48 45.22 2.28
C ALA L 177 -40.70 45.86 1.13
N ALA L 178 -41.33 46.09 -0.02
CA ALA L 178 -40.68 46.80 -1.10
C ALA L 178 -40.86 48.30 -1.03
N ILE L 179 -41.83 48.79 -0.26
CA ILE L 179 -41.94 50.21 0.03
C ILE L 179 -40.75 50.66 0.86
N VAL L 180 -40.45 49.92 1.93
CA VAL L 180 -39.48 50.38 2.93
C VAL L 180 -38.03 50.18 2.48
N VAL L 181 -37.76 49.25 1.57
CA VAL L 181 -36.43 49.16 0.98
C VAL L 181 -36.22 50.32 0.01
N SER L 182 -37.30 50.77 -0.64
CA SER L 182 -37.21 51.95 -1.50
C SER L 182 -36.93 53.20 -0.70
N TYR L 183 -37.54 53.34 0.49
CA TYR L 183 -37.29 54.50 1.33
C TYR L 183 -35.86 54.54 1.83
N TYR L 184 -35.24 53.37 2.04
CA TYR L 184 -33.84 53.34 2.42
C TYR L 184 -32.95 53.80 1.28
N TRP L 185 -33.31 53.45 0.05
CA TRP L 185 -32.46 53.79 -1.07
C TRP L 185 -32.55 55.27 -1.43
N HIS L 186 -33.73 55.88 -1.23
CA HIS L 186 -33.82 57.32 -1.43
C HIS L 186 -33.12 58.09 -0.34
N PHE L 187 -33.01 57.49 0.86
CA PHE L 187 -32.24 58.13 1.93
C PHE L 187 -30.76 58.15 1.61
N VAL L 188 -30.24 57.02 1.11
CA VAL L 188 -28.84 56.92 0.71
C VAL L 188 -28.57 57.86 -0.47
N ASP L 189 -29.56 58.06 -1.33
CA ASP L 189 -29.40 58.94 -2.48
C ASP L 189 -29.33 60.40 -2.05
N ILE L 190 -30.11 60.80 -1.05
CA ILE L 190 -30.14 62.20 -0.63
C ILE L 190 -28.92 62.54 0.22
N VAL L 191 -28.45 61.59 1.05
CA VAL L 191 -27.24 61.80 1.86
C VAL L 191 -26.02 61.98 0.97
N TRP L 192 -25.96 61.29 -0.17
CA TRP L 192 -24.83 61.50 -1.07
C TRP L 192 -24.86 62.87 -1.74
N ILE L 193 -26.05 63.42 -1.97
CA ILE L 193 -26.13 64.81 -2.45
C ILE L 193 -25.62 65.76 -1.37
N ALA L 194 -25.88 65.45 -0.10
CA ALA L 194 -25.29 66.19 0.99
C ALA L 194 -23.81 65.90 1.17
N LEU L 195 -23.28 64.88 0.51
CA LEU L 195 -21.84 64.66 0.42
C LEU L 195 -21.24 65.15 -0.89
N PHE L 196 -22.00 65.11 -1.98
CA PHE L 196 -21.45 65.62 -3.24
C PHE L 196 -21.39 67.14 -3.23
N ALA L 197 -22.42 67.79 -2.71
CA ALA L 197 -22.45 69.25 -2.62
C ALA L 197 -21.79 69.77 -1.36
N THR L 198 -20.93 68.97 -0.73
CA THR L 198 -20.16 69.41 0.42
C THR L 198 -18.66 69.30 0.19
N ILE L 199 -18.18 68.16 -0.29
CA ILE L 199 -16.75 67.93 -0.34
C ILE L 199 -16.15 68.23 -1.72
N TYR L 200 -16.96 68.26 -2.77
CA TYR L 200 -16.45 68.63 -4.09
C TYR L 200 -16.70 70.08 -4.47
N PHE L 201 -17.77 70.69 -3.95
CA PHE L 201 -18.11 72.07 -4.31
C PHE L 201 -17.77 73.07 -3.22
N VAL L 202 -17.76 72.66 -1.95
CA VAL L 202 -17.56 73.57 -0.82
C VAL L 202 -16.23 73.14 -0.20
N ARG L 203 -15.28 72.78 -1.07
CA ARG L 203 -13.93 72.35 -0.72
C ARG L 203 -13.20 73.19 0.33
N SER M 2 -24.26 2.19 -38.78
CA SER M 2 -24.87 3.18 -37.90
C SER M 2 -25.11 2.60 -36.51
N PRO M 3 -24.80 3.38 -35.47
CA PRO M 3 -25.03 2.89 -34.10
C PRO M 3 -26.51 2.93 -33.74
N ASP M 4 -26.88 2.04 -32.83
CA ASP M 4 -28.28 1.90 -32.41
C ASP M 4 -28.47 2.16 -30.93
N PHE M 5 -27.63 1.56 -30.08
CA PHE M 5 -27.62 1.68 -28.62
C PHE M 5 -28.90 1.18 -27.96
N ALA M 6 -29.77 0.49 -28.68
CA ALA M 6 -30.90 -0.20 -28.10
C ALA M 6 -30.86 -1.69 -28.37
N LYS M 7 -30.64 -2.09 -29.62
CA LYS M 7 -30.35 -3.48 -29.92
C LYS M 7 -28.95 -3.85 -29.44
N LEU M 8 -28.04 -2.88 -29.43
CA LEU M 8 -26.69 -3.13 -28.93
C LEU M 8 -26.66 -3.24 -27.41
N ALA M 9 -27.63 -2.63 -26.74
CA ALA M 9 -27.72 -2.73 -25.29
C ALA M 9 -28.61 -3.87 -24.82
N ALA M 10 -29.44 -4.42 -25.71
CA ALA M 10 -30.25 -5.57 -25.36
C ALA M 10 -29.46 -6.86 -25.47
N ALA M 11 -28.67 -7.00 -26.54
CA ALA M 11 -27.84 -8.18 -26.71
C ALA M 11 -26.66 -8.21 -25.77
N GLN M 12 -26.29 -7.07 -25.17
CA GLN M 12 -25.29 -7.08 -24.13
C GLN M 12 -25.88 -7.56 -22.82
N GLY M 13 -27.14 -7.22 -22.55
CA GLY M 13 -27.80 -7.72 -21.35
C GLY M 13 -28.15 -9.17 -21.44
N ASP M 14 -28.43 -9.66 -22.64
CA ASP M 14 -28.64 -11.10 -22.83
C ASP M 14 -27.31 -11.84 -22.74
N ALA M 15 -26.20 -11.17 -23.06
CA ALA M 15 -24.90 -11.81 -22.93
C ALA M 15 -24.48 -11.92 -21.47
N ILE M 16 -24.75 -10.90 -20.66
CA ILE M 16 -24.41 -10.95 -19.24
C ILE M 16 -25.31 -11.95 -18.53
N ASP M 17 -26.57 -11.99 -18.87
CA ASP M 17 -27.50 -12.88 -18.20
C ASP M 17 -27.40 -14.33 -18.70
N SER M 18 -26.58 -14.59 -19.71
CA SER M 18 -26.34 -15.96 -20.15
C SER M 18 -25.07 -16.54 -19.57
N ARG M 19 -23.98 -15.76 -19.60
CA ARG M 19 -22.77 -16.13 -18.87
C ARG M 19 -23.06 -16.23 -17.39
N TYR M 20 -23.40 -15.09 -16.79
CA TYR M 20 -23.75 -15.00 -15.39
C TYR M 20 -25.25 -15.27 -15.32
N HIS M 21 -25.87 -14.98 -14.18
CA HIS M 21 -27.32 -14.76 -14.14
C HIS M 21 -27.69 -13.78 -13.02
N PRO M 22 -27.37 -12.47 -13.21
CA PRO M 22 -27.65 -11.46 -12.20
C PRO M 22 -28.99 -10.78 -12.42
N SER M 23 -30.05 -11.57 -12.51
CA SER M 23 -31.35 -10.95 -12.75
C SER M 23 -32.07 -10.68 -11.43
N ALA M 24 -32.36 -11.74 -10.67
CA ALA M 24 -32.98 -11.55 -9.37
C ALA M 24 -32.02 -10.94 -8.37
N ALA M 25 -30.71 -11.09 -8.59
CA ALA M 25 -29.74 -10.53 -7.66
C ALA M 25 -29.64 -9.03 -7.82
N VAL M 26 -29.67 -8.52 -9.06
CA VAL M 26 -29.51 -7.10 -9.29
C VAL M 26 -30.78 -6.35 -8.92
N ARG M 27 -31.95 -6.89 -9.29
CA ARG M 27 -33.21 -6.17 -9.10
C ARG M 27 -33.52 -5.91 -7.63
N ARG M 28 -33.10 -6.82 -6.74
CA ARG M 28 -33.29 -6.57 -5.32
C ARG M 28 -32.35 -5.50 -4.82
N GLN M 29 -31.14 -5.40 -5.37
CA GLN M 29 -30.25 -4.29 -5.04
C GLN M 29 -30.68 -2.93 -5.53
N LEU M 30 -31.22 -2.90 -6.76
CA LEU M 30 -31.76 -1.67 -7.40
C LEU M 30 -33.04 -1.20 -6.69
N ASN M 31 -33.91 -2.14 -6.33
CA ASN M 31 -35.21 -1.83 -5.73
C ASN M 31 -34.99 -1.59 -4.25
N LYS M 32 -33.73 -1.46 -3.83
CA LYS M 32 -33.44 -1.15 -2.44
C LYS M 32 -33.94 0.25 -2.13
N VAL M 33 -34.63 0.42 -1.01
CA VAL M 33 -35.24 1.70 -0.68
C VAL M 33 -34.41 2.35 0.42
N PHE M 34 -33.97 3.59 0.17
CA PHE M 34 -33.26 4.33 1.18
C PHE M 34 -34.05 5.57 1.57
N PRO M 35 -34.06 5.91 2.86
CA PRO M 35 -34.78 7.11 3.28
C PRO M 35 -34.08 8.37 2.80
N THR M 36 -34.87 9.31 2.30
CA THR M 36 -34.37 10.62 1.92
C THR M 36 -34.41 11.53 3.14
N HIS M 37 -33.24 11.81 3.70
CA HIS M 37 -33.13 12.76 4.80
C HIS M 37 -31.74 13.35 4.71
N TRP M 38 -31.61 14.61 5.14
CA TRP M 38 -30.34 15.29 4.97
C TRP M 38 -29.27 14.71 5.88
N SER M 39 -29.68 14.21 7.05
CA SER M 39 -28.73 13.66 8.01
C SER M 39 -28.16 12.33 7.54
N PHE M 40 -28.82 11.68 6.62
CA PHE M 40 -28.40 10.36 6.17
C PHE M 40 -27.37 10.47 5.06
N LEU M 41 -27.03 11.69 4.65
CA LEU M 41 -25.95 11.95 3.72
C LEU M 41 -24.67 12.36 4.45
N LEU M 42 -24.70 12.46 5.78
CA LEU M 42 -23.51 12.86 6.52
C LEU M 42 -22.46 11.77 6.53
N GLY M 43 -22.87 10.51 6.45
CA GLY M 43 -21.89 9.46 6.34
C GLY M 43 -21.31 9.32 4.97
N GLU M 44 -21.98 9.86 3.96
CA GLU M 44 -21.43 9.80 2.62
C GLU M 44 -20.33 10.80 2.40
N ILE M 45 -20.27 11.87 3.21
CA ILE M 45 -19.17 12.81 3.08
C ILE M 45 -17.87 12.17 3.54
N ALA M 46 -17.93 11.37 4.61
CA ALA M 46 -16.76 10.61 5.02
C ALA M 46 -16.46 9.45 4.09
N LEU M 47 -17.43 9.02 3.30
CA LEU M 47 -17.17 8.01 2.29
C LEU M 47 -16.63 8.62 1.01
N TYR M 48 -16.99 9.86 0.72
CA TYR M 48 -16.53 10.52 -0.50
C TYR M 48 -15.23 11.26 -0.30
N SER M 49 -14.97 11.75 0.92
CA SER M 49 -13.65 12.30 1.22
C SER M 49 -12.60 11.21 1.29
N PHE M 50 -12.99 9.97 1.56
CA PHE M 50 -12.01 8.90 1.58
C PHE M 50 -11.61 8.49 0.18
N ILE M 51 -12.53 8.58 -0.79
CA ILE M 51 -12.17 8.27 -2.17
C ILE M 51 -11.24 9.33 -2.74
N ILE M 52 -11.41 10.58 -2.32
CA ILE M 52 -10.52 11.65 -2.77
C ILE M 52 -9.14 11.50 -2.14
N LEU M 53 -9.07 10.98 -0.91
CA LEU M 53 -7.77 10.70 -0.30
C LEU M 53 -7.06 9.54 -0.98
N LEU M 54 -7.82 8.57 -1.51
CA LEU M 54 -7.24 7.54 -2.35
C LEU M 54 -6.67 8.13 -3.63
N LEU M 55 -7.47 8.87 -4.38
CA LEU M 55 -7.10 9.29 -5.73
C LEU M 55 -5.99 10.35 -5.69
N THR M 56 -6.00 11.23 -4.69
CA THR M 56 -4.93 12.21 -4.58
C THR M 56 -3.80 11.72 -3.71
N GLY M 57 -3.87 10.50 -3.20
CA GLY M 57 -2.79 9.94 -2.41
C GLY M 57 -2.01 8.92 -3.21
N VAL M 58 -2.68 8.27 -4.15
CA VAL M 58 -1.99 7.44 -5.13
C VAL M 58 -1.16 8.30 -6.06
N TRP M 59 -1.65 9.49 -6.41
CA TRP M 59 -0.86 10.46 -7.17
C TRP M 59 0.35 10.89 -6.37
N LEU M 60 0.16 11.15 -5.09
CA LEU M 60 1.13 11.87 -4.28
C LEU M 60 2.29 11.00 -3.84
N THR M 61 2.18 9.69 -4.05
CA THR M 61 3.27 8.77 -3.75
C THR M 61 4.07 8.42 -4.99
N LEU M 62 3.72 8.96 -6.15
CA LEU M 62 4.54 8.89 -7.33
C LEU M 62 5.68 9.90 -7.33
N PHE M 63 5.73 10.76 -6.31
CA PHE M 63 6.70 11.84 -6.26
C PHE M 63 7.37 11.98 -4.90
N PHE M 64 6.99 11.19 -3.91
CA PHE M 64 7.47 11.34 -2.55
C PHE M 64 8.50 10.28 -2.25
N ASP M 65 9.61 10.68 -1.65
CA ASP M 65 10.68 9.77 -1.26
C ASP M 65 10.78 9.77 0.25
N PRO M 66 10.44 8.70 0.93
CA PRO M 66 10.20 8.79 2.37
C PRO M 66 11.41 8.59 3.27
N SER M 67 12.63 8.71 2.76
CA SER M 67 13.75 8.39 3.64
C SER M 67 14.08 9.55 4.56
N MET M 68 15.00 9.29 5.48
CA MET M 68 15.50 10.28 6.41
C MET M 68 16.98 10.58 6.17
N ALA M 69 17.54 10.15 5.05
CA ALA M 69 18.94 10.38 4.79
C ALA M 69 19.18 11.84 4.43
N HIS M 70 20.27 12.39 4.97
CA HIS M 70 20.52 13.82 4.85
C HIS M 70 21.10 14.17 3.50
N VAL M 71 20.64 15.29 2.95
CA VAL M 71 21.07 15.78 1.65
C VAL M 71 20.76 17.28 1.60
N THR M 72 21.70 18.05 1.07
CA THR M 72 21.46 19.47 0.87
C THR M 72 20.44 19.69 -0.24
N TYR M 73 19.87 20.88 -0.29
CA TYR M 73 18.71 21.08 -1.15
C TYR M 73 19.11 21.28 -2.60
N ASP M 74 19.76 22.41 -2.90
CA ASP M 74 20.24 22.79 -4.24
C ASP M 74 19.14 22.66 -5.30
N GLY M 75 17.97 23.21 -4.98
CA GLY M 75 16.85 23.10 -5.90
C GLY M 75 16.35 24.42 -6.42
N VAL M 76 15.12 24.77 -6.06
CA VAL M 76 14.48 25.97 -6.62
C VAL M 76 13.97 26.94 -5.57
N TYR M 77 13.74 26.52 -4.32
CA TYR M 77 13.22 27.43 -3.31
C TYR M 77 14.38 28.21 -2.71
N GLN M 78 14.35 29.54 -2.86
CA GLN M 78 15.51 30.35 -2.55
C GLN M 78 15.87 30.50 -1.07
N PRO M 79 14.95 30.59 -0.10
CA PRO M 79 15.42 30.62 1.30
C PRO M 79 16.05 29.33 1.77
N LEU M 80 15.52 28.18 1.35
CA LEU M 80 16.01 26.88 1.82
C LEU M 80 17.12 26.33 0.93
N ARG M 81 18.14 27.13 0.63
CA ARG M 81 19.23 26.70 -0.22
C ARG M 81 20.43 26.33 0.63
N GLY M 82 20.91 25.10 0.48
CA GLY M 82 22.04 24.64 1.27
C GLY M 82 21.70 24.35 2.71
N VAL M 83 20.53 23.79 2.96
CA VAL M 83 20.09 23.42 4.30
C VAL M 83 20.08 21.90 4.38
N GLN M 84 20.71 21.36 5.42
CA GLN M 84 20.73 19.91 5.65
C GLN M 84 19.33 19.43 5.96
N MET M 85 18.69 18.77 5.00
CA MET M 85 17.34 18.28 5.16
C MET M 85 17.28 16.79 4.86
N SER M 86 16.22 16.15 5.36
CA SER M 86 15.95 14.78 4.99
C SER M 86 15.39 14.74 3.58
N ARG M 87 15.47 13.57 2.97
CA ARG M 87 14.92 13.42 1.62
C ARG M 87 13.40 13.38 1.64
N ALA M 88 12.79 13.05 2.78
CA ALA M 88 11.35 13.19 2.93
C ALA M 88 10.89 14.63 2.87
N TYR M 89 11.77 15.57 3.25
CA TYR M 89 11.43 16.98 3.19
C TYR M 89 11.81 17.60 1.86
N GLU M 90 12.81 17.07 1.17
CA GLU M 90 13.17 17.65 -0.12
C GLU M 90 12.17 17.28 -1.21
N THR M 91 11.68 16.03 -1.20
CA THR M 91 10.66 15.67 -2.16
C THR M 91 9.29 16.22 -1.80
N ALA M 92 9.05 16.51 -0.53
CA ALA M 92 7.85 17.25 -0.18
C ALA M 92 7.93 18.71 -0.60
N LEU M 93 9.14 19.22 -0.83
CA LEU M 93 9.37 20.50 -1.49
C LEU M 93 9.54 20.37 -2.99
N ASP M 94 9.60 19.16 -3.53
CA ASP M 94 9.54 18.99 -4.97
C ASP M 94 8.12 18.82 -5.46
N ILE M 95 7.22 18.29 -4.63
CA ILE M 95 5.81 18.25 -4.97
C ILE M 95 5.24 19.66 -5.00
N SER M 96 5.62 20.49 -4.02
CA SER M 96 5.07 21.83 -3.93
C SER M 96 5.59 22.75 -5.02
N PHE M 97 6.79 22.50 -5.52
CA PHE M 97 7.47 23.49 -6.35
C PHE M 97 7.87 22.99 -7.72
N GLU M 98 8.36 21.76 -7.83
CA GLU M 98 8.95 21.28 -9.08
C GLU M 98 8.08 20.25 -9.77
N VAL M 99 6.82 20.15 -9.40
CA VAL M 99 5.85 19.30 -10.09
C VAL M 99 4.69 20.21 -10.51
N ARG M 100 4.33 20.13 -11.79
CA ARG M 100 3.32 21.02 -12.39
C ARG M 100 1.95 20.75 -11.77
N GLY M 101 1.49 21.67 -10.95
CA GLY M 101 0.23 21.44 -10.26
C GLY M 101 0.34 20.38 -9.20
N GLY M 102 1.46 20.33 -8.50
CA GLY M 102 1.66 19.37 -7.45
C GLY M 102 1.33 19.95 -6.11
N LEU M 103 1.46 21.27 -5.99
CA LEU M 103 0.98 21.96 -4.79
C LEU M 103 -0.52 21.89 -4.68
N PHE M 104 -1.23 21.87 -5.81
CA PHE M 104 -2.69 21.74 -5.77
C PHE M 104 -3.11 20.37 -5.25
N VAL M 105 -2.52 19.31 -5.78
CA VAL M 105 -2.93 17.96 -5.38
C VAL M 105 -2.47 17.66 -3.97
N ARG M 106 -1.39 18.31 -3.53
CA ARG M 106 -0.96 18.22 -2.15
C ARG M 106 -1.93 18.93 -1.21
N GLN M 107 -2.42 20.10 -1.60
CA GLN M 107 -3.34 20.85 -0.74
C GLN M 107 -4.75 20.27 -0.73
N VAL M 108 -5.23 19.73 -1.86
CA VAL M 108 -6.51 19.02 -1.89
C VAL M 108 -6.46 17.83 -0.96
N HIS M 109 -5.34 17.12 -0.95
CA HIS M 109 -5.18 15.91 -0.15
C HIS M 109 -5.12 16.20 1.33
N HIS M 110 -4.75 17.41 1.74
CA HIS M 110 -4.81 17.72 3.16
C HIS M 110 -6.20 18.21 3.54
N TRP M 111 -6.88 18.95 2.67
CA TRP M 111 -8.25 19.34 2.97
C TRP M 111 -9.20 18.16 2.86
N ALA M 112 -8.92 17.20 1.97
CA ALA M 112 -9.71 15.98 1.96
C ALA M 112 -9.43 15.13 3.18
N ALA M 113 -8.25 15.28 3.78
CA ALA M 113 -7.99 14.63 5.06
C ALA M 113 -8.74 15.31 6.19
N LEU M 114 -8.99 16.61 6.08
CA LEU M 114 -9.71 17.29 7.14
C LEU M 114 -11.21 17.14 6.99
N MET M 115 -11.73 17.11 5.76
CA MET M 115 -13.15 16.87 5.55
C MET M 115 -13.54 15.45 5.92
N PHE M 116 -12.61 14.52 5.74
CA PHE M 116 -12.79 13.15 6.21
C PHE M 116 -12.98 13.13 7.72
N ALA M 117 -11.96 13.57 8.46
CA ALA M 117 -12.00 13.49 9.92
C ALA M 117 -12.93 14.50 10.57
N ALA M 118 -13.49 15.44 9.82
CA ALA M 118 -14.57 16.26 10.38
C ALA M 118 -15.91 15.56 10.22
N SER M 119 -16.17 15.01 9.04
CA SER M 119 -17.45 14.39 8.77
C SER M 119 -17.57 12.98 9.31
N ILE M 120 -16.54 12.46 9.97
CA ILE M 120 -16.72 11.30 10.83
C ILE M 120 -17.27 11.75 12.17
N MET M 121 -16.81 12.90 12.65
CA MET M 121 -17.26 13.44 13.93
C MET M 121 -18.69 13.96 13.82
N VAL M 122 -19.03 14.58 12.70
CA VAL M 122 -20.41 15.01 12.49
C VAL M 122 -21.32 13.80 12.32
N HIS M 123 -20.77 12.73 11.72
CA HIS M 123 -21.56 11.52 11.56
C HIS M 123 -21.72 10.75 12.85
N LEU M 124 -20.72 10.81 13.75
CA LEU M 124 -20.89 10.23 15.08
C LEU M 124 -21.99 10.94 15.85
N ALA M 125 -22.12 12.25 15.64
CA ALA M 125 -23.14 12.99 16.35
C ALA M 125 -24.52 12.71 15.79
N ARG M 126 -24.63 12.33 14.53
CA ARG M 126 -25.93 11.94 14.03
C ARG M 126 -26.31 10.59 14.59
N ILE M 127 -25.34 9.69 14.73
CA ILE M 127 -25.60 8.34 15.21
C ILE M 127 -25.91 8.36 16.69
N PHE M 128 -25.23 9.23 17.44
CA PHE M 128 -25.39 9.23 18.88
C PHE M 128 -26.73 9.80 19.29
N PHE M 129 -27.05 11.01 18.81
CA PHE M 129 -28.23 11.70 19.32
C PHE M 129 -29.51 11.10 18.78
N THR M 130 -29.53 10.71 17.51
CA THR M 130 -30.73 10.09 16.96
C THR M 130 -30.87 8.63 17.36
N GLY M 131 -29.83 8.02 17.90
CA GLY M 131 -29.93 6.69 18.46
C GLY M 131 -29.95 5.59 17.43
N ALA M 132 -29.05 5.65 16.47
CA ALA M 132 -28.94 4.63 15.44
C ALA M 132 -28.04 3.49 15.84
N PHE M 133 -27.55 3.47 17.07
CA PHE M 133 -26.66 2.43 17.57
C PHE M 133 -27.39 1.37 18.36
N ARG M 134 -28.72 1.35 18.33
CA ARG M 134 -29.46 0.44 19.19
C ARG M 134 -29.50 -0.94 18.53
N ARG M 135 -30.36 -1.83 19.07
CA ARG M 135 -30.28 -3.31 19.07
C ARG M 135 -29.66 -4.00 17.85
N PRO M 136 -30.06 -3.73 16.59
CA PRO M 136 -29.40 -4.45 15.50
C PRO M 136 -28.05 -3.90 15.15
N ARG M 137 -27.75 -2.67 15.56
CA ARG M 137 -26.64 -1.89 15.04
C ARG M 137 -25.61 -1.59 16.12
N GLU M 138 -25.56 -2.46 17.14
CA GLU M 138 -24.54 -2.36 18.17
C GLU M 138 -23.16 -2.57 17.59
N ALA M 139 -22.99 -3.61 16.78
CA ALA M 139 -21.68 -3.90 16.20
C ALA M 139 -21.36 -3.00 15.03
N ASN M 140 -22.33 -2.26 14.53
CA ASN M 140 -22.01 -1.29 13.49
C ASN M 140 -21.47 -0.01 14.08
N TRP M 141 -21.81 0.27 15.34
CA TRP M 141 -21.14 1.30 16.12
C TRP M 141 -19.70 0.93 16.38
N VAL M 142 -19.44 -0.35 16.69
CA VAL M 142 -18.11 -0.77 17.09
C VAL M 142 -17.19 -0.84 15.88
N ILE M 143 -17.69 -1.36 14.75
CA ILE M 143 -16.97 -1.27 13.48
C ILE M 143 -16.80 0.18 13.09
N GLY M 144 -17.79 1.01 13.38
CA GLY M 144 -17.69 2.42 13.08
C GLY M 144 -16.65 3.13 13.94
N SER M 145 -16.75 3.00 15.25
CA SER M 145 -15.91 3.76 16.17
C SER M 145 -14.45 3.38 16.11
N LEU M 146 -14.09 2.25 15.50
CA LEU M 146 -12.70 1.98 15.18
C LEU M 146 -12.22 2.78 13.98
N LEU M 147 -13.12 3.07 13.04
CA LEU M 147 -12.74 3.90 11.90
C LEU M 147 -12.47 5.34 12.31
N LEU M 148 -13.08 5.80 13.40
CA LEU M 148 -12.74 7.12 13.90
C LEU M 148 -11.38 7.12 14.58
N ILE M 149 -11.08 6.07 15.33
CA ILE M 149 -9.79 5.98 16.00
C ILE M 149 -8.68 5.77 14.98
N LEU M 150 -8.95 4.99 13.93
CA LEU M 150 -7.96 4.81 12.88
C LEU M 150 -7.81 6.04 12.02
N ALA M 151 -8.82 6.91 11.96
CA ALA M 151 -8.67 8.15 11.22
C ALA M 151 -7.90 9.21 11.99
N MET M 152 -7.83 9.09 13.33
CA MET M 152 -6.96 9.95 14.10
C MET M 152 -5.50 9.66 13.79
N PHE M 153 -5.14 8.39 13.74
CA PHE M 153 -3.74 8.01 13.58
C PHE M 153 -3.32 7.98 12.13
N GLU M 154 -4.27 7.87 11.20
CA GLU M 154 -3.92 7.97 9.79
C GLU M 154 -3.52 9.39 9.42
N GLY M 155 -4.27 10.38 9.91
CA GLY M 155 -3.89 11.76 9.64
C GLY M 155 -2.66 12.20 10.40
N PHE M 156 -2.49 11.71 11.63
CA PHE M 156 -1.31 12.03 12.43
C PHE M 156 -0.05 11.43 11.84
N PHE M 157 -0.15 10.29 11.17
CA PHE M 157 0.97 9.74 10.45
C PHE M 157 1.12 10.34 9.07
N GLY M 158 0.21 11.22 8.68
CA GLY M 158 0.24 11.82 7.37
C GLY M 158 1.01 13.10 7.31
N TYR M 159 0.71 14.05 8.18
CA TYR M 159 1.45 15.30 8.14
C TYR M 159 2.82 15.19 8.80
N SER M 160 3.15 14.04 9.38
CA SER M 160 4.48 13.79 9.91
C SER M 160 5.42 13.23 8.87
N LEU M 161 4.92 12.85 7.72
CA LEU M 161 5.73 12.46 6.58
C LEU M 161 6.56 13.58 5.93
N PRO M 162 6.09 14.84 5.79
CA PRO M 162 6.99 15.86 5.23
C PRO M 162 8.21 16.19 6.06
N ASP M 163 8.27 15.80 7.33
CA ASP M 163 9.39 16.08 8.24
C ASP M 163 9.62 17.58 8.36
N ASP M 164 8.53 18.31 8.57
CA ASP M 164 8.58 19.74 8.79
C ASP M 164 9.09 20.01 10.20
N LEU M 165 9.55 21.24 10.44
CA LEU M 165 9.88 21.65 11.80
C LEU M 165 8.64 21.74 12.67
N LEU M 166 7.55 22.27 12.13
CA LEU M 166 6.30 22.34 12.84
C LEU M 166 5.72 20.96 13.10
N SER M 167 5.93 20.05 12.16
CA SER M 167 5.37 18.70 12.19
C SER M 167 6.34 17.67 12.72
N GLY M 168 7.56 18.05 13.03
CA GLY M 168 8.51 17.13 13.62
C GLY M 168 8.50 17.24 15.12
N THR M 169 8.22 18.43 15.64
CA THR M 169 8.07 18.58 17.08
C THR M 169 6.78 17.95 17.59
N GLY M 170 5.80 17.72 16.72
CA GLY M 170 4.63 16.96 17.12
C GLY M 170 4.92 15.50 17.34
N ILE M 171 5.87 14.94 16.59
CA ILE M 171 6.29 13.57 16.81
C ILE M 171 7.13 13.48 18.09
N ARG M 172 8.01 14.47 18.31
CA ARG M 172 8.81 14.51 19.54
C ARG M 172 7.93 14.68 20.78
N ALA M 173 6.83 15.41 20.66
CA ALA M 173 5.92 15.53 21.78
C ALA M 173 5.10 14.25 21.98
N ALA M 174 4.43 13.78 20.93
CA ALA M 174 3.46 12.70 21.11
C ALA M 174 4.13 11.33 21.15
N LEU M 175 4.77 10.92 20.07
CA LEU M 175 5.31 9.57 20.00
C LEU M 175 6.57 9.36 20.84
N SER M 176 7.25 10.43 21.24
CA SER M 176 8.47 10.29 22.03
C SER M 176 8.34 10.74 23.46
N GLY M 177 7.24 11.40 23.83
CA GLY M 177 7.05 11.78 25.20
C GLY M 177 6.03 10.91 25.90
N ILE M 178 4.96 10.54 25.19
CA ILE M 178 3.92 9.72 25.79
C ILE M 178 4.35 8.27 25.86
N THR M 179 4.98 7.76 24.80
CA THR M 179 5.40 6.36 24.78
C THR M 179 6.61 6.09 25.66
N MET M 180 7.30 7.14 26.10
CA MET M 180 8.47 6.97 26.95
C MET M 180 8.09 6.88 28.42
N GLY M 181 6.88 7.28 28.80
CA GLY M 181 6.50 7.25 30.19
C GLY M 181 5.33 6.35 30.53
N ILE M 182 5.08 5.33 29.73
CA ILE M 182 4.00 4.39 30.01
C ILE M 182 4.45 3.42 31.09
N PRO M 183 3.72 3.31 32.20
CA PRO M 183 4.14 2.41 33.28
C PRO M 183 3.86 0.95 33.04
N VAL M 184 3.11 0.60 31.99
CA VAL M 184 2.65 -0.78 31.80
C VAL M 184 3.83 -1.67 31.40
N ILE M 185 4.63 -1.20 30.43
CA ILE M 185 5.82 -1.92 30.02
C ILE M 185 7.09 -1.08 30.14
N GLY M 186 7.01 0.24 30.08
CA GLY M 186 8.19 1.07 30.16
C GLY M 186 8.59 1.70 28.85
N THR M 187 9.89 1.92 28.66
CA THR M 187 10.42 2.50 27.43
C THR M 187 10.80 1.44 26.41
N TRP M 188 10.42 0.18 26.65
CA TRP M 188 10.75 -0.90 25.73
C TRP M 188 10.01 -0.76 24.41
N MET M 189 8.86 -0.08 24.42
CA MET M 189 8.14 0.16 23.18
C MET M 189 8.80 1.26 22.36
N HIS M 190 9.51 2.18 23.02
CA HIS M 190 10.10 3.33 22.33
C HIS M 190 11.20 2.94 21.36
N TRP M 191 11.95 1.88 21.67
CA TRP M 191 12.89 1.30 20.73
C TRP M 191 12.23 0.39 19.71
N ALA M 192 10.95 0.10 19.87
CA ALA M 192 10.25 -0.79 18.96
C ALA M 192 9.47 -0.07 17.88
N LEU M 193 9.21 1.23 18.03
CA LEU M 193 8.57 2.00 16.97
C LEU M 193 9.46 3.11 16.44
N PHE M 194 10.69 3.23 16.94
CA PHE M 194 11.68 4.13 16.38
C PHE M 194 12.94 3.44 15.90
N GLY M 195 13.23 2.25 16.42
CA GLY M 195 14.49 1.59 16.08
C GLY M 195 15.69 2.17 16.78
N GLY M 196 15.48 2.95 17.82
CA GLY M 196 16.56 3.61 18.52
C GLY M 196 16.05 4.87 19.18
N ASP M 197 16.98 5.76 19.49
CA ASP M 197 16.63 7.04 20.06
C ASP M 197 15.99 7.92 18.98
N PHE M 198 15.21 8.90 19.42
CA PHE M 198 14.63 9.86 18.49
C PHE M 198 15.74 10.71 17.88
N PRO M 199 15.68 11.02 16.57
CA PRO M 199 14.72 10.59 15.56
C PRO M 199 15.02 9.23 14.97
N GLY M 200 16.25 8.75 15.18
CA GLY M 200 16.64 7.49 14.57
C GLY M 200 16.85 7.65 13.08
N GLU M 201 16.59 6.56 12.36
CA GLU M 201 16.74 6.55 10.92
C GLU M 201 15.61 5.85 10.20
N ILE M 202 14.73 5.15 10.90
CA ILE M 202 13.72 4.31 10.29
C ILE M 202 12.36 4.78 10.84
N LEU M 203 12.27 6.06 11.16
CA LEU M 203 11.00 6.61 11.61
C LEU M 203 10.04 6.82 10.43
N ILE M 204 10.39 7.70 9.52
CA ILE M 204 9.52 8.08 8.40
C ILE M 204 9.28 6.92 7.41
N PRO M 205 10.25 6.07 7.04
CA PRO M 205 9.87 4.88 6.26
C PRO M 205 9.03 3.86 6.99
N ARG M 206 8.92 3.93 8.32
CA ARG M 206 7.94 3.13 9.03
C ARG M 206 6.60 3.84 9.10
N LEU M 207 6.62 5.17 9.12
CA LEU M 207 5.39 5.95 9.06
C LEU M 207 4.88 6.13 7.65
N TYR M 208 5.62 5.68 6.64
CA TYR M 208 5.16 5.69 5.26
C TYR M 208 4.55 4.37 4.86
N ALA M 209 4.97 3.30 5.50
CA ALA M 209 4.40 1.98 5.29
C ALA M 209 3.03 1.86 5.95
N LEU M 210 2.93 2.31 7.20
CA LEU M 210 1.67 2.27 7.93
C LEU M 210 0.63 3.13 7.24
N HIS M 211 1.03 4.30 6.78
CA HIS M 211 0.10 5.31 6.31
C HIS M 211 -0.42 5.04 4.91
N ILE M 212 0.20 4.15 4.15
CA ILE M 212 -0.24 3.85 2.79
C ILE M 212 -0.98 2.53 2.72
N LEU M 213 -0.36 1.45 3.16
CA LEU M 213 -0.98 0.14 3.02
C LEU M 213 -1.57 -0.38 4.32
N LEU M 214 -0.87 -0.22 5.43
CA LEU M 214 -1.27 -0.95 6.63
C LEU M 214 -2.52 -0.34 7.27
N ILE M 215 -2.56 0.97 7.42
CA ILE M 215 -3.75 1.57 8.02
C ILE M 215 -4.87 1.80 6.99
N PRO M 216 -4.65 2.32 5.77
CA PRO M 216 -5.77 2.33 4.81
C PRO M 216 -6.16 0.98 4.27
N GLY M 217 -5.38 -0.06 4.51
CA GLY M 217 -5.88 -1.39 4.25
C GLY M 217 -6.77 -1.93 5.35
N ILE M 218 -6.73 -1.33 6.53
CA ILE M 218 -7.67 -1.67 7.59
C ILE M 218 -8.87 -0.75 7.55
N ILE M 219 -8.68 0.53 7.19
CA ILE M 219 -9.79 1.46 7.06
C ILE M 219 -10.71 1.03 5.92
N LEU M 220 -10.13 0.68 4.77
CA LEU M 220 -10.96 0.26 3.65
C LEU M 220 -11.56 -1.12 3.87
N ALA M 221 -10.91 -1.96 4.67
CA ALA M 221 -11.52 -3.23 5.04
C ALA M 221 -12.63 -3.03 6.05
N LEU M 222 -12.50 -2.06 6.94
CA LEU M 222 -13.58 -1.81 7.89
C LEU M 222 -14.76 -1.11 7.25
N ILE M 223 -14.49 -0.14 6.35
CA ILE M 223 -15.55 0.53 5.59
C ILE M 223 -16.33 -0.48 4.76
N GLY M 224 -15.63 -1.44 4.16
CA GLY M 224 -16.29 -2.49 3.42
C GLY M 224 -17.13 -3.40 4.28
N ALA M 225 -16.82 -3.52 5.57
CA ALA M 225 -17.65 -4.26 6.51
C ALA M 225 -18.61 -3.36 7.25
N HIS M 226 -18.76 -2.12 6.80
CA HIS M 226 -19.54 -1.09 7.48
C HIS M 226 -20.68 -0.60 6.60
N LEU M 227 -20.40 -0.29 5.34
CA LEU M 227 -21.43 -0.02 4.37
C LEU M 227 -22.13 -1.29 3.92
N ALA M 228 -21.54 -2.46 4.14
CA ALA M 228 -22.22 -3.72 3.89
C ALA M 228 -22.93 -4.24 5.12
N LEU M 229 -22.99 -3.46 6.19
CA LEU M 229 -23.99 -3.70 7.21
C LEU M 229 -25.23 -2.86 7.01
N VAL M 230 -25.06 -1.56 6.71
CA VAL M 230 -26.20 -0.71 6.46
C VAL M 230 -26.93 -1.05 5.16
N TRP M 231 -26.31 -1.85 4.30
CA TRP M 231 -26.99 -2.27 3.09
C TRP M 231 -27.91 -3.45 3.35
N PHE M 232 -27.55 -4.34 4.28
CA PHE M 232 -28.24 -5.60 4.47
C PHE M 232 -29.12 -5.65 5.70
N GLN M 233 -28.68 -5.14 6.85
CA GLN M 233 -29.65 -4.68 7.83
C GLN M 233 -29.97 -3.24 7.45
N LYS M 234 -31.23 -2.99 7.10
CA LYS M 234 -31.52 -1.82 6.30
C LYS M 234 -31.44 -0.55 7.12
N HIS M 235 -31.49 0.58 6.44
CA HIS M 235 -31.22 1.85 7.08
C HIS M 235 -32.40 2.25 7.96
N THR M 236 -32.12 3.00 9.02
CA THR M 236 -33.16 3.45 9.93
C THR M 236 -33.92 4.63 9.32
N GLN M 237 -34.92 5.09 10.04
CA GLN M 237 -35.73 6.21 9.58
C GLN M 237 -36.37 6.89 10.77
N PHE M 238 -36.54 8.19 10.67
CA PHE M 238 -37.31 8.92 11.67
C PHE M 238 -38.78 8.56 11.53
N PRO M 239 -39.53 8.56 12.63
CA PRO M 239 -40.96 8.24 12.52
C PRO M 239 -41.73 9.36 11.83
N GLY M 240 -42.78 8.96 11.14
CA GLY M 240 -43.57 9.89 10.37
C GLY M 240 -44.90 9.31 9.95
N PRO M 241 -45.37 9.66 8.75
CA PRO M 241 -46.65 9.14 8.27
C PRO M 241 -46.71 7.65 7.98
N GLY M 242 -45.80 7.14 7.16
CA GLY M 242 -45.91 5.75 6.76
C GLY M 242 -44.84 4.86 7.37
N ARG M 243 -44.20 5.33 8.44
CA ARG M 243 -43.04 4.68 9.02
C ARG M 243 -43.50 3.89 10.23
N THR M 244 -43.58 2.57 10.10
CA THR M 244 -44.15 1.74 11.16
C THR M 244 -43.20 0.61 11.55
N GLU M 245 -41.92 0.94 11.79
CA GLU M 245 -40.95 0.11 12.53
C GLU M 245 -40.50 -1.12 11.73
N THR M 246 -41.16 -1.40 10.62
CA THR M 246 -40.84 -2.54 9.79
C THR M 246 -40.90 -2.20 8.31
N ASN M 247 -41.16 -0.95 7.95
CA ASN M 247 -41.08 -0.44 6.60
C ASN M 247 -39.77 0.30 6.41
N VAL M 248 -39.43 0.54 5.15
CA VAL M 248 -38.43 1.55 4.79
C VAL M 248 -39.14 2.45 3.80
N VAL M 249 -39.60 3.61 4.24
CA VAL M 249 -40.24 4.58 3.38
C VAL M 249 -39.18 5.58 2.93
N GLY M 250 -39.06 5.76 1.63
CA GLY M 250 -38.05 6.63 1.09
C GLY M 250 -38.07 6.59 -0.42
N VAL M 251 -36.91 6.41 -1.04
CA VAL M 251 -36.83 6.37 -2.49
C VAL M 251 -35.95 5.19 -2.86
N ARG M 252 -36.10 4.71 -4.10
CA ARG M 252 -35.37 3.52 -4.54
C ARG M 252 -33.95 3.86 -4.94
N VAL M 253 -33.27 2.95 -5.64
CA VAL M 253 -31.86 3.13 -5.99
C VAL M 253 -31.66 3.50 -7.44
N MET M 254 -32.45 2.96 -8.38
CA MET M 254 -32.00 3.15 -9.76
C MET M 254 -32.30 4.53 -10.38
N PRO M 255 -33.56 5.06 -10.45
CA PRO M 255 -33.68 6.37 -11.08
C PRO M 255 -33.20 7.48 -10.16
N VAL M 256 -33.60 7.43 -8.89
CA VAL M 256 -33.23 8.38 -7.86
C VAL M 256 -32.33 7.62 -6.90
N PHE M 257 -31.39 8.33 -6.27
CA PHE M 257 -30.33 7.91 -5.34
C PHE M 257 -29.16 7.25 -6.08
N ALA M 258 -29.29 6.91 -7.36
CA ALA M 258 -28.09 6.75 -8.15
C ALA M 258 -27.66 8.07 -8.75
N VAL M 259 -28.55 9.05 -8.75
CA VAL M 259 -28.25 10.40 -9.20
C VAL M 259 -27.89 11.29 -8.02
N LYS M 260 -28.73 11.35 -6.99
CA LYS M 260 -28.47 12.27 -5.90
C LYS M 260 -27.37 11.81 -4.96
N SER M 261 -26.91 10.57 -5.08
CA SER M 261 -25.70 10.16 -4.38
C SER M 261 -24.50 10.13 -5.30
N GLY M 262 -24.70 10.31 -6.60
CA GLY M 262 -23.59 10.47 -7.52
C GLY M 262 -23.32 11.93 -7.77
N ALA M 263 -24.37 12.75 -7.78
CA ALA M 263 -24.18 14.18 -7.91
C ALA M 263 -23.67 14.79 -6.61
N PHE M 264 -23.91 14.14 -5.48
CA PHE M 264 -23.36 14.64 -4.23
C PHE M 264 -21.88 14.32 -4.12
N PHE M 265 -21.42 13.25 -4.77
CA PHE M 265 -19.99 12.98 -4.86
C PHE M 265 -19.29 13.98 -5.77
N ALA M 266 -20.00 14.51 -6.77
CA ALA M 266 -19.43 15.56 -7.59
C ALA M 266 -19.38 16.90 -6.88
N MET M 267 -20.20 17.11 -5.86
CA MET M 267 -20.20 18.38 -5.16
C MET M 267 -19.32 18.40 -3.93
N ILE M 268 -19.07 17.24 -3.31
CA ILE M 268 -18.04 17.17 -2.27
C ILE M 268 -16.66 17.33 -2.89
N THR M 269 -16.44 16.75 -4.06
CA THR M 269 -15.17 16.88 -4.74
C THR M 269 -14.98 18.29 -5.29
N GLY M 270 -16.09 18.96 -5.63
CA GLY M 270 -15.99 20.32 -6.10
C GLY M 270 -15.67 21.32 -5.00
N VAL M 271 -16.05 21.00 -3.76
CA VAL M 271 -15.67 21.87 -2.64
C VAL M 271 -14.19 21.74 -2.35
N LEU M 272 -13.67 20.51 -2.33
CA LEU M 272 -12.25 20.29 -2.09
C LEU M 272 -11.39 20.74 -3.26
N GLY M 273 -11.97 20.88 -4.45
CA GLY M 273 -11.26 21.55 -5.53
C GLY M 273 -11.10 23.04 -5.25
N LEU M 274 -12.16 23.69 -4.77
CA LEU M 274 -12.07 25.09 -4.41
C LEU M 274 -11.23 25.30 -3.16
N MET M 275 -11.41 24.46 -2.13
CA MET M 275 -10.64 24.64 -0.90
C MET M 275 -9.19 24.24 -1.09
N GLY M 276 -8.92 23.28 -1.96
CA GLY M 276 -7.55 22.88 -2.19
C GLY M 276 -6.77 23.82 -3.09
N GLY M 277 -7.43 24.73 -3.76
CA GLY M 277 -6.73 25.61 -4.65
C GLY M 277 -6.66 27.02 -4.10
N LEU M 278 -7.69 27.44 -3.40
CA LEU M 278 -7.77 28.81 -2.91
C LEU M 278 -7.08 28.96 -1.56
N LEU M 279 -7.51 28.19 -0.57
CA LEU M 279 -7.01 28.30 0.79
C LEU M 279 -5.74 27.47 0.94
N THR M 280 -4.65 28.09 1.37
CA THR M 280 -3.45 27.35 1.69
C THR M 280 -3.63 26.62 3.01
N ILE M 281 -3.02 25.44 3.11
CA ILE M 281 -3.27 24.53 4.24
C ILE M 281 -2.03 24.28 5.07
N ASN M 282 -0.91 23.95 4.44
CA ASN M 282 0.29 23.56 5.18
C ASN M 282 1.50 24.03 4.40
N PRO M 283 1.96 25.24 4.64
CA PRO M 283 3.24 25.66 4.06
C PRO M 283 4.39 25.06 4.85
N ILE M 284 5.05 24.08 4.26
CA ILE M 284 6.19 23.43 4.91
C ILE M 284 7.48 24.08 4.44
N TRP M 285 7.36 25.11 3.60
CA TRP M 285 8.54 25.83 3.17
C TRP M 285 8.84 27.06 4.02
N ASN M 286 7.89 27.52 4.84
CA ASN M 286 8.16 28.63 5.73
C ASN M 286 9.10 28.20 6.86
N LEU M 287 8.64 27.29 7.70
CA LEU M 287 9.51 26.67 8.68
C LEU M 287 10.26 25.53 8.00
N GLY M 288 11.56 25.47 8.21
CA GLY M 288 12.41 24.56 7.48
C GLY M 288 12.31 23.12 7.94
N PRO M 289 13.40 22.38 7.78
CA PRO M 289 13.39 20.97 8.14
C PRO M 289 13.38 20.79 9.65
N TYR M 290 13.01 19.59 10.08
CA TYR M 290 13.04 19.30 11.51
C TYR M 290 14.48 19.08 11.93
N LYS M 291 15.06 20.09 12.55
CA LYS M 291 16.31 19.94 13.26
C LYS M 291 16.05 20.13 14.74
N PRO M 292 16.56 19.25 15.60
CA PRO M 292 16.19 19.29 17.03
C PRO M 292 16.70 20.50 17.78
N SER M 293 17.58 21.30 17.20
CA SER M 293 18.00 22.54 17.84
C SER M 293 17.00 23.66 17.62
N GLN M 294 16.23 23.60 16.53
CA GLN M 294 15.33 24.68 16.16
C GLN M 294 14.07 24.63 17.01
N VAL M 295 13.15 25.58 16.76
CA VAL M 295 11.96 25.72 17.58
C VAL M 295 10.88 26.40 16.74
N SER M 296 9.63 26.05 17.02
CA SER M 296 8.49 26.62 16.32
C SER M 296 7.46 27.08 17.35
N ALA M 297 7.04 28.34 17.25
CA ALA M 297 6.19 28.94 18.26
C ALA M 297 4.74 28.51 18.19
N GLY M 298 4.37 27.67 17.23
CA GLY M 298 2.98 27.27 17.07
C GLY M 298 2.76 25.77 16.94
N SER M 299 3.49 24.97 17.73
CA SER M 299 3.51 23.53 17.56
C SER M 299 2.18 22.90 17.95
N GLN M 300 1.30 22.70 16.97
CA GLN M 300 -0.08 22.28 17.17
C GLN M 300 -0.42 21.20 16.15
N PRO M 301 -1.23 20.22 16.53
CA PRO M 301 -1.67 19.20 15.56
C PRO M 301 -2.90 19.66 14.80
N ASP M 302 -3.40 18.84 13.87
CA ASP M 302 -4.65 19.14 13.22
C ASP M 302 -5.82 18.98 14.20
N PHE M 303 -7.01 19.42 13.78
CA PHE M 303 -8.12 19.57 14.74
C PHE M 303 -8.63 18.24 15.26
N TYR M 304 -8.45 17.15 14.52
CA TYR M 304 -8.79 15.84 15.03
C TYR M 304 -7.79 15.37 16.09
N MET M 305 -6.56 15.85 16.04
CA MET M 305 -5.59 15.53 17.09
C MET M 305 -5.36 16.71 18.03
N MET M 306 -6.19 17.74 17.97
CA MET M 306 -5.98 18.89 18.84
C MET M 306 -6.42 18.61 20.27
N TRP M 307 -7.43 17.76 20.46
CA TRP M 307 -7.89 17.46 21.81
C TRP M 307 -6.87 16.62 22.58
N THR M 308 -5.95 15.97 21.89
CA THR M 308 -4.87 15.27 22.57
C THR M 308 -3.81 16.24 23.06
N ASP M 309 -3.50 17.26 22.26
CA ASP M 309 -2.54 18.28 22.68
C ASP M 309 -3.13 19.17 23.76
N GLY M 310 -4.43 19.48 23.66
CA GLY M 310 -5.09 20.22 24.72
C GLY M 310 -5.26 19.45 26.00
N LEU M 311 -5.23 18.11 25.93
CA LEU M 311 -5.32 17.32 27.15
C LEU M 311 -4.01 17.34 27.91
N ILE M 312 -2.88 17.43 27.20
CA ILE M 312 -1.58 17.47 27.87
C ILE M 312 -1.40 18.80 28.59
N ARG M 313 -1.88 19.88 27.98
CA ARG M 313 -1.73 21.20 28.58
C ARG M 313 -2.55 21.46 29.82
N LEU M 314 -3.76 20.89 29.82
CA LEU M 314 -4.65 21.02 30.98
C LEU M 314 -4.26 20.10 32.15
N TRP M 315 -3.68 18.90 31.95
CA TRP M 315 -3.50 18.20 33.21
C TRP M 315 -2.42 18.95 33.97
N PRO M 316 -2.59 19.14 35.28
CA PRO M 316 -1.53 19.74 36.08
C PRO M 316 -0.37 18.76 36.25
N ALA M 317 0.73 19.29 36.76
CA ALA M 317 1.97 18.52 36.90
C ALA M 317 1.82 17.55 38.06
N TRP M 318 1.19 16.42 37.78
CA TRP M 318 0.94 15.37 38.76
C TRP M 318 1.83 14.17 38.43
N GLU M 319 2.95 14.08 39.13
CA GLU M 319 3.82 12.91 39.08
C GLU M 319 3.76 12.18 40.41
N PHE M 320 4.30 10.97 40.44
CA PHE M 320 4.14 10.11 41.61
C PHE M 320 5.43 9.77 42.33
N TYR M 321 6.43 9.22 41.61
CA TYR M 321 7.65 8.61 42.14
C TYR M 321 7.30 7.53 43.17
N PRO M 322 6.77 6.37 42.76
CA PRO M 322 6.36 5.38 43.75
C PRO M 322 7.51 4.58 44.33
N PHE M 323 8.65 4.56 43.66
CA PHE M 323 9.82 3.79 44.02
C PHE M 323 11.03 4.60 43.56
N GLY M 324 12.16 3.91 43.36
CA GLY M 324 13.27 4.54 42.65
C GLY M 324 12.91 4.98 41.23
N HIS M 325 11.94 4.31 40.61
CA HIS M 325 11.46 4.70 39.30
C HIS M 325 10.58 5.95 39.39
N THR M 326 10.19 6.46 38.24
CA THR M 326 9.34 7.64 38.17
C THR M 326 8.13 7.39 37.28
N ILE M 327 7.08 8.15 37.53
CA ILE M 327 5.86 8.13 36.72
C ILE M 327 5.59 9.56 36.26
N PRO M 328 5.74 9.87 34.97
CA PRO M 328 5.64 11.27 34.53
C PRO M 328 4.21 11.75 34.40
N GLN M 329 4.06 12.97 33.88
CA GLN M 329 2.74 13.52 33.60
C GLN M 329 2.05 12.81 32.44
N GLY M 330 2.82 12.19 31.54
CA GLY M 330 2.27 11.52 30.37
C GLY M 330 1.48 10.25 30.64
N VAL M 331 1.39 9.79 31.88
CA VAL M 331 0.51 8.66 32.18
C VAL M 331 -0.94 9.11 32.15
N TRP M 332 -1.21 10.38 32.47
CA TRP M 332 -2.58 10.86 32.55
C TRP M 332 -3.19 11.11 31.18
N VAL M 333 -2.38 11.12 30.13
CA VAL M 333 -2.91 11.23 28.78
C VAL M 333 -3.09 9.85 28.16
N ALA M 334 -2.14 8.93 28.39
CA ALA M 334 -2.24 7.60 27.82
C ALA M 334 -3.35 6.78 28.45
N VAL M 335 -3.73 7.10 29.69
CA VAL M 335 -4.94 6.52 30.26
C VAL M 335 -6.13 7.45 30.04
N GLY M 336 -5.90 8.71 29.67
CA GLY M 336 -6.97 9.61 29.34
C GLY M 336 -7.43 9.40 27.91
N MET M 337 -6.48 9.13 27.01
CA MET M 337 -6.85 8.80 25.64
C MET M 337 -7.44 7.40 25.56
N GLY M 338 -6.94 6.49 26.38
CA GLY M 338 -7.42 5.12 26.39
C GLY M 338 -8.71 4.89 27.12
N LEU M 339 -9.24 5.90 27.81
CA LEU M 339 -10.54 5.83 28.43
C LEU M 339 -11.62 6.52 27.61
N VAL M 340 -11.26 7.59 26.91
CA VAL M 340 -12.17 8.19 25.93
C VAL M 340 -12.45 7.21 24.80
N PHE M 341 -11.42 6.51 24.33
CA PHE M 341 -11.61 5.49 23.31
C PHE M 341 -12.30 4.24 23.84
N ALA M 342 -12.44 4.09 25.16
CA ALA M 342 -13.14 2.94 25.71
C ALA M 342 -14.60 3.22 26.00
N LEU M 343 -14.94 4.46 26.34
CA LEU M 343 -16.33 4.84 26.53
C LEU M 343 -16.99 5.28 25.24
N LEU M 344 -16.25 5.36 24.14
CA LEU M 344 -16.82 5.67 22.84
C LEU M 344 -17.03 4.43 22.00
N ILE M 345 -16.24 3.38 22.22
CA ILE M 345 -16.50 2.10 21.58
C ILE M 345 -17.63 1.37 22.29
N ALA M 346 -17.54 1.26 23.61
CA ALA M 346 -18.49 0.46 24.36
C ALA M 346 -19.65 1.27 24.89
N TYR M 347 -20.09 2.31 24.18
CA TYR M 347 -21.28 3.03 24.63
C TYR M 347 -22.57 2.23 24.51
N PRO M 348 -22.94 1.59 23.38
CA PRO M 348 -24.26 0.95 23.32
C PRO M 348 -24.44 -0.21 24.26
N PHE M 349 -23.37 -0.75 24.82
CA PHE M 349 -23.48 -1.82 25.78
C PHE M 349 -23.61 -1.30 27.20
N ILE M 350 -23.28 -0.04 27.45
CA ILE M 350 -23.54 0.58 28.74
C ILE M 350 -24.75 1.48 28.71
N GLU M 351 -25.59 1.36 27.68
CA GLU M 351 -26.97 1.85 27.72
C GLU M 351 -27.98 0.73 27.73
N LYS M 352 -27.65 -0.44 27.16
CA LYS M 352 -28.45 -1.64 27.41
C LYS M 352 -28.41 -2.05 28.87
N LYS M 353 -27.33 -1.72 29.58
CA LYS M 353 -27.23 -2.05 30.99
C LYS M 353 -27.93 -1.03 31.86
N VAL M 354 -27.82 0.26 31.51
CA VAL M 354 -28.42 1.31 32.33
C VAL M 354 -29.93 1.40 32.10
N THR M 355 -30.33 1.61 30.84
CA THR M 355 -31.75 1.78 30.55
C THR M 355 -32.49 0.43 30.55
N GLY M 356 -31.85 -0.62 30.07
CA GLY M 356 -32.50 -1.90 29.95
C GLY M 356 -33.32 -2.10 28.69
N ASP M 357 -33.42 -1.07 27.86
CA ASP M 357 -34.20 -1.15 26.62
C ASP M 357 -33.42 -1.97 25.60
N ASP M 358 -33.76 -3.25 25.50
CA ASP M 358 -33.03 -4.18 24.64
C ASP M 358 -33.98 -4.77 23.61
N ALA M 359 -34.75 -3.93 22.94
CA ALA M 359 -35.68 -4.37 21.90
C ALA M 359 -35.22 -3.87 20.53
N HIS M 360 -35.67 -4.57 19.51
CA HIS M 360 -35.26 -4.36 18.12
C HIS M 360 -35.79 -3.03 17.62
N HIS M 361 -34.92 -2.02 17.54
CA HIS M 361 -35.31 -0.67 17.17
C HIS M 361 -34.92 -0.36 15.74
N ASN M 362 -35.90 0.00 14.91
CA ASN M 362 -35.64 0.44 13.55
C ASN M 362 -36.00 1.89 13.32
N LEU M 363 -36.92 2.45 14.10
CA LEU M 363 -37.22 3.86 14.01
C LEU M 363 -36.22 4.62 14.88
N LEU M 364 -35.60 5.64 14.30
CA LEU M 364 -34.77 6.53 15.08
C LEU M 364 -35.62 7.29 16.08
N GLN M 365 -34.99 7.75 17.14
CA GLN M 365 -35.69 8.58 18.09
C GLN M 365 -35.12 9.98 18.05
N ARG M 366 -36.01 10.93 18.04
CA ARG M 366 -35.67 12.32 17.78
C ARG M 366 -34.91 12.86 18.99
N PRO M 367 -33.79 13.57 18.79
CA PRO M 367 -32.89 13.85 19.91
C PRO M 367 -33.40 14.86 20.93
N ARG M 368 -34.62 15.38 20.80
CA ARG M 368 -35.25 16.08 21.91
C ARG M 368 -36.08 15.14 22.77
N ASP M 369 -36.37 13.93 22.28
CA ASP M 369 -37.14 12.96 23.03
C ASP M 369 -36.29 12.12 23.95
N VAL M 370 -34.97 12.22 23.87
CA VAL M 370 -34.09 11.53 24.78
C VAL M 370 -33.33 12.59 25.56
N PRO M 371 -33.87 13.12 26.64
CA PRO M 371 -33.25 14.30 27.26
C PRO M 371 -31.96 14.01 27.98
N VAL M 372 -31.70 12.78 28.40
CA VAL M 372 -30.46 12.50 29.11
C VAL M 372 -29.31 12.27 28.14
N ARG M 373 -29.53 11.44 27.12
CA ARG M 373 -28.46 11.12 26.18
C ARG M 373 -28.17 12.29 25.25
N THR M 374 -29.13 13.19 25.04
CA THR M 374 -28.80 14.47 24.43
C THR M 374 -27.91 15.29 25.37
N ALA M 375 -28.16 15.21 26.67
CA ALA M 375 -27.38 15.98 27.62
C ALA M 375 -26.04 15.31 27.94
N ILE M 376 -25.96 13.99 27.84
CA ILE M 376 -24.65 13.34 27.94
C ILE M 376 -23.84 13.61 26.67
N GLY M 377 -24.52 13.68 25.53
CA GLY M 377 -23.82 13.92 24.29
C GLY M 377 -23.30 15.33 24.16
N SER M 378 -24.15 16.32 24.44
CA SER M 378 -23.71 17.71 24.41
C SER M 378 -22.73 18.05 25.53
N MET M 379 -22.69 17.25 26.60
CA MET M 379 -21.58 17.33 27.55
C MET M 379 -20.26 16.97 26.87
N ALA M 380 -20.29 16.00 25.96
CA ALA M 380 -19.07 15.51 25.34
C ALA M 380 -18.57 16.43 24.22
N ILE M 381 -19.49 17.09 23.49
CA ILE M 381 -19.06 18.12 22.55
C ILE M 381 -18.44 19.30 23.30
N ALA M 382 -19.07 19.72 24.40
CA ALA M 382 -18.55 20.82 25.20
C ALA M 382 -17.24 20.47 25.89
N LEU M 383 -16.95 19.20 26.11
CA LEU M 383 -15.65 18.81 26.61
C LEU M 383 -14.65 18.64 25.48
N TYR M 384 -15.11 18.25 24.29
CA TYR M 384 -14.22 18.22 23.14
C TYR M 384 -13.85 19.63 22.68
N LEU M 385 -14.83 20.53 22.65
CA LEU M 385 -14.56 21.91 22.23
C LEU M 385 -13.70 22.66 23.22
N LEU M 386 -13.65 22.22 24.47
CA LEU M 386 -12.81 22.89 25.45
C LEU M 386 -11.36 22.46 25.32
N LEU M 387 -11.13 21.17 25.03
CA LEU M 387 -9.75 20.70 24.87
C LEU M 387 -9.13 21.24 23.59
N THR M 388 -9.91 21.34 22.51
CA THR M 388 -9.38 21.87 21.26
C THR M 388 -9.31 23.39 21.24
N PHE M 389 -9.82 24.07 22.26
CA PHE M 389 -9.61 25.50 22.43
C PHE M 389 -8.64 25.78 23.57
N ALA M 390 -7.98 24.76 24.09
CA ALA M 390 -6.85 24.95 24.99
C ALA M 390 -5.54 24.53 24.38
N CYS M 391 -5.56 23.76 23.29
CA CYS M 391 -4.35 23.43 22.56
C CYS M 391 -3.88 24.56 21.67
N MET M 392 -4.77 25.49 21.33
CA MET M 392 -4.41 26.65 20.53
C MET M 392 -4.44 27.92 21.35
N ASN M 393 -4.17 27.80 22.66
CA ASN M 393 -4.23 28.93 23.57
C ASN M 393 -3.14 29.97 23.32
N ASP M 394 -2.02 29.58 22.71
CA ASP M 394 -1.02 30.58 22.35
C ASP M 394 -1.50 31.47 21.21
N ILE M 395 -2.33 30.93 20.32
CA ILE M 395 -2.96 31.75 19.30
C ILE M 395 -4.11 32.56 19.89
N ILE M 396 -4.79 32.02 20.90
CA ILE M 396 -5.76 32.81 21.66
C ILE M 396 -5.04 33.89 22.47
N ALA M 397 -3.80 33.63 22.88
CA ALA M 397 -3.03 34.62 23.64
C ALA M 397 -2.65 35.81 22.78
N LEU M 398 -2.15 35.56 21.58
CA LEU M 398 -1.65 36.65 20.74
C LEU M 398 -2.79 37.43 20.10
N LYS M 399 -3.73 36.74 19.47
CA LYS M 399 -4.73 37.42 18.67
C LYS M 399 -5.87 37.96 19.52
N PHE M 400 -6.43 37.13 20.40
CA PHE M 400 -7.61 37.55 21.15
C PHE M 400 -7.28 38.40 22.36
N HIS M 401 -6.00 38.56 22.71
CA HIS M 401 -5.51 39.39 23.82
C HIS M 401 -6.15 38.98 25.15
N ILE M 402 -5.80 37.77 25.60
CA ILE M 402 -6.32 37.37 26.91
C ILE M 402 -5.21 37.14 27.94
N SER M 403 -4.38 36.11 27.74
CA SER M 403 -3.22 35.75 28.55
C SER M 403 -2.66 34.47 27.94
N LEU M 404 -1.50 34.05 28.43
CA LEU M 404 -1.05 32.70 28.23
C LEU M 404 -1.08 31.89 29.52
N ASN M 405 -1.11 32.57 30.67
CA ASN M 405 -1.23 31.91 31.97
C ASN M 405 -2.66 31.63 32.35
N ALA M 406 -3.60 32.50 31.98
CA ALA M 406 -4.98 32.36 32.39
C ALA M 406 -5.82 31.55 31.42
N THR M 407 -5.26 31.14 30.28
CA THR M 407 -6.02 30.28 29.37
C THR M 407 -5.95 28.82 29.75
N THR M 408 -5.06 28.43 30.65
CA THR M 408 -5.15 27.09 31.22
C THR M 408 -6.05 27.07 32.44
N TRP M 409 -6.08 28.16 33.21
CA TRP M 409 -6.96 28.21 34.36
C TRP M 409 -8.43 28.41 33.98
N ILE M 410 -8.72 28.90 32.77
CA ILE M 410 -10.10 28.80 32.29
C ILE M 410 -10.32 27.48 31.59
N GLY M 411 -9.27 26.68 31.40
CA GLY M 411 -9.42 25.34 30.87
C GLY M 411 -9.48 24.33 31.98
N ARG M 412 -8.56 24.42 32.95
CA ARG M 412 -8.49 23.40 34.00
C ARG M 412 -9.63 23.55 35.00
N ILE M 413 -10.04 24.78 35.32
CA ILE M 413 -11.26 24.96 36.09
C ILE M 413 -12.48 24.69 35.19
N GLY M 414 -12.38 25.06 33.92
CA GLY M 414 -13.47 24.85 33.00
C GLY M 414 -13.69 23.40 32.62
N MET M 415 -12.69 22.55 32.79
CA MET M 415 -12.83 21.14 32.44
C MET M 415 -13.81 20.42 33.37
N VAL M 416 -14.03 20.96 34.56
CA VAL M 416 -14.99 20.41 35.50
C VAL M 416 -16.28 21.20 35.50
N VAL M 417 -16.20 22.52 35.39
CA VAL M 417 -17.38 23.37 35.55
C VAL M 417 -18.22 23.38 34.28
N LEU M 418 -17.59 23.60 33.12
CA LEU M 418 -18.34 23.77 31.88
C LEU M 418 -19.08 22.52 31.40
N PRO M 419 -18.53 21.29 31.44
CA PRO M 419 -19.38 20.13 31.13
C PRO M 419 -20.41 19.80 32.21
N ALA M 420 -20.39 20.48 33.36
CA ALA M 420 -21.44 20.32 34.35
C ALA M 420 -22.61 21.23 34.10
N ILE M 421 -22.40 22.40 33.48
CA ILE M 421 -23.52 23.31 33.20
C ILE M 421 -23.98 23.22 31.76
N VAL M 422 -23.32 22.43 30.92
CA VAL M 422 -23.89 22.11 29.62
C VAL M 422 -24.83 20.91 29.76
N TYR M 423 -24.64 20.08 30.79
CA TYR M 423 -25.62 19.06 31.11
C TYR M 423 -26.92 19.67 31.57
N PHE M 424 -26.85 20.77 32.32
CA PHE M 424 -28.09 21.34 32.83
C PHE M 424 -28.78 22.22 31.80
N VAL M 425 -28.03 22.85 30.90
CA VAL M 425 -28.63 23.73 29.91
C VAL M 425 -29.02 22.96 28.65
N ALA M 426 -28.81 21.65 28.62
CA ALA M 426 -29.31 20.83 27.52
C ALA M 426 -30.36 19.82 27.95
N TYR M 427 -30.33 19.37 29.20
CA TYR M 427 -31.42 18.56 29.71
C TYR M 427 -32.68 19.39 29.89
N ARG M 428 -32.53 20.65 30.28
CA ARG M 428 -33.65 21.57 30.38
C ARG M 428 -33.94 22.28 29.07
N TRP M 429 -33.14 22.03 28.03
CA TRP M 429 -33.48 22.51 26.70
C TRP M 429 -34.24 21.46 25.91
N ALA M 430 -33.81 20.20 26.03
CA ALA M 430 -34.47 19.12 25.30
C ALA M 430 -35.86 18.84 25.83
N ILE M 431 -36.09 19.08 27.12
CA ILE M 431 -37.44 18.92 27.67
C ILE M 431 -38.31 20.09 27.25
N SER M 432 -37.75 21.28 27.15
CA SER M 432 -38.56 22.42 26.73
C SER M 432 -38.85 22.42 25.25
N LEU M 433 -38.07 21.67 24.47
CA LEU M 433 -38.46 21.44 23.09
C LEU M 433 -39.60 20.46 22.97
N GLN M 434 -39.69 19.52 23.93
CA GLN M 434 -40.83 18.62 23.97
C GLN M 434 -42.11 19.38 24.30
N ARG M 435 -42.03 20.32 25.22
CA ARG M 435 -43.21 21.11 25.59
C ARG M 435 -43.61 22.08 24.50
N SER M 436 -42.71 22.42 23.59
CA SER M 436 -43.10 23.21 22.44
C SER M 436 -43.82 22.36 21.40
N ASP M 437 -43.56 21.05 21.38
CA ASP M 437 -44.28 20.16 20.49
C ASP M 437 -45.66 19.77 21.02
N ARG M 438 -45.93 19.99 22.29
CA ARG M 438 -47.25 19.70 22.81
C ARG M 438 -48.16 20.90 22.76
N GLU M 439 -47.61 22.10 22.64
CA GLU M 439 -48.44 23.28 22.43
C GLU M 439 -48.91 23.37 20.98
N VAL M 440 -48.17 22.79 20.04
CA VAL M 440 -48.62 22.78 18.66
C VAL M 440 -49.59 21.65 18.39
N LEU M 441 -49.75 20.73 19.34
CA LEU M 441 -50.74 19.67 19.25
C LEU M 441 -52.01 19.97 20.03
N GLU M 442 -51.88 20.52 21.23
CA GLU M 442 -53.08 20.85 22.01
C GLU M 442 -53.81 22.04 21.41
N HIS M 443 -53.08 23.12 21.13
CA HIS M 443 -53.67 24.34 20.60
C HIS M 443 -53.56 24.46 19.09
N GLY M 444 -52.37 24.26 18.55
CA GLY M 444 -52.20 24.23 17.12
C GLY M 444 -51.09 25.13 16.69
N VAL M 445 -50.96 25.28 15.37
CA VAL M 445 -49.88 26.08 14.79
C VAL M 445 -50.14 27.55 15.11
N GLU M 446 -49.31 28.12 15.95
CA GLU M 446 -49.49 29.47 16.44
C GLU M 446 -49.06 30.41 15.33
N THR M 447 -50.04 30.97 14.63
CA THR M 447 -49.76 31.91 13.56
C THR M 447 -49.67 33.32 14.15
N GLY M 448 -49.63 34.33 13.30
CA GLY M 448 -49.44 35.67 13.81
C GLY M 448 -50.65 36.56 13.86
N ILE M 449 -51.73 36.16 13.20
CA ILE M 449 -52.88 37.04 12.99
C ILE M 449 -53.66 37.18 14.29
N ILE M 450 -53.90 38.43 14.72
CA ILE M 450 -54.46 38.65 16.05
C ILE M 450 -55.97 38.73 16.06
N LYS M 451 -56.54 39.69 15.32
CA LYS M 451 -57.99 39.91 15.22
C LYS M 451 -58.64 40.21 16.58
N ARG M 452 -58.47 41.44 17.07
CA ARG M 452 -59.29 41.97 18.17
C ARG M 452 -60.76 41.67 17.99
N LEU M 453 -61.33 40.92 18.93
CA LEU M 453 -62.75 40.61 18.94
C LEU M 453 -63.56 41.87 19.28
N PRO M 454 -64.87 41.89 19.02
CA PRO M 454 -65.64 43.12 19.27
C PRO M 454 -65.81 43.52 20.73
N HIS M 455 -65.25 42.80 21.69
CA HIS M 455 -65.33 43.19 23.10
C HIS M 455 -63.94 43.30 23.72
N GLY M 456 -62.94 43.64 22.91
CA GLY M 456 -61.55 43.52 23.33
C GLY M 456 -60.95 42.23 22.83
N ALA M 457 -60.37 41.44 23.74
CA ALA M 457 -60.14 40.01 23.58
C ALA M 457 -59.24 39.69 22.38
N TYR M 458 -57.98 40.08 22.49
CA TYR M 458 -57.02 39.71 21.47
C TYR M 458 -56.80 38.20 21.49
N VAL M 459 -56.95 37.56 20.34
CA VAL M 459 -56.80 36.11 20.20
C VAL M 459 -55.68 35.94 19.18
N GLU M 460 -55.36 34.72 18.74
CA GLU M 460 -54.28 34.58 17.78
C GLU M 460 -54.62 33.64 16.64
N LEU M 461 -55.82 33.06 16.63
CA LEU M 461 -56.39 32.28 15.52
C LEU M 461 -55.50 31.09 15.14
N HIS M 462 -55.36 30.18 16.10
CA HIS M 462 -54.52 29.00 15.91
C HIS M 462 -55.10 28.08 14.86
N GLN M 463 -54.21 27.36 14.17
CA GLN M 463 -54.58 26.40 13.12
C GLN M 463 -54.65 25.00 13.71
N PRO M 464 -55.78 24.30 13.58
CA PRO M 464 -56.05 23.15 14.45
C PRO M 464 -55.22 21.89 14.18
N LEU M 465 -54.64 21.72 12.98
CA LEU M 465 -53.88 20.53 12.56
C LEU M 465 -54.67 19.23 12.70
N GLY M 466 -55.93 19.24 12.30
CA GLY M 466 -56.69 18.02 12.31
C GLY M 466 -58.19 18.23 12.45
N PRO M 467 -58.86 17.29 13.10
CA PRO M 467 -60.30 17.40 13.29
C PRO M 467 -60.66 18.52 14.26
N VAL M 468 -61.79 19.16 13.99
CA VAL M 468 -62.24 20.32 14.74
C VAL M 468 -63.39 19.89 15.65
N ASP M 469 -63.79 20.82 16.52
CA ASP M 469 -64.88 20.58 17.46
C ASP M 469 -65.53 21.92 17.76
N GLU M 470 -66.76 21.86 18.30
CA GLU M 470 -67.47 23.06 18.72
C GLU M 470 -66.81 23.74 19.92
N HIS M 471 -66.00 23.01 20.68
CA HIS M 471 -65.17 23.60 21.72
C HIS M 471 -64.07 24.43 21.08
N GLY M 472 -63.52 25.36 21.87
CA GLY M 472 -62.49 26.28 21.41
C GLY M 472 -61.23 25.63 20.89
N HIS M 473 -60.50 24.92 21.75
CA HIS M 473 -59.39 24.16 21.21
C HIS M 473 -59.90 22.85 20.61
N PRO M 474 -59.30 22.37 19.51
CA PRO M 474 -59.77 21.13 18.88
C PRO M 474 -59.37 19.89 19.65
N ILE M 475 -59.64 18.72 19.06
CA ILE M 475 -59.25 17.46 19.69
C ILE M 475 -57.72 17.34 19.69
N PRO M 476 -57.11 16.99 20.81
CA PRO M 476 -55.65 16.92 20.87
C PRO M 476 -55.13 15.66 20.19
N LEU M 477 -54.09 15.83 19.37
CA LEU M 477 -53.45 14.71 18.72
C LEU M 477 -52.42 14.08 19.66
N GLU M 478 -51.89 12.95 19.24
CA GLU M 478 -50.79 12.30 19.93
C GLU M 478 -49.48 12.63 19.23
N TYR M 479 -48.37 12.41 19.93
CA TYR M 479 -47.09 12.88 19.39
C TYR M 479 -46.53 11.96 18.32
N ALA M 480 -46.15 10.74 18.73
CA ALA M 480 -45.67 9.67 17.84
C ALA M 480 -44.46 10.08 16.99
N GLY M 481 -43.57 10.89 17.54
CA GLY M 481 -42.31 11.20 16.88
C GLY M 481 -42.39 12.07 15.65
N ALA M 482 -43.46 12.79 15.46
CA ALA M 482 -43.58 13.63 14.28
C ALA M 482 -42.76 14.91 14.44
N PRO M 483 -42.32 15.50 13.32
CA PRO M 483 -41.58 16.76 13.42
C PRO M 483 -42.44 17.97 13.76
N LEU M 484 -43.74 17.98 13.44
CA LEU M 484 -44.72 18.98 13.87
C LEU M 484 -44.41 20.42 13.46
N PRO M 485 -44.76 20.84 12.24
CA PRO M 485 -44.41 22.18 11.76
C PRO M 485 -44.99 23.30 12.60
N LYS M 486 -44.13 24.27 12.97
CA LYS M 486 -44.49 25.37 13.85
C LYS M 486 -44.95 26.61 13.11
N ARG M 487 -44.67 26.73 11.82
CA ARG M 487 -44.96 27.94 11.08
C ARG M 487 -46.01 27.65 10.01
N MET M 488 -46.80 28.68 9.68
CA MET M 488 -47.87 28.50 8.70
C MET M 488 -47.41 28.59 7.26
N ASN M 489 -46.27 29.20 6.99
CA ASN M 489 -45.79 29.22 5.61
C ASN M 489 -45.32 27.84 5.16
N LYS M 490 -44.86 27.02 6.11
CA LYS M 490 -44.43 25.67 5.78
C LYS M 490 -45.62 24.76 5.48
N LEU M 491 -46.80 25.10 6.00
CA LEU M 491 -48.03 24.49 5.55
C LEU M 491 -48.51 25.23 4.31
N GLY M 492 -49.68 24.86 3.80
CA GLY M 492 -50.14 25.46 2.58
C GLY M 492 -50.76 26.84 2.76
N SER M 493 -49.94 27.85 3.03
CA SER M 493 -50.46 29.21 3.11
C SER M 493 -49.61 30.24 2.39
N GLY M 494 -48.41 29.90 1.96
CA GLY M 494 -47.60 30.83 1.20
C GLY M 494 -48.17 31.04 -0.19
N GLY M 495 -48.10 30.02 -1.03
CA GLY M 495 -48.60 30.12 -2.38
C GLY M 495 -47.50 30.41 -3.38
N ALA M 496 -47.76 30.07 -4.63
CA ALA M 496 -46.79 30.24 -5.68
C ALA M 496 -46.70 31.72 -6.09
N PRO M 497 -45.50 32.20 -6.43
CA PRO M 497 -45.34 33.61 -6.80
C PRO M 497 -45.77 33.97 -8.21
N GLY M 498 -46.42 33.08 -8.93
CA GLY M 498 -46.75 33.35 -10.32
C GLY M 498 -45.62 32.87 -11.19
N THR M 499 -45.88 31.86 -12.02
CA THR M 499 -44.81 31.22 -12.76
C THR M 499 -44.34 32.12 -13.89
N GLY M 500 -43.11 31.90 -14.32
CA GLY M 500 -42.44 32.72 -15.30
C GLY M 500 -40.97 32.80 -14.99
N SER M 501 -40.30 33.78 -15.59
CA SER M 501 -38.88 33.98 -15.38
C SER M 501 -38.65 34.82 -14.13
N PHE M 502 -37.42 35.26 -13.92
CA PHE M 502 -37.18 36.22 -12.87
C PHE M 502 -37.51 37.64 -13.31
N LEU M 503 -37.71 37.86 -14.60
CA LEU M 503 -38.04 39.19 -15.08
C LEU M 503 -39.33 39.26 -15.90
N PHE M 504 -39.79 38.14 -16.46
CA PHE M 504 -40.93 38.18 -17.37
C PHE M 504 -41.88 37.01 -17.09
N PRO M 505 -43.18 37.25 -17.15
CA PRO M 505 -44.15 36.23 -16.73
C PRO M 505 -44.48 35.27 -17.87
N ASP M 506 -45.35 34.32 -17.55
CA ASP M 506 -45.96 33.39 -18.47
C ASP M 506 -47.39 33.83 -18.77
N PRO M 507 -47.96 33.45 -19.94
CA PRO M 507 -49.20 34.11 -20.39
C PRO M 507 -50.49 33.74 -19.67
N ALA M 508 -50.40 33.14 -18.49
CA ALA M 508 -51.46 32.87 -17.51
C ALA M 508 -52.46 31.81 -17.94
N VAL M 509 -52.37 31.29 -19.16
CA VAL M 509 -53.02 30.02 -19.45
C VAL M 509 -52.12 28.88 -19.00
N GLU M 510 -50.81 29.06 -19.18
CA GLU M 510 -49.78 28.13 -18.72
C GLU M 510 -49.44 28.32 -17.26
N HIS M 511 -50.07 29.27 -16.57
CA HIS M 511 -49.92 29.39 -15.12
C HIS M 511 -50.99 28.61 -14.37
N GLU M 512 -52.25 28.69 -14.79
CA GLU M 512 -53.30 27.94 -14.11
C GLU M 512 -53.22 26.45 -14.39
N ALA M 513 -52.51 26.04 -15.44
CA ALA M 513 -52.28 24.62 -15.65
C ALA M 513 -51.13 24.10 -14.82
N LEU M 514 -50.14 24.94 -14.52
CA LEU M 514 -49.00 24.55 -13.71
C LEU M 514 -49.21 24.83 -12.23
N THR M 515 -50.43 25.20 -11.83
CA THR M 515 -50.77 25.25 -10.42
C THR M 515 -52.03 24.46 -10.07
N GLU M 516 -52.84 24.07 -11.06
CA GLU M 516 -53.87 23.09 -10.81
C GLU M 516 -53.27 21.69 -10.78
N ALA M 517 -52.33 21.42 -11.67
CA ALA M 517 -51.60 20.16 -11.69
C ALA M 517 -50.41 20.15 -10.74
N ALA M 518 -50.26 21.19 -9.92
CA ALA M 518 -49.24 21.20 -8.87
C ALA M 518 -49.83 21.11 -7.47
N HIS M 519 -51.03 21.66 -7.25
CA HIS M 519 -51.74 21.43 -6.00
C HIS M 519 -52.51 20.12 -6.00
N ALA M 520 -52.61 19.44 -7.14
CA ALA M 520 -53.17 18.10 -7.17
C ALA M 520 -52.11 17.03 -7.26
N SER M 521 -50.88 17.39 -7.63
CA SER M 521 -49.78 16.42 -7.60
C SER M 521 -49.19 16.28 -6.22
N GLU M 522 -49.44 17.23 -5.31
CA GLU M 522 -49.08 17.05 -3.92
C GLU M 522 -50.25 16.53 -3.09
N HIS M 523 -51.48 16.84 -3.51
CA HIS M 523 -52.65 16.23 -2.87
C HIS M 523 -52.75 14.74 -3.19
N LYS M 524 -52.25 14.34 -4.36
CA LYS M 524 -52.12 12.92 -4.64
C LYS M 524 -51.05 12.28 -3.78
N SER M 525 -50.01 13.05 -3.43
CA SER M 525 -48.97 12.55 -2.53
C SER M 525 -49.46 12.45 -1.09
N LEU M 526 -50.49 13.20 -0.72
CA LEU M 526 -50.94 13.20 0.65
C LEU M 526 -51.91 12.05 0.90
N THR M 527 -52.84 11.81 -0.03
CA THR M 527 -53.74 10.67 0.09
C THR M 527 -53.06 9.34 -0.24
N ALA M 528 -51.84 9.39 -0.77
CA ALA M 528 -51.10 8.15 -1.01
C ALA M 528 -50.61 7.56 0.30
N LEU M 529 -49.95 8.37 1.14
CA LEU M 529 -49.52 7.88 2.44
C LEU M 529 -50.68 7.70 3.40
N LYS M 530 -51.75 8.47 3.23
CA LYS M 530 -52.90 8.36 4.11
C LYS M 530 -53.65 7.05 3.87
N GLU M 531 -53.72 6.60 2.62
CA GLU M 531 -54.30 5.31 2.31
C GLU M 531 -53.31 4.16 2.46
N HIS M 532 -52.05 4.45 2.80
CA HIS M 532 -51.09 3.42 3.18
C HIS M 532 -50.94 3.32 4.69
N GLN M 533 -51.14 4.43 5.40
CA GLN M 533 -51.10 4.41 6.86
C GLN M 533 -52.34 3.74 7.43
N ASP M 534 -53.47 3.85 6.74
CA ASP M 534 -54.68 3.16 7.18
C ASP M 534 -54.70 1.70 6.79
N ARG M 535 -53.84 1.27 5.86
CA ARG M 535 -53.74 -0.14 5.54
C ARG M 535 -52.99 -0.90 6.64
N ILE M 536 -51.96 -0.26 7.19
CA ILE M 536 -51.20 -0.87 8.28
C ILE M 536 -52.03 -0.89 9.57
N HIS M 537 -52.62 0.25 9.91
CA HIS M 537 -53.35 0.37 11.16
C HIS M 537 -54.85 0.27 10.94
N PRO N 29 -41.35 -27.43 6.89
CA PRO N 29 -41.96 -26.36 6.12
C PRO N 29 -42.97 -25.58 6.93
N THR N 30 -43.33 -26.12 8.09
CA THR N 30 -44.28 -25.49 8.99
C THR N 30 -43.78 -25.75 10.41
N ASP N 31 -43.99 -24.77 11.31
CA ASP N 31 -43.49 -24.83 12.68
C ASP N 31 -44.14 -25.95 13.49
N ALA N 32 -45.28 -26.47 13.05
CA ALA N 32 -45.90 -27.60 13.72
C ALA N 32 -45.12 -28.89 13.56
N GLU N 33 -44.24 -28.98 12.56
CA GLU N 33 -43.47 -30.20 12.32
C GLU N 33 -41.99 -30.09 12.68
N LEU N 34 -41.44 -28.89 12.78
CA LEU N 34 -40.02 -28.76 13.08
C LEU N 34 -39.68 -29.04 14.53
N ALA N 35 -40.68 -29.20 15.40
CA ALA N 35 -40.41 -29.45 16.81
C ALA N 35 -40.04 -30.90 17.09
N GLU N 36 -40.19 -31.80 16.12
CA GLU N 36 -39.92 -33.20 16.35
C GLU N 36 -39.06 -33.86 15.28
N MET N 37 -38.58 -33.10 14.30
CA MET N 37 -37.71 -33.66 13.28
C MET N 37 -36.31 -33.86 13.86
N SER N 38 -35.68 -34.96 13.47
CA SER N 38 -34.35 -35.29 13.95
C SER N 38 -33.31 -34.43 13.25
N ARG N 39 -32.05 -34.56 13.68
CA ARG N 39 -30.98 -33.74 13.13
C ARG N 39 -30.64 -34.15 11.71
N GLU N 40 -30.79 -35.42 11.38
CA GLU N 40 -30.50 -35.86 10.02
C GLU N 40 -31.59 -35.43 9.04
N GLU N 41 -32.84 -35.40 9.46
CA GLU N 41 -33.92 -34.98 8.58
C GLU N 41 -33.96 -33.47 8.38
N LEU N 42 -33.25 -32.71 9.20
CA LEU N 42 -33.08 -31.29 8.98
C LEU N 42 -31.91 -30.96 8.08
N VAL N 43 -30.92 -31.84 7.98
CA VAL N 43 -29.88 -31.68 6.97
C VAL N 43 -30.45 -31.96 5.60
N LYS N 44 -31.33 -32.97 5.49
CA LYS N 44 -31.95 -33.26 4.20
C LYS N 44 -32.94 -32.17 3.80
N LEU N 45 -33.62 -31.55 4.77
CA LEU N 45 -34.52 -30.46 4.42
C LEU N 45 -33.74 -29.20 4.07
N GLY N 46 -32.54 -29.05 4.61
CA GLY N 46 -31.70 -27.93 4.25
C GLY N 46 -31.03 -28.06 2.90
N GLY N 47 -31.10 -29.23 2.29
CA GLY N 47 -30.54 -29.45 0.98
C GLY N 47 -31.60 -29.48 -0.10
N LYS N 48 -32.85 -29.74 0.30
CA LYS N 48 -33.95 -29.64 -0.67
C LYS N 48 -34.21 -28.20 -1.05
N ILE N 49 -33.88 -27.26 -0.16
CA ILE N 49 -34.04 -25.84 -0.47
C ILE N 49 -33.01 -25.40 -1.50
N ASP N 50 -31.79 -25.94 -1.41
CA ASP N 50 -30.70 -25.54 -2.28
C ASP N 50 -30.46 -26.53 -3.42
N GLY N 51 -31.26 -27.58 -3.50
CA GLY N 51 -31.03 -28.61 -4.49
C GLY N 51 -29.91 -29.57 -4.16
N VAL N 52 -29.29 -29.44 -3.00
CA VAL N 52 -28.15 -30.28 -2.65
C VAL N 52 -28.67 -31.60 -2.12
N GLU N 53 -28.12 -32.69 -2.66
CA GLU N 53 -28.60 -34.03 -2.35
C GLU N 53 -27.37 -34.88 -2.01
N THR N 54 -27.10 -35.09 -0.74
CA THR N 54 -26.02 -36.01 -0.38
C THR N 54 -26.50 -37.42 -0.64
N ILE N 55 -25.93 -38.07 -1.65
CA ILE N 55 -26.42 -39.38 -2.07
C ILE N 55 -25.95 -40.44 -1.10
N PHE N 56 -24.74 -40.29 -0.58
CA PHE N 56 -24.05 -41.28 0.22
C PHE N 56 -23.29 -40.57 1.32
N LYS N 57 -23.50 -40.97 2.57
CA LYS N 57 -22.73 -40.41 3.69
C LYS N 57 -22.72 -41.48 4.79
N GLU N 58 -21.63 -42.23 4.86
CA GLU N 58 -21.46 -43.28 5.83
C GLU N 58 -20.24 -42.98 6.70
N PRO N 59 -20.32 -43.17 8.01
CA PRO N 59 -19.16 -42.89 8.87
C PRO N 59 -17.99 -43.82 8.61
N ARG N 60 -16.82 -43.37 9.07
CA ARG N 60 -15.58 -44.06 8.75
C ARG N 60 -15.42 -45.34 9.55
N TRP N 61 -15.82 -45.32 10.82
CA TRP N 61 -15.58 -46.44 11.72
C TRP N 61 -16.91 -46.94 12.26
N PRO N 62 -17.60 -47.83 11.55
CA PRO N 62 -18.88 -48.34 12.05
C PRO N 62 -18.73 -49.39 13.14
N VAL N 63 -17.60 -50.09 13.22
CA VAL N 63 -17.38 -51.12 14.22
C VAL N 63 -16.85 -50.44 15.49
N PRO N 64 -17.56 -50.54 16.63
CA PRO N 64 -17.12 -49.82 17.84
C PRO N 64 -15.82 -50.33 18.43
N GLY N 65 -15.74 -51.62 18.74
CA GLY N 65 -14.52 -52.19 19.27
C GLY N 65 -13.60 -52.62 18.16
N THR N 66 -12.62 -51.79 17.84
CA THR N 66 -11.89 -51.95 16.58
C THR N 66 -10.42 -52.28 16.78
N LYS N 67 -9.71 -51.47 17.59
CA LYS N 67 -8.28 -51.50 17.95
C LYS N 67 -7.40 -51.03 16.78
N ALA N 68 -7.99 -50.85 15.60
CA ALA N 68 -7.35 -50.15 14.50
C ALA N 68 -7.84 -48.72 14.38
N GLU N 69 -8.99 -48.42 14.99
CA GLU N 69 -9.41 -47.03 15.16
C GLU N 69 -8.57 -46.34 16.21
N LYS N 70 -8.09 -47.08 17.21
CA LYS N 70 -7.28 -46.49 18.26
C LYS N 70 -5.84 -46.25 17.83
N ARG N 71 -5.37 -46.90 16.78
CA ARG N 71 -4.03 -46.63 16.30
C ARG N 71 -4.02 -45.74 15.08
N THR N 72 -5.18 -45.28 14.63
CA THR N 72 -5.23 -44.21 13.64
C THR N 72 -5.74 -42.90 14.21
N GLU N 73 -6.20 -42.87 15.46
CA GLU N 73 -6.45 -41.60 16.12
C GLU N 73 -5.21 -41.11 16.85
N ARG N 74 -4.24 -41.98 17.06
CA ARG N 74 -2.93 -41.55 17.51
C ARG N 74 -2.03 -41.20 16.34
N LEU N 75 -2.21 -41.88 15.21
CA LEU N 75 -1.48 -41.52 14.00
C LEU N 75 -1.84 -40.14 13.51
N VAL N 76 -3.07 -39.70 13.75
CA VAL N 76 -3.43 -38.30 13.52
C VAL N 76 -2.84 -37.42 14.61
N ALA N 77 -2.89 -37.88 15.85
CA ALA N 77 -2.43 -37.08 16.98
C ALA N 77 -0.92 -36.94 17.02
N TYR N 78 -0.17 -37.90 16.45
CA TYR N 78 1.28 -37.79 16.45
C TYR N 78 1.76 -36.67 15.55
N TRP N 79 1.01 -36.35 14.51
CA TRP N 79 1.38 -35.21 13.67
C TRP N 79 1.00 -33.89 14.31
N LEU N 80 -0.10 -33.86 15.07
CA LEU N 80 -0.48 -32.62 15.73
C LEU N 80 0.38 -32.34 16.94
N MET N 81 0.88 -33.38 17.61
CA MET N 81 1.85 -33.17 18.68
C MET N 81 3.19 -32.72 18.14
N LEU N 82 3.54 -33.15 16.93
CA LEU N 82 4.75 -32.66 16.30
C LEU N 82 4.62 -31.19 15.90
N GLY N 83 3.40 -30.75 15.56
CA GLY N 83 3.17 -29.35 15.28
C GLY N 83 3.22 -28.46 16.50
N GLY N 84 3.05 -29.04 17.68
CA GLY N 84 3.19 -28.28 18.90
C GLY N 84 4.60 -28.37 19.43
N LEU N 85 5.25 -29.52 19.22
CA LEU N 85 6.62 -29.68 19.65
C LEU N 85 7.56 -28.86 18.78
N SER N 86 7.24 -28.67 17.51
CA SER N 86 8.09 -27.88 16.65
C SER N 86 7.84 -26.40 16.80
N GLY N 87 6.60 -26.00 17.06
CA GLY N 87 6.33 -24.61 17.37
C GLY N 87 6.92 -24.18 18.70
N LEU N 88 6.96 -25.11 19.66
CA LEU N 88 7.70 -24.85 20.89
C LEU N 88 9.20 -24.86 20.62
N ALA N 89 9.65 -25.58 19.59
CA ALA N 89 11.05 -25.51 19.22
C ALA N 89 11.36 -24.22 18.49
N LEU N 90 10.42 -23.72 17.69
CA LEU N 90 10.61 -22.45 17.01
C LEU N 90 10.61 -21.29 18.00
N LEU N 91 9.91 -21.44 19.11
CA LEU N 91 9.93 -20.41 20.14
C LEU N 91 11.27 -20.38 20.86
N LEU N 92 11.97 -21.51 20.90
CA LEU N 92 13.21 -21.60 21.65
C LEU N 92 14.46 -21.52 20.78
N VAL N 93 14.37 -21.79 19.47
CA VAL N 93 15.48 -21.48 18.58
C VAL N 93 15.41 -20.07 18.06
N PHE N 94 14.38 -19.31 18.42
CA PHE N 94 14.30 -17.90 18.08
C PHE N 94 14.85 -17.03 19.20
N LEU N 95 14.55 -17.38 20.45
CA LEU N 95 15.03 -16.60 21.59
C LEU N 95 16.44 -17.01 21.98
N PHE N 96 16.67 -18.30 22.18
CA PHE N 96 17.92 -18.79 22.76
C PHE N 96 18.86 -19.27 21.67
N TRP N 97 19.27 -18.35 20.79
CA TRP N 97 20.13 -18.77 19.71
C TRP N 97 21.03 -17.62 19.29
N PRO N 98 22.29 -17.89 18.92
CA PRO N 98 23.17 -16.81 18.47
C PRO N 98 22.83 -16.32 17.08
N TRP N 99 21.87 -15.42 16.97
CA TRP N 99 21.44 -14.89 15.69
C TRP N 99 22.39 -13.83 15.13
N GLU N 100 23.37 -13.37 15.93
CA GLU N 100 24.28 -12.31 15.54
C GLU N 100 25.12 -12.73 14.34
N TYR N 101 25.36 -11.78 13.43
CA TYR N 101 26.23 -12.04 12.29
C TYR N 101 27.68 -12.20 12.73
N GLN N 102 28.32 -13.26 12.25
CA GLN N 102 29.72 -13.53 12.48
C GLN N 102 30.44 -13.68 11.14
N PRO N 103 31.65 -13.12 11.00
CA PRO N 103 32.33 -13.17 9.70
C PRO N 103 32.87 -14.55 9.35
N PHE N 104 33.53 -14.67 8.20
CA PHE N 104 33.86 -15.99 7.65
C PHE N 104 34.94 -16.69 8.46
N GLY N 105 35.96 -15.95 8.92
CA GLY N 105 37.04 -16.57 9.65
C GLY N 105 36.88 -16.47 11.16
N SER N 106 35.64 -16.42 11.63
CA SER N 106 35.38 -16.28 13.05
C SER N 106 35.16 -17.63 13.71
N GLU N 107 34.76 -17.60 14.97
CA GLU N 107 34.51 -18.81 15.74
C GLU N 107 33.05 -19.26 15.63
N GLY N 108 32.11 -18.34 15.76
CA GLY N 108 30.71 -18.67 15.69
C GLY N 108 30.12 -18.49 14.32
N GLU N 109 30.89 -18.80 13.28
CA GLU N 109 30.36 -18.69 11.92
C GLU N 109 29.45 -19.86 11.60
N PHE N 110 29.78 -21.06 12.05
CA PHE N 110 28.94 -22.21 11.79
C PHE N 110 27.65 -22.14 12.60
N LEU N 111 27.74 -21.69 13.84
CA LEU N 111 26.57 -21.60 14.68
C LEU N 111 25.66 -20.44 14.28
N TYR N 112 26.19 -19.43 13.59
CA TYR N 112 25.33 -18.45 12.95
C TYR N 112 24.70 -19.00 11.68
N SER N 113 25.42 -19.81 10.91
CA SER N 113 24.90 -20.29 9.64
C SER N 113 23.79 -21.32 9.81
N LEU N 114 23.53 -21.78 11.02
CA LEU N 114 22.37 -22.61 11.34
C LEU N 114 21.30 -21.82 12.07
N ALA N 115 21.25 -20.50 11.90
CA ALA N 115 20.17 -19.74 12.53
C ALA N 115 18.95 -19.69 11.64
N THR N 116 19.09 -19.15 10.44
CA THR N 116 17.99 -19.19 9.49
C THR N 116 17.61 -20.55 8.90
N PRO N 117 18.45 -21.59 8.84
CA PRO N 117 17.87 -22.92 8.61
C PRO N 117 17.09 -23.45 9.80
N LEU N 118 17.48 -23.11 11.02
CA LEU N 118 16.68 -23.53 12.17
C LEU N 118 15.43 -22.68 12.35
N TYR N 119 15.37 -21.52 11.70
CA TYR N 119 14.12 -20.79 11.63
C TYR N 119 13.15 -21.39 10.62
N GLY N 120 13.63 -22.28 9.76
CA GLY N 120 12.79 -22.86 8.73
C GLY N 120 12.28 -24.24 9.07
N LEU N 121 13.15 -25.11 9.56
CA LEU N 121 12.72 -26.46 9.90
C LEU N 121 12.12 -26.55 11.29
N THR N 122 11.84 -25.43 11.93
CA THR N 122 11.01 -25.42 13.12
C THR N 122 9.73 -24.63 12.96
N PHE N 123 9.75 -23.54 12.19
CA PHE N 123 8.52 -22.88 11.79
C PHE N 123 7.73 -23.73 10.81
N GLY N 124 8.33 -24.02 9.66
CA GLY N 124 7.60 -24.66 8.59
C GLY N 124 7.28 -26.11 8.88
N LEU N 125 8.09 -26.78 9.69
CA LEU N 125 7.84 -28.17 10.02
C LEU N 125 6.67 -28.33 10.97
N SER N 126 6.31 -27.28 11.71
CA SER N 126 5.18 -27.38 12.62
C SER N 126 3.88 -27.45 11.85
N ILE N 127 3.58 -26.43 11.04
CA ILE N 127 2.35 -26.44 10.26
C ILE N 127 2.38 -27.34 9.05
N LEU N 128 3.54 -27.87 8.67
CA LEU N 128 3.49 -28.98 7.74
C LEU N 128 2.92 -30.21 8.42
N SER N 129 3.15 -30.35 9.72
CA SER N 129 2.62 -31.47 10.48
C SER N 129 1.25 -31.18 11.08
N ILE N 130 0.85 -29.92 11.20
CA ILE N 130 -0.55 -29.64 11.49
C ILE N 130 -1.36 -29.76 10.20
N GLY N 131 -0.74 -29.50 9.06
CA GLY N 131 -1.42 -29.69 7.79
C GLY N 131 -1.63 -31.16 7.46
N ILE N 132 -0.63 -32.00 7.74
CA ILE N 132 -0.80 -33.43 7.58
C ILE N 132 -1.81 -33.98 8.58
N GLY N 133 -1.72 -33.54 9.83
CA GLY N 133 -2.61 -34.02 10.86
C GLY N 133 -4.05 -33.57 10.72
N ALA N 134 -4.32 -32.59 9.86
CA ALA N 134 -5.68 -32.20 9.58
C ALA N 134 -6.21 -32.75 8.27
N VAL N 135 -5.33 -33.10 7.33
CA VAL N 135 -5.75 -33.91 6.20
C VAL N 135 -6.10 -35.31 6.67
N LEU N 136 -5.27 -35.88 7.54
CA LEU N 136 -5.53 -37.22 8.07
C LEU N 136 -6.74 -37.29 8.98
N PHE N 137 -7.25 -36.15 9.45
CA PHE N 137 -8.55 -36.17 10.10
C PHE N 137 -9.68 -36.15 9.08
N GLN N 138 -9.42 -35.63 7.88
CA GLN N 138 -10.40 -35.67 6.82
C GLN N 138 -10.37 -36.98 6.05
N LYS N 139 -9.18 -37.57 5.89
CA LYS N 139 -9.10 -38.83 5.17
C LYS N 139 -9.63 -39.98 6.01
N LYS N 140 -9.55 -39.87 7.34
CA LYS N 140 -9.81 -41.00 8.22
C LYS N 140 -10.97 -40.84 9.18
N PHE N 141 -11.45 -39.63 9.45
CA PHE N 141 -12.51 -39.56 10.45
C PHE N 141 -13.75 -38.81 9.99
N ILE N 142 -13.61 -37.75 9.22
CA ILE N 142 -14.79 -37.07 8.68
C ILE N 142 -15.42 -37.95 7.60
N PRO N 143 -16.72 -38.26 7.69
CA PRO N 143 -17.30 -39.28 6.81
C PRO N 143 -17.37 -38.87 5.34
N GLU N 144 -17.09 -39.83 4.48
CA GLU N 144 -17.03 -39.61 3.04
C GLU N 144 -18.43 -39.35 2.50
N GLU N 145 -18.66 -38.14 2.01
CA GLU N 145 -19.98 -37.77 1.53
C GLU N 145 -19.90 -37.29 0.09
N ILE N 146 -20.78 -37.81 -0.75
CA ILE N 146 -20.86 -37.46 -2.15
C ILE N 146 -22.15 -36.66 -2.33
N SER N 147 -22.00 -35.37 -2.57
CA SER N 147 -23.13 -34.46 -2.69
C SER N 147 -23.30 -34.05 -4.14
N VAL N 148 -24.53 -34.03 -4.63
CA VAL N 148 -24.83 -33.53 -5.96
C VAL N 148 -25.71 -32.29 -5.82
N GLN N 149 -25.28 -31.20 -6.45
CA GLN N 149 -25.99 -29.93 -6.39
C GLN N 149 -26.30 -29.49 -7.79
N ASP N 150 -27.57 -29.29 -8.09
CA ASP N 150 -27.94 -28.83 -9.42
C ASP N 150 -27.61 -27.35 -9.56
N ARG N 151 -26.61 -27.06 -10.38
CA ARG N 151 -26.38 -25.68 -10.78
C ARG N 151 -27.51 -25.21 -11.66
N HIS N 152 -28.04 -24.03 -11.35
CA HIS N 152 -29.14 -23.45 -12.11
C HIS N 152 -28.65 -22.41 -13.11
N ASP N 153 -27.43 -22.58 -13.61
CA ASP N 153 -26.79 -21.52 -14.38
C ASP N 153 -27.31 -21.51 -15.81
N GLY N 154 -26.71 -20.67 -16.63
CA GLY N 154 -27.07 -20.63 -18.03
C GLY N 154 -28.05 -19.54 -18.40
N ARG N 155 -29.18 -19.45 -17.70
CA ARG N 155 -30.21 -18.52 -18.13
C ARG N 155 -31.15 -18.24 -16.97
N SER N 156 -31.45 -16.98 -16.76
CA SER N 156 -32.41 -16.60 -15.74
C SER N 156 -33.82 -16.99 -16.16
N PRO N 157 -34.74 -17.16 -15.22
CA PRO N 157 -36.14 -17.34 -15.58
C PRO N 157 -36.72 -16.08 -16.22
N GLU N 158 -37.86 -16.27 -16.89
CA GLU N 158 -38.45 -15.14 -17.61
C GLU N 158 -39.05 -14.11 -16.66
N VAL N 159 -39.46 -14.54 -15.47
CA VAL N 159 -40.01 -13.62 -14.48
C VAL N 159 -38.94 -12.76 -13.82
N HIS N 160 -37.67 -13.03 -14.10
CA HIS N 160 -36.56 -12.22 -13.60
C HIS N 160 -35.79 -11.52 -14.70
N ARG N 161 -35.76 -12.06 -15.92
CA ARG N 161 -35.17 -11.32 -17.03
C ARG N 161 -36.03 -10.13 -17.40
N LYS N 162 -37.33 -10.25 -17.26
CA LYS N 162 -38.24 -9.24 -17.76
C LYS N 162 -38.51 -8.14 -16.74
N THR N 163 -38.50 -8.47 -15.45
CA THR N 163 -38.72 -7.44 -14.43
C THR N 163 -37.48 -6.62 -14.14
N VAL N 164 -36.33 -6.96 -14.72
CA VAL N 164 -35.16 -6.09 -14.66
C VAL N 164 -35.09 -5.19 -15.88
N ALA N 165 -35.32 -5.77 -17.06
CA ALA N 165 -35.31 -5.00 -18.29
C ALA N 165 -36.45 -4.01 -18.35
N ALA N 166 -37.55 -4.28 -17.67
CA ALA N 166 -38.62 -3.30 -17.56
C ALA N 166 -38.45 -2.38 -16.37
N ASN N 167 -37.36 -2.52 -15.62
CA ASN N 167 -37.02 -1.61 -14.55
C ASN N 167 -35.86 -0.70 -14.91
N LEU N 168 -34.90 -1.18 -15.70
CA LEU N 168 -33.84 -0.33 -16.18
C LEU N 168 -34.34 0.58 -17.30
N THR N 169 -35.20 0.08 -18.17
CA THR N 169 -35.72 0.95 -19.23
C THR N 169 -36.76 1.92 -18.71
N ASP N 170 -37.50 1.56 -17.67
CA ASP N 170 -38.43 2.52 -17.10
C ASP N 170 -37.69 3.59 -16.30
N ALA N 171 -36.53 3.26 -15.73
CA ALA N 171 -35.72 4.27 -15.07
C ALA N 171 -35.04 5.20 -16.05
N LEU N 172 -34.93 4.81 -17.31
CA LEU N 172 -34.30 5.63 -18.34
C LEU N 172 -35.32 6.37 -19.19
N GLU N 173 -36.49 5.78 -19.42
CA GLU N 173 -37.55 6.46 -20.16
C GLU N 173 -38.44 7.28 -19.25
N GLY N 174 -38.64 6.85 -18.00
CA GLY N 174 -39.31 7.70 -17.02
C GLY N 174 -38.48 8.88 -16.58
N SER N 175 -37.16 8.80 -16.74
CA SER N 175 -36.27 9.93 -16.45
C SER N 175 -36.43 11.06 -17.45
N THR N 176 -37.06 10.81 -18.59
CA THR N 176 -37.29 11.78 -19.67
C THR N 176 -36.00 12.42 -20.14
N LEU N 177 -34.94 11.62 -20.28
CA LEU N 177 -33.65 12.12 -20.75
C LEU N 177 -33.51 11.98 -22.26
N LYS N 178 -34.15 10.98 -22.86
CA LYS N 178 -34.04 10.79 -24.29
C LYS N 178 -34.74 11.88 -25.08
N ARG N 179 -35.81 12.45 -24.54
CA ARG N 179 -36.50 13.55 -25.21
C ARG N 179 -35.79 14.89 -25.02
N ARG N 180 -34.79 14.94 -24.16
CA ARG N 180 -34.10 16.19 -23.81
C ARG N 180 -32.70 16.10 -24.38
N LYS N 181 -32.56 16.52 -25.64
CA LYS N 181 -31.30 16.44 -26.36
C LYS N 181 -30.37 17.59 -26.05
N VAL N 182 -30.69 18.41 -25.05
CA VAL N 182 -29.85 19.53 -24.65
C VAL N 182 -29.16 19.24 -23.32
N ILE N 183 -29.87 18.60 -22.39
CA ILE N 183 -29.24 18.16 -21.14
C ILE N 183 -28.29 17.00 -21.41
N GLY N 184 -28.77 16.00 -22.13
CA GLY N 184 -27.96 14.81 -22.37
C GLY N 184 -26.79 15.04 -23.30
N LEU N 185 -26.89 16.04 -24.18
CA LEU N 185 -25.76 16.34 -25.04
C LEU N 185 -24.73 17.19 -24.32
N SER N 186 -25.16 18.13 -23.49
CA SER N 186 -24.22 18.95 -22.74
C SER N 186 -23.62 18.20 -21.56
N LEU N 187 -24.23 17.09 -21.15
CA LEU N 187 -23.61 16.28 -20.11
C LEU N 187 -22.39 15.53 -20.64
N GLY N 188 -22.47 15.05 -21.88
CA GLY N 188 -21.32 14.39 -22.48
C GLY N 188 -20.19 15.36 -22.79
N ILE N 189 -20.52 16.61 -23.11
CA ILE N 189 -19.50 17.63 -23.23
C ILE N 189 -18.97 18.00 -21.84
N GLY N 190 -19.86 18.00 -20.83
CA GLY N 190 -19.43 18.36 -19.49
C GLY N 190 -18.52 17.32 -18.86
N LEU N 191 -18.90 16.05 -18.97
CA LEU N 191 -18.03 14.99 -18.47
C LEU N 191 -16.85 14.72 -19.39
N GLY N 192 -16.91 15.19 -20.63
CA GLY N 192 -15.79 15.03 -21.53
C GLY N 192 -14.73 16.08 -21.29
N ALA N 193 -15.16 17.34 -21.14
CA ALA N 193 -14.21 18.41 -20.86
C ALA N 193 -13.73 18.38 -19.42
N PHE N 194 -14.41 17.66 -18.54
CA PHE N 194 -13.84 17.42 -17.21
C PHE N 194 -12.90 16.21 -17.22
N GLY N 195 -13.26 15.17 -17.96
CA GLY N 195 -12.39 14.01 -18.07
C GLY N 195 -11.10 14.33 -18.80
N ALA N 196 -11.14 15.28 -19.74
CA ALA N 196 -9.92 15.79 -20.32
C ALA N 196 -9.17 16.70 -19.36
N GLY N 197 -9.84 17.23 -18.35
CA GLY N 197 -9.19 18.08 -17.38
C GLY N 197 -8.34 17.31 -16.40
N THR N 198 -8.88 16.22 -15.84
CA THR N 198 -8.15 15.45 -14.84
C THR N 198 -7.03 14.63 -15.46
N LEU N 199 -7.30 13.96 -16.58
CA LEU N 199 -6.31 13.12 -17.24
C LEU N 199 -5.15 13.90 -17.81
N VAL N 200 -5.26 15.22 -17.93
CA VAL N 200 -4.08 16.03 -18.17
C VAL N 200 -3.51 16.55 -16.86
N ALA N 201 -4.34 16.78 -15.84
CA ALA N 201 -3.81 17.16 -14.54
C ALA N 201 -3.15 15.99 -13.82
N PHE N 202 -3.61 14.77 -14.07
CA PHE N 202 -3.02 13.61 -13.41
C PHE N 202 -1.76 13.15 -14.11
N ILE N 203 -1.64 13.37 -15.42
CA ILE N 203 -0.52 12.89 -16.20
C ILE N 203 0.50 13.99 -16.44
N GLY N 204 0.05 15.21 -16.71
CA GLY N 204 0.94 16.30 -17.11
C GLY N 204 1.87 16.81 -16.02
N GLY N 205 1.76 16.28 -14.80
CA GLY N 205 2.76 16.59 -13.80
C GLY N 205 4.06 15.86 -14.01
N LEU N 206 3.99 14.65 -14.55
CA LEU N 206 5.18 13.81 -14.71
C LEU N 206 5.59 13.63 -16.16
N ILE N 207 5.12 14.48 -17.06
CA ILE N 207 5.57 14.44 -18.45
C ILE N 207 6.69 15.48 -18.55
N LYS N 208 7.93 15.00 -18.38
CA LYS N 208 9.08 15.87 -18.54
C LYS N 208 9.39 16.07 -20.02
N ASN N 209 10.25 17.05 -20.30
CA ASN N 209 10.70 17.30 -21.65
C ASN N 209 12.09 16.70 -21.81
N PRO N 210 12.27 15.68 -22.65
CA PRO N 210 13.58 15.00 -22.71
C PRO N 210 14.65 15.76 -23.46
N TRP N 211 14.29 16.80 -24.21
CA TRP N 211 15.26 17.54 -25.00
C TRP N 211 15.42 18.96 -24.48
N LYS N 212 15.12 19.17 -23.21
CA LYS N 212 15.31 20.47 -22.60
C LYS N 212 16.80 20.75 -22.46
N PRO N 213 17.26 21.94 -22.83
CA PRO N 213 18.68 22.27 -22.69
C PRO N 213 19.10 22.39 -21.24
N VAL N 214 19.93 21.45 -20.77
CA VAL N 214 20.30 21.39 -19.36
C VAL N 214 21.82 21.40 -19.20
N VAL N 215 22.51 20.45 -19.83
CA VAL N 215 23.93 20.22 -19.58
C VAL N 215 24.79 21.31 -20.21
N PRO N 216 25.58 22.05 -19.43
CA PRO N 216 26.36 23.20 -19.93
C PRO N 216 27.70 22.86 -20.58
N THR N 217 27.66 22.51 -21.87
CA THR N 217 28.88 22.13 -22.56
C THR N 217 29.53 23.33 -23.24
N ALA N 218 30.50 23.06 -24.11
CA ALA N 218 31.19 24.13 -24.83
C ALA N 218 30.31 24.79 -25.87
N GLU N 219 29.43 24.02 -26.51
CA GLU N 219 28.46 24.62 -27.42
C GLU N 219 27.38 25.37 -26.67
N GLY N 220 27.13 25.03 -25.42
CA GLY N 220 26.23 25.78 -24.58
C GLY N 220 24.85 25.18 -24.50
N LYS N 221 24.56 24.52 -23.35
CA LYS N 221 23.24 24.03 -22.97
C LYS N 221 22.69 23.03 -23.99
N LYS N 222 23.34 21.87 -24.06
CA LYS N 222 22.84 20.78 -24.87
C LYS N 222 21.81 19.98 -24.09
N ALA N 223 21.35 18.88 -24.70
CA ALA N 223 20.40 17.98 -24.06
C ALA N 223 21.14 17.04 -23.11
N VAL N 224 20.47 16.00 -22.64
CA VAL N 224 21.07 15.06 -21.71
C VAL N 224 21.64 13.85 -22.43
N LEU N 225 20.91 13.29 -23.39
CA LEU N 225 21.39 12.16 -24.16
C LEU N 225 22.48 12.53 -25.15
N TRP N 226 22.60 13.80 -25.51
CA TRP N 226 23.68 14.21 -26.39
C TRP N 226 24.98 14.50 -25.64
N THR N 227 24.97 14.50 -24.31
CA THR N 227 26.14 14.75 -23.50
C THR N 227 26.49 13.52 -22.69
N SER N 228 27.77 13.36 -22.39
CA SER N 228 28.22 12.08 -21.86
C SER N 228 29.28 12.16 -20.76
N GLY N 229 29.67 13.33 -20.30
CA GLY N 229 30.76 13.45 -19.37
C GLY N 229 32.12 13.58 -20.03
N TRP N 230 32.28 13.04 -21.23
CA TRP N 230 33.43 13.30 -22.07
C TRP N 230 33.23 14.53 -22.94
N THR N 231 32.06 15.14 -22.91
CA THR N 231 31.84 16.36 -23.68
C THR N 231 32.56 17.52 -23.01
N PRO N 232 33.32 18.31 -23.75
CA PRO N 232 34.12 19.36 -23.11
C PRO N 232 33.26 20.53 -22.67
N ARG N 233 33.52 21.02 -21.46
CA ARG N 233 32.75 22.12 -20.91
C ARG N 233 33.12 23.45 -21.55
N PHE N 234 34.36 23.60 -22.01
CA PHE N 234 34.79 24.73 -22.80
C PHE N 234 35.71 24.19 -23.90
N LYS N 235 36.49 25.06 -24.53
CA LYS N 235 37.16 24.68 -25.77
C LYS N 235 38.34 23.74 -25.52
N GLY N 236 39.16 24.01 -24.52
CA GLY N 236 40.40 23.29 -24.31
C GLY N 236 40.49 22.56 -22.98
N GLU N 237 39.44 21.83 -22.60
CA GLU N 237 39.31 21.40 -21.21
C GLU N 237 40.30 20.29 -20.83
N THR N 238 40.65 19.42 -21.79
CA THR N 238 41.58 18.30 -21.62
C THR N 238 41.13 17.35 -20.50
N ILE N 239 40.03 16.65 -20.79
CA ILE N 239 39.58 15.56 -19.94
C ILE N 239 40.65 14.49 -19.88
N TYR N 240 40.92 13.97 -18.69
CA TYR N 240 41.93 12.93 -18.54
C TYR N 240 41.30 11.53 -18.55
N LEU N 241 42.06 10.57 -19.07
CA LEU N 241 41.65 9.17 -19.03
C LEU N 241 42.16 8.52 -17.75
N ALA N 242 41.51 8.87 -16.65
CA ALA N 242 41.99 8.47 -15.34
C ALA N 242 41.29 7.20 -14.87
N ARG N 243 42.08 6.23 -14.43
CA ARG N 243 41.52 5.05 -13.80
C ARG N 243 41.22 5.34 -12.34
N ALA N 244 40.70 4.34 -11.64
CA ALA N 244 40.49 4.41 -10.21
C ALA N 244 41.35 3.38 -9.51
N THR N 245 41.46 3.51 -8.20
CA THR N 245 42.28 2.58 -7.41
C THR N 245 41.43 1.51 -6.75
N GLY N 246 40.39 1.05 -7.43
CA GLY N 246 39.49 0.05 -6.89
C GLY N 246 38.35 0.67 -6.14
N ARG N 247 37.12 0.15 -6.35
CA ARG N 247 35.84 0.69 -5.86
C ARG N 247 35.75 2.16 -6.26
N PRO N 248 35.43 2.44 -7.53
CA PRO N 248 35.79 3.73 -8.13
C PRO N 248 35.09 4.95 -7.55
N GLY N 249 33.94 4.80 -6.93
CA GLY N 249 33.18 5.95 -6.44
C GLY N 249 33.84 6.73 -5.32
N GLU N 250 34.10 6.07 -4.19
CA GLU N 250 34.72 6.72 -3.06
C GLU N 250 36.24 6.77 -3.19
N SER N 251 36.81 6.16 -4.21
CA SER N 251 38.26 6.16 -4.35
C SER N 251 38.72 7.36 -5.17
N PRO N 252 39.83 7.98 -4.80
CA PRO N 252 40.35 9.08 -5.62
C PRO N 252 40.94 8.55 -6.91
N PHE N 253 40.71 9.29 -7.99
CA PHE N 253 41.22 8.88 -9.28
C PHE N 253 42.71 9.19 -9.37
N VAL N 254 43.35 8.58 -10.36
CA VAL N 254 44.76 8.82 -10.65
C VAL N 254 44.93 8.76 -12.17
N LYS N 255 45.82 9.60 -12.69
CA LYS N 255 46.03 9.68 -14.13
C LYS N 255 46.71 8.41 -14.65
N MET N 256 46.69 8.26 -15.98
CA MET N 256 47.18 7.05 -16.62
C MET N 256 48.23 7.40 -17.67
N ARG N 257 49.44 6.89 -17.47
CA ARG N 257 50.47 6.97 -18.49
C ARG N 257 50.15 6.01 -19.62
N PRO N 258 50.58 6.30 -20.85
CA PRO N 258 50.32 5.36 -21.95
C PRO N 258 51.14 4.08 -21.87
N GLU N 259 52.23 4.07 -21.11
CA GLU N 259 53.04 2.88 -20.92
C GLU N 259 52.60 2.06 -19.72
N ASP N 260 51.39 2.29 -19.22
CA ASP N 260 50.91 1.58 -18.04
C ASP N 260 50.58 0.13 -18.36
N ILE N 261 49.96 -0.12 -19.50
CA ILE N 261 49.50 -1.46 -19.87
C ILE N 261 50.26 -1.95 -21.09
N ASP N 262 50.16 -3.26 -21.33
CA ASP N 262 51.05 -3.92 -22.28
C ASP N 262 50.34 -4.57 -23.47
N ALA N 263 49.33 -5.40 -23.23
CA ALA N 263 48.70 -6.16 -24.32
C ALA N 263 47.28 -6.50 -23.90
N GLY N 264 46.32 -5.70 -24.35
CA GLY N 264 44.95 -5.88 -23.94
C GLY N 264 44.75 -5.56 -22.47
N GLY N 265 45.11 -4.34 -22.07
CA GLY N 265 45.02 -3.97 -20.68
C GLY N 265 43.59 -3.76 -20.20
N MET N 266 42.70 -3.39 -21.12
CA MET N 266 41.27 -3.10 -20.94
C MET N 266 40.92 -2.29 -19.70
N GLU N 267 41.80 -1.37 -19.30
CA GLU N 267 41.59 -0.63 -18.06
C GLU N 267 40.46 0.38 -18.22
N THR N 268 39.51 0.32 -17.29
CA THR N 268 38.39 1.26 -17.30
C THR N 268 38.86 2.63 -16.86
N VAL N 269 38.67 3.63 -17.70
CA VAL N 269 39.06 5.00 -17.37
C VAL N 269 37.83 5.89 -17.38
N PHE N 270 37.82 6.85 -16.47
CA PHE N 270 36.69 7.71 -16.16
C PHE N 270 37.06 9.16 -16.44
N PRO N 271 36.08 10.03 -16.74
CA PRO N 271 36.40 11.42 -17.05
C PRO N 271 36.83 12.21 -15.83
N TRP N 272 38.12 12.50 -15.69
CA TRP N 272 38.62 13.30 -14.59
C TRP N 272 38.98 14.66 -15.17
N ARG N 273 38.23 15.69 -14.76
CA ARG N 273 38.28 16.99 -15.42
C ARG N 273 39.35 17.91 -14.85
N GLU N 274 40.44 17.34 -14.33
CA GLU N 274 41.72 17.94 -13.91
C GLU N 274 41.58 19.04 -12.87
N SER N 275 40.40 19.21 -12.28
CA SER N 275 40.21 20.19 -11.21
C SER N 275 39.31 19.66 -10.11
N ASP N 276 38.99 18.37 -10.11
CA ASP N 276 38.06 17.84 -9.11
C ASP N 276 38.77 17.53 -7.80
N GLY N 277 39.66 16.54 -7.81
CA GLY N 277 40.41 16.16 -6.61
C GLY N 277 39.60 15.52 -5.50
N ASP N 278 40.27 14.84 -4.57
CA ASP N 278 39.59 14.25 -3.44
C ASP N 278 40.20 14.76 -2.14
N GLY N 279 39.36 14.84 -1.11
CA GLY N 279 39.81 15.27 0.19
C GLY N 279 38.84 16.16 0.93
N THR N 280 38.02 16.90 0.19
CA THR N 280 37.07 17.83 0.76
C THR N 280 35.65 17.48 0.34
N THR N 281 34.68 17.94 1.13
CA THR N 281 33.29 17.57 0.90
C THR N 281 32.64 18.34 -0.23
N VAL N 282 33.23 19.46 -0.66
CA VAL N 282 32.65 20.22 -1.76
C VAL N 282 32.95 19.54 -3.08
N GLU N 283 34.21 19.15 -3.28
CA GLU N 283 34.64 18.48 -4.49
C GLU N 283 34.76 16.96 -4.31
N SER N 284 33.95 16.39 -3.43
CA SER N 284 33.69 14.96 -3.46
C SER N 284 32.34 14.64 -4.09
N GLU N 285 31.50 15.65 -4.29
CA GLU N 285 30.25 15.45 -5.01
C GLU N 285 30.46 15.35 -6.51
N HIS N 286 31.63 15.78 -7.01
CA HIS N 286 31.90 15.65 -8.45
C HIS N 286 32.18 14.21 -8.82
N LYS N 287 32.86 13.46 -7.95
CA LYS N 287 33.24 12.09 -8.29
C LYS N 287 32.08 11.12 -8.23
N LEU N 288 31.02 11.45 -7.48
CA LEU N 288 29.84 10.61 -7.51
C LEU N 288 28.93 10.92 -8.69
N THR N 289 29.06 12.09 -9.28
CA THR N 289 28.35 12.39 -10.52
C THR N 289 29.09 11.89 -11.75
N GLU N 290 30.28 11.33 -11.58
CA GLU N 290 30.97 10.70 -12.68
C GLU N 290 30.71 9.21 -12.77
N ILE N 291 30.27 8.59 -11.67
CA ILE N 291 30.09 7.15 -11.63
C ILE N 291 28.67 6.77 -11.23
N ALA N 292 28.31 7.05 -9.98
CA ALA N 292 27.14 6.43 -9.39
C ALA N 292 25.85 7.07 -9.87
N MET N 293 25.95 8.31 -10.33
CA MET N 293 24.88 8.92 -11.11
C MET N 293 25.24 8.99 -12.59
N GLY N 294 26.52 8.86 -12.91
CA GLY N 294 26.97 9.03 -14.29
C GLY N 294 27.03 7.75 -15.10
N VAL N 295 26.03 7.54 -15.94
CA VAL N 295 26.09 6.55 -17.00
C VAL N 295 26.85 7.16 -18.17
N ARG N 296 27.22 6.32 -19.13
CA ARG N 296 27.94 6.64 -20.38
C ARG N 296 29.23 7.44 -20.17
N ASN N 297 29.78 7.42 -18.97
CA ASN N 297 31.14 7.84 -18.63
C ASN N 297 32.25 6.82 -18.90
N PRO N 298 32.16 5.52 -18.53
CA PRO N 298 33.35 4.66 -18.63
C PRO N 298 33.68 4.30 -20.06
N VAL N 299 34.97 4.24 -20.35
CA VAL N 299 35.45 3.71 -21.63
C VAL N 299 36.57 2.72 -21.34
N MET N 300 36.76 1.79 -22.26
CA MET N 300 37.81 0.79 -22.17
C MET N 300 39.07 1.28 -22.86
N LEU N 301 40.21 1.16 -22.20
CA LEU N 301 41.47 1.59 -22.79
C LEU N 301 42.17 0.35 -23.32
N ILE N 302 41.72 -0.08 -24.49
CA ILE N 302 42.22 -1.29 -25.13
C ILE N 302 43.60 -1.01 -25.73
N ARG N 303 44.57 -1.87 -25.46
CA ARG N 303 45.87 -1.78 -26.10
C ARG N 303 46.06 -2.95 -27.04
N ILE N 304 46.07 -2.67 -28.34
CA ILE N 304 46.29 -3.68 -29.36
C ILE N 304 47.76 -4.07 -29.34
N LYS N 305 48.06 -5.36 -29.48
CA LYS N 305 49.44 -5.81 -29.61
C LYS N 305 50.06 -5.26 -30.89
N PRO N 306 51.35 -4.94 -30.89
CA PRO N 306 51.97 -4.39 -32.11
C PRO N 306 52.16 -5.41 -33.20
N ALA N 307 52.11 -6.71 -32.89
CA ALA N 307 52.32 -7.74 -33.91
C ALA N 307 51.13 -7.87 -34.83
N ASP N 308 49.93 -7.49 -34.39
CA ASP N 308 48.73 -7.54 -35.23
C ASP N 308 48.11 -6.15 -35.31
N MET N 309 48.63 -5.37 -36.24
CA MET N 309 48.12 -4.04 -36.55
C MET N 309 47.58 -3.94 -37.96
N HIS N 310 48.09 -4.75 -38.88
CA HIS N 310 47.57 -4.80 -40.24
C HIS N 310 46.15 -5.32 -40.31
N ARG N 311 45.72 -6.11 -39.33
CA ARG N 311 44.32 -6.55 -39.24
C ARG N 311 43.49 -5.62 -38.35
N VAL N 312 43.60 -4.32 -38.59
CA VAL N 312 42.82 -3.30 -37.91
C VAL N 312 42.16 -2.43 -38.96
N ILE N 313 40.83 -2.39 -38.96
CA ILE N 313 40.07 -1.56 -39.88
C ILE N 313 39.56 -0.36 -39.11
N LYS N 314 39.89 0.83 -39.60
CA LYS N 314 39.37 2.04 -39.00
C LYS N 314 37.94 2.27 -39.46
N ARG N 315 37.24 3.15 -38.76
CA ARG N 315 35.91 3.54 -39.17
C ARG N 315 36.03 4.71 -40.16
N LYS N 316 34.92 5.06 -40.82
CA LYS N 316 34.95 6.07 -41.88
C LYS N 316 35.26 7.45 -41.34
N GLY N 317 34.51 7.89 -40.33
CA GLY N 317 34.77 9.20 -39.78
C GLY N 317 35.85 9.17 -38.72
N GLN N 318 35.96 8.04 -38.05
CA GLN N 318 36.82 7.87 -36.88
C GLN N 318 38.19 7.34 -37.25
N GLU N 319 38.87 7.95 -38.22
CA GLU N 319 40.07 7.35 -38.77
C GLU N 319 41.26 7.48 -37.85
N SER N 320 41.42 8.64 -37.22
CA SER N 320 42.58 8.87 -36.37
C SER N 320 42.16 9.17 -34.94
N PHE N 321 41.23 8.38 -34.40
CA PHE N 321 40.84 8.49 -33.00
C PHE N 321 41.68 7.61 -32.09
N ASN N 322 42.90 7.29 -32.47
CA ASN N 322 43.79 6.50 -31.64
C ASN N 322 45.10 7.22 -31.47
N PHE N 323 45.85 6.83 -30.44
CA PHE N 323 47.21 7.30 -30.25
C PHE N 323 48.06 6.07 -30.02
N GLY N 324 48.56 5.48 -31.12
CA GLY N 324 49.60 4.48 -31.03
C GLY N 324 49.16 3.22 -30.33
N GLU N 325 48.34 2.41 -31.00
CA GLU N 325 47.84 1.09 -30.56
C GLU N 325 47.07 1.16 -29.23
N LEU N 326 46.55 2.33 -28.87
CA LEU N 326 45.66 2.48 -27.74
C LEU N 326 44.30 2.89 -28.27
N PHE N 327 43.33 1.99 -28.16
CA PHE N 327 41.97 2.29 -28.60
C PHE N 327 41.10 2.57 -27.40
N ALA N 328 40.13 3.46 -27.57
CA ALA N 328 39.22 3.83 -26.49
C ALA N 328 37.78 3.66 -26.98
N TYR N 329 37.15 2.57 -26.57
CA TYR N 329 35.74 2.33 -26.85
C TYR N 329 34.98 2.33 -25.52
N THR N 330 33.69 2.61 -25.59
CA THR N 330 32.88 2.69 -24.38
C THR N 330 32.58 1.31 -23.81
N LYS N 331 32.36 1.26 -22.49
CA LYS N 331 31.83 0.05 -21.89
C LYS N 331 30.33 -0.07 -22.12
N VAL N 332 29.64 1.06 -22.25
CA VAL N 332 28.20 1.08 -22.44
C VAL N 332 27.90 0.55 -23.82
N CYS N 333 27.32 -0.65 -23.89
CA CYS N 333 27.12 -1.31 -25.17
C CYS N 333 25.99 -0.64 -25.95
N SER N 334 25.95 -0.93 -27.25
CA SER N 334 25.03 -0.30 -28.16
C SER N 334 23.71 -1.04 -28.27
N HIS N 335 23.33 -1.79 -27.23
CA HIS N 335 22.05 -2.48 -27.22
C HIS N 335 21.66 -2.72 -25.77
N LEU N 336 20.77 -1.87 -25.26
CA LEU N 336 20.16 -1.84 -23.92
C LEU N 336 21.12 -1.43 -22.81
N GLY N 337 22.40 -1.23 -23.08
CA GLY N 337 23.23 -0.42 -22.20
C GLY N 337 23.84 -1.07 -20.99
N CYS N 338 24.06 -2.36 -21.01
CA CYS N 338 24.88 -2.91 -19.95
C CYS N 338 26.34 -2.57 -20.17
N PRO N 339 27.11 -2.38 -19.12
CA PRO N 339 28.56 -2.24 -19.28
C PRO N 339 29.23 -3.52 -19.76
N SER N 340 29.77 -3.49 -20.97
CA SER N 340 30.41 -4.65 -21.57
C SER N 340 31.82 -4.77 -21.04
N SER N 341 32.01 -5.58 -19.99
CA SER N 341 33.29 -5.63 -19.31
C SER N 341 34.20 -6.76 -19.76
N LEU N 342 33.65 -7.91 -20.11
CA LEU N 342 34.48 -9.07 -20.44
C LEU N 342 35.20 -8.84 -21.77
N TYR N 343 36.48 -9.13 -21.81
CA TYR N 343 37.31 -8.70 -22.91
C TYR N 343 38.05 -9.81 -23.64
N GLU N 344 38.51 -10.85 -22.94
CA GLU N 344 39.11 -12.06 -23.54
C GLU N 344 40.33 -11.71 -24.40
N GLN N 345 41.41 -11.32 -23.70
CA GLN N 345 42.58 -10.62 -24.27
C GLN N 345 43.21 -11.28 -25.50
N GLN N 346 43.00 -12.58 -25.71
CA GLN N 346 43.59 -13.27 -26.85
C GLN N 346 42.97 -12.82 -28.16
N THR N 347 41.67 -13.05 -28.32
CA THR N 347 40.94 -12.62 -29.50
C THR N 347 40.13 -11.38 -29.14
N TYR N 348 40.34 -10.31 -29.90
CA TYR N 348 39.91 -8.97 -29.51
C TYR N 348 38.39 -8.86 -29.64
N ARG N 349 37.69 -9.32 -28.61
CA ARG N 349 36.24 -9.19 -28.52
C ARG N 349 35.87 -8.34 -27.33
N ILE N 350 34.64 -7.86 -27.26
CA ILE N 350 34.30 -7.01 -26.08
C ILE N 350 33.04 -7.56 -25.42
N LEU N 351 32.97 -8.88 -25.34
CA LEU N 351 31.75 -9.63 -24.96
C LEU N 351 31.09 -8.96 -23.75
N CYS N 352 29.79 -8.69 -23.89
CA CYS N 352 28.93 -8.08 -22.87
C CYS N 352 28.27 -9.16 -22.02
N PRO N 353 28.21 -9.01 -20.69
CA PRO N 353 27.66 -10.08 -19.86
C PRO N 353 26.15 -10.24 -19.91
N CYS N 354 25.39 -9.21 -20.26
CA CYS N 354 23.94 -9.33 -20.17
C CYS N 354 23.39 -10.17 -21.31
N HIS N 355 23.57 -9.72 -22.55
CA HIS N 355 22.95 -10.37 -23.69
C HIS N 355 23.95 -10.80 -24.75
N GLN N 356 25.26 -10.66 -24.49
CA GLN N 356 26.34 -11.36 -25.20
C GLN N 356 26.44 -10.96 -26.68
N SER N 357 26.87 -9.71 -26.88
CA SER N 357 26.90 -9.14 -28.22
C SER N 357 28.21 -9.31 -28.98
N GLN N 358 29.36 -9.42 -28.29
CA GLN N 358 30.67 -9.73 -28.88
C GLN N 358 31.10 -8.71 -29.94
N PHE N 359 31.43 -7.51 -29.48
CA PHE N 359 31.92 -6.47 -30.38
C PHE N 359 33.38 -6.74 -30.73
N ASP N 360 33.73 -6.65 -32.01
CA ASP N 360 35.06 -7.00 -32.49
C ASP N 360 35.98 -5.79 -32.41
N ALA N 361 36.89 -5.78 -31.44
CA ALA N 361 37.68 -4.60 -31.11
C ALA N 361 38.70 -4.22 -32.18
N LEU N 362 39.02 -5.13 -33.10
CA LEU N 362 39.91 -4.78 -34.19
C LEU N 362 39.19 -4.09 -35.35
N GLU N 363 37.87 -4.09 -35.34
CA GLU N 363 37.07 -3.62 -36.46
C GLU N 363 36.10 -2.56 -35.98
N PHE N 364 36.64 -1.54 -35.31
CA PHE N 364 35.93 -0.38 -34.72
C PHE N 364 34.73 -0.79 -33.85
N ALA N 365 34.87 -1.94 -33.19
CA ALA N 365 33.85 -2.57 -32.35
C ALA N 365 32.53 -2.81 -33.09
N LYS N 366 32.63 -3.18 -34.36
CA LYS N 366 31.48 -3.72 -35.08
C LYS N 366 31.04 -5.01 -34.42
N PRO N 367 29.74 -5.21 -34.18
CA PRO N 367 29.28 -6.45 -33.55
C PRO N 367 29.39 -7.62 -34.52
N ILE N 368 30.06 -8.67 -34.07
CA ILE N 368 30.17 -9.88 -34.88
C ILE N 368 29.32 -11.01 -34.31
N PHE N 369 28.40 -10.70 -33.40
CA PHE N 369 27.46 -11.66 -32.84
C PHE N 369 26.33 -10.87 -32.19
N GLY N 370 25.37 -11.58 -31.62
CA GLY N 370 24.48 -11.02 -30.62
C GLY N 370 23.40 -10.15 -31.20
N PRO N 371 22.55 -9.60 -30.32
CA PRO N 371 21.47 -8.74 -30.79
C PRO N 371 21.89 -7.31 -31.11
N ALA N 372 23.11 -6.90 -30.78
CA ALA N 372 23.53 -5.53 -31.02
C ALA N 372 23.83 -5.29 -32.49
N ALA N 373 23.43 -4.14 -32.99
CA ALA N 373 23.57 -3.83 -34.41
C ALA N 373 24.51 -2.67 -34.71
N ARG N 374 25.04 -2.00 -33.71
CA ARG N 374 25.82 -0.80 -33.93
C ARG N 374 27.15 -0.90 -33.23
N ALA N 375 28.12 -0.14 -33.72
CA ALA N 375 29.45 -0.15 -33.14
C ALA N 375 29.47 0.62 -31.83
N LEU N 376 30.45 0.29 -31.00
CA LEU N 376 30.70 1.09 -29.81
C LEU N 376 31.34 2.40 -30.22
N ALA N 377 31.00 3.46 -29.49
CA ALA N 377 31.50 4.79 -29.83
C ALA N 377 32.97 4.88 -29.45
N GLN N 378 33.81 5.26 -30.41
CA GLN N 378 35.24 5.36 -30.19
C GLN N 378 35.58 6.76 -29.69
N LEU N 379 36.47 6.82 -28.73
CA LEU N 379 36.93 8.07 -28.15
C LEU N 379 38.32 8.40 -28.67
N PRO N 380 38.59 9.63 -29.08
CA PRO N 380 39.96 9.97 -29.51
C PRO N 380 40.88 10.15 -28.31
N ILE N 381 42.17 9.93 -28.57
CA ILE N 381 43.20 9.97 -27.53
C ILE N 381 44.37 10.79 -28.08
N THR N 382 44.95 11.66 -27.25
CA THR N 382 46.22 12.29 -27.54
C THR N 382 46.96 12.45 -26.23
N ILE N 383 48.27 12.18 -26.25
CA ILE N 383 49.07 12.32 -25.04
C ILE N 383 49.19 13.80 -24.67
N ASP N 384 49.30 14.07 -23.37
CA ASP N 384 49.48 15.42 -22.89
C ASP N 384 50.95 15.82 -23.05
N GLU N 385 51.23 17.10 -22.83
CA GLU N 385 52.61 17.58 -22.85
C GLU N 385 53.42 17.01 -21.70
N ASP N 386 52.78 16.75 -20.56
CA ASP N 386 53.47 16.09 -19.45
C ASP N 386 53.67 14.60 -19.73
N GLY N 387 52.75 13.98 -20.46
CA GLY N 387 52.88 12.58 -20.80
C GLY N 387 51.72 11.73 -20.31
N TYR N 388 50.54 12.33 -20.16
CA TYR N 388 49.36 11.62 -19.68
C TYR N 388 48.34 11.50 -20.80
N LEU N 389 47.37 10.62 -20.61
CA LEU N 389 46.37 10.37 -21.64
C LEU N 389 45.22 11.37 -21.54
N VAL N 390 44.90 11.99 -22.67
CA VAL N 390 43.90 13.04 -22.76
C VAL N 390 42.98 12.71 -23.93
N ALA N 391 41.67 12.89 -23.73
CA ALA N 391 40.74 12.78 -24.84
C ALA N 391 40.74 14.06 -25.68
N ASN N 392 40.52 13.90 -26.99
CA ASN N 392 40.42 15.02 -27.92
C ASN N 392 39.01 15.54 -28.07
N GLY N 393 38.17 15.38 -27.08
CA GLY N 393 36.79 15.81 -27.17
C GLY N 393 35.86 14.64 -27.09
N ASP N 394 34.59 14.90 -27.36
CA ASP N 394 33.55 13.91 -27.18
C ASP N 394 33.54 12.92 -28.34
N PHE N 395 32.51 12.09 -28.38
CA PHE N 395 32.38 11.08 -29.41
C PHE N 395 31.80 11.71 -30.67
N VAL N 396 31.54 10.88 -31.68
CA VAL N 396 30.78 11.32 -32.84
C VAL N 396 29.31 10.95 -32.72
N GLU N 397 29.04 9.78 -32.22
CA GLU N 397 27.75 9.18 -31.88
C GLU N 397 27.37 9.50 -30.44
N PRO N 398 26.08 9.57 -30.12
CA PRO N 398 25.68 9.43 -28.73
C PRO N 398 25.91 8.00 -28.27
N VAL N 399 26.25 7.86 -26.98
CA VAL N 399 26.62 6.54 -26.47
C VAL N 399 25.38 5.68 -26.19
N GLY N 400 24.23 6.31 -26.04
CA GLY N 400 23.01 5.66 -25.60
C GLY N 400 22.47 4.58 -26.53
N PRO N 401 21.73 3.64 -25.96
CA PRO N 401 21.18 2.51 -26.72
C PRO N 401 19.94 2.84 -27.55
N ALA N 402 20.14 3.71 -28.55
CA ALA N 402 19.21 3.93 -29.67
C ALA N 402 17.82 4.37 -29.21
N PHE N 403 17.78 5.57 -28.66
CA PHE N 403 16.53 6.30 -28.57
C PHE N 403 16.01 6.63 -29.97
N TRP N 404 14.72 6.97 -30.04
CA TRP N 404 14.05 7.18 -31.32
C TRP N 404 14.64 8.35 -32.11
N GLU N 405 15.14 9.37 -31.44
CA GLU N 405 15.62 10.56 -32.14
C GLU N 405 17.10 10.48 -32.52
N ARG N 406 17.68 9.29 -32.48
CA ARG N 406 19.08 9.11 -32.84
C ARG N 406 19.22 9.13 -34.37
N LYS N 407 20.30 9.74 -34.85
CA LYS N 407 20.52 9.87 -36.28
C LYS N 407 20.79 8.52 -36.94
N SER N 408 21.59 7.67 -36.29
CA SER N 408 21.88 6.36 -36.84
C SER N 408 22.09 5.34 -35.73
N UNK O 1 -13.12 -33.49 -39.48
CA UNK O 1 -12.47 -34.76 -39.18
C UNK O 1 -13.52 -35.84 -39.02
N UNK O 2 -13.31 -36.97 -39.69
CA UNK O 2 -14.18 -38.11 -39.50
C UNK O 2 -13.88 -38.78 -38.17
N UNK O 3 -14.87 -39.51 -37.65
CA UNK O 3 -14.73 -40.17 -36.36
C UNK O 3 -13.98 -41.49 -36.43
N UNK O 4 -13.29 -41.77 -37.53
CA UNK O 4 -12.36 -42.87 -37.63
C UNK O 4 -10.91 -42.41 -37.66
N UNK O 5 -10.65 -41.18 -38.12
CA UNK O 5 -9.30 -40.64 -38.09
C UNK O 5 -8.94 -40.14 -36.69
N UNK O 6 -9.66 -39.11 -36.22
CA UNK O 6 -9.62 -38.73 -34.81
C UNK O 6 -10.73 -39.50 -34.10
N UNK O 7 -10.36 -40.22 -33.04
CA UNK O 7 -11.25 -41.23 -32.48
C UNK O 7 -12.43 -40.60 -31.75
N UNK O 8 -12.21 -39.51 -31.01
CA UNK O 8 -13.33 -38.85 -30.35
C UNK O 8 -14.05 -37.93 -31.32
N UNK O 9 -13.40 -36.82 -31.71
CA UNK O 9 -13.76 -35.92 -32.81
C UNK O 9 -15.14 -35.26 -32.73
N UNK O 10 -15.89 -35.53 -31.68
CA UNK O 10 -17.17 -34.89 -31.44
C UNK O 10 -17.25 -34.33 -30.04
N UNK O 11 -16.31 -34.70 -29.17
CA UNK O 11 -16.22 -34.09 -27.85
C UNK O 11 -15.48 -32.76 -27.89
N UNK O 12 -14.66 -32.52 -28.90
CA UNK O 12 -13.89 -31.28 -28.97
C UNK O 12 -13.42 -31.02 -30.40
N UNK O 13 -12.44 -30.12 -30.53
CA UNK O 13 -11.92 -29.70 -31.83
C UNK O 13 -10.73 -30.55 -32.21
N UNK O 14 -10.80 -31.20 -33.37
CA UNK O 14 -9.74 -32.09 -33.80
C UNK O 14 -9.23 -31.85 -35.22
N UNK O 15 -9.91 -31.05 -36.04
CA UNK O 15 -9.41 -30.72 -37.36
C UNK O 15 -8.55 -29.47 -37.30
N UNK O 16 -7.47 -29.45 -38.09
CA UNK O 16 -6.47 -28.40 -38.00
C UNK O 16 -6.46 -27.47 -39.20
N UNK O 17 -7.32 -27.70 -40.21
CA UNK O 17 -7.42 -26.91 -41.44
C UNK O 17 -6.08 -26.90 -42.19
N UNK O 18 -5.75 -28.07 -42.77
CA UNK O 18 -4.42 -28.45 -43.23
C UNK O 18 -3.71 -27.52 -44.22
N UNK O 19 -4.40 -26.51 -44.75
CA UNK O 19 -3.70 -25.45 -45.46
C UNK O 19 -3.12 -24.40 -44.53
N UNK O 20 -3.58 -24.33 -43.28
CA UNK O 20 -2.98 -23.45 -42.29
C UNK O 20 -1.77 -24.07 -41.63
N UNK O 21 -1.44 -25.31 -41.97
CA UNK O 21 -0.20 -25.95 -41.55
C UNK O 21 0.79 -26.12 -42.69
N UNK O 22 0.36 -25.90 -43.93
CA UNK O 22 1.24 -25.97 -45.09
C UNK O 22 1.66 -24.60 -45.58
N UNK O 23 0.79 -23.60 -45.47
CA UNK O 23 1.14 -22.22 -45.80
C UNK O 23 1.75 -21.49 -44.61
N UNK O 24 1.88 -22.15 -43.48
CA UNK O 24 2.61 -21.62 -42.34
C UNK O 24 4.02 -22.18 -42.24
N UNK O 25 4.21 -23.45 -42.60
CA UNK O 25 5.55 -24.01 -42.64
C UNK O 25 6.34 -23.51 -43.83
N UNK O 26 5.68 -23.01 -44.87
CA UNK O 26 6.38 -22.32 -45.94
C UNK O 26 6.78 -20.92 -45.50
N UNK O 27 6.05 -20.32 -44.57
CA UNK O 27 6.44 -19.05 -43.98
C UNK O 27 7.36 -19.23 -42.78
N UNK O 28 7.37 -20.42 -42.18
CA UNK O 28 8.32 -20.70 -41.12
C UNK O 28 9.69 -21.04 -41.67
N UNK O 29 9.75 -21.65 -42.85
CA UNK O 29 11.03 -21.87 -43.50
C UNK O 29 11.62 -20.57 -44.02
N UNK O 30 10.79 -19.65 -44.48
CA UNK O 30 11.29 -18.37 -44.96
C UNK O 30 11.68 -17.44 -43.83
N UNK O 31 11.14 -17.64 -42.63
CA UNK O 31 11.61 -16.89 -41.47
C UNK O 31 12.84 -17.52 -40.83
N UNK O 32 13.30 -18.66 -41.34
CA UNK O 32 14.59 -19.23 -40.95
C UNK O 32 15.67 -18.97 -41.97
N UNK O 33 15.31 -18.71 -43.23
CA UNK O 33 16.29 -18.30 -44.22
C UNK O 33 16.49 -16.80 -44.23
N UNK O 34 15.53 -16.03 -43.73
CA UNK O 34 15.73 -14.60 -43.57
C UNK O 34 16.48 -14.25 -42.29
N UNK O 35 16.77 -15.24 -41.46
CA UNK O 35 17.59 -15.04 -40.27
C UNK O 35 19.07 -15.03 -40.59
N UNK O 36 19.46 -15.28 -41.84
CA UNK O 36 20.85 -15.19 -42.24
C UNK O 36 21.32 -13.75 -42.38
N UNK O 37 20.40 -12.81 -42.57
CA UNK O 37 20.74 -11.39 -42.70
C UNK O 37 20.81 -10.80 -41.30
N UNK O 38 22.00 -10.79 -40.73
CA UNK O 38 22.20 -10.37 -39.35
C UNK O 38 23.65 -9.95 -39.18
N UNK O 39 24.09 -9.86 -37.92
CA UNK O 39 25.47 -9.52 -37.56
C UNK O 39 26.31 -10.76 -37.34
N UNK O 40 26.06 -11.83 -38.11
CA UNK O 40 26.64 -13.14 -37.80
C UNK O 40 28.13 -13.18 -38.12
N UNK O 41 28.49 -12.90 -39.39
CA UNK O 41 29.85 -12.96 -39.92
C UNK O 41 30.49 -14.34 -39.70
N UNK O 42 29.86 -15.35 -40.28
CA UNK O 42 30.30 -16.73 -40.18
C UNK O 42 29.86 -17.49 -41.41
N UNK O 43 30.16 -18.79 -41.44
CA UNK O 43 29.76 -19.62 -42.57
C UNK O 43 29.07 -20.89 -42.11
N UNK O 44 29.44 -21.41 -40.94
CA UNK O 44 28.83 -22.63 -40.43
C UNK O 44 27.47 -22.39 -39.81
N UNK O 45 27.08 -21.13 -39.58
CA UNK O 45 25.79 -20.81 -39.02
C UNK O 45 24.74 -20.60 -40.10
N UNK O 46 25.10 -19.95 -41.19
CA UNK O 46 24.20 -19.72 -42.30
C UNK O 46 24.07 -20.93 -43.22
N UNK O 47 24.82 -21.99 -42.98
CA UNK O 47 24.68 -23.21 -43.76
C UNK O 47 23.74 -24.22 -43.13
N UNK O 48 23.39 -24.04 -41.85
CA UNK O 48 22.37 -24.87 -41.22
C UNK O 48 20.99 -24.24 -41.33
N UNK O 49 20.90 -22.90 -41.38
CA UNK O 49 19.62 -22.26 -41.62
C UNK O 49 19.19 -22.41 -43.07
N UNK O 50 20.12 -22.59 -43.99
CA UNK O 50 19.79 -22.85 -45.39
C UNK O 50 19.56 -24.32 -45.67
N UNK O 51 19.60 -25.17 -44.65
CA UNK O 51 19.27 -26.59 -44.78
C UNK O 51 18.09 -27.01 -43.93
N UNK O 52 17.91 -26.39 -42.75
CA UNK O 52 16.68 -26.61 -42.01
C UNK O 52 15.50 -25.90 -42.65
N UNK O 53 15.75 -24.93 -43.52
CA UNK O 53 14.72 -24.37 -44.38
C UNK O 53 14.53 -25.18 -45.66
N UNK O 54 15.23 -26.30 -45.81
CA UNK O 54 14.94 -27.25 -46.87
C UNK O 54 14.13 -28.44 -46.36
N UNK O 55 14.47 -28.97 -45.19
CA UNK O 55 13.67 -30.03 -44.59
C UNK O 55 12.31 -29.53 -44.12
N UNK O 56 12.17 -28.23 -43.84
CA UNK O 56 10.88 -27.65 -43.54
C UNK O 56 10.17 -27.13 -44.78
N UNK O 57 10.80 -27.28 -45.96
CA UNK O 57 10.17 -26.94 -47.22
C UNK O 57 10.07 -28.13 -48.16
N UNK O 58 10.74 -29.25 -47.86
CA UNK O 58 10.50 -30.48 -48.59
C UNK O 58 9.45 -31.33 -47.93
N UNK O 59 9.30 -31.24 -46.60
CA UNK O 59 8.22 -31.93 -45.92
C UNK O 59 6.88 -31.26 -46.19
N UNK O 60 6.85 -29.93 -46.28
CA UNK O 60 5.65 -29.20 -46.63
C UNK O 60 5.37 -29.18 -48.12
N UNK O 61 6.21 -29.84 -48.92
CA UNK O 61 5.93 -30.09 -50.32
C UNK O 61 5.60 -31.55 -50.60
N UNK O 62 6.20 -32.49 -49.86
CA UNK O 62 5.84 -33.89 -50.01
C UNK O 62 4.50 -34.19 -49.37
N UNK O 63 4.02 -33.34 -48.46
CA UNK O 63 2.66 -33.46 -47.96
C UNK O 63 1.66 -32.72 -48.82
N UNK O 64 2.12 -31.98 -49.82
CA UNK O 64 1.23 -31.37 -50.81
C UNK O 64 1.19 -32.16 -52.10
N UNK O 65 2.34 -32.66 -52.56
CA UNK O 65 2.36 -33.47 -53.77
C UNK O 65 1.77 -34.85 -53.55
N UNK O 66 1.64 -35.30 -52.31
CA UNK O 66 0.96 -36.55 -52.02
C UNK O 66 -0.50 -36.34 -51.65
N UNK O 67 -0.89 -35.14 -51.24
CA UNK O 67 -2.30 -34.85 -51.01
C UNK O 67 -3.00 -34.37 -52.28
N UNK O 68 -2.28 -33.73 -53.19
CA UNK O 68 -2.88 -33.34 -54.47
C UNK O 68 -3.00 -34.53 -55.41
N UNK O 69 -2.12 -35.52 -55.30
CA UNK O 69 -2.19 -36.71 -56.13
C UNK O 69 -3.05 -37.80 -55.53
N UNK O 70 -3.90 -37.45 -54.54
CA UNK O 70 -4.90 -38.34 -53.93
C UNK O 70 -4.27 -39.56 -53.26
N UNK O 71 -3.14 -39.36 -52.60
CA UNK O 71 -2.44 -40.44 -51.92
C UNK O 71 -2.36 -40.26 -50.42
N UNK O 72 -2.83 -39.13 -49.88
CA UNK O 72 -2.83 -38.89 -48.44
C UNK O 72 -4.13 -38.20 -48.07
N UNK O 73 -5.03 -38.94 -47.42
CA UNK O 73 -6.33 -38.48 -46.92
C UNK O 73 -7.21 -37.91 -48.04
N UNK O 74 -7.29 -38.67 -49.13
CA UNK O 74 -8.10 -38.25 -50.28
C UNK O 74 -8.59 -39.46 -51.08
N UNK P 1 22.46 -91.23 -12.06
CA UNK P 1 23.73 -90.80 -11.47
C UNK P 1 24.91 -91.31 -12.29
N UNK P 2 24.86 -92.59 -12.66
CA UNK P 2 25.93 -93.19 -13.44
C UNK P 2 25.92 -92.76 -14.89
N UNK P 3 24.77 -92.34 -15.42
CA UNK P 3 24.64 -91.90 -16.80
C UNK P 3 24.72 -90.39 -16.95
N UNK P 4 25.21 -89.69 -15.94
CA UNK P 4 25.33 -88.24 -15.98
C UNK P 4 26.76 -87.74 -15.80
N UNK P 5 27.57 -88.41 -14.97
CA UNK P 5 28.94 -87.96 -14.73
C UNK P 5 29.89 -88.39 -15.84
N UNK P 6 29.56 -89.44 -16.59
CA UNK P 6 30.42 -89.89 -17.67
C UNK P 6 30.36 -88.98 -18.89
N UNK P 7 29.35 -88.11 -18.98
CA UNK P 7 29.26 -87.16 -20.08
C UNK P 7 30.01 -85.87 -19.82
N UNK P 8 30.21 -85.51 -18.54
CA UNK P 8 30.97 -84.32 -18.18
C UNK P 8 32.45 -84.62 -17.92
N UNK P 9 32.83 -85.88 -17.78
CA UNK P 9 34.25 -86.20 -17.68
C UNK P 9 34.93 -86.05 -19.03
N UNK P 10 34.24 -86.38 -20.12
CA UNK P 10 34.81 -86.18 -21.46
C UNK P 10 34.84 -84.70 -21.83
N UNK P 11 33.92 -83.91 -21.29
CA UNK P 11 33.91 -82.46 -21.50
C UNK P 11 34.83 -81.74 -20.54
N UNK P 12 35.53 -82.46 -19.66
CA UNK P 12 36.56 -81.90 -18.80
C UNK P 12 37.93 -82.49 -19.04
N UNK P 13 38.03 -83.69 -19.63
CA UNK P 13 39.33 -84.23 -19.97
C UNK P 13 39.81 -83.72 -21.32
N UNK P 14 38.89 -83.46 -22.26
CA UNK P 14 39.28 -82.87 -23.53
C UNK P 14 39.63 -81.39 -23.37
N UNK P 15 39.03 -80.72 -22.39
CA UNK P 15 39.44 -79.36 -22.07
C UNK P 15 40.79 -79.34 -21.36
N UNK P 16 41.11 -80.40 -20.62
CA UNK P 16 42.41 -80.53 -19.98
C UNK P 16 43.46 -81.13 -20.91
N UNK P 17 43.06 -81.61 -22.08
CA UNK P 17 44.01 -82.06 -23.08
C UNK P 17 44.42 -80.97 -24.05
N UNK P 18 43.61 -79.90 -24.18
CA UNK P 18 44.00 -78.78 -25.01
C UNK P 18 45.16 -78.01 -24.39
N UNK P 19 45.12 -77.80 -23.07
CA UNK P 19 46.26 -77.22 -22.37
C UNK P 19 47.41 -78.21 -22.26
N UNK P 20 47.14 -79.50 -22.40
CA UNK P 20 48.21 -80.49 -22.46
C UNK P 20 48.82 -80.58 -23.85
N UNK P 21 48.03 -80.31 -24.90
CA UNK P 21 48.57 -80.28 -26.26
C UNK P 21 49.26 -78.98 -26.58
N UNK P 22 49.13 -77.96 -25.73
CA UNK P 22 49.89 -76.74 -25.92
C UNK P 22 51.36 -76.96 -25.60
N UNK P 23 51.64 -77.58 -24.46
CA UNK P 23 53.02 -77.81 -24.05
C UNK P 23 53.68 -78.92 -24.86
N UNK P 24 52.91 -79.76 -25.56
CA UNK P 24 53.52 -80.73 -26.45
C UNK P 24 54.03 -80.09 -27.73
N UNK P 25 53.58 -78.87 -28.04
CA UNK P 25 54.08 -78.14 -29.19
C UNK P 25 54.79 -76.84 -28.81
N UNK P 26 54.86 -76.50 -27.52
CA UNK P 26 55.61 -75.34 -27.05
C UNK P 26 56.88 -75.70 -26.32
N UNK P 27 56.87 -76.74 -25.48
CA UNK P 27 58.11 -77.18 -24.85
C UNK P 27 59.01 -77.90 -25.85
N UNK P 28 58.43 -78.49 -26.90
CA UNK P 28 59.22 -79.02 -28.00
C UNK P 28 59.68 -77.92 -28.95
N UNK P 29 59.10 -76.73 -28.86
CA UNK P 29 59.50 -75.60 -29.70
C UNK P 29 60.50 -74.70 -29.01
N UNK P 30 60.37 -74.52 -27.70
CA UNK P 30 61.28 -73.67 -26.93
C UNK P 30 62.48 -74.45 -26.38
N UNK P 31 62.82 -75.59 -27.00
CA UNK P 31 64.01 -76.39 -26.70
C UNK P 31 64.04 -76.88 -25.26
N UNK P 32 62.88 -77.25 -24.74
CA UNK P 32 62.75 -77.79 -23.39
C UNK P 32 62.43 -79.27 -23.52
N UNK P 33 63.48 -80.10 -23.58
CA UNK P 33 63.28 -81.53 -23.76
C UNK P 33 62.77 -82.20 -22.48
N UNK P 34 63.04 -81.60 -21.33
CA UNK P 34 62.57 -82.17 -20.07
C UNK P 34 61.10 -81.87 -19.80
N UNK P 35 60.54 -80.85 -20.44
CA UNK P 35 59.15 -80.47 -20.21
C UNK P 35 58.20 -80.98 -21.27
N UNK P 36 58.71 -81.48 -22.41
CA UNK P 36 57.86 -82.03 -23.45
C UNK P 36 57.60 -83.51 -23.28
N UNK P 37 58.25 -84.17 -22.32
CA UNK P 37 58.03 -85.59 -22.07
C UNK P 37 56.93 -85.83 -21.05
N UNK P 38 56.92 -85.05 -19.96
CA UNK P 38 55.86 -85.19 -18.98
C UNK P 38 54.54 -84.63 -19.49
N UNK P 39 54.59 -83.60 -20.34
CA UNK P 39 53.37 -83.05 -20.92
C UNK P 39 52.81 -83.93 -22.03
N UNK P 40 53.61 -84.81 -22.61
CA UNK P 40 53.11 -85.77 -23.59
C UNK P 40 52.32 -86.89 -22.93
N UNK P 41 52.53 -87.14 -21.63
CA UNK P 41 51.76 -88.15 -20.94
C UNK P 41 50.33 -87.70 -20.68
N UNK P 42 50.12 -86.40 -20.46
CA UNK P 42 48.79 -85.88 -20.26
C UNK P 42 48.01 -85.75 -21.57
N UNK P 43 48.70 -85.66 -22.70
CA UNK P 43 48.05 -85.62 -24.00
C UNK P 43 47.86 -86.99 -24.62
N UNK P 44 48.39 -88.04 -24.01
CA UNK P 44 48.20 -89.41 -24.47
C UNK P 44 47.33 -90.23 -23.53
N UNK P 45 46.86 -89.64 -22.43
CA UNK P 45 45.94 -90.29 -21.51
C UNK P 45 44.60 -89.59 -21.43
N UNK P 46 44.61 -88.28 -21.18
CA UNK P 46 43.36 -87.53 -21.11
C UNK P 46 42.71 -87.34 -22.46
N UNK P 47 43.47 -87.40 -23.54
CA UNK P 47 42.92 -87.38 -24.89
C UNK P 47 42.70 -88.78 -25.44
N UNK P 48 42.89 -89.81 -24.63
CA UNK P 48 42.68 -91.19 -25.03
C UNK P 48 41.67 -91.92 -24.17
N UNK P 49 41.69 -91.72 -22.86
CA UNK P 49 40.71 -92.35 -22.00
C UNK P 49 39.35 -91.69 -22.13
N UNK P 50 39.31 -90.40 -22.49
CA UNK P 50 38.05 -89.71 -22.70
C UNK P 50 37.36 -90.19 -23.98
N UNK P 51 38.14 -90.59 -24.99
CA UNK P 51 37.54 -91.16 -26.19
C UNK P 51 37.02 -92.56 -25.93
N UNK P 52 37.57 -93.26 -24.92
CA UNK P 52 37.07 -94.59 -24.58
C UNK P 52 35.79 -94.52 -23.77
N UNK P 53 35.66 -93.51 -22.90
CA UNK P 53 34.43 -93.38 -22.12
C UNK P 53 33.29 -92.83 -22.96
N UNK P 54 33.59 -91.95 -23.91
CA UNK P 54 32.54 -91.43 -24.78
C UNK P 54 32.05 -92.48 -25.75
N UNK P 55 32.92 -93.42 -26.15
CA UNK P 55 32.49 -94.53 -26.98
C UNK P 55 31.62 -95.50 -26.19
N UNK P 56 31.91 -95.67 -24.90
CA UNK P 56 31.03 -96.46 -24.05
C UNK P 56 29.73 -95.75 -23.75
N UNK P 57 29.77 -94.41 -23.70
CA UNK P 57 28.54 -93.65 -23.52
C UNK P 57 27.71 -93.63 -24.79
N UNK P 58 28.36 -93.77 -25.95
CA UNK P 58 27.62 -93.83 -27.21
C UNK P 58 26.89 -95.17 -27.34
N UNK P 59 27.50 -96.25 -26.86
CA UNK P 59 26.83 -97.54 -26.85
C UNK P 59 25.76 -97.59 -25.76
N UNK P 60 25.95 -96.84 -24.68
CA UNK P 60 24.93 -96.78 -23.64
C UNK P 60 23.73 -95.95 -24.07
N UNK P 61 23.97 -94.89 -24.85
CA UNK P 61 22.88 -94.07 -25.35
C UNK P 61 22.23 -94.65 -26.60
N UNK P 62 22.78 -95.72 -27.17
CA UNK P 62 22.20 -96.36 -28.34
C UNK P 62 21.04 -97.28 -28.00
N UNK P 63 20.78 -97.52 -26.72
CA UNK P 63 19.68 -98.39 -26.34
C UNK P 63 18.32 -97.71 -26.49
N UNK P 64 18.28 -96.38 -26.50
CA UNK P 64 17.02 -95.67 -26.65
C UNK P 64 16.58 -95.65 -28.12
N UNK P 65 17.43 -95.12 -28.99
CA UNK P 65 17.11 -95.04 -30.41
C UNK P 65 18.36 -95.18 -31.27
N UNK Q 1 18.25 -89.54 -30.76
CA UNK Q 1 19.42 -89.92 -31.53
C UNK Q 1 20.47 -88.80 -31.53
N UNK Q 2 20.39 -87.94 -30.52
CA UNK Q 2 21.31 -86.81 -30.40
C UNK Q 2 21.49 -86.52 -28.91
N UNK Q 3 22.02 -85.32 -28.61
CA UNK Q 3 22.21 -84.79 -27.26
C UNK Q 3 23.11 -85.70 -26.42
N UNK Q 4 24.37 -85.76 -26.85
CA UNK Q 4 25.35 -86.62 -26.17
C UNK Q 4 25.70 -86.13 -24.77
N UNK Q 5 25.46 -84.86 -24.46
CA UNK Q 5 25.66 -84.31 -23.12
C UNK Q 5 24.38 -84.26 -22.31
N UNK Q 6 23.48 -85.22 -22.53
CA UNK Q 6 22.21 -85.26 -21.83
C UNK Q 6 21.99 -86.61 -21.15
N UNK Q 7 20.79 -86.83 -20.63
CA UNK Q 7 20.45 -88.09 -19.96
C UNK Q 7 19.04 -88.49 -20.37
N UNK Q 8 18.89 -89.72 -20.83
CA UNK Q 8 17.58 -90.23 -21.23
C UNK Q 8 16.73 -90.53 -20.02
N UNK Q 9 15.41 -90.43 -20.20
CA UNK Q 9 14.44 -90.68 -19.14
C UNK Q 9 13.81 -92.05 -19.36
N UNK Q 10 13.86 -92.90 -18.33
CA UNK Q 10 13.28 -94.23 -18.41
C UNK Q 10 12.35 -94.50 -17.22
N UNK Q 11 12.66 -93.90 -16.09
CA UNK Q 11 11.85 -94.07 -14.88
C UNK Q 11 11.03 -92.83 -14.52
N UNK Q 12 11.55 -91.63 -14.80
CA UNK Q 12 10.83 -90.40 -14.51
C UNK Q 12 9.77 -90.08 -15.56
N UNK Q 13 9.71 -90.82 -16.66
CA UNK Q 13 8.67 -90.60 -17.66
C UNK Q 13 7.31 -91.05 -17.15
N UNK Q 14 7.28 -91.97 -16.18
CA UNK Q 14 6.03 -92.31 -15.52
C UNK Q 14 5.56 -91.19 -14.60
N UNK Q 15 6.50 -90.41 -14.06
CA UNK Q 15 6.13 -89.30 -13.19
C UNK Q 15 5.60 -88.10 -13.98
N UNK Q 16 6.12 -87.89 -15.19
CA UNK Q 16 5.68 -86.79 -16.04
C UNK Q 16 4.47 -87.17 -16.88
N UNK Q 17 3.89 -88.34 -16.67
CA UNK Q 17 2.69 -88.77 -17.36
C UNK Q 17 1.48 -88.82 -16.45
N UNK Q 18 1.66 -88.56 -15.15
CA UNK Q 18 0.56 -88.55 -14.20
C UNK Q 18 0.32 -87.20 -13.57
N UNK Q 19 1.23 -86.24 -13.73
CA UNK Q 19 1.07 -84.92 -13.17
C UNK Q 19 0.63 -83.88 -14.19
N UNK Q 20 0.86 -84.13 -15.48
CA UNK Q 20 0.49 -83.18 -16.52
C UNK Q 20 -0.19 -83.89 -17.67
N UNK R 1 5.31 -70.47 -3.90
CA UNK R 1 6.65 -69.89 -3.93
C UNK R 1 7.53 -70.56 -2.89
N UNK R 2 8.65 -71.15 -3.33
CA UNK R 2 9.54 -71.86 -2.42
C UNK R 2 11.00 -71.57 -2.72
N UNK R 3 11.29 -70.36 -3.22
CA UNK R 3 12.62 -69.78 -3.42
C UNK R 3 13.45 -70.44 -4.52
N UNK R 4 12.96 -71.52 -5.09
CA UNK R 4 13.58 -72.13 -6.25
C UNK R 4 12.58 -72.62 -7.28
N UNK R 5 11.31 -72.79 -6.93
CA UNK R 5 10.33 -73.35 -7.84
C UNK R 5 8.96 -72.75 -7.53
N UNK R 6 8.28 -72.28 -8.58
CA UNK R 6 6.97 -71.67 -8.47
C UNK R 6 5.95 -72.52 -9.21
N UNK R 7 4.67 -72.18 -8.99
CA UNK R 7 3.57 -72.95 -9.56
C UNK R 7 3.20 -72.53 -10.97
N UNK R 8 3.79 -71.45 -11.48
CA UNK R 8 3.46 -70.93 -12.80
C UNK R 8 4.76 -70.71 -13.57
N UNK R 9 4.69 -70.90 -14.89
CA UNK R 9 5.83 -70.85 -15.82
C UNK R 9 6.38 -69.47 -16.05
N UNK R 10 5.92 -68.45 -15.35
CA UNK R 10 6.34 -67.09 -15.60
C UNK R 10 6.29 -66.33 -14.29
N UNK R 11 6.24 -65.01 -14.36
CA UNK R 11 6.06 -64.19 -13.18
C UNK R 11 4.72 -64.47 -12.55
N UNK R 12 4.72 -64.71 -11.24
CA UNK R 12 3.48 -64.97 -10.52
C UNK R 12 2.61 -63.72 -10.51
N UNK R 13 1.29 -63.94 -10.51
CA UNK R 13 0.36 -62.86 -10.76
C UNK R 13 0.31 -61.88 -9.60
N UNK R 14 0.26 -60.59 -9.92
CA UNK R 14 0.16 -59.56 -8.89
C UNK R 14 -1.16 -59.64 -8.14
N UNK R 15 -2.20 -60.16 -8.78
CA UNK R 15 -3.50 -60.40 -8.16
C UNK R 15 -3.86 -61.86 -8.35
N UNK R 16 -4.15 -62.55 -7.25
CA UNK R 16 -4.32 -64.01 -7.29
C UNK R 16 -5.81 -64.39 -7.42
N UNK R 17 -6.41 -63.90 -8.49
CA UNK R 17 -7.81 -64.17 -8.80
C UNK R 17 -7.93 -64.64 -10.24
N UNK R 18 -9.04 -65.32 -10.54
CA UNK R 18 -9.31 -65.77 -11.89
C UNK R 18 -9.90 -64.64 -12.71
N UNK R 19 -9.29 -64.34 -13.85
CA UNK R 19 -9.69 -63.19 -14.65
C UNK R 19 -10.92 -63.50 -15.48
N UNK R 20 -11.27 -62.56 -16.36
CA UNK R 20 -12.55 -62.51 -17.08
C UNK R 20 -13.72 -62.64 -16.11
N UNK R 21 -13.71 -61.78 -15.10
CA UNK R 21 -14.70 -61.83 -14.03
C UNK R 21 -16.02 -61.23 -14.50
N UNK R 22 -17.02 -61.27 -13.61
CA UNK R 22 -18.35 -60.77 -13.92
C UNK R 22 -18.38 -59.25 -13.75
N UNK R 23 -19.58 -58.67 -13.72
CA UNK R 23 -19.74 -57.23 -13.53
C UNK R 23 -19.75 -56.82 -12.07
N UNK R 24 -19.22 -57.65 -11.17
CA UNK R 24 -19.09 -57.29 -9.76
C UNK R 24 -17.70 -56.70 -9.55
N UNK R 25 -17.54 -55.46 -10.00
CA UNK R 25 -16.26 -54.76 -9.96
C UNK R 25 -16.42 -53.44 -9.22
N UNK R 26 -15.43 -52.55 -9.32
CA UNK R 26 -15.45 -51.26 -8.66
C UNK R 26 -15.47 -50.12 -9.67
N UNK R 27 -16.26 -50.24 -10.73
CA UNK R 27 -16.35 -49.21 -11.74
C UNK R 27 -17.81 -49.01 -12.15
N UNK R 28 -18.24 -47.76 -12.19
CA UNK R 28 -19.55 -47.38 -12.69
C UNK R 28 -19.39 -46.71 -14.05
N UNK R 29 -20.11 -47.21 -15.04
CA UNK R 29 -19.98 -46.70 -16.40
C UNK R 29 -20.62 -45.32 -16.51
N UNK R 30 -19.96 -44.42 -17.22
CA UNK R 30 -20.40 -43.05 -17.34
C UNK R 30 -21.36 -42.88 -18.52
N UNK R 31 -22.28 -41.93 -18.38
CA UNK R 31 -23.22 -41.56 -19.44
C UNK R 31 -23.31 -40.04 -19.44
N UNK R 32 -22.49 -39.42 -20.27
CA UNK R 32 -22.35 -37.96 -20.30
C UNK R 32 -22.98 -37.42 -21.57
N UNK R 33 -23.91 -36.49 -21.41
CA UNK R 33 -24.55 -35.78 -22.52
C UNK R 33 -24.02 -34.35 -22.49
N UNK R 34 -23.00 -34.08 -23.29
CA UNK R 34 -22.37 -32.76 -23.31
C UNK R 34 -23.25 -31.76 -24.04
N UNK R 35 -22.93 -30.48 -23.86
CA UNK R 35 -23.68 -29.41 -24.51
C UNK R 35 -22.75 -28.56 -25.38
N GLY S 239 27.21 -20.15 -8.41
CA GLY S 239 26.39 -21.12 -7.72
C GLY S 239 25.08 -20.55 -7.26
N PHE S 240 24.95 -19.24 -7.38
CA PHE S 240 23.75 -18.52 -7.00
C PHE S 240 23.19 -17.80 -8.23
N GLY S 241 22.16 -16.99 -8.02
CA GLY S 241 21.48 -16.32 -9.10
C GLY S 241 20.12 -16.92 -9.30
N PRO S 242 19.30 -16.31 -10.17
CA PRO S 242 17.92 -16.76 -10.34
C PRO S 242 17.73 -18.00 -11.21
N ALA S 243 18.78 -18.58 -11.74
CA ALA S 243 18.61 -19.84 -12.46
C ALA S 243 18.57 -21.07 -11.54
N PRO S 244 19.40 -21.23 -10.50
CA PRO S 244 19.12 -22.31 -9.54
C PRO S 244 17.93 -22.05 -8.65
N GLU S 245 17.44 -20.81 -8.57
CA GLU S 245 16.18 -20.55 -7.89
C GLU S 245 15.03 -21.19 -8.66
N GLY S 246 15.10 -21.14 -9.99
CA GLY S 246 14.02 -21.69 -10.78
C GLY S 246 14.00 -23.20 -10.80
N MET S 247 15.19 -23.83 -10.84
CA MET S 247 15.25 -25.28 -10.76
C MET S 247 14.79 -25.79 -9.40
N ALA S 248 15.26 -25.17 -8.32
CA ALA S 248 14.86 -25.57 -6.98
C ALA S 248 13.45 -25.12 -6.62
N MET S 249 12.74 -24.45 -7.52
CA MET S 249 11.34 -24.16 -7.30
C MET S 249 10.45 -25.22 -7.91
N TRP S 250 10.72 -25.60 -9.15
CA TRP S 250 9.84 -26.49 -9.86
C TRP S 250 9.98 -27.94 -9.41
N ILE S 251 11.20 -28.38 -9.06
CA ILE S 251 11.36 -29.78 -8.69
C ILE S 251 11.32 -30.01 -7.19
N ILE S 252 11.27 -28.96 -6.38
CA ILE S 252 11.14 -29.09 -4.93
C ILE S 252 9.85 -28.45 -4.43
N GLY S 253 9.61 -27.20 -4.78
CA GLY S 253 8.47 -26.50 -4.25
C GLY S 253 7.16 -26.84 -4.92
N MET S 254 7.17 -27.02 -6.24
CA MET S 254 5.93 -27.31 -6.96
C MET S 254 5.68 -28.80 -7.11
N VAL S 255 6.69 -29.65 -6.95
CA VAL S 255 6.44 -31.07 -6.83
C VAL S 255 5.78 -31.38 -5.50
N ALA S 256 6.24 -30.74 -4.44
CA ALA S 256 5.63 -30.90 -3.13
C ALA S 256 4.36 -30.09 -2.96
N ALA S 257 3.96 -29.31 -3.96
CA ALA S 257 2.66 -28.65 -3.92
C ALA S 257 1.65 -29.35 -4.81
N ILE S 258 2.10 -29.92 -5.93
CA ILE S 258 1.22 -30.78 -6.70
C ILE S 258 1.08 -32.14 -6.03
N GLY S 259 2.18 -32.71 -5.54
CA GLY S 259 2.14 -34.02 -4.91
C GLY S 259 1.34 -34.07 -3.63
N VAL S 260 1.17 -32.94 -2.95
CA VAL S 260 0.24 -32.85 -1.83
C VAL S 260 -1.19 -32.71 -2.34
N ALA S 261 -1.39 -31.91 -3.40
CA ALA S 261 -2.72 -31.74 -3.99
C ALA S 261 -3.26 -33.02 -4.58
N MET S 262 -2.38 -33.89 -5.10
CA MET S 262 -2.80 -35.20 -5.56
C MET S 262 -3.13 -36.14 -4.41
N TRP S 263 -2.62 -35.87 -3.21
CA TRP S 263 -2.97 -36.68 -2.05
C TRP S 263 -4.27 -36.23 -1.41
N ILE S 264 -4.52 -34.92 -1.39
CA ILE S 264 -5.75 -34.40 -0.82
C ILE S 264 -6.93 -34.64 -1.76
N GLY S 265 -6.81 -34.17 -2.99
CA GLY S 265 -7.89 -34.32 -3.95
C GLY S 265 -7.98 -35.72 -4.50
N SER S 266 -8.95 -35.91 -5.38
CA SER S 266 -9.22 -37.21 -5.98
C SER S 266 -8.87 -37.19 -7.45
N ARG S 267 -9.09 -38.32 -8.11
CA ARG S 267 -8.82 -38.49 -9.53
C ARG S 267 -10.12 -38.93 -10.20
N ALA S 268 -10.71 -38.05 -10.99
CA ALA S 268 -11.96 -38.37 -11.67
C ALA S 268 -11.98 -37.76 -13.06
N SER T 28 57.08 -65.18 -53.92
CA SER T 28 58.26 -64.33 -53.91
C SER T 28 57.92 -62.94 -53.38
N ASP T 29 57.49 -62.07 -54.29
CA ASP T 29 57.12 -60.71 -53.94
C ASP T 29 55.62 -60.50 -53.89
N ALA T 30 54.87 -61.21 -54.73
CA ALA T 30 53.42 -61.07 -54.72
C ALA T 30 52.78 -61.90 -53.62
N LEU T 31 53.37 -63.04 -53.28
CA LEU T 31 52.78 -63.89 -52.24
C LEU T 31 52.92 -63.29 -50.86
N ALA T 32 53.99 -62.54 -50.62
CA ALA T 32 54.11 -61.71 -49.44
C ALA T 32 53.36 -60.42 -49.71
N LEU T 33 52.22 -60.23 -49.06
CA LEU T 33 51.29 -59.16 -49.43
C LEU T 33 51.82 -57.79 -49.03
N GLY T 34 52.89 -57.35 -49.68
CA GLY T 34 53.39 -56.01 -49.51
C GLY T 34 54.39 -55.81 -48.39
N TRP T 35 55.01 -56.88 -47.88
CA TRP T 35 55.99 -56.60 -46.85
C TRP T 35 57.29 -56.09 -47.47
N PRO T 36 57.90 -55.09 -46.84
CA PRO T 36 59.24 -54.69 -47.26
C PRO T 36 60.26 -55.75 -46.89
N THR T 37 61.30 -55.85 -47.70
CA THR T 37 62.36 -56.81 -47.45
C THR T 37 63.13 -56.39 -46.20
N GLY T 38 63.24 -57.31 -45.25
CA GLY T 38 63.85 -56.96 -43.98
C GLY T 38 65.34 -56.73 -44.11
N ILE T 39 65.82 -55.79 -43.31
CA ILE T 39 67.25 -55.47 -43.29
C ILE T 39 67.98 -56.12 -42.13
N THR T 40 67.29 -56.52 -41.08
CA THR T 40 67.91 -57.31 -40.05
C THR T 40 67.70 -58.79 -40.35
N PRO T 41 68.56 -59.69 -39.86
CA PRO T 41 68.29 -61.12 -40.07
C PRO T 41 67.14 -61.65 -39.25
N GLU T 42 66.66 -60.91 -38.26
CA GLU T 42 65.48 -61.31 -37.52
C GLU T 42 64.20 -60.90 -38.24
N ALA T 43 64.24 -59.77 -38.96
CA ALA T 43 63.10 -59.37 -39.77
C ALA T 43 62.98 -60.20 -41.03
N LYS T 44 64.11 -60.62 -41.60
CA LYS T 44 64.09 -61.47 -42.77
C LYS T 44 63.56 -62.86 -42.44
N LEU T 45 63.55 -63.24 -41.16
CA LEU T 45 62.90 -64.47 -40.75
C LEU T 45 61.37 -64.31 -40.71
N ASN T 46 60.87 -63.10 -40.43
CA ASN T 46 59.43 -62.87 -40.53
C ASN T 46 58.92 -63.02 -41.94
N ARG T 47 59.61 -62.40 -42.90
CA ARG T 47 59.16 -62.46 -44.28
C ARG T 47 59.29 -63.88 -44.84
N GLU T 48 60.18 -64.69 -44.28
CA GLU T 48 60.16 -66.11 -44.59
C GLU T 48 58.93 -66.79 -43.99
N LEU T 49 58.47 -66.34 -42.84
CA LEU T 49 57.29 -66.92 -42.20
C LEU T 49 55.99 -66.33 -42.72
N TRP T 50 56.02 -65.08 -43.17
CA TRP T 50 54.84 -64.43 -43.74
C TRP T 50 54.38 -65.09 -45.04
N ILE T 51 55.25 -65.79 -45.75
CA ILE T 51 54.85 -66.44 -46.99
C ILE T 51 54.44 -67.88 -46.62
N GLY T 52 54.36 -68.14 -45.32
CA GLY T 52 53.49 -69.17 -44.75
C GLY T 52 52.01 -68.83 -44.76
N SER T 53 51.65 -67.67 -45.31
CA SER T 53 50.30 -67.43 -45.80
C SER T 53 49.95 -68.35 -46.97
N VAL T 54 50.94 -68.72 -47.77
CA VAL T 54 50.70 -69.58 -48.93
C VAL T 54 50.34 -70.98 -48.50
N ILE T 55 51.15 -71.56 -47.59
CA ILE T 55 50.96 -72.94 -47.14
C ILE T 55 49.65 -73.08 -46.37
N ALA T 56 49.20 -72.01 -45.73
CA ALA T 56 48.11 -72.09 -44.78
C ALA T 56 46.87 -71.30 -45.19
N SER T 57 47.00 -70.00 -45.48
CA SER T 57 45.81 -69.19 -45.67
C SER T 57 45.26 -69.30 -47.09
N PHE T 58 46.06 -68.95 -48.09
CA PHE T 58 45.59 -69.01 -49.47
C PHE T 58 45.40 -70.43 -49.97
N ALA T 59 45.97 -71.42 -49.30
CA ALA T 59 45.65 -72.80 -49.64
C ALA T 59 44.26 -73.16 -49.15
N VAL T 60 43.99 -72.94 -47.86
CA VAL T 60 42.68 -73.27 -47.30
C VAL T 60 41.62 -72.30 -47.79
N GLY T 61 41.98 -71.03 -47.97
CA GLY T 61 41.05 -70.05 -48.50
C GLY T 61 40.65 -70.27 -49.95
N ALA T 62 41.33 -71.16 -50.67
CA ALA T 62 40.87 -71.58 -51.99
C ALA T 62 40.10 -72.88 -51.95
N ILE T 63 40.23 -73.66 -50.86
CA ILE T 63 39.38 -74.83 -50.70
C ILE T 63 37.96 -74.41 -50.36
N VAL T 64 37.81 -73.42 -49.49
CA VAL T 64 36.47 -72.99 -49.08
C VAL T 64 35.80 -72.21 -50.22
N TRP T 65 36.57 -71.45 -50.99
CA TRP T 65 36.01 -70.91 -52.22
C TRP T 65 35.71 -72.01 -53.24
N GLY T 66 36.51 -73.08 -53.24
CA GLY T 66 36.28 -74.20 -54.11
C GLY T 66 35.12 -75.09 -53.74
N LEU T 67 34.41 -74.76 -52.66
CA LEU T 67 33.19 -75.44 -52.28
C LEU T 67 31.97 -74.52 -52.30
N ILE T 68 32.15 -73.24 -52.00
CA ILE T 68 31.05 -72.29 -52.10
C ILE T 68 30.74 -71.99 -53.56
N PHE T 69 31.77 -71.75 -54.36
CA PHE T 69 31.57 -71.61 -55.80
C PHE T 69 31.40 -72.95 -56.50
N TRP T 70 31.54 -74.07 -55.79
CA TRP T 70 31.12 -75.35 -56.35
C TRP T 70 29.61 -75.54 -56.20
N THR T 71 29.02 -75.01 -55.13
CA THR T 71 27.57 -74.98 -55.02
C THR T 71 26.98 -73.71 -55.64
N SER T 72 27.38 -73.48 -56.88
CA SER T 72 26.65 -72.68 -57.83
C SER T 72 26.36 -73.45 -59.09
N ALA T 73 26.87 -74.67 -59.21
CA ALA T 73 26.42 -75.63 -60.21
C ALA T 73 25.35 -76.57 -59.65
N PHE T 74 24.78 -76.23 -58.50
CA PHE T 74 23.75 -77.03 -57.85
C PHE T 74 22.46 -76.24 -57.67
N HIS T 75 22.02 -75.52 -58.71
CA HIS T 75 20.80 -74.71 -58.60
C HIS T 75 19.56 -75.59 -58.55
N ARG T 76 18.41 -74.94 -58.44
CA ARG T 76 17.12 -75.61 -58.52
C ARG T 76 16.66 -75.52 -59.98
N LYS T 77 16.89 -76.59 -60.73
CA LYS T 77 16.44 -76.65 -62.10
C LYS T 77 15.07 -77.32 -62.16
N LYS T 78 14.39 -77.17 -63.29
CA LYS T 78 12.99 -77.60 -63.40
C LYS T 78 12.87 -79.09 -63.77
N ALA T 79 13.61 -79.93 -63.08
CA ALA T 79 13.43 -81.37 -63.14
C ALA T 79 13.33 -82.00 -61.77
N THR T 80 14.14 -81.53 -60.82
CA THR T 80 14.02 -81.95 -59.43
C THR T 80 13.18 -80.95 -58.64
N ASP T 81 11.96 -80.75 -59.13
CA ASP T 81 11.06 -79.74 -58.59
C ASP T 81 10.07 -80.29 -57.58
N THR T 82 9.58 -81.51 -57.80
CA THR T 82 8.67 -82.16 -56.87
C THR T 82 9.37 -83.17 -55.99
N GLU T 83 10.69 -83.09 -55.89
CA GLU T 83 11.49 -84.05 -55.13
C GLU T 83 12.43 -83.28 -54.23
N LEU T 84 12.15 -83.27 -52.94
CA LEU T 84 13.07 -82.69 -51.99
C LEU T 84 14.29 -83.60 -51.83
N PRO T 85 15.46 -83.03 -51.48
CA PRO T 85 16.71 -83.82 -51.46
C PRO T 85 16.83 -84.84 -50.35
N ARG T 86 18.03 -85.40 -50.19
CA ARG T 86 18.24 -86.55 -49.32
C ARG T 86 18.04 -86.21 -47.84
N GLN T 87 18.08 -84.93 -47.48
CA GLN T 87 17.78 -84.42 -46.14
C GLN T 87 18.73 -84.98 -45.08
N PHE T 88 20.01 -85.02 -45.40
CA PHE T 88 21.00 -85.60 -44.50
C PHE T 88 21.56 -84.52 -43.58
N GLY T 89 21.70 -84.86 -42.29
CA GLY T 89 22.10 -83.87 -41.32
C GLY T 89 23.31 -84.18 -40.46
N TYR T 90 23.63 -85.45 -40.24
CA TYR T 90 24.69 -85.85 -39.33
C TYR T 90 25.65 -86.77 -40.07
N ASN T 91 26.91 -86.36 -40.22
CA ASN T 91 27.94 -87.24 -40.80
C ASN T 91 29.15 -87.23 -39.86
N MET T 92 29.10 -88.05 -38.81
CA MET T 92 30.12 -88.07 -37.76
C MET T 92 31.55 -88.44 -38.16
N PRO T 93 31.84 -89.11 -39.29
CA PRO T 93 33.24 -89.08 -39.75
C PRO T 93 33.68 -87.74 -40.30
N LEU T 94 32.76 -86.89 -40.75
CA LEU T 94 33.20 -85.68 -41.41
C LEU T 94 33.50 -84.57 -40.42
N GLU T 95 32.78 -84.48 -39.29
CA GLU T 95 33.14 -83.49 -38.29
C GLU T 95 34.31 -83.94 -37.41
N LEU T 96 34.90 -85.10 -37.68
CA LEU T 96 36.12 -85.52 -37.01
C LEU T 96 37.34 -85.44 -37.93
N THR T 97 37.17 -85.68 -39.23
CA THR T 97 38.29 -85.46 -40.14
C THR T 97 38.50 -83.98 -40.40
N LEU T 98 37.42 -83.22 -40.57
CA LEU T 98 37.51 -81.79 -40.82
C LEU T 98 37.46 -80.97 -39.55
N THR T 99 37.83 -81.58 -38.42
CA THR T 99 38.24 -80.88 -37.20
C THR T 99 39.73 -81.01 -36.93
N VAL T 100 40.27 -82.22 -37.13
CA VAL T 100 41.70 -82.47 -36.89
C VAL T 100 42.54 -81.76 -37.95
N ILE T 101 42.07 -81.72 -39.19
CA ILE T 101 42.79 -81.07 -40.28
C ILE T 101 42.88 -79.55 -40.07
N PRO T 102 41.84 -78.82 -39.61
CA PRO T 102 42.10 -77.45 -39.13
C PRO T 102 42.90 -77.40 -37.85
N PHE T 103 42.97 -78.49 -37.07
CA PHE T 103 43.72 -78.46 -35.83
C PHE T 103 45.21 -78.72 -36.04
N LEU T 104 45.57 -79.53 -37.03
CA LEU T 104 46.98 -79.78 -37.29
C LEU T 104 47.65 -78.62 -38.02
N ILE T 105 46.89 -77.79 -38.74
CA ILE T 105 47.48 -76.62 -39.37
C ILE T 105 47.82 -75.57 -38.32
N ILE T 106 47.04 -75.49 -37.25
CA ILE T 106 47.42 -74.61 -36.14
C ILE T 106 48.22 -75.40 -35.11
N SER T 107 48.60 -76.63 -35.47
CA SER T 107 49.62 -77.35 -34.73
C SER T 107 50.95 -77.41 -35.47
N VAL T 108 50.97 -77.10 -36.76
CA VAL T 108 52.25 -76.78 -37.40
C VAL T 108 52.55 -75.29 -37.26
N LEU T 109 51.52 -74.45 -37.12
CA LEU T 109 51.73 -73.20 -36.42
C LEU T 109 51.62 -73.44 -34.93
N PHE T 110 51.99 -72.42 -34.16
CA PHE T 110 52.41 -72.50 -32.74
C PHE T 110 53.62 -73.43 -32.58
N TYR T 111 54.33 -73.69 -33.66
CA TYR T 111 55.71 -74.16 -33.64
C TYR T 111 56.61 -73.15 -34.32
N PHE T 112 56.28 -72.75 -35.54
CA PHE T 112 57.10 -71.77 -36.24
C PHE T 112 56.92 -70.38 -35.64
N THR T 113 55.72 -70.05 -35.19
CA THR T 113 55.52 -68.78 -34.53
C THR T 113 55.86 -68.81 -33.05
N VAL T 114 56.49 -69.89 -32.57
CA VAL T 114 57.17 -69.89 -31.29
C VAL T 114 58.69 -69.85 -31.47
N VAL T 115 59.18 -70.53 -32.52
CA VAL T 115 60.59 -70.49 -32.85
C VAL T 115 61.01 -69.09 -33.32
N VAL T 116 60.16 -68.43 -34.12
CA VAL T 116 60.54 -67.12 -34.66
C VAL T 116 60.49 -66.05 -33.57
N GLN T 117 59.48 -66.08 -32.69
CA GLN T 117 59.50 -65.13 -31.58
C GLN T 117 60.51 -65.50 -30.51
N GLU T 118 61.07 -66.71 -30.53
CA GLU T 118 62.21 -67.00 -29.70
C GLU T 118 63.52 -66.61 -30.37
N ARG T 119 63.55 -66.56 -31.71
CA ARG T 119 64.68 -65.92 -32.39
C ARG T 119 64.69 -64.42 -32.12
N MET T 120 63.51 -63.81 -32.06
CA MET T 120 63.37 -62.47 -31.49
C MET T 120 63.35 -62.58 -29.97
N MET T 121 63.07 -61.44 -29.32
CA MET T 121 63.02 -61.31 -27.86
C MET T 121 64.31 -61.80 -27.20
N HIS T 122 65.43 -61.60 -27.87
CA HIS T 122 66.70 -62.22 -27.49
C HIS T 122 67.69 -61.15 -27.10
N LYS T 123 68.44 -61.41 -26.03
CA LYS T 123 69.35 -60.43 -25.46
C LYS T 123 70.76 -61.01 -25.41
N ASP T 124 71.72 -60.14 -25.16
CA ASP T 124 73.13 -60.48 -25.32
C ASP T 124 73.95 -59.47 -24.53
N PRO T 125 74.85 -59.90 -23.63
CA PRO T 125 75.59 -58.93 -22.80
C PRO T 125 76.71 -58.16 -23.49
N ASN T 126 76.78 -58.18 -24.82
CA ASN T 126 77.63 -57.25 -25.58
C ASN T 126 76.79 -56.60 -26.68
N PRO T 127 75.98 -55.59 -26.32
CA PRO T 127 74.95 -55.10 -27.25
C PRO T 127 75.49 -54.30 -28.41
N GLU T 128 76.72 -53.77 -28.32
CA GLU T 128 77.52 -53.16 -29.39
C GLU T 128 77.04 -51.80 -29.89
N VAL T 129 75.83 -51.35 -29.49
CA VAL T 129 75.41 -49.95 -29.35
C VAL T 129 74.07 -49.98 -28.63
N VAL T 130 73.83 -49.03 -27.73
CA VAL T 130 72.58 -48.93 -26.99
C VAL T 130 72.00 -47.55 -27.23
N ILE T 131 70.78 -47.49 -27.75
CA ILE T 131 70.18 -46.24 -28.20
C ILE T 131 68.86 -46.04 -27.47
N ASP T 132 68.78 -44.99 -26.67
CA ASP T 132 67.51 -44.62 -26.05
C ASP T 132 66.67 -43.87 -27.07
N VAL T 133 65.35 -44.09 -27.04
CA VAL T 133 64.49 -43.48 -28.04
C VAL T 133 63.53 -42.44 -27.48
N THR T 134 63.09 -42.60 -26.22
CA THR T 134 62.41 -41.60 -25.36
C THR T 134 61.33 -40.80 -26.10
N ALA T 135 60.29 -41.52 -26.52
CA ALA T 135 59.22 -40.93 -27.32
C ALA T 135 58.41 -40.00 -26.45
N PHE T 136 58.67 -38.70 -26.54
CA PHE T 136 57.90 -37.75 -25.77
C PHE T 136 56.65 -37.40 -26.54
N GLN T 137 55.95 -36.36 -26.11
CA GLN T 137 54.73 -35.94 -26.78
C GLN T 137 55.13 -35.34 -28.11
N TRP T 138 55.07 -36.18 -29.14
CA TRP T 138 54.98 -35.95 -30.57
C TRP T 138 56.26 -35.75 -31.38
N ASN T 139 57.51 -35.82 -30.85
CA ASN T 139 58.61 -35.72 -31.82
C ASN T 139 59.92 -36.45 -31.48
N TRP T 140 59.92 -37.56 -30.74
CA TRP T 140 60.99 -38.59 -30.78
C TRP T 140 62.40 -38.09 -30.40
N LYS T 141 62.62 -37.83 -29.12
CA LYS T 141 63.96 -37.45 -28.66
C LYS T 141 64.85 -38.69 -28.48
N PHE T 142 65.72 -38.95 -29.44
CA PHE T 142 66.63 -40.09 -29.37
C PHE T 142 67.80 -39.81 -28.43
N GLY T 143 68.77 -40.72 -28.38
CA GLY T 143 69.94 -40.55 -27.54
C GLY T 143 70.83 -41.78 -27.52
N TYR T 144 72.11 -41.60 -27.23
CA TYR T 144 73.09 -42.67 -27.30
C TYR T 144 73.60 -43.05 -25.92
N GLN T 145 73.70 -44.36 -25.68
CA GLN T 145 74.32 -44.91 -24.49
C GLN T 145 75.53 -45.73 -24.91
N LYS T 146 76.02 -46.57 -24.00
CA LYS T 146 77.28 -47.29 -24.16
C LYS T 146 77.31 -48.13 -25.43
N ILE T 147 78.51 -48.26 -25.96
CA ILE T 147 78.75 -48.87 -27.27
C ILE T 147 80.12 -49.51 -27.25
N ALA T 148 80.18 -50.78 -27.64
CA ALA T 148 81.43 -51.52 -27.57
C ALA T 148 81.45 -52.47 -28.76
N PHE T 149 82.24 -52.13 -29.78
CA PHE T 149 82.31 -52.92 -30.98
C PHE T 149 83.02 -54.25 -30.70
N ALA T 150 82.85 -55.18 -31.66
CA ALA T 150 83.49 -56.49 -31.52
C ALA T 150 85.00 -56.39 -31.66
N ASP T 151 85.50 -55.38 -32.36
CA ASP T 151 86.93 -55.13 -32.40
C ASP T 151 87.43 -54.56 -31.08
N GLY T 152 86.56 -53.93 -30.30
CA GLY T 152 86.97 -53.27 -29.07
C GLY T 152 87.81 -52.05 -29.37
N SER T 153 87.25 -51.11 -30.14
CA SER T 153 88.04 -50.00 -30.63
C SER T 153 87.42 -48.64 -30.33
N PHE T 154 86.09 -48.57 -30.24
CA PHE T 154 85.44 -47.25 -30.12
C PHE T 154 85.20 -46.86 -28.68
N ASP T 155 84.32 -47.58 -27.98
CA ASP T 155 84.10 -47.52 -26.54
C ASP T 155 83.77 -46.10 -26.04
N TYR T 156 82.59 -45.60 -26.43
CA TYR T 156 82.22 -44.27 -26.00
C TYR T 156 81.73 -44.23 -24.55
N ASP T 157 80.63 -44.95 -24.26
CA ASP T 157 80.07 -45.13 -22.92
C ASP T 157 79.71 -43.79 -22.27
N GLY T 158 78.71 -43.14 -22.86
CA GLY T 158 78.23 -41.89 -22.28
C GLY T 158 76.77 -41.85 -21.93
N ALA T 159 76.47 -41.82 -20.63
CA ALA T 159 75.10 -41.60 -20.15
C ALA T 159 75.23 -41.03 -18.73
N ASP T 160 75.09 -39.72 -18.60
CA ASP T 160 75.42 -39.04 -17.36
C ASP T 160 74.32 -39.25 -16.31
N PRO T 161 74.65 -39.79 -15.13
CA PRO T 161 73.63 -39.90 -14.08
C PRO T 161 73.38 -38.59 -13.35
N GLU T 162 74.27 -37.60 -13.48
CA GLU T 162 74.08 -36.34 -12.79
C GLU T 162 72.94 -35.53 -13.41
N ARG T 163 72.73 -35.66 -14.71
CA ARG T 163 71.58 -35.04 -15.34
C ARG T 163 70.29 -35.73 -14.92
N LYS T 164 70.35 -37.05 -14.72
CA LYS T 164 69.18 -37.81 -14.30
C LYS T 164 68.74 -37.45 -12.88
N GLU T 165 69.69 -37.10 -12.02
CA GLU T 165 69.36 -36.76 -10.64
C GLU T 165 68.74 -35.38 -10.49
N ALA T 166 68.64 -34.60 -11.58
CA ALA T 166 67.92 -33.35 -11.56
C ALA T 166 66.41 -33.54 -11.57
N MET T 167 65.93 -34.74 -11.86
CA MET T 167 64.50 -35.06 -11.84
C MET T 167 64.21 -35.94 -10.64
N THR T 168 63.35 -35.44 -9.75
CA THR T 168 62.92 -36.20 -8.58
C THR T 168 61.42 -36.43 -8.61
N THR T 194 64.27 -40.69 -11.99
CA THR T 194 63.02 -41.18 -12.55
C THR T 194 63.24 -42.44 -13.36
N TYR T 195 62.42 -42.63 -14.38
CA TYR T 195 62.54 -43.76 -15.29
C TYR T 195 63.22 -43.40 -16.60
N LEU T 196 63.29 -42.13 -16.95
CA LEU T 196 63.85 -41.72 -18.22
C LEU T 196 65.36 -41.88 -18.21
N ASN T 197 65.92 -42.12 -19.38
CA ASN T 197 67.36 -42.30 -19.55
C ASN T 197 67.90 -41.07 -20.27
N PHE T 198 68.63 -40.23 -19.55
CA PHE T 198 69.22 -39.03 -20.12
C PHE T 198 70.68 -39.28 -20.46
N ASP T 199 71.16 -38.56 -21.46
CA ASP T 199 72.51 -38.71 -21.99
C ASP T 199 72.88 -37.43 -22.75
N LYS T 200 74.08 -37.40 -23.29
CA LYS T 200 74.65 -36.15 -23.81
C LYS T 200 74.78 -36.08 -25.32
N ILE T 201 74.47 -37.16 -26.04
CA ILE T 201 74.56 -37.18 -27.50
C ILE T 201 73.13 -37.36 -28.00
N GLU T 202 72.19 -36.73 -27.30
CA GLU T 202 70.79 -36.92 -27.65
C GLU T 202 70.44 -36.17 -28.93
N THR T 203 69.50 -36.74 -29.67
CA THR T 203 68.95 -36.16 -30.89
C THR T 203 67.55 -35.65 -30.55
N LEU T 204 67.41 -34.32 -30.48
CA LEU T 204 66.15 -33.76 -30.00
C LEU T 204 65.06 -33.90 -31.03
N GLY T 205 65.24 -33.34 -32.21
CA GLY T 205 64.20 -33.42 -33.21
C GLY T 205 62.99 -32.56 -32.92
N THR T 206 63.12 -31.25 -33.06
CA THR T 206 61.99 -30.35 -32.90
C THR T 206 61.06 -30.45 -34.10
N SER T 207 60.00 -29.63 -34.09
CA SER T 207 58.86 -29.76 -34.99
C SER T 207 59.18 -29.54 -36.46
N SER T 208 60.36 -29.02 -36.81
CA SER T 208 60.76 -28.87 -38.19
C SER T 208 62.08 -29.55 -38.49
N GLU T 209 62.66 -30.25 -37.52
CA GLU T 209 63.98 -30.85 -37.72
C GLU T 209 63.92 -32.32 -38.12
N ILE T 210 62.80 -32.99 -37.82
CA ILE T 210 62.46 -34.39 -38.13
C ILE T 210 63.60 -35.37 -37.83
N PRO T 211 63.71 -35.81 -36.57
CA PRO T 211 64.96 -36.39 -36.03
C PRO T 211 65.48 -37.59 -36.79
N VAL T 212 66.73 -37.50 -37.19
CA VAL T 212 67.43 -38.55 -37.90
C VAL T 212 68.31 -39.28 -36.91
N LEU T 213 68.10 -40.58 -36.78
CA LEU T 213 68.90 -41.41 -35.89
C LEU T 213 69.95 -42.12 -36.73
N VAL T 214 71.19 -42.15 -36.25
CA VAL T 214 72.30 -42.71 -37.01
C VAL T 214 72.86 -43.89 -36.25
N LEU T 215 72.94 -45.04 -36.90
CA LEU T 215 73.46 -46.25 -36.28
C LEU T 215 74.20 -47.07 -37.33
N PRO T 216 75.24 -47.80 -36.93
CA PRO T 216 76.06 -48.51 -37.92
C PRO T 216 75.32 -49.69 -38.52
N ALA T 217 75.87 -50.20 -39.63
CA ALA T 217 75.18 -51.19 -40.44
C ALA T 217 75.91 -52.52 -40.52
N GLY T 218 76.60 -52.91 -39.45
CA GLY T 218 77.15 -54.24 -39.39
C GLY T 218 77.16 -54.79 -37.97
N LYS T 219 76.55 -54.05 -37.06
CA LYS T 219 76.72 -54.29 -35.64
C LYS T 219 75.38 -54.61 -34.99
N ARG T 220 75.46 -55.07 -33.75
CA ARG T 220 74.29 -55.31 -32.93
C ARG T 220 73.81 -53.99 -32.35
N ILE T 221 72.49 -53.81 -32.28
CA ILE T 221 71.89 -52.55 -31.86
C ILE T 221 70.82 -52.85 -30.83
N GLU T 222 70.75 -52.05 -29.77
CA GLU T 222 69.75 -52.20 -28.73
C GLU T 222 68.94 -50.92 -28.60
N PHE T 223 67.63 -51.05 -28.49
CA PHE T 223 66.71 -49.92 -28.42
C PHE T 223 65.97 -49.93 -27.09
N VAL T 224 66.44 -49.14 -26.13
CA VAL T 224 65.71 -48.97 -24.88
C VAL T 224 64.55 -48.02 -25.11
N LEU T 225 63.32 -48.51 -24.92
CA LEU T 225 62.10 -47.89 -25.43
C LEU T 225 61.33 -47.23 -24.29
N ASN T 226 61.52 -45.93 -24.10
CA ASN T 226 60.83 -45.21 -23.06
C ASN T 226 59.90 -44.17 -23.67
N SER T 227 58.99 -43.67 -22.84
CA SER T 227 58.09 -42.62 -23.27
C SER T 227 57.85 -41.67 -22.11
N ALA T 228 57.73 -40.40 -22.42
CA ALA T 228 57.58 -39.39 -21.39
C ALA T 228 56.13 -39.26 -20.92
N ASP T 229 55.19 -39.19 -21.85
CA ASP T 229 53.82 -38.84 -21.50
C ASP T 229 52.83 -39.97 -21.75
N VAL T 230 52.68 -40.41 -23.00
CA VAL T 230 51.64 -41.32 -23.42
C VAL T 230 52.35 -42.55 -23.98
N ILE T 231 51.63 -43.68 -24.01
CA ILE T 231 52.02 -44.82 -24.83
C ILE T 231 52.02 -44.42 -26.30
N HIS T 232 53.20 -44.38 -26.91
CA HIS T 232 53.42 -44.19 -28.34
C HIS T 232 53.75 -45.53 -28.95
N GLY T 233 54.21 -45.53 -30.19
CA GLY T 233 54.68 -46.75 -30.81
C GLY T 233 55.94 -46.54 -31.61
N PHE T 234 56.84 -47.52 -31.62
CA PHE T 234 58.12 -47.40 -32.30
C PHE T 234 58.14 -48.37 -33.48
N TRP T 235 57.99 -47.84 -34.69
CA TRP T 235 57.92 -48.73 -35.86
C TRP T 235 58.75 -48.16 -37.00
N VAL T 236 59.97 -48.70 -37.15
CA VAL T 236 60.68 -48.65 -38.42
C VAL T 236 60.07 -49.78 -39.23
N PRO T 237 59.37 -49.53 -40.34
CA PRO T 237 58.73 -50.64 -41.06
C PRO T 237 59.72 -51.60 -41.70
N GLU T 238 60.97 -51.21 -41.89
CA GLU T 238 61.94 -52.13 -42.45
C GLU T 238 62.43 -53.14 -41.42
N PHE T 239 62.53 -52.74 -40.17
CA PHE T 239 62.60 -53.71 -39.07
C PHE T 239 61.22 -54.32 -39.01
N LEU T 240 61.01 -55.51 -39.55
CA LEU T 240 59.66 -56.09 -39.56
C LEU T 240 59.25 -56.48 -38.15
N PHE T 241 58.96 -55.46 -37.34
CA PHE T 241 58.92 -55.53 -35.89
C PHE T 241 58.45 -54.19 -35.36
N LYS T 242 57.84 -54.18 -34.17
CA LYS T 242 57.24 -52.99 -33.59
C LYS T 242 57.06 -53.25 -32.12
N ARG T 243 57.43 -52.27 -31.29
CA ARG T 243 57.08 -52.35 -29.88
C ARG T 243 56.57 -51.00 -29.41
N ASP T 244 55.49 -51.04 -28.65
CA ASP T 244 54.89 -49.83 -28.11
C ASP T 244 55.74 -49.35 -26.95
N VAL T 245 56.05 -48.09 -26.93
CA VAL T 245 56.77 -47.52 -25.82
C VAL T 245 55.75 -47.13 -24.76
N LEU T 246 56.10 -47.32 -23.50
CA LEU T 246 55.19 -47.10 -22.39
C LEU T 246 55.75 -45.99 -21.53
N PRO T 247 54.91 -45.34 -20.69
CA PRO T 247 55.46 -44.43 -19.69
C PRO T 247 56.44 -45.11 -18.72
N GLU T 248 56.01 -46.06 -17.91
CA GLU T 248 56.93 -46.72 -16.99
C GLU T 248 56.95 -48.21 -17.28
N PRO T 249 57.87 -48.68 -18.11
CA PRO T 249 57.84 -50.08 -18.50
C PRO T 249 58.22 -51.06 -17.41
N LYS T 250 59.16 -50.72 -16.52
CA LYS T 250 59.47 -51.65 -15.46
C LYS T 250 58.45 -51.63 -14.34
N ALA T 251 57.56 -50.64 -14.32
CA ALA T 251 56.45 -50.59 -13.38
C ALA T 251 55.17 -51.17 -13.96
N ASN T 252 55.14 -51.46 -15.25
CA ASN T 252 53.97 -52.03 -15.91
C ASN T 252 54.19 -53.47 -16.31
N ASN T 253 55.24 -54.09 -15.77
CA ASN T 253 55.65 -55.46 -16.06
C ASN T 253 55.90 -55.65 -17.56
N SER T 254 56.56 -54.67 -18.16
CA SER T 254 56.88 -54.69 -19.58
C SER T 254 58.33 -55.12 -19.78
N ASP T 255 58.74 -55.21 -21.04
CA ASP T 255 60.07 -55.69 -21.35
C ASP T 255 61.00 -54.59 -21.86
N ASN T 256 60.44 -53.45 -22.30
CA ASN T 256 61.10 -52.14 -22.38
C ASN T 256 62.14 -52.02 -23.49
N VAL T 257 62.54 -53.13 -24.13
CA VAL T 257 63.76 -53.09 -24.92
C VAL T 257 63.74 -54.26 -25.90
N PHE T 258 64.35 -54.05 -27.07
CA PHE T 258 64.61 -55.14 -28.00
C PHE T 258 65.96 -54.92 -28.66
N GLN T 259 66.42 -55.96 -29.34
CA GLN T 259 67.73 -55.94 -29.98
C GLN T 259 67.61 -56.55 -31.38
N VAL T 260 68.31 -55.96 -32.32
CA VAL T 260 68.47 -56.55 -33.63
C VAL T 260 69.85 -57.18 -33.70
N SER T 261 69.98 -58.23 -34.50
CA SER T 261 71.26 -58.93 -34.56
C SER T 261 72.29 -58.13 -35.34
N GLU T 262 71.93 -57.70 -36.55
CA GLU T 262 72.76 -56.79 -37.33
C GLU T 262 71.85 -56.08 -38.31
N ILE T 263 72.45 -55.23 -39.13
CA ILE T 263 71.77 -54.65 -40.29
C ILE T 263 72.51 -55.14 -41.52
N GLN T 264 71.78 -55.53 -42.56
CA GLN T 264 72.39 -56.08 -43.74
C GLN T 264 72.37 -55.13 -44.93
N GLN T 265 71.80 -53.94 -44.78
CA GLN T 265 71.79 -52.96 -45.85
C GLN T 265 72.23 -51.61 -45.29
N THR T 266 72.80 -50.80 -46.16
CA THR T 266 73.09 -49.41 -45.86
C THR T 266 72.01 -48.52 -46.46
N GLY T 267 72.02 -47.24 -46.06
CA GLY T 267 71.04 -46.28 -46.54
C GLY T 267 70.31 -45.62 -45.37
N ALA T 268 69.01 -45.44 -45.55
CA ALA T 268 68.22 -44.64 -44.62
C ALA T 268 66.75 -44.96 -44.79
N PHE T 269 66.05 -45.19 -43.68
CA PHE T 269 64.70 -45.77 -43.73
C PHE T 269 63.75 -44.98 -42.83
N VAL T 270 62.45 -45.12 -43.11
CA VAL T 270 61.42 -44.34 -42.44
C VAL T 270 61.15 -44.97 -41.08
N GLY T 271 60.66 -44.16 -40.14
CA GLY T 271 60.12 -44.68 -38.89
C GLY T 271 58.88 -43.90 -38.51
N ARG T 272 57.83 -44.59 -38.07
CA ARG T 272 56.55 -43.96 -37.76
C ARG T 272 56.15 -44.28 -36.33
N CYS T 273 55.07 -43.64 -35.88
CA CYS T 273 54.46 -43.98 -34.60
C CYS T 273 53.10 -44.62 -34.85
N THR T 274 52.77 -45.64 -34.04
CA THR T 274 51.61 -46.47 -34.31
C THR T 274 50.51 -46.34 -33.28
N GLU T 275 50.76 -46.67 -32.01
CA GLU T 275 49.71 -46.57 -31.01
C GLU T 275 49.42 -45.11 -30.73
N MET T 276 48.14 -44.80 -30.54
CA MET T 276 47.68 -43.43 -30.72
C MET T 276 48.13 -42.52 -29.58
N CYS T 277 48.59 -41.33 -29.95
CA CYS T 277 49.21 -40.39 -29.04
C CYS T 277 48.37 -39.17 -28.78
N GLY T 278 47.48 -38.80 -29.69
CA GLY T 278 46.81 -37.54 -29.58
C GLY T 278 46.65 -36.87 -30.91
N THR T 279 46.87 -35.56 -30.94
CA THR T 279 46.48 -34.75 -32.10
C THR T 279 47.41 -34.97 -33.28
N PHE T 280 48.72 -34.81 -33.06
CA PHE T 280 49.70 -34.84 -34.13
C PHE T 280 50.38 -36.19 -34.23
N HIS T 281 49.59 -37.25 -34.04
CA HIS T 281 50.06 -38.62 -34.13
C HIS T 281 50.58 -38.97 -35.52
N ALA T 282 50.04 -38.34 -36.56
CA ALA T 282 50.52 -38.56 -37.92
C ALA T 282 51.78 -37.77 -38.24
N MET T 283 52.28 -36.97 -37.31
CA MET T 283 53.43 -36.10 -37.52
C MET T 283 54.68 -36.57 -36.79
N MET T 284 54.67 -37.75 -36.20
CA MET T 284 55.79 -38.22 -35.38
C MET T 284 56.76 -39.07 -36.17
N ASN T 285 57.22 -38.62 -37.33
CA ASN T 285 58.05 -39.46 -38.15
C ASN T 285 59.51 -39.23 -37.79
N PHE T 286 60.23 -40.31 -37.59
CA PHE T 286 61.67 -40.31 -37.44
C PHE T 286 62.25 -41.10 -38.59
N GLU T 287 63.57 -41.20 -38.65
CA GLU T 287 64.19 -41.63 -39.89
C GLU T 287 65.59 -42.16 -39.58
N VAL T 288 65.75 -43.47 -39.53
CA VAL T 288 67.05 -44.03 -39.20
C VAL T 288 67.98 -43.91 -40.39
N ARG T 289 69.29 -43.96 -40.11
CA ARG T 289 70.30 -44.05 -41.15
C ARG T 289 71.27 -45.15 -40.79
N VAL T 290 71.45 -46.09 -41.70
CA VAL T 290 72.39 -47.18 -41.52
C VAL T 290 73.65 -46.81 -42.31
N VAL T 291 74.55 -46.11 -41.62
CA VAL T 291 75.82 -45.69 -42.19
C VAL T 291 76.81 -46.83 -42.07
N GLU T 292 77.96 -46.70 -42.74
CA GLU T 292 79.05 -47.65 -42.63
C GLU T 292 79.61 -47.65 -41.20
N PRO T 293 80.24 -48.75 -40.78
CA PRO T 293 80.87 -48.75 -39.45
C PRO T 293 82.05 -47.79 -39.34
N ASN T 294 82.71 -47.47 -40.45
CA ASN T 294 83.78 -46.49 -40.42
C ASN T 294 83.26 -45.06 -40.48
N ASP T 295 82.14 -44.83 -41.18
CA ASP T 295 81.53 -43.51 -41.16
C ASP T 295 80.80 -43.23 -39.86
N PHE T 296 80.47 -44.27 -39.10
CA PHE T 296 79.84 -44.05 -37.80
C PHE T 296 80.85 -43.62 -36.75
N LYS T 297 82.09 -44.07 -36.87
CA LYS T 297 83.14 -43.61 -35.96
C LYS T 297 83.46 -42.14 -36.22
N ALA T 298 83.33 -41.69 -37.46
CA ALA T 298 83.49 -40.27 -37.78
C ALA T 298 82.21 -39.48 -37.54
N TYR T 299 81.09 -40.13 -37.25
CA TYR T 299 79.89 -39.39 -36.91
C TYR T 299 79.95 -38.88 -35.48
N ILE T 300 80.33 -39.75 -34.54
CA ILE T 300 80.32 -39.37 -33.14
C ILE T 300 81.49 -38.45 -32.81
N ASP T 301 82.65 -38.66 -33.44
CA ASP T 301 83.81 -37.80 -33.19
C ASP T 301 83.58 -36.37 -33.67
N GLN T 302 82.74 -36.18 -34.68
CA GLN T 302 82.27 -34.84 -35.00
C GLN T 302 81.18 -34.39 -34.04
N ARG T 303 80.44 -35.32 -33.45
CA ARG T 303 79.32 -34.97 -32.59
C ARG T 303 79.74 -34.83 -31.14
N ASN T 304 80.80 -35.53 -30.72
CA ASN T 304 81.25 -35.46 -29.33
C ASN T 304 81.85 -34.09 -29.02
N ALA T 305 82.46 -33.44 -30.01
CA ALA T 305 82.90 -32.06 -29.84
C ALA T 305 81.72 -31.10 -29.75
N GLY T 306 80.57 -31.47 -30.31
CA GLY T 306 79.34 -30.73 -30.15
C GLY T 306 78.92 -30.00 -31.39
N LYS T 307 78.06 -30.64 -32.18
CA LYS T 307 77.43 -30.06 -33.37
C LYS T 307 76.01 -30.61 -33.44
N THR T 308 75.33 -30.35 -34.55
CA THR T 308 74.00 -30.86 -34.79
C THR T 308 74.02 -31.82 -35.98
N ASN T 309 72.88 -32.45 -36.24
CA ASN T 309 72.79 -33.39 -37.35
C ASN T 309 72.83 -32.69 -38.70
N ALA T 310 72.57 -31.38 -38.75
CA ALA T 310 72.79 -30.64 -39.98
C ALA T 310 74.28 -30.41 -40.23
N GLU T 311 75.12 -30.57 -39.21
CA GLU T 311 76.55 -30.42 -39.34
C GLU T 311 77.33 -31.72 -39.19
N ALA T 312 76.83 -32.65 -38.36
CA ALA T 312 77.54 -33.90 -38.16
C ALA T 312 77.37 -34.85 -39.35
N LEU T 313 76.18 -34.86 -39.96
CA LEU T 313 75.98 -35.63 -41.17
C LEU T 313 76.64 -34.99 -42.38
N ALA T 314 76.96 -33.71 -42.32
CA ALA T 314 77.65 -33.05 -43.43
C ALA T 314 79.12 -33.41 -43.46
N ALA T 315 79.72 -33.70 -42.29
CA ALA T 315 81.12 -34.07 -42.23
C ALA T 315 81.39 -35.50 -42.67
N ILE T 316 80.35 -36.30 -42.85
CA ILE T 316 80.49 -37.66 -43.39
C ILE T 316 79.75 -37.73 -44.71
N ASN T 317 79.79 -36.60 -45.44
CA ASN T 317 79.28 -36.35 -46.81
C ASN T 317 77.98 -37.09 -47.16
N GLN T 318 76.99 -36.89 -46.31
CA GLN T 318 75.68 -37.51 -46.40
C GLN T 318 74.64 -36.42 -46.24
N PRO T 319 73.50 -36.51 -46.94
CA PRO T 319 72.46 -35.46 -46.84
C PRO T 319 71.93 -35.30 -45.43
N PRO T 320 72.00 -34.08 -44.88
CA PRO T 320 71.78 -33.91 -43.43
C PRO T 320 70.32 -34.03 -43.02
N LEU T 321 69.40 -33.58 -43.84
CA LEU T 321 67.99 -33.70 -43.51
C LEU T 321 67.52 -35.13 -43.75
N ALA T 322 66.30 -35.41 -43.33
CA ALA T 322 65.70 -36.71 -43.60
C ALA T 322 65.33 -36.80 -45.07
N ILE T 323 65.73 -37.88 -45.73
CA ILE T 323 65.52 -37.99 -47.17
C ILE T 323 64.32 -38.85 -47.54
N THR T 324 63.83 -39.69 -46.63
CA THR T 324 62.67 -40.53 -46.91
C THR T 324 61.41 -40.00 -46.24
N THR T 325 61.50 -38.88 -45.53
CA THR T 325 60.37 -38.21 -44.93
C THR T 325 60.78 -36.75 -44.71
N GLU T 326 59.80 -35.92 -44.38
CA GLU T 326 60.02 -34.48 -44.35
C GLU T 326 58.99 -33.86 -43.41
N PRO T 327 59.26 -32.67 -42.87
CA PRO T 327 58.27 -32.05 -41.95
C PRO T 327 57.00 -31.65 -42.68
N PHE T 328 55.91 -31.62 -41.92
CA PHE T 328 54.62 -31.34 -42.52
C PHE T 328 54.35 -29.84 -42.51
N GLU T 329 53.70 -29.38 -43.58
CA GLU T 329 53.31 -27.99 -43.66
C GLU T 329 52.14 -27.68 -42.73
N SER T 330 51.30 -28.69 -42.46
CA SER T 330 50.12 -28.50 -41.61
C SER T 330 50.45 -28.32 -40.15
N ARG T 331 51.69 -28.55 -39.74
CA ARG T 331 52.09 -28.42 -38.36
C ARG T 331 53.02 -27.23 -38.10
N ARG T 332 53.85 -26.88 -39.09
CA ARG T 332 54.82 -25.81 -38.91
C ARG T 332 54.14 -24.45 -38.78
N GLY T 333 53.11 -24.19 -39.59
CA GLY T 333 52.40 -22.93 -39.53
C GLY T 333 51.48 -22.81 -38.34
N MET U 1 45.67 -38.21 -59.95
CA MET U 1 46.69 -37.20 -60.20
C MET U 1 46.45 -35.97 -59.33
N SER U 2 45.81 -34.98 -59.93
CA SER U 2 45.57 -33.69 -59.28
C SER U 2 44.31 -33.78 -58.43
N THR U 3 43.81 -32.63 -57.97
CA THR U 3 42.57 -32.59 -57.22
C THR U 3 41.34 -32.62 -58.12
N ALA U 4 41.52 -32.74 -59.44
CA ALA U 4 40.41 -32.88 -60.37
C ALA U 4 40.19 -34.31 -60.81
N LEU U 5 41.26 -35.09 -60.99
CA LEU U 5 41.10 -36.48 -61.37
C LEU U 5 40.66 -37.35 -60.19
N THR U 6 40.88 -36.92 -58.96
CA THR U 6 40.37 -37.68 -57.83
C THR U 6 38.90 -37.35 -57.57
N HIS U 7 38.63 -36.10 -57.19
CA HIS U 7 37.28 -35.71 -56.75
C HIS U 7 36.28 -35.67 -57.90
N GLY U 8 36.75 -35.63 -59.14
CA GLY U 8 35.87 -35.81 -60.28
C GLY U 8 35.68 -37.25 -60.68
N LEU U 9 36.24 -38.18 -59.91
CA LEU U 9 36.12 -39.60 -60.16
C LEU U 9 35.83 -40.41 -58.90
N ILE U 10 36.14 -39.88 -57.72
CA ILE U 10 35.65 -40.41 -56.45
C ILE U 10 34.12 -40.26 -56.38
N GLY U 11 33.59 -39.18 -56.95
CA GLY U 11 32.16 -39.03 -57.09
C GLY U 11 31.62 -39.42 -58.44
N GLY U 12 32.45 -39.93 -59.34
CA GLY U 12 31.99 -40.29 -60.67
C GLY U 12 31.80 -41.77 -60.91
N VAL U 13 32.76 -42.58 -60.46
CA VAL U 13 32.68 -44.04 -60.58
C VAL U 13 31.56 -44.64 -59.72
N PRO U 14 31.30 -44.20 -58.47
CA PRO U 14 30.09 -44.70 -57.78
C PRO U 14 28.76 -44.30 -58.40
N LEU U 15 28.72 -43.40 -59.39
CA LEU U 15 27.50 -43.16 -60.13
C LEU U 15 27.45 -43.90 -61.45
N VAL U 16 28.59 -44.12 -62.08
CA VAL U 16 28.62 -44.95 -63.29
C VAL U 16 28.37 -46.41 -62.93
N LEU U 17 28.99 -46.89 -61.86
CA LEU U 17 28.76 -48.26 -61.40
C LEU U 17 27.35 -48.44 -60.86
N PHE U 18 26.74 -47.37 -60.37
CA PHE U 18 25.33 -47.44 -59.98
C PHE U 18 24.42 -47.39 -61.20
N ALA U 19 24.85 -46.73 -62.28
CA ALA U 19 24.04 -46.68 -63.47
C ALA U 19 24.14 -47.95 -64.30
N VAL U 20 25.24 -48.68 -64.21
CA VAL U 20 25.36 -49.95 -64.92
C VAL U 20 24.49 -51.01 -64.24
N LEU U 21 24.56 -51.08 -62.91
CA LEU U 21 23.81 -52.10 -62.19
C LEU U 21 22.31 -51.79 -62.12
N ALA U 22 21.92 -50.52 -62.25
CA ALA U 22 20.50 -50.22 -62.28
C ALA U 22 19.86 -50.66 -63.59
N LEU U 23 20.60 -50.57 -64.69
CA LEU U 23 20.08 -51.04 -65.97
C LEU U 23 20.00 -52.55 -66.03
N ILE U 24 20.83 -53.25 -65.27
CA ILE U 24 20.80 -54.71 -65.31
C ILE U 24 19.67 -55.25 -64.43
N PHE U 25 19.53 -54.72 -63.22
CA PHE U 25 18.68 -55.35 -62.22
C PHE U 25 17.28 -54.76 -62.13
N LEU U 26 17.09 -53.49 -62.45
CA LEU U 26 15.77 -52.87 -62.31
C LEU U 26 14.89 -53.06 -63.55
N THR U 27 15.33 -53.87 -64.52
CA THR U 27 14.57 -54.14 -65.73
C THR U 27 14.48 -55.65 -65.96
N ARG U 28 14.12 -56.41 -64.93
CA ARG U 28 14.17 -57.86 -65.00
C ARG U 28 12.80 -58.54 -64.96
N LYS U 29 11.70 -57.80 -65.18
CA LYS U 29 10.34 -58.33 -65.26
C LYS U 29 9.96 -59.06 -63.96
N GLY U 30 9.75 -58.25 -62.92
CA GLY U 30 9.50 -58.73 -61.58
C GLY U 30 8.32 -59.65 -61.40
N PRO U 31 8.18 -60.20 -60.18
CA PRO U 31 7.22 -61.29 -59.96
C PRO U 31 5.77 -60.87 -59.95
N HIS U 32 5.48 -59.58 -60.00
CA HIS U 32 4.10 -59.12 -60.05
C HIS U 32 3.54 -59.45 -61.43
N PRO U 33 2.34 -60.01 -61.52
CA PRO U 33 1.81 -60.41 -62.83
C PRO U 33 1.37 -59.21 -63.65
N ASP U 34 1.23 -59.45 -64.95
CA ASP U 34 0.96 -58.37 -65.88
C ASP U 34 -0.47 -57.86 -65.74
N THR U 35 -0.73 -56.71 -66.34
CA THR U 35 -2.04 -56.10 -66.26
C THR U 35 -3.05 -56.90 -67.08
N TYR U 36 -4.27 -56.99 -66.55
CA TYR U 36 -5.31 -57.76 -67.22
C TYR U 36 -5.90 -56.94 -68.36
N LYS U 37 -5.62 -57.35 -69.59
CA LYS U 37 -6.28 -56.74 -70.74
C LYS U 37 -7.70 -57.27 -70.85
N MET U 38 -8.53 -56.55 -71.59
CA MET U 38 -9.93 -56.92 -71.73
C MET U 38 -10.12 -58.08 -72.70
N SER U 39 -9.19 -58.27 -73.64
CA SER U 39 -9.28 -59.38 -74.61
C SER U 39 -8.54 -60.60 -74.06
N ASP U 40 -9.13 -61.17 -73.02
CA ASP U 40 -8.52 -62.24 -72.24
C ASP U 40 -9.67 -62.91 -71.48
N PRO U 41 -9.83 -64.22 -71.57
CA PRO U 41 -11.07 -64.84 -71.07
C PRO U 41 -11.24 -64.96 -69.56
N TRP U 42 -10.44 -64.24 -68.76
CA TRP U 42 -10.55 -64.17 -67.30
C TRP U 42 -10.40 -65.56 -66.66
N THR U 43 -9.18 -66.08 -66.77
CA THR U 43 -8.85 -67.39 -66.24
C THR U 43 -8.35 -67.36 -64.81
N HIS U 44 -8.49 -66.24 -64.10
CA HIS U 44 -7.81 -66.10 -62.81
C HIS U 44 -8.55 -66.77 -61.67
N ALA U 45 -9.68 -66.17 -61.24
CA ALA U 45 -10.47 -66.57 -60.07
C ALA U 45 -11.69 -65.68 -59.94
N PRO U 46 -12.66 -66.04 -59.10
CA PRO U 46 -13.59 -65.03 -58.59
C PRO U 46 -12.88 -64.14 -57.58
N ILE U 47 -13.25 -62.86 -57.56
CA ILE U 47 -12.59 -61.86 -56.72
C ILE U 47 -13.66 -61.03 -56.05
N LEU U 48 -13.65 -60.98 -54.72
CA LEU U 48 -14.58 -60.15 -53.95
C LEU U 48 -13.79 -59.20 -53.06
N TRP U 49 -14.16 -57.92 -53.11
CA TRP U 49 -13.35 -56.81 -52.61
C TRP U 49 -14.16 -55.91 -51.69
N ALA U 50 -14.77 -56.48 -50.66
CA ALA U 50 -15.57 -55.70 -49.73
C ALA U 50 -14.70 -54.78 -48.89
N ALA U 51 -15.10 -53.52 -48.79
CA ALA U 51 -14.44 -52.58 -47.90
C ALA U 51 -14.75 -52.93 -46.46
N GLU U 52 -13.91 -52.46 -45.56
CA GLU U 52 -14.02 -52.83 -44.15
C GLU U 52 -14.20 -51.62 -43.25
N GLU U 53 -14.78 -50.57 -43.79
CA GLU U 53 -14.91 -49.33 -43.03
C GLU U 53 -16.11 -49.32 -42.07
N PRO U 54 -17.35 -49.69 -42.48
CA PRO U 54 -18.35 -49.61 -41.41
C PRO U 54 -18.36 -50.84 -40.52
N ASP V 15 -9.56 -80.43 -52.05
CA ASP V 15 -8.55 -80.86 -51.09
C ASP V 15 -7.53 -79.76 -50.83
N LEU V 16 -6.57 -80.05 -49.97
CA LEU V 16 -5.55 -79.08 -49.62
C LEU V 16 -4.54 -78.94 -50.77
N PRO V 17 -3.89 -77.77 -50.90
CA PRO V 17 -2.80 -77.65 -51.89
C PRO V 17 -1.53 -78.34 -51.45
N TYR V 18 -0.44 -78.12 -52.19
CA TYR V 18 0.80 -78.85 -51.96
C TYR V 18 1.45 -78.48 -50.64
N GLY V 19 1.31 -77.24 -50.20
CA GLY V 19 2.10 -76.81 -49.07
C GLY V 19 1.36 -76.43 -47.82
N SER V 20 0.05 -76.26 -47.90
CA SER V 20 -0.72 -75.87 -46.74
C SER V 20 -0.89 -77.06 -45.78
N ALA V 21 -1.21 -76.74 -44.53
CA ALA V 21 -1.44 -77.76 -43.52
C ALA V 21 -2.49 -77.26 -42.55
N LEU V 22 -3.39 -78.16 -42.17
CA LEU V 22 -4.46 -77.81 -41.24
C LEU V 22 -3.92 -77.89 -39.82
N THR V 23 -3.98 -76.77 -39.10
CA THR V 23 -3.41 -76.68 -37.76
C THR V 23 -4.33 -77.29 -36.71
N SER V 24 -4.07 -76.99 -35.43
CA SER V 24 -4.87 -77.54 -34.35
C SER V 24 -6.31 -77.03 -34.39
N SER V 25 -6.50 -75.75 -34.69
CA SER V 25 -7.80 -75.26 -35.07
C SER V 25 -7.84 -75.07 -36.58
N GLY V 26 -8.91 -74.48 -37.09
CA GLY V 26 -9.10 -74.43 -38.54
C GLY V 26 -8.35 -73.35 -39.29
N ARG V 27 -7.20 -72.94 -38.77
CA ARG V 27 -6.38 -71.94 -39.46
C ARG V 27 -5.48 -72.69 -40.44
N ILE V 28 -5.82 -72.63 -41.72
CA ILE V 28 -5.03 -73.31 -42.76
C ILE V 28 -3.76 -72.50 -42.96
N SER V 29 -2.63 -73.03 -42.50
CA SER V 29 -1.35 -72.34 -42.57
C SER V 29 -0.70 -72.67 -43.92
N ALA V 30 -0.64 -71.69 -44.80
CA ALA V 30 -0.17 -71.90 -46.16
C ALA V 30 1.30 -71.54 -46.30
N VAL V 31 1.90 -71.99 -47.41
CA VAL V 31 3.29 -71.72 -47.71
C VAL V 31 3.40 -71.41 -49.20
N THR V 32 4.40 -70.60 -49.56
CA THR V 32 4.67 -70.26 -50.95
C THR V 32 6.15 -70.44 -51.25
N GLU V 33 6.43 -70.92 -52.46
CA GLU V 33 7.80 -71.11 -52.92
C GLU V 33 8.53 -69.77 -52.96
N PRO V 34 9.85 -69.75 -52.69
CA PRO V 34 10.51 -68.50 -52.28
C PRO V 34 10.53 -67.39 -53.32
N GLY V 35 10.43 -67.71 -54.61
CA GLY V 35 10.43 -66.67 -55.61
C GLY V 35 9.06 -66.10 -55.87
N GLU V 36 8.05 -66.97 -55.89
CA GLU V 36 6.69 -66.60 -56.24
C GLU V 36 6.05 -65.76 -55.15
N LEU V 37 4.93 -65.12 -55.50
CA LEU V 37 4.22 -64.24 -54.60
C LEU V 37 3.16 -65.02 -53.84
N SER V 38 2.32 -64.30 -53.12
CA SER V 38 1.24 -64.90 -52.34
C SER V 38 -0.14 -64.59 -52.89
N VAL V 39 -0.39 -63.35 -53.34
CA VAL V 39 -1.67 -62.96 -53.90
C VAL V 39 -1.46 -62.50 -55.34
N HIS V 40 -2.11 -63.19 -56.27
CA HIS V 40 -1.89 -62.96 -57.70
C HIS V 40 -2.98 -62.08 -58.29
N TYR V 41 -3.14 -60.88 -57.76
CA TYR V 41 -4.11 -59.97 -58.38
C TYR V 41 -3.52 -59.40 -59.66
N PRO V 42 -4.20 -59.54 -60.79
CA PRO V 42 -3.58 -59.19 -62.07
C PRO V 42 -3.63 -57.71 -62.42
N PHE V 43 -3.87 -56.86 -61.44
CA PHE V 43 -3.84 -55.43 -61.66
C PHE V 43 -2.56 -54.86 -61.04
N PRO V 44 -2.05 -53.73 -61.54
CA PRO V 44 -0.85 -53.15 -60.94
C PRO V 44 -1.13 -52.58 -59.55
N THR V 45 -0.05 -52.51 -58.75
CA THR V 45 -0.19 -52.28 -57.31
C THR V 45 -0.73 -50.88 -57.02
N MET V 46 -0.33 -49.89 -57.80
CA MET V 46 -0.84 -48.54 -57.61
C MET V 46 -2.23 -48.34 -58.22
N ASP V 47 -2.85 -49.38 -58.76
CA ASP V 47 -4.26 -49.34 -59.13
C ASP V 47 -5.11 -50.21 -58.21
N LEU V 48 -4.51 -50.81 -57.18
CA LEU V 48 -5.28 -51.34 -56.06
C LEU V 48 -5.35 -50.35 -54.91
N VAL V 49 -4.31 -49.52 -54.76
CA VAL V 49 -4.31 -48.51 -53.72
C VAL V 49 -5.36 -47.45 -54.01
N VAL V 50 -5.51 -47.07 -55.28
CA VAL V 50 -6.51 -46.09 -55.66
C VAL V 50 -7.91 -46.69 -55.52
N LEU V 51 -8.03 -48.01 -55.65
CA LEU V 51 -9.32 -48.66 -55.48
C LEU V 51 -9.69 -48.85 -54.01
N ASP V 52 -8.70 -48.87 -53.09
CA ASP V 52 -9.03 -48.98 -51.67
C ASP V 52 -9.68 -47.72 -51.14
N ASP V 53 -9.01 -46.57 -51.31
CA ASP V 53 -9.59 -45.32 -50.84
C ASP V 53 -10.70 -44.80 -51.74
N ALA V 54 -11.05 -45.53 -52.80
CA ALA V 54 -12.38 -45.40 -53.38
C ALA V 54 -13.40 -46.16 -52.54
N LEU V 55 -13.07 -47.38 -52.12
CA LEU V 55 -13.98 -48.18 -51.32
C LEU V 55 -14.01 -47.71 -49.87
N LYS V 56 -12.84 -47.47 -49.27
CA LYS V 56 -12.79 -47.16 -47.85
C LYS V 56 -13.31 -45.77 -47.55
N TYR V 57 -12.97 -44.79 -48.41
CA TYR V 57 -13.54 -43.46 -48.22
C TYR V 57 -14.95 -43.36 -48.79
N GLY V 58 -15.31 -44.24 -49.72
CA GLY V 58 -16.69 -44.29 -50.16
C GLY V 58 -17.60 -44.90 -49.11
N SER V 59 -17.11 -45.87 -48.35
CA SER V 59 -17.86 -46.45 -47.25
C SER V 59 -17.76 -45.63 -45.98
N ARG V 60 -16.96 -44.56 -45.96
CA ARG V 60 -16.84 -43.70 -44.80
C ARG V 60 -17.70 -42.44 -44.94
N ALA V 61 -17.68 -41.81 -46.10
CA ALA V 61 -18.51 -40.63 -46.33
C ALA V 61 -19.98 -41.02 -46.39
N ALA V 62 -20.34 -41.85 -47.36
CA ALA V 62 -21.61 -42.53 -47.33
C ALA V 62 -21.49 -43.75 -46.43
N LYS V 63 -22.44 -43.92 -45.52
CA LYS V 63 -22.30 -44.94 -44.49
C LYS V 63 -22.65 -46.35 -44.96
N ALA V 64 -22.62 -46.62 -46.26
CA ALA V 64 -22.87 -47.96 -46.78
C ALA V 64 -21.59 -48.79 -46.69
N ARG V 65 -21.59 -49.94 -47.33
CA ARG V 65 -20.38 -50.72 -47.54
C ARG V 65 -20.27 -51.09 -49.01
N PHE V 66 -19.33 -50.46 -49.70
CA PHE V 66 -19.15 -50.73 -51.11
C PHE V 66 -18.26 -51.95 -51.29
N ALA V 67 -18.69 -52.87 -52.16
CA ALA V 67 -17.98 -54.10 -52.43
C ALA V 67 -17.97 -54.32 -53.93
N VAL V 68 -16.87 -54.84 -54.44
CA VAL V 68 -16.64 -54.97 -55.88
C VAL V 68 -16.37 -56.43 -56.18
N TYR V 69 -17.17 -57.01 -57.06
CA TYR V 69 -17.01 -58.40 -57.47
C TYR V 69 -16.61 -58.48 -58.94
N ILE V 70 -15.59 -59.28 -59.23
CA ILE V 70 -15.13 -59.52 -60.59
C ILE V 70 -15.13 -61.03 -60.76
N GLY V 71 -16.17 -61.57 -61.37
CA GLY V 71 -16.25 -63.00 -61.50
C GLY V 71 -17.24 -63.46 -62.56
N PRO V 72 -17.17 -64.74 -62.91
CA PRO V 72 -18.08 -65.27 -63.93
C PRO V 72 -19.47 -65.50 -63.35
N LEU V 73 -20.47 -64.90 -63.98
CA LEU V 73 -21.87 -65.13 -63.65
C LEU V 73 -22.41 -66.10 -64.69
N GLY V 74 -22.04 -67.37 -64.52
CA GLY V 74 -22.36 -68.40 -65.51
C GLY V 74 -23.82 -68.76 -65.60
N ALA V 75 -24.58 -68.50 -64.54
CA ALA V 75 -26.02 -68.67 -64.55
C ALA V 75 -26.66 -67.39 -65.06
N ASP V 76 -27.96 -67.20 -64.83
CA ASP V 76 -28.61 -65.94 -65.12
C ASP V 76 -28.00 -64.82 -64.30
N THR V 77 -27.77 -63.68 -64.96
CA THR V 77 -26.94 -62.63 -64.38
C THR V 77 -27.63 -61.94 -63.21
N ALA V 78 -28.93 -61.65 -63.36
CA ALA V 78 -29.64 -60.88 -62.34
C ALA V 78 -29.90 -61.66 -61.08
N ALA V 79 -29.81 -63.00 -61.12
CA ALA V 79 -30.11 -63.82 -59.96
C ALA V 79 -28.88 -64.41 -59.29
N THR V 80 -27.74 -64.40 -59.95
CA THR V 80 -26.53 -64.99 -59.36
C THR V 80 -25.88 -64.03 -58.37
N ALA V 81 -25.96 -62.73 -58.63
CA ALA V 81 -25.28 -61.74 -57.79
C ALA V 81 -25.96 -61.52 -56.45
N ARG V 82 -27.13 -62.10 -56.19
CA ARG V 82 -27.68 -62.06 -54.85
C ARG V 82 -26.92 -62.99 -53.92
N GLU V 83 -26.35 -64.08 -54.45
CA GLU V 83 -25.55 -64.97 -53.63
C GLU V 83 -24.21 -64.34 -53.28
N ILE V 84 -23.67 -63.51 -54.18
CA ILE V 84 -22.44 -62.77 -53.91
C ILE V 84 -22.66 -61.76 -52.78
N LEU V 85 -23.86 -61.17 -52.73
CA LEU V 85 -24.16 -60.14 -51.74
C LEU V 85 -24.16 -60.68 -50.32
N ALA V 86 -24.52 -61.95 -50.14
CA ALA V 86 -24.55 -62.52 -48.80
C ALA V 86 -23.15 -62.76 -48.23
N ASN V 87 -22.12 -62.79 -49.08
CA ASN V 87 -20.76 -63.02 -48.59
C ASN V 87 -20.10 -61.77 -48.04
N VAL V 88 -20.63 -60.59 -48.36
CA VAL V 88 -20.18 -59.34 -47.71
C VAL V 88 -20.52 -59.43 -46.23
N PRO V 89 -19.65 -58.97 -45.31
CA PRO V 89 -19.89 -59.24 -43.87
C PRO V 89 -21.15 -58.61 -43.28
N THR V 90 -21.69 -57.54 -43.85
CA THR V 90 -23.01 -57.03 -43.46
C THR V 90 -23.83 -56.78 -44.72
N PRO V 91 -24.63 -57.77 -45.16
CA PRO V 91 -25.42 -57.55 -46.38
C PRO V 91 -26.70 -56.76 -46.15
N GLU V 92 -26.61 -55.68 -45.38
CA GLU V 92 -27.70 -54.72 -45.28
C GLU V 92 -27.25 -53.37 -45.83
N ASN V 93 -26.17 -52.80 -45.31
CA ASN V 93 -25.56 -51.61 -45.87
C ASN V 93 -24.66 -51.91 -47.06
N ALA V 94 -24.68 -53.14 -47.56
CA ALA V 94 -23.76 -53.54 -48.61
C ALA V 94 -24.26 -53.06 -49.96
N VAL V 95 -23.37 -52.50 -50.75
CA VAL V 95 -23.68 -52.13 -52.12
C VAL V 95 -22.67 -52.88 -52.99
N LEU V 96 -23.12 -53.95 -53.63
CA LEU V 96 -22.23 -54.82 -54.39
C LEU V 96 -22.23 -54.40 -55.84
N LEU V 97 -21.04 -54.39 -56.45
CA LEU V 97 -20.87 -54.11 -57.86
C LEU V 97 -20.22 -55.34 -58.50
N ALA V 98 -21.02 -56.12 -59.23
CA ALA V 98 -20.53 -57.32 -59.88
C ALA V 98 -20.18 -57.00 -61.33
N VAL V 99 -19.03 -57.49 -61.78
CA VAL V 99 -18.58 -57.31 -63.17
C VAL V 99 -18.21 -58.68 -63.72
N SER V 100 -18.79 -59.03 -64.87
CA SER V 100 -18.33 -60.21 -65.60
C SER V 100 -17.54 -59.74 -66.80
N PRO V 101 -16.20 -59.84 -66.79
CA PRO V 101 -15.42 -59.36 -67.95
C PRO V 101 -15.56 -60.22 -69.19
N ASP V 102 -16.16 -61.40 -69.10
CA ASP V 102 -16.38 -62.24 -70.25
C ASP V 102 -17.70 -61.94 -70.97
N GLN V 103 -18.62 -61.24 -70.33
CA GLN V 103 -20.00 -61.23 -70.78
C GLN V 103 -20.61 -59.86 -71.02
N ARG V 104 -19.93 -58.77 -70.63
CA ARG V 104 -20.52 -57.43 -70.52
C ARG V 104 -21.77 -57.48 -69.65
N ALA V 105 -21.52 -57.80 -68.38
CA ALA V 105 -22.58 -58.08 -67.43
C ALA V 105 -22.33 -57.37 -66.11
N ILE V 106 -22.07 -56.07 -66.18
CA ILE V 106 -21.97 -55.28 -64.96
C ILE V 106 -23.36 -55.12 -64.35
N GLU V 107 -23.44 -55.31 -63.04
CA GLU V 107 -24.73 -55.25 -62.35
C GLU V 107 -24.54 -54.83 -60.89
N VAL V 108 -25.24 -53.78 -60.49
CA VAL V 108 -25.20 -53.28 -59.13
C VAL V 108 -26.29 -53.98 -58.33
N VAL V 109 -25.94 -54.49 -57.16
CA VAL V 109 -26.89 -55.10 -56.24
C VAL V 109 -26.81 -54.37 -54.92
N TYR V 110 -27.84 -53.59 -54.60
CA TYR V 110 -27.96 -52.94 -53.30
C TYR V 110 -28.34 -53.98 -52.25
N GLY V 111 -28.25 -53.59 -50.99
CA GLY V 111 -28.40 -54.56 -49.92
C GLY V 111 -29.68 -54.49 -49.11
N ALA V 112 -30.75 -53.99 -49.74
CA ALA V 112 -32.11 -53.93 -49.20
C ALA V 112 -32.22 -53.11 -47.90
N ASP V 113 -31.25 -52.24 -47.64
CA ASP V 113 -31.35 -51.26 -46.56
C ASP V 113 -30.93 -49.87 -46.99
N VAL V 114 -30.24 -49.73 -48.13
CA VAL V 114 -29.88 -48.42 -48.65
C VAL V 114 -30.97 -47.93 -49.61
N LYS V 115 -32.11 -48.63 -49.61
CA LYS V 115 -33.22 -48.24 -50.48
C LYS V 115 -33.85 -46.93 -50.03
N GLY V 116 -33.86 -46.66 -48.72
CA GLY V 116 -34.41 -45.40 -48.24
C GLY V 116 -33.55 -44.21 -48.59
N ARG V 117 -32.24 -44.37 -48.53
CA ARG V 117 -31.33 -43.32 -48.97
C ARG V 117 -31.15 -43.42 -50.49
N GLY V 118 -30.32 -42.54 -51.03
CA GLY V 118 -30.27 -42.36 -52.47
C GLY V 118 -29.42 -43.33 -53.25
N ILE V 119 -29.93 -44.55 -53.45
CA ILE V 119 -29.26 -45.51 -54.33
C ILE V 119 -29.96 -45.64 -55.68
N GLU V 120 -31.25 -45.34 -55.76
CA GLU V 120 -32.00 -45.53 -57.00
C GLU V 120 -31.61 -44.52 -58.08
N SER V 121 -31.11 -43.35 -57.68
CA SER V 121 -30.60 -42.37 -58.62
C SER V 121 -29.08 -42.43 -58.76
N ALA V 122 -28.46 -43.50 -58.29
CA ALA V 122 -27.01 -43.61 -58.35
C ALA V 122 -26.57 -44.90 -59.02
N ALA V 123 -27.34 -45.98 -58.84
CA ALA V 123 -26.96 -47.27 -59.39
C ALA V 123 -27.08 -47.36 -60.91
N PRO V 124 -28.10 -46.80 -61.59
CA PRO V 124 -27.96 -46.67 -63.06
C PRO V 124 -26.90 -45.67 -63.47
N LEU V 125 -26.54 -44.72 -62.60
CA LEU V 125 -25.42 -43.84 -62.87
C LEU V 125 -24.10 -44.52 -62.53
N GLY V 126 -24.12 -45.53 -61.65
CA GLY V 126 -22.91 -46.27 -61.34
C GLY V 126 -22.52 -47.29 -62.40
N VAL V 127 -23.46 -47.70 -63.24
CA VAL V 127 -23.18 -48.64 -64.32
C VAL V 127 -22.68 -47.91 -65.56
N SER V 128 -23.36 -46.84 -65.96
CA SER V 128 -22.99 -46.12 -67.17
C SER V 128 -21.66 -45.38 -67.01
N ALA V 129 -21.31 -44.99 -65.79
CA ALA V 129 -20.00 -44.40 -65.54
C ALA V 129 -18.91 -45.45 -65.39
N ALA V 130 -19.27 -46.73 -65.33
CA ALA V 130 -18.30 -47.81 -65.34
C ALA V 130 -18.33 -48.65 -66.60
N ALA V 131 -19.32 -48.45 -67.47
CA ALA V 131 -19.30 -49.08 -68.77
C ALA V 131 -18.59 -48.22 -69.81
N ALA V 132 -18.60 -46.90 -69.62
CA ALA V 132 -17.85 -46.01 -70.50
C ALA V 132 -16.36 -46.03 -70.20
N SER V 133 -15.95 -46.59 -69.07
CA SER V 133 -14.54 -46.73 -68.73
C SER V 133 -14.03 -48.15 -68.88
N PHE V 134 -14.89 -49.11 -69.23
CA PHE V 134 -14.40 -50.42 -69.60
C PHE V 134 -14.00 -50.46 -71.07
N LYS V 135 -14.91 -50.04 -71.94
CA LYS V 135 -14.64 -49.99 -73.37
C LYS V 135 -13.68 -48.85 -73.66
N GLU V 136 -12.73 -49.11 -74.57
CA GLU V 136 -11.54 -48.29 -74.81
C GLU V 136 -10.78 -48.02 -73.52
N GLY V 137 -10.58 -49.07 -72.74
CA GLY V 137 -9.88 -48.95 -71.47
C GLY V 137 -9.74 -50.31 -70.82
N ASN V 138 -9.31 -50.29 -69.57
CA ASN V 138 -9.13 -51.51 -68.81
C ASN V 138 -10.14 -51.59 -67.67
N LEU V 139 -10.07 -52.69 -66.93
CA LEU V 139 -11.12 -53.03 -65.98
C LEU V 139 -11.04 -52.16 -64.73
N ILE V 140 -9.82 -51.86 -64.28
CA ILE V 140 -9.66 -51.15 -63.01
C ILE V 140 -9.91 -49.66 -63.14
N ASP V 141 -9.98 -49.14 -64.37
CA ASP V 141 -10.35 -47.74 -64.55
C ASP V 141 -11.82 -47.53 -64.22
N GLY V 142 -12.67 -48.50 -64.53
CA GLY V 142 -14.09 -48.36 -64.32
C GLY V 142 -14.51 -48.58 -62.89
N LEU V 143 -13.93 -49.59 -62.25
CA LEU V 143 -14.28 -49.91 -60.86
C LEU V 143 -13.84 -48.81 -59.91
N ILE V 144 -12.72 -48.14 -60.21
CA ILE V 144 -12.38 -46.93 -59.47
C ILE V 144 -13.39 -45.84 -59.75
N SER V 145 -13.69 -45.60 -61.03
CA SER V 145 -14.60 -44.54 -61.45
C SER V 145 -16.07 -44.95 -61.39
N ALA V 146 -16.40 -46.01 -60.66
CA ALA V 146 -17.78 -46.30 -60.29
C ALA V 146 -18.04 -46.04 -58.82
N VAL V 147 -17.14 -46.50 -57.96
CA VAL V 147 -17.35 -46.43 -56.52
C VAL V 147 -17.25 -44.98 -56.04
N ARG V 148 -16.34 -44.21 -56.61
CA ARG V 148 -16.29 -42.79 -56.25
C ARG V 148 -17.37 -41.96 -56.92
N VAL V 149 -18.11 -42.54 -57.86
CA VAL V 149 -19.26 -41.86 -58.46
C VAL V 149 -20.56 -42.21 -57.75
N MET V 150 -20.78 -43.49 -57.46
CA MET V 150 -22.02 -43.92 -56.83
C MET V 150 -21.97 -43.83 -55.31
N SER V 151 -20.92 -43.24 -54.74
CA SER V 151 -20.92 -42.90 -53.33
C SER V 151 -21.28 -41.46 -53.06
N ALA V 152 -21.14 -40.58 -54.06
CA ALA V 152 -21.60 -39.21 -53.89
C ALA V 152 -23.12 -39.14 -53.92
N GLY V 153 -23.77 -40.07 -54.63
CA GLY V 153 -25.22 -40.12 -54.63
C GLY V 153 -25.81 -40.73 -53.38
N VAL V 154 -25.03 -41.48 -52.63
CA VAL V 154 -25.50 -42.13 -51.40
C VAL V 154 -25.14 -41.22 -50.22
N SER V 155 -26.11 -40.97 -49.36
CA SER V 155 -25.95 -40.12 -48.19
C SER V 155 -26.47 -40.86 -46.96
N PRO V 156 -25.87 -40.62 -45.77
CA PRO V 156 -26.30 -41.32 -44.55
C PRO V 156 -27.72 -40.98 -44.11
N LEU W 11 -17.11 -64.95 -52.88
CA LEU W 11 -16.73 -65.87 -51.81
C LEU W 11 -15.46 -65.35 -51.14
N LEU W 12 -15.47 -65.36 -49.80
CA LEU W 12 -14.32 -65.01 -48.94
C LEU W 12 -13.86 -63.56 -49.23
N ALA W 13 -14.70 -62.64 -48.78
CA ALA W 13 -14.47 -61.21 -49.02
C ALA W 13 -13.19 -60.72 -48.36
N ARG W 14 -12.31 -60.13 -49.14
CA ARG W 14 -11.08 -59.54 -48.66
C ARG W 14 -10.89 -58.16 -49.27
N ARG W 15 -10.29 -57.27 -48.49
CA ARG W 15 -9.90 -55.95 -48.97
C ARG W 15 -8.83 -56.10 -50.05
N PRO W 16 -8.87 -55.25 -51.13
CA PRO W 16 -7.93 -55.41 -52.27
C PRO W 16 -6.46 -55.36 -51.91
N PHE W 17 -6.03 -54.25 -51.34
CA PHE W 17 -4.67 -54.11 -50.91
C PHE W 17 -4.69 -53.75 -49.44
N PRO W 18 -3.76 -54.27 -48.64
CA PRO W 18 -3.79 -54.00 -47.19
C PRO W 18 -3.52 -52.55 -46.87
N GLN W 19 -3.84 -52.17 -45.64
CA GLN W 19 -3.79 -50.75 -45.29
C GLN W 19 -2.34 -50.33 -45.13
N ARG W 20 -1.97 -49.23 -45.80
CA ARG W 20 -0.59 -48.86 -46.04
C ARG W 20 0.06 -48.34 -44.77
N LEU W 21 -0.40 -47.20 -44.27
CA LEU W 21 -0.05 -46.78 -42.93
C LEU W 21 -1.16 -47.22 -41.99
N GLY W 22 -1.06 -46.85 -40.73
CA GLY W 22 -2.16 -47.01 -39.83
C GLY W 22 -3.05 -45.80 -39.90
N PRO W 23 -3.95 -45.65 -38.95
CA PRO W 23 -4.70 -44.39 -38.85
C PRO W 23 -3.86 -43.26 -38.29
N ARG W 24 -4.48 -42.11 -38.06
CA ARG W 24 -3.78 -41.04 -37.37
C ARG W 24 -3.50 -41.47 -35.94
N TRP W 25 -2.21 -41.55 -35.60
CA TRP W 25 -1.71 -41.81 -34.25
C TRP W 25 -2.18 -43.18 -33.73
N THR W 26 -1.69 -44.21 -34.41
CA THR W 26 -1.80 -45.57 -33.92
C THR W 26 -0.49 -46.07 -33.36
N LEU W 27 0.52 -45.21 -33.25
CA LEU W 27 1.87 -45.65 -32.97
C LEU W 27 2.60 -44.83 -31.93
N LEU W 28 2.24 -43.56 -31.72
CA LEU W 28 3.10 -42.64 -30.98
C LEU W 28 3.06 -42.93 -29.48
N TYR W 29 1.92 -43.35 -28.97
CA TYR W 29 1.81 -43.82 -27.60
C TYR W 29 2.08 -45.31 -27.50
N LYS W 30 2.04 -46.03 -28.62
CA LYS W 30 2.47 -47.41 -28.65
C LYS W 30 3.99 -47.54 -28.71
N LEU W 31 4.70 -46.44 -28.96
CA LEU W 31 6.14 -46.39 -28.81
C LEU W 31 6.59 -46.01 -27.41
N VAL W 32 5.73 -45.41 -26.61
CA VAL W 32 6.08 -45.05 -25.24
C VAL W 32 5.70 -46.16 -24.27
N THR W 33 4.46 -46.63 -24.34
CA THR W 33 3.99 -47.70 -23.48
C THR W 33 3.96 -48.99 -24.27
N THR W 34 5.10 -49.65 -24.36
CA THR W 34 5.11 -50.93 -25.04
C THR W 34 5.91 -51.94 -24.25
N THR W 35 5.42 -53.18 -24.27
CA THR W 35 6.19 -54.32 -23.84
C THR W 35 6.18 -55.41 -24.90
N ASP W 36 5.55 -55.14 -26.04
CA ASP W 36 5.53 -56.07 -27.16
C ASP W 36 6.94 -56.21 -27.71
N HIS W 37 7.47 -57.44 -27.69
CA HIS W 37 8.84 -57.66 -28.14
C HIS W 37 8.99 -57.53 -29.65
N LYS W 38 7.92 -57.77 -30.41
CA LYS W 38 7.99 -57.61 -31.86
C LYS W 38 8.09 -56.15 -32.26
N LEU W 39 7.57 -55.24 -31.43
CA LEU W 39 7.68 -53.82 -31.69
C LEU W 39 8.97 -53.24 -31.16
N ILE W 40 9.45 -53.72 -30.02
CA ILE W 40 10.74 -53.27 -29.48
C ILE W 40 11.87 -53.73 -30.38
N GLY W 41 11.73 -54.90 -31.00
CA GLY W 41 12.70 -55.31 -32.00
C GLY W 41 12.67 -54.46 -33.24
N MET W 42 11.48 -54.05 -33.69
CA MET W 42 11.40 -53.11 -34.80
C MET W 42 11.81 -51.70 -34.41
N MET W 43 11.87 -51.37 -33.12
CA MET W 43 12.46 -50.11 -32.72
C MET W 43 13.98 -50.19 -32.59
N TYR W 44 14.51 -51.35 -32.20
CA TYR W 44 15.96 -51.53 -32.27
C TYR W 44 16.46 -51.49 -33.69
N VAL W 45 15.72 -52.08 -34.63
CA VAL W 45 16.19 -52.16 -36.00
C VAL W 45 16.17 -50.78 -36.67
N VAL W 46 15.12 -50.00 -36.42
CA VAL W 46 15.04 -48.68 -37.04
C VAL W 46 15.99 -47.70 -36.38
N ALA W 47 16.05 -47.68 -35.04
CA ALA W 47 16.90 -46.73 -34.34
C ALA W 47 18.34 -47.23 -34.17
N CYS W 48 18.79 -48.14 -35.03
CA CYS W 48 20.21 -48.45 -35.22
C CYS W 48 20.69 -48.08 -36.61
N PHE W 49 19.84 -48.11 -37.62
CA PHE W 49 20.22 -47.53 -38.91
C PHE W 49 20.18 -46.01 -38.91
N ILE W 50 19.64 -45.38 -37.87
CA ILE W 50 20.01 -43.99 -37.60
C ILE W 50 21.50 -43.91 -37.30
N PHE W 51 22.00 -44.83 -36.46
CA PHE W 51 23.40 -44.81 -36.09
C PHE W 51 24.29 -45.53 -37.08
N PHE W 52 23.73 -46.32 -38.00
CA PHE W 52 24.56 -46.84 -39.09
C PHE W 52 24.85 -45.75 -40.11
N PHE W 53 24.09 -44.67 -40.10
CA PHE W 53 24.35 -43.54 -40.98
C PHE W 53 25.19 -42.47 -40.32
N ILE W 54 24.91 -42.17 -39.05
CA ILE W 54 25.71 -41.20 -38.32
C ILE W 54 27.14 -41.72 -38.15
N GLY W 55 27.28 -43.01 -37.85
CA GLY W 55 28.60 -43.60 -37.88
C GLY W 55 29.14 -43.75 -39.27
N GLY W 56 28.28 -43.96 -40.25
CA GLY W 56 28.74 -44.21 -41.61
C GLY W 56 29.17 -42.96 -42.34
N LEU W 57 28.49 -41.84 -42.09
CA LEU W 57 28.87 -40.58 -42.71
C LEU W 57 30.20 -40.07 -42.16
N MET W 58 30.55 -40.47 -40.95
CA MET W 58 31.87 -40.21 -40.42
C MET W 58 32.94 -41.00 -41.16
N ALA W 59 32.59 -42.18 -41.70
CA ALA W 59 33.56 -42.95 -42.46
C ALA W 59 33.80 -42.37 -43.84
N LEU W 60 32.78 -41.73 -44.42
CA LEU W 60 32.96 -41.07 -45.71
C LEU W 60 33.63 -39.72 -45.56
N LEU W 61 33.64 -39.15 -44.36
CA LEU W 61 34.45 -37.98 -44.08
C LEU W 61 35.87 -38.34 -43.63
N LEU W 62 36.04 -39.59 -43.21
CA LEU W 62 37.38 -40.11 -42.80
C LEU W 62 38.05 -40.74 -44.03
N ARG W 63 37.37 -40.76 -45.18
CA ARG W 63 37.95 -41.38 -46.35
C ARG W 63 38.26 -40.38 -47.45
N THR W 64 37.63 -39.20 -47.43
CA THR W 64 37.98 -38.15 -48.38
C THR W 64 39.20 -37.36 -47.96
N GLU W 65 39.49 -37.28 -46.66
CA GLU W 65 40.75 -36.71 -46.23
C GLU W 65 41.93 -37.58 -46.62
N LEU W 66 41.73 -38.89 -46.64
CA LEU W 66 42.79 -39.81 -47.02
C LEU W 66 42.89 -40.03 -48.52
N ALA W 67 42.04 -39.37 -49.31
CA ALA W 67 42.14 -39.49 -50.75
C ALA W 67 43.33 -38.70 -51.29
N VAL W 68 43.32 -37.39 -51.08
CA VAL W 68 44.40 -36.52 -51.52
C VAL W 68 45.38 -36.37 -50.36
N PRO W 69 46.69 -36.57 -50.58
CA PRO W 69 47.64 -36.57 -49.46
C PRO W 69 47.89 -35.20 -48.83
N GLY W 70 47.00 -34.81 -47.93
CA GLY W 70 47.16 -33.58 -47.19
C GLY W 70 45.89 -33.27 -46.43
N LEU W 71 45.96 -32.40 -45.42
CA LEU W 71 44.75 -32.00 -44.71
C LEU W 71 43.94 -31.10 -45.62
N GLN W 72 43.00 -31.70 -46.34
CA GLN W 72 42.23 -30.96 -47.34
C GLN W 72 41.23 -30.03 -46.69
N PHE W 73 40.31 -30.58 -45.90
CA PHE W 73 39.27 -29.74 -45.33
C PHE W 73 39.10 -29.95 -43.84
N LEU W 74 39.36 -31.16 -43.34
CA LEU W 74 39.28 -31.36 -41.90
C LEU W 74 40.50 -30.79 -41.20
N SER W 75 40.36 -30.58 -39.89
CA SER W 75 41.49 -30.28 -39.06
C SER W 75 42.22 -31.58 -38.71
N ASN W 76 43.28 -31.47 -37.93
CA ASN W 76 43.96 -32.68 -37.50
C ASN W 76 43.21 -33.31 -36.34
N GLU W 77 42.73 -32.50 -35.41
CA GLU W 77 41.98 -33.02 -34.28
C GLU W 77 40.51 -33.26 -34.60
N GLN W 78 39.99 -32.68 -35.68
CA GLN W 78 38.65 -33.05 -36.12
C GLN W 78 38.65 -34.42 -36.76
N TYR W 79 39.80 -34.88 -37.25
CA TYR W 79 39.90 -36.22 -37.78
C TYR W 79 39.90 -37.26 -36.67
N ASN W 80 40.66 -37.01 -35.61
CA ASN W 80 40.87 -38.00 -34.57
C ASN W 80 39.62 -38.24 -33.74
N GLN W 81 38.67 -37.32 -33.77
CA GLN W 81 37.37 -37.55 -33.16
C GLN W 81 36.36 -38.03 -34.17
N LEU W 82 36.78 -38.36 -35.38
CA LEU W 82 35.88 -39.04 -36.30
C LEU W 82 35.99 -40.54 -36.19
N PHE W 83 37.20 -41.12 -36.29
CA PHE W 83 37.28 -42.57 -36.21
C PHE W 83 37.00 -42.98 -34.77
N THR W 84 37.11 -42.04 -33.84
CA THR W 84 36.70 -42.39 -32.46
C THR W 84 35.18 -42.60 -32.39
N MET W 85 34.38 -41.61 -32.82
CA MET W 85 32.94 -41.74 -33.00
C MET W 85 32.48 -42.54 -34.20
N HIS W 86 33.39 -43.03 -35.03
CA HIS W 86 33.01 -44.04 -35.99
C HIS W 86 33.19 -45.45 -35.45
N GLY W 87 34.22 -45.69 -34.63
CA GLY W 87 34.35 -46.99 -34.03
C GLY W 87 33.39 -47.23 -32.89
N THR W 88 33.04 -46.17 -32.16
CA THR W 88 32.13 -46.32 -31.04
C THR W 88 30.71 -46.55 -31.53
N VAL W 89 30.27 -45.76 -32.50
CA VAL W 89 28.88 -45.81 -32.96
C VAL W 89 28.63 -47.07 -33.76
N MET W 90 29.60 -47.51 -34.55
CA MET W 90 29.41 -48.70 -35.36
C MET W 90 29.56 -50.01 -34.59
N LEU W 91 30.19 -50.00 -33.42
CA LEU W 91 30.27 -51.21 -32.62
C LEU W 91 29.26 -51.21 -31.49
N LEU W 92 29.29 -50.19 -30.66
CA LEU W 92 28.54 -50.21 -29.41
C LEU W 92 27.16 -49.59 -29.54
N PHE W 93 26.90 -48.83 -30.59
CA PHE W 93 25.61 -48.17 -30.77
C PHE W 93 24.87 -48.68 -31.98
N TYR W 94 25.48 -49.51 -32.80
CA TYR W 94 24.82 -50.20 -33.90
C TYR W 94 24.90 -51.71 -33.76
N ALA W 95 26.07 -52.26 -33.52
CA ALA W 95 26.25 -53.70 -33.66
C ALA W 95 25.79 -54.47 -32.44
N THR W 96 26.00 -53.95 -31.24
CA THR W 96 25.43 -54.61 -30.05
C THR W 96 23.91 -54.48 -29.85
N PRO W 97 23.20 -53.43 -30.30
CA PRO W 97 21.74 -53.48 -30.11
C PRO W 97 20.99 -54.15 -31.25
N ILE W 98 21.61 -54.28 -32.42
CA ILE W 98 21.00 -55.07 -33.47
C ILE W 98 21.10 -56.56 -33.13
N VAL W 99 21.96 -56.94 -32.19
CA VAL W 99 21.92 -58.27 -31.61
C VAL W 99 20.61 -58.51 -30.88
N PHE W 100 20.25 -57.58 -30.00
CA PHE W 100 19.01 -57.66 -29.26
C PHE W 100 17.85 -57.05 -30.02
N GLY W 101 18.05 -56.69 -31.28
CA GLY W 101 16.97 -56.38 -32.17
C GLY W 101 16.46 -57.65 -32.79
N PHE W 102 17.36 -58.42 -33.41
CA PHE W 102 16.99 -59.72 -33.93
C PHE W 102 16.67 -60.74 -32.84
N ALA W 103 17.05 -60.47 -31.60
CA ALA W 103 16.61 -61.33 -30.52
C ALA W 103 15.16 -61.05 -30.14
N ASN W 104 14.76 -59.78 -30.09
CA ASN W 104 13.40 -59.45 -29.71
C ASN W 104 12.40 -59.73 -30.81
N LEU W 105 12.82 -59.76 -32.07
CA LEU W 105 11.87 -60.08 -33.13
C LEU W 105 11.58 -61.57 -33.18
N VAL W 106 12.57 -62.40 -32.86
CA VAL W 106 12.66 -63.76 -33.36
C VAL W 106 12.69 -64.79 -32.24
N VAL W 107 13.45 -64.54 -31.17
CA VAL W 107 13.63 -65.55 -30.12
C VAL W 107 12.34 -65.90 -29.37
N PRO W 108 11.46 -64.97 -29.00
CA PRO W 108 10.17 -65.42 -28.47
C PRO W 108 9.23 -66.01 -29.51
N LEU W 109 9.53 -65.88 -30.79
CA LEU W 109 8.81 -66.63 -31.81
C LEU W 109 9.38 -68.03 -32.00
N GLN W 110 10.71 -68.16 -31.97
CA GLN W 110 11.32 -69.45 -32.29
C GLN W 110 11.15 -70.47 -31.19
N ILE W 111 10.91 -70.05 -29.97
CA ILE W 111 10.37 -70.91 -28.94
C ILE W 111 8.91 -70.56 -28.82
N GLY W 112 8.10 -71.47 -28.30
CA GLY W 112 6.69 -71.19 -28.23
C GLY W 112 6.33 -70.28 -27.07
N ALA W 113 6.71 -69.00 -27.16
CA ALA W 113 6.55 -68.12 -26.03
C ALA W 113 5.69 -66.92 -26.40
N PRO W 114 4.90 -66.40 -25.46
CA PRO W 114 4.14 -65.19 -25.75
C PRO W 114 4.99 -63.94 -25.78
N ASP W 115 5.85 -63.75 -24.77
CA ASP W 115 6.73 -62.59 -24.70
C ASP W 115 8.09 -63.05 -24.19
N VAL W 116 8.93 -62.08 -23.83
CA VAL W 116 10.17 -62.33 -23.12
C VAL W 116 9.86 -62.51 -21.66
N ALA W 117 10.86 -62.91 -20.88
CA ALA W 117 10.66 -63.20 -19.47
C ALA W 117 10.25 -61.97 -18.68
N PHE W 118 11.02 -60.90 -18.77
CA PHE W 118 10.68 -59.67 -18.07
C PHE W 118 10.36 -58.62 -19.11
N PRO W 119 9.08 -58.34 -19.38
CA PRO W 119 8.75 -57.44 -20.49
C PRO W 119 9.11 -55.99 -20.24
N ARG W 120 9.10 -55.51 -18.99
CA ARG W 120 9.50 -54.14 -18.76
C ARG W 120 11.00 -53.96 -18.66
N LEU W 121 11.78 -55.02 -18.56
CA LEU W 121 13.21 -54.89 -18.80
C LEU W 121 13.56 -55.05 -20.27
N ASN W 122 12.62 -55.51 -21.09
CA ASN W 122 12.85 -55.49 -22.52
C ASN W 122 12.74 -54.06 -23.05
N ALA W 123 11.75 -53.31 -22.55
CA ALA W 123 11.58 -51.94 -23.00
C ALA W 123 12.62 -51.03 -22.36
N LEU W 124 13.00 -51.29 -21.12
CA LEU W 124 14.00 -50.49 -20.46
C LEU W 124 15.38 -50.71 -21.04
N SER W 125 15.62 -51.86 -21.65
CA SER W 125 16.90 -52.09 -22.31
C SER W 125 16.98 -51.35 -23.63
N PHE W 126 15.86 -51.10 -24.28
CA PHE W 126 15.88 -50.28 -25.48
C PHE W 126 16.18 -48.84 -25.16
N TRP W 127 15.49 -48.28 -24.16
CA TRP W 127 15.63 -46.87 -23.91
C TRP W 127 16.90 -46.53 -23.14
N LEU W 128 17.55 -47.49 -22.48
CA LEU W 128 18.90 -47.20 -21.99
C LEU W 128 19.88 -47.10 -23.13
N PHE W 129 19.66 -47.86 -24.20
CA PHE W 129 20.46 -47.70 -25.40
C PHE W 129 20.22 -46.36 -26.07
N LEU W 130 18.95 -46.02 -26.34
CA LEU W 130 18.66 -44.86 -27.18
C LEU W 130 19.02 -43.54 -26.50
N PHE W 131 19.07 -43.53 -25.17
CA PHE W 131 19.57 -42.36 -24.46
C PHE W 131 21.03 -42.49 -24.08
N GLY W 132 21.56 -43.70 -23.99
CA GLY W 132 22.98 -43.85 -23.77
C GLY W 132 23.79 -43.56 -25.00
N ALA W 133 23.21 -43.75 -26.18
CA ALA W 133 23.95 -43.50 -27.40
C ALA W 133 24.04 -42.02 -27.70
N SER W 134 22.95 -41.28 -27.50
CA SER W 134 22.95 -39.86 -27.81
C SER W 134 23.61 -39.00 -26.74
N ILE W 135 23.98 -39.58 -25.60
CA ILE W 135 24.88 -38.90 -24.69
C ILE W 135 26.30 -38.90 -25.22
N ALA W 136 26.75 -40.04 -25.75
CA ALA W 136 28.14 -40.17 -26.17
C ALA W 136 28.41 -39.41 -27.46
N LEU W 137 27.54 -39.51 -28.45
CA LEU W 137 27.67 -38.71 -29.65
C LEU W 137 27.03 -37.34 -29.51
N GLY W 138 26.54 -37.01 -28.31
CA GLY W 138 26.22 -35.65 -27.95
C GLY W 138 27.41 -34.84 -27.51
N GLY W 139 28.61 -35.42 -27.59
CA GLY W 139 29.84 -34.71 -27.34
C GLY W 139 30.33 -33.87 -28.48
N PHE W 140 29.68 -33.94 -29.65
CA PHE W 140 30.01 -33.03 -30.73
C PHE W 140 29.56 -31.60 -30.46
N LEU W 141 28.59 -31.42 -29.57
CA LEU W 141 28.17 -30.07 -29.21
C LEU W 141 29.21 -29.35 -28.39
N ALA W 142 30.10 -30.08 -27.72
CA ALA W 142 31.14 -29.52 -26.87
C ALA W 142 32.12 -28.68 -27.70
N PRO W 143 32.81 -27.72 -27.08
CA PRO W 143 33.76 -26.91 -27.86
C PRO W 143 34.96 -27.69 -28.34
N GLY W 144 35.52 -28.54 -27.48
CA GLY W 144 36.61 -29.38 -27.90
C GLY W 144 36.22 -30.59 -28.71
N GLY W 145 34.92 -30.80 -28.91
CA GLY W 145 34.45 -31.95 -29.65
C GLY W 145 34.43 -33.19 -28.80
N PRO W 146 33.95 -34.29 -29.36
CA PRO W 146 33.90 -35.56 -28.63
C PRO W 146 35.24 -36.23 -28.49
N ALA W 147 35.21 -37.50 -28.08
CA ALA W 147 36.37 -38.29 -27.70
C ALA W 147 37.48 -38.30 -28.76
N ASP W 148 38.62 -37.70 -28.41
CA ASP W 148 39.71 -37.52 -29.35
C ASP W 148 40.62 -38.74 -29.42
N PHE W 149 40.62 -39.58 -28.38
CA PHE W 149 41.40 -40.81 -28.32
C PHE W 149 40.74 -41.88 -29.19
N GLY W 150 41.18 -43.13 -29.10
CA GLY W 150 40.58 -44.19 -29.89
C GLY W 150 39.23 -44.59 -29.37
N TRP W 151 38.65 -45.63 -29.98
CA TRP W 151 37.51 -46.25 -29.31
C TRP W 151 37.99 -47.18 -28.21
N THR W 152 39.28 -47.49 -28.17
CA THR W 152 39.90 -48.29 -27.13
C THR W 152 40.30 -47.48 -25.91
N ALA W 153 40.63 -46.20 -26.10
CA ALA W 153 40.77 -45.19 -25.04
C ALA W 153 41.86 -45.54 -24.03
N TYR W 154 43.10 -45.59 -24.50
CA TYR W 154 44.20 -46.01 -23.66
C TYR W 154 44.57 -44.93 -22.65
N THR W 155 44.74 -45.32 -21.39
CA THR W 155 44.67 -44.42 -20.25
C THR W 155 45.72 -43.33 -20.00
N PRO W 156 46.96 -43.41 -20.48
CA PRO W 156 47.77 -42.18 -20.44
C PRO W 156 47.22 -41.13 -21.37
N LEU W 157 46.55 -41.54 -22.44
CA LEU W 157 45.89 -40.59 -23.31
C LEU W 157 44.52 -40.18 -22.80
N SER W 158 43.89 -40.99 -21.96
CA SER W 158 42.55 -40.71 -21.46
C SER W 158 42.56 -40.05 -20.10
N ASN W 159 43.61 -39.28 -19.76
CA ASN W 159 43.67 -38.61 -18.48
C ASN W 159 42.84 -37.33 -18.49
N ALA W 160 43.01 -36.51 -17.46
CA ALA W 160 42.37 -35.21 -17.41
C ALA W 160 43.26 -34.10 -17.94
N MET W 161 44.55 -34.38 -18.20
CA MET W 161 45.42 -33.37 -18.79
C MET W 161 45.97 -33.74 -20.15
N HIS W 162 45.88 -35.00 -20.57
CA HIS W 162 46.22 -35.36 -21.93
C HIS W 162 45.02 -35.29 -22.86
N SER W 163 43.82 -35.51 -22.34
CA SER W 163 42.57 -35.31 -23.07
C SER W 163 41.67 -34.47 -22.17
N PRO W 164 41.88 -33.15 -22.14
CA PRO W 164 41.33 -32.35 -21.06
C PRO W 164 39.86 -32.01 -21.21
N GLY W 165 39.35 -32.02 -22.44
CA GLY W 165 38.02 -31.54 -22.68
C GLY W 165 36.96 -32.55 -22.29
N ALA W 166 35.77 -32.04 -21.97
CA ALA W 166 34.60 -32.88 -21.86
C ALA W 166 34.14 -33.29 -23.25
N GLY W 167 33.36 -34.37 -23.30
CA GLY W 167 33.11 -35.00 -24.56
C GLY W 167 33.78 -36.35 -24.55
N GLY W 168 35.00 -36.39 -24.02
CA GLY W 168 35.58 -37.64 -23.60
C GLY W 168 35.03 -38.14 -22.29
N ASP W 169 34.35 -37.28 -21.55
CA ASP W 169 33.62 -37.66 -20.34
C ASP W 169 32.22 -38.11 -20.63
N LEU W 170 31.60 -37.60 -21.70
CA LEU W 170 30.32 -38.14 -22.15
C LEU W 170 30.48 -39.48 -22.85
N TRP W 171 31.66 -39.73 -23.44
CA TRP W 171 31.92 -41.02 -24.06
C TRP W 171 31.97 -42.13 -23.02
N ILE W 172 32.48 -41.81 -21.82
CA ILE W 172 32.53 -42.79 -20.76
C ILE W 172 31.14 -43.08 -20.22
N PHE W 173 30.34 -42.03 -20.04
CA PHE W 173 28.97 -42.17 -19.55
C PHE W 173 27.96 -42.28 -20.67
N GLY W 174 28.40 -42.64 -21.87
CA GLY W 174 27.48 -43.03 -22.90
C GLY W 174 27.55 -44.53 -23.03
N LEU W 175 28.63 -45.11 -22.53
CA LEU W 175 28.86 -46.53 -22.61
C LEU W 175 28.58 -47.26 -21.31
N ILE W 176 28.18 -46.56 -20.26
CA ILE W 176 27.70 -47.22 -19.06
C ILE W 176 26.19 -47.18 -18.97
N VAL W 177 25.55 -46.20 -19.59
CA VAL W 177 24.09 -46.23 -19.71
C VAL W 177 23.69 -47.32 -20.69
N GLY W 178 24.22 -47.26 -21.91
CA GLY W 178 23.96 -48.31 -22.86
C GLY W 178 24.61 -49.62 -22.49
N GLY W 179 25.72 -49.57 -21.74
CA GLY W 179 26.33 -50.78 -21.25
C GLY W 179 25.50 -51.46 -20.17
N LEU W 180 24.67 -50.69 -19.47
CA LEU W 180 23.68 -51.29 -18.58
C LEU W 180 22.49 -51.82 -19.38
N GLY W 181 22.27 -51.28 -20.57
CA GLY W 181 21.15 -51.74 -21.37
C GLY W 181 21.33 -53.14 -21.90
N THR W 182 22.55 -53.53 -22.24
CA THR W 182 22.75 -54.87 -22.78
C THR W 182 22.78 -55.92 -21.67
N ILE W 183 23.20 -55.55 -20.47
CA ILE W 183 23.19 -56.50 -19.35
C ILE W 183 21.76 -56.80 -18.94
N LEU W 184 20.91 -55.78 -18.86
CA LEU W 184 19.49 -55.99 -18.60
C LEU W 184 18.76 -56.58 -19.80
N GLY W 185 19.37 -56.58 -20.97
CA GLY W 185 18.78 -57.20 -22.14
C GLY W 185 19.23 -58.64 -22.28
N ALA W 186 20.32 -58.99 -21.63
CA ALA W 186 20.79 -60.37 -21.60
C ALA W 186 20.21 -61.15 -20.44
N VAL W 187 19.63 -60.48 -19.45
CA VAL W 187 18.88 -61.18 -18.43
C VAL W 187 17.59 -61.74 -19.02
N ASN W 188 16.98 -60.99 -19.95
CA ASN W 188 15.79 -61.48 -20.63
C ASN W 188 16.12 -62.67 -21.54
N MET W 189 17.18 -62.56 -22.32
CA MET W 189 17.42 -63.56 -23.36
C MET W 189 17.92 -64.89 -22.81
N ILE W 190 18.41 -64.94 -21.59
CA ILE W 190 18.65 -66.24 -20.98
C ILE W 190 17.36 -66.78 -20.37
N THR W 191 16.72 -66.00 -19.51
CA THR W 191 15.57 -66.49 -18.79
C THR W 191 14.31 -66.60 -19.62
N THR W 192 14.32 -66.13 -20.87
CA THR W 192 13.28 -66.52 -21.81
C THR W 192 13.54 -67.92 -22.34
N VAL W 193 14.80 -68.21 -22.67
CA VAL W 193 15.16 -69.50 -23.25
C VAL W 193 15.07 -70.60 -22.19
N VAL W 194 15.47 -70.27 -20.96
CA VAL W 194 15.50 -71.25 -19.88
C VAL W 194 14.08 -71.62 -19.45
N CYS W 195 13.18 -70.65 -19.40
CA CYS W 195 11.91 -70.86 -18.73
C CYS W 195 10.72 -71.04 -19.66
N MET W 196 10.71 -70.39 -20.83
CA MET W 196 9.49 -70.20 -21.61
C MET W 196 9.44 -70.97 -22.92
N ARG W 197 9.99 -72.16 -22.97
CA ARG W 197 9.92 -72.90 -24.21
C ARG W 197 8.53 -73.50 -24.39
N ALA W 198 8.27 -74.02 -25.57
CA ALA W 198 6.97 -74.62 -25.82
C ALA W 198 6.91 -75.99 -25.15
N PRO W 199 5.71 -76.46 -24.81
CA PRO W 199 5.57 -77.85 -24.36
C PRO W 199 5.88 -78.82 -25.49
N GLY W 200 6.98 -79.57 -25.34
CA GLY W 200 7.52 -80.40 -26.39
C GLY W 200 8.85 -79.90 -26.90
N MET W 201 9.08 -78.59 -26.85
CA MET W 201 10.40 -78.03 -27.10
C MET W 201 11.30 -78.35 -25.92
N ILE W 202 12.45 -78.96 -26.20
CA ILE W 202 13.40 -79.27 -25.14
C ILE W 202 14.57 -78.34 -25.38
N MET W 203 15.65 -78.50 -24.62
CA MET W 203 16.80 -77.62 -24.79
C MET W 203 17.44 -77.82 -26.15
N PHE W 204 17.57 -79.06 -26.60
CA PHE W 204 17.87 -79.33 -27.99
C PHE W 204 16.56 -79.26 -28.78
N ARG W 205 16.57 -79.70 -30.04
CA ARG W 205 15.51 -79.48 -31.04
C ARG W 205 15.00 -78.02 -31.09
N MET W 206 15.90 -77.09 -30.78
CA MET W 206 15.68 -75.67 -30.66
C MET W 206 16.67 -75.02 -31.61
N PRO W 207 16.26 -74.02 -32.39
CA PRO W 207 17.10 -73.56 -33.50
C PRO W 207 18.38 -72.90 -33.02
N ILE W 208 19.35 -72.86 -33.93
CA ILE W 208 20.71 -72.47 -33.58
C ILE W 208 20.75 -71.00 -33.20
N PHE W 209 19.86 -70.20 -33.78
CA PHE W 209 19.79 -68.78 -33.46
C PHE W 209 19.39 -68.53 -32.01
N THR W 210 18.59 -69.41 -31.43
CA THR W 210 18.29 -69.25 -30.00
C THR W 210 19.45 -69.70 -29.13
N TRP W 211 20.26 -70.65 -29.60
CA TRP W 211 21.48 -70.98 -28.88
C TRP W 211 22.47 -69.83 -28.91
N ASN W 212 22.59 -69.16 -30.05
CA ASN W 212 23.52 -68.05 -30.17
C ASN W 212 23.10 -66.86 -29.31
N ILE W 213 21.80 -66.60 -29.23
CA ILE W 213 21.32 -65.55 -28.33
C ILE W 213 21.43 -66.01 -26.87
N LEU W 214 21.37 -67.32 -26.62
CA LEU W 214 21.62 -67.80 -25.26
C LEU W 214 23.09 -67.65 -24.88
N VAL W 215 24.00 -68.10 -25.75
CA VAL W 215 25.42 -68.15 -25.40
C VAL W 215 26.02 -66.76 -25.30
N THR W 216 25.69 -65.86 -26.24
CA THR W 216 26.21 -64.51 -26.17
C THR W 216 25.60 -63.72 -25.03
N SER W 217 24.41 -64.08 -24.56
CA SER W 217 23.90 -63.44 -23.37
C SER W 217 24.66 -63.86 -22.13
N VAL W 218 25.31 -65.02 -22.14
CA VAL W 218 26.26 -65.33 -21.08
C VAL W 218 27.50 -64.47 -21.23
N ILE W 219 27.94 -64.24 -22.46
CA ILE W 219 29.16 -63.48 -22.71
C ILE W 219 28.93 -61.98 -22.48
N VAL W 220 27.69 -61.50 -22.62
CA VAL W 220 27.39 -60.10 -22.29
C VAL W 220 27.56 -59.88 -20.80
N LEU W 221 27.18 -60.86 -19.99
CA LEU W 221 27.33 -60.70 -18.54
C LEU W 221 28.77 -60.88 -18.09
N VAL W 222 29.66 -61.41 -18.93
CA VAL W 222 31.08 -61.47 -18.63
C VAL W 222 31.82 -60.25 -19.14
N ALA W 223 31.48 -59.80 -20.35
CA ALA W 223 32.19 -58.67 -20.94
C ALA W 223 31.74 -57.34 -20.32
N PHE W 224 30.49 -56.99 -20.50
CA PHE W 224 29.95 -55.67 -20.19
C PHE W 224 29.96 -55.21 -18.73
N PRO W 225 29.90 -56.06 -17.70
CA PRO W 225 30.19 -55.53 -16.36
C PRO W 225 31.64 -55.18 -16.18
N LEU W 226 32.55 -55.91 -16.81
CA LEU W 226 33.97 -55.65 -16.67
C LEU W 226 34.38 -54.37 -17.39
N LEU W 227 33.61 -53.94 -18.39
CA LEU W 227 33.78 -52.63 -18.99
C LEU W 227 33.22 -51.53 -18.12
N THR W 228 32.00 -51.72 -17.60
CA THR W 228 31.34 -50.74 -16.75
C THR W 228 32.14 -50.49 -15.49
N SER W 229 32.74 -51.54 -14.94
CA SER W 229 33.66 -51.38 -13.82
C SER W 229 34.92 -50.64 -14.21
N ALA W 230 35.39 -50.79 -15.44
CA ALA W 230 36.59 -50.09 -15.87
C ALA W 230 36.31 -48.64 -16.20
N LEU W 231 35.13 -48.34 -16.72
CA LEU W 231 34.82 -46.96 -17.08
C LEU W 231 34.50 -46.11 -15.86
N PHE W 232 33.95 -46.69 -14.80
CA PHE W 232 33.80 -45.93 -13.56
C PHE W 232 35.14 -45.70 -12.89
N GLY W 233 36.11 -46.58 -13.12
CA GLY W 233 37.46 -46.29 -12.68
C GLY W 233 38.17 -45.28 -13.56
N LEU W 234 37.71 -45.10 -14.80
CA LEU W 234 38.27 -44.06 -15.65
C LEU W 234 37.62 -42.71 -15.37
N ALA W 235 36.39 -42.70 -14.89
CA ALA W 235 35.76 -41.45 -14.52
C ALA W 235 36.25 -40.94 -13.17
N ALA W 236 36.65 -41.84 -12.27
CA ALA W 236 37.29 -41.40 -11.05
C ALA W 236 38.71 -40.90 -11.32
N ASP W 237 39.34 -41.41 -12.37
CA ASP W 237 40.65 -40.93 -12.79
C ASP W 237 40.60 -39.52 -13.37
N ARG W 238 39.43 -39.08 -13.84
CA ARG W 238 39.29 -37.81 -14.53
C ARG W 238 38.52 -36.80 -13.71
N ASN W 239 37.30 -37.12 -13.29
CA ASN W 239 36.47 -36.17 -12.58
C ASN W 239 36.93 -35.99 -11.14
N LEU W 240 37.22 -37.09 -10.47
CA LEU W 240 37.98 -37.05 -9.23
C LEU W 240 39.47 -37.09 -9.58
N GLY W 241 40.34 -37.20 -8.59
CA GLY W 241 41.71 -37.51 -8.92
C GLY W 241 42.08 -38.84 -8.34
N ALA W 242 42.20 -39.86 -9.16
CA ALA W 242 42.42 -41.22 -8.66
C ALA W 242 43.62 -41.82 -9.37
N HIS W 243 44.43 -42.54 -8.63
CA HIS W 243 45.61 -43.17 -9.21
C HIS W 243 45.34 -44.60 -9.63
N VAL W 244 44.09 -44.99 -9.80
CA VAL W 244 43.78 -46.07 -10.72
C VAL W 244 44.12 -45.57 -12.12
N PHE W 245 44.57 -46.50 -12.96
CA PHE W 245 44.94 -46.29 -14.37
C PHE W 245 46.15 -45.36 -14.54
N ASP W 246 46.78 -44.93 -13.47
CA ASP W 246 47.97 -44.11 -13.47
C ASP W 246 49.16 -44.98 -13.83
N PRO W 247 50.08 -44.52 -14.69
CA PRO W 247 51.06 -45.43 -15.28
C PRO W 247 52.14 -45.92 -14.32
N ALA W 248 52.28 -45.33 -13.15
CA ALA W 248 53.27 -45.78 -12.18
C ALA W 248 52.75 -46.84 -11.23
N ASN W 249 51.56 -47.37 -11.48
CA ASN W 249 50.87 -48.30 -10.59
C ASN W 249 50.37 -49.50 -11.38
N GLY W 250 51.14 -49.97 -12.34
CA GLY W 250 50.51 -50.68 -13.42
C GLY W 250 49.73 -49.59 -14.14
N GLY W 251 48.44 -49.78 -14.37
CA GLY W 251 47.68 -48.66 -14.84
C GLY W 251 47.57 -48.54 -16.34
N THR W 252 48.68 -48.31 -17.04
CA THR W 252 48.60 -48.26 -18.49
C THR W 252 48.59 -49.62 -19.13
N MET W 253 48.78 -50.69 -18.36
CA MET W 253 48.43 -52.03 -18.80
C MET W 253 47.36 -52.66 -17.93
N LEU W 254 46.91 -51.98 -16.88
CA LEU W 254 45.66 -52.37 -16.24
C LEU W 254 44.50 -52.16 -17.20
N TRP W 255 44.49 -51.02 -17.88
CA TRP W 255 43.45 -50.76 -18.88
C TRP W 255 43.56 -51.68 -20.07
N GLU W 256 44.78 -52.11 -20.41
CA GLU W 256 44.93 -53.05 -21.50
C GLU W 256 44.36 -54.41 -21.15
N HIS W 257 44.37 -54.78 -19.86
CA HIS W 257 43.76 -56.02 -19.43
C HIS W 257 42.32 -55.85 -18.96
N LEU W 258 41.84 -54.63 -18.79
CA LEU W 258 40.43 -54.43 -18.50
C LEU W 258 39.61 -54.08 -19.72
N PHE W 259 40.18 -53.38 -20.69
CA PHE W 259 39.41 -53.10 -21.89
C PHE W 259 39.28 -54.35 -22.75
N TRP W 260 40.37 -55.09 -22.92
CA TRP W 260 40.30 -56.18 -23.88
C TRP W 260 39.69 -57.43 -23.28
N PHE W 261 39.52 -57.49 -21.96
CA PHE W 261 38.71 -58.56 -21.40
C PHE W 261 37.24 -58.29 -21.64
N PHE W 262 36.86 -57.02 -21.74
CA PHE W 262 35.60 -56.66 -22.39
C PHE W 262 35.70 -56.81 -23.90
N GLY W 263 36.86 -56.50 -24.46
CA GLY W 263 36.94 -56.16 -25.87
C GLY W 263 36.74 -57.35 -26.79
N HIS W 264 37.47 -58.43 -26.57
CA HIS W 264 37.22 -59.57 -27.44
C HIS W 264 35.95 -60.35 -27.12
N PRO W 265 35.50 -60.51 -25.87
CA PRO W 265 34.14 -61.03 -25.68
C PRO W 265 33.04 -60.19 -26.28
N GLU W 266 33.16 -58.85 -26.31
CA GLU W 266 32.14 -58.06 -27.01
C GLU W 266 32.26 -58.21 -28.52
N VAL W 267 33.47 -58.49 -28.99
CA VAL W 267 33.69 -58.83 -30.40
C VAL W 267 32.93 -60.09 -30.78
N TYR W 268 32.90 -61.09 -29.90
CA TYR W 268 32.23 -62.34 -30.22
C TYR W 268 30.75 -62.37 -29.87
N ILE W 269 30.20 -61.32 -29.24
CA ILE W 269 28.75 -61.19 -29.19
C ILE W 269 28.24 -60.36 -30.35
N ILE W 270 29.15 -59.82 -31.14
CA ILE W 270 28.83 -59.28 -32.46
C ILE W 270 28.82 -60.38 -33.52
N ALA W 271 29.66 -61.40 -33.38
CA ALA W 271 29.80 -62.41 -34.42
C ALA W 271 28.79 -63.53 -34.31
N LEU W 272 28.70 -64.16 -33.14
CA LEU W 272 27.89 -65.35 -32.93
C LEU W 272 26.37 -65.21 -33.14
N PRO W 273 25.67 -64.13 -32.75
CA PRO W 273 24.22 -64.08 -33.05
C PRO W 273 23.91 -63.99 -34.51
N PHE W 274 24.83 -63.53 -35.33
CA PHE W 274 24.63 -63.46 -36.76
C PHE W 274 25.25 -64.64 -37.46
N PHE W 275 25.90 -65.53 -36.71
CA PHE W 275 26.01 -66.90 -37.18
C PHE W 275 24.66 -67.60 -37.06
N GLY W 276 23.85 -67.22 -36.08
CA GLY W 276 22.56 -67.85 -35.89
C GLY W 276 21.56 -67.48 -36.96
N ILE W 277 21.60 -66.24 -37.44
CA ILE W 277 20.79 -65.85 -38.59
C ILE W 277 21.22 -66.64 -39.81
N VAL W 278 22.52 -66.82 -39.98
CA VAL W 278 23.09 -67.54 -41.11
C VAL W 278 22.73 -69.04 -41.06
N THR W 279 22.78 -69.66 -39.87
CA THR W 279 22.31 -71.05 -39.73
C THR W 279 20.82 -71.19 -39.98
N GLU W 280 20.06 -70.12 -39.79
CA GLU W 280 18.62 -70.16 -39.99
C GLU W 280 18.26 -70.14 -41.47
N ILE W 281 19.06 -69.47 -42.29
CA ILE W 281 18.70 -69.19 -43.67
C ILE W 281 19.09 -70.32 -44.61
N PHE W 282 20.24 -70.96 -44.40
CA PHE W 282 20.69 -72.01 -45.32
C PHE W 282 19.78 -73.22 -45.48
N PRO W 283 19.12 -73.78 -44.46
CA PRO W 283 18.16 -74.85 -44.74
C PRO W 283 16.85 -74.38 -45.31
N VAL W 284 16.61 -73.07 -45.38
CA VAL W 284 15.38 -72.59 -46.00
C VAL W 284 15.53 -72.59 -47.51
N PHE W 285 16.66 -72.12 -48.01
CA PHE W 285 16.85 -71.98 -49.44
C PHE W 285 17.58 -73.16 -50.07
N SER W 286 18.41 -73.86 -49.32
CA SER W 286 18.81 -75.21 -49.67
C SER W 286 17.87 -76.17 -48.94
N ARG W 287 17.16 -77.00 -49.69
CA ARG W 287 15.98 -77.65 -49.13
C ARG W 287 16.30 -78.86 -48.27
N LYS W 288 17.17 -78.72 -47.26
CA LYS W 288 17.67 -79.84 -46.50
C LYS W 288 18.31 -79.30 -45.22
N PRO W 289 18.32 -80.09 -44.08
CA PRO W 289 18.47 -79.48 -42.75
C PRO W 289 19.83 -78.90 -42.43
N VAL W 290 19.98 -78.42 -41.21
CA VAL W 290 21.26 -77.87 -40.76
C VAL W 290 22.21 -79.05 -40.59
N PHE W 291 23.22 -79.13 -41.46
CA PHE W 291 24.17 -80.24 -41.39
C PHE W 291 25.00 -80.11 -40.14
N GLY W 292 25.03 -81.17 -39.33
CA GLY W 292 25.72 -81.14 -38.06
C GLY W 292 25.06 -80.16 -37.12
N TYR W 293 23.81 -80.46 -36.76
CA TYR W 293 23.07 -79.57 -35.87
C TYR W 293 23.66 -79.53 -34.48
N THR W 294 23.93 -80.71 -33.89
CA THR W 294 24.49 -80.73 -32.55
C THR W 294 25.93 -80.25 -32.53
N THR W 295 26.67 -80.48 -33.62
CA THR W 295 28.05 -80.01 -33.67
C THR W 295 28.12 -78.49 -33.76
N LEU W 296 27.13 -77.85 -34.37
CA LEU W 296 27.07 -76.39 -34.32
C LEU W 296 26.71 -75.87 -32.95
N VAL W 297 26.02 -76.66 -32.13
CA VAL W 297 25.75 -76.27 -30.76
C VAL W 297 27.03 -76.34 -29.94
N TYR W 298 27.83 -77.39 -30.14
CA TYR W 298 29.09 -77.52 -29.43
C TYR W 298 30.20 -76.70 -30.06
N ALA W 299 29.94 -76.03 -31.17
CA ALA W 299 30.88 -75.05 -31.70
C ALA W 299 30.59 -73.65 -31.18
N THR W 300 29.32 -73.32 -30.99
CA THR W 300 28.95 -72.03 -30.41
C THR W 300 29.40 -71.94 -28.95
N ILE W 301 29.26 -73.02 -28.20
CA ILE W 301 29.67 -73.03 -26.79
C ILE W 301 31.18 -72.90 -26.67
N SER W 302 31.92 -73.62 -27.50
CA SER W 302 33.37 -73.60 -27.37
C SER W 302 33.99 -72.33 -27.92
N ILE W 303 33.32 -71.62 -28.83
CA ILE W 303 33.73 -70.25 -29.14
C ILE W 303 33.46 -69.35 -27.94
N GLY W 304 32.28 -69.48 -27.35
CA GLY W 304 31.89 -68.67 -26.21
C GLY W 304 32.70 -68.93 -24.96
N ALA W 305 33.36 -70.09 -24.87
CA ALA W 305 34.27 -70.33 -23.77
C ALA W 305 35.67 -69.83 -24.08
N LEU W 306 36.16 -70.06 -25.29
CA LEU W 306 37.50 -69.65 -25.69
C LEU W 306 37.60 -68.17 -26.01
N SER W 307 36.49 -67.46 -26.16
CA SER W 307 36.58 -66.04 -26.46
C SER W 307 37.02 -65.24 -25.27
N ILE W 308 36.76 -65.74 -24.07
CA ILE W 308 37.01 -64.99 -22.86
C ILE W 308 38.48 -65.12 -22.43
N ALA W 309 39.11 -66.24 -22.76
CA ALA W 309 40.49 -66.50 -22.35
C ALA W 309 41.53 -66.03 -23.36
N VAL W 310 41.16 -65.20 -24.33
CA VAL W 310 42.12 -64.79 -25.35
C VAL W 310 42.25 -63.28 -25.43
N TRP W 311 41.96 -62.58 -24.33
CA TRP W 311 41.83 -61.13 -24.36
C TRP W 311 43.10 -60.41 -24.76
N ALA W 312 44.27 -61.01 -24.53
CA ALA W 312 45.53 -60.32 -24.74
C ALA W 312 46.23 -60.72 -26.02
N HIS W 313 45.51 -61.16 -27.03
CA HIS W 313 46.11 -61.14 -28.35
C HIS W 313 45.96 -59.79 -29.02
N HIS W 314 45.30 -58.86 -28.35
CA HIS W 314 45.29 -57.46 -28.73
C HIS W 314 46.40 -56.69 -28.05
N LEU W 315 47.29 -57.37 -27.34
CA LEU W 315 48.32 -56.73 -26.53
C LEU W 315 49.71 -57.26 -26.86
N TYR W 316 49.95 -57.63 -28.12
CA TYR W 316 51.23 -58.24 -28.45
C TYR W 316 52.37 -57.24 -28.47
N ALA W 317 52.15 -56.07 -29.05
CA ALA W 317 53.24 -55.11 -29.18
C ALA W 317 53.54 -54.40 -27.87
N THR W 318 52.54 -54.19 -27.02
CA THR W 318 52.74 -53.40 -25.80
C THR W 318 53.51 -54.22 -24.77
N GLY W 319 54.81 -54.30 -24.99
CA GLY W 319 55.72 -54.86 -24.02
C GLY W 319 55.58 -56.33 -23.77
N ALA W 320 55.23 -56.67 -22.54
CA ALA W 320 55.25 -58.06 -22.08
C ALA W 320 53.87 -58.45 -21.60
N VAL W 321 53.22 -59.32 -22.37
CA VAL W 321 52.18 -60.20 -21.87
C VAL W 321 52.78 -61.59 -22.00
N LEU W 322 52.03 -62.61 -21.58
CA LEU W 322 52.49 -63.98 -21.75
C LEU W 322 52.07 -64.40 -23.14
N LEU W 323 52.94 -64.16 -24.13
CA LEU W 323 52.64 -64.38 -25.53
C LEU W 323 52.32 -65.83 -25.92
N PRO W 324 53.02 -66.88 -25.46
CA PRO W 324 52.61 -68.24 -25.89
C PRO W 324 51.31 -68.73 -25.28
N PHE W 325 50.81 -68.09 -24.22
CA PHE W 325 49.48 -68.44 -23.74
C PHE W 325 48.42 -67.93 -24.70
N PHE W 326 48.43 -66.63 -24.99
CA PHE W 326 47.44 -66.02 -25.86
C PHE W 326 47.72 -66.24 -27.33
N SER W 327 48.82 -66.90 -27.68
CA SER W 327 48.97 -67.37 -29.04
C SER W 327 48.10 -68.61 -29.25
N PHE W 328 48.35 -69.66 -28.46
CA PHE W 328 47.74 -70.96 -28.72
C PHE W 328 46.25 -70.93 -28.45
N MET W 329 45.83 -70.21 -27.41
CA MET W 329 44.40 -70.10 -27.14
C MET W 329 43.68 -69.34 -28.23
N THR W 330 44.38 -68.46 -28.95
CA THR W 330 43.78 -67.71 -30.05
C THR W 330 43.72 -68.53 -31.32
N PHE W 331 44.67 -69.45 -31.54
CA PHE W 331 44.54 -70.40 -32.62
C PHE W 331 43.42 -71.40 -32.38
N MET W 332 42.99 -71.57 -31.15
CA MET W 332 41.92 -72.51 -30.85
C MET W 332 40.53 -71.97 -31.15
N ILE W 333 40.36 -70.70 -31.54
CA ILE W 333 39.06 -70.27 -32.04
C ILE W 333 38.95 -70.56 -33.54
N ALA W 334 40.08 -70.80 -34.22
CA ALA W 334 40.02 -71.21 -35.62
C ALA W 334 39.41 -72.59 -35.82
N VAL W 335 39.44 -73.44 -34.80
CA VAL W 335 38.87 -74.79 -34.94
C VAL W 335 37.34 -74.75 -34.91
N PRO W 336 36.63 -74.13 -33.91
CA PRO W 336 35.16 -74.21 -33.96
C PRO W 336 34.56 -73.29 -35.00
N THR W 337 35.16 -72.11 -35.22
CA THR W 337 34.74 -71.26 -36.32
C THR W 337 34.97 -71.93 -37.66
N GLY W 338 35.96 -72.82 -37.75
CA GLY W 338 36.11 -73.62 -38.95
C GLY W 338 35.18 -74.81 -39.02
N ILE W 339 34.75 -75.32 -37.87
CA ILE W 339 33.70 -76.32 -37.86
C ILE W 339 32.39 -75.73 -38.37
N LYS W 340 32.11 -74.47 -38.02
CA LYS W 340 30.86 -73.86 -38.46
C LYS W 340 30.83 -73.59 -39.96
N PHE W 341 31.97 -73.44 -40.62
CA PHE W 341 31.97 -73.34 -42.08
C PHE W 341 31.65 -74.66 -42.74
N VAL W 342 32.25 -75.77 -42.27
CA VAL W 342 32.02 -77.03 -42.94
C VAL W 342 30.61 -77.56 -42.66
N ASN W 343 29.96 -77.05 -41.62
CA ASN W 343 28.55 -77.27 -41.46
C ASN W 343 27.69 -76.35 -42.31
N TRP W 344 28.27 -75.27 -42.85
CA TRP W 344 27.55 -74.33 -43.70
C TRP W 344 27.62 -74.69 -45.16
N ILE W 345 28.79 -75.11 -45.64
CA ILE W 345 28.85 -75.72 -46.96
C ILE W 345 28.11 -77.06 -46.94
N GLY W 346 28.18 -77.77 -45.81
CA GLY W 346 27.52 -79.05 -45.69
C GLY W 346 26.01 -78.98 -45.77
N THR W 347 25.41 -77.95 -45.19
CA THR W 347 23.95 -77.77 -45.29
C THR W 347 23.53 -77.07 -46.56
N MET W 348 24.49 -76.69 -47.39
CA MET W 348 24.25 -76.06 -48.68
C MET W 348 24.55 -77.02 -49.81
N TRP W 349 24.97 -78.24 -49.48
CA TRP W 349 25.73 -79.05 -50.42
C TRP W 349 24.83 -79.76 -51.45
N LYS W 350 24.03 -80.72 -51.03
CA LYS W 350 23.28 -81.48 -52.03
C LYS W 350 21.91 -80.91 -52.32
N GLY W 351 21.42 -79.96 -51.52
CA GLY W 351 20.10 -79.43 -51.73
C GLY W 351 20.02 -78.56 -52.97
N GLN W 352 18.84 -78.51 -53.58
CA GLN W 352 18.65 -77.53 -54.63
C GLN W 352 18.62 -76.13 -54.04
N LEU W 353 19.15 -75.19 -54.79
CA LEU W 353 19.71 -73.97 -54.22
C LEU W 353 19.09 -72.80 -54.97
N THR W 354 18.25 -72.02 -54.31
CA THR W 354 17.64 -70.85 -54.91
C THR W 354 18.25 -69.61 -54.29
N PHE W 355 18.84 -68.76 -55.13
CA PHE W 355 19.49 -67.54 -54.65
C PHE W 355 18.49 -66.40 -54.58
N GLU W 356 17.62 -66.48 -53.58
CA GLU W 356 16.85 -65.30 -53.24
C GLU W 356 17.70 -64.38 -52.38
N THR W 357 17.19 -63.17 -52.14
CA THR W 357 17.98 -62.16 -51.45
C THR W 357 18.39 -62.48 -50.00
N PRO W 358 17.66 -63.27 -49.20
CA PRO W 358 18.31 -63.70 -47.94
C PRO W 358 19.42 -64.69 -48.16
N MET W 359 19.29 -65.56 -49.16
CA MET W 359 20.31 -66.55 -49.44
C MET W 359 21.52 -65.91 -50.08
N LEU W 360 21.26 -64.94 -50.95
CA LEU W 360 22.32 -64.21 -51.68
C LEU W 360 23.20 -63.49 -50.68
N PHE W 361 22.61 -62.83 -49.68
CA PHE W 361 23.42 -62.13 -48.69
C PHE W 361 24.18 -63.07 -47.77
N SER W 362 23.71 -64.30 -47.60
CA SER W 362 24.42 -65.23 -46.76
C SER W 362 25.57 -65.91 -47.48
N VAL W 363 25.58 -65.88 -48.82
CA VAL W 363 26.73 -66.40 -49.55
C VAL W 363 27.83 -65.35 -49.59
N GLY W 364 27.46 -64.07 -49.70
CA GLY W 364 28.41 -63.01 -49.50
C GLY W 364 28.96 -62.94 -48.09
N PHE W 365 28.19 -63.42 -47.11
CA PHE W 365 28.71 -63.64 -45.77
C PHE W 365 29.86 -64.64 -45.77
N LEU W 366 29.70 -65.75 -46.47
CA LEU W 366 30.72 -66.81 -46.42
C LEU W 366 31.99 -66.43 -47.17
N VAL W 367 31.90 -65.51 -48.13
CA VAL W 367 33.07 -65.12 -48.89
C VAL W 367 33.87 -64.05 -48.17
N THR W 368 33.20 -63.07 -47.58
CA THR W 368 33.92 -61.99 -46.89
C THR W 368 34.48 -62.45 -45.56
N PHE W 369 33.70 -63.21 -44.78
CA PHE W 369 34.12 -63.62 -43.44
C PHE W 369 35.29 -64.60 -43.49
N LEU W 370 35.47 -65.30 -44.61
CA LEU W 370 36.60 -66.19 -44.76
C LEU W 370 37.92 -65.42 -44.72
N LEU W 371 38.02 -64.35 -45.53
CA LEU W 371 39.20 -63.50 -45.48
C LEU W 371 39.29 -62.74 -44.16
N GLY W 372 38.16 -62.51 -43.50
CA GLY W 372 38.22 -61.98 -42.16
C GLY W 372 38.74 -62.96 -41.14
N GLY W 373 38.60 -64.24 -41.39
CA GLY W 373 39.12 -65.21 -40.45
C GLY W 373 40.50 -65.70 -40.81
N LEU W 374 40.80 -65.69 -42.10
CA LEU W 374 42.14 -66.04 -42.56
C LEU W 374 43.18 -65.06 -42.08
N THR W 375 42.89 -63.77 -42.16
CA THR W 375 43.81 -62.78 -41.61
C THR W 375 43.75 -62.69 -40.11
N GLY W 376 42.74 -63.28 -39.47
CA GLY W 376 42.70 -63.30 -38.02
C GLY W 376 43.75 -64.19 -37.40
N VAL W 377 43.88 -65.42 -37.89
CA VAL W 377 44.90 -66.32 -37.40
C VAL W 377 46.29 -65.91 -37.87
N ILE W 378 46.35 -65.11 -38.93
CA ILE W 378 47.58 -64.41 -39.30
C ILE W 378 48.00 -63.46 -38.18
N LEU W 379 47.07 -62.64 -37.71
CA LEU W 379 47.35 -61.69 -36.64
C LEU W 379 47.52 -62.38 -35.29
N ALA W 380 47.07 -63.63 -35.16
CA ALA W 380 47.18 -64.34 -33.89
C ALA W 380 48.60 -64.76 -33.60
N SER W 381 49.36 -65.09 -34.63
CA SER W 381 50.78 -65.38 -34.47
C SER W 381 51.53 -64.09 -34.23
N PRO W 382 52.29 -63.98 -33.15
CA PRO W 382 52.83 -62.67 -32.74
C PRO W 382 53.94 -62.13 -33.63
N PRO W 383 54.89 -62.92 -34.19
CA PRO W 383 55.83 -62.31 -35.14
C PRO W 383 55.21 -61.77 -36.41
N LEU W 384 54.13 -62.39 -36.90
CA LEU W 384 53.41 -61.80 -38.02
C LEU W 384 52.63 -60.58 -37.55
N ASP W 385 52.27 -60.57 -36.27
CA ASP W 385 51.58 -59.42 -35.72
C ASP W 385 52.54 -58.31 -35.37
N PHE W 386 53.81 -58.62 -35.12
CA PHE W 386 54.79 -57.60 -34.78
C PHE W 386 55.04 -56.60 -35.90
N HIS W 387 54.63 -56.88 -37.13
CA HIS W 387 54.75 -55.88 -38.17
C HIS W 387 53.47 -55.08 -38.37
N VAL W 388 52.30 -55.69 -38.22
CA VAL W 388 51.06 -55.10 -38.71
C VAL W 388 50.11 -54.71 -37.57
N THR W 389 50.56 -54.69 -36.32
CA THR W 389 49.61 -54.71 -35.20
C THR W 389 48.87 -53.41 -34.97
N ASP W 390 49.35 -52.30 -35.51
CA ASP W 390 48.55 -51.09 -35.43
C ASP W 390 48.63 -50.43 -36.79
N SER W 391 48.38 -51.20 -37.83
CA SER W 391 48.48 -50.78 -39.20
C SER W 391 47.12 -50.90 -39.87
N TYR W 392 47.06 -50.63 -41.18
CA TYR W 392 45.84 -50.87 -41.92
C TYR W 392 45.68 -52.32 -42.37
N PHE W 393 46.59 -53.22 -41.99
CA PHE W 393 46.26 -54.63 -42.17
C PHE W 393 45.23 -55.06 -41.15
N VAL W 394 45.22 -54.41 -40.00
CA VAL W 394 44.21 -54.70 -39.00
C VAL W 394 42.87 -54.11 -39.41
N VAL W 395 42.87 -52.88 -39.91
CA VAL W 395 41.62 -52.23 -40.33
C VAL W 395 41.00 -52.93 -41.54
N ALA W 396 41.81 -53.63 -42.34
CA ALA W 396 41.22 -54.54 -43.30
C ALA W 396 40.66 -55.79 -42.65
N HIS W 397 41.32 -56.26 -41.59
CA HIS W 397 40.91 -57.52 -40.97
C HIS W 397 39.54 -57.40 -40.30
N PHE W 398 39.32 -56.36 -39.51
CA PHE W 398 38.04 -56.27 -38.84
C PHE W 398 36.99 -55.56 -39.66
N HIS W 399 37.15 -55.51 -40.97
CA HIS W 399 35.98 -55.29 -41.79
C HIS W 399 35.62 -56.50 -42.60
N TYR W 400 36.59 -57.28 -43.07
CA TYR W 400 36.22 -58.54 -43.68
C TYR W 400 35.59 -59.51 -42.69
N VAL W 401 35.87 -59.35 -41.40
CA VAL W 401 35.30 -60.25 -40.41
C VAL W 401 34.04 -59.66 -39.78
N LEU W 402 33.93 -58.33 -39.88
CA LEU W 402 32.88 -57.47 -39.24
C LEU W 402 31.82 -57.01 -40.23
N PHE W 403 32.19 -56.56 -41.42
CA PHE W 403 31.20 -56.15 -42.39
C PHE W 403 30.52 -57.38 -42.97
N GLY W 404 30.95 -58.57 -42.60
CA GLY W 404 30.31 -59.80 -43.01
C GLY W 404 29.21 -60.22 -42.07
N THR W 405 29.46 -60.20 -40.76
CA THR W 405 28.45 -60.57 -39.80
C THR W 405 27.47 -59.45 -39.49
N ILE W 406 27.87 -58.21 -39.65
CA ILE W 406 27.04 -57.07 -39.24
C ILE W 406 26.46 -56.34 -40.45
N VAL W 407 26.83 -56.71 -41.67
CA VAL W 407 26.16 -56.13 -42.82
C VAL W 407 25.63 -57.22 -43.73
N PHE W 408 26.47 -58.16 -44.13
CA PHE W 408 25.97 -59.21 -45.00
C PHE W 408 25.11 -60.23 -44.27
N ALA W 409 25.12 -60.24 -42.94
CA ALA W 409 24.30 -61.17 -42.18
C ALA W 409 23.24 -60.50 -41.33
N THR W 410 23.20 -59.17 -41.26
CA THR W 410 21.98 -58.51 -40.80
C THR W 410 21.03 -58.30 -41.96
N TYR W 411 21.56 -57.94 -43.14
CA TYR W 411 20.72 -57.80 -44.31
C TYR W 411 20.25 -59.15 -44.79
N ALA W 412 21.00 -60.20 -44.51
CA ALA W 412 20.46 -61.54 -44.69
C ALA W 412 19.28 -61.76 -43.77
N GLY W 413 19.32 -61.20 -42.56
CA GLY W 413 18.24 -61.34 -41.62
C GLY W 413 17.14 -60.31 -41.77
N VAL W 414 17.46 -59.12 -42.28
CA VAL W 414 16.42 -58.14 -42.59
C VAL W 414 15.57 -58.63 -43.75
N TYR W 415 16.20 -59.09 -44.83
CA TYR W 415 15.47 -59.62 -45.97
C TYR W 415 14.79 -60.95 -45.68
N PHE W 416 15.10 -61.63 -44.58
CA PHE W 416 14.49 -62.91 -44.26
C PHE W 416 13.30 -62.79 -43.32
N TRP W 417 13.33 -61.86 -42.37
CA TRP W 417 12.19 -61.63 -41.50
C TRP W 417 11.56 -60.26 -41.71
N PHE W 418 11.62 -59.74 -42.93
CA PHE W 418 10.79 -58.57 -43.20
C PHE W 418 9.36 -58.99 -43.50
N PRO W 419 9.07 -60.07 -44.31
CA PRO W 419 7.67 -60.49 -44.38
C PRO W 419 7.26 -61.42 -43.27
N LYS W 420 7.67 -61.14 -42.05
CA LYS W 420 7.14 -61.83 -40.88
C LYS W 420 6.87 -60.79 -39.82
N MET W 421 7.57 -59.68 -39.91
CA MET W 421 7.35 -58.57 -38.98
C MET W 421 6.35 -57.57 -39.49
N THR W 422 6.22 -57.39 -40.80
CA THR W 422 5.28 -56.44 -41.37
C THR W 422 4.24 -57.05 -42.30
N GLY W 423 4.46 -58.25 -42.81
CA GLY W 423 3.52 -58.84 -43.73
C GLY W 423 3.67 -58.38 -45.15
N ARG W 424 4.82 -57.80 -45.50
CA ARG W 424 5.08 -57.29 -46.84
C ARG W 424 6.39 -57.88 -47.34
N LEU W 425 6.38 -58.45 -48.53
CA LEU W 425 7.63 -58.91 -49.13
C LEU W 425 8.49 -57.72 -49.53
N LEU W 426 9.68 -57.66 -48.96
CA LEU W 426 10.67 -56.69 -49.40
C LEU W 426 11.18 -57.11 -50.77
N ASP W 427 11.42 -56.13 -51.63
CA ASP W 427 11.61 -56.39 -53.06
C ASP W 427 12.94 -57.09 -53.32
N ASP W 428 12.98 -57.87 -54.39
CA ASP W 428 14.13 -58.70 -54.70
C ASP W 428 14.97 -58.19 -55.87
N ARG W 429 14.35 -57.59 -56.90
CA ARG W 429 15.13 -56.96 -57.96
C ARG W 429 15.88 -55.75 -57.44
N LEU W 430 15.24 -54.96 -56.58
CA LEU W 430 15.92 -53.87 -55.93
C LEU W 430 16.83 -54.37 -54.81
N GLY W 431 16.56 -55.54 -54.26
CA GLY W 431 17.44 -56.13 -53.27
C GLY W 431 18.65 -56.81 -53.84
N LYS W 432 18.62 -57.19 -55.12
CA LYS W 432 19.83 -57.65 -55.78
C LYS W 432 20.69 -56.48 -56.25
N LEU W 433 20.06 -55.34 -56.52
CA LEU W 433 20.82 -54.12 -56.77
C LEU W 433 21.59 -53.69 -55.53
N HIS W 434 20.98 -53.85 -54.37
CA HIS W 434 21.62 -53.46 -53.11
C HIS W 434 22.75 -54.41 -52.72
N PHE W 435 22.67 -55.69 -53.07
CA PHE W 435 23.77 -56.59 -52.77
C PHE W 435 24.96 -56.31 -53.67
N TRP W 436 24.74 -56.23 -54.98
CA TRP W 436 25.87 -56.11 -55.88
C TRP W 436 26.46 -54.71 -55.92
N LEU W 437 25.82 -53.72 -55.30
CA LEU W 437 26.56 -52.50 -55.01
C LEU W 437 27.46 -52.67 -53.81
N THR W 438 27.16 -53.63 -52.92
CA THR W 438 27.95 -53.75 -51.70
C THR W 438 29.17 -54.63 -51.93
N LEU W 439 29.00 -55.86 -52.41
CA LEU W 439 30.15 -56.76 -52.53
C LEU W 439 31.09 -56.34 -53.66
N ILE W 440 30.59 -55.62 -54.68
CA ILE W 440 31.51 -54.96 -55.61
C ILE W 440 32.20 -53.81 -54.90
N GLY W 441 31.47 -53.04 -54.11
CA GLY W 441 32.05 -51.94 -53.40
C GLY W 441 32.96 -52.34 -52.24
N PHE W 442 32.54 -53.34 -51.45
CA PHE W 442 33.27 -53.69 -50.24
C PHE W 442 34.64 -54.29 -50.52
N HIS W 443 34.77 -55.06 -51.60
CA HIS W 443 36.09 -55.56 -51.96
C HIS W 443 36.91 -54.57 -52.74
N THR W 444 36.38 -53.39 -53.01
CA THR W 444 37.20 -52.30 -53.54
C THR W 444 37.79 -51.49 -52.40
N THR W 445 37.04 -51.33 -51.32
CA THR W 445 37.46 -50.48 -50.21
C THR W 445 38.57 -51.14 -49.41
N PHE W 446 38.30 -52.33 -48.86
CA PHE W 446 39.16 -52.86 -47.82
C PHE W 446 40.13 -53.92 -48.30
N LEU W 447 40.10 -54.30 -49.57
CA LEU W 447 41.05 -55.29 -50.04
C LEU W 447 42.43 -54.69 -50.21
N VAL W 448 42.51 -53.40 -50.55
CA VAL W 448 43.81 -52.77 -50.74
C VAL W 448 44.43 -52.34 -49.41
N HIS W 449 43.65 -52.31 -48.33
CA HIS W 449 44.23 -52.05 -47.01
C HIS W 449 45.14 -53.17 -46.55
N HIS W 450 44.93 -54.38 -47.05
CA HIS W 450 45.85 -55.47 -46.74
C HIS W 450 47.24 -55.19 -47.29
N TRP W 451 47.31 -54.66 -48.51
CA TRP W 451 48.59 -54.34 -49.11
C TRP W 451 49.15 -53.04 -48.56
N LEU W 452 48.29 -52.03 -48.45
CA LEU W 452 48.74 -50.71 -48.01
C LEU W 452 49.07 -50.70 -46.53
N GLY W 453 48.43 -51.55 -45.74
CA GLY W 453 48.74 -51.60 -44.33
C GLY W 453 49.97 -52.43 -44.02
N ALA W 454 50.27 -53.39 -44.85
CA ALA W 454 51.44 -54.23 -44.63
C ALA W 454 52.70 -53.62 -45.23
N GLU W 455 52.61 -52.44 -45.83
CA GLU W 455 53.78 -51.78 -46.39
C GLU W 455 54.13 -50.50 -45.66
N GLY W 456 53.39 -50.13 -44.62
CA GLY W 456 53.84 -49.04 -43.79
C GLY W 456 52.87 -47.93 -43.49
N MET W 457 51.57 -48.13 -43.73
CA MET W 457 50.55 -47.13 -43.45
C MET W 457 49.86 -47.51 -42.16
N PRO W 458 50.20 -46.91 -41.03
CA PRO W 458 49.55 -47.28 -39.78
C PRO W 458 48.17 -46.65 -39.68
N ARG W 459 47.33 -47.31 -38.91
CA ARG W 459 45.98 -46.86 -38.69
C ARG W 459 45.98 -45.60 -37.83
N ARG W 460 44.82 -44.94 -37.82
CA ARG W 460 44.55 -43.71 -37.07
C ARG W 460 45.43 -42.55 -37.52
N TYR W 461 45.84 -42.52 -38.79
CA TYR W 461 46.53 -41.37 -39.35
C TYR W 461 45.58 -40.47 -40.14
N ALA W 462 45.85 -39.17 -40.07
CA ALA W 462 45.12 -38.16 -40.83
C ALA W 462 45.83 -37.74 -42.10
N ASP W 463 47.16 -37.74 -42.11
CA ASP W 463 47.92 -37.27 -43.27
C ASP W 463 49.04 -38.25 -43.54
N TYR W 464 49.41 -38.39 -44.82
CA TYR W 464 50.32 -39.47 -45.16
C TYR W 464 51.38 -39.10 -46.20
N LEU W 465 51.68 -37.79 -46.39
CA LEU W 465 52.94 -37.32 -46.98
C LEU W 465 53.28 -37.84 -48.38
N PRO W 466 52.84 -37.15 -49.45
CA PRO W 466 52.91 -37.70 -50.83
C PRO W 466 54.23 -38.23 -51.37
N THR W 467 55.34 -38.08 -50.63
CA THR W 467 56.55 -38.82 -50.98
C THR W 467 56.37 -40.31 -50.75
N ASP W 468 55.48 -40.70 -49.83
CA ASP W 468 55.18 -42.09 -49.62
C ASP W 468 54.34 -42.65 -50.77
N GLY W 469 54.42 -43.95 -50.96
CA GLY W 469 53.67 -44.60 -52.01
C GLY W 469 52.32 -45.11 -51.54
N PHE W 470 51.52 -44.22 -50.94
CA PHE W 470 50.23 -44.60 -50.40
C PHE W 470 49.06 -43.99 -51.15
N THR W 471 49.32 -43.08 -52.09
CA THR W 471 48.25 -42.29 -52.66
C THR W 471 47.40 -43.10 -53.63
N THR W 472 48.04 -43.91 -54.48
CA THR W 472 47.31 -44.63 -55.52
C THR W 472 46.56 -45.85 -55.00
N LEU W 473 46.64 -46.17 -53.71
CA LEU W 473 45.79 -47.19 -53.10
C LEU W 473 44.80 -46.65 -52.09
N ASN W 474 45.04 -45.46 -51.54
CA ASN W 474 44.04 -44.80 -50.72
C ASN W 474 42.94 -44.16 -51.54
N ILE W 475 43.17 -43.94 -52.84
CA ILE W 475 42.12 -43.43 -53.71
C ILE W 475 41.22 -44.56 -54.18
N VAL W 476 41.80 -45.75 -54.39
CA VAL W 476 41.04 -46.93 -54.77
C VAL W 476 40.05 -47.31 -53.67
N SER W 477 40.42 -47.10 -52.41
CA SER W 477 39.47 -47.35 -51.33
C SER W 477 38.40 -46.27 -51.30
N THR W 478 38.77 -45.02 -51.57
CA THR W 478 37.80 -43.92 -51.50
C THR W 478 36.83 -43.97 -52.68
N ILE W 479 37.29 -44.43 -53.84
CA ILE W 479 36.39 -44.79 -54.93
C ILE W 479 35.42 -45.87 -54.48
N GLY W 480 35.95 -46.88 -53.80
CA GLY W 480 35.11 -47.97 -53.37
C GLY W 480 34.19 -47.62 -52.23
N SER W 481 34.60 -46.71 -51.35
CA SER W 481 33.86 -46.46 -50.12
C SER W 481 32.56 -45.73 -50.41
N PHE W 482 32.56 -44.86 -51.41
CA PHE W 482 31.32 -44.20 -51.78
C PHE W 482 30.38 -45.14 -52.53
N ILE W 483 30.87 -46.26 -53.06
CA ILE W 483 29.96 -47.27 -53.57
C ILE W 483 29.22 -47.92 -52.40
N LEU W 484 29.84 -48.02 -51.23
CA LEU W 484 29.13 -48.46 -50.04
C LEU W 484 28.20 -47.39 -49.52
N GLY W 485 28.50 -46.12 -49.78
CA GLY W 485 27.60 -45.05 -49.42
C GLY W 485 26.42 -44.92 -50.36
N VAL W 486 26.63 -45.22 -51.63
CA VAL W 486 25.52 -45.28 -52.58
C VAL W 486 24.65 -46.50 -52.32
N SER W 487 25.24 -47.59 -51.82
CA SER W 487 24.52 -48.85 -51.65
C SER W 487 23.43 -48.80 -50.59
N MET W 488 23.48 -47.82 -49.68
CA MET W 488 22.36 -47.66 -48.76
C MET W 488 21.13 -47.08 -49.42
N LEU W 489 21.27 -46.43 -50.55
CA LEU W 489 20.13 -45.82 -51.23
C LEU W 489 19.14 -46.85 -51.79
N PRO W 490 19.52 -47.95 -52.46
CA PRO W 490 18.50 -48.94 -52.83
C PRO W 490 18.12 -49.90 -51.73
N PHE W 491 18.58 -49.71 -50.49
CA PHE W 491 18.04 -50.45 -49.36
C PHE W 491 17.10 -49.63 -48.51
N VAL W 492 17.38 -48.35 -48.33
CA VAL W 492 16.42 -47.49 -47.65
C VAL W 492 15.20 -47.27 -48.52
N TRP W 493 15.40 -47.10 -49.83
CA TRP W 493 14.28 -47.00 -50.76
C TRP W 493 13.53 -48.31 -50.86
N ASN W 494 14.21 -49.43 -50.66
CA ASN W 494 13.54 -50.71 -50.65
C ASN W 494 12.62 -50.84 -49.45
N VAL W 495 13.09 -50.43 -48.27
CA VAL W 495 12.26 -50.56 -47.08
C VAL W 495 11.18 -49.50 -47.04
N PHE W 496 11.50 -48.26 -47.43
CA PHE W 496 10.54 -47.17 -47.39
C PHE W 496 9.37 -47.38 -48.34
N LYS W 497 9.62 -47.98 -49.51
CA LYS W 497 8.52 -48.30 -50.42
C LYS W 497 7.79 -49.55 -49.99
N SER W 498 8.50 -50.56 -49.48
CA SER W 498 7.85 -51.82 -49.14
C SER W 498 7.44 -51.92 -47.69
N TRP W 499 7.60 -50.86 -46.89
CA TRP W 499 6.99 -50.84 -45.57
C TRP W 499 5.48 -50.75 -45.69
N ARG W 500 5.00 -49.84 -46.50
CA ARG W 500 3.59 -49.54 -46.62
C ARG W 500 2.99 -49.98 -47.95
N TYR W 501 3.71 -49.85 -49.06
CA TYR W 501 3.33 -50.50 -50.30
C TYR W 501 4.08 -51.83 -50.35
N GLY W 502 4.14 -52.47 -51.50
CA GLY W 502 4.91 -53.70 -51.60
C GLY W 502 4.03 -54.92 -51.44
N GLU W 503 4.58 -56.04 -51.88
CA GLU W 503 3.78 -57.23 -52.16
C GLU W 503 3.26 -57.88 -50.89
N PRO W 504 1.95 -58.00 -50.72
CA PRO W 504 1.40 -58.53 -49.47
C PRO W 504 1.64 -60.02 -49.35
N VAL W 505 1.72 -60.48 -48.12
CA VAL W 505 1.94 -61.89 -47.83
C VAL W 505 0.71 -62.36 -47.07
N THR W 506 -0.22 -63.03 -47.77
CA THR W 506 -1.37 -63.64 -47.12
C THR W 506 -1.10 -65.07 -46.71
N VAL W 507 0.15 -65.39 -46.41
CA VAL W 507 0.69 -66.73 -46.35
C VAL W 507 1.62 -66.83 -45.17
N ASP W 508 1.43 -67.83 -44.31
CA ASP W 508 2.13 -67.87 -43.03
C ASP W 508 3.62 -68.19 -43.14
N ASP W 509 4.16 -68.44 -44.33
CA ASP W 509 5.57 -68.74 -44.50
C ASP W 509 5.93 -68.39 -45.93
N PRO W 510 6.50 -67.20 -46.16
CA PRO W 510 6.76 -66.77 -47.53
C PRO W 510 7.93 -67.42 -48.21
N TRP W 511 8.86 -68.03 -47.47
CA TRP W 511 10.09 -68.54 -48.06
C TRP W 511 10.06 -70.04 -48.25
N GLY W 512 8.89 -70.66 -48.24
CA GLY W 512 8.80 -72.06 -48.63
C GLY W 512 9.10 -73.14 -47.63
N TYR W 513 10.24 -73.08 -46.97
CA TYR W 513 10.71 -74.18 -46.14
C TYR W 513 11.22 -73.55 -44.86
N GLY W 514 10.32 -73.29 -43.92
CA GLY W 514 10.61 -72.31 -42.88
C GLY W 514 11.52 -72.82 -41.78
N ASN W 515 11.31 -74.07 -41.37
CA ASN W 515 12.15 -74.81 -40.42
C ASN W 515 12.16 -74.23 -39.01
N SER W 516 11.17 -73.43 -38.63
CA SER W 516 11.14 -72.88 -37.27
C SER W 516 9.71 -72.49 -36.90
N LEU W 517 9.50 -72.27 -35.60
CA LEU W 517 8.17 -71.97 -35.10
C LEU W 517 7.66 -70.60 -35.50
N GLU W 518 8.56 -69.71 -35.89
CA GLU W 518 8.12 -68.41 -36.42
C GLU W 518 7.45 -68.53 -37.77
N TRP W 519 7.70 -69.61 -38.50
CA TRP W 519 7.06 -69.83 -39.79
C TRP W 519 5.85 -70.74 -39.66
N ALA W 520 5.41 -71.02 -38.44
CA ALA W 520 4.16 -71.71 -38.17
C ALA W 520 3.08 -70.75 -37.69
N THR W 521 3.30 -69.46 -37.83
CA THR W 521 2.35 -68.45 -37.39
C THR W 521 2.21 -67.39 -38.47
N SER W 522 1.23 -66.51 -38.29
CA SER W 522 0.86 -65.55 -39.32
C SER W 522 1.92 -64.47 -39.47
N CYS W 523 1.87 -63.76 -40.58
CA CYS W 523 2.74 -62.61 -40.78
C CYS W 523 1.91 -61.35 -40.98
N PRO W 524 1.95 -60.38 -40.06
CA PRO W 524 2.62 -60.40 -38.76
C PRO W 524 1.90 -61.31 -37.78
N PRO W 525 2.58 -61.82 -36.77
CA PRO W 525 1.92 -62.65 -35.78
C PRO W 525 0.97 -61.82 -34.94
N PRO W 526 0.05 -62.45 -34.21
CA PRO W 526 -0.81 -61.67 -33.32
C PRO W 526 -0.05 -61.11 -32.13
N ARG W 527 -0.76 -60.47 -31.19
CA ARG W 527 -0.06 -59.77 -30.13
C ARG W 527 0.61 -60.74 -29.15
N HIS W 528 0.22 -62.00 -29.14
CA HIS W 528 0.92 -63.04 -28.39
C HIS W 528 1.34 -64.20 -29.28
N ASN W 529 1.73 -63.89 -30.51
CA ASN W 529 2.60 -64.65 -31.38
C ASN W 529 2.04 -65.94 -31.96
N PHE W 530 0.96 -66.48 -31.41
CA PHE W 530 0.55 -67.82 -31.81
C PHE W 530 -0.95 -67.98 -31.65
N THR W 531 -1.60 -68.43 -32.72
CA THR W 531 -2.98 -68.87 -32.66
C THR W 531 -3.07 -70.37 -32.45
N GLU W 532 -2.06 -71.11 -32.89
CA GLU W 532 -1.89 -72.51 -32.52
C GLU W 532 -0.41 -72.77 -32.28
N LEU W 533 -0.10 -73.99 -31.88
CA LEU W 533 1.25 -74.51 -31.90
C LEU W 533 1.24 -75.88 -32.56
N PRO W 534 2.23 -76.17 -33.40
CA PRO W 534 2.33 -77.52 -33.96
C PRO W 534 2.86 -78.49 -32.94
N ARG W 535 2.80 -79.77 -33.27
CA ARG W 535 3.42 -80.78 -32.42
C ARG W 535 4.92 -80.68 -32.62
N ILE W 536 5.58 -80.04 -31.66
CA ILE W 536 7.04 -79.90 -31.69
C ILE W 536 7.66 -81.24 -31.29
N ARG W 537 8.16 -81.97 -32.29
CA ARG W 537 8.87 -83.21 -32.02
C ARG W 537 10.13 -83.37 -32.86
N SER W 538 10.65 -82.31 -33.45
CA SER W 538 11.91 -82.38 -34.17
C SER W 538 12.62 -81.06 -34.05
N GLU W 539 13.79 -80.98 -34.69
CA GLU W 539 14.58 -79.77 -34.67
C GLU W 539 13.91 -78.63 -35.44
N ARG W 540 13.08 -78.96 -36.42
CA ARG W 540 12.39 -77.97 -37.23
C ARG W 540 10.89 -78.25 -37.27
N PRO W 541 10.07 -77.44 -36.60
CA PRO W 541 8.64 -77.76 -36.54
C PRO W 541 7.90 -77.48 -37.83
N ALA W 542 8.18 -76.34 -38.48
CA ALA W 542 7.44 -75.95 -39.67
C ALA W 542 7.98 -76.56 -40.95
N PHE W 543 8.80 -77.60 -40.84
CA PHE W 543 9.04 -78.49 -41.96
C PHE W 543 8.35 -79.82 -41.77
N GLU W 544 8.07 -80.22 -40.54
CA GLU W 544 7.17 -81.34 -40.32
C GLU W 544 5.72 -80.89 -40.30
N LEU W 545 5.46 -79.67 -39.87
CA LEU W 545 4.26 -78.97 -40.33
C LEU W 545 4.55 -78.46 -41.73
N HIS W 546 3.48 -78.31 -42.52
CA HIS W 546 3.39 -77.94 -43.93
C HIS W 546 3.86 -79.06 -44.86
N TYR W 547 4.47 -80.11 -44.32
CA TYR W 547 4.97 -81.22 -45.13
C TYR W 547 4.90 -82.50 -44.31
N PRO W 548 3.72 -83.13 -44.26
CA PRO W 548 3.64 -84.42 -43.57
C PRO W 548 4.29 -85.54 -44.33
N HIS W 549 4.50 -85.40 -45.64
CA HIS W 549 5.09 -86.45 -46.45
C HIS W 549 6.61 -86.44 -46.42
N MET W 550 7.21 -85.76 -45.44
CA MET W 550 8.64 -85.79 -45.25
C MET W 550 9.05 -86.32 -43.89
N ILE W 551 8.10 -86.48 -42.96
CA ILE W 551 8.41 -86.88 -41.59
C ILE W 551 8.98 -88.29 -41.55
N GLU W 552 8.54 -89.16 -42.45
CA GLU W 552 9.11 -90.48 -42.58
C GLU W 552 10.44 -90.49 -43.34
N ARG W 553 10.94 -89.33 -43.75
CA ARG W 553 12.18 -89.20 -44.50
C ARG W 553 13.23 -88.39 -43.77
N LEU W 554 12.82 -87.48 -42.87
CA LEU W 554 13.77 -86.82 -41.98
C LEU W 554 14.46 -87.81 -41.06
N ARG W 555 13.73 -88.81 -40.57
CA ARG W 555 14.30 -89.79 -39.66
C ARG W 555 15.03 -90.91 -40.37
N ALA W 556 14.69 -91.19 -41.62
CA ALA W 556 15.27 -92.33 -42.32
C ALA W 556 16.51 -91.94 -43.10
N GLU W 557 16.39 -90.96 -44.00
CA GLU W 557 17.45 -90.63 -44.94
C GLU W 557 18.47 -89.65 -44.39
N SER W 558 18.55 -89.49 -43.08
CA SER W 558 19.67 -88.80 -42.48
C SER W 558 20.78 -89.83 -42.22
N HIS W 559 21.89 -89.36 -41.62
CA HIS W 559 23.08 -90.14 -41.27
C HIS W 559 23.68 -90.93 -42.45
N PRO W 560 24.40 -90.29 -43.39
CA PRO W 560 25.07 -91.00 -44.47
C PRO W 560 26.10 -92.03 -44.02
N MET X 1 15.37 -80.30 -15.77
CA MET X 1 16.08 -79.06 -16.06
C MET X 1 17.57 -79.39 -16.06
N HIS X 2 17.91 -80.47 -16.73
CA HIS X 2 19.25 -81.04 -16.66
C HIS X 2 20.23 -80.30 -17.54
N ILE X 3 19.86 -80.06 -18.79
CA ILE X 3 20.79 -79.53 -19.78
C ILE X 3 20.64 -78.03 -19.95
N GLU X 4 20.08 -77.35 -18.94
CA GLU X 4 20.28 -75.92 -18.74
C GLU X 4 21.34 -75.64 -17.69
N ALA X 5 21.45 -76.52 -16.70
CA ALA X 5 22.50 -76.43 -15.69
C ALA X 5 23.80 -77.02 -16.20
N ARG X 6 23.70 -77.99 -17.10
CA ARG X 6 24.90 -78.54 -17.73
C ARG X 6 25.53 -77.54 -18.69
N LEU X 7 24.72 -76.62 -19.22
CA LEU X 7 25.22 -75.58 -20.11
C LEU X 7 26.19 -74.64 -19.40
N PHE X 8 26.01 -74.43 -18.10
CA PHE X 8 26.91 -73.59 -17.33
C PHE X 8 28.04 -74.35 -16.66
N GLU X 9 27.81 -75.60 -16.28
CA GLU X 9 28.86 -76.38 -15.64
C GLU X 9 29.98 -76.74 -16.61
N ILE X 10 29.66 -76.86 -17.90
CA ILE X 10 30.70 -76.98 -18.90
C ILE X 10 31.52 -75.69 -18.96
N LEU X 11 30.86 -74.55 -18.84
CA LEU X 11 31.57 -73.27 -18.85
C LEU X 11 32.38 -73.06 -17.58
N THR X 12 31.96 -73.65 -16.45
CA THR X 12 32.74 -73.53 -15.23
C THR X 12 34.01 -74.35 -15.30
N ALA X 13 33.91 -75.57 -15.83
CA ALA X 13 35.06 -76.47 -15.88
C ALA X 13 36.13 -76.01 -16.84
N PHE X 14 35.82 -75.09 -17.76
CA PHE X 14 36.84 -74.46 -18.57
C PHE X 14 37.43 -73.25 -17.88
N PHE X 15 36.58 -72.35 -17.37
CA PHE X 15 37.06 -71.10 -16.79
C PHE X 15 37.84 -71.34 -15.50
N ALA X 16 37.42 -72.31 -14.70
CA ALA X 16 38.21 -72.67 -13.52
C ALA X 16 39.44 -73.47 -13.89
N LEU X 17 39.55 -73.95 -15.12
CA LEU X 17 40.80 -74.51 -15.60
C LEU X 17 41.66 -73.46 -16.27
N ALA X 18 41.04 -72.53 -17.00
CA ALA X 18 41.80 -71.47 -17.66
C ALA X 18 42.28 -70.41 -16.70
N ALA X 19 41.73 -70.36 -15.48
CA ALA X 19 42.25 -69.47 -14.45
C ALA X 19 43.37 -70.07 -13.66
N VAL X 20 43.41 -71.40 -13.51
CA VAL X 20 44.53 -72.04 -12.84
C VAL X 20 45.74 -72.10 -13.75
N VAL X 21 45.54 -72.39 -15.04
CA VAL X 21 46.65 -72.46 -15.99
C VAL X 21 47.27 -71.08 -16.20
N TYR X 22 46.44 -70.04 -16.24
CA TYR X 22 46.99 -68.71 -16.47
C TYR X 22 47.70 -68.17 -15.24
N ALA X 23 47.22 -68.47 -14.04
CA ALA X 23 47.87 -67.99 -12.84
C ALA X 23 49.10 -68.81 -12.48
N VAL X 24 49.22 -70.03 -13.00
CA VAL X 24 50.45 -70.81 -12.86
C VAL X 24 51.49 -70.38 -13.88
N LEU X 25 51.08 -70.19 -15.14
CA LEU X 25 52.05 -69.87 -16.18
C LEU X 25 52.60 -68.45 -16.04
N THR X 26 51.78 -67.49 -15.60
CA THR X 26 52.34 -66.17 -15.35
C THR X 26 53.15 -66.13 -14.06
N ALA X 27 52.96 -67.10 -13.16
CA ALA X 27 53.80 -67.17 -11.98
C ALA X 27 55.21 -67.63 -12.31
N MET X 28 55.39 -68.35 -13.42
CA MET X 28 56.69 -68.92 -13.75
C MET X 28 57.27 -68.44 -15.06
N PHE X 29 56.55 -67.67 -15.87
CA PHE X 29 57.04 -67.31 -17.19
C PHE X 29 56.87 -65.85 -17.55
N ALA X 30 55.97 -65.11 -16.91
CA ALA X 30 55.86 -63.69 -17.20
C ALA X 30 57.04 -62.94 -16.62
N THR X 31 57.22 -61.69 -17.08
CA THR X 31 58.40 -60.92 -16.69
C THR X 31 58.35 -60.44 -15.25
N GLY X 32 57.17 -60.45 -14.62
CA GLY X 32 57.07 -60.14 -13.21
C GLY X 32 56.40 -61.25 -12.45
N GLY X 33 55.51 -60.90 -11.52
CA GLY X 33 54.80 -61.89 -10.74
C GLY X 33 53.61 -62.48 -11.48
N VAL X 34 52.63 -62.94 -10.70
CA VAL X 34 51.38 -63.40 -11.28
C VAL X 34 50.66 -62.20 -11.87
N GLU X 35 50.20 -62.33 -13.11
CA GLU X 35 49.63 -61.18 -13.81
C GLU X 35 48.22 -60.97 -13.28
N TRP X 36 48.08 -60.05 -12.33
CA TRP X 36 46.91 -60.00 -11.45
C TRP X 36 45.65 -59.54 -12.16
N ALA X 37 45.76 -58.64 -13.13
CA ALA X 37 44.57 -58.02 -13.70
C ALA X 37 43.76 -58.96 -14.57
N GLY X 38 44.39 -59.99 -15.12
CA GLY X 38 43.70 -60.92 -15.98
C GLY X 38 43.34 -62.20 -15.26
N THR X 39 44.12 -62.58 -14.27
CA THR X 39 43.77 -63.76 -13.50
C THR X 39 42.66 -63.48 -12.50
N THR X 40 42.41 -62.22 -12.14
CA THR X 40 41.24 -61.91 -11.33
C THR X 40 39.97 -62.05 -12.15
N ALA X 41 40.01 -61.60 -13.40
CA ALA X 41 38.85 -61.68 -14.28
C ALA X 41 38.58 -63.09 -14.77
N LEU X 42 39.49 -64.05 -14.55
CA LEU X 42 39.19 -65.44 -14.83
C LEU X 42 38.87 -66.25 -13.58
N VAL X 43 39.34 -65.83 -12.41
CA VAL X 43 38.85 -66.43 -11.17
C VAL X 43 37.44 -65.93 -10.85
N LEU X 44 37.06 -64.77 -11.34
CA LEU X 44 35.70 -64.29 -11.11
C LEU X 44 34.76 -64.47 -12.29
N THR X 45 35.23 -65.00 -13.43
CA THR X 45 34.28 -65.44 -14.45
C THR X 45 34.00 -66.93 -14.37
N THR X 46 34.72 -67.66 -13.53
CA THR X 46 34.25 -68.94 -13.03
C THR X 46 33.50 -68.78 -11.73
N GLY X 47 33.21 -67.55 -11.34
CA GLY X 47 32.28 -67.27 -10.27
C GLY X 47 30.94 -66.90 -10.87
N LEU X 48 30.97 -66.36 -12.08
CA LEU X 48 29.74 -66.09 -12.81
C LEU X 48 29.02 -67.38 -13.18
N THR X 49 29.74 -68.34 -13.72
CA THR X 49 29.14 -69.61 -14.14
C THR X 49 29.06 -70.62 -13.02
N LEU X 50 29.36 -70.23 -11.79
CA LEU X 50 29.23 -71.09 -10.64
C LEU X 50 28.12 -70.65 -9.70
N ILE X 51 27.88 -69.34 -9.60
CA ILE X 51 26.66 -68.87 -8.96
C ILE X 51 25.46 -69.26 -9.80
N THR X 52 25.52 -69.02 -11.11
CA THR X 52 24.41 -69.35 -11.99
C THR X 52 24.34 -70.85 -12.23
N GLY X 53 25.50 -71.50 -12.36
CA GLY X 53 25.52 -72.92 -12.72
C GLY X 53 25.09 -73.83 -11.58
N THR X 54 25.62 -73.61 -10.39
CA THR X 54 25.23 -74.40 -9.25
C THR X 54 23.94 -73.92 -8.61
N PHE X 55 23.27 -72.92 -9.17
CA PHE X 55 21.90 -72.64 -8.77
C PHE X 55 20.90 -73.47 -9.53
N PHE X 56 21.13 -73.73 -10.82
CA PHE X 56 20.16 -74.51 -11.57
C PHE X 56 20.25 -75.99 -11.25
N ARG X 57 21.31 -76.43 -10.55
CA ARG X 57 21.29 -77.77 -9.97
C ARG X 57 20.21 -77.88 -8.91
N PHE X 58 20.07 -76.85 -8.09
CA PHE X 58 19.02 -76.90 -7.07
C PHE X 58 17.65 -76.64 -7.65
N VAL X 59 17.56 -76.23 -8.91
CA VAL X 59 16.30 -76.24 -9.65
C VAL X 59 16.28 -77.40 -10.66
N ALA X 60 17.25 -78.32 -10.57
CA ALA X 60 17.16 -79.58 -11.29
C ALA X 60 16.90 -80.77 -10.37
N ARG X 61 17.22 -80.65 -9.09
CA ARG X 61 16.96 -81.71 -8.13
C ARG X 61 15.63 -81.53 -7.42
N ARG X 62 15.22 -80.29 -7.18
CA ARG X 62 13.93 -79.97 -6.58
C ARG X 62 12.77 -80.13 -7.55
N LEU X 63 13.03 -79.81 -8.82
CA LEU X 63 11.96 -79.74 -9.85
C LEU X 63 11.99 -80.95 -10.80
N ASP X 64 10.80 -81.52 -11.02
CA ASP X 64 10.61 -82.67 -11.90
C ASP X 64 10.59 -82.22 -13.35
N THR X 65 10.52 -83.19 -14.27
CA THR X 65 10.59 -82.88 -15.68
C THR X 65 9.30 -82.20 -16.14
N ARG X 66 9.41 -80.90 -16.40
CA ARG X 66 8.32 -80.07 -16.85
C ARG X 66 8.20 -80.27 -18.36
N PRO X 67 7.09 -79.90 -19.02
CA PRO X 67 6.96 -80.27 -20.44
C PRO X 67 7.85 -79.50 -21.39
N GLU X 68 8.65 -78.55 -20.89
CA GLU X 68 9.75 -78.03 -21.70
C GLU X 68 10.99 -78.92 -21.64
N ASP X 69 10.91 -80.09 -21.03
CA ASP X 69 12.02 -81.02 -20.97
C ASP X 69 11.68 -82.39 -21.52
N TYR X 70 10.40 -82.75 -21.58
CA TYR X 70 10.06 -84.09 -21.99
C TYR X 70 10.15 -84.20 -23.51
N GLU X 71 10.61 -85.37 -23.97
CA GLU X 71 11.02 -85.56 -25.36
C GLU X 71 9.85 -85.43 -26.31
N ASP X 72 8.83 -86.26 -26.13
CA ASP X 72 7.60 -86.19 -26.92
C ASP X 72 6.43 -85.87 -25.99
N ALA X 73 6.26 -84.59 -25.71
CA ALA X 73 5.14 -84.09 -24.93
C ALA X 73 4.16 -83.41 -25.87
N GLU X 74 2.88 -83.75 -25.74
CA GLU X 74 1.87 -83.12 -26.57
C GLU X 74 1.66 -81.69 -26.15
N ILE X 75 1.03 -80.91 -27.03
CA ILE X 75 0.92 -79.48 -26.79
C ILE X 75 -0.12 -79.16 -25.73
N SER X 76 -1.02 -80.09 -25.44
CA SER X 76 -1.98 -79.95 -24.35
C SER X 76 -1.47 -80.60 -23.07
N ASP X 77 -0.26 -80.21 -22.64
CA ASP X 77 0.28 -80.64 -21.36
C ASP X 77 0.45 -79.50 -20.39
N GLY X 78 1.15 -78.44 -20.78
CA GLY X 78 1.22 -77.25 -19.96
C GLY X 78 0.16 -76.26 -20.36
N ALA X 79 -1.11 -76.67 -20.31
CA ALA X 79 -2.22 -75.87 -20.80
C ALA X 79 -2.81 -74.97 -19.74
N GLY X 80 -2.06 -74.64 -18.69
CA GLY X 80 -2.57 -73.79 -17.64
C GLY X 80 -2.37 -72.32 -17.93
N GLU X 81 -2.08 -71.54 -16.89
CA GLU X 81 -1.79 -70.12 -17.05
C GLU X 81 -0.29 -69.89 -16.93
N LEU X 82 0.23 -69.04 -17.81
CA LEU X 82 1.65 -68.72 -17.79
C LEU X 82 1.98 -67.87 -16.57
N GLY X 83 1.36 -66.71 -16.47
CA GLY X 83 1.61 -65.83 -15.36
C GLY X 83 1.41 -64.40 -15.81
N PHE X 84 1.86 -63.47 -14.97
CA PHE X 84 1.64 -62.07 -15.22
C PHE X 84 2.69 -61.48 -16.14
N PHE X 85 2.25 -60.61 -17.04
CA PHE X 85 3.12 -59.84 -17.91
C PHE X 85 2.58 -58.43 -17.97
N ALA X 86 3.46 -57.45 -17.92
CA ALA X 86 2.98 -56.09 -18.00
C ALA X 86 2.52 -55.81 -19.42
N PRO X 87 1.24 -55.51 -19.65
CA PRO X 87 0.77 -55.35 -21.03
C PRO X 87 1.23 -54.04 -21.67
N HIS X 88 1.48 -53.03 -20.84
CA HIS X 88 1.98 -51.72 -21.26
C HIS X 88 2.42 -50.95 -20.03
N SER X 89 3.48 -50.16 -20.16
CA SER X 89 3.98 -49.34 -19.07
C SER X 89 4.86 -48.23 -19.62
N TRP X 90 4.59 -47.00 -19.20
CA TRP X 90 5.40 -45.83 -19.51
C TRP X 90 6.43 -45.53 -18.46
N TRP X 91 6.73 -46.47 -17.60
CA TRP X 91 7.82 -46.30 -16.66
C TRP X 91 9.22 -46.61 -17.20
N PRO X 92 9.48 -47.63 -18.04
CA PRO X 92 10.84 -47.80 -18.57
C PRO X 92 11.39 -46.64 -19.40
N ILE X 93 10.54 -45.82 -20.01
CA ILE X 93 11.04 -44.61 -20.65
C ILE X 93 11.48 -43.60 -19.60
N LEU X 94 10.89 -43.63 -18.41
CA LEU X 94 11.27 -42.66 -17.39
C LEU X 94 12.46 -43.09 -16.57
N ILE X 95 12.70 -44.38 -16.42
CA ILE X 95 13.88 -44.82 -15.68
C ILE X 95 15.13 -44.60 -16.50
N SER X 96 15.03 -44.76 -17.81
CA SER X 96 16.17 -44.52 -18.68
C SER X 96 16.48 -43.04 -18.79
N LEU X 97 15.47 -42.19 -18.81
CA LEU X 97 15.72 -40.75 -18.70
C LEU X 97 16.33 -40.38 -17.37
N SER X 98 15.92 -41.07 -16.31
CA SER X 98 16.42 -40.73 -14.98
C SER X 98 17.84 -41.20 -14.78
N PHE X 99 18.18 -42.36 -15.31
CA PHE X 99 19.55 -42.85 -15.19
C PHE X 99 20.49 -42.14 -16.15
N SER X 100 19.96 -41.61 -17.26
CA SER X 100 20.80 -40.84 -18.16
C SER X 100 21.09 -39.46 -17.58
N THR X 101 20.12 -38.85 -16.92
CA THR X 101 20.36 -37.57 -16.28
C THR X 101 21.05 -37.69 -14.94
N ALA X 102 21.29 -38.91 -14.44
CA ALA X 102 22.26 -39.09 -13.38
C ALA X 102 23.63 -39.41 -13.93
N ALA X 103 23.73 -39.68 -15.24
CA ALA X 103 24.99 -39.97 -15.89
C ALA X 103 25.52 -38.83 -16.74
N VAL X 104 24.67 -37.89 -17.13
CA VAL X 104 25.18 -36.61 -17.62
C VAL X 104 25.80 -35.84 -16.47
N GLY X 105 25.19 -35.92 -15.28
CA GLY X 105 25.74 -35.27 -14.11
C GLY X 105 27.03 -35.86 -13.60
N ALA X 106 27.27 -37.15 -13.84
CA ALA X 106 28.55 -37.72 -13.50
C ALA X 106 29.57 -37.54 -14.61
N ALA X 107 29.13 -37.16 -15.81
CA ALA X 107 30.01 -36.89 -16.93
C ALA X 107 30.49 -35.44 -16.93
N LEU X 108 29.57 -34.50 -16.79
CA LEU X 108 29.95 -33.10 -16.68
C LEU X 108 30.44 -32.74 -15.29
N TRP X 109 30.31 -33.67 -14.33
CA TRP X 109 30.63 -33.51 -12.92
C TRP X 109 29.89 -32.31 -12.31
N LEU X 110 28.57 -32.48 -12.27
CA LEU X 110 27.68 -31.56 -11.59
C LEU X 110 27.06 -32.31 -10.43
N PRO X 111 27.52 -32.10 -9.20
CA PRO X 111 26.98 -32.86 -8.06
C PRO X 111 25.54 -32.54 -7.73
N TRP X 112 25.03 -31.38 -8.14
CA TRP X 112 23.61 -31.09 -7.97
C TRP X 112 22.75 -31.80 -9.00
N LEU X 113 23.33 -32.26 -10.10
CA LEU X 113 22.57 -32.96 -11.12
C LEU X 113 22.76 -34.47 -11.05
N ILE X 114 23.78 -34.94 -10.34
CA ILE X 114 23.82 -36.34 -9.93
C ILE X 114 22.70 -36.61 -8.94
N ALA X 115 22.62 -35.80 -7.88
CA ALA X 115 21.64 -36.01 -6.82
C ALA X 115 20.22 -35.81 -7.30
N ALA X 116 20.00 -34.88 -8.23
CA ALA X 116 18.69 -34.76 -8.83
C ALA X 116 18.41 -35.88 -9.81
N GLY X 117 19.44 -36.53 -10.33
CA GLY X 117 19.26 -37.66 -11.20
C GLY X 117 18.99 -38.94 -10.44
N VAL X 118 19.68 -39.11 -9.30
CA VAL X 118 19.46 -40.27 -8.46
C VAL X 118 18.06 -40.23 -7.85
N ALA X 119 17.59 -39.04 -7.47
CA ALA X 119 16.23 -38.90 -6.96
C ALA X 119 15.20 -39.14 -8.05
N PHE X 120 15.55 -38.88 -9.30
CA PHE X 120 14.66 -39.25 -10.40
C PHE X 120 14.68 -40.76 -10.63
N VAL X 121 15.79 -41.44 -10.33
CA VAL X 121 15.86 -42.88 -10.53
C VAL X 121 14.97 -43.60 -9.54
N ILE X 122 14.98 -43.16 -8.28
CA ILE X 122 14.22 -43.85 -7.24
C ILE X 122 12.72 -43.68 -7.46
N THR X 123 12.27 -42.47 -7.76
CA THR X 123 10.84 -42.24 -7.99
C THR X 123 10.34 -42.88 -9.28
N SER X 124 11.21 -43.14 -10.24
CA SER X 124 10.81 -43.87 -11.43
C SER X 124 10.97 -45.37 -11.27
N VAL X 125 11.82 -45.82 -10.35
CA VAL X 125 11.83 -47.23 -9.98
C VAL X 125 10.75 -47.52 -8.95
N CYS X 126 10.43 -46.56 -8.07
CA CYS X 126 9.24 -46.69 -7.23
C CYS X 126 7.97 -46.71 -8.05
N GLY X 127 7.97 -46.09 -9.22
CA GLY X 127 6.81 -46.19 -10.09
C GLY X 127 6.67 -47.57 -10.70
N LEU X 128 7.75 -48.09 -11.28
CA LEU X 128 7.71 -49.34 -12.01
C LEU X 128 7.55 -50.55 -11.10
N VAL X 129 8.06 -50.47 -9.88
CA VAL X 129 7.91 -51.57 -8.94
C VAL X 129 6.52 -51.57 -8.31
N PHE X 130 6.00 -50.40 -7.95
CA PHE X 130 4.71 -50.33 -7.29
C PHE X 130 3.55 -50.38 -8.24
N GLU X 131 3.79 -50.54 -9.55
CA GLU X 131 2.80 -50.17 -10.56
C GLU X 131 1.58 -51.08 -10.53
N TYR X 132 1.80 -52.38 -10.45
CA TYR X 132 0.68 -53.31 -10.42
C TYR X 132 0.29 -53.69 -8.99
N TYR X 133 0.70 -52.89 -8.01
CA TYR X 133 0.22 -53.01 -6.64
C TYR X 133 -0.14 -51.62 -6.15
N TRP X 134 -1.34 -51.13 -6.44
CA TRP X 134 -1.78 -49.93 -5.73
C TRP X 134 -3.10 -50.10 -5.02
N GLY X 135 -4.13 -50.58 -5.69
CA GLY X 135 -5.47 -50.51 -5.16
C GLY X 135 -6.08 -49.17 -5.49
N PRO X 136 -7.39 -49.05 -5.38
CA PRO X 136 -8.08 -47.82 -5.76
C PRO X 136 -7.79 -46.71 -4.78
N GLU X 137 -8.24 -45.50 -5.14
CA GLU X 137 -8.08 -44.37 -4.24
C GLU X 137 -9.19 -44.40 -3.20
N LYS X 138 -8.82 -44.29 -1.93
CA LYS X 138 -9.77 -44.45 -0.85
C LYS X 138 -10.58 -43.19 -0.54
N HIS X 139 -10.34 -42.09 -1.28
CA HIS X 139 -10.98 -40.79 -1.09
C HIS X 139 -10.88 -40.26 0.34
N ASN Y 20 5.71 -77.15 -10.49
CA ASN Y 20 6.68 -77.77 -11.38
C ASN Y 20 7.28 -76.78 -12.38
N ARG Y 21 7.47 -75.53 -11.96
CA ARG Y 21 7.98 -74.49 -12.82
C ARG Y 21 9.14 -73.76 -12.12
N PRO Y 22 10.17 -73.34 -12.86
CA PRO Y 22 11.44 -72.99 -12.21
C PRO Y 22 11.55 -71.59 -11.63
N ASN Y 23 10.44 -70.85 -11.42
CA ASN Y 23 10.42 -69.57 -10.71
C ASN Y 23 11.28 -68.51 -11.42
N MET Y 24 10.71 -68.01 -12.52
CA MET Y 24 11.36 -67.07 -13.43
C MET Y 24 12.02 -65.87 -12.77
N VAL Y 25 11.29 -65.16 -11.90
CA VAL Y 25 11.84 -63.94 -11.33
C VAL Y 25 12.92 -64.25 -10.30
N SER Y 26 12.93 -65.45 -9.75
CA SER Y 26 14.07 -65.90 -8.95
C SER Y 26 15.19 -66.47 -9.80
N VAL Y 27 14.93 -66.78 -11.07
CA VAL Y 27 16.01 -67.14 -11.98
C VAL Y 27 16.70 -65.90 -12.50
N GLY Y 28 15.92 -64.90 -12.90
CA GLY Y 28 16.46 -63.72 -13.54
C GLY Y 28 17.29 -62.83 -12.65
N THR Y 29 17.17 -63.00 -11.34
CA THR Y 29 18.02 -62.23 -10.43
C THR Y 29 19.40 -62.86 -10.32
N ILE Y 30 19.46 -64.19 -10.16
CA ILE Y 30 20.74 -64.86 -9.98
C ILE Y 30 21.54 -64.86 -11.27
N VAL Y 31 20.86 -64.85 -12.41
CA VAL Y 31 21.55 -64.57 -13.67
C VAL Y 31 22.10 -63.15 -13.66
N TRP Y 32 21.36 -62.20 -13.10
CA TRP Y 32 21.89 -60.84 -13.00
C TRP Y 32 22.90 -60.69 -11.88
N LEU Y 33 22.74 -61.39 -10.77
CA LEU Y 33 23.72 -61.29 -9.68
C LEU Y 33 25.05 -61.92 -10.03
N SER Y 34 25.10 -62.71 -11.09
CA SER Y 34 26.37 -63.15 -11.64
C SER Y 34 27.07 -62.03 -12.40
N SER Y 35 26.34 -61.02 -12.86
CA SER Y 35 26.97 -59.92 -13.56
C SER Y 35 27.67 -58.99 -12.58
N GLU Y 36 27.07 -58.76 -11.42
CA GLU Y 36 27.64 -57.84 -10.45
C GLU Y 36 28.90 -58.40 -9.81
N LEU Y 37 29.07 -59.72 -9.84
CA LEU Y 37 30.34 -60.30 -9.43
C LEU Y 37 31.45 -59.93 -10.42
N MET Y 38 31.11 -59.80 -11.71
CA MET Y 38 32.09 -59.30 -12.68
C MET Y 38 32.29 -57.81 -12.58
N PHE Y 39 31.37 -57.09 -11.95
CA PHE Y 39 31.62 -55.69 -11.65
C PHE Y 39 32.68 -55.56 -10.57
N PHE Y 40 32.74 -56.51 -9.65
CA PHE Y 40 33.79 -56.58 -8.67
C PHE Y 40 34.94 -57.47 -9.13
N ALA Y 41 35.02 -57.75 -10.43
CA ALA Y 41 36.22 -58.33 -11.02
C ALA Y 41 37.11 -57.26 -11.59
N GLY Y 42 36.55 -56.14 -11.99
CA GLY Y 42 37.31 -54.99 -12.38
C GLY Y 42 37.61 -54.03 -11.27
N LEU Y 43 37.07 -54.29 -10.08
CA LEU Y 43 37.43 -53.53 -8.90
C LEU Y 43 38.41 -54.26 -8.00
N PHE Y 44 38.48 -55.58 -8.07
CA PHE Y 44 39.59 -56.27 -7.43
C PHE Y 44 40.86 -56.13 -8.25
N ALA Y 45 40.74 -56.16 -9.57
CA ALA Y 45 41.90 -56.08 -10.44
C ALA Y 45 42.58 -54.72 -10.37
N MET Y 46 41.86 -53.68 -9.97
CA MET Y 46 42.51 -52.41 -9.68
C MET Y 46 43.27 -52.46 -8.37
N TYR Y 47 42.82 -53.29 -7.43
CA TYR Y 47 43.49 -53.40 -6.14
C TYR Y 47 44.75 -54.25 -6.24
N PHE Y 48 44.67 -55.39 -6.92
CA PHE Y 48 45.81 -56.31 -6.94
C PHE Y 48 46.91 -55.85 -7.88
N THR Y 49 46.64 -54.93 -8.80
CA THR Y 49 47.72 -54.41 -9.61
C THR Y 49 48.29 -53.11 -9.06
N ALA Y 50 47.62 -52.46 -8.12
CA ALA Y 50 48.17 -51.38 -7.34
C ALA Y 50 48.78 -51.86 -6.04
N ARG Y 51 48.85 -53.17 -5.86
CA ARG Y 51 49.50 -53.80 -4.72
C ARG Y 51 50.81 -54.47 -5.09
N ALA Y 52 50.88 -55.08 -6.28
CA ALA Y 52 52.08 -55.78 -6.70
C ALA Y 52 53.06 -54.86 -7.42
N GLN Y 53 52.60 -54.15 -8.45
CA GLN Y 53 53.47 -53.29 -9.24
C GLN Y 53 53.73 -51.95 -8.58
N ALA Y 54 53.20 -51.69 -7.39
CA ALA Y 54 53.47 -50.45 -6.69
C ALA Y 54 53.88 -50.64 -5.24
N GLY Y 55 53.59 -51.79 -4.63
CA GLY Y 55 53.93 -51.96 -3.23
C GLY Y 55 55.27 -52.62 -3.01
N GLY Y 56 56.29 -51.81 -2.76
CA GLY Y 56 57.57 -52.33 -2.33
C GLY Y 56 57.51 -52.66 -0.85
N ALA Y 57 56.97 -51.73 -0.07
CA ALA Y 57 56.65 -51.95 1.32
C ALA Y 57 55.22 -52.48 1.40
N TRP Y 58 54.61 -52.44 2.59
CA TRP Y 58 53.19 -52.69 2.71
C TRP Y 58 52.42 -51.61 1.94
N PRO Y 59 51.26 -51.95 1.37
CA PRO Y 59 50.52 -50.97 0.55
C PRO Y 59 50.04 -49.74 1.34
N PRO Y 60 49.59 -49.84 2.63
CA PRO Y 60 49.36 -48.57 3.33
C PRO Y 60 50.65 -47.96 3.83
N GLU Y 61 51.18 -46.93 3.17
CA GLU Y 61 52.42 -46.37 3.73
C GLU Y 61 52.18 -45.28 4.80
N PRO Y 62 51.34 -44.25 4.62
CA PRO Y 62 51.09 -43.35 5.74
C PRO Y 62 49.81 -43.62 6.52
N THR Y 63 49.07 -44.69 6.20
CA THR Y 63 47.80 -44.98 6.84
C THR Y 63 47.86 -46.31 7.57
N GLU Y 64 46.98 -46.44 8.56
CA GLU Y 64 46.85 -47.67 9.34
C GLU Y 64 45.38 -48.04 9.41
N LEU Y 65 45.06 -49.28 9.06
CA LEU Y 65 43.70 -49.78 9.09
C LEU Y 65 43.42 -50.41 10.44
N ASN Y 66 42.46 -49.84 11.17
CA ASN Y 66 42.03 -50.43 12.43
C ASN Y 66 41.03 -51.56 12.19
N LEU Y 67 41.32 -52.74 12.73
CA LEU Y 67 40.38 -53.84 12.60
C LEU Y 67 39.13 -53.61 13.45
N ALA Y 68 39.31 -53.06 14.65
CA ALA Y 68 38.19 -52.47 15.36
C ALA Y 68 37.54 -51.33 14.60
N LEU Y 69 36.20 -51.35 14.60
CA LEU Y 69 35.37 -50.41 13.82
C LEU Y 69 35.27 -50.93 12.39
N ALA Y 70 35.86 -52.10 12.13
CA ALA Y 70 35.81 -52.75 10.83
C ALA Y 70 35.40 -54.19 11.06
N VAL Y 71 36.00 -54.88 12.02
CA VAL Y 71 35.50 -56.18 12.44
C VAL Y 71 34.16 -56.11 13.19
N PRO Y 72 33.74 -55.01 13.94
CA PRO Y 72 32.35 -55.06 14.44
C PRO Y 72 31.30 -54.79 13.38
N VAL Y 73 31.59 -53.91 12.42
CA VAL Y 73 30.59 -53.62 11.38
C VAL Y 73 30.49 -54.70 10.33
N THR Y 74 31.46 -55.60 10.25
CA THR Y 74 31.31 -56.74 9.36
C THR Y 74 30.66 -57.93 10.05
N LEU Y 75 30.57 -57.93 11.38
CA LEU Y 75 29.74 -58.88 12.08
C LEU Y 75 28.27 -58.48 12.09
N VAL Y 76 27.97 -57.26 11.67
CA VAL Y 76 26.58 -56.83 11.54
C VAL Y 76 25.98 -57.34 10.23
N LEU Y 77 26.74 -57.25 9.13
CA LEU Y 77 26.26 -57.80 7.87
C LEU Y 77 26.14 -59.32 7.91
N ILE Y 78 26.99 -60.00 8.68
CA ILE Y 78 26.79 -61.44 8.88
C ILE Y 78 25.50 -61.68 9.65
N ALA Y 79 25.23 -60.85 10.65
CA ALA Y 79 23.98 -60.97 11.39
C ALA Y 79 22.84 -60.24 10.71
N SER Y 80 23.06 -59.61 9.55
CA SER Y 80 21.95 -59.11 8.75
C SER Y 80 21.42 -60.18 7.80
N SER Y 81 22.32 -60.92 7.15
CA SER Y 81 21.91 -62.02 6.28
C SER Y 81 21.35 -63.20 7.05
N PHE Y 82 21.57 -63.27 8.36
CA PHE Y 82 20.81 -64.21 9.17
C PHE Y 82 19.39 -63.71 9.35
N THR Y 83 19.22 -62.44 9.66
CA THR Y 83 17.89 -61.88 9.84
C THR Y 83 17.19 -61.63 8.51
N CYS Y 84 17.94 -61.44 7.43
CA CYS Y 84 17.31 -61.36 6.12
C CYS Y 84 16.79 -62.71 5.67
N GLN Y 85 17.44 -63.79 6.10
CA GLN Y 85 16.98 -65.12 5.76
C GLN Y 85 15.90 -65.61 6.72
N MET Y 86 15.90 -65.14 7.96
CA MET Y 86 14.80 -65.46 8.87
C MET Y 86 13.57 -64.61 8.63
N GLY Y 87 13.64 -63.65 7.71
CA GLY Y 87 12.46 -62.93 7.30
C GLY Y 87 11.89 -63.53 6.04
N VAL Y 88 12.78 -64.07 5.19
CA VAL Y 88 12.32 -64.70 3.95
C VAL Y 88 11.78 -66.09 4.20
N PHE Y 89 12.02 -66.66 5.39
CA PHE Y 89 11.30 -67.84 5.80
C PHE Y 89 9.85 -67.52 6.14
N ALA Y 90 9.59 -66.30 6.61
CA ALA Y 90 8.24 -65.85 6.86
C ALA Y 90 7.52 -65.41 5.60
N ALA Y 91 8.23 -65.23 4.50
CA ALA Y 91 7.57 -64.97 3.24
C ALA Y 91 6.98 -66.23 2.66
N GLU Y 92 7.71 -67.34 2.75
CA GLU Y 92 7.25 -68.61 2.19
C GLU Y 92 6.08 -69.17 2.97
N ARG Y 93 6.00 -68.86 4.26
CA ARG Y 93 4.91 -69.33 5.09
C ARG Y 93 3.64 -68.56 4.81
N GLY Y 94 3.76 -67.26 4.58
CA GLY Y 94 2.62 -66.39 4.37
C GLY Y 94 2.49 -65.28 5.38
N ASP Y 95 3.31 -65.24 6.42
CA ASP Y 95 3.30 -64.14 7.38
C ASP Y 95 3.83 -62.90 6.70
N VAL Y 96 2.93 -61.97 6.38
CA VAL Y 96 3.40 -60.69 5.88
C VAL Y 96 4.07 -59.91 7.00
N PHE Y 97 3.60 -60.11 8.24
CA PHE Y 97 4.15 -59.34 9.35
C PHE Y 97 5.44 -59.95 9.88
N GLY Y 98 5.62 -61.26 9.71
CA GLY Y 98 6.93 -61.82 9.95
C GLY Y 98 7.96 -61.36 8.94
N LEU Y 99 7.53 -61.15 7.69
CA LEU Y 99 8.42 -60.58 6.69
C LEU Y 99 8.73 -59.12 7.01
N ARG Y 100 7.74 -58.38 7.51
CA ARG Y 100 7.95 -56.96 7.76
C ARG Y 100 8.79 -56.70 8.99
N ARG Y 101 8.74 -57.58 9.98
CA ARG Y 101 9.52 -57.35 11.19
C ARG Y 101 11.01 -57.55 10.95
N TRP Y 102 11.37 -58.65 10.29
CA TRP Y 102 12.78 -58.96 10.13
C TRP Y 102 13.46 -58.14 9.05
N TYR Y 103 12.71 -57.53 8.13
CA TYR Y 103 13.29 -56.60 7.18
C TYR Y 103 13.34 -55.17 7.71
N VAL Y 104 13.01 -54.96 8.97
CA VAL Y 104 13.30 -53.70 9.66
C VAL Y 104 14.48 -54.00 10.57
N ILE Y 105 14.60 -55.24 11.02
CA ILE Y 105 15.84 -55.68 11.66
C ILE Y 105 16.98 -55.68 10.66
N THR Y 106 16.71 -56.12 9.43
CA THR Y 106 17.75 -56.15 8.40
C THR Y 106 18.07 -54.75 7.89
N PHE Y 107 17.04 -53.89 7.78
CA PHE Y 107 17.25 -52.54 7.26
C PHE Y 107 18.03 -51.68 8.25
N LEU Y 108 17.70 -51.75 9.53
CA LEU Y 108 18.38 -50.92 10.51
C LEU Y 108 19.81 -51.41 10.76
N MET Y 109 20.06 -52.70 10.55
CA MET Y 109 21.43 -53.20 10.69
C MET Y 109 22.26 -52.94 9.46
N GLY Y 110 21.64 -52.95 8.27
CA GLY Y 110 22.36 -52.52 7.08
C GLY Y 110 22.64 -51.03 7.08
N LEU Y 111 21.75 -50.24 7.68
CA LEU Y 111 22.00 -48.81 7.82
C LEU Y 111 23.07 -48.54 8.87
N PHE Y 112 23.22 -49.43 9.85
CA PHE Y 112 24.34 -49.34 10.78
C PHE Y 112 25.66 -49.62 10.07
N PHE Y 113 25.64 -50.44 9.01
CA PHE Y 113 26.86 -50.72 8.28
C PHE Y 113 27.33 -49.52 7.48
N VAL Y 114 26.41 -48.87 6.76
CA VAL Y 114 26.76 -47.70 5.96
C VAL Y 114 27.17 -46.55 6.87
N LEU Y 115 26.46 -46.36 7.99
CA LEU Y 115 26.89 -45.39 8.99
C LEU Y 115 28.16 -45.82 9.70
N GLY Y 116 28.49 -47.10 9.71
CA GLY Y 116 29.73 -47.55 10.29
C GLY Y 116 30.87 -47.42 9.31
N GLN Y 117 30.64 -47.82 8.06
CA GLN Y 117 31.66 -47.71 7.04
C GLN Y 117 31.86 -46.27 6.62
N GLY Y 118 30.82 -45.44 6.73
CA GLY Y 118 30.98 -44.03 6.45
C GLY Y 118 31.79 -43.30 7.50
N TYR Y 119 31.75 -43.77 8.74
CA TYR Y 119 32.60 -43.22 9.78
C TYR Y 119 34.04 -43.73 9.68
N GLU Y 120 34.24 -44.88 9.04
CA GLU Y 120 35.59 -45.33 8.75
C GLU Y 120 36.28 -44.43 7.73
N TYR Y 121 35.51 -43.83 6.83
CA TYR Y 121 36.12 -42.94 5.83
C TYR Y 121 36.57 -41.63 6.47
N ILE Y 122 35.78 -41.10 7.40
CA ILE Y 122 36.13 -39.85 8.07
C ILE Y 122 37.36 -40.04 8.94
N HIS Y 123 37.53 -41.24 9.52
CA HIS Y 123 38.74 -41.55 10.25
C HIS Y 123 39.95 -41.67 9.34
N LEU Y 124 39.76 -41.88 8.04
CA LEU Y 124 40.86 -42.06 7.12
C LEU Y 124 41.07 -40.89 6.17
N VAL Y 125 40.15 -39.93 6.12
CA VAL Y 125 40.36 -38.75 5.29
C VAL Y 125 41.00 -37.62 6.09
N GLU Y 126 40.41 -37.23 7.21
CA GLU Y 126 40.95 -36.15 8.04
C GLU Y 126 42.14 -36.58 8.90
N HIS Y 127 42.66 -37.79 8.70
CA HIS Y 127 43.81 -38.27 9.46
C HIS Y 127 44.84 -38.87 8.51
N GLY Y 128 44.38 -39.35 7.37
CA GLY Y 128 45.24 -40.07 6.45
C GLY Y 128 45.10 -39.65 4.99
N THR Y 129 44.81 -40.63 4.13
CA THR Y 129 44.78 -40.42 2.69
C THR Y 129 43.37 -40.48 2.13
N THR Y 130 43.18 -39.75 1.04
CA THR Y 130 41.93 -39.67 0.31
C THR Y 130 42.18 -40.23 -1.09
N ILE Y 131 41.21 -40.04 -1.99
CA ILE Y 131 41.33 -40.56 -3.37
C ILE Y 131 42.48 -39.86 -4.10
N PRO Y 132 42.69 -38.54 -4.03
CA PRO Y 132 43.99 -38.02 -4.46
C PRO Y 132 45.08 -38.32 -3.44
N GLY Y 133 46.31 -38.18 -3.89
CA GLY Y 133 47.46 -38.28 -3.00
C GLY Y 133 48.08 -39.64 -2.87
N SER Y 134 47.28 -40.69 -2.84
CA SER Y 134 47.80 -42.03 -2.64
C SER Y 134 47.15 -42.98 -3.63
N ALA Y 135 47.95 -43.91 -4.17
CA ALA Y 135 47.41 -44.94 -5.05
C ALA Y 135 46.65 -45.99 -4.29
N TYR Y 136 46.91 -46.12 -2.99
CA TYR Y 136 46.13 -47.03 -2.16
C TYR Y 136 44.78 -46.42 -1.79
N GLY Y 137 44.72 -45.11 -1.57
CA GLY Y 137 43.46 -44.47 -1.26
C GLY Y 137 42.49 -44.38 -2.41
N SER Y 138 42.93 -44.68 -3.63
CA SER Y 138 42.06 -44.71 -4.79
C SER Y 138 41.58 -46.10 -5.13
N VAL Y 139 42.20 -47.14 -4.58
CA VAL Y 139 41.70 -48.50 -4.72
C VAL Y 139 41.01 -48.97 -3.46
N PHE Y 140 41.21 -48.28 -2.34
CA PHE Y 140 40.47 -48.58 -1.11
C PHE Y 140 39.10 -47.91 -1.13
N TYR Y 141 39.00 -46.72 -1.72
CA TYR Y 141 37.76 -45.97 -1.73
C TYR Y 141 36.89 -46.26 -2.94
N LEU Y 142 37.35 -47.08 -3.88
CA LEU Y 142 36.49 -47.53 -4.97
C LEU Y 142 36.03 -48.97 -4.80
N ALA Y 143 36.89 -49.84 -4.26
CA ALA Y 143 36.44 -51.19 -3.95
C ALA Y 143 35.42 -51.18 -2.83
N THR Y 144 35.68 -50.40 -1.78
CA THR Y 144 34.73 -50.23 -0.70
C THR Y 144 33.76 -49.08 -0.97
N GLY Y 145 33.86 -48.44 -2.12
CA GLY Y 145 32.97 -47.36 -2.47
C GLY Y 145 31.82 -47.84 -3.33
N PHE Y 146 32.13 -48.62 -4.36
CA PHE Y 146 31.06 -49.22 -5.15
C PHE Y 146 30.42 -50.41 -4.47
N HIS Y 147 31.08 -51.00 -3.46
CA HIS Y 147 30.35 -51.92 -2.60
C HIS Y 147 29.36 -51.17 -1.74
N GLY Y 148 29.74 -50.00 -1.22
CA GLY Y 148 28.85 -49.25 -0.37
C GLY Y 148 27.64 -48.70 -1.11
N LEU Y 149 27.79 -48.43 -2.40
CA LEU Y 149 26.63 -48.06 -3.21
C LEU Y 149 25.74 -49.25 -3.47
N HIS Y 150 26.28 -50.46 -3.44
CA HIS Y 150 25.46 -51.66 -3.52
C HIS Y 150 24.81 -52.02 -2.19
N VAL Y 151 25.21 -51.39 -1.09
CA VAL Y 151 24.49 -51.54 0.17
C VAL Y 151 23.39 -50.50 0.28
N ILE Y 152 23.69 -49.25 -0.09
CA ILE Y 152 22.68 -48.19 -0.10
C ILE Y 152 21.60 -48.50 -1.12
N GLY Y 153 21.98 -49.02 -2.28
CA GLY Y 153 21.01 -49.50 -3.24
C GLY Y 153 20.34 -50.78 -2.83
N GLY Y 154 20.88 -51.48 -1.83
CA GLY Y 154 20.23 -52.65 -1.28
C GLY Y 154 19.27 -52.30 -0.17
N LEU Y 155 19.55 -51.22 0.56
CA LEU Y 155 18.64 -50.74 1.59
C LEU Y 155 17.44 -50.02 0.99
N VAL Y 156 17.57 -49.46 -0.20
CA VAL Y 156 16.43 -48.87 -0.89
C VAL Y 156 15.44 -49.95 -1.29
N ALA Y 157 15.94 -51.13 -1.67
CA ALA Y 157 15.05 -52.25 -1.98
C ALA Y 157 14.34 -52.81 -0.75
N PHE Y 158 14.83 -52.56 0.46
CA PHE Y 158 14.06 -52.88 1.65
C PHE Y 158 13.02 -51.82 1.98
N VAL Y 159 13.08 -50.66 1.36
CA VAL Y 159 12.00 -49.70 1.47
C VAL Y 159 10.94 -49.97 0.42
N LEU Y 160 11.37 -50.28 -0.80
CA LEU Y 160 10.47 -50.55 -1.93
C LEU Y 160 9.80 -51.90 -1.84
N LEU Y 161 10.17 -52.76 -0.90
CA LEU Y 161 9.48 -54.01 -0.71
C LEU Y 161 8.51 -53.96 0.45
N LEU Y 162 8.89 -53.33 1.55
CA LEU Y 162 8.01 -53.24 2.69
C LEU Y 162 6.88 -52.24 2.46
N ALA Y 163 7.12 -51.20 1.66
CA ALA Y 163 6.05 -50.31 1.26
C ALA Y 163 5.16 -50.90 0.18
N ARG Y 164 5.55 -52.03 -0.39
CA ARG Y 164 4.76 -52.75 -1.37
C ARG Y 164 4.00 -53.91 -0.74
N THR Y 165 4.35 -54.31 0.48
CA THR Y 165 3.50 -55.20 1.25
C THR Y 165 2.28 -54.51 1.83
N LYS Y 166 2.22 -53.18 1.77
CA LYS Y 166 1.09 -52.43 2.28
C LYS Y 166 0.04 -52.15 1.22
N MET Y 167 0.18 -52.68 0.01
CA MET Y 167 -0.70 -52.28 -1.07
C MET Y 167 -1.49 -53.42 -1.69
N SER Y 168 -1.16 -54.68 -1.41
CA SER Y 168 -1.92 -55.79 -1.92
C SER Y 168 -2.02 -56.85 -0.82
N LYS Y 169 -2.70 -57.95 -1.15
CA LYS Y 169 -3.13 -58.94 -0.16
C LYS Y 169 -2.02 -59.94 0.21
N PHE Y 170 -0.76 -59.59 -0.05
CA PHE Y 170 0.41 -60.46 0.10
C PHE Y 170 0.22 -61.75 -0.68
N THR Y 171 0.20 -61.58 -1.99
CA THR Y 171 0.14 -62.68 -2.94
C THR Y 171 1.43 -63.48 -2.90
N PRO Y 172 1.47 -64.66 -3.53
CA PRO Y 172 2.77 -65.31 -3.77
C PRO Y 172 3.73 -64.50 -4.63
N ALA Y 173 3.25 -63.54 -5.43
CA ALA Y 173 4.13 -62.60 -6.10
C ALA Y 173 4.70 -61.55 -5.16
N GLN Y 174 4.04 -61.30 -4.03
CA GLN Y 174 4.63 -60.45 -3.00
C GLN Y 174 5.69 -61.19 -2.20
N ALA Y 175 5.57 -62.50 -2.12
CA ALA Y 175 6.59 -63.30 -1.44
C ALA Y 175 7.77 -63.59 -2.33
N THR Y 176 7.54 -63.77 -3.62
CA THR Y 176 8.62 -64.14 -4.53
C THR Y 176 9.52 -62.95 -4.82
N ALA Y 177 8.97 -61.74 -4.75
CA ALA Y 177 9.82 -60.57 -4.80
C ALA Y 177 10.57 -60.35 -3.49
N ALA Y 178 10.11 -60.95 -2.39
CA ALA Y 178 10.88 -60.94 -1.16
C ALA Y 178 11.99 -61.98 -1.15
N ILE Y 179 11.88 -63.01 -1.98
CA ILE Y 179 12.99 -63.93 -2.19
C ILE Y 179 14.15 -63.21 -2.85
N VAL Y 180 13.88 -62.44 -3.91
CA VAL Y 180 14.94 -61.91 -4.74
C VAL Y 180 15.59 -60.66 -4.15
N VAL Y 181 14.91 -59.93 -3.26
CA VAL Y 181 15.58 -58.87 -2.54
C VAL Y 181 16.46 -59.47 -1.45
N SER Y 182 16.09 -60.64 -0.96
CA SER Y 182 16.98 -61.36 -0.05
C SER Y 182 18.21 -61.89 -0.77
N TYR Y 183 18.05 -62.33 -2.02
CA TYR Y 183 19.19 -62.82 -2.79
C TYR Y 183 20.20 -61.73 -3.07
N TYR Y 184 19.75 -60.50 -3.25
CA TYR Y 184 20.68 -59.39 -3.44
C TYR Y 184 21.42 -59.08 -2.16
N TRP Y 185 20.81 -59.30 -1.00
CA TRP Y 185 21.47 -58.94 0.24
C TRP Y 185 22.45 -60.00 0.69
N HIS Y 186 22.23 -61.27 0.32
CA HIS Y 186 23.26 -62.27 0.57
C HIS Y 186 24.46 -62.06 -0.33
N PHE Y 187 24.24 -61.54 -1.54
CA PHE Y 187 25.35 -61.27 -2.44
C PHE Y 187 26.21 -60.12 -1.93
N VAL Y 188 25.57 -59.08 -1.38
CA VAL Y 188 26.30 -57.95 -0.80
C VAL Y 188 27.10 -58.40 0.41
N ASP Y 189 26.55 -59.32 1.20
CA ASP Y 189 27.26 -59.85 2.35
C ASP Y 189 28.42 -60.75 1.94
N ILE Y 190 28.27 -61.53 0.87
CA ILE Y 190 29.34 -62.44 0.45
C ILE Y 190 30.50 -61.66 -0.17
N VAL Y 191 30.20 -60.63 -0.95
CA VAL Y 191 31.24 -59.79 -1.53
C VAL Y 191 32.02 -59.06 -0.45
N TRP Y 192 31.34 -58.62 0.61
CA TRP Y 192 32.06 -57.92 1.67
C TRP Y 192 32.91 -58.87 2.51
N ILE Y 193 32.56 -60.17 2.56
CA ILE Y 193 33.48 -61.15 3.12
C ILE Y 193 34.72 -61.25 2.24
N ALA Y 194 34.53 -61.22 0.92
CA ALA Y 194 35.66 -61.23 0.00
C ALA Y 194 36.42 -59.93 0.01
N LEU Y 195 35.80 -58.81 0.39
CA LEU Y 195 36.54 -57.58 0.58
C LEU Y 195 37.28 -57.57 1.91
N PHE Y 196 36.58 -57.86 3.01
CA PHE Y 196 37.18 -57.78 4.34
C PHE Y 196 38.33 -58.74 4.51
N ALA Y 197 38.25 -59.92 3.89
CA ALA Y 197 39.34 -60.87 3.96
C ALA Y 197 40.37 -60.66 2.86
N THR Y 198 40.39 -59.50 2.24
CA THR Y 198 41.41 -59.13 1.27
C THR Y 198 42.06 -57.79 1.58
N ILE Y 199 41.29 -56.79 1.99
CA ILE Y 199 41.84 -55.46 2.22
C ILE Y 199 41.97 -55.15 3.71
N TYR Y 200 41.87 -56.16 4.57
CA TYR Y 200 42.23 -56.03 5.97
C TYR Y 200 43.13 -57.17 6.45
N PHE Y 201 43.02 -58.35 5.83
CA PHE Y 201 43.79 -59.52 6.27
C PHE Y 201 44.86 -59.97 5.30
N VAL Y 202 44.81 -59.54 4.04
CA VAL Y 202 45.83 -59.86 3.04
C VAL Y 202 46.46 -58.52 2.68
N ARG Y 203 46.66 -57.69 3.70
CA ARG Y 203 47.42 -56.44 3.60
C ARG Y 203 48.77 -56.61 2.91
N SER Z 2 -18.37 -21.12 35.24
CA SER Z 2 -17.89 -22.35 34.61
C SER Z 2 -18.15 -22.34 33.11
N PRO Z 3 -17.16 -22.74 32.32
CA PRO Z 3 -17.34 -22.78 30.87
C PRO Z 3 -18.22 -23.94 30.44
N ASP Z 4 -19.05 -23.69 29.44
CA ASP Z 4 -19.97 -24.70 28.94
C ASP Z 4 -19.74 -25.04 27.47
N PHE Z 5 -19.64 -24.01 26.61
CA PHE Z 5 -19.42 -24.11 25.17
C PHE Z 5 -20.51 -24.88 24.42
N ALA Z 6 -21.66 -25.10 25.06
CA ALA Z 6 -22.85 -25.62 24.41
C ALA Z 6 -24.01 -24.66 24.51
N LYS Z 7 -24.33 -24.19 25.72
CA LYS Z 7 -25.32 -23.14 25.86
C LYS Z 7 -24.79 -21.80 25.36
N LEU Z 8 -23.48 -21.58 25.47
CA LEU Z 8 -22.89 -20.35 24.95
C LEU Z 8 -22.84 -20.36 23.43
N ALA Z 9 -22.77 -21.54 22.81
CA ALA Z 9 -22.73 -21.60 21.36
C ALA Z 9 -24.09 -21.31 20.74
N ALA Z 10 -25.17 -21.60 21.46
CA ALA Z 10 -26.51 -21.31 20.97
C ALA Z 10 -27.01 -19.94 21.37
N ALA Z 11 -26.57 -19.44 22.53
CA ALA Z 11 -26.98 -18.10 22.95
C ALA Z 11 -26.25 -17.01 22.16
N GLN Z 12 -25.08 -17.31 21.62
CA GLN Z 12 -24.38 -16.37 20.77
C GLN Z 12 -24.83 -16.49 19.32
N GLY Z 13 -25.14 -17.70 18.87
CA GLY Z 13 -25.69 -17.87 17.54
C GLY Z 13 -27.09 -17.32 17.40
N ASP Z 14 -27.82 -17.18 18.49
CA ASP Z 14 -29.12 -16.53 18.43
C ASP Z 14 -28.97 -15.01 18.46
N ALA Z 15 -27.87 -14.51 19.02
CA ALA Z 15 -27.64 -13.07 18.99
C ALA Z 15 -27.22 -12.60 17.61
N ILE Z 16 -26.52 -13.43 16.85
CA ILE Z 16 -26.19 -13.09 15.47
C ILE Z 16 -27.42 -13.18 14.59
N ASP Z 17 -28.28 -14.17 14.85
CA ASP Z 17 -29.44 -14.42 14.02
C ASP Z 17 -30.65 -13.63 14.47
N SER Z 18 -30.47 -12.64 15.34
CA SER Z 18 -31.53 -11.70 15.70
C SER Z 18 -31.19 -10.28 15.31
N ARG Z 19 -29.97 -9.84 15.60
CA ARG Z 19 -29.49 -8.57 15.07
C ARG Z 19 -29.36 -8.64 13.57
N TYR Z 20 -28.51 -9.52 13.09
CA TYR Z 20 -28.45 -9.83 11.67
C TYR Z 20 -29.41 -10.99 11.46
N HIS Z 21 -29.50 -11.50 10.23
CA HIS Z 21 -30.13 -12.79 9.99
C HIS Z 21 -29.44 -13.54 8.87
N PRO Z 22 -28.17 -13.99 9.10
CA PRO Z 22 -27.53 -14.85 8.10
C PRO Z 22 -27.72 -16.33 8.39
N SER Z 23 -28.93 -16.84 8.14
CA SER Z 23 -29.05 -18.29 8.17
C SER Z 23 -29.67 -18.77 6.87
N ALA Z 24 -30.48 -17.92 6.25
CA ALA Z 24 -30.95 -18.21 4.90
C ALA Z 24 -29.92 -17.87 3.84
N ALA Z 25 -28.81 -17.27 4.24
CA ALA Z 25 -27.70 -16.97 3.34
C ALA Z 25 -26.43 -17.72 3.69
N VAL Z 26 -26.25 -18.08 4.95
CA VAL Z 26 -25.12 -18.91 5.32
C VAL Z 26 -25.29 -20.32 4.78
N ARG Z 27 -26.51 -20.87 4.90
CA ARG Z 27 -26.76 -22.26 4.51
C ARG Z 27 -26.57 -22.47 3.01
N ARG Z 28 -26.94 -21.49 2.19
CA ARG Z 28 -26.77 -21.63 0.75
C ARG Z 28 -25.32 -21.60 0.32
N GLN Z 29 -24.43 -21.09 1.17
CA GLN Z 29 -23.00 -21.14 0.94
C GLN Z 29 -22.28 -22.04 1.92
N LEU Z 30 -23.03 -22.78 2.72
CA LEU Z 30 -22.49 -23.85 3.53
C LEU Z 30 -22.92 -25.21 3.00
N ASN Z 31 -23.93 -25.24 2.13
CA ASN Z 31 -24.26 -26.38 1.29
C ASN Z 31 -23.72 -26.23 -0.13
N LYS Z 32 -22.80 -25.30 -0.35
CA LYS Z 32 -22.16 -25.18 -1.66
C LYS Z 32 -21.36 -26.43 -1.93
N VAL Z 33 -21.43 -26.95 -3.14
CA VAL Z 33 -20.76 -28.19 -3.50
C VAL Z 33 -19.61 -27.87 -4.44
N PHE Z 34 -18.41 -28.29 -4.08
CA PHE Z 34 -17.22 -28.18 -4.89
C PHE Z 34 -16.73 -29.54 -5.34
N PRO Z 35 -16.31 -29.67 -6.60
CA PRO Z 35 -15.80 -30.95 -7.07
C PRO Z 35 -14.44 -31.29 -6.46
N THR Z 36 -14.33 -32.49 -5.91
CA THR Z 36 -13.05 -32.99 -5.44
C THR Z 36 -12.26 -33.49 -6.64
N HIS Z 37 -11.23 -32.75 -7.01
CA HIS Z 37 -10.25 -33.22 -7.98
C HIS Z 37 -8.96 -32.47 -7.74
N TRP Z 38 -7.84 -33.16 -7.95
CA TRP Z 38 -6.55 -32.61 -7.55
C TRP Z 38 -6.15 -31.42 -8.39
N SER Z 39 -6.63 -31.35 -9.63
CA SER Z 39 -6.36 -30.22 -10.50
C SER Z 39 -7.08 -28.97 -10.02
N PHE Z 40 -8.15 -29.13 -9.27
CA PHE Z 40 -8.96 -28.00 -8.85
C PHE Z 40 -8.38 -27.36 -7.60
N LEU Z 41 -7.30 -27.92 -7.07
CA LEU Z 41 -6.51 -27.34 -6.00
C LEU Z 41 -5.27 -26.63 -6.50
N LEU Z 42 -5.05 -26.60 -7.83
CA LEU Z 42 -3.89 -25.89 -8.36
C LEU Z 42 -4.08 -24.39 -8.31
N GLY Z 43 -5.32 -23.91 -8.36
CA GLY Z 43 -5.55 -22.49 -8.21
C GLY Z 43 -5.43 -22.02 -6.79
N GLU Z 44 -5.57 -22.92 -5.82
CA GLU Z 44 -5.41 -22.53 -4.43
C GLU Z 44 -3.96 -22.36 -4.03
N ILE Z 45 -3.03 -22.96 -4.77
CA ILE Z 45 -1.62 -22.76 -4.47
C ILE Z 45 -1.21 -21.33 -4.79
N ALA Z 46 -1.80 -20.75 -5.84
CA ALA Z 46 -1.54 -19.37 -6.18
C ALA Z 46 -2.23 -18.41 -5.25
N LEU Z 47 -3.26 -18.86 -4.55
CA LEU Z 47 -3.94 -18.02 -3.58
C LEU Z 47 -3.30 -18.12 -2.21
N TYR Z 48 -2.88 -19.30 -1.82
CA TYR Z 48 -2.27 -19.51 -0.52
C TYR Z 48 -0.85 -18.96 -0.48
N SER Z 49 -0.18 -18.86 -1.63
CA SER Z 49 1.07 -18.15 -1.72
C SER Z 49 0.88 -16.65 -1.83
N PHE Z 50 -0.30 -16.21 -2.27
CA PHE Z 50 -0.61 -14.79 -2.28
C PHE Z 50 -0.77 -14.24 -0.88
N ILE Z 51 -1.31 -15.04 0.03
CA ILE Z 51 -1.53 -14.56 1.40
C ILE Z 51 -0.21 -14.48 2.16
N ILE Z 52 0.70 -15.42 1.90
CA ILE Z 52 2.01 -15.39 2.53
C ILE Z 52 2.83 -14.21 2.03
N LEU Z 53 2.62 -13.80 0.78
CA LEU Z 53 3.27 -12.60 0.28
C LEU Z 53 2.67 -11.35 0.91
N LEU Z 54 1.40 -11.38 1.29
CA LEU Z 54 0.86 -10.27 2.05
C LEU Z 54 1.38 -10.28 3.48
N LEU Z 55 1.45 -11.45 4.13
CA LEU Z 55 1.85 -11.50 5.53
C LEU Z 55 3.34 -11.24 5.70
N THR Z 56 4.18 -11.91 4.91
CA THR Z 56 5.60 -11.64 4.99
C THR Z 56 5.99 -10.33 4.36
N GLY Z 57 5.14 -9.77 3.50
CA GLY Z 57 5.45 -8.48 2.92
C GLY Z 57 5.25 -7.33 3.89
N VAL Z 58 4.17 -7.37 4.67
CA VAL Z 58 3.87 -6.35 5.67
C VAL Z 58 4.96 -6.27 6.73
N TRP Z 59 5.62 -7.40 7.01
CA TRP Z 59 6.69 -7.42 8.00
C TRP Z 59 7.87 -6.57 7.56
N LEU Z 60 8.41 -6.85 6.39
CA LEU Z 60 9.55 -6.11 5.87
C LEU Z 60 9.18 -4.84 5.14
N THR Z 61 7.90 -4.46 5.16
CA THR Z 61 7.53 -3.14 4.68
C THR Z 61 7.92 -2.07 5.69
N LEU Z 62 7.89 -2.41 6.97
CA LEU Z 62 8.26 -1.50 8.04
C LEU Z 62 9.71 -1.65 8.47
N PHE Z 63 10.55 -2.21 7.60
CA PHE Z 63 12.00 -2.18 7.77
C PHE Z 63 12.74 -1.62 6.57
N PHE Z 64 12.12 -1.62 5.39
CA PHE Z 64 12.79 -1.27 4.15
C PHE Z 64 12.63 0.22 3.88
N ASP Z 65 13.73 0.85 3.47
CA ASP Z 65 13.77 2.27 3.17
C ASP Z 65 14.01 2.44 1.68
N PRO Z 66 13.08 2.97 0.92
CA PRO Z 66 13.15 2.85 -0.54
C PRO Z 66 13.89 3.93 -1.28
N SER Z 67 14.73 4.74 -0.64
CA SER Z 67 15.33 5.83 -1.40
C SER Z 67 16.55 5.37 -2.17
N MET Z 68 17.09 6.31 -2.96
CA MET Z 68 18.30 6.09 -3.71
C MET Z 68 19.42 7.03 -3.25
N ALA Z 69 19.29 7.57 -2.05
CA ALA Z 69 20.29 8.49 -1.52
C ALA Z 69 21.55 7.72 -1.16
N HIS Z 70 22.70 8.24 -1.56
CA HIS Z 70 23.96 7.56 -1.34
C HIS Z 70 24.40 7.70 0.11
N VAL Z 71 24.83 6.59 0.70
CA VAL Z 71 25.25 6.56 2.09
C VAL Z 71 26.23 5.40 2.26
N THR Z 72 27.31 5.65 3.00
CA THR Z 72 28.26 4.59 3.32
C THR Z 72 27.62 3.61 4.31
N TYR Z 73 28.17 2.39 4.36
CA TYR Z 73 27.48 1.33 5.09
C TYR Z 73 27.65 1.49 6.60
N ASP Z 74 28.87 1.31 7.09
CA ASP Z 74 29.25 1.44 8.51
C ASP Z 74 28.35 0.58 9.41
N GLY Z 75 28.30 -0.71 9.08
CA GLY Z 75 27.44 -1.62 9.81
C GLY Z 75 28.15 -2.89 10.22
N VAL Z 76 27.58 -4.04 9.89
CA VAL Z 76 28.08 -5.30 10.42
C VAL Z 76 28.68 -6.21 9.36
N TYR Z 77 28.31 -6.06 8.08
CA TYR Z 77 28.83 -6.95 7.05
C TYR Z 77 30.21 -6.46 6.63
N GLN Z 78 31.23 -7.28 6.90
CA GLN Z 78 32.61 -6.83 6.77
C GLN Z 78 33.12 -6.60 5.34
N PRO Z 79 32.75 -7.35 4.29
CA PRO Z 79 33.21 -6.94 2.95
C PRO Z 79 32.61 -5.64 2.46
N LEU Z 80 31.42 -5.28 2.91
CA LEU Z 80 30.79 -4.02 2.54
C LEU Z 80 30.97 -3.04 3.68
N ARG Z 81 32.15 -2.43 3.77
CA ARG Z 81 32.43 -1.42 4.77
C ARG Z 81 33.04 -0.21 4.10
N GLY Z 82 32.45 0.96 4.34
CA GLY Z 82 32.90 2.17 3.66
C GLY Z 82 32.60 2.17 2.18
N VAL Z 83 31.51 1.52 1.77
CA VAL Z 83 31.14 1.41 0.36
C VAL Z 83 29.98 2.36 0.11
N GLN Z 84 30.11 3.18 -0.93
CA GLN Z 84 29.04 4.07 -1.35
C GLN Z 84 27.87 3.24 -1.87
N MET Z 85 26.80 3.14 -1.10
CA MET Z 85 25.63 2.40 -1.53
C MET Z 85 24.39 3.25 -1.39
N SER Z 86 23.34 2.84 -2.09
CA SER Z 86 22.05 3.47 -1.91
C SER Z 86 21.47 3.09 -0.56
N ARG Z 87 20.51 3.87 -0.11
CA ARG Z 87 19.84 3.57 1.15
C ARG Z 87 18.90 2.38 1.02
N ALA Z 88 18.43 2.08 -0.20
CA ALA Z 88 17.63 0.88 -0.41
C ALA Z 88 18.43 -0.40 -0.31
N TYR Z 89 19.74 -0.33 -0.47
CA TYR Z 89 20.59 -1.50 -0.33
C TYR Z 89 21.16 -1.63 1.07
N GLU Z 90 21.21 -0.55 1.84
CA GLU Z 90 21.63 -0.67 3.23
C GLU Z 90 20.52 -1.26 4.08
N THR Z 91 19.29 -0.78 3.90
CA THR Z 91 18.16 -1.32 4.65
C THR Z 91 17.63 -2.62 4.07
N ALA Z 92 18.24 -3.16 3.03
CA ALA Z 92 18.03 -4.55 2.66
C ALA Z 92 19.15 -5.44 3.15
N LEU Z 93 20.30 -4.85 3.50
CA LEU Z 93 21.34 -5.55 4.24
C LEU Z 93 21.18 -5.42 5.74
N ASP Z 94 20.23 -4.62 6.20
CA ASP Z 94 19.90 -4.59 7.61
C ASP Z 94 18.79 -5.56 7.96
N ILE Z 95 17.89 -5.84 7.03
CA ILE Z 95 16.91 -6.90 7.22
C ILE Z 95 17.61 -8.25 7.28
N SER Z 96 18.59 -8.46 6.42
CA SER Z 96 19.24 -9.75 6.33
C SER Z 96 20.16 -10.03 7.51
N PHE Z 97 20.74 -9.00 8.10
CA PHE Z 97 21.84 -9.18 9.03
C PHE Z 97 21.61 -8.61 10.41
N GLU Z 98 20.84 -7.54 10.55
CA GLU Z 98 20.73 -6.86 11.83
C GLU Z 98 19.32 -6.92 12.42
N VAL Z 99 18.50 -7.86 11.97
CA VAL Z 99 17.17 -8.08 12.53
C VAL Z 99 17.04 -9.56 12.85
N ARG Z 100 16.53 -9.88 14.04
CA ARG Z 100 16.28 -11.27 14.44
C ARG Z 100 15.23 -11.89 13.54
N GLY Z 101 15.61 -12.93 12.81
CA GLY Z 101 14.67 -13.59 11.93
C GLY Z 101 14.27 -12.75 10.75
N GLY Z 102 15.16 -11.89 10.27
CA GLY Z 102 14.83 -10.98 9.20
C GLY Z 102 15.19 -11.52 7.86
N LEU Z 103 16.28 -12.29 7.81
CA LEU Z 103 16.64 -12.99 6.58
C LEU Z 103 15.65 -14.10 6.28
N PHE Z 104 15.09 -14.73 7.31
CA PHE Z 104 14.08 -15.76 7.11
C PHE Z 104 12.83 -15.21 6.45
N VAL Z 105 12.29 -14.11 6.98
CA VAL Z 105 11.08 -13.52 6.42
C VAL Z 105 11.35 -12.96 5.04
N ARG Z 106 12.56 -12.47 4.82
CA ARG Z 106 12.95 -12.01 3.49
C ARG Z 106 13.08 -13.16 2.50
N GLN Z 107 13.54 -14.32 2.96
CA GLN Z 107 13.72 -15.44 2.03
C GLN Z 107 12.41 -16.15 1.72
N VAL Z 108 11.51 -16.29 2.71
CA VAL Z 108 10.18 -16.83 2.49
C VAL Z 108 9.43 -15.96 1.49
N HIS Z 109 9.64 -14.66 1.57
CA HIS Z 109 8.94 -13.74 0.72
C HIS Z 109 9.44 -13.77 -0.73
N HIS Z 110 10.66 -14.23 -0.97
CA HIS Z 110 11.07 -14.41 -2.35
C HIS Z 110 10.65 -15.78 -2.86
N TRP Z 111 10.66 -16.81 -2.01
CA TRP Z 111 10.20 -18.13 -2.45
C TRP Z 111 8.70 -18.16 -2.65
N ALA Z 112 7.94 -17.43 -1.83
CA ALA Z 112 6.50 -17.37 -2.06
C ALA Z 112 6.18 -16.59 -3.31
N ALA Z 113 7.05 -15.64 -3.70
CA ALA Z 113 6.88 -14.94 -4.96
C ALA Z 113 7.14 -15.83 -6.14
N LEU Z 114 7.99 -16.85 -5.98
CA LEU Z 114 8.18 -17.81 -7.04
C LEU Z 114 7.04 -18.82 -7.08
N MET Z 115 6.57 -19.27 -5.92
CA MET Z 115 5.43 -20.20 -5.88
C MET Z 115 4.14 -19.52 -6.32
N PHE Z 116 4.02 -18.22 -6.10
CA PHE Z 116 2.91 -17.47 -6.66
C PHE Z 116 2.94 -17.53 -8.17
N ALA Z 117 4.08 -17.21 -8.78
CA ALA Z 117 4.14 -17.13 -10.23
C ALA Z 117 4.22 -18.51 -10.89
N ALA Z 118 4.73 -19.52 -10.18
CA ALA Z 118 4.79 -20.86 -10.76
C ALA Z 118 3.41 -21.49 -10.80
N SER Z 119 2.67 -21.39 -9.70
CA SER Z 119 1.35 -21.99 -9.60
C SER Z 119 0.26 -21.15 -10.26
N ILE Z 120 0.62 -20.03 -10.89
CA ILE Z 120 -0.21 -19.42 -11.91
C ILE Z 120 -0.05 -20.15 -13.23
N MET Z 121 1.19 -20.45 -13.60
CA MET Z 121 1.47 -21.08 -14.87
C MET Z 121 0.97 -22.52 -14.89
N VAL Z 122 1.04 -23.21 -13.75
CA VAL Z 122 0.45 -24.53 -13.64
C VAL Z 122 -1.07 -24.42 -13.69
N HIS Z 123 -1.61 -23.36 -13.09
CA HIS Z 123 -3.05 -23.20 -13.08
C HIS Z 123 -3.59 -22.72 -14.42
N LEU Z 124 -2.82 -21.94 -15.18
CA LEU Z 124 -3.20 -21.64 -16.56
C LEU Z 124 -3.23 -22.91 -17.40
N ALA Z 125 -2.29 -23.82 -17.13
CA ALA Z 125 -2.25 -25.07 -17.87
C ALA Z 125 -3.36 -26.02 -17.47
N ARG Z 126 -4.03 -25.80 -16.35
CA ARG Z 126 -5.21 -26.62 -16.13
C ARG Z 126 -6.39 -26.02 -16.88
N ILE Z 127 -6.49 -24.70 -16.88
CA ILE Z 127 -7.63 -24.04 -17.49
C ILE Z 127 -7.59 -24.18 -19.00
N PHE Z 128 -6.41 -24.10 -19.58
CA PHE Z 128 -6.30 -24.13 -21.03
C PHE Z 128 -6.58 -25.52 -21.57
N PHE Z 129 -5.97 -26.54 -20.99
CA PHE Z 129 -6.06 -27.87 -21.57
C PHE Z 129 -7.38 -28.55 -21.26
N THR Z 130 -7.92 -28.33 -20.06
CA THR Z 130 -9.21 -28.91 -19.75
C THR Z 130 -10.38 -28.17 -20.35
N GLY Z 131 -10.15 -27.00 -20.94
CA GLY Z 131 -11.22 -26.25 -21.55
C GLY Z 131 -12.15 -25.61 -20.54
N ALA Z 132 -11.61 -25.04 -19.48
CA ALA Z 132 -12.40 -24.45 -18.40
C ALA Z 132 -12.70 -22.99 -18.64
N PHE Z 133 -12.77 -22.57 -19.89
CA PHE Z 133 -12.88 -21.16 -20.23
C PHE Z 133 -13.90 -20.90 -21.32
N ARG Z 134 -14.77 -21.86 -21.64
CA ARG Z 134 -15.39 -21.83 -22.96
C ARG Z 134 -16.61 -20.92 -23.04
N ARG Z 135 -17.73 -21.28 -22.42
CA ARG Z 135 -18.84 -20.34 -22.56
C ARG Z 135 -19.05 -19.38 -21.39
N PRO Z 136 -19.18 -19.82 -20.10
CA PRO Z 136 -19.49 -18.82 -19.08
C PRO Z 136 -18.23 -18.23 -18.47
N ARG Z 137 -17.11 -18.90 -18.67
CA ARG Z 137 -15.88 -18.59 -17.96
C ARG Z 137 -14.95 -17.73 -18.77
N GLU Z 138 -15.46 -17.07 -19.82
CA GLU Z 138 -14.63 -16.26 -20.68
C GLU Z 138 -14.10 -15.04 -19.94
N ALA Z 139 -14.99 -14.35 -19.24
CA ALA Z 139 -14.59 -13.21 -18.45
C ALA Z 139 -13.71 -13.61 -17.29
N ASN Z 140 -13.83 -14.85 -16.83
CA ASN Z 140 -12.99 -15.31 -15.74
C ASN Z 140 -11.61 -15.69 -16.23
N TRP Z 141 -11.48 -16.02 -17.52
CA TRP Z 141 -10.16 -16.12 -18.15
C TRP Z 141 -9.49 -14.75 -18.25
N VAL Z 142 -10.25 -13.73 -18.64
CA VAL Z 142 -9.67 -12.42 -18.88
C VAL Z 142 -9.33 -11.71 -17.57
N ILE Z 143 -10.25 -11.75 -16.60
CA ILE Z 143 -9.94 -11.32 -15.24
C ILE Z 143 -8.83 -12.16 -14.65
N GLY Z 144 -8.81 -13.45 -14.99
CA GLY Z 144 -7.70 -14.30 -14.67
C GLY Z 144 -6.41 -13.84 -15.29
N SER Z 145 -6.31 -13.82 -16.62
CA SER Z 145 -5.03 -13.62 -17.31
C SER Z 145 -4.41 -12.26 -17.10
N LEU Z 146 -5.13 -11.30 -16.53
CA LEU Z 146 -4.49 -10.08 -16.06
C LEU Z 146 -3.68 -10.33 -14.79
N LEU Z 147 -4.06 -11.31 -13.98
CA LEU Z 147 -3.27 -11.64 -12.79
C LEU Z 147 -1.94 -12.28 -13.14
N LEU Z 148 -1.82 -12.92 -14.31
CA LEU Z 148 -0.51 -13.38 -14.75
C LEU Z 148 0.35 -12.23 -15.19
N ILE Z 149 -0.21 -11.28 -15.94
CA ILE Z 149 0.56 -10.15 -16.44
C ILE Z 149 0.96 -9.22 -15.30
N LEU Z 150 0.10 -9.09 -14.29
CA LEU Z 150 0.49 -8.30 -13.13
C LEU Z 150 1.54 -9.01 -12.29
N ALA Z 151 1.45 -10.33 -12.15
CA ALA Z 151 2.45 -11.07 -11.38
C ALA Z 151 3.79 -11.13 -12.06
N MET Z 152 3.86 -10.96 -13.38
CA MET Z 152 5.15 -10.77 -14.03
C MET Z 152 5.80 -9.49 -13.54
N PHE Z 153 5.03 -8.41 -13.52
CA PHE Z 153 5.56 -7.09 -13.23
C PHE Z 153 5.65 -6.80 -11.75
N GLU Z 154 4.75 -7.38 -10.95
CA GLU Z 154 4.81 -7.19 -9.50
C GLU Z 154 6.03 -7.87 -8.91
N GLY Z 155 6.41 -9.02 -9.45
CA GLY Z 155 7.65 -9.64 -9.03
C GLY Z 155 8.86 -8.91 -9.56
N PHE Z 156 8.79 -8.42 -10.80
CA PHE Z 156 9.90 -7.68 -11.40
C PHE Z 156 10.13 -6.35 -10.70
N PHE Z 157 9.06 -5.74 -10.18
CA PHE Z 157 9.22 -4.54 -9.37
C PHE Z 157 9.64 -4.87 -7.96
N GLY Z 158 9.69 -6.14 -7.60
CA GLY Z 158 10.03 -6.54 -6.25
C GLY Z 158 11.50 -6.64 -6.00
N TYR Z 159 12.21 -7.46 -6.77
CA TYR Z 159 13.64 -7.59 -6.56
C TYR Z 159 14.42 -6.45 -7.20
N SER Z 160 13.75 -5.52 -7.86
CA SER Z 160 14.42 -4.31 -8.29
C SER Z 160 14.64 -3.36 -7.13
N LEU Z 161 13.87 -3.51 -6.06
CA LEU Z 161 13.95 -2.67 -4.87
C LEU Z 161 15.24 -2.78 -4.05
N PRO Z 162 15.89 -3.95 -3.86
CA PRO Z 162 17.17 -3.92 -3.11
C PRO Z 162 18.30 -3.18 -3.80
N ASP Z 163 18.17 -2.83 -5.08
CA ASP Z 163 19.18 -2.07 -5.84
C ASP Z 163 20.52 -2.81 -5.86
N ASP Z 164 20.45 -4.10 -6.12
CA ASP Z 164 21.60 -4.97 -6.21
C ASP Z 164 22.31 -4.74 -7.54
N LEU Z 165 23.54 -5.24 -7.65
CA LEU Z 165 24.26 -5.12 -8.91
C LEU Z 165 23.67 -6.03 -9.98
N LEU Z 166 23.25 -7.23 -9.59
CA LEU Z 166 22.55 -8.11 -10.51
C LEU Z 166 21.18 -7.56 -10.87
N SER Z 167 20.54 -6.90 -9.93
CA SER Z 167 19.17 -6.43 -10.10
C SER Z 167 19.09 -5.08 -10.77
N GLY Z 168 20.12 -4.25 -10.63
CA GLY Z 168 20.09 -2.94 -11.25
C GLY Z 168 20.32 -2.98 -12.74
N THR Z 169 21.14 -3.94 -13.20
CA THR Z 169 21.37 -4.08 -14.63
C THR Z 169 20.16 -4.66 -15.35
N GLY Z 170 19.22 -5.26 -14.63
CA GLY Z 170 17.95 -5.61 -15.23
C GLY Z 170 17.06 -4.42 -15.49
N ILE Z 171 17.16 -3.38 -14.64
CA ILE Z 171 16.41 -2.15 -14.86
C ILE Z 171 17.00 -1.36 -16.02
N ARG Z 172 18.33 -1.34 -16.12
CA ARG Z 172 18.99 -0.71 -17.26
C ARG Z 172 18.67 -1.42 -18.56
N ALA Z 173 18.53 -2.75 -18.53
CA ALA Z 173 18.13 -3.47 -19.73
C ALA Z 173 16.66 -3.28 -20.02
N ALA Z 174 15.79 -3.60 -19.06
CA ALA Z 174 14.36 -3.58 -19.35
C ALA Z 174 13.80 -2.17 -19.38
N LEU Z 175 13.81 -1.47 -18.25
CA LEU Z 175 13.08 -0.21 -18.18
C LEU Z 175 13.82 0.96 -18.82
N SER Z 176 15.08 0.82 -19.20
CA SER Z 176 15.78 1.90 -19.87
C SER Z 176 16.23 1.55 -21.28
N GLY Z 177 16.28 0.28 -21.64
CA GLY Z 177 16.66 -0.08 -22.99
C GLY Z 177 15.46 -0.38 -23.85
N ILE Z 178 14.48 -1.09 -23.30
CA ILE Z 178 13.31 -1.44 -24.09
C ILE Z 178 12.39 -0.24 -24.22
N THR Z 179 12.17 0.50 -23.13
CA THR Z 179 11.26 1.64 -23.12
C THR Z 179 11.91 2.93 -23.60
N MET Z 180 13.00 2.84 -24.35
CA MET Z 180 13.59 4.00 -24.97
C MET Z 180 13.66 3.86 -26.49
N GLY Z 181 13.41 2.67 -27.02
CA GLY Z 181 13.38 2.48 -28.46
C GLY Z 181 11.98 2.36 -29.05
N ILE Z 182 10.97 2.80 -28.31
CA ILE Z 182 9.59 2.74 -28.79
C ILE Z 182 9.39 3.81 -29.85
N PRO Z 183 8.80 3.51 -31.01
CA PRO Z 183 8.93 4.42 -32.14
C PRO Z 183 8.09 5.68 -32.06
N VAL Z 184 6.86 5.61 -31.55
CA VAL Z 184 6.02 6.82 -31.51
C VAL Z 184 6.59 7.82 -30.53
N ILE Z 185 6.65 7.46 -29.26
CA ILE Z 185 7.42 8.17 -28.25
C ILE Z 185 8.21 7.15 -27.46
N GLY Z 186 9.52 7.31 -27.42
CA GLY Z 186 10.34 6.38 -26.68
C GLY Z 186 11.19 7.11 -25.67
N THR Z 187 11.54 8.35 -25.96
CA THR Z 187 12.31 9.12 -25.01
C THR Z 187 11.42 9.88 -24.03
N TRP Z 188 10.22 10.26 -24.47
CA TRP Z 188 9.25 10.89 -23.59
C TRP Z 188 8.74 9.94 -22.51
N MET Z 189 8.67 8.65 -22.82
CA MET Z 189 8.23 7.65 -21.85
C MET Z 189 9.33 7.35 -20.84
N HIS Z 190 10.59 7.65 -21.20
CA HIS Z 190 11.70 7.36 -20.30
C HIS Z 190 11.83 8.44 -19.22
N TRP Z 191 11.55 9.69 -19.58
CA TRP Z 191 11.49 10.78 -18.61
C TRP Z 191 10.23 10.78 -17.77
N ALA Z 192 9.17 10.11 -18.21
CA ALA Z 192 7.97 10.00 -17.42
C ALA Z 192 7.99 8.79 -16.50
N LEU Z 193 9.14 8.15 -16.33
CA LEU Z 193 9.23 6.92 -15.56
C LEU Z 193 10.37 7.04 -14.57
N PHE Z 194 11.41 7.77 -14.96
CA PHE Z 194 12.60 7.96 -14.15
C PHE Z 194 12.75 9.37 -13.63
N GLY Z 195 11.98 10.33 -14.14
CA GLY Z 195 12.18 11.71 -13.77
C GLY Z 195 13.42 12.33 -14.35
N GLY Z 196 14.00 11.71 -15.37
CA GLY Z 196 15.26 12.13 -15.93
C GLY Z 196 15.95 10.94 -16.55
N ASP Z 197 17.24 11.09 -16.81
CA ASP Z 197 18.01 9.98 -17.36
C ASP Z 197 18.26 8.94 -16.28
N PHE Z 198 18.54 7.72 -16.72
CA PHE Z 198 18.84 6.62 -15.82
C PHE Z 198 20.14 6.91 -15.06
N PRO Z 199 20.20 6.63 -13.74
CA PRO Z 199 19.18 6.11 -12.84
C PRO Z 199 18.19 7.15 -12.35
N GLY Z 200 18.68 8.35 -12.09
CA GLY Z 200 17.84 9.35 -11.47
C GLY Z 200 17.82 9.23 -9.96
N GLU Z 201 16.73 9.67 -9.35
CA GLU Z 201 16.59 9.65 -7.89
C GLU Z 201 15.24 9.10 -7.44
N ILE Z 202 14.22 9.08 -8.32
CA ILE Z 202 12.85 8.84 -7.95
C ILE Z 202 12.36 7.46 -8.39
N LEU Z 203 13.24 6.63 -8.96
CA LEU Z 203 12.82 5.34 -9.52
C LEU Z 203 12.36 4.37 -8.43
N ILE Z 204 13.25 4.02 -7.51
CA ILE Z 204 12.96 3.03 -6.47
C ILE Z 204 11.83 3.47 -5.53
N PRO Z 205 11.64 4.77 -5.21
CA PRO Z 205 10.35 5.13 -4.58
C PRO Z 205 9.13 4.94 -5.47
N ARG Z 206 9.24 5.14 -6.79
CA ARG Z 206 8.09 4.83 -7.65
C ARG Z 206 7.88 3.34 -7.76
N LEU Z 207 8.96 2.56 -7.76
CA LEU Z 207 8.84 1.11 -7.81
C LEU Z 207 8.52 0.50 -6.45
N TYR Z 208 8.39 1.32 -5.41
CA TYR Z 208 7.98 0.89 -4.08
C TYR Z 208 6.50 1.10 -3.87
N ALA Z 209 5.97 2.19 -4.42
CA ALA Z 209 4.55 2.48 -4.30
C ALA Z 209 3.72 1.67 -5.29
N LEU Z 210 4.28 1.39 -6.46
CA LEU Z 210 3.64 0.46 -7.39
C LEU Z 210 3.60 -0.94 -6.82
N HIS Z 211 4.55 -1.28 -5.98
CA HIS Z 211 4.76 -2.64 -5.56
C HIS Z 211 4.10 -2.98 -4.24
N ILE Z 212 3.73 -1.98 -3.46
CA ILE Z 212 3.10 -2.19 -2.17
C ILE Z 212 1.64 -1.74 -2.19
N LEU Z 213 1.38 -0.58 -2.77
CA LEU Z 213 0.03 -0.07 -2.80
C LEU Z 213 -0.71 -0.46 -4.07
N LEU Z 214 -0.17 -0.09 -5.23
CA LEU Z 214 -0.98 -0.08 -6.44
C LEU Z 214 -1.23 -1.48 -6.98
N ILE Z 215 -0.18 -2.20 -7.38
CA ILE Z 215 -0.37 -3.46 -8.07
C ILE Z 215 -0.89 -4.56 -7.15
N PRO Z 216 -0.47 -4.70 -5.88
CA PRO Z 216 -1.25 -5.57 -4.99
C PRO Z 216 -2.62 -5.05 -4.65
N GLY Z 217 -2.88 -3.75 -4.80
CA GLY Z 217 -4.24 -3.28 -4.68
C GLY Z 217 -5.09 -3.69 -5.86
N ILE Z 218 -4.47 -3.87 -7.02
CA ILE Z 218 -5.20 -4.32 -8.20
C ILE Z 218 -5.33 -5.84 -8.21
N ILE Z 219 -4.26 -6.54 -7.82
CA ILE Z 219 -4.27 -8.00 -7.80
C ILE Z 219 -5.27 -8.51 -6.76
N LEU Z 220 -5.31 -7.89 -5.58
CA LEU Z 220 -6.29 -8.29 -4.58
C LEU Z 220 -7.70 -7.92 -4.98
N ALA Z 221 -7.87 -6.86 -5.79
CA ALA Z 221 -9.19 -6.50 -6.27
C ALA Z 221 -9.61 -7.37 -7.45
N LEU Z 222 -8.66 -7.85 -8.24
CA LEU Z 222 -9.03 -8.77 -9.31
C LEU Z 222 -9.32 -10.15 -8.77
N ILE Z 223 -8.56 -10.60 -7.76
CA ILE Z 223 -8.80 -11.90 -7.13
C ILE Z 223 -10.18 -11.96 -6.49
N GLY Z 224 -10.59 -10.88 -5.81
CA GLY Z 224 -11.94 -10.82 -5.27
C GLY Z 224 -13.01 -10.83 -6.34
N ALA Z 225 -12.71 -10.28 -7.51
CA ALA Z 225 -13.61 -10.42 -8.64
C ALA Z 225 -13.43 -11.73 -9.36
N HIS Z 226 -12.36 -12.46 -9.07
CA HIS Z 226 -12.05 -13.72 -9.73
C HIS Z 226 -12.66 -14.89 -8.99
N LEU Z 227 -12.57 -14.87 -7.66
CA LEU Z 227 -13.16 -15.88 -6.82
C LEU Z 227 -14.66 -15.72 -6.68
N ALA Z 228 -15.20 -14.53 -6.90
CA ALA Z 228 -16.64 -14.39 -6.96
C ALA Z 228 -17.20 -15.04 -8.21
N LEU Z 229 -16.49 -14.95 -9.32
CA LEU Z 229 -16.96 -15.55 -10.56
C LEU Z 229 -16.73 -17.06 -10.61
N VAL Z 230 -16.11 -17.64 -9.61
CA VAL Z 230 -16.04 -19.09 -9.49
C VAL Z 230 -16.85 -19.59 -8.31
N TRP Z 231 -17.15 -18.74 -7.34
CA TRP Z 231 -18.10 -19.11 -6.30
C TRP Z 231 -19.51 -19.10 -6.84
N PHE Z 232 -19.85 -18.07 -7.62
CA PHE Z 232 -21.21 -17.86 -8.08
C PHE Z 232 -21.45 -18.36 -9.50
N GLN Z 233 -20.50 -19.09 -10.07
CA GLN Z 233 -20.74 -19.76 -11.34
C GLN Z 233 -20.61 -21.27 -11.26
N LYS Z 234 -20.50 -21.84 -10.05
CA LYS Z 234 -20.65 -23.27 -9.80
C LYS Z 234 -19.59 -24.08 -10.56
N HIS Z 235 -18.38 -24.08 -9.99
CA HIS Z 235 -17.12 -24.63 -10.51
C HIS Z 235 -17.24 -25.87 -11.38
N THR Z 236 -16.51 -25.87 -12.48
CA THR Z 236 -16.64 -26.88 -13.54
C THR Z 236 -16.18 -28.23 -13.02
N GLN Z 237 -16.62 -29.29 -13.69
CA GLN Z 237 -16.28 -30.65 -13.28
C GLN Z 237 -15.99 -31.50 -14.51
N PHE Z 238 -15.24 -32.55 -14.29
CA PHE Z 238 -15.01 -33.51 -15.35
C PHE Z 238 -16.24 -34.38 -15.54
N PRO Z 239 -16.45 -34.93 -16.73
CA PRO Z 239 -17.55 -35.88 -16.90
C PRO Z 239 -17.23 -37.19 -16.20
N GLY Z 240 -18.29 -37.88 -15.79
CA GLY Z 240 -18.14 -39.10 -15.03
C GLY Z 240 -19.46 -39.79 -14.81
N PRO Z 241 -19.57 -40.55 -13.71
CA PRO Z 241 -20.79 -41.32 -13.46
C PRO Z 241 -22.04 -40.49 -13.21
N GLY Z 242 -22.03 -39.59 -12.22
CA GLY Z 242 -23.18 -38.78 -11.95
C GLY Z 242 -23.10 -37.37 -12.47
N ARG Z 243 -22.09 -37.04 -13.26
CA ARG Z 243 -21.82 -35.67 -13.66
C ARG Z 243 -22.52 -35.42 -14.97
N THR Z 244 -23.59 -34.62 -14.95
CA THR Z 244 -24.46 -34.48 -16.11
C THR Z 244 -24.76 -33.03 -16.45
N GLU Z 245 -23.72 -32.19 -16.55
CA GLU Z 245 -23.75 -30.91 -17.27
C GLU Z 245 -24.59 -29.83 -16.58
N THR Z 246 -25.37 -30.21 -15.58
CA THR Z 246 -26.20 -29.29 -14.83
C THR Z 246 -26.19 -29.63 -13.35
N ASN Z 247 -25.32 -30.53 -12.93
CA ASN Z 247 -25.07 -30.88 -11.54
C ASN Z 247 -23.65 -30.50 -11.19
N VAL Z 248 -23.37 -30.45 -9.88
CA VAL Z 248 -22.01 -30.35 -9.37
C VAL Z 248 -21.87 -31.51 -8.41
N VAL Z 249 -21.23 -32.59 -8.84
CA VAL Z 249 -21.09 -33.79 -8.02
C VAL Z 249 -19.75 -33.72 -7.31
N GLY Z 250 -19.79 -33.40 -6.03
CA GLY Z 250 -18.58 -33.28 -5.26
C GLY Z 250 -18.87 -33.32 -3.79
N VAL Z 251 -18.20 -32.48 -3.01
CA VAL Z 251 -18.33 -32.51 -1.57
C VAL Z 251 -18.76 -31.12 -1.13
N ARG Z 252 -19.35 -31.04 0.07
CA ARG Z 252 -19.90 -29.77 0.53
C ARG Z 252 -18.82 -28.88 1.12
N VAL Z 253 -19.22 -27.83 1.83
CA VAL Z 253 -18.28 -26.84 2.34
C VAL Z 253 -18.02 -27.00 3.84
N MET Z 254 -19.03 -27.39 4.63
CA MET Z 254 -18.78 -27.30 6.06
C MET Z 254 -17.96 -28.45 6.66
N PRO Z 255 -18.30 -29.75 6.52
CA PRO Z 255 -17.41 -30.74 7.17
C PRO Z 255 -16.12 -30.92 6.39
N VAL Z 256 -16.22 -31.02 5.06
CA VAL Z 256 -15.11 -31.25 4.16
C VAL Z 256 -15.02 -30.00 3.31
N PHE Z 257 -13.83 -29.70 2.80
CA PHE Z 257 -13.42 -28.53 2.00
C PHE Z 257 -13.34 -27.25 2.84
N ALA Z 258 -13.82 -27.28 4.07
CA ALA Z 258 -13.28 -26.36 5.04
C ALA Z 258 -12.04 -26.93 5.69
N VAL Z 259 -11.95 -28.26 5.73
CA VAL Z 259 -10.81 -28.94 6.31
C VAL Z 259 -9.73 -29.20 5.27
N LYS Z 260 -10.09 -29.81 4.13
CA LYS Z 260 -9.06 -30.14 3.15
C LYS Z 260 -8.58 -28.93 2.36
N SER Z 261 -9.25 -27.78 2.46
CA SER Z 261 -8.71 -26.55 1.90
C SER Z 261 -8.06 -25.67 2.95
N GLY Z 262 -8.39 -25.85 4.23
CA GLY Z 262 -7.68 -25.16 5.28
C GLY Z 262 -6.42 -25.87 5.71
N ALA Z 263 -6.41 -27.20 5.64
CA ALA Z 263 -5.19 -27.95 5.91
C ALA Z 263 -4.21 -27.82 4.75
N PHE Z 264 -4.70 -27.62 3.54
CA PHE Z 264 -3.82 -27.43 2.41
C PHE Z 264 -3.14 -26.07 2.47
N PHE Z 265 -3.78 -25.07 3.09
CA PHE Z 265 -3.12 -23.80 3.34
C PHE Z 265 -2.04 -23.93 4.40
N ALA Z 266 -2.19 -24.88 5.33
CA ALA Z 266 -1.16 -25.11 6.32
C ALA Z 266 0.06 -25.79 5.73
N MET Z 267 -0.11 -26.54 4.65
CA MET Z 267 1.01 -27.26 4.06
C MET Z 267 1.77 -26.42 3.06
N ILE Z 268 1.06 -25.60 2.27
CA ILE Z 268 1.72 -24.69 1.34
C ILE Z 268 2.49 -23.61 2.11
N THR Z 269 2.01 -23.21 3.28
CA THR Z 269 2.81 -22.35 4.14
C THR Z 269 3.95 -23.14 4.77
N GLY Z 270 3.76 -24.44 4.99
CA GLY Z 270 4.81 -25.26 5.55
C GLY Z 270 5.93 -25.55 4.57
N VAL Z 271 5.61 -25.70 3.29
CA VAL Z 271 6.64 -25.91 2.28
C VAL Z 271 7.48 -24.66 2.09
N LEU Z 272 6.83 -23.49 2.08
CA LEU Z 272 7.55 -22.24 1.96
C LEU Z 272 8.30 -21.86 3.22
N GLY Z 273 7.89 -22.39 4.38
CA GLY Z 273 8.67 -22.19 5.59
C GLY Z 273 9.96 -22.97 5.55
N LEU Z 274 9.95 -24.18 4.98
CA LEU Z 274 11.17 -24.95 4.81
C LEU Z 274 12.08 -24.35 3.75
N MET Z 275 11.51 -23.93 2.62
CA MET Z 275 12.32 -23.42 1.54
C MET Z 275 12.89 -22.05 1.88
N GLY Z 276 12.13 -21.25 2.61
CA GLY Z 276 12.65 -19.98 3.07
C GLY Z 276 13.65 -20.10 4.19
N GLY Z 277 13.73 -21.26 4.84
CA GLY Z 277 14.72 -21.47 5.86
C GLY Z 277 15.94 -22.21 5.36
N LEU Z 278 15.72 -23.31 4.64
CA LEU Z 278 16.84 -24.16 4.25
C LEU Z 278 17.58 -23.58 3.04
N LEU Z 279 16.85 -23.22 2.00
CA LEU Z 279 17.43 -22.86 0.71
C LEU Z 279 17.58 -21.35 0.62
N THR Z 280 18.82 -20.88 0.46
CA THR Z 280 19.06 -19.47 0.22
C THR Z 280 18.56 -19.07 -1.17
N ILE Z 281 18.02 -17.86 -1.27
CA ILE Z 281 17.34 -17.44 -2.49
C ILE Z 281 18.07 -16.28 -3.19
N ASN Z 282 18.16 -15.12 -2.55
CA ASN Z 282 18.68 -13.92 -3.20
C ASN Z 282 19.79 -13.35 -2.32
N PRO Z 283 20.99 -13.88 -2.43
CA PRO Z 283 22.07 -13.35 -1.59
C PRO Z 283 22.61 -12.03 -2.16
N ILE Z 284 21.92 -10.93 -1.82
CA ILE Z 284 22.27 -9.63 -2.37
C ILE Z 284 23.50 -9.01 -1.75
N TRP Z 285 24.10 -9.66 -0.75
CA TRP Z 285 25.33 -9.14 -0.20
C TRP Z 285 26.56 -9.61 -0.97
N ASN Z 286 26.43 -10.66 -1.78
CA ASN Z 286 27.57 -11.16 -2.54
C ASN Z 286 27.95 -10.19 -3.64
N LEU Z 287 27.05 -9.97 -4.60
CA LEU Z 287 27.24 -8.89 -5.54
C LEU Z 287 26.95 -7.57 -4.84
N GLY Z 288 27.76 -6.56 -5.11
CA GLY Z 288 27.72 -5.35 -4.35
C GLY Z 288 26.53 -4.46 -4.66
N PRO Z 289 26.63 -3.19 -4.30
CA PRO Z 289 25.57 -2.24 -4.63
C PRO Z 289 25.56 -1.94 -6.11
N TYR Z 290 24.44 -1.43 -6.58
CA TYR Z 290 24.35 -1.05 -7.98
C TYR Z 290 25.04 0.29 -8.19
N LYS Z 291 26.04 0.31 -9.06
CA LYS Z 291 26.67 1.51 -9.55
C LYS Z 291 26.89 1.26 -11.03
N PRO Z 292 26.67 2.26 -11.88
CA PRO Z 292 26.66 2.01 -13.34
C PRO Z 292 28.01 1.76 -13.99
N SER Z 293 29.06 1.51 -13.21
CA SER Z 293 30.39 1.27 -13.75
C SER Z 293 30.89 -0.14 -13.51
N GLN Z 294 30.03 -1.04 -13.00
CA GLN Z 294 30.41 -2.42 -12.74
C GLN Z 294 29.30 -3.33 -13.24
N VAL Z 295 29.65 -4.58 -13.52
CA VAL Z 295 28.68 -5.63 -13.83
C VAL Z 295 29.04 -6.90 -13.08
N SER Z 296 28.15 -7.87 -13.19
CA SER Z 296 28.35 -9.22 -12.68
C SER Z 296 28.74 -10.14 -13.84
N ALA Z 297 28.86 -11.43 -13.55
CA ALA Z 297 29.21 -12.40 -14.57
C ALA Z 297 28.07 -12.65 -15.54
N GLY Z 298 26.84 -12.34 -15.15
CA GLY Z 298 25.69 -12.47 -16.01
C GLY Z 298 24.61 -11.54 -15.54
N SER Z 299 23.45 -11.62 -16.21
CA SER Z 299 22.29 -10.83 -15.82
C SER Z 299 21.06 -11.53 -16.35
N GLN Z 300 20.17 -11.91 -15.44
CA GLN Z 300 18.97 -12.64 -15.84
C GLN Z 300 17.90 -12.43 -14.78
N PRO Z 301 16.64 -12.41 -15.16
CA PRO Z 301 15.59 -12.19 -14.18
C PRO Z 301 15.20 -13.48 -13.48
N ASP Z 302 14.17 -13.42 -12.63
CA ASP Z 302 13.55 -14.63 -12.12
C ASP Z 302 12.81 -15.36 -13.22
N PHE Z 303 12.39 -16.60 -12.94
CA PHE Z 303 11.97 -17.52 -13.99
C PHE Z 303 10.70 -17.10 -14.69
N TYR Z 304 9.87 -16.28 -14.05
CA TYR Z 304 8.67 -15.77 -14.70
C TYR Z 304 9.01 -14.67 -15.70
N MET Z 305 10.05 -13.89 -15.47
CA MET Z 305 10.47 -12.88 -16.43
C MET Z 305 11.63 -13.35 -17.30
N MET Z 306 11.94 -14.65 -17.28
CA MET Z 306 13.06 -15.14 -18.07
C MET Z 306 12.73 -15.27 -19.55
N TRP Z 307 11.47 -15.47 -19.90
CA TRP Z 307 11.13 -15.63 -21.31
C TRP Z 307 11.22 -14.31 -22.06
N THR Z 308 11.18 -13.18 -21.36
CA THR Z 308 11.41 -11.91 -22.01
C THR Z 308 12.90 -11.67 -22.24
N ASP Z 309 13.74 -12.13 -21.32
CA ASP Z 309 15.18 -12.00 -21.48
C ASP Z 309 15.68 -12.87 -22.63
N GLY Z 310 15.16 -14.10 -22.72
CA GLY Z 310 15.50 -14.95 -23.85
C GLY Z 310 14.94 -14.45 -25.15
N LEU Z 311 13.84 -13.69 -25.10
CA LEU Z 311 13.30 -13.11 -26.32
C LEU Z 311 14.18 -11.98 -26.82
N ILE Z 312 14.90 -11.31 -25.92
CA ILE Z 312 15.87 -10.31 -26.33
C ILE Z 312 17.08 -10.97 -27.00
N ARG Z 313 17.56 -12.07 -26.44
CA ARG Z 313 18.82 -12.66 -26.87
C ARG Z 313 18.72 -13.37 -28.22
N LEU Z 314 17.53 -13.78 -28.64
CA LEU Z 314 17.42 -14.63 -29.81
C LEU Z 314 17.04 -13.90 -31.08
N TRP Z 315 16.28 -12.81 -31.00
CA TRP Z 315 16.03 -12.02 -32.19
C TRP Z 315 17.33 -11.35 -32.64
N PRO Z 316 17.74 -11.50 -33.87
CA PRO Z 316 19.03 -10.96 -34.30
C PRO Z 316 19.02 -9.45 -34.46
N ALA Z 317 20.16 -8.90 -34.87
CA ALA Z 317 20.36 -7.46 -34.89
C ALA Z 317 19.62 -6.85 -36.07
N TRP Z 318 18.31 -6.70 -35.92
CA TRP Z 318 17.44 -6.20 -36.98
C TRP Z 318 16.95 -4.81 -36.62
N GLU Z 319 17.45 -3.81 -37.32
CA GLU Z 319 17.06 -2.42 -37.13
C GLU Z 319 16.75 -1.82 -38.49
N PHE Z 320 15.98 -0.74 -38.51
CA PHE Z 320 15.42 -0.28 -39.78
C PHE Z 320 15.95 1.05 -40.27
N TYR Z 321 16.05 2.08 -39.41
CA TYR Z 321 16.54 3.43 -39.70
C TYR Z 321 15.72 4.07 -40.81
N PRO Z 322 14.46 4.47 -40.56
CA PRO Z 322 13.59 4.89 -41.66
C PRO Z 322 13.92 6.25 -42.23
N PHE Z 323 14.44 7.14 -41.40
CA PHE Z 323 14.71 8.54 -41.72
C PHE Z 323 15.89 8.91 -40.85
N GLY Z 324 16.01 10.17 -40.45
CA GLY Z 324 16.96 10.51 -39.41
C GLY Z 324 16.70 9.96 -38.01
N HIS Z 325 15.81 8.98 -37.87
CA HIS Z 325 15.48 8.29 -36.63
C HIS Z 325 16.07 6.89 -36.65
N THR Z 326 15.77 6.09 -35.63
CA THR Z 326 16.17 4.69 -35.62
C THR Z 326 15.16 3.86 -34.85
N ILE Z 327 15.09 2.58 -35.22
CA ILE Z 327 14.18 1.63 -34.60
C ILE Z 327 15.04 0.45 -34.13
N PRO Z 328 15.40 0.39 -32.86
CA PRO Z 328 16.39 -0.58 -32.40
C PRO Z 328 15.85 -2.00 -32.32
N GLN Z 329 16.71 -2.89 -31.82
CA GLN Z 329 16.35 -4.29 -31.67
C GLN Z 329 15.41 -4.49 -30.49
N GLY Z 330 15.43 -3.58 -29.52
CA GLY Z 330 14.63 -3.75 -28.33
C GLY Z 330 13.14 -3.56 -28.51
N VAL Z 331 12.71 -3.02 -29.66
CA VAL Z 331 11.28 -2.86 -29.90
C VAL Z 331 10.66 -4.17 -30.38
N TRP Z 332 11.46 -5.11 -30.88
CA TRP Z 332 10.95 -6.42 -31.28
C TRP Z 332 10.47 -7.23 -30.10
N VAL Z 333 10.95 -6.92 -28.90
CA VAL Z 333 10.47 -7.55 -27.69
C VAL Z 333 9.23 -6.85 -27.16
N ALA Z 334 9.21 -5.52 -27.22
CA ALA Z 334 8.07 -4.76 -26.71
C ALA Z 334 6.83 -4.96 -27.57
N VAL Z 335 7.01 -5.25 -28.86
CA VAL Z 335 5.89 -5.65 -29.70
C VAL Z 335 5.72 -7.16 -29.66
N GLY Z 336 6.72 -7.89 -29.16
CA GLY Z 336 6.64 -9.32 -29.07
C GLY Z 336 6.24 -9.79 -27.69
N MET Z 337 6.06 -8.84 -26.78
CA MET Z 337 5.52 -9.14 -25.45
C MET Z 337 4.05 -8.79 -25.37
N GLY Z 338 3.63 -7.71 -26.03
CA GLY Z 338 2.23 -7.41 -26.12
C GLY Z 338 1.47 -8.33 -27.05
N LEU Z 339 2.16 -8.89 -28.05
CA LEU Z 339 1.49 -9.83 -28.95
C LEU Z 339 1.24 -11.17 -28.27
N VAL Z 340 2.16 -11.59 -27.40
CA VAL Z 340 1.94 -12.79 -26.61
C VAL Z 340 0.84 -12.57 -25.58
N PHE Z 341 0.80 -11.37 -24.99
CA PHE Z 341 -0.24 -11.09 -24.01
C PHE Z 341 -1.59 -10.87 -24.66
N ALA Z 342 -1.63 -10.40 -25.91
CA ALA Z 342 -2.91 -10.22 -26.58
C ALA Z 342 -3.51 -11.54 -26.99
N LEU Z 343 -2.66 -12.51 -27.37
CA LEU Z 343 -3.16 -13.83 -27.73
C LEU Z 343 -3.60 -14.62 -26.51
N LEU Z 344 -3.06 -14.31 -25.35
CA LEU Z 344 -3.39 -15.06 -24.15
C LEU Z 344 -4.60 -14.49 -23.43
N ILE Z 345 -4.81 -13.17 -23.50
CA ILE Z 345 -6.04 -12.59 -22.98
C ILE Z 345 -7.21 -12.98 -23.87
N ALA Z 346 -7.05 -12.81 -25.17
CA ALA Z 346 -8.14 -12.98 -26.12
C ALA Z 346 -8.23 -14.37 -26.71
N TYR Z 347 -7.72 -15.40 -26.02
CA TYR Z 347 -7.84 -16.75 -26.55
C TYR Z 347 -9.26 -17.36 -26.59
N PRO Z 348 -10.15 -17.22 -25.59
CA PRO Z 348 -11.49 -17.83 -25.73
C PRO Z 348 -12.33 -17.27 -26.86
N PHE Z 349 -11.93 -16.13 -27.41
CA PHE Z 349 -12.56 -15.50 -28.54
C PHE Z 349 -11.87 -15.86 -29.85
N ILE Z 350 -10.68 -16.42 -29.79
CA ILE Z 350 -10.04 -16.97 -30.98
C ILE Z 350 -10.57 -18.37 -31.26
N GLU Z 351 -10.73 -19.19 -30.21
CA GLU Z 351 -11.14 -20.57 -30.42
C GLU Z 351 -12.60 -20.68 -30.83
N LYS Z 352 -13.48 -19.83 -30.28
CA LYS Z 352 -14.87 -19.90 -30.73
C LYS Z 352 -15.05 -19.29 -32.11
N LYS Z 353 -14.10 -18.50 -32.59
CA LYS Z 353 -14.21 -18.01 -33.96
C LYS Z 353 -13.80 -19.07 -34.95
N VAL Z 354 -12.82 -19.92 -34.60
CA VAL Z 354 -12.35 -20.95 -35.51
C VAL Z 354 -13.08 -22.28 -35.34
N THR Z 355 -13.90 -22.42 -34.30
CA THR Z 355 -14.68 -23.63 -34.09
C THR Z 355 -16.18 -23.41 -34.04
N GLY Z 356 -16.65 -22.21 -33.73
CA GLY Z 356 -18.08 -22.00 -33.58
C GLY Z 356 -18.65 -22.59 -32.31
N ASP Z 357 -17.84 -22.73 -31.27
CA ASP Z 357 -18.23 -23.42 -30.05
C ASP Z 357 -18.85 -22.41 -29.09
N ASP Z 358 -20.08 -22.01 -29.38
CA ASP Z 358 -20.76 -20.98 -28.62
C ASP Z 358 -21.97 -21.56 -27.89
N ALA Z 359 -21.78 -22.73 -27.28
CA ALA Z 359 -22.81 -23.38 -26.49
C ALA Z 359 -22.34 -23.48 -25.04
N HIS Z 360 -23.29 -23.59 -24.12
CA HIS Z 360 -23.00 -23.46 -22.70
C HIS Z 360 -22.34 -24.73 -22.18
N HIS Z 361 -21.08 -24.65 -21.79
CA HIS Z 361 -20.31 -25.81 -21.38
C HIS Z 361 -20.08 -25.80 -19.88
N ASN Z 362 -20.43 -26.92 -19.23
CA ASN Z 362 -20.17 -27.10 -17.80
C ASN Z 362 -19.41 -28.39 -17.50
N LEU Z 363 -19.11 -29.21 -18.50
CA LEU Z 363 -18.29 -30.38 -18.31
C LEU Z 363 -16.95 -30.14 -18.98
N LEU Z 364 -15.87 -30.40 -18.24
CA LEU Z 364 -14.54 -30.17 -18.77
C LEU Z 364 -14.21 -31.12 -19.88
N GLN Z 365 -13.46 -30.64 -20.85
CA GLN Z 365 -12.90 -31.52 -21.85
C GLN Z 365 -11.66 -32.18 -21.29
N ARG Z 366 -11.63 -33.48 -21.35
CA ARG Z 366 -10.41 -34.19 -21.05
C ARG Z 366 -9.42 -33.86 -22.15
N PRO Z 367 -8.19 -33.44 -21.82
CA PRO Z 367 -7.33 -32.82 -22.85
C PRO Z 367 -6.80 -33.75 -23.91
N ARG Z 368 -6.99 -35.07 -23.78
CA ARG Z 368 -6.72 -35.95 -24.91
C ARG Z 368 -7.84 -35.90 -25.94
N ASP Z 369 -9.02 -35.46 -25.54
CA ASP Z 369 -10.14 -35.39 -26.47
C ASP Z 369 -10.09 -34.15 -27.34
N VAL Z 370 -9.17 -33.24 -27.08
CA VAL Z 370 -9.03 -31.99 -27.82
C VAL Z 370 -7.66 -32.01 -28.48
N PRO Z 371 -7.44 -32.74 -29.59
CA PRO Z 371 -6.07 -32.94 -30.06
C PRO Z 371 -5.41 -31.70 -30.63
N VAL Z 372 -6.17 -30.68 -31.01
CA VAL Z 372 -5.56 -29.49 -31.58
C VAL Z 372 -5.14 -28.52 -30.48
N ARG Z 373 -6.04 -28.23 -29.54
CA ARG Z 373 -5.72 -27.29 -28.48
C ARG Z 373 -4.73 -27.86 -27.48
N THR Z 374 -4.67 -29.19 -27.34
CA THR Z 374 -3.57 -29.80 -26.62
C THR Z 374 -2.26 -29.59 -27.35
N ALA Z 375 -2.29 -29.65 -28.68
CA ALA Z 375 -1.10 -29.47 -29.47
C ALA Z 375 -0.70 -28.00 -29.59
N ILE Z 376 -1.67 -27.09 -29.66
CA ILE Z 376 -1.37 -25.66 -29.65
C ILE Z 376 -0.82 -25.25 -28.29
N GLY Z 377 -1.31 -25.89 -27.23
CA GLY Z 377 -0.80 -25.59 -25.90
C GLY Z 377 0.64 -26.00 -25.71
N SER Z 378 0.95 -27.26 -26.01
CA SER Z 378 2.32 -27.73 -25.86
C SER Z 378 3.27 -27.14 -26.90
N MET Z 379 2.74 -26.60 -28.00
CA MET Z 379 3.53 -25.68 -28.82
C MET Z 379 3.97 -24.47 -28.01
N ALA Z 380 3.07 -23.93 -27.19
CA ALA Z 380 3.34 -22.71 -26.43
C ALA Z 380 4.11 -22.98 -25.14
N ILE Z 381 4.03 -24.19 -24.58
CA ILE Z 381 4.97 -24.56 -23.53
C ILE Z 381 6.38 -24.69 -24.09
N ALA Z 382 6.52 -25.40 -25.22
CA ALA Z 382 7.84 -25.65 -25.80
C ALA Z 382 8.46 -24.40 -26.38
N LEU Z 383 7.68 -23.36 -26.64
CA LEU Z 383 8.25 -22.07 -26.97
C LEU Z 383 8.62 -21.29 -25.72
N TYR Z 384 7.83 -21.42 -24.66
CA TYR Z 384 8.21 -20.84 -23.38
C TYR Z 384 9.45 -21.51 -22.81
N LEU Z 385 9.50 -22.84 -22.85
CA LEU Z 385 10.64 -23.57 -22.31
C LEU Z 385 11.90 -23.35 -23.10
N LEU Z 386 11.78 -22.92 -24.36
CA LEU Z 386 12.96 -22.57 -25.12
C LEU Z 386 13.42 -21.15 -24.83
N LEU Z 387 12.48 -20.21 -24.73
CA LEU Z 387 12.84 -18.83 -24.42
C LEU Z 387 13.32 -18.68 -22.98
N THR Z 388 12.94 -19.58 -22.08
CA THR Z 388 13.42 -19.49 -20.71
C THR Z 388 14.72 -20.26 -20.48
N PHE Z 389 15.15 -21.06 -21.44
CA PHE Z 389 16.45 -21.70 -21.38
C PHE Z 389 17.48 -21.00 -22.23
N ALA Z 390 17.07 -20.11 -23.12
CA ALA Z 390 18.00 -19.34 -23.91
C ALA Z 390 18.44 -18.06 -23.21
N CYS Z 391 17.78 -17.69 -22.12
CA CYS Z 391 18.23 -16.57 -21.30
C CYS Z 391 19.25 -16.99 -20.27
N MET Z 392 19.47 -18.27 -20.10
CA MET Z 392 20.49 -18.76 -19.18
C MET Z 392 21.56 -19.52 -19.93
N ASN Z 393 21.85 -19.10 -21.16
CA ASN Z 393 22.91 -19.67 -21.97
C ASN Z 393 24.30 -19.18 -21.61
N ASP Z 394 24.43 -18.28 -20.63
CA ASP Z 394 25.71 -18.08 -19.97
C ASP Z 394 25.99 -19.12 -18.91
N ILE Z 395 24.99 -19.93 -18.57
CA ILE Z 395 25.17 -21.04 -17.65
C ILE Z 395 25.19 -22.38 -18.36
N ILE Z 396 24.44 -22.52 -19.45
CA ILE Z 396 24.52 -23.72 -20.28
C ILE Z 396 25.88 -23.81 -20.96
N ALA Z 397 26.46 -22.67 -21.33
CA ALA Z 397 27.78 -22.67 -21.95
C ALA Z 397 28.87 -23.03 -20.95
N LEU Z 398 28.72 -22.59 -19.70
CA LEU Z 398 29.77 -22.79 -18.72
C LEU Z 398 29.67 -24.15 -18.04
N LYS Z 399 28.47 -24.53 -17.62
CA LYS Z 399 28.30 -25.74 -16.84
C LYS Z 399 28.03 -26.97 -17.69
N PHE Z 400 27.33 -26.83 -18.81
CA PHE Z 400 27.04 -28.00 -19.63
C PHE Z 400 28.01 -28.17 -20.79
N HIS Z 401 28.95 -27.24 -20.97
CA HIS Z 401 30.07 -27.32 -21.93
C HIS Z 401 29.57 -27.50 -23.36
N ILE Z 402 28.88 -26.48 -23.86
CA ILE Z 402 28.45 -26.59 -25.26
C ILE Z 402 29.07 -25.51 -26.13
N SER Z 403 28.68 -24.24 -25.97
CA SER Z 403 29.30 -23.05 -26.55
C SER Z 403 28.44 -21.87 -26.13
N LEU Z 404 28.94 -20.67 -26.38
CA LEU Z 404 28.11 -19.48 -26.23
C LEU Z 404 27.51 -19.04 -27.55
N ASN Z 405 28.07 -19.48 -28.67
CA ASN Z 405 27.52 -19.19 -29.99
C ASN Z 405 26.55 -20.27 -30.44
N ALA Z 406 26.80 -21.52 -30.08
CA ALA Z 406 25.90 -22.60 -30.48
C ALA Z 406 24.60 -22.61 -29.69
N THR Z 407 24.57 -22.01 -28.50
CA THR Z 407 23.33 -21.98 -27.74
C THR Z 407 22.35 -20.96 -28.28
N THR Z 408 22.83 -19.91 -28.94
CA THR Z 408 21.86 -19.00 -29.55
C THR Z 408 21.31 -19.59 -30.83
N TRP Z 409 22.13 -20.33 -31.58
CA TRP Z 409 21.63 -20.90 -32.82
C TRP Z 409 20.77 -22.13 -32.61
N ILE Z 410 20.84 -22.79 -31.45
CA ILE Z 410 19.78 -23.75 -31.13
C ILE Z 410 18.58 -23.04 -30.55
N GLY Z 411 18.72 -21.77 -30.20
CA GLY Z 411 17.59 -20.97 -29.77
C GLY Z 411 16.98 -20.19 -30.92
N ARG Z 412 17.75 -19.97 -31.98
CA ARG Z 412 17.20 -19.29 -33.15
C ARG Z 412 16.57 -20.26 -34.15
N ILE Z 413 17.31 -21.32 -34.50
CA ILE Z 413 16.73 -22.36 -35.36
C ILE Z 413 15.65 -23.11 -34.62
N GLY Z 414 15.83 -23.33 -33.32
CA GLY Z 414 14.85 -24.06 -32.54
C GLY Z 414 13.59 -23.27 -32.23
N MET Z 415 13.61 -21.95 -32.38
CA MET Z 415 12.42 -21.16 -32.11
C MET Z 415 11.38 -21.37 -33.20
N VAL Z 416 11.82 -21.75 -34.39
CA VAL Z 416 10.93 -22.10 -35.48
C VAL Z 416 10.67 -23.61 -35.51
N VAL Z 417 11.69 -24.41 -35.25
CA VAL Z 417 11.60 -25.85 -35.42
C VAL Z 417 10.87 -26.50 -34.25
N LEU Z 418 11.31 -26.23 -33.02
CA LEU Z 418 10.79 -26.96 -31.87
C LEU Z 418 9.32 -26.70 -31.52
N PRO Z 419 8.75 -25.49 -31.67
CA PRO Z 419 7.28 -25.40 -31.62
C PRO Z 419 6.58 -26.07 -32.80
N ALA Z 420 7.28 -26.38 -33.89
CA ALA Z 420 6.62 -27.02 -35.01
C ALA Z 420 6.68 -28.54 -34.94
N ILE Z 421 7.64 -29.11 -34.23
CA ILE Z 421 7.73 -30.55 -34.07
C ILE Z 421 7.26 -31.01 -32.70
N VAL Z 422 6.65 -30.12 -31.93
CA VAL Z 422 5.95 -30.48 -30.70
C VAL Z 422 4.46 -30.36 -31.00
N TYR Z 423 4.09 -29.55 -31.99
CA TYR Z 423 2.72 -29.57 -32.49
C TYR Z 423 2.41 -30.89 -33.15
N PHE Z 424 3.37 -31.47 -33.86
CA PHE Z 424 3.11 -32.72 -34.55
C PHE Z 424 3.01 -33.86 -33.55
N VAL Z 425 3.98 -33.95 -32.64
CA VAL Z 425 4.07 -35.09 -31.76
C VAL Z 425 3.02 -35.05 -30.65
N ALA Z 426 2.39 -33.91 -30.40
CA ALA Z 426 1.32 -33.82 -29.42
C ALA Z 426 -0.07 -33.89 -30.02
N TYR Z 427 -0.24 -33.52 -31.30
CA TYR Z 427 -1.47 -33.86 -31.98
C TYR Z 427 -1.56 -35.35 -32.21
N ARG Z 428 -0.43 -36.03 -32.32
CA ARG Z 428 -0.37 -37.47 -32.48
C ARG Z 428 -0.13 -38.22 -31.19
N TRP Z 429 0.13 -37.52 -30.09
CA TRP Z 429 0.06 -38.19 -28.79
C TRP Z 429 -1.38 -38.26 -28.34
N ALA Z 430 -2.13 -37.19 -28.59
CA ALA Z 430 -3.48 -37.05 -28.05
C ALA Z 430 -4.44 -38.02 -28.70
N ILE Z 431 -4.35 -38.17 -30.03
CA ILE Z 431 -5.18 -39.15 -30.72
C ILE Z 431 -4.74 -40.56 -30.38
N SER Z 432 -3.46 -40.75 -30.08
CA SER Z 432 -3.02 -42.09 -29.74
C SER Z 432 -3.34 -42.45 -28.30
N LEU Z 433 -3.68 -41.48 -27.46
CA LEU Z 433 -4.33 -41.78 -26.19
C LEU Z 433 -5.79 -42.09 -26.38
N GLN Z 434 -6.43 -41.48 -27.38
CA GLN Z 434 -7.85 -41.74 -27.64
C GLN Z 434 -8.07 -43.15 -28.12
N ARG Z 435 -7.15 -43.67 -28.94
CA ARG Z 435 -7.27 -45.05 -29.38
C ARG Z 435 -6.91 -46.04 -28.29
N SER Z 436 -6.16 -45.61 -27.28
CA SER Z 436 -5.94 -46.47 -26.13
C SER Z 436 -7.19 -46.57 -25.26
N ASP Z 437 -8.02 -45.53 -25.26
CA ASP Z 437 -9.29 -45.60 -24.55
C ASP Z 437 -10.33 -46.41 -25.29
N ARG Z 438 -10.13 -46.69 -26.57
CA ARG Z 438 -11.07 -47.50 -27.33
C ARG Z 438 -10.66 -48.95 -27.42
N GLU Z 439 -9.42 -49.29 -27.10
CA GLU Z 439 -9.05 -50.68 -26.98
C GLU Z 439 -9.35 -51.23 -25.60
N VAL Z 440 -9.81 -50.40 -24.68
CA VAL Z 440 -10.20 -50.83 -23.35
C VAL Z 440 -11.71 -50.86 -23.21
N LEU Z 441 -12.44 -50.26 -24.15
CA LEU Z 441 -13.88 -50.39 -24.20
C LEU Z 441 -14.31 -51.53 -25.10
N GLU Z 442 -13.69 -51.65 -26.29
CA GLU Z 442 -14.08 -52.69 -27.23
C GLU Z 442 -13.61 -54.06 -26.80
N HIS Z 443 -12.48 -54.15 -26.13
CA HIS Z 443 -11.91 -55.43 -25.73
C HIS Z 443 -11.90 -55.65 -24.23
N GLY Z 444 -11.57 -54.63 -23.45
CA GLY Z 444 -11.54 -54.72 -22.00
C GLY Z 444 -10.18 -54.33 -21.45
N VAL Z 445 -10.08 -54.35 -20.13
CA VAL Z 445 -8.83 -54.03 -19.47
C VAL Z 445 -7.84 -55.16 -19.71
N GLU Z 446 -6.67 -54.81 -20.23
CA GLU Z 446 -5.65 -55.81 -20.53
C GLU Z 446 -5.05 -56.33 -19.24
N THR Z 447 -5.60 -57.43 -18.73
CA THR Z 447 -5.00 -58.13 -17.61
C THR Z 447 -3.76 -58.85 -18.12
N GLY Z 448 -2.77 -59.01 -17.25
CA GLY Z 448 -1.52 -59.57 -17.72
C GLY Z 448 -1.51 -61.07 -17.96
N ILE Z 449 -2.44 -61.81 -17.35
CA ILE Z 449 -2.34 -63.26 -17.27
C ILE Z 449 -2.66 -63.89 -18.61
N ILE Z 450 -1.80 -64.81 -19.07
CA ILE Z 450 -1.84 -65.30 -20.45
C ILE Z 450 -2.79 -66.48 -20.68
N LYS Z 451 -2.58 -67.59 -19.96
CA LYS Z 451 -3.34 -68.83 -20.15
C LYS Z 451 -3.20 -69.40 -21.56
N ARG Z 452 -2.07 -70.05 -21.86
CA ARG Z 452 -1.99 -70.98 -22.98
C ARG Z 452 -3.18 -71.93 -23.01
N LEU Z 453 -3.88 -71.93 -24.13
CA LEU Z 453 -5.03 -72.79 -24.33
C LEU Z 453 -4.55 -74.21 -24.66
N PRO Z 454 -5.45 -75.23 -24.65
CA PRO Z 454 -4.99 -76.60 -24.92
C PRO Z 454 -4.62 -76.93 -26.37
N HIS Z 455 -4.50 -75.94 -27.25
CA HIS Z 455 -4.06 -76.19 -28.62
C HIS Z 455 -3.03 -75.17 -29.07
N GLY Z 456 -2.26 -74.65 -28.13
CA GLY Z 456 -1.45 -73.46 -28.38
C GLY Z 456 -2.16 -72.22 -27.86
N ALA Z 457 -2.28 -71.20 -28.72
CA ALA Z 457 -3.25 -70.12 -28.59
C ALA Z 457 -3.05 -69.31 -27.30
N TYR Z 458 -1.95 -68.59 -27.25
CA TYR Z 458 -1.74 -67.66 -26.15
C TYR Z 458 -2.77 -66.54 -26.24
N VAL Z 459 -3.46 -66.28 -25.13
CA VAL Z 459 -4.54 -65.30 -25.09
C VAL Z 459 -4.19 -64.36 -23.93
N GLU Z 460 -5.07 -63.42 -23.55
CA GLU Z 460 -4.65 -62.43 -22.57
C GLU Z 460 -5.65 -62.22 -21.43
N LEU Z 461 -6.86 -62.78 -21.52
CA LEU Z 461 -7.87 -62.77 -20.45
C LEU Z 461 -8.26 -61.34 -20.03
N HIS Z 462 -8.90 -60.63 -20.98
CA HIS Z 462 -9.32 -59.27 -20.70
C HIS Z 462 -10.50 -59.25 -19.74
N GLN Z 463 -10.59 -58.16 -18.97
CA GLN Z 463 -11.73 -57.93 -18.09
C GLN Z 463 -12.68 -56.95 -18.76
N PRO Z 464 -13.94 -57.33 -18.98
CA PRO Z 464 -14.74 -56.63 -20.00
C PRO Z 464 -15.26 -55.24 -19.63
N LEU Z 465 -15.29 -54.88 -18.33
CA LEU Z 465 -15.85 -53.62 -17.84
C LEU Z 465 -17.30 -53.39 -18.23
N GLY Z 466 -18.09 -54.44 -18.39
CA GLY Z 466 -19.47 -54.27 -18.78
C GLY Z 466 -20.21 -55.58 -18.89
N PRO Z 467 -21.38 -55.55 -19.53
CA PRO Z 467 -22.12 -56.79 -19.76
C PRO Z 467 -21.41 -57.68 -20.78
N VAL Z 468 -21.86 -58.93 -20.84
CA VAL Z 468 -21.24 -59.92 -21.71
C VAL Z 468 -22.30 -60.46 -22.66
N ASP Z 469 -21.82 -61.03 -23.76
CA ASP Z 469 -22.66 -61.74 -24.71
C ASP Z 469 -22.67 -63.23 -24.33
N GLU Z 470 -23.56 -63.99 -24.97
CA GLU Z 470 -23.52 -65.44 -24.83
C GLU Z 470 -22.25 -66.03 -25.45
N HIS Z 471 -21.68 -65.34 -26.42
CA HIS Z 471 -20.32 -65.61 -26.89
C HIS Z 471 -19.34 -64.82 -26.02
N GLY Z 472 -18.07 -65.24 -26.03
CA GLY Z 472 -17.05 -64.71 -25.15
C GLY Z 472 -16.67 -63.26 -25.38
N HIS Z 473 -17.12 -62.66 -26.49
CA HIS Z 473 -16.80 -61.25 -26.71
C HIS Z 473 -17.68 -60.37 -25.85
N PRO Z 474 -17.16 -59.24 -25.37
CA PRO Z 474 -17.98 -58.29 -24.61
C PRO Z 474 -18.72 -57.33 -25.52
N ILE Z 475 -19.80 -56.77 -24.97
CA ILE Z 475 -20.50 -55.70 -25.69
C ILE Z 475 -19.65 -54.44 -25.65
N PRO Z 476 -19.51 -53.69 -26.74
CA PRO Z 476 -18.73 -52.46 -26.69
C PRO Z 476 -19.47 -51.36 -25.96
N LEU Z 477 -18.80 -50.74 -25.00
CA LEU Z 477 -19.35 -49.62 -24.28
C LEU Z 477 -19.24 -48.36 -25.14
N GLU Z 478 -19.75 -47.26 -24.63
CA GLU Z 478 -19.66 -45.96 -25.28
C GLU Z 478 -18.71 -45.08 -24.49
N TYR Z 479 -17.91 -44.29 -25.19
CA TYR Z 479 -17.03 -43.35 -24.52
C TYR Z 479 -17.84 -42.18 -24.00
N ALA Z 480 -17.46 -41.68 -22.83
CA ALA Z 480 -18.24 -40.62 -22.20
C ALA Z 480 -17.37 -39.55 -21.54
N GLY Z 481 -16.12 -39.39 -21.97
CA GLY Z 481 -15.25 -38.38 -21.43
C GLY Z 481 -14.67 -38.66 -20.06
N ALA Z 482 -15.04 -39.70 -19.47
CA ALA Z 482 -14.57 -40.07 -18.16
C ALA Z 482 -13.32 -40.94 -18.27
N PRO Z 483 -12.40 -40.82 -17.34
CA PRO Z 483 -11.19 -41.64 -17.39
C PRO Z 483 -11.48 -43.10 -17.06
N LEU Z 484 -11.06 -43.97 -17.96
CA LEU Z 484 -11.15 -45.42 -17.96
C LEU Z 484 -9.96 -46.03 -17.25
N PRO Z 485 -10.17 -47.09 -16.48
CA PRO Z 485 -9.04 -47.78 -15.85
C PRO Z 485 -8.36 -48.71 -16.82
N LYS Z 486 -7.02 -48.72 -16.76
CA LYS Z 486 -6.22 -49.57 -17.63
C LYS Z 486 -5.55 -50.72 -16.89
N ARG Z 487 -5.54 -50.69 -15.57
CA ARG Z 487 -4.84 -51.67 -14.75
C ARG Z 487 -5.84 -52.35 -13.83
N MET Z 488 -5.59 -53.63 -13.55
CA MET Z 488 -6.55 -54.42 -12.78
C MET Z 488 -6.46 -54.21 -11.29
N ASN Z 489 -5.30 -53.80 -10.77
CA ASN Z 489 -5.22 -53.46 -9.35
C ASN Z 489 -6.06 -52.23 -9.01
N LYS Z 490 -6.21 -51.31 -9.95
CA LYS Z 490 -7.02 -50.11 -9.75
C LYS Z 490 -8.51 -50.42 -9.77
N LEU Z 491 -8.91 -51.59 -10.24
CA LEU Z 491 -10.28 -52.07 -10.14
C LEU Z 491 -10.51 -52.90 -8.88
N GLY Z 492 -9.68 -52.72 -7.87
CA GLY Z 492 -9.88 -53.38 -6.60
C GLY Z 492 -9.58 -54.85 -6.60
N SER Z 493 -8.78 -55.33 -7.54
CA SER Z 493 -8.40 -56.73 -7.55
C SER Z 493 -7.15 -57.00 -6.71
N GLY Z 494 -6.59 -55.98 -6.09
CA GLY Z 494 -5.45 -56.18 -5.23
C GLY Z 494 -5.85 -56.79 -3.91
N GLY Z 495 -6.75 -56.13 -3.20
CA GLY Z 495 -7.21 -56.61 -1.92
C GLY Z 495 -6.62 -55.80 -0.78
N ALA Z 496 -6.82 -56.31 0.43
CA ALA Z 496 -6.32 -55.67 1.62
C ALA Z 496 -5.19 -56.48 2.23
N PRO Z 497 -4.11 -55.84 2.70
CA PRO Z 497 -2.95 -56.57 3.20
C PRO Z 497 -3.13 -57.20 4.57
N GLY Z 498 -4.31 -57.15 5.16
CA GLY Z 498 -4.47 -57.65 6.51
C GLY Z 498 -4.21 -56.55 7.49
N THR Z 499 -5.23 -56.18 8.26
CA THR Z 499 -5.13 -55.01 9.10
C THR Z 499 -4.30 -55.29 10.34
N GLY Z 500 -3.86 -54.23 11.00
CA GLY Z 500 -2.90 -54.28 12.07
C GLY Z 500 -1.95 -53.13 11.90
N SER Z 501 -0.85 -53.18 12.65
CA SER Z 501 0.18 -52.15 12.51
C SER Z 501 1.09 -52.51 11.34
N PHE Z 502 2.21 -51.82 11.24
CA PHE Z 502 3.19 -52.21 10.24
C PHE Z 502 4.02 -53.40 10.71
N LEU Z 503 3.94 -53.77 11.98
CA LEU Z 503 4.73 -54.89 12.46
C LEU Z 503 3.90 -55.98 13.12
N PHE Z 504 2.76 -55.65 13.74
CA PHE Z 504 2.02 -56.63 14.53
C PHE Z 504 0.56 -56.64 14.12
N PRO Z 505 -0.03 -57.80 13.86
CA PRO Z 505 -1.37 -57.86 13.29
C PRO Z 505 -2.48 -57.76 14.33
N ASP Z 506 -3.64 -57.33 13.85
CA ASP Z 506 -4.85 -57.36 14.64
C ASP Z 506 -5.37 -58.81 14.73
N PRO Z 507 -6.22 -59.15 15.74
CA PRO Z 507 -6.50 -60.57 16.00
C PRO Z 507 -7.42 -61.29 15.02
N ALA Z 508 -7.67 -60.69 13.84
CA ALA Z 508 -8.34 -61.29 12.68
C ALA Z 508 -9.82 -61.59 12.88
N VAL Z 509 -10.34 -61.37 14.08
CA VAL Z 509 -11.79 -61.23 14.23
C VAL Z 509 -12.17 -59.79 13.96
N GLU Z 510 -11.31 -58.86 14.35
CA GLU Z 510 -11.44 -57.44 14.04
C GLU Z 510 -10.94 -57.08 12.65
N HIS Z 511 -10.42 -58.05 11.90
CA HIS Z 511 -10.11 -57.83 10.50
C HIS Z 511 -11.31 -58.06 9.60
N GLU Z 512 -12.03 -59.16 9.82
CA GLU Z 512 -13.18 -59.47 8.99
C GLU Z 512 -14.35 -58.55 9.25
N ALA Z 513 -14.36 -57.85 10.38
CA ALA Z 513 -15.39 -56.84 10.62
C ALA Z 513 -15.03 -55.50 9.98
N LEU Z 514 -13.77 -55.26 9.68
CA LEU Z 514 -13.36 -54.03 9.02
C LEU Z 514 -13.35 -54.15 7.51
N THR Z 515 -12.87 -55.29 6.97
CA THR Z 515 -12.86 -55.45 5.52
C THR Z 515 -14.25 -55.75 4.97
N GLU Z 516 -15.20 -56.16 5.81
CA GLU Z 516 -16.57 -56.26 5.37
C GLU Z 516 -17.20 -54.89 5.23
N ALA Z 517 -16.83 -53.96 6.11
CA ALA Z 517 -17.27 -52.58 6.00
C ALA Z 517 -16.50 -51.80 4.93
N ALA Z 518 -15.48 -52.38 4.33
CA ALA Z 518 -14.83 -51.77 3.18
C ALA Z 518 -15.47 -52.20 1.86
N HIS Z 519 -16.04 -53.40 1.81
CA HIS Z 519 -16.81 -53.85 0.67
C HIS Z 519 -18.29 -53.55 0.81
N ALA Z 520 -18.68 -52.83 1.87
CA ALA Z 520 -20.05 -52.37 2.03
C ALA Z 520 -20.14 -50.86 2.13
N SER Z 521 -19.01 -50.16 2.07
CA SER Z 521 -19.00 -48.71 1.91
C SER Z 521 -18.45 -48.27 0.55
N GLU Z 522 -17.65 -49.12 -0.09
CA GLU Z 522 -17.28 -48.92 -1.49
C GLU Z 522 -18.29 -49.56 -2.43
N HIS Z 523 -19.30 -50.23 -1.89
CA HIS Z 523 -20.42 -50.75 -2.66
C HIS Z 523 -21.71 -50.01 -2.41
N LYS Z 524 -21.90 -49.47 -1.20
CA LYS Z 524 -23.01 -48.55 -0.97
C LYS Z 524 -22.77 -47.24 -1.71
N SER Z 525 -21.52 -46.81 -1.82
CA SER Z 525 -21.20 -45.65 -2.64
C SER Z 525 -21.36 -45.93 -4.12
N LEU Z 526 -21.10 -47.17 -4.54
CA LEU Z 526 -21.18 -47.51 -5.95
C LEU Z 526 -22.62 -47.64 -6.41
N THR Z 527 -23.51 -48.13 -5.55
CA THR Z 527 -24.92 -48.17 -5.88
C THR Z 527 -25.63 -46.86 -5.54
N ALA Z 528 -24.89 -45.85 -5.09
CA ALA Z 528 -25.45 -44.53 -4.88
C ALA Z 528 -25.29 -43.66 -6.13
N LEU Z 529 -24.11 -43.71 -6.76
CA LEU Z 529 -23.95 -43.03 -8.04
C LEU Z 529 -24.70 -43.74 -9.14
N LYS Z 530 -24.88 -45.05 -9.05
CA LYS Z 530 -25.55 -45.79 -10.11
C LYS Z 530 -27.05 -45.58 -10.08
N GLU Z 531 -27.65 -45.50 -8.88
CA GLU Z 531 -29.07 -45.21 -8.79
C GLU Z 531 -29.37 -43.73 -8.95
N HIS Z 532 -28.36 -42.88 -8.96
CA HIS Z 532 -28.56 -41.48 -9.29
C HIS Z 532 -28.31 -41.20 -10.76
N GLN Z 533 -27.44 -41.98 -11.39
CA GLN Z 533 -27.23 -41.85 -12.82
C GLN Z 533 -28.45 -42.30 -13.62
N ASP Z 534 -29.13 -43.33 -13.12
CA ASP Z 534 -30.35 -43.80 -13.75
C ASP Z 534 -31.55 -42.91 -13.43
N ARG Z 535 -31.47 -42.15 -12.33
CA ARG Z 535 -32.54 -41.20 -12.01
C ARG Z 535 -32.55 -40.04 -12.98
N ILE Z 536 -31.38 -39.61 -13.45
CA ILE Z 536 -31.30 -38.50 -14.39
C ILE Z 536 -31.77 -38.95 -15.77
N HIS Z 537 -31.24 -40.06 -16.26
CA HIS Z 537 -31.54 -40.53 -17.60
C HIS Z 537 -32.69 -41.53 -17.59
N SER AA 47 24.61 42.47 -0.27
CA SER AA 47 23.26 42.43 0.41
C SER AA 47 23.30 41.40 1.51
N ALA AA 48 22.23 41.23 2.29
CA ALA AA 48 22.17 40.22 3.33
C ALA AA 48 21.80 38.85 2.76
N LEU AA 49 22.53 37.78 3.16
CA LEU AA 49 22.32 36.45 2.62
C LEU AA 49 21.05 35.78 3.16
N LEU AA 50 20.02 35.59 2.31
CA LEU AA 50 18.74 35.06 2.74
C LEU AA 50 18.75 33.60 3.16
N ARG AA 51 19.74 32.80 2.71
CA ARG AA 51 19.98 31.46 3.25
C ARG AA 51 20.38 31.48 4.72
N THR AA 52 21.30 32.38 5.11
CA THR AA 52 21.68 32.66 6.50
C THR AA 52 20.49 33.18 7.28
N GLY AA 53 19.67 34.06 6.66
CA GLY AA 53 18.47 34.59 7.27
C GLY AA 53 17.42 33.56 7.59
N LYS AA 54 17.16 32.63 6.68
CA LYS AA 54 16.25 31.52 6.96
C LYS AA 54 16.73 30.60 8.07
N GLN AA 55 18.01 30.15 8.01
CA GLN AA 55 18.58 29.30 9.05
C GLN AA 55 18.66 29.96 10.42
N LEU AA 56 18.98 31.27 10.47
CA LEU AA 56 18.88 32.03 11.71
C LEU AA 56 17.46 32.14 12.24
N PHE AA 57 16.43 32.37 11.38
CA PHE AA 57 15.03 32.36 11.81
C PHE AA 57 14.63 31.04 12.47
N GLU AA 58 14.99 29.92 11.82
CA GLU AA 58 14.71 28.57 12.30
C GLU AA 58 15.40 28.23 13.61
N THR AA 59 16.70 28.56 13.75
CA THR AA 59 17.45 28.37 14.98
C THR AA 59 16.97 29.23 16.15
N SER AA 60 16.65 30.53 15.96
CA SER AA 60 16.39 31.42 17.09
C SER AA 60 14.99 32.02 17.25
N CYS AA 61 14.15 32.05 16.20
CA CYS AA 61 12.85 32.72 16.28
C CYS AA 61 11.65 31.81 16.03
N VAL AA 62 11.81 30.64 15.36
CA VAL AA 62 10.70 29.70 15.08
C VAL AA 62 9.94 29.27 16.32
N SER AA 63 10.62 29.18 17.48
CA SER AA 63 10.06 28.86 18.78
C SER AA 63 8.89 29.71 19.21
N CYS AA 64 8.86 31.01 18.86
CA CYS AA 64 7.72 31.85 19.20
C CYS AA 64 7.01 32.38 17.97
N HIS AA 65 7.64 32.32 16.78
CA HIS AA 65 7.14 32.95 15.58
C HIS AA 65 7.14 32.02 14.38
N GLY AA 66 5.96 31.60 13.88
CA GLY AA 66 5.81 30.94 12.58
C GLY AA 66 5.12 31.85 11.61
N ALA AA 67 5.59 33.11 11.50
CA ALA AA 67 4.87 34.28 10.98
C ALA AA 67 3.73 34.74 11.89
N ASN AA 68 3.41 33.92 12.89
CA ASN AA 68 2.49 34.18 13.96
C ASN AA 68 3.26 34.65 15.17
N LEU AA 69 2.56 34.87 16.28
CA LEU AA 69 3.24 35.47 17.46
C LEU AA 69 3.24 34.48 18.63
N GLN AA 70 4.23 34.60 19.53
CA GLN AA 70 4.35 33.68 20.68
C GLN AA 70 3.14 33.81 21.60
N GLY AA 71 2.58 32.68 22.03
CA GLY AA 71 1.41 32.64 22.93
C GLY AA 71 1.70 33.21 24.31
N VAL AA 72 2.84 32.86 24.89
CA VAL AA 72 3.19 33.31 26.28
C VAL AA 72 3.31 34.83 26.31
N PRO AA 73 2.74 35.52 27.33
CA PRO AA 73 2.83 36.97 27.40
C PRO AA 73 2.29 37.60 26.11
N ASP AA 74 3.05 38.53 25.53
CA ASP AA 74 2.67 39.18 24.24
C ASP AA 74 3.76 38.86 23.21
N ARG AA 75 3.37 38.33 22.05
CA ARG AA 75 4.37 37.98 21.00
C ARG AA 75 4.75 39.24 20.23
N GLY AA 76 5.94 39.24 19.62
CA GLY AA 76 6.35 40.39 18.80
C GLY AA 76 5.39 40.53 17.64
N PRO AA 77 4.95 39.41 17.03
CA PRO AA 77 4.00 39.47 15.91
C PRO AA 77 4.70 39.68 14.56
N SER AA 78 3.93 39.66 13.47
CA SER AA 78 4.52 39.87 12.13
C SER AA 78 5.03 41.31 12.04
N LEU AA 79 6.22 41.51 11.47
CA LEU AA 79 6.79 42.87 11.31
C LEU AA 79 5.87 43.67 10.39
N ILE AA 80 5.54 44.90 10.78
CA ILE AA 80 4.65 45.79 9.98
C ILE AA 80 5.59 46.66 9.14
N GLY AA 81 5.38 46.71 7.82
CA GLY AA 81 6.31 47.47 6.96
C GLY AA 81 7.72 46.98 7.21
N THR AA 82 7.91 45.66 7.12
CA THR AA 82 9.21 45.03 7.46
C THR AA 82 10.35 45.65 6.64
N GLY AA 83 11.42 46.02 7.35
CA GLY AA 83 12.62 46.63 6.79
C GLY AA 83 13.79 46.44 7.75
N GLU AA 84 15.01 46.66 7.30
CA GLU AA 84 16.23 46.52 8.14
C GLU AA 84 16.18 47.54 9.30
N ALA AA 85 15.68 48.74 9.01
CA ALA AA 85 15.62 49.84 10.00
C ALA AA 85 14.77 49.47 11.22
N ALA AA 86 13.64 48.75 11.07
CA ALA AA 86 12.89 48.53 12.27
C ALA AA 86 12.92 47.12 12.82
N VAL AA 87 12.79 46.12 11.91
CA VAL AA 87 12.91 44.70 12.20
C VAL AA 87 14.32 44.36 12.69
N TYR AA 88 15.36 45.03 12.14
CA TYR AA 88 16.72 45.03 12.66
C TYR AA 88 16.81 45.55 14.11
N PHE AA 89 16.16 46.69 14.44
CA PHE AA 89 16.23 47.25 15.78
C PHE AA 89 15.51 46.37 16.78
N GLN AA 90 16.30 46.00 17.79
CA GLN AA 90 15.88 45.04 18.85
C GLN AA 90 14.88 45.69 19.80
N VAL AA 91 14.23 44.84 20.62
CA VAL AA 91 13.25 45.28 21.66
C VAL AA 91 13.68 44.64 22.98
N SER AA 92 14.77 45.15 23.56
CA SER AA 92 15.30 44.63 24.84
C SER AA 92 14.26 44.82 25.94
N THR AA 93 13.58 45.98 25.94
CA THR AA 93 12.53 46.29 26.95
C THR AA 93 11.39 45.27 26.80
N GLY AA 94 10.79 44.86 27.91
CA GLY AA 94 9.70 43.87 27.87
C GLY AA 94 10.24 42.45 27.98
N ARG AA 95 9.35 41.46 27.84
CA ARG AA 95 9.70 40.03 27.97
C ARG AA 95 10.72 39.58 26.92
N MET AA 96 10.63 40.10 25.70
CA MET AA 96 11.53 39.62 24.61
C MET AA 96 13.00 39.76 25.01
N PRO AA 97 13.83 38.72 24.80
CA PRO AA 97 15.25 38.75 25.16
C PRO AA 97 16.06 39.63 24.20
N ALA AA 98 17.22 40.12 24.65
CA ALA AA 98 18.07 41.01 23.81
C ALA AA 98 19.14 40.18 23.09
N MET AA 99 18.95 39.97 21.79
CA MET AA 99 19.88 39.20 20.91
C MET AA 99 21.23 39.90 20.78
N ARG AA 100 21.26 41.23 20.63
CA ARG AA 100 22.53 41.90 20.42
C ARG AA 100 23.09 42.24 21.79
N GLY AA 101 24.38 41.98 21.98
CA GLY AA 101 25.06 42.26 23.26
C GLY AA 101 26.05 43.41 23.11
N GLU AA 102 25.92 44.44 23.95
CA GLU AA 102 26.83 45.62 23.91
C GLU AA 102 28.23 45.21 24.38
N ALA AA 103 29.26 45.85 23.81
CA ALA AA 103 30.67 45.58 24.18
C ALA AA 103 31.00 44.09 23.98
N GLN AA 104 30.52 43.49 22.89
CA GLN AA 104 30.77 42.04 22.68
C GLN AA 104 31.78 41.81 21.54
N ALA AA 105 32.87 41.11 21.86
CA ALA AA 105 33.92 40.74 20.88
C ALA AA 105 33.45 39.49 20.12
N PRO AA 106 34.05 39.12 18.97
CA PRO AA 106 33.57 37.93 18.26
C PRO AA 106 33.73 36.71 19.19
N SER AA 107 32.67 35.90 19.29
CA SER AA 107 32.66 34.71 20.18
C SER AA 107 31.71 33.65 19.61
N LYS AA 108 31.90 32.37 19.98
CA LYS AA 108 31.00 31.27 19.55
C LYS AA 108 29.63 31.43 20.22
N PRO AA 109 29.54 31.74 21.54
CA PRO AA 109 28.21 31.92 22.12
C PRO AA 109 27.80 33.40 22.02
N PRO AA 110 26.83 33.75 21.14
CA PRO AA 110 26.42 35.16 21.02
C PRO AA 110 24.91 35.27 20.77
N HIS AA 111 24.29 36.35 21.25
CA HIS AA 111 22.83 36.58 21.07
C HIS AA 111 22.48 36.74 19.58
N PHE AA 112 23.30 37.51 18.85
CA PHE AA 112 23.04 37.75 17.41
C PHE AA 112 24.35 38.15 16.70
N ASP AA 113 24.37 38.05 15.37
CA ASP AA 113 25.58 38.41 14.57
C ASP AA 113 25.21 39.54 13.60
N GLU AA 114 26.04 40.59 13.54
CA GLU AA 114 25.76 41.75 12.64
C GLU AA 114 25.32 41.23 11.26
N SER AA 115 26.00 40.19 10.76
CA SER AA 115 25.63 39.58 9.47
C SER AA 115 24.41 38.69 9.61
N GLN AA 116 24.33 37.96 10.72
CA GLN AA 116 23.16 37.24 11.15
C GLN AA 116 21.93 38.13 11.36
N ILE AA 117 22.03 39.29 12.05
CA ILE AA 117 20.90 40.20 12.25
C ILE AA 117 20.29 40.68 10.95
N ASP AA 118 21.13 41.23 10.06
CA ASP AA 118 20.78 41.78 8.76
C ASP AA 118 20.11 40.73 7.89
N ALA AA 119 20.68 39.52 7.87
CA ALA AA 119 20.14 38.39 7.15
C ALA AA 119 18.76 37.97 7.63
N LEU AA 120 18.54 37.89 8.96
CA LEU AA 120 17.23 37.60 9.49
C LEU AA 120 16.22 38.72 9.33
N GLY AA 121 16.59 39.99 9.60
CA GLY AA 121 15.75 41.14 9.30
C GLY AA 121 15.28 41.21 7.87
N ALA AA 122 16.18 40.91 6.92
CA ALA AA 122 15.86 40.72 5.52
C ALA AA 122 14.94 39.54 5.20
N TYR AA 123 15.15 38.35 5.82
CA TYR AA 123 14.29 37.18 5.65
C TYR AA 123 12.87 37.40 6.14
N VAL AA 124 12.70 38.03 7.30
CA VAL AA 124 11.40 38.41 7.85
C VAL AA 124 10.71 39.42 6.95
N GLN AA 125 11.49 40.34 6.38
CA GLN AA 125 11.04 41.38 5.46
C GLN AA 125 10.89 40.95 4.00
N ALA AA 126 10.31 39.77 3.72
CA ALA AA 126 10.03 39.32 2.37
C ALA AA 126 9.08 40.24 1.57
N ASN AA 127 8.02 40.75 2.23
CA ASN AA 127 6.98 41.60 1.66
C ASN AA 127 6.20 40.95 0.53
N GLY AA 128 5.91 39.64 0.65
CA GLY AA 128 5.19 38.85 -0.33
C GLY AA 128 4.22 37.91 0.40
N ASP AA 150 18.07 71.46 11.04
CA ASP AA 150 17.94 71.93 12.44
C ASP AA 150 17.71 70.71 13.36
N VAL AA 151 18.80 70.12 13.86
CA VAL AA 151 18.70 68.93 14.77
C VAL AA 151 17.97 69.34 16.05
N ALA AA 152 18.27 70.54 16.56
CA ALA AA 152 17.62 71.05 17.80
C ALA AA 152 16.12 71.21 17.56
N ARG AA 153 15.73 71.70 16.39
CA ARG AA 153 14.30 71.91 16.03
C ARG AA 153 13.58 70.55 16.01
N GLY AA 154 14.25 69.51 15.50
CA GLY AA 154 13.68 68.16 15.43
C GLY AA 154 13.42 67.59 16.81
N GLY AA 155 14.36 67.80 17.74
CA GLY AA 155 14.21 67.29 19.12
C GLY AA 155 13.01 67.91 19.82
N ASP AA 156 12.81 69.22 19.64
CA ASP AA 156 11.66 69.93 20.27
C ASP AA 156 10.36 69.35 19.73
N LEU AA 157 10.31 69.07 18.43
CA LEU AA 157 9.10 68.50 17.77
C LEU AA 157 8.80 67.12 18.37
N PHE AA 158 9.85 66.32 18.59
CA PHE AA 158 9.70 64.96 19.18
C PHE AA 158 9.10 65.07 20.58
N ARG AA 159 9.56 66.06 21.35
CA ARG AA 159 9.06 66.26 22.75
C ARG AA 159 7.56 66.59 22.69
N LEU AA 160 7.15 67.42 21.72
CA LEU AA 160 5.73 67.82 21.56
C LEU AA 160 4.89 66.58 21.25
N ASN AA 161 5.28 65.83 20.22
CA ASN AA 161 4.56 64.59 19.81
C ASN AA 161 4.69 63.52 20.90
N CYS AA 162 5.90 63.38 21.44
CA CYS AA 162 6.22 62.37 22.49
C CYS AA 162 6.58 63.10 23.78
N ALA AA 163 6.13 64.34 23.96
CA ALA AA 163 6.50 65.15 25.14
C ALA AA 163 6.06 64.46 26.44
N SER AA 164 4.90 63.80 26.43
CA SER AA 164 4.38 63.12 27.65
C SER AA 164 5.31 62.02 28.13
N CYS AA 165 5.83 61.20 27.21
CA CYS AA 165 6.73 60.07 27.60
C CYS AA 165 8.20 60.38 27.34
N HIS AA 166 8.56 60.79 26.13
CA HIS AA 166 9.99 61.10 25.87
C HIS AA 166 10.43 62.25 26.78
N ASN AA 167 9.60 63.30 26.89
CA ASN AA 167 10.02 64.48 27.70
C ASN AA 167 10.50 63.98 29.07
N PHE AA 168 11.60 64.55 29.57
CA PHE AA 168 12.19 64.11 30.86
C PHE AA 168 13.05 62.88 30.60
N THR AA 169 13.18 62.51 29.32
CA THR AA 169 14.00 61.36 28.92
C THR AA 169 13.44 60.07 29.54
N GLY AA 170 12.29 60.13 30.25
CA GLY AA 170 11.75 58.98 30.96
C GLY AA 170 10.89 58.11 30.10
N LYS AA 171 10.21 57.15 30.75
CA LYS AA 171 9.32 56.21 30.03
C LYS AA 171 7.88 56.36 30.55
N GLY AA 172 6.90 56.47 29.65
CA GLY AA 172 5.50 56.60 30.08
C GLY AA 172 5.02 55.36 30.82
N GLY AA 173 5.33 54.17 30.27
CA GLY AA 173 4.90 52.90 30.89
C GLY AA 173 5.53 52.65 32.25
N ALA AA 174 6.85 52.85 32.37
CA ALA AA 174 7.56 52.64 33.65
C ALA AA 174 8.43 53.85 33.99
N LEU AA 175 8.28 54.39 35.20
CA LEU AA 175 9.06 55.58 35.62
C LEU AA 175 10.56 55.23 35.65
N SER AA 176 10.90 54.03 36.12
CA SER AA 176 12.31 53.58 36.18
C SER AA 176 12.90 53.48 34.77
N SER AA 177 12.13 52.97 33.81
CA SER AA 177 12.62 52.83 32.41
C SER AA 177 12.87 54.21 31.79
N GLY AA 178 13.99 54.34 31.08
CA GLY AA 178 14.41 55.61 30.45
C GLY AA 178 14.88 55.43 29.02
N LYS AA 179 15.02 56.55 28.30
CA LYS AA 179 15.47 56.57 26.88
C LYS AA 179 16.99 56.74 26.80
N TYR AA 180 17.67 56.71 27.95
CA TYR AA 180 19.14 56.87 28.07
C TYR AA 180 19.87 55.65 27.48
N ALA AA 181 21.15 55.84 27.13
CA ALA AA 181 21.98 54.79 26.50
C ALA AA 181 22.07 53.57 27.43
N PRO AA 182 22.17 53.74 28.77
CA PRO AA 182 22.25 52.55 29.64
C PRO AA 182 20.96 51.75 29.44
N ASP AA 183 19.82 52.46 29.32
CA ASP AA 183 18.53 51.84 29.09
C ASP AA 183 18.43 51.31 27.67
N LEU AA 184 19.08 52.01 26.73
CA LEU AA 184 19.11 51.61 25.36
C LEU AA 184 20.33 50.76 25.01
N GLY AA 185 21.18 50.37 26.01
CA GLY AA 185 22.38 49.56 25.82
C GLY AA 185 23.37 50.03 24.76
N ASP AA 186 23.41 49.33 23.61
CA ASP AA 186 24.27 49.50 22.47
C ASP AA 186 23.66 50.45 21.42
N ALA AA 187 22.73 51.34 21.83
CA ALA AA 187 22.15 52.37 20.98
C ALA AA 187 23.02 53.16 20.01
N ASN AA 188 22.39 53.64 18.93
CA ASN AA 188 23.10 54.36 17.91
C ASN AA 188 22.01 55.14 17.18
N PRO AA 189 22.24 56.09 16.26
CA PRO AA 189 21.17 56.83 15.59
C PRO AA 189 20.26 55.96 14.76
N ALA AA 190 20.82 54.95 14.06
CA ALA AA 190 20.05 54.09 13.20
C ALA AA 190 19.05 53.30 14.00
N GLN AA 191 19.43 52.72 15.15
CA GLN AA 191 18.48 51.99 15.98
C GLN AA 191 17.31 52.81 16.52
N ILE AA 192 17.58 54.05 16.90
CA ILE AA 192 16.52 54.94 17.31
C ILE AA 192 15.59 55.32 16.16
N TYR AA 193 16.13 55.62 14.95
CA TYR AA 193 15.35 56.04 13.77
C TYR AA 193 14.39 55.04 13.36
N THR AA 194 14.89 53.79 13.41
CA THR AA 194 14.12 52.58 13.03
C THR AA 194 12.94 52.31 13.97
N ALA AA 195 13.10 52.47 15.30
CA ALA AA 195 12.01 52.22 16.20
C ALA AA 195 10.98 53.31 16.14
N MET AA 196 11.44 54.56 15.85
CA MET AA 196 10.55 55.66 15.57
C MET AA 196 9.73 55.49 14.32
N LEU AA 197 10.32 55.00 13.20
CA LEU AA 197 9.66 54.82 11.92
C LEU AA 197 8.34 53.99 12.03
N THR AA 198 8.52 52.79 12.59
CA THR AA 198 7.41 51.86 12.90
C THR AA 198 7.11 51.96 14.40
N GLY AA 199 7.73 52.92 15.08
CA GLY AA 199 7.54 53.11 16.53
C GLY AA 199 8.02 51.90 17.33
N PRO AA 200 7.18 51.30 18.20
CA PRO AA 200 7.61 50.17 19.03
C PRO AA 200 6.47 49.17 19.24
N GLN AA 201 6.70 48.13 20.05
CA GLN AA 201 5.61 47.15 20.32
C GLN AA 201 4.44 47.87 20.99
N ASN AA 202 4.74 48.76 21.95
CA ASN AA 202 3.68 49.52 22.68
C ASN AA 202 3.65 50.99 22.23
N MET AA 203 4.42 51.36 21.21
CA MET AA 203 4.44 52.78 20.76
C MET AA 203 3.97 52.88 19.30
N PRO AA 204 2.99 53.76 18.97
CA PRO AA 204 2.52 53.83 17.58
C PRO AA 204 3.63 54.25 16.59
N LYS AA 205 3.67 53.59 15.42
CA LYS AA 205 4.67 53.90 14.36
C LYS AA 205 4.55 55.37 13.96
N PHE AA 206 5.65 56.01 13.57
CA PHE AA 206 5.53 57.41 13.21
C PHE AA 206 5.71 57.71 11.76
N SER AA 207 6.52 56.94 11.04
CA SER AA 207 6.69 57.15 9.61
C SER AA 207 5.45 56.94 8.84
N ASP AA 208 5.31 57.77 7.80
CA ASP AA 208 4.30 57.75 6.79
C ASP AA 208 3.02 58.30 7.34
N ARG AA 209 2.58 57.69 8.45
CA ARG AA 209 1.40 58.02 9.19
C ARG AA 209 1.40 59.38 9.85
N GLN AA 210 2.53 59.80 10.46
CA GLN AA 210 2.59 61.02 11.26
C GLN AA 210 3.72 61.95 10.85
N LEU AA 211 4.96 61.45 10.68
CA LEU AA 211 6.13 62.31 10.52
C LEU AA 211 6.86 62.06 9.21
N THR AA 212 7.40 63.12 8.55
CA THR AA 212 8.12 62.97 7.27
C THR AA 212 9.56 62.46 7.53
N PRO AA 213 10.40 62.08 6.56
CA PRO AA 213 11.75 61.60 6.85
C PRO AA 213 12.67 62.59 7.51
N ASP AA 214 12.59 63.89 7.18
CA ASP AA 214 13.40 64.91 7.81
C ASP AA 214 13.07 65.02 9.27
N GLU AA 215 11.76 65.01 9.59
CA GLU AA 215 11.32 65.04 10.93
C GLU AA 215 11.71 63.84 11.75
N LYS AA 216 11.57 62.64 11.18
CA LYS AA 216 12.09 61.47 11.84
C LYS AA 216 13.59 61.54 12.06
N ARG AA 217 14.37 61.97 11.06
CA ARG AA 217 15.81 62.10 11.19
C ARG AA 217 16.25 63.09 12.25
N ASP AA 218 15.60 64.26 12.28
CA ASP AA 218 15.85 65.29 13.25
C ASP AA 218 15.48 64.89 14.68
N ILE AA 219 14.32 64.24 14.90
CA ILE AA 219 13.94 63.76 16.22
C ILE AA 219 14.84 62.66 16.77
N VAL AA 220 15.28 61.74 15.90
CA VAL AA 220 16.25 60.72 16.22
C VAL AA 220 17.59 61.27 16.64
N ALA AA 221 18.09 62.29 15.90
CA ALA AA 221 19.30 63.00 16.25
C ALA AA 221 19.22 63.71 17.58
N TYR AA 222 18.11 64.42 17.86
CA TYR AA 222 17.88 65.10 19.12
C TYR AA 222 17.87 64.14 20.31
N VAL AA 223 17.15 63.01 20.19
CA VAL AA 223 17.14 61.98 21.22
C VAL AA 223 18.51 61.37 21.45
N ARG AA 224 19.25 61.10 20.36
CA ARG AA 224 20.61 60.58 20.43
C ARG AA 224 21.61 61.51 21.09
N GLU AA 225 21.60 62.83 20.75
CA GLU AA 225 22.44 63.85 21.35
C GLU AA 225 22.14 64.07 22.82
N SER AA 226 20.83 64.11 23.19
CA SER AA 226 20.41 64.21 24.58
C SER AA 226 20.81 63.06 25.47
N ALA AA 227 20.73 61.81 24.95
CA ALA AA 227 21.18 60.62 25.64
C ALA AA 227 22.69 60.39 25.77
N GLU AA 228 23.50 60.77 24.74
CA GLU AA 228 24.96 60.70 24.79
C GLU AA 228 25.60 61.70 25.74
N THR AA 229 25.08 62.94 25.75
CA THR AA 229 25.50 64.01 26.64
C THR AA 229 24.93 63.81 28.08
N SER BA 47 74.91 1.01 -17.88
CA SER BA 47 75.00 -0.32 -17.15
C SER BA 47 74.40 -0.17 -15.78
N ALA BA 48 74.33 -1.23 -14.98
CA ALA BA 48 73.82 -1.16 -13.63
C ALA BA 48 74.89 -0.67 -12.64
N LEU BA 49 74.55 0.28 -11.75
CA LEU BA 49 75.52 0.87 -10.83
C LEU BA 49 75.88 -0.06 -9.69
N LEU BA 50 77.13 -0.57 -9.65
CA LEU BA 50 77.55 -1.54 -8.66
C LEU BA 50 77.67 -1.01 -7.24
N ARG BA 51 77.81 0.33 -7.04
CA ARG BA 51 77.68 0.96 -5.73
C ARG BA 51 76.27 0.81 -5.16
N THR BA 52 75.22 1.04 -5.98
CA THR BA 52 73.82 0.80 -5.65
C THR BA 52 73.58 -0.67 -5.39
N GLY BA 53 74.21 -1.54 -6.21
CA GLY BA 53 74.12 -2.99 -6.04
C GLY BA 53 74.68 -3.51 -4.75
N LYS BA 54 75.85 -3.02 -4.32
CA LYS BA 54 76.39 -3.37 -3.02
C LYS BA 54 75.54 -2.90 -1.85
N GLN BA 55 75.10 -1.63 -1.84
CA GLN BA 55 74.26 -1.10 -0.79
C GLN BA 55 72.89 -1.75 -0.72
N LEU BA 56 72.27 -2.08 -1.87
CA LEU BA 56 71.07 -2.90 -1.90
C LEU BA 56 71.28 -4.30 -1.35
N PHE BA 57 72.41 -5.00 -1.67
CA PHE BA 57 72.72 -6.30 -1.09
C PHE BA 57 72.80 -6.25 0.43
N GLU BA 58 73.50 -5.25 0.97
CA GLU BA 58 73.65 -5.03 2.40
C GLU BA 58 72.36 -4.72 3.13
N THR BA 59 71.53 -3.82 2.57
CA THR BA 59 70.21 -3.50 3.11
C THR BA 59 69.21 -4.65 3.08
N SER BA 60 69.12 -5.45 1.98
CA SER BA 60 68.04 -6.42 1.84
C SER BA 60 68.39 -7.90 1.79
N CYS BA 61 69.65 -8.29 1.49
CA CYS BA 61 69.99 -9.70 1.32
C CYS BA 61 71.05 -10.22 2.28
N VAL BA 62 71.89 -9.36 2.91
CA VAL BA 62 72.94 -9.78 3.85
C VAL BA 62 72.43 -10.61 5.02
N SER BA 63 71.19 -10.36 5.46
CA SER BA 63 70.48 -11.10 6.50
C SER BA 63 70.43 -12.60 6.30
N CYS BA 64 70.32 -13.10 5.05
CA CYS BA 64 70.32 -14.54 4.81
C CYS BA 64 71.51 -14.98 3.98
N HIS BA 65 72.20 -14.04 3.29
CA HIS BA 65 73.22 -14.36 2.33
C HIS BA 65 74.50 -13.56 2.53
N GLY BA 66 75.61 -14.20 2.96
CA GLY BA 66 76.95 -13.62 2.94
C GLY BA 66 77.80 -14.30 1.91
N ALA BA 67 77.27 -14.43 0.66
CA ALA BA 67 77.67 -15.39 -0.36
C ALA BA 67 77.33 -16.84 -0.02
N ASN BA 68 76.91 -17.07 1.24
CA ASN BA 68 76.41 -18.29 1.78
C ASN BA 68 74.89 -18.24 1.75
N LEU BA 69 74.22 -19.21 2.38
CA LEU BA 69 72.82 -19.08 2.66
C LEU BA 69 72.58 -19.69 4.01
N GLN BA 70 71.94 -18.96 4.93
CA GLN BA 70 71.71 -19.46 6.27
C GLN BA 70 70.45 -20.32 6.39
N GLY BA 71 69.55 -20.29 5.38
CA GLY BA 71 68.30 -21.06 5.41
C GLY BA 71 68.33 -22.39 4.72
N VAL BA 72 69.06 -22.55 3.62
CA VAL BA 72 69.26 -23.83 2.96
C VAL BA 72 70.74 -23.92 2.64
N PRO BA 73 71.62 -24.45 3.49
CA PRO BA 73 73.06 -24.18 3.46
C PRO BA 73 73.77 -24.24 2.12
N ASP BA 74 73.54 -25.30 1.35
CA ASP BA 74 74.19 -25.58 0.10
C ASP BA 74 73.73 -24.70 -1.05
N ARG BA 75 72.63 -23.94 -0.92
CA ARG BA 75 72.07 -23.18 -2.04
C ARG BA 75 72.63 -21.76 -2.13
N GLY BA 76 73.55 -21.37 -1.23
CA GLY BA 76 74.14 -20.02 -1.23
C GLY BA 76 75.14 -19.74 -2.31
N PRO BA 77 76.21 -20.52 -2.44
CA PRO BA 77 77.22 -20.29 -3.48
C PRO BA 77 76.93 -21.25 -4.63
N SER BA 78 75.75 -21.89 -4.63
CA SER BA 78 75.32 -22.83 -5.65
C SER BA 78 74.37 -22.17 -6.61
N LEU BA 79 74.90 -21.90 -7.81
CA LEU BA 79 74.10 -21.31 -8.91
C LEU BA 79 74.18 -22.25 -10.11
N ILE BA 80 73.03 -22.62 -10.68
CA ILE BA 80 73.00 -23.53 -11.87
C ILE BA 80 72.70 -22.65 -13.09
N GLY BA 81 73.59 -22.66 -14.09
CA GLY BA 81 73.40 -21.80 -15.27
C GLY BA 81 73.26 -20.35 -14.84
N THR BA 82 74.15 -19.89 -13.95
CA THR BA 82 74.08 -18.52 -13.38
C THR BA 82 74.22 -17.46 -14.49
N GLY BA 83 73.37 -16.43 -14.42
CA GLY BA 83 73.37 -15.32 -15.38
C GLY BA 83 72.71 -14.10 -14.76
N GLU BA 84 72.91 -12.92 -15.36
CA GLU BA 84 72.30 -11.67 -14.84
C GLU BA 84 70.77 -11.79 -14.91
N ALA BA 85 70.26 -12.37 -16.02
CA ALA BA 85 68.81 -12.55 -16.23
C ALA BA 85 68.20 -13.48 -15.18
N ALA BA 86 68.88 -14.56 -14.80
CA ALA BA 86 68.33 -15.48 -13.84
C ALA BA 86 68.31 -14.98 -12.41
N VAL BA 87 69.41 -14.38 -11.97
CA VAL BA 87 69.57 -13.72 -10.68
C VAL BA 87 68.60 -12.55 -10.53
N TYR BA 88 68.34 -11.81 -11.63
CA TYR BA 88 67.26 -10.83 -11.74
C TYR BA 88 65.88 -11.45 -11.52
N PHE BA 89 65.55 -12.61 -12.15
CA PHE BA 89 64.26 -13.22 -12.00
C PHE BA 89 64.03 -13.74 -10.60
N GLN BA 90 62.87 -13.40 -10.08
CA GLN BA 90 62.35 -13.83 -8.83
C GLN BA 90 62.07 -15.30 -8.80
N VAL BA 91 62.77 -15.99 -7.89
CA VAL BA 91 62.56 -17.38 -7.60
C VAL BA 91 61.11 -17.64 -7.20
N SER BA 92 60.42 -18.57 -7.89
CA SER BA 92 58.99 -18.76 -7.68
C SER BA 92 58.69 -19.69 -6.52
N THR BA 93 59.73 -20.40 -6.07
CA THR BA 93 59.58 -21.41 -4.98
C THR BA 93 60.72 -21.28 -3.97
N GLY BA 94 60.53 -21.84 -2.76
CA GLY BA 94 61.56 -21.72 -1.71
C GLY BA 94 61.08 -20.84 -0.56
N ARG BA 95 61.97 -20.55 0.38
CA ARG BA 95 61.64 -19.75 1.60
C ARG BA 95 61.20 -18.32 1.26
N MET BA 96 61.84 -17.65 0.30
CA MET BA 96 61.49 -16.23 0.02
C MET BA 96 60.99 -16.03 -1.42
N PRO BA 97 59.81 -15.39 -1.61
CA PRO BA 97 59.30 -15.09 -2.95
C PRO BA 97 59.94 -13.79 -3.47
N ALA BA 98 59.86 -13.53 -4.79
CA ALA BA 98 60.45 -12.30 -5.36
C ALA BA 98 59.76 -11.07 -4.78
N MET BA 99 60.55 -10.07 -4.36
CA MET BA 99 60.06 -8.81 -3.75
C MET BA 99 59.27 -7.96 -4.75
N ARG BA 100 59.74 -7.87 -6.00
CA ARG BA 100 59.09 -7.02 -7.00
C ARG BA 100 57.60 -7.15 -6.79
N GLY BA 101 56.86 -6.02 -6.81
CA GLY BA 101 55.41 -6.05 -6.95
C GLY BA 101 54.96 -6.71 -8.23
N GLU BA 102 53.71 -7.21 -8.26
CA GLU BA 102 53.13 -7.78 -9.46
C GLU BA 102 53.17 -6.81 -10.65
N ALA BA 103 53.55 -7.34 -11.83
CA ALA BA 103 53.76 -6.62 -13.07
C ALA BA 103 54.91 -5.62 -13.13
N GLN BA 104 55.67 -5.39 -12.02
CA GLN BA 104 56.72 -4.37 -11.90
C GLN BA 104 56.13 -2.97 -11.74
N ALA BA 105 54.81 -2.89 -11.48
CA ALA BA 105 54.15 -1.64 -11.19
C ALA BA 105 54.66 -0.99 -9.89
N PRO BA 106 54.80 0.34 -9.78
CA PRO BA 106 54.94 1.00 -8.49
C PRO BA 106 53.92 0.56 -7.46
N SER BA 107 54.34 0.36 -6.21
CA SER BA 107 53.47 -0.12 -5.18
C SER BA 107 53.99 0.46 -3.90
N LYS BA 108 53.29 0.41 -2.76
CA LYS BA 108 53.86 0.78 -1.48
C LYS BA 108 54.57 -0.34 -0.74
N PRO BA 109 54.44 -1.65 -1.00
CA PRO BA 109 55.33 -2.63 -0.38
C PRO BA 109 56.43 -3.13 -1.32
N PRO BA 110 57.01 -2.54 -2.36
CA PRO BA 110 58.06 -3.18 -3.09
C PRO BA 110 59.33 -3.15 -2.26
N HIS BA 111 60.05 -4.28 -2.23
CA HIS BA 111 61.36 -4.36 -1.63
C HIS BA 111 62.41 -3.60 -2.45
N PHE BA 112 62.10 -3.31 -3.73
CA PHE BA 112 63.01 -2.64 -4.66
C PHE BA 112 62.29 -2.01 -5.87
N ASP BA 113 62.96 -1.07 -6.58
CA ASP BA 113 62.59 -0.64 -7.93
C ASP BA 113 63.45 -1.39 -8.96
N GLU BA 114 63.20 -1.22 -10.27
CA GLU BA 114 63.97 -1.86 -11.31
C GLU BA 114 65.48 -1.57 -11.31
N SER BA 115 65.90 -0.31 -11.10
CA SER BA 115 67.32 0.06 -11.09
C SER BA 115 68.08 -0.59 -9.96
N GLN BA 116 67.43 -0.70 -8.79
CA GLN BA 116 67.87 -1.48 -7.67
C GLN BA 116 67.99 -2.97 -7.99
N ILE BA 117 67.02 -3.63 -8.66
CA ILE BA 117 67.11 -5.05 -9.02
C ILE BA 117 68.32 -5.36 -9.88
N ASP BA 118 68.48 -4.62 -10.98
CA ASP BA 118 69.54 -4.75 -11.97
C ASP BA 118 70.90 -4.56 -11.33
N ALA BA 119 71.04 -3.53 -10.47
CA ALA BA 119 72.23 -3.25 -9.73
C ALA BA 119 72.63 -4.37 -8.77
N LEU BA 120 71.67 -4.94 -8.02
CA LEU BA 120 71.95 -6.08 -7.17
C LEU BA 120 72.21 -7.38 -7.91
N GLY BA 121 71.43 -7.71 -8.95
CA GLY BA 121 71.70 -8.84 -9.83
C GLY BA 121 73.08 -8.81 -10.44
N ALA BA 122 73.53 -7.62 -10.89
CA ALA BA 122 74.88 -7.36 -11.31
C ALA BA 122 75.95 -7.50 -10.22
N TYR BA 123 75.72 -6.98 -8.99
CA TYR BA 123 76.64 -7.12 -7.86
C TYR BA 123 76.85 -8.57 -7.43
N VAL BA 124 75.77 -9.37 -7.36
CA VAL BA 124 75.83 -10.79 -7.06
C VAL BA 124 76.58 -11.54 -8.16
N GLN BA 125 76.39 -11.11 -9.41
CA GLN BA 125 77.03 -11.68 -10.59
C GLN BA 125 78.44 -11.13 -10.89
N ALA BA 126 79.31 -11.02 -9.88
CA ALA BA 126 80.70 -10.62 -10.07
C ALA BA 126 81.52 -11.56 -10.95
N ASN BA 127 81.33 -12.88 -10.78
CA ASN BA 127 82.03 -13.95 -11.49
C ASN BA 127 83.54 -13.95 -11.27
N GLY BA 128 83.97 -13.66 -10.04
CA GLY BA 128 85.37 -13.60 -9.65
C GLY BA 128 85.54 -14.21 -8.26
N ASP BA 150 59.96 -19.64 -32.87
CA ASP BA 150 59.02 -20.60 -33.45
C ASP BA 150 58.22 -21.23 -32.31
N VAL BA 151 56.90 -21.04 -32.31
CA VAL BA 151 56.01 -21.61 -31.33
C VAL BA 151 55.81 -23.11 -31.54
N ALA BA 152 56.09 -23.67 -32.75
CA ALA BA 152 56.05 -25.10 -32.97
C ALA BA 152 57.17 -25.79 -32.25
N ARG BA 153 58.41 -25.25 -32.38
CA ARG BA 153 59.56 -25.66 -31.60
C ARG BA 153 59.27 -25.50 -30.13
N GLY BA 154 58.65 -24.36 -29.72
CA GLY BA 154 58.29 -24.11 -28.34
C GLY BA 154 57.37 -25.11 -27.70
N GLY BA 155 56.40 -25.62 -28.47
CA GLY BA 155 55.48 -26.64 -28.02
C GLY BA 155 56.11 -28.00 -27.86
N ASP BA 156 56.94 -28.42 -28.84
CA ASP BA 156 57.68 -29.67 -28.77
C ASP BA 156 58.71 -29.68 -27.66
N LEU BA 157 59.46 -28.57 -27.47
CA LEU BA 157 60.38 -28.45 -26.37
C LEU BA 157 59.74 -28.52 -25.01
N PHE BA 158 58.55 -27.88 -24.86
CA PHE BA 158 57.75 -27.98 -23.66
C PHE BA 158 57.32 -29.39 -23.36
N ARG BA 159 56.83 -30.12 -24.37
CA ARG BA 159 56.42 -31.49 -24.19
C ARG BA 159 57.56 -32.44 -23.84
N LEU BA 160 58.70 -32.32 -24.53
CA LEU BA 160 59.87 -33.14 -24.28
C LEU BA 160 60.54 -32.90 -22.92
N ASN BA 161 60.66 -31.63 -22.47
CA ASN BA 161 61.44 -31.33 -21.29
C ASN BA 161 60.65 -30.86 -20.06
N CYS BA 162 59.43 -30.29 -20.19
CA CYS BA 162 58.78 -29.61 -19.07
C CYS BA 162 57.43 -30.18 -18.69
N ALA BA 163 56.79 -30.95 -19.59
CA ALA BA 163 55.49 -31.58 -19.38
C ALA BA 163 55.48 -32.54 -18.19
N SER BA 164 56.63 -33.17 -17.89
CA SER BA 164 56.82 -34.06 -16.75
C SER BA 164 56.40 -33.48 -15.42
N CYS BA 165 56.69 -32.18 -15.17
CA CYS BA 165 56.31 -31.53 -13.94
C CYS BA 165 55.27 -30.44 -14.10
N HIS BA 166 55.01 -29.98 -15.34
CA HIS BA 166 54.18 -28.83 -15.64
C HIS BA 166 53.13 -29.17 -16.68
N ASN BA 167 52.70 -30.46 -16.78
CA ASN BA 167 51.59 -30.86 -17.62
C ASN BA 167 50.34 -30.07 -17.25
N PHE BA 168 49.62 -29.58 -18.28
CA PHE BA 168 48.40 -28.80 -18.14
C PHE BA 168 48.61 -27.45 -17.47
N THR BA 169 49.83 -26.89 -17.52
CA THR BA 169 50.13 -25.57 -16.97
C THR BA 169 50.30 -25.66 -15.46
N GLY BA 170 50.23 -26.87 -14.86
CA GLY BA 170 50.26 -27.03 -13.41
C GLY BA 170 51.65 -27.09 -12.85
N LYS BA 171 51.75 -27.44 -11.57
CA LYS BA 171 53.06 -27.53 -10.87
C LYS BA 171 53.26 -28.96 -10.38
N GLY BA 172 54.44 -29.55 -10.63
CA GLY BA 172 54.72 -30.92 -10.16
C GLY BA 172 54.74 -30.99 -8.64
N GLY BA 173 55.40 -30.04 -7.98
CA GLY BA 173 55.49 -30.01 -6.51
C GLY BA 173 54.16 -29.80 -5.82
N ALA BA 174 53.36 -28.84 -6.30
CA ALA BA 174 52.05 -28.55 -5.69
C ALA BA 174 50.97 -28.47 -6.78
N LEU BA 175 49.88 -29.23 -6.62
CA LEU BA 175 48.78 -29.24 -7.62
C LEU BA 175 48.17 -27.84 -7.73
N SER BA 176 47.99 -27.17 -6.58
CA SER BA 176 47.40 -25.80 -6.55
C SER BA 176 48.30 -24.81 -7.30
N SER BA 177 49.62 -24.92 -7.13
CA SER BA 177 50.59 -24.01 -7.80
C SER BA 177 50.54 -24.22 -9.32
N GLY BA 178 50.54 -23.11 -10.07
CA GLY BA 178 50.45 -23.14 -11.55
C GLY BA 178 51.46 -22.21 -12.20
N LYS BA 179 51.65 -22.37 -13.52
CA LYS BA 179 52.59 -21.54 -14.33
C LYS BA 179 51.87 -20.33 -14.92
N TYR BA 180 50.61 -20.11 -14.53
CA TYR BA 180 49.77 -18.99 -15.00
C TYR BA 180 50.27 -17.65 -14.46
N ALA BA 181 49.89 -16.56 -15.13
CA ALA BA 181 50.35 -15.19 -14.76
C ALA BA 181 49.92 -14.86 -13.33
N PRO BA 182 48.72 -15.27 -12.86
CA PRO BA 182 48.33 -14.95 -11.48
C PRO BA 182 49.37 -15.61 -10.55
N ASP BA 183 49.79 -16.84 -10.89
CA ASP BA 183 50.79 -17.57 -10.14
C ASP BA 183 52.17 -16.98 -10.34
N LEU BA 184 52.41 -16.45 -11.54
CA LEU BA 184 53.65 -15.80 -11.87
C LEU BA 184 53.61 -14.29 -11.65
N GLY BA 185 52.51 -13.73 -11.09
CA GLY BA 185 52.34 -12.30 -10.81
C GLY BA 185 52.59 -11.35 -11.98
N ASP BA 186 53.73 -10.63 -11.95
CA ASP BA 186 54.21 -9.63 -12.87
C ASP BA 186 55.07 -10.23 -13.99
N ALA BA 187 54.90 -11.54 -14.30
CA ALA BA 187 55.55 -12.22 -15.41
C ALA BA 187 55.68 -11.53 -16.76
N ASN BA 188 56.71 -11.94 -17.51
CA ASN BA 188 56.98 -11.34 -18.79
C ASN BA 188 57.89 -12.36 -19.49
N PRO BA 189 58.22 -12.31 -20.79
CA PRO BA 189 59.04 -13.32 -21.44
C PRO BA 189 60.43 -13.42 -20.86
N ALA BA 190 61.06 -12.29 -20.50
CA ALA BA 190 62.40 -12.27 -19.98
C ALA BA 190 62.48 -13.01 -18.68
N GLN BA 191 61.53 -12.80 -17.74
CA GLN BA 191 61.52 -13.52 -16.47
C GLN BA 191 61.39 -15.03 -16.60
N ILE BA 192 60.55 -15.49 -17.53
CA ILE BA 192 60.44 -16.90 -17.80
C ILE BA 192 61.73 -17.49 -18.41
N TYR BA 193 62.37 -16.80 -19.38
CA TYR BA 193 63.57 -17.25 -20.08
C TYR BA 193 64.68 -17.48 -19.18
N THR BA 194 64.80 -16.52 -18.25
CA THR BA 194 65.86 -16.52 -17.21
C THR BA 194 65.72 -17.71 -16.24
N ALA BA 195 64.51 -18.02 -15.77
CA ALA BA 195 64.36 -19.11 -14.83
C ALA BA 195 64.57 -20.44 -15.51
N MET BA 196 64.19 -20.52 -16.80
CA MET BA 196 64.50 -21.67 -17.62
C MET BA 196 65.99 -21.88 -17.85
N LEU BA 197 66.77 -20.82 -18.14
CA LEU BA 197 68.19 -20.88 -18.41
C LEU BA 197 69.00 -21.65 -17.31
N THR BA 198 68.87 -21.06 -16.11
CA THR BA 198 69.50 -21.53 -14.84
C THR BA 198 68.41 -22.12 -13.94
N GLY BA 199 67.18 -21.62 -14.09
CA GLY BA 199 65.99 -22.19 -13.43
C GLY BA 199 65.81 -21.83 -11.96
N PRO BA 200 64.66 -22.23 -11.36
CA PRO BA 200 64.34 -21.99 -9.95
C PRO BA 200 64.82 -23.18 -9.11
N GLN BA 201 64.45 -23.21 -7.82
CA GLN BA 201 64.86 -24.32 -6.92
C GLN BA 201 64.22 -25.65 -7.36
N ASN BA 202 62.94 -25.64 -7.73
CA ASN BA 202 62.19 -26.86 -8.13
C ASN BA 202 62.69 -27.53 -9.42
N MET BA 203 63.02 -26.76 -10.47
CA MET BA 203 63.42 -27.35 -11.77
C MET BA 203 64.90 -27.10 -12.09
N PRO BA 204 65.65 -28.12 -12.55
CA PRO BA 204 67.08 -27.94 -12.84
C PRO BA 204 67.31 -26.99 -14.04
N LYS BA 205 68.49 -26.35 -14.08
CA LYS BA 205 68.84 -25.36 -15.14
C LYS BA 205 68.82 -26.03 -16.52
N PHE BA 206 68.38 -25.29 -17.55
CA PHE BA 206 68.30 -25.91 -18.86
C PHE BA 206 69.31 -25.43 -19.85
N SER BA 207 69.77 -24.19 -19.76
CA SER BA 207 70.78 -23.68 -20.67
C SER BA 207 72.07 -24.38 -20.52
N ASP BA 208 72.73 -24.54 -21.68
CA ASP BA 208 74.06 -25.06 -21.86
C ASP BA 208 74.04 -26.55 -21.72
N ARG BA 209 73.53 -26.99 -20.57
CA ARG BA 209 73.40 -28.36 -20.17
C ARG BA 209 72.42 -29.18 -21.00
N GLN BA 210 71.24 -28.61 -21.36
CA GLN BA 210 70.18 -29.36 -22.02
C GLN BA 210 69.68 -28.70 -23.30
N LEU BA 211 69.38 -27.39 -23.29
CA LEU BA 211 68.69 -26.74 -24.41
C LEU BA 211 69.50 -25.61 -25.02
N THR BA 212 69.45 -25.42 -26.36
CA THR BA 212 70.19 -24.34 -27.03
C THR BA 212 69.46 -23.00 -26.89
N PRO BA 213 69.96 -21.81 -27.25
CA PRO BA 213 69.23 -20.56 -27.07
C PRO BA 213 67.94 -20.45 -27.83
N ASP BA 214 67.84 -20.99 -29.05
CA ASP BA 214 66.62 -20.98 -29.82
C ASP BA 214 65.56 -21.77 -29.14
N GLU BA 215 65.92 -22.94 -28.63
CA GLU BA 215 65.01 -23.76 -27.89
C GLU BA 215 64.53 -23.15 -26.60
N LYS BA 216 65.44 -22.55 -25.82
CA LYS BA 216 65.02 -21.80 -24.67
C LYS BA 216 64.10 -20.65 -25.03
N ARG BA 217 64.41 -19.88 -26.08
CA ARG BA 217 63.58 -18.77 -26.51
C ARG BA 217 62.20 -19.17 -26.96
N ASP BA 218 62.10 -20.25 -27.74
CA ASP BA 218 60.87 -20.82 -28.22
C ASP BA 218 60.00 -21.39 -27.10
N ILE BA 219 60.57 -22.15 -26.14
CA ILE BA 219 59.82 -22.67 -25.00
C ILE BA 219 59.29 -21.61 -24.07
N VAL BA 220 60.08 -20.54 -23.83
CA VAL BA 220 59.67 -19.38 -23.08
C VAL BA 220 58.52 -18.63 -23.71
N ALA BA 221 58.56 -18.44 -25.05
CA ALA BA 221 57.48 -17.84 -25.80
C ALA BA 221 56.19 -18.66 -25.74
N TYR BA 222 56.28 -20.00 -25.91
CA TYR BA 222 55.14 -20.90 -25.82
C TYR BA 222 54.46 -20.84 -24.44
N VAL BA 223 55.26 -20.91 -23.36
CA VAL BA 223 54.74 -20.78 -22.00
C VAL BA 223 54.09 -19.44 -21.75
N ARG BA 224 54.72 -18.35 -22.23
CA ARG BA 224 54.18 -17.00 -22.13
C ARG BA 224 52.86 -16.80 -22.88
N GLU BA 225 52.73 -17.28 -24.13
CA GLU BA 225 51.52 -17.22 -24.92
C GLU BA 225 50.40 -18.04 -24.33
N SER BA 226 50.69 -19.27 -23.85
CA SER BA 226 49.73 -20.11 -23.16
C SER BA 226 49.17 -19.54 -21.87
N ALA BA 227 50.02 -18.89 -21.05
CA ALA BA 227 49.62 -18.19 -19.84
C ALA BA 227 48.86 -16.87 -20.00
N GLU BA 228 49.19 -16.04 -21.02
CA GLU BA 228 48.48 -14.80 -21.33
C GLU BA 228 47.08 -15.01 -21.89
N THR BA 229 46.93 -16.01 -22.78
CA THR BA 229 45.66 -16.41 -23.37
C THR BA 229 44.83 -17.26 -22.37
#